data_7WLV
#
_entry.id   7WLV
#
_cell.length_a   119.875
_cell.length_b   121.141
_cell.length_c   159.745
_cell.angle_alpha   97.39
_cell.angle_beta   111.19
_cell.angle_gamma   100.60
#
_symmetry.space_group_name_H-M   'P 1'
#
loop_
_entity.id
_entity.type
_entity.pdbx_description
1 polymer 'Efflux pump membrane transporter'
2 non-polymer DODECYL-BETA-D-MALTOSIDE
3 water water
#
_entity_poly.entity_id   1
_entity_poly.type   'polypeptide(L)'
_entity_poly.pdbx_seq_one_letter_code
;MNISKFFIDRPIFAGVLSVIILLAGMIAMFLLPISEYPEVVPPSVIVKAQYPGANPKVIAETVASPLEEQINGVEDMLYM
QSQANSDGNMTITVTFKLGTDPDKATQLVQNRVNQALPRLPEDVQRLGITTVKSSPTLTMVVHLISPNDSYDMTYLRNYA
LINVKDRLSRIQGVGQVQLWGAGDYAMRVWLDPQKVAQRNLTADDVVRAIREQNVQVAAGVIGASPTLPGTPLQLSVNAR
GRLQNEDEFGDIVVKTAPDGGVTHLRDIARIELDASEYGLRSLLDNKPAVAMAINQSPGANSLAISDEVRKTMAELKQDF
PAGVDYRIVYDPTQFVRSSIKAVVHTLLEAIALVVIVVIVFLQTWRASIIPLIAVPVSIVGTFSLLLLFGYSINALSLFG
MVLAIGIVVDDAIVVVENVERNIENGLTARAATYKAMQEVSGPIIAIALTLVAVFVPLAFMSGLTGQFYKQFAMTIAIST
VISAFNSLTLSPALSAILLKGHGDKEDWLTRVMNRVLGGFFRGFNKVFHRGAENYGRGVRGVLSRKAVMLGLYLVLVGAT
LMVSKIVPGGFVPAQDKEYLIAFAQLPNGASLDRTEKVIRDMGAIALKQPGVESAVAFPGLSVNGFTNSSSAGIVFVTLK
PFDQRHGKALSAGAIAGALNQKYAALKDSFVAVFPPPPVLGLGTLGGFKMQIEDRGAVGYARLADATNDFIKRAQQAPEL
GPLFTSYQINVPQLNVDLDRVKAKQLGVNVTDVFDTMQIYLGSLYVNDFNRFGRVYQVRVQADAPFRQRADDILQLKTRN
AAGEMVPLSSLVTVSPTFGPEMVVRYNAYTAADVNGGPAPGYSSGQAQAAVERIAAQTLPRGVKFEWTDLTYQQILAGDS
AFWVFPISVLLVFLVLAALYESLTLPLAVILIVPMSILSALTGVWLTQGDNNIFTQIGLMVLVGLSAKNAILIVEFAREL
EHDGKTPFEAAVEASRLRLRPILMTSIAFIMGVVPLVLSTGAGAEMRHAMGVAVFFGMLGVTLFGLMLTPVFYVVLRTLA
GGKIHVAQKDSAGYGVPAPDAHHHHHH
;
_entity_poly.pdbx_strand_id   A,B,C,D,E,F
#
loop_
_chem_comp.id
_chem_comp.type
_chem_comp.name
_chem_comp.formula
LMT D-saccharide DODECYL-BETA-D-MALTOSIDE 'C24 H46 O11'
#
# COMPACT_ATOMS: atom_id res chain seq x y z
N MET A 1 8.93 -13.40 -73.08
CA MET A 1 8.73 -12.01 -72.67
C MET A 1 7.32 -11.50 -73.04
N ASN A 2 6.38 -12.44 -73.28
CA ASN A 2 4.99 -12.12 -73.64
C ASN A 2 3.99 -12.90 -72.80
N ILE A 3 3.07 -12.18 -72.16
CA ILE A 3 2.00 -12.79 -71.37
C ILE A 3 0.79 -13.21 -72.22
N SER A 4 0.61 -12.63 -73.40
CA SER A 4 -0.69 -12.77 -74.02
C SER A 4 -0.94 -14.18 -74.53
N LYS A 5 0.08 -15.03 -74.52
CA LYS A 5 -0.13 -16.39 -74.98
C LYS A 5 -1.26 -17.03 -74.18
N PHE A 6 -1.20 -16.87 -72.84
CA PHE A 6 -2.17 -17.49 -71.92
C PHE A 6 -3.60 -17.10 -72.23
N PHE A 7 -3.81 -15.84 -72.59
CA PHE A 7 -5.14 -15.31 -72.81
C PHE A 7 -5.64 -15.57 -74.21
N ILE A 8 -4.74 -15.70 -75.20
CA ILE A 8 -5.18 -16.07 -76.54
C ILE A 8 -5.95 -17.38 -76.49
N ASP A 9 -5.44 -18.32 -75.71
CA ASP A 9 -6.00 -19.65 -75.61
C ASP A 9 -7.23 -19.73 -74.73
N ARG A 10 -7.48 -18.75 -73.88
CA ARG A 10 -8.62 -18.78 -72.98
C ARG A 10 -9.42 -17.48 -73.13
N PRO A 11 -10.15 -17.33 -74.23
CA PRO A 11 -10.87 -16.07 -74.47
C PRO A 11 -11.91 -15.73 -73.43
N ILE A 12 -12.57 -16.72 -72.83
CA ILE A 12 -13.56 -16.41 -71.79
C ILE A 12 -12.88 -15.77 -70.58
N PHE A 13 -11.70 -16.26 -70.21
CA PHE A 13 -10.94 -15.63 -69.13
C PHE A 13 -10.61 -14.18 -69.46
N ALA A 14 -10.16 -13.92 -70.69
CA ALA A 14 -9.83 -12.55 -71.07
C ALA A 14 -11.08 -11.68 -70.98
N GLY A 15 -12.20 -12.20 -71.48
CA GLY A 15 -13.45 -11.47 -71.38
C GLY A 15 -13.82 -11.20 -69.93
N VAL A 16 -13.58 -12.18 -69.05
CA VAL A 16 -13.94 -12.00 -67.63
C VAL A 16 -13.14 -10.86 -67.04
N LEU A 17 -11.85 -10.82 -67.33
CA LEU A 17 -11.08 -9.70 -66.81
C LEU A 17 -11.62 -8.38 -67.35
N SER A 18 -11.90 -8.31 -68.66
CA SER A 18 -12.32 -7.05 -69.24
C SER A 18 -13.71 -6.62 -68.76
N VAL A 19 -14.62 -7.57 -68.60
CA VAL A 19 -15.95 -7.28 -68.08
C VAL A 19 -15.85 -6.80 -66.65
N ILE A 20 -14.92 -7.38 -65.87
CA ILE A 20 -14.74 -6.87 -64.51
C ILE A 20 -14.22 -5.44 -64.54
N ILE A 21 -13.28 -5.14 -65.42
CA ILE A 21 -12.79 -3.76 -65.60
C ILE A 21 -13.97 -2.83 -65.91
N LEU A 22 -14.83 -3.27 -66.83
CA LEU A 22 -16.00 -2.51 -67.24
C LEU A 22 -16.95 -2.25 -66.08
N LEU A 23 -17.25 -3.29 -65.30
CA LEU A 23 -18.14 -3.19 -64.14
C LEU A 23 -17.57 -2.27 -63.06
N ALA A 24 -16.27 -2.39 -62.78
CA ALA A 24 -15.63 -1.48 -61.86
C ALA A 24 -15.82 -0.04 -62.32
N GLY A 25 -15.61 0.21 -63.63
CA GLY A 25 -15.75 1.55 -64.16
C GLY A 25 -17.17 2.09 -64.06
N MET A 26 -18.17 1.23 -64.27
CA MET A 26 -19.56 1.65 -64.17
C MET A 26 -19.93 2.02 -62.73
N ILE A 27 -19.52 1.17 -61.77
CA ILE A 27 -19.75 1.51 -60.37
C ILE A 27 -19.09 2.86 -60.05
N ALA A 28 -17.85 3.03 -60.45
CA ALA A 28 -17.14 4.27 -60.14
C ALA A 28 -17.78 5.47 -60.83
N MET A 29 -18.26 5.27 -62.05
CA MET A 29 -18.90 6.34 -62.78
C MET A 29 -19.99 6.99 -61.94
N PHE A 30 -20.77 6.16 -61.25
CA PHE A 30 -21.86 6.60 -60.40
C PHE A 30 -21.42 7.00 -58.99
N LEU A 31 -20.14 6.93 -58.67
CA LEU A 31 -19.65 7.45 -57.39
C LEU A 31 -18.72 8.63 -57.54
N LEU A 32 -18.57 9.16 -58.74
CA LEU A 32 -17.48 10.11 -58.64
C LEU A 32 -18.01 11.50 -58.32
N PRO A 33 -17.16 12.32 -57.70
CA PRO A 33 -17.44 13.75 -57.63
C PRO A 33 -17.59 14.35 -59.03
N ILE A 34 -18.57 15.24 -59.19
CA ILE A 34 -18.78 15.96 -60.45
C ILE A 34 -18.82 17.48 -60.22
N SER A 35 -18.08 18.23 -61.02
CA SER A 35 -18.05 19.68 -60.99
C SER A 35 -17.44 20.18 -62.28
N GLU A 36 -17.50 21.50 -62.50
CA GLU A 36 -16.94 21.99 -63.75
C GLU A 36 -15.43 22.04 -63.71
N TYR A 37 -14.84 22.32 -62.57
CA TYR A 37 -13.39 22.32 -62.43
C TYR A 37 -12.98 21.57 -61.18
N PRO A 38 -11.71 21.22 -61.05
CA PRO A 38 -11.20 20.72 -59.78
C PRO A 38 -11.00 21.89 -58.81
N GLU A 39 -10.56 21.55 -57.61
CA GLU A 39 -10.20 22.55 -56.61
C GLU A 39 -8.94 23.30 -56.98
N VAL A 40 -9.10 24.42 -57.66
CA VAL A 40 -7.96 25.20 -58.12
C VAL A 40 -7.87 26.53 -57.39
N VAL A 41 -8.98 27.04 -56.85
CA VAL A 41 -8.93 28.28 -56.09
C VAL A 41 -8.44 27.91 -54.69
N PRO A 42 -7.36 28.54 -54.22
CA PRO A 42 -6.84 28.24 -52.88
C PRO A 42 -7.88 28.51 -51.81
N PRO A 43 -7.97 27.64 -50.81
CA PRO A 43 -9.00 27.80 -49.79
C PRO A 43 -8.72 29.05 -48.99
N SER A 44 -9.78 29.68 -48.52
CA SER A 44 -9.66 30.87 -47.69
C SER A 44 -10.72 30.83 -46.60
N VAL A 45 -10.41 31.48 -45.50
CA VAL A 45 -11.32 31.67 -44.39
C VAL A 45 -11.75 33.13 -44.33
N ILE A 46 -12.99 33.38 -43.90
CA ILE A 46 -13.59 34.70 -43.89
C ILE A 46 -14.14 35.01 -42.51
N VAL A 47 -13.78 36.19 -41.97
CA VAL A 47 -14.24 36.67 -40.67
C VAL A 47 -15.09 37.91 -40.87
N LYS A 48 -16.26 37.96 -40.25
CA LYS A 48 -17.17 39.08 -40.40
C LYS A 48 -17.53 39.70 -39.06
N ALA A 49 -17.80 41.02 -39.08
CA ALA A 49 -18.11 41.83 -37.89
C ALA A 49 -18.89 43.08 -38.28
N GLN A 50 -19.91 43.44 -37.51
CA GLN A 50 -20.59 44.72 -37.70
C GLN A 50 -20.23 45.75 -36.62
N TYR A 51 -20.06 47.01 -37.03
CA TYR A 51 -19.93 48.14 -36.09
C TYR A 51 -20.75 49.30 -36.63
N PRO A 52 -22.09 49.20 -36.55
CA PRO A 52 -22.93 50.14 -37.32
C PRO A 52 -22.71 51.59 -36.91
N GLY A 53 -22.57 52.45 -37.92
CA GLY A 53 -22.38 53.86 -37.68
C GLY A 53 -20.94 54.29 -37.56
N ALA A 54 -20.04 53.34 -37.29
CA ALA A 54 -18.62 53.68 -37.17
C ALA A 54 -18.02 53.92 -38.55
N ASN A 55 -17.15 54.94 -38.63
CA ASN A 55 -16.53 55.33 -39.88
C ASN A 55 -15.60 54.23 -40.35
N PRO A 56 -15.48 54.03 -41.67
CA PRO A 56 -14.58 52.98 -42.19
C PRO A 56 -13.16 53.08 -41.65
N LYS A 57 -12.66 54.28 -41.40
CA LYS A 57 -11.35 54.41 -40.77
C LYS A 57 -11.35 53.82 -39.36
N VAL A 58 -12.42 54.13 -38.59
CA VAL A 58 -12.54 53.58 -37.24
C VAL A 58 -12.65 52.07 -37.29
N ILE A 59 -13.40 51.53 -38.27
CA ILE A 59 -13.54 50.08 -38.40
C ILE A 59 -12.20 49.45 -38.74
N ALA A 60 -11.44 50.08 -39.63
CA ALA A 60 -10.13 49.54 -39.99
C ALA A 60 -9.19 49.50 -38.80
N GLU A 61 -9.25 50.52 -37.93
CA GLU A 61 -8.22 50.66 -36.88
C GLU A 61 -8.60 50.10 -35.52
N THR A 62 -9.88 50.08 -35.12
CA THR A 62 -10.22 49.57 -33.80
C THR A 62 -10.83 48.18 -33.83
N VAL A 63 -11.22 47.71 -35.01
CA VAL A 63 -11.84 46.40 -35.17
C VAL A 63 -10.93 45.48 -35.99
N ALA A 64 -10.63 45.86 -37.23
CA ALA A 64 -9.89 45.01 -38.15
C ALA A 64 -8.46 44.77 -37.66
N SER A 65 -7.78 45.81 -37.17
CA SER A 65 -6.35 45.70 -36.87
C SER A 65 -6.04 44.69 -35.78
N PRO A 66 -6.70 44.68 -34.61
CA PRO A 66 -6.42 43.59 -33.66
C PRO A 66 -6.70 42.20 -34.22
N LEU A 67 -7.78 42.07 -34.98
CA LEU A 67 -8.10 40.78 -35.59
C LEU A 67 -6.98 40.33 -36.54
N GLU A 68 -6.46 41.25 -37.34
CA GLU A 68 -5.34 40.91 -38.21
C GLU A 68 -4.11 40.57 -37.38
N GLU A 69 -3.89 41.30 -36.29
CA GLU A 69 -2.71 41.07 -35.47
C GLU A 69 -2.71 39.67 -34.89
N GLN A 70 -3.89 39.17 -34.52
CA GLN A 70 -3.97 37.78 -34.07
C GLN A 70 -3.90 36.78 -35.22
N ILE A 71 -4.57 37.07 -36.34
CA ILE A 71 -4.61 36.14 -37.47
C ILE A 71 -3.25 35.98 -38.15
N ASN A 72 -2.48 37.07 -38.26
CA ASN A 72 -1.25 37.04 -39.06
C ASN A 72 -0.30 35.95 -38.60
N GLY A 73 0.33 35.31 -39.59
CA GLY A 73 1.29 34.24 -39.39
C GLY A 73 0.74 32.83 -39.25
N VAL A 74 -0.53 32.61 -39.54
CA VAL A 74 -1.11 31.27 -39.49
C VAL A 74 -0.47 30.38 -40.56
N GLU A 75 -0.46 29.07 -40.29
CA GLU A 75 0.23 28.12 -41.17
C GLU A 75 -0.37 28.12 -42.55
N ASP A 76 0.50 28.07 -43.55
CA ASP A 76 0.11 27.95 -44.95
C ASP A 76 -0.73 29.13 -45.38
N MET A 77 -0.59 30.26 -44.67
CA MET A 77 -1.31 31.47 -45.05
C MET A 77 -0.64 32.08 -46.25
N LEU A 78 -1.39 32.22 -47.32
CA LEU A 78 -0.84 32.88 -48.50
C LEU A 78 -0.76 34.37 -48.27
N TYR A 79 -1.88 34.98 -47.83
CA TYR A 79 -1.93 36.40 -47.49
C TYR A 79 -3.30 36.69 -46.85
N MET A 80 -3.50 37.92 -46.41
CA MET A 80 -4.78 38.27 -45.80
C MET A 80 -5.15 39.70 -46.14
N GLN A 81 -6.45 39.97 -46.21
CA GLN A 81 -6.93 41.34 -46.33
C GLN A 81 -8.22 41.55 -45.56
N SER A 82 -8.32 42.69 -44.88
CA SER A 82 -9.55 43.13 -44.24
C SER A 82 -10.15 44.31 -45.01
N GLN A 83 -11.46 44.45 -44.93
CA GLN A 83 -12.18 45.51 -45.65
C GLN A 83 -13.29 46.06 -44.78
N ALA A 84 -13.22 47.36 -44.51
CA ALA A 84 -14.21 48.07 -43.70
C ALA A 84 -15.05 48.95 -44.62
N ASN A 85 -16.36 48.82 -44.51
CA ASN A 85 -17.30 49.50 -45.39
C ASN A 85 -18.14 50.54 -44.64
N SER A 86 -18.58 51.55 -45.39
CA SER A 86 -19.29 52.65 -44.75
C SER A 86 -20.61 52.21 -44.14
N ASP A 87 -21.14 51.05 -44.50
CA ASP A 87 -22.33 50.53 -43.85
C ASP A 87 -22.02 49.84 -42.54
N GLY A 88 -20.79 49.93 -42.09
CA GLY A 88 -20.43 49.42 -40.80
C GLY A 88 -19.98 47.99 -40.77
N ASN A 89 -19.86 47.34 -41.93
CA ASN A 89 -19.46 45.94 -41.96
C ASN A 89 -17.96 45.87 -42.15
N MET A 90 -17.36 44.86 -41.52
CA MET A 90 -15.93 44.55 -41.59
C MET A 90 -15.78 43.11 -42.01
N THR A 91 -14.95 42.86 -43.03
CA THR A 91 -14.79 41.53 -43.62
C THR A 91 -13.30 41.23 -43.79
N ILE A 92 -12.81 40.18 -43.14
CA ILE A 92 -11.43 39.73 -43.27
C ILE A 92 -11.40 38.43 -44.08
N THR A 93 -10.52 38.37 -45.09
CA THR A 93 -10.30 37.20 -45.93
C THR A 93 -8.86 36.75 -45.77
N VAL A 94 -8.66 35.55 -45.21
CA VAL A 94 -7.36 34.90 -45.04
C VAL A 94 -7.24 33.82 -46.10
N THR A 95 -6.30 33.98 -47.01
CA THR A 95 -6.08 33.02 -48.06
C THR A 95 -4.89 32.14 -47.73
N PHE A 96 -5.08 30.82 -47.92
CA PHE A 96 -4.11 29.78 -47.67
C PHE A 96 -3.56 29.17 -48.97
N LYS A 97 -2.42 28.48 -48.83
CA LYS A 97 -1.75 27.82 -49.95
C LYS A 97 -2.62 26.72 -50.52
N LEU A 98 -2.59 26.59 -51.85
CA LEU A 98 -3.44 25.62 -52.50
C LEU A 98 -3.17 24.24 -51.90
N GLY A 99 -4.22 23.50 -51.65
CA GLY A 99 -4.07 22.22 -51.00
C GLY A 99 -4.03 22.26 -49.49
N THR A 100 -4.01 23.45 -48.87
CA THR A 100 -4.23 23.50 -47.44
C THR A 100 -5.64 23.02 -47.16
N ASP A 101 -5.83 22.35 -46.04
CA ASP A 101 -7.13 21.80 -45.75
C ASP A 101 -8.10 22.89 -45.31
N PRO A 102 -9.22 23.09 -46.01
CA PRO A 102 -10.13 24.18 -45.63
C PRO A 102 -10.59 24.12 -44.19
N ASP A 103 -10.88 22.94 -43.66
CA ASP A 103 -11.49 22.86 -42.33
C ASP A 103 -10.48 23.17 -41.22
N LYS A 104 -9.27 22.64 -41.32
CA LYS A 104 -8.27 22.97 -40.32
C LYS A 104 -7.89 24.45 -40.40
N ALA A 105 -7.78 24.99 -41.62
CA ALA A 105 -7.48 26.41 -41.77
C ALA A 105 -8.55 27.25 -41.10
N THR A 106 -9.82 26.90 -41.32
CA THR A 106 -10.89 27.62 -40.66
C THR A 106 -10.75 27.53 -39.16
N GLN A 107 -10.37 26.34 -38.65
CA GLN A 107 -10.25 26.16 -37.21
C GLN A 107 -9.11 27.02 -36.63
N LEU A 108 -7.98 27.08 -37.34
CA LEU A 108 -6.86 27.91 -36.88
C LEU A 108 -7.25 29.38 -36.84
N VAL A 109 -7.89 29.87 -37.92
CA VAL A 109 -8.31 31.27 -37.93
C VAL A 109 -9.35 31.53 -36.86
N GLN A 110 -10.21 30.55 -36.57
CA GLN A 110 -11.19 30.72 -35.50
C GLN A 110 -10.51 30.85 -34.15
N ASN A 111 -9.48 30.03 -33.88
CA ASN A 111 -8.75 30.15 -32.62
C ASN A 111 -8.12 31.54 -32.50
N ARG A 112 -7.46 32.02 -33.56
CA ARG A 112 -6.85 33.35 -33.51
C ARG A 112 -7.88 34.46 -33.31
N VAL A 113 -8.99 34.42 -34.05
CA VAL A 113 -9.99 35.47 -33.89
C VAL A 113 -10.55 35.45 -32.48
N ASN A 114 -10.73 34.25 -31.91
CA ASN A 114 -11.21 34.16 -30.54
C ASN A 114 -10.25 34.83 -29.58
N GLN A 115 -8.94 34.64 -29.79
CA GLN A 115 -7.96 35.36 -28.96
C GLN A 115 -8.14 36.86 -29.08
N ALA A 116 -8.39 37.35 -30.30
CA ALA A 116 -8.50 38.79 -30.49
C ALA A 116 -9.76 39.40 -29.89
N LEU A 117 -10.81 38.59 -29.70
CA LEU A 117 -12.14 39.12 -29.42
C LEU A 117 -12.23 40.18 -28.32
N PRO A 118 -11.62 40.02 -27.14
CA PRO A 118 -11.75 41.06 -26.10
C PRO A 118 -11.16 42.41 -26.45
N ARG A 119 -10.27 42.49 -27.44
CA ARG A 119 -9.72 43.78 -27.86
C ARG A 119 -10.70 44.59 -28.71
N LEU A 120 -11.83 44.00 -29.13
CA LEU A 120 -12.82 44.66 -29.98
C LEU A 120 -13.70 45.59 -29.15
N PRO A 121 -14.27 46.61 -29.78
CA PRO A 121 -15.23 47.46 -29.05
C PRO A 121 -16.42 46.63 -28.62
N GLU A 122 -17.12 47.12 -27.59
CA GLU A 122 -18.20 46.35 -27.00
C GLU A 122 -19.29 46.04 -28.02
N ASP A 123 -19.60 46.99 -28.90
CA ASP A 123 -20.73 46.87 -29.81
C ASP A 123 -20.48 45.78 -30.85
N VAL A 124 -19.25 45.70 -31.35
CA VAL A 124 -18.91 44.64 -32.29
C VAL A 124 -19.05 43.31 -31.61
N GLN A 125 -18.70 43.25 -30.31
CA GLN A 125 -18.87 42.02 -29.54
C GLN A 125 -20.33 41.64 -29.41
N ARG A 126 -21.19 42.62 -29.11
CA ARG A 126 -22.61 42.33 -28.93
C ARG A 126 -23.27 41.84 -30.21
N LEU A 127 -22.94 42.47 -31.35
CA LEU A 127 -23.49 41.97 -32.59
C LEU A 127 -22.89 40.62 -32.97
N GLY A 128 -21.67 40.35 -32.51
CA GLY A 128 -21.07 39.06 -32.77
C GLY A 128 -20.08 39.08 -33.94
N ILE A 129 -19.19 38.11 -33.89
CA ILE A 129 -18.20 37.82 -34.93
C ILE A 129 -18.59 36.49 -35.54
N THR A 130 -18.32 36.33 -36.83
CA THR A 130 -18.49 35.03 -37.46
C THR A 130 -17.22 34.68 -38.21
N THR A 131 -16.81 33.41 -38.16
CA THR A 131 -15.64 32.97 -38.90
C THR A 131 -16.02 31.70 -39.66
N VAL A 132 -15.94 31.75 -40.97
CA VAL A 132 -16.47 30.69 -41.79
C VAL A 132 -15.54 30.40 -42.96
N LYS A 133 -15.42 29.12 -43.32
CA LYS A 133 -14.65 28.71 -44.47
C LYS A 133 -15.35 29.14 -45.75
N SER A 134 -14.58 29.73 -46.67
CA SER A 134 -15.16 30.04 -47.96
C SER A 134 -15.32 28.74 -48.73
N SER A 135 -16.51 28.55 -49.31
CA SER A 135 -16.85 27.42 -50.17
C SER A 135 -16.91 27.98 -51.58
N PRO A 136 -15.81 27.95 -52.34
CA PRO A 136 -15.75 28.74 -53.56
C PRO A 136 -16.60 28.19 -54.71
N THR A 137 -17.09 26.96 -54.61
CA THR A 137 -17.69 26.28 -55.76
C THR A 137 -19.18 26.57 -55.83
N LEU A 138 -19.57 27.40 -56.76
CA LEU A 138 -20.96 27.79 -56.87
C LEU A 138 -21.69 26.77 -57.74
N THR A 139 -22.61 26.01 -57.14
CA THR A 139 -23.40 25.07 -57.92
C THR A 139 -24.53 25.78 -58.67
N MET A 140 -25.38 26.52 -57.97
CA MET A 140 -26.42 27.28 -58.66
C MET A 140 -26.92 28.39 -57.74
N VAL A 141 -27.65 29.34 -58.33
CA VAL A 141 -28.27 30.43 -57.60
C VAL A 141 -29.79 30.38 -57.86
N VAL A 142 -30.56 30.36 -56.78
CA VAL A 142 -32.02 30.37 -56.86
C VAL A 142 -32.54 31.65 -56.20
N HIS A 143 -33.43 32.34 -56.89
CA HIS A 143 -34.02 33.57 -56.41
C HIS A 143 -35.42 33.33 -55.87
N LEU A 144 -35.74 33.98 -54.74
CA LEU A 144 -37.13 34.21 -54.35
C LEU A 144 -37.61 35.52 -54.95
N ILE A 145 -38.84 35.53 -55.44
CA ILE A 145 -39.29 36.65 -56.24
C ILE A 145 -40.75 37.00 -55.94
N SER A 146 -41.06 38.29 -56.06
CA SER A 146 -42.44 38.74 -56.06
C SER A 146 -42.75 39.29 -57.44
N PRO A 147 -43.40 38.53 -58.32
CA PRO A 147 -43.52 38.95 -59.72
C PRO A 147 -44.47 40.10 -59.95
N ASN A 148 -45.29 40.52 -58.98
CA ASN A 148 -46.15 41.69 -59.14
C ASN A 148 -45.97 42.67 -57.97
N ASP A 149 -44.79 42.62 -57.34
CA ASP A 149 -44.36 43.52 -56.27
C ASP A 149 -45.23 43.42 -55.01
N SER A 150 -45.97 42.33 -54.82
CA SER A 150 -46.80 42.16 -53.63
C SER A 150 -45.96 42.16 -52.35
N TYR A 151 -44.81 41.50 -52.34
CA TYR A 151 -44.01 41.39 -51.14
C TYR A 151 -42.60 41.90 -51.43
N ASP A 152 -41.99 42.51 -50.42
CA ASP A 152 -40.75 43.25 -50.64
C ASP A 152 -39.54 42.41 -50.27
N MET A 153 -38.39 43.00 -50.53
CA MET A 153 -37.11 42.33 -50.41
C MET A 153 -36.89 41.78 -49.01
N THR A 154 -37.19 42.55 -47.97
CA THR A 154 -37.02 42.04 -46.60
C THR A 154 -37.97 40.90 -46.27
N TYR A 155 -39.21 40.95 -46.78
CA TYR A 155 -40.07 39.80 -46.60
C TYR A 155 -39.49 38.58 -47.28
N LEU A 156 -39.01 38.77 -48.51
CA LEU A 156 -38.50 37.64 -49.28
C LEU A 156 -37.26 37.04 -48.63
N ARG A 157 -36.36 37.90 -48.14
CA ARG A 157 -35.19 37.34 -47.48
C ARG A 157 -35.60 36.60 -46.22
N ASN A 158 -36.55 37.15 -45.47
CA ASN A 158 -36.95 36.44 -44.26
C ASN A 158 -37.56 35.08 -44.60
N TYR A 159 -38.39 35.03 -45.63
CA TYR A 159 -39.01 33.77 -46.04
C TYR A 159 -37.93 32.77 -46.45
N ALA A 160 -36.97 33.22 -47.27
CA ALA A 160 -35.85 32.35 -47.60
C ALA A 160 -35.21 31.81 -46.34
N LEU A 161 -34.97 32.67 -45.37
CA LEU A 161 -34.30 32.26 -44.15
C LEU A 161 -35.12 31.23 -43.38
N ILE A 162 -36.45 31.41 -43.37
CA ILE A 162 -37.30 30.61 -42.50
C ILE A 162 -37.60 29.26 -43.11
N ASN A 163 -37.88 29.22 -44.42
CA ASN A 163 -38.44 28.03 -45.06
C ASN A 163 -37.51 27.31 -46.01
N VAL A 164 -36.62 28.02 -46.68
CA VAL A 164 -35.88 27.47 -47.79
C VAL A 164 -34.43 27.16 -47.41
N LYS A 165 -33.76 28.11 -46.76
CA LYS A 165 -32.31 28.05 -46.67
C LYS A 165 -31.84 26.79 -45.99
N ASP A 166 -32.48 26.42 -44.89
CA ASP A 166 -31.97 25.29 -44.13
C ASP A 166 -32.26 23.97 -44.82
N ARG A 167 -33.39 23.86 -45.53
CA ARG A 167 -33.60 22.64 -46.31
C ARG A 167 -32.57 22.49 -47.43
N LEU A 168 -32.35 23.55 -48.22
CA LEU A 168 -31.34 23.46 -49.26
C LEU A 168 -29.99 23.13 -48.66
N SER A 169 -29.66 23.76 -47.54
CA SER A 169 -28.38 23.51 -46.93
C SER A 169 -28.27 22.08 -46.41
N ARG A 170 -29.39 21.37 -46.24
CA ARG A 170 -29.27 19.96 -45.85
C ARG A 170 -29.20 18.99 -47.04
N ILE A 171 -29.23 19.47 -48.28
CA ILE A 171 -29.01 18.60 -49.41
C ILE A 171 -27.55 18.12 -49.38
N GLN A 172 -27.34 16.87 -49.82
CA GLN A 172 -26.04 16.22 -49.67
C GLN A 172 -25.03 16.84 -50.62
N GLY A 173 -23.87 17.20 -50.08
CA GLY A 173 -22.84 17.86 -50.84
C GLY A 173 -22.98 19.37 -50.93
N VAL A 174 -24.12 19.93 -50.53
CA VAL A 174 -24.26 21.37 -50.45
C VAL A 174 -23.51 21.84 -49.21
N GLY A 175 -22.48 22.65 -49.41
CA GLY A 175 -21.62 23.04 -48.32
C GLY A 175 -22.06 24.34 -47.67
N GLN A 176 -22.76 25.18 -48.44
CA GLN A 176 -23.13 26.49 -47.93
C GLN A 176 -24.28 27.04 -48.76
N VAL A 177 -25.30 27.58 -48.12
CA VAL A 177 -26.30 28.36 -48.82
C VAL A 177 -26.16 29.80 -48.35
N GLN A 178 -25.97 30.73 -49.28
CA GLN A 178 -25.78 32.14 -48.98
C GLN A 178 -26.93 33.00 -49.47
N LEU A 179 -27.50 33.80 -48.58
CA LEU A 179 -28.52 34.76 -48.95
C LEU A 179 -27.87 36.07 -49.35
N TRP A 180 -28.28 36.62 -50.48
CA TRP A 180 -27.78 37.89 -51.00
C TRP A 180 -28.99 38.77 -51.27
N GLY A 181 -29.15 39.84 -50.48
CA GLY A 181 -30.28 40.76 -50.68
C GLY A 181 -30.48 41.67 -49.47
N ALA A 182 -31.73 42.10 -49.30
CA ALA A 182 -32.04 43.09 -48.28
C ALA A 182 -31.73 42.53 -46.89
N GLY A 183 -31.80 43.38 -45.87
CA GLY A 183 -31.48 42.96 -44.53
C GLY A 183 -32.58 42.09 -43.94
N ASP A 184 -32.22 41.31 -42.92
CA ASP A 184 -33.21 40.53 -42.19
C ASP A 184 -34.06 41.45 -41.30
N TYR A 185 -35.14 40.87 -40.77
CA TYR A 185 -36.09 41.59 -39.93
C TYR A 185 -35.47 42.11 -38.65
N ALA A 186 -35.96 43.29 -38.25
CA ALA A 186 -35.60 43.98 -37.04
C ALA A 186 -36.83 44.76 -36.62
N MET A 187 -36.97 45.01 -35.31
CA MET A 187 -37.95 45.97 -34.82
C MET A 187 -37.22 47.31 -34.77
N ARG A 188 -37.61 48.23 -35.66
CA ARG A 188 -36.99 49.55 -35.73
C ARG A 188 -37.85 50.53 -34.97
N VAL A 189 -37.21 51.32 -34.10
CA VAL A 189 -37.85 52.47 -33.46
C VAL A 189 -37.12 53.70 -34.00
N TRP A 190 -37.84 54.51 -34.74
CA TRP A 190 -37.32 55.68 -35.44
C TRP A 190 -37.61 56.88 -34.57
N LEU A 191 -36.61 57.34 -33.82
CA LEU A 191 -36.81 58.44 -32.87
C LEU A 191 -37.00 59.77 -33.58
N ASP A 192 -37.93 60.57 -33.04
CA ASP A 192 -38.13 61.97 -33.38
C ASP A 192 -37.35 62.80 -32.37
N PRO A 193 -36.11 63.18 -32.66
CA PRO A 193 -35.28 63.83 -31.63
C PRO A 193 -35.85 65.15 -31.10
N GLN A 194 -36.55 65.92 -31.94
CA GLN A 194 -37.29 67.07 -31.44
C GLN A 194 -38.26 66.64 -30.35
N LYS A 195 -39.08 65.62 -30.62
CA LYS A 195 -40.04 65.18 -29.62
C LYS A 195 -39.34 64.61 -28.39
N VAL A 196 -38.27 63.85 -28.59
CA VAL A 196 -37.57 63.25 -27.46
C VAL A 196 -37.05 64.33 -26.53
N ALA A 197 -36.56 65.45 -27.10
CA ALA A 197 -36.13 66.57 -26.28
C ALA A 197 -37.31 67.28 -25.64
N GLN A 198 -38.45 67.30 -26.33
CA GLN A 198 -39.63 67.96 -25.77
C GLN A 198 -39.98 67.38 -24.41
N ARG A 199 -39.99 66.05 -24.30
CA ARG A 199 -40.19 65.49 -22.98
C ARG A 199 -38.92 65.51 -22.15
N ASN A 200 -37.90 66.25 -22.58
CA ASN A 200 -36.65 66.41 -21.82
C ASN A 200 -36.00 65.05 -21.57
N LEU A 201 -35.83 64.28 -22.66
CA LEU A 201 -35.31 62.92 -22.64
C LEU A 201 -34.13 62.84 -23.58
N THR A 202 -33.14 62.04 -23.21
CA THR A 202 -32.09 61.73 -24.16
C THR A 202 -32.36 60.40 -24.86
N ALA A 203 -31.74 60.23 -26.04
CA ALA A 203 -31.86 58.96 -26.75
C ALA A 203 -31.36 57.83 -25.87
N ASP A 204 -30.34 58.11 -25.08
CA ASP A 204 -29.89 57.16 -24.07
C ASP A 204 -31.06 56.69 -23.20
N ASP A 205 -31.91 57.64 -22.74
CA ASP A 205 -33.04 57.30 -21.88
C ASP A 205 -34.00 56.34 -22.55
N VAL A 206 -34.35 56.59 -23.81
CA VAL A 206 -35.30 55.70 -24.49
C VAL A 206 -34.67 54.34 -24.69
N VAL A 207 -33.36 54.31 -24.98
CA VAL A 207 -32.71 53.02 -25.19
C VAL A 207 -32.76 52.21 -23.89
N ARG A 208 -32.53 52.90 -22.75
CA ARG A 208 -32.64 52.24 -21.46
C ARG A 208 -34.05 51.75 -21.22
N ALA A 209 -35.05 52.51 -21.64
CA ALA A 209 -36.42 52.05 -21.47
C ALA A 209 -36.66 50.76 -22.23
N ILE A 210 -36.14 50.68 -23.46
CA ILE A 210 -36.33 49.49 -24.27
C ILE A 210 -35.64 48.29 -23.62
N ARG A 211 -34.44 48.49 -23.08
CA ARG A 211 -33.75 47.42 -22.35
C ARG A 211 -34.51 47.01 -21.08
N GLU A 212 -35.13 47.98 -20.41
CA GLU A 212 -35.87 47.69 -19.19
C GLU A 212 -37.13 46.90 -19.47
N GLN A 213 -37.85 47.26 -20.53
CA GLN A 213 -39.20 46.75 -20.75
C GLN A 213 -39.27 45.68 -21.81
N ASN A 214 -38.18 45.42 -22.53
CA ASN A 214 -38.15 44.32 -23.49
C ASN A 214 -37.05 43.35 -23.07
N VAL A 215 -37.41 42.39 -22.24
CA VAL A 215 -36.45 41.47 -21.64
C VAL A 215 -37.20 40.25 -21.14
N GLN A 216 -36.64 39.07 -21.39
CA GLN A 216 -37.23 37.85 -20.83
C GLN A 216 -37.14 37.85 -19.31
N VAL A 217 -37.96 37.02 -18.68
CA VAL A 217 -37.96 36.92 -17.24
C VAL A 217 -37.75 35.47 -16.85
N ALA A 218 -36.92 35.25 -15.84
CA ALA A 218 -36.81 33.96 -15.20
C ALA A 218 -37.75 33.98 -13.99
N ALA A 219 -39.02 33.70 -14.24
CA ALA A 219 -40.03 34.05 -13.24
C ALA A 219 -40.02 33.15 -12.01
N GLY A 220 -39.31 32.02 -12.05
CA GLY A 220 -39.19 31.18 -10.87
C GLY A 220 -40.08 29.97 -10.92
N VAL A 221 -40.01 29.17 -9.85
CA VAL A 221 -40.77 27.93 -9.77
C VAL A 221 -41.34 27.81 -8.35
N ILE A 222 -42.63 27.58 -8.25
CA ILE A 222 -43.27 27.43 -6.96
C ILE A 222 -43.28 25.94 -6.61
N GLY A 223 -42.91 25.61 -5.37
CA GLY A 223 -42.92 24.23 -4.90
C GLY A 223 -41.77 23.42 -5.42
N ALA A 224 -40.71 24.06 -5.89
CA ALA A 224 -39.58 23.30 -6.39
C ALA A 224 -38.76 22.76 -5.23
N SER A 225 -37.93 21.80 -5.55
CA SER A 225 -37.07 21.19 -4.56
C SER A 225 -35.95 22.16 -4.18
N PRO A 226 -35.54 22.18 -2.90
CA PRO A 226 -36.12 21.44 -1.77
C PRO A 226 -37.32 22.13 -1.12
N THR A 227 -38.31 21.35 -0.68
CA THR A 227 -39.47 21.90 0.00
C THR A 227 -39.77 21.02 1.21
N LEU A 228 -40.32 21.66 2.27
CA LEU A 228 -40.46 21.01 3.59
C LEU A 228 -41.65 20.07 3.76
N PRO A 229 -42.86 20.52 3.59
CA PRO A 229 -43.99 19.66 3.94
C PRO A 229 -44.22 18.71 2.80
N GLY A 230 -45.36 18.06 2.79
CA GLY A 230 -45.73 17.27 1.65
C GLY A 230 -46.32 18.15 0.56
N THR A 231 -45.59 19.21 0.19
CA THR A 231 -45.91 20.13 -0.90
C THR A 231 -46.31 19.36 -2.15
N PRO A 232 -47.53 19.49 -2.61
CA PRO A 232 -48.03 18.56 -3.64
C PRO A 232 -47.55 18.81 -5.08
N LEU A 233 -47.32 20.06 -5.49
CA LEU A 233 -47.05 20.30 -6.90
C LEU A 233 -45.78 21.13 -7.09
N GLN A 234 -45.18 20.98 -8.26
CA GLN A 234 -44.07 21.85 -8.66
C GLN A 234 -44.64 22.69 -9.80
N LEU A 235 -44.78 24.00 -9.57
CA LEU A 235 -45.45 24.87 -10.53
C LEU A 235 -44.42 25.85 -11.05
N SER A 236 -44.20 25.85 -12.36
CA SER A 236 -43.36 26.92 -12.86
C SER A 236 -44.20 28.17 -13.11
N VAL A 237 -43.55 29.31 -13.11
CA VAL A 237 -44.19 30.61 -13.24
C VAL A 237 -43.97 31.12 -14.66
N ASN A 238 -45.01 31.67 -15.28
CA ASN A 238 -44.92 32.35 -16.57
C ASN A 238 -45.16 33.85 -16.35
N ALA A 239 -44.43 34.69 -17.09
CA ALA A 239 -44.62 36.14 -17.01
C ALA A 239 -44.09 36.80 -18.27
N ARG A 240 -44.93 37.55 -18.98
CA ARG A 240 -44.50 38.19 -20.23
C ARG A 240 -43.31 39.11 -20.05
N GLY A 241 -42.17 38.80 -20.64
CA GLY A 241 -41.08 39.75 -20.53
C GLY A 241 -40.67 40.42 -21.82
N ARG A 242 -40.59 39.67 -22.93
CA ARG A 242 -40.18 40.21 -24.22
C ARG A 242 -41.44 40.66 -24.96
N LEU A 243 -41.35 41.75 -25.73
CA LEU A 243 -42.50 42.25 -26.49
C LEU A 243 -42.57 41.61 -27.87
N GLN A 244 -43.79 41.55 -28.40
CA GLN A 244 -44.13 40.73 -29.56
C GLN A 244 -44.42 41.50 -30.83
N ASN A 245 -44.91 42.74 -30.75
CA ASN A 245 -45.34 43.47 -31.94
C ASN A 245 -45.03 44.96 -31.82
N GLU A 246 -45.42 45.70 -32.87
CA GLU A 246 -45.17 47.14 -32.89
C GLU A 246 -45.97 47.83 -31.82
N ASP A 247 -47.23 47.42 -31.62
CA ASP A 247 -48.09 48.09 -30.65
C ASP A 247 -47.57 47.91 -29.24
N GLU A 248 -47.07 46.72 -28.90
CA GLU A 248 -46.49 46.48 -27.58
C GLU A 248 -45.25 47.32 -27.38
N PHE A 249 -44.45 47.50 -28.43
CA PHE A 249 -43.29 48.38 -28.34
C PHE A 249 -43.71 49.83 -28.21
N GLY A 250 -44.88 50.18 -28.73
CA GLY A 250 -45.39 51.52 -28.55
C GLY A 250 -45.82 51.79 -27.12
N ASP A 251 -46.25 50.73 -26.42
CA ASP A 251 -46.71 50.89 -25.04
C ASP A 251 -45.59 51.12 -24.04
N ILE A 252 -44.33 51.03 -24.45
CA ILE A 252 -43.23 51.22 -23.52
C ILE A 252 -43.30 52.59 -22.84
N VAL A 253 -43.07 52.60 -21.54
CA VAL A 253 -43.11 53.81 -20.73
C VAL A 253 -41.70 54.39 -20.72
N VAL A 254 -41.50 55.47 -21.48
CA VAL A 254 -40.17 56.07 -21.59
C VAL A 254 -39.93 57.16 -20.55
N LYS A 255 -40.99 57.81 -20.07
CA LYS A 255 -40.87 58.80 -19.00
C LYS A 255 -42.21 58.88 -18.29
N THR A 256 -42.17 58.87 -16.96
CA THR A 256 -43.38 59.07 -16.17
C THR A 256 -43.33 60.45 -15.51
N ALA A 257 -44.30 61.29 -15.85
CA ALA A 257 -44.36 62.64 -15.31
C ALA A 257 -44.81 62.60 -13.84
N PRO A 258 -44.45 63.61 -13.04
CA PRO A 258 -44.75 63.54 -11.60
C PRO A 258 -46.25 63.57 -11.31
N ASP A 259 -46.92 62.43 -11.56
CA ASP A 259 -48.34 62.20 -11.30
C ASP A 259 -49.25 62.90 -12.31
N GLY A 260 -48.70 63.81 -13.10
CA GLY A 260 -49.47 64.57 -14.07
C GLY A 260 -49.52 64.02 -15.49
N GLY A 261 -48.98 62.83 -15.77
CA GLY A 261 -48.89 62.37 -17.14
C GLY A 261 -48.12 61.07 -17.31
N VAL A 262 -48.12 60.59 -18.55
CA VAL A 262 -47.53 59.31 -18.98
C VAL A 262 -47.08 59.41 -20.44
N THR A 263 -45.78 59.24 -20.70
CA THR A 263 -45.24 59.27 -22.06
C THR A 263 -44.91 57.87 -22.61
N HIS A 264 -45.56 57.51 -23.70
CA HIS A 264 -45.39 56.22 -24.35
C HIS A 264 -44.38 56.31 -25.50
N LEU A 265 -43.84 55.17 -25.90
CA LEU A 265 -42.86 55.19 -26.98
C LEU A 265 -43.44 55.70 -28.30
N ARG A 266 -44.72 55.41 -28.59
CA ARG A 266 -45.36 55.96 -29.78
C ARG A 266 -45.40 57.48 -29.76
N ASP A 267 -45.43 58.07 -28.56
CA ASP A 267 -45.44 59.53 -28.46
C ASP A 267 -44.14 60.13 -28.96
N ILE A 268 -43.04 59.40 -28.83
CA ILE A 268 -41.71 59.95 -29.06
C ILE A 268 -40.99 59.35 -30.28
N ALA A 269 -41.48 58.24 -30.83
CA ALA A 269 -40.84 57.55 -31.93
C ALA A 269 -41.90 56.93 -32.82
N ARG A 270 -41.48 56.52 -34.01
CA ARG A 270 -42.30 55.73 -34.92
C ARG A 270 -41.79 54.29 -34.83
N ILE A 271 -42.69 53.32 -34.65
CA ILE A 271 -42.28 51.94 -34.38
C ILE A 271 -42.78 51.02 -35.47
N GLU A 272 -41.84 50.39 -36.19
CA GLU A 272 -42.16 49.63 -37.38
C GLU A 272 -41.28 48.38 -37.45
N LEU A 273 -41.77 47.34 -38.11
CA LEU A 273 -40.98 46.14 -38.40
C LEU A 273 -40.33 46.24 -39.77
N ASP A 274 -39.01 46.33 -39.79
CA ASP A 274 -38.24 46.60 -41.00
C ASP A 274 -36.95 45.79 -40.97
N ALA A 275 -35.96 46.25 -41.73
CA ALA A 275 -34.72 45.52 -41.92
C ALA A 275 -33.71 45.90 -40.86
N SER A 276 -32.79 44.95 -40.62
CA SER A 276 -31.69 45.15 -39.69
C SER A 276 -30.54 45.95 -40.27
N GLU A 277 -30.42 46.02 -41.59
CA GLU A 277 -29.42 46.85 -42.26
C GLU A 277 -29.92 47.15 -43.66
N TYR A 278 -29.32 48.17 -44.29
CA TYR A 278 -29.90 48.71 -45.53
C TYR A 278 -28.87 48.85 -46.66
N GLY A 279 -27.71 48.21 -46.53
CA GLY A 279 -26.63 48.42 -47.48
C GLY A 279 -26.83 47.80 -48.87
N LEU A 280 -27.64 46.74 -48.95
CA LEU A 280 -27.76 46.00 -50.19
C LEU A 280 -29.22 45.75 -50.55
N ARG A 281 -29.52 45.87 -51.84
CA ARG A 281 -30.83 45.59 -52.41
C ARG A 281 -30.71 44.52 -53.49
N SER A 282 -31.83 43.87 -53.77
CA SER A 282 -31.87 42.73 -54.68
C SER A 282 -33.09 42.80 -55.57
N LEU A 283 -32.88 42.88 -56.87
CA LEU A 283 -33.98 42.82 -57.81
C LEU A 283 -33.83 41.61 -58.74
N LEU A 284 -34.95 41.20 -59.31
CA LEU A 284 -34.95 40.19 -60.38
C LEU A 284 -35.85 40.71 -61.49
N ASP A 285 -35.25 41.16 -62.59
CA ASP A 285 -36.00 41.82 -63.66
C ASP A 285 -36.85 42.93 -63.08
N ASN A 286 -36.22 43.69 -62.19
CA ASN A 286 -36.83 44.85 -61.55
C ASN A 286 -37.99 44.47 -60.65
N LYS A 287 -37.99 43.27 -60.06
CA LYS A 287 -39.02 43.02 -59.07
C LYS A 287 -38.38 42.57 -57.77
N PRO A 288 -39.01 42.85 -56.63
CA PRO A 288 -38.37 42.55 -55.35
C PRO A 288 -38.00 41.09 -55.26
N ALA A 289 -36.78 40.83 -54.75
CA ALA A 289 -36.17 39.50 -54.78
C ALA A 289 -35.15 39.34 -53.66
N VAL A 290 -34.80 38.09 -53.40
CA VAL A 290 -33.60 37.72 -52.67
C VAL A 290 -32.94 36.60 -53.44
N ALA A 291 -31.60 36.66 -53.57
CA ALA A 291 -30.81 35.64 -54.26
C ALA A 291 -30.27 34.61 -53.28
N MET A 292 -30.31 33.33 -53.67
CA MET A 292 -29.68 32.26 -52.88
C MET A 292 -28.58 31.59 -53.70
N ALA A 293 -27.34 31.77 -53.26
CA ALA A 293 -26.20 31.09 -53.85
C ALA A 293 -25.99 29.77 -53.12
N ILE A 294 -26.12 28.65 -53.83
CA ILE A 294 -25.84 27.32 -53.30
C ILE A 294 -24.42 26.93 -53.68
N ASN A 295 -23.60 26.59 -52.69
CA ASN A 295 -22.20 26.20 -52.89
C ASN A 295 -22.02 24.77 -52.44
N GLN A 296 -21.39 23.96 -53.28
CA GLN A 296 -21.19 22.54 -53.01
C GLN A 296 -19.85 22.29 -52.33
N SER A 297 -19.83 21.26 -51.48
CA SER A 297 -18.61 20.88 -50.77
C SER A 297 -17.62 20.26 -51.73
N PRO A 298 -16.32 20.27 -51.37
CA PRO A 298 -15.34 19.56 -52.21
C PRO A 298 -15.73 18.10 -52.37
N GLY A 299 -15.59 17.58 -53.58
CA GLY A 299 -15.99 16.22 -53.84
C GLY A 299 -17.48 15.92 -53.80
N ALA A 300 -18.30 16.81 -54.33
CA ALA A 300 -19.75 16.67 -54.36
C ALA A 300 -20.16 16.43 -55.80
N ASN A 301 -21.45 16.17 -56.01
CA ASN A 301 -21.97 15.81 -57.32
C ASN A 301 -22.89 16.92 -57.84
N SER A 302 -22.33 17.81 -58.66
CA SER A 302 -23.10 18.94 -59.18
C SER A 302 -24.45 18.52 -59.73
N LEU A 303 -24.50 17.45 -60.53
CA LEU A 303 -25.78 17.12 -61.15
C LEU A 303 -26.80 16.63 -60.12
N ALA A 304 -26.33 15.89 -59.11
CA ALA A 304 -27.22 15.45 -58.05
C ALA A 304 -27.77 16.65 -57.25
N ILE A 305 -26.88 17.57 -56.89
CA ILE A 305 -27.28 18.75 -56.14
C ILE A 305 -28.28 19.57 -56.94
N SER A 306 -28.01 19.77 -58.22
CA SER A 306 -28.92 20.56 -59.04
C SER A 306 -30.28 19.91 -59.12
N ASP A 307 -30.33 18.61 -59.38
CA ASP A 307 -31.64 18.00 -59.47
C ASP A 307 -32.38 18.08 -58.14
N GLU A 308 -31.67 17.82 -57.02
CA GLU A 308 -32.34 17.83 -55.72
C GLU A 308 -32.82 19.23 -55.34
N VAL A 309 -32.05 20.26 -55.67
CA VAL A 309 -32.50 21.63 -55.43
C VAL A 309 -33.74 21.93 -56.25
N ARG A 310 -33.75 21.52 -57.53
CA ARG A 310 -34.92 21.82 -58.34
C ARG A 310 -36.16 21.13 -57.78
N LYS A 311 -36.03 19.89 -57.33
CA LYS A 311 -37.18 19.20 -56.76
C LYS A 311 -37.58 19.80 -55.41
N THR A 312 -36.60 20.19 -54.58
CA THR A 312 -36.93 20.83 -53.31
C THR A 312 -37.65 22.16 -53.56
N MET A 313 -37.20 22.91 -54.57
CA MET A 313 -37.86 24.13 -54.95
C MET A 313 -39.31 23.87 -55.36
N ALA A 314 -39.54 22.84 -56.18
CA ALA A 314 -40.91 22.55 -56.59
C ALA A 314 -41.77 22.14 -55.40
N GLU A 315 -41.16 21.49 -54.41
CA GLU A 315 -41.91 21.02 -53.25
C GLU A 315 -42.25 22.17 -52.31
N LEU A 316 -41.33 23.11 -52.13
CA LEU A 316 -41.55 24.26 -51.27
C LEU A 316 -42.51 25.27 -51.91
N LYS A 317 -42.53 25.37 -53.25
CA LYS A 317 -43.41 26.33 -53.88
C LYS A 317 -44.88 26.06 -53.61
N GLN A 318 -45.25 24.84 -53.28
CA GLN A 318 -46.66 24.58 -53.01
C GLN A 318 -47.10 25.18 -51.68
N ASP A 319 -46.15 25.57 -50.82
CA ASP A 319 -46.46 26.32 -49.60
C ASP A 319 -46.28 27.84 -49.76
N PHE A 320 -45.96 28.31 -50.97
CA PHE A 320 -45.70 29.74 -51.17
C PHE A 320 -47.00 30.52 -51.07
N PRO A 321 -47.06 31.57 -50.23
CA PRO A 321 -48.20 32.49 -50.31
C PRO A 321 -48.27 33.13 -51.68
N ALA A 322 -49.48 33.31 -52.18
CA ALA A 322 -49.66 33.84 -53.52
C ALA A 322 -48.97 35.19 -53.65
N GLY A 323 -48.21 35.36 -54.73
CA GLY A 323 -47.41 36.54 -54.98
C GLY A 323 -45.92 36.38 -54.69
N VAL A 324 -45.49 35.20 -54.21
CA VAL A 324 -44.08 34.85 -54.06
C VAL A 324 -43.82 33.59 -54.87
N ASP A 325 -42.66 33.55 -55.52
CA ASP A 325 -42.30 32.50 -56.46
C ASP A 325 -40.79 32.28 -56.33
N TYR A 326 -40.25 31.30 -57.06
CA TYR A 326 -38.80 31.11 -57.17
C TYR A 326 -38.41 31.02 -58.64
N ARG A 327 -37.15 31.36 -58.93
CA ARG A 327 -36.57 31.14 -60.26
C ARG A 327 -35.14 30.61 -60.16
N ILE A 328 -34.82 29.65 -61.03
CA ILE A 328 -33.55 28.96 -61.17
C ILE A 328 -32.62 29.77 -62.08
N VAL A 329 -32.53 31.07 -61.84
CA VAL A 329 -31.86 32.00 -62.75
C VAL A 329 -30.47 31.58 -63.22
N TYR A 330 -29.72 30.79 -62.44
CA TYR A 330 -28.40 30.37 -62.93
C TYR A 330 -28.03 28.97 -62.46
N ASP A 331 -27.75 28.07 -63.40
CA ASP A 331 -27.41 26.67 -63.08
C ASP A 331 -26.19 26.19 -63.86
N PRO A 332 -24.98 26.61 -63.47
CA PRO A 332 -23.78 26.28 -64.28
C PRO A 332 -23.44 24.79 -64.34
N THR A 333 -24.11 23.92 -63.58
CA THR A 333 -23.88 22.49 -63.76
C THR A 333 -24.23 22.06 -65.17
N GLN A 334 -25.14 22.78 -65.81
CA GLN A 334 -25.45 22.48 -67.20
C GLN A 334 -24.22 22.47 -68.07
N PHE A 335 -23.24 23.33 -67.77
CA PHE A 335 -22.01 23.27 -68.55
C PHE A 335 -21.37 21.89 -68.48
N VAL A 336 -21.12 21.39 -67.27
CA VAL A 336 -20.50 20.07 -67.19
C VAL A 336 -21.41 19.05 -67.84
N ARG A 337 -22.72 19.23 -67.72
CA ARG A 337 -23.63 18.27 -68.30
C ARG A 337 -23.39 18.18 -69.82
N SER A 338 -23.31 19.35 -70.47
CA SER A 338 -23.03 19.38 -71.90
C SER A 338 -21.69 18.74 -72.21
N SER A 339 -20.69 19.02 -71.36
CA SER A 339 -19.37 18.46 -71.52
C SER A 339 -19.42 16.93 -71.54
N ILE A 340 -20.22 16.34 -70.65
CA ILE A 340 -20.36 14.89 -70.66
C ILE A 340 -20.91 14.42 -72.00
N LYS A 341 -21.97 15.08 -72.51
CA LYS A 341 -22.47 14.71 -73.83
C LYS A 341 -21.37 14.83 -74.86
N ALA A 342 -20.56 15.89 -74.78
CA ALA A 342 -19.47 16.02 -75.74
C ALA A 342 -18.64 14.74 -75.72
N VAL A 343 -18.22 14.31 -74.54
CA VAL A 343 -17.37 13.13 -74.46
C VAL A 343 -18.07 11.95 -75.10
N VAL A 344 -19.32 11.70 -74.72
CA VAL A 344 -19.99 10.52 -75.24
C VAL A 344 -20.02 10.56 -76.75
N HIS A 345 -20.38 11.70 -77.33
CA HIS A 345 -20.42 11.79 -78.78
C HIS A 345 -19.05 11.49 -79.37
N THR A 346 -17.99 12.09 -78.81
CA THR A 346 -16.68 11.85 -79.38
C THR A 346 -16.37 10.36 -79.38
N LEU A 347 -16.65 9.69 -78.25
CA LEU A 347 -16.41 8.26 -78.18
C LEU A 347 -17.13 7.56 -79.31
N LEU A 348 -18.44 7.83 -79.44
CA LEU A 348 -19.19 7.21 -80.52
C LEU A 348 -18.59 7.57 -81.87
N GLU A 349 -18.40 8.87 -82.12
CA GLU A 349 -17.79 9.26 -83.40
C GLU A 349 -16.48 8.53 -83.59
N ALA A 350 -15.61 8.54 -82.58
CA ALA A 350 -14.29 7.95 -82.78
C ALA A 350 -14.43 6.46 -83.10
N ILE A 351 -15.29 5.78 -82.35
CA ILE A 351 -15.48 4.36 -82.62
C ILE A 351 -15.95 4.18 -84.05
N ALA A 352 -16.96 4.96 -84.44
CA ALA A 352 -17.44 4.91 -85.80
C ALA A 352 -16.31 5.09 -86.78
N LEU A 353 -15.49 6.12 -86.53
CA LEU A 353 -14.39 6.40 -87.43
C LEU A 353 -13.44 5.20 -87.53
N VAL A 354 -12.99 4.68 -86.38
CA VAL A 354 -12.03 3.58 -86.47
C VAL A 354 -12.68 2.39 -87.15
N VAL A 355 -13.97 2.16 -86.90
CA VAL A 355 -14.61 1.00 -87.51
C VAL A 355 -14.56 1.12 -89.03
N ILE A 356 -14.91 2.31 -89.56
CA ILE A 356 -14.81 2.52 -91.01
C ILE A 356 -13.39 2.24 -91.49
N VAL A 357 -12.41 2.83 -90.80
CA VAL A 357 -11.06 2.68 -91.29
C VAL A 357 -10.69 1.21 -91.34
N VAL A 358 -11.03 0.46 -90.28
CA VAL A 358 -10.66 -0.95 -90.25
C VAL A 358 -11.35 -1.70 -91.39
N ILE A 359 -12.59 -1.32 -91.71
CA ILE A 359 -13.29 -1.94 -92.83
C ILE A 359 -12.59 -1.65 -94.13
N VAL A 360 -12.16 -0.39 -94.34
CA VAL A 360 -11.57 -0.01 -95.63
C VAL A 360 -10.18 -0.62 -95.79
N PHE A 361 -9.40 -0.71 -94.72
CA PHE A 361 -8.05 -1.24 -94.91
C PHE A 361 -8.02 -2.76 -94.85
N LEU A 362 -8.63 -3.37 -93.84
CA LEU A 362 -8.56 -4.82 -93.64
C LEU A 362 -9.71 -5.56 -94.30
N GLN A 363 -10.79 -4.87 -94.63
CA GLN A 363 -11.84 -5.38 -95.50
C GLN A 363 -12.48 -6.67 -94.99
N THR A 364 -12.45 -6.86 -93.67
CA THR A 364 -13.25 -7.84 -92.95
C THR A 364 -14.05 -7.09 -91.90
N TRP A 365 -15.35 -7.31 -91.86
CA TRP A 365 -16.10 -6.57 -90.86
C TRP A 365 -15.82 -7.04 -89.44
N ARG A 366 -15.37 -8.29 -89.26
CA ARG A 366 -15.15 -8.78 -87.90
C ARG A 366 -13.94 -8.13 -87.23
N ALA A 367 -12.91 -7.76 -87.98
CA ALA A 367 -11.76 -7.13 -87.32
C ALA A 367 -12.16 -5.81 -86.67
N SER A 368 -13.16 -5.14 -87.22
CA SER A 368 -13.60 -3.89 -86.63
C SER A 368 -14.20 -4.08 -85.23
N ILE A 369 -14.68 -5.29 -84.89
CA ILE A 369 -15.19 -5.50 -83.54
C ILE A 369 -14.10 -5.32 -82.49
N ILE A 370 -12.83 -5.55 -82.85
CA ILE A 370 -11.80 -5.47 -81.82
C ILE A 370 -11.69 -4.05 -81.23
N PRO A 371 -11.47 -2.98 -82.00
CA PRO A 371 -11.55 -1.66 -81.34
C PRO A 371 -12.93 -1.38 -80.74
N LEU A 372 -13.98 -1.87 -81.38
CA LEU A 372 -15.35 -1.65 -80.92
C LEU A 372 -15.55 -2.10 -79.48
N ILE A 373 -14.94 -3.20 -79.08
CA ILE A 373 -15.02 -3.60 -77.67
C ILE A 373 -13.86 -3.01 -76.89
N ALA A 374 -12.68 -2.97 -77.49
CA ALA A 374 -11.48 -2.66 -76.70
C ALA A 374 -11.47 -1.21 -76.25
N VAL A 375 -11.86 -0.29 -77.12
CA VAL A 375 -11.82 1.14 -76.80
C VAL A 375 -12.74 1.48 -75.65
N PRO A 376 -14.05 1.15 -75.72
CA PRO A 376 -14.92 1.48 -74.58
C PRO A 376 -14.52 0.87 -73.27
N VAL A 377 -14.12 -0.41 -73.27
CA VAL A 377 -13.75 -1.06 -72.02
C VAL A 377 -12.61 -0.32 -71.36
N SER A 378 -11.60 0.07 -72.15
CA SER A 378 -10.53 0.86 -71.57
C SER A 378 -11.07 2.15 -70.98
N ILE A 379 -11.85 2.91 -71.77
CA ILE A 379 -12.23 4.26 -71.34
C ILE A 379 -13.08 4.20 -70.07
N VAL A 380 -14.17 3.45 -70.13
CA VAL A 380 -15.02 3.29 -68.96
C VAL A 380 -14.20 2.71 -67.80
N GLY A 381 -13.27 1.80 -68.08
CA GLY A 381 -12.49 1.22 -67.01
C GLY A 381 -11.69 2.27 -66.27
N THR A 382 -11.29 3.33 -66.99
CA THR A 382 -10.54 4.42 -66.37
C THR A 382 -11.25 4.99 -65.13
N PHE A 383 -12.58 5.09 -65.18
CA PHE A 383 -13.27 5.78 -64.08
C PHE A 383 -12.91 5.14 -62.74
N SER A 384 -12.75 3.80 -62.74
CA SER A 384 -12.52 3.12 -61.46
C SER A 384 -11.19 3.55 -60.84
N LEU A 385 -10.12 3.62 -61.64
CA LEU A 385 -8.88 4.10 -61.07
C LEU A 385 -8.96 5.59 -60.71
N LEU A 386 -9.75 6.37 -61.47
CA LEU A 386 -10.00 7.77 -61.12
C LEU A 386 -10.65 7.85 -59.75
N LEU A 387 -11.61 6.96 -59.49
CA LEU A 387 -12.18 6.93 -58.15
C LEU A 387 -11.09 6.62 -57.13
N LEU A 388 -10.27 5.61 -57.43
CA LEU A 388 -9.30 5.12 -56.47
C LEU A 388 -8.29 6.18 -56.09
N PHE A 389 -7.82 6.97 -57.05
CA PHE A 389 -6.84 8.00 -56.77
C PHE A 389 -7.48 9.31 -56.33
N GLY A 390 -8.78 9.32 -56.03
CA GLY A 390 -9.40 10.56 -55.61
C GLY A 390 -9.34 11.66 -56.65
N TYR A 391 -9.60 11.33 -57.89
CA TYR A 391 -9.85 12.34 -58.91
C TYR A 391 -11.37 12.47 -59.05
N SER A 392 -11.83 13.19 -60.07
CA SER A 392 -13.27 13.39 -60.24
C SER A 392 -13.63 13.63 -61.70
N ILE A 393 -14.92 13.48 -61.99
CA ILE A 393 -15.42 13.78 -63.32
C ILE A 393 -15.52 15.29 -63.45
N ASN A 394 -14.94 15.86 -64.49
CA ASN A 394 -15.04 17.30 -64.70
C ASN A 394 -14.55 17.64 -66.10
N ALA A 395 -14.64 18.92 -66.42
CA ALA A 395 -14.35 19.39 -67.78
C ALA A 395 -12.90 19.09 -68.14
N LEU A 396 -11.99 19.26 -67.19
CA LEU A 396 -10.60 18.95 -67.46
C LEU A 396 -10.41 17.45 -67.64
N SER A 397 -10.94 16.67 -66.71
CA SER A 397 -10.71 15.23 -66.78
C SER A 397 -11.50 14.61 -67.94
N LEU A 398 -12.68 15.12 -68.25
CA LEU A 398 -13.40 14.63 -69.42
C LEU A 398 -12.65 14.96 -70.71
N PHE A 399 -11.96 16.10 -70.76
CA PHE A 399 -11.10 16.38 -71.91
C PHE A 399 -9.93 15.42 -71.98
N GLY A 400 -9.37 15.09 -70.82
CA GLY A 400 -8.38 14.05 -70.78
C GLY A 400 -8.89 12.76 -71.40
N MET A 401 -10.13 12.42 -71.08
CA MET A 401 -10.69 11.19 -71.64
C MET A 401 -10.84 11.29 -73.14
N VAL A 402 -11.25 12.45 -73.64
CA VAL A 402 -11.36 12.58 -75.08
C VAL A 402 -10.01 12.38 -75.74
N LEU A 403 -8.96 12.99 -75.18
CA LEU A 403 -7.62 12.81 -75.75
C LEU A 403 -7.17 11.37 -75.66
N ALA A 404 -7.50 10.72 -74.55
CA ALA A 404 -7.10 9.34 -74.37
C ALA A 404 -7.69 8.44 -75.44
N ILE A 405 -8.92 8.75 -75.87
CA ILE A 405 -9.57 7.92 -76.89
C ILE A 405 -8.63 7.71 -78.06
N GLY A 406 -7.84 8.73 -78.38
CA GLY A 406 -6.87 8.56 -79.45
C GLY A 406 -5.87 7.46 -79.19
N ILE A 407 -5.27 7.47 -78.00
CA ILE A 407 -4.25 6.49 -77.64
C ILE A 407 -4.85 5.08 -77.58
N VAL A 408 -6.05 4.98 -77.05
CA VAL A 408 -6.69 3.68 -76.90
C VAL A 408 -7.04 3.11 -78.27
N VAL A 409 -7.53 3.96 -79.19
CA VAL A 409 -7.86 3.52 -80.54
C VAL A 409 -6.60 3.06 -81.27
N ASP A 410 -5.49 3.79 -81.08
CA ASP A 410 -4.25 3.36 -81.69
C ASP A 410 -3.82 1.99 -81.20
N ASP A 411 -3.93 1.74 -79.90
CA ASP A 411 -3.60 0.42 -79.38
C ASP A 411 -4.44 -0.67 -80.03
N ALA A 412 -5.76 -0.44 -80.15
CA ALA A 412 -6.59 -1.47 -80.77
C ALA A 412 -6.14 -1.71 -82.21
N ILE A 413 -5.87 -0.63 -82.94
CA ILE A 413 -5.39 -0.75 -84.32
C ILE A 413 -4.11 -1.56 -84.36
N VAL A 414 -3.16 -1.26 -83.49
CA VAL A 414 -1.88 -1.96 -83.53
C VAL A 414 -2.05 -3.47 -83.38
N VAL A 415 -2.79 -3.91 -82.35
CA VAL A 415 -2.98 -5.35 -82.13
C VAL A 415 -3.75 -6.00 -83.29
N VAL A 416 -4.90 -5.43 -83.68
CA VAL A 416 -5.74 -6.15 -84.63
C VAL A 416 -5.14 -6.12 -86.04
N GLU A 417 -4.49 -5.01 -86.43
CA GLU A 417 -3.82 -5.00 -87.72
C GLU A 417 -2.64 -5.95 -87.76
N ASN A 418 -1.85 -6.05 -86.67
CA ASN A 418 -0.73 -6.99 -86.70
C ASN A 418 -1.22 -8.43 -86.86
N VAL A 419 -2.29 -8.78 -86.13
CA VAL A 419 -2.86 -10.12 -86.30
C VAL A 419 -3.37 -10.33 -87.73
N GLU A 420 -4.07 -9.33 -88.28
CA GLU A 420 -4.61 -9.46 -89.64
C GLU A 420 -3.51 -9.62 -90.68
N ARG A 421 -2.39 -8.91 -90.48
CA ARG A 421 -1.26 -9.06 -91.39
C ARG A 421 -0.71 -10.47 -91.35
N ASN A 422 -0.49 -11.02 -90.14
CA ASN A 422 -0.01 -12.39 -90.02
C ASN A 422 -1.00 -13.39 -90.65
N ILE A 423 -2.30 -13.11 -90.55
CA ILE A 423 -3.27 -13.94 -91.26
C ILE A 423 -3.08 -13.82 -92.77
N GLU A 424 -2.81 -12.60 -93.25
CA GLU A 424 -2.62 -12.36 -94.69
C GLU A 424 -1.39 -13.05 -95.25
N ASN A 425 -0.45 -13.46 -94.40
CA ASN A 425 0.65 -14.32 -94.83
C ASN A 425 0.28 -15.78 -94.88
N GLY A 426 -1.00 -16.12 -94.81
CA GLY A 426 -1.41 -17.49 -94.91
C GLY A 426 -1.41 -18.27 -93.61
N LEU A 427 -1.14 -17.62 -92.46
CA LEU A 427 -1.30 -18.31 -91.19
C LEU A 427 -2.76 -18.36 -90.80
N THR A 428 -3.09 -19.22 -89.85
CA THR A 428 -4.45 -19.23 -89.33
C THR A 428 -4.60 -18.22 -88.20
N ALA A 429 -5.85 -17.94 -87.84
CA ALA A 429 -6.14 -16.93 -86.83
C ALA A 429 -5.39 -17.21 -85.53
N ARG A 430 -5.48 -18.43 -85.01
CA ARG A 430 -4.79 -18.72 -83.75
C ARG A 430 -3.28 -18.52 -83.91
N ALA A 431 -2.71 -19.06 -84.99
CA ALA A 431 -1.26 -18.98 -85.22
C ALA A 431 -0.82 -17.54 -85.48
N ALA A 432 -1.62 -16.79 -86.24
CA ALA A 432 -1.30 -15.39 -86.48
C ALA A 432 -1.41 -14.57 -85.20
N THR A 433 -2.38 -14.88 -84.34
CA THR A 433 -2.48 -14.15 -83.08
C THR A 433 -1.26 -14.39 -82.22
N TYR A 434 -0.83 -15.65 -82.10
CA TYR A 434 0.41 -15.96 -81.36
C TYR A 434 1.60 -15.18 -81.92
N LYS A 435 1.77 -15.22 -83.25
CA LYS A 435 2.93 -14.60 -83.87
C LYS A 435 2.90 -13.10 -83.64
N ALA A 436 1.73 -12.49 -83.88
CA ALA A 436 1.60 -11.04 -83.74
C ALA A 436 1.84 -10.59 -82.31
N MET A 437 1.30 -11.33 -81.34
CA MET A 437 1.50 -10.96 -79.96
C MET A 437 2.94 -11.13 -79.55
N GLN A 438 3.63 -12.15 -80.10
CA GLN A 438 5.08 -12.24 -79.89
C GLN A 438 5.77 -11.02 -80.46
N GLU A 439 5.27 -10.51 -81.59
CA GLU A 439 5.86 -9.33 -82.22
C GLU A 439 5.67 -8.05 -81.41
N VAL A 440 4.50 -7.84 -80.79
CA VAL A 440 4.17 -6.53 -80.23
C VAL A 440 4.05 -6.46 -78.71
N SER A 441 3.81 -7.57 -78.01
CA SER A 441 3.42 -7.50 -76.61
C SER A 441 4.49 -6.84 -75.72
N GLY A 442 5.76 -7.06 -76.04
CA GLY A 442 6.84 -6.42 -75.33
C GLY A 442 6.82 -4.93 -75.51
N PRO A 443 6.85 -4.48 -76.77
CA PRO A 443 6.64 -3.04 -77.02
C PRO A 443 5.36 -2.52 -76.38
N ILE A 444 4.31 -3.32 -76.26
CA ILE A 444 3.08 -2.81 -75.67
C ILE A 444 3.35 -2.39 -74.24
N ILE A 445 4.05 -3.25 -73.48
CA ILE A 445 4.42 -2.91 -72.12
C ILE A 445 5.39 -1.74 -72.09
N ALA A 446 6.39 -1.76 -72.98
CA ALA A 446 7.35 -0.68 -73.02
C ALA A 446 6.70 0.65 -73.41
N ILE A 447 5.73 0.64 -74.33
CA ILE A 447 5.05 1.88 -74.70
C ILE A 447 4.16 2.34 -73.56
N ALA A 448 3.49 1.42 -72.86
CA ALA A 448 2.72 1.83 -71.70
C ALA A 448 3.61 2.57 -70.70
N LEU A 449 4.76 1.99 -70.36
CA LEU A 449 5.68 2.69 -69.46
C LEU A 449 6.19 4.01 -70.04
N THR A 450 6.51 4.07 -71.33
CA THR A 450 7.01 5.35 -71.82
C THR A 450 5.92 6.39 -71.79
N LEU A 451 4.68 5.99 -72.07
CA LEU A 451 3.58 6.96 -72.00
C LEU A 451 3.40 7.41 -70.56
N VAL A 452 3.51 6.49 -69.61
CA VAL A 452 3.48 6.86 -68.20
C VAL A 452 4.60 7.84 -67.89
N ALA A 453 5.81 7.56 -68.38
CA ALA A 453 6.94 8.46 -68.13
C ALA A 453 6.74 9.81 -68.81
N VAL A 454 6.01 9.86 -69.91
CA VAL A 454 5.78 11.16 -70.49
C VAL A 454 4.81 11.94 -69.61
N PHE A 455 3.74 11.28 -69.14
CA PHE A 455 2.56 11.97 -68.61
C PHE A 455 2.56 12.14 -67.09
N VAL A 456 2.83 11.08 -66.32
CA VAL A 456 2.78 11.19 -64.87
C VAL A 456 3.67 12.31 -64.33
N PRO A 457 4.87 12.58 -64.88
CA PRO A 457 5.64 13.73 -64.37
C PRO A 457 4.90 15.05 -64.39
N LEU A 458 4.09 15.29 -65.43
CA LEU A 458 3.31 16.53 -65.53
C LEU A 458 2.33 16.67 -64.38
N ALA A 459 1.77 15.57 -63.89
CA ALA A 459 0.82 15.66 -62.79
C ALA A 459 1.47 16.19 -61.53
N PHE A 460 2.79 16.20 -61.44
CA PHE A 460 3.49 16.76 -60.31
C PHE A 460 3.97 18.17 -60.56
N MET A 461 3.25 18.96 -61.34
CA MET A 461 3.65 20.36 -61.38
C MET A 461 2.97 21.16 -60.26
N SER A 462 3.36 22.43 -60.14
CA SER A 462 2.95 23.32 -59.06
C SER A 462 1.99 24.42 -59.55
N GLY A 463 1.06 24.79 -58.69
CA GLY A 463 0.16 25.89 -58.96
C GLY A 463 -1.05 25.47 -59.77
N LEU A 464 -1.71 26.45 -60.37
CA LEU A 464 -2.91 26.11 -61.13
C LEU A 464 -2.53 25.30 -62.35
N THR A 465 -1.39 25.63 -62.96
CA THR A 465 -0.93 24.87 -64.11
C THR A 465 -0.81 23.41 -63.72
N GLY A 466 -0.21 23.16 -62.56
CA GLY A 466 -0.18 21.80 -62.03
C GLY A 466 -1.57 21.21 -61.85
N GLN A 467 -2.52 22.01 -61.37
CA GLN A 467 -3.83 21.45 -61.09
C GLN A 467 -4.57 21.02 -62.35
N PHE A 468 -4.37 21.75 -63.45
CA PHE A 468 -5.00 21.35 -64.72
C PHE A 468 -4.27 20.15 -65.33
N TYR A 469 -2.94 20.20 -65.36
CA TYR A 469 -2.20 19.07 -65.90
C TYR A 469 -2.48 17.80 -65.10
N LYS A 470 -2.56 17.91 -63.78
CA LYS A 470 -2.86 16.77 -62.93
C LYS A 470 -4.06 16.00 -63.46
N GLN A 471 -5.12 16.73 -63.82
CA GLN A 471 -6.32 16.08 -64.36
C GLN A 471 -5.99 15.40 -65.67
N PHE A 472 -5.42 16.16 -66.62
CA PHE A 472 -5.12 15.60 -67.95
C PHE A 472 -4.28 14.33 -67.84
N ALA A 473 -3.09 14.48 -67.27
CA ALA A 473 -2.11 13.40 -67.26
C ALA A 473 -2.61 12.22 -66.44
N MET A 474 -3.23 12.43 -65.29
CA MET A 474 -3.70 11.26 -64.56
C MET A 474 -4.72 10.49 -65.40
N THR A 475 -5.64 11.20 -66.05
CA THR A 475 -6.62 10.49 -66.86
C THR A 475 -5.95 9.71 -67.96
N ILE A 476 -5.04 10.37 -68.68
CA ILE A 476 -4.39 9.71 -69.81
C ILE A 476 -3.53 8.56 -69.33
N ALA A 477 -2.74 8.76 -68.29
CA ALA A 477 -1.89 7.68 -67.84
C ALA A 477 -2.73 6.45 -67.50
N ILE A 478 -3.83 6.66 -66.78
CA ILE A 478 -4.67 5.53 -66.39
C ILE A 478 -5.25 4.83 -67.61
N SER A 479 -5.89 5.57 -68.51
CA SER A 479 -6.51 4.90 -69.63
C SER A 479 -5.45 4.20 -70.46
N THR A 480 -4.24 4.75 -70.48
CA THR A 480 -3.15 4.15 -71.24
C THR A 480 -2.77 2.78 -70.67
N VAL A 481 -2.61 2.71 -69.36
CA VAL A 481 -2.28 1.44 -68.73
C VAL A 481 -3.40 0.42 -68.96
N ILE A 482 -4.65 0.85 -68.76
CA ILE A 482 -5.77 -0.08 -68.93
C ILE A 482 -5.82 -0.58 -70.37
N SER A 483 -5.66 0.33 -71.35
CA SER A 483 -5.70 -0.08 -72.76
C SER A 483 -4.58 -1.04 -73.06
N ALA A 484 -3.39 -0.80 -72.50
CA ALA A 484 -2.31 -1.75 -72.66
C ALA A 484 -2.74 -3.14 -72.18
N PHE A 485 -3.27 -3.21 -70.95
CA PHE A 485 -3.67 -4.48 -70.40
C PHE A 485 -4.71 -5.16 -71.28
N ASN A 486 -5.60 -4.38 -71.87
CA ASN A 486 -6.56 -4.99 -72.78
C ASN A 486 -5.91 -5.47 -74.06
N SER A 487 -4.90 -4.75 -74.53
CA SER A 487 -4.19 -5.12 -75.74
C SER A 487 -3.37 -6.40 -75.58
N LEU A 488 -3.04 -6.78 -74.33
CA LEU A 488 -2.36 -8.04 -74.04
C LEU A 488 -3.32 -9.17 -73.69
N THR A 489 -4.55 -8.90 -73.31
CA THR A 489 -5.47 -9.96 -72.89
C THR A 489 -6.69 -10.07 -73.81
N LEU A 490 -7.49 -9.01 -73.93
CA LEU A 490 -8.78 -9.13 -74.61
C LEU A 490 -8.65 -8.94 -76.12
N SER A 491 -7.91 -7.92 -76.58
CA SER A 491 -7.80 -7.68 -78.02
C SER A 491 -7.27 -8.91 -78.76
N PRO A 492 -6.16 -9.54 -78.34
CA PRO A 492 -5.73 -10.75 -79.07
C PRO A 492 -6.69 -11.92 -78.97
N ALA A 493 -7.29 -12.17 -77.80
CA ALA A 493 -8.24 -13.28 -77.71
C ALA A 493 -9.45 -13.04 -78.62
N LEU A 494 -9.97 -11.81 -78.63
CA LEU A 494 -11.07 -11.47 -79.51
C LEU A 494 -10.68 -11.65 -80.96
N SER A 495 -9.48 -11.22 -81.35
CA SER A 495 -9.12 -11.29 -82.76
C SER A 495 -8.83 -12.72 -83.20
N ALA A 496 -8.26 -13.55 -82.31
CA ALA A 496 -8.08 -14.97 -82.63
C ALA A 496 -9.43 -15.69 -82.76
N ILE A 497 -10.40 -15.35 -81.89
CA ILE A 497 -11.72 -15.97 -81.95
C ILE A 497 -12.64 -15.34 -82.98
N LEU A 498 -12.28 -14.20 -83.56
CA LEU A 498 -13.19 -13.51 -84.48
C LEU A 498 -12.68 -13.39 -85.89
N LEU A 499 -11.36 -13.38 -86.10
CA LEU A 499 -10.78 -13.29 -87.45
C LEU A 499 -10.86 -14.66 -88.15
N LYS A 500 -12.11 -15.10 -88.36
CA LYS A 500 -12.38 -16.37 -89.01
C LYS A 500 -11.49 -16.49 -90.24
N GLY A 501 -10.90 -17.67 -90.41
CA GLY A 501 -10.11 -17.92 -91.60
C GLY A 501 -10.74 -17.43 -92.89
N HIS A 502 -9.89 -17.18 -93.87
CA HIS A 502 -10.32 -16.74 -95.18
C HIS A 502 -11.14 -17.78 -95.92
N GLY A 503 -11.37 -18.95 -95.32
CA GLY A 503 -11.96 -20.08 -96.01
C GLY A 503 -13.47 -20.02 -96.18
N ASP A 504 -14.14 -21.09 -95.76
CA ASP A 504 -15.59 -21.17 -95.86
C ASP A 504 -16.27 -20.33 -94.78
N LYS A 505 -17.57 -20.59 -94.55
CA LYS A 505 -18.41 -19.81 -93.66
C LYS A 505 -18.31 -18.31 -93.99
N GLU A 506 -18.68 -18.00 -95.24
CA GLU A 506 -18.73 -16.62 -95.73
C GLU A 506 -20.17 -16.18 -95.49
N ASP A 507 -20.39 -15.56 -94.32
CA ASP A 507 -21.72 -15.27 -93.78
C ASP A 507 -22.49 -14.20 -94.55
N TRP A 508 -23.47 -13.58 -93.89
CA TRP A 508 -24.40 -12.66 -94.53
C TRP A 508 -23.83 -11.26 -94.61
N LEU A 509 -23.17 -10.82 -93.55
CA LEU A 509 -22.69 -9.45 -93.53
C LEU A 509 -21.47 -9.28 -94.41
N THR A 510 -20.56 -10.26 -94.41
CA THR A 510 -19.44 -10.15 -95.33
C THR A 510 -19.93 -10.18 -96.77
N ARG A 511 -20.93 -11.00 -97.04
CA ARG A 511 -21.47 -11.10 -98.40
C ARG A 511 -22.06 -9.76 -98.84
N VAL A 512 -22.84 -9.13 -97.96
CA VAL A 512 -23.44 -7.85 -98.35
C VAL A 512 -22.36 -6.78 -98.48
N MET A 513 -21.38 -6.80 -97.58
CA MET A 513 -20.28 -5.83 -97.64
C MET A 513 -19.50 -5.96 -98.93
N ASN A 514 -19.18 -7.19 -99.34
CA ASN A 514 -18.43 -7.35 -100.59
C ASN A 514 -19.27 -6.93 -101.79
N ARG A 515 -20.53 -7.35 -101.84
CA ARG A 515 -21.37 -6.96 -102.96
C ARG A 515 -21.46 -5.44 -103.09
N VAL A 516 -21.52 -4.73 -101.96
CA VAL A 516 -21.68 -3.28 -102.04
C VAL A 516 -20.35 -2.51 -102.18
N LEU A 517 -19.24 -3.00 -101.62
CA LEU A 517 -17.99 -2.24 -101.58
C LEU A 517 -16.84 -2.90 -102.33
N GLY A 518 -17.08 -3.90 -103.18
CA GLY A 518 -15.98 -4.60 -103.81
C GLY A 518 -15.21 -3.73 -104.78
N GLY A 519 -15.92 -2.93 -105.57
CA GLY A 519 -15.21 -2.01 -106.45
C GLY A 519 -14.34 -1.07 -105.65
N PHE A 520 -14.91 -0.50 -104.57
CA PHE A 520 -14.14 0.42 -103.73
C PHE A 520 -12.93 -0.28 -103.14
N PHE A 521 -13.10 -1.50 -102.65
CA PHE A 521 -11.98 -2.21 -102.06
C PHE A 521 -10.89 -2.38 -103.10
N ARG A 522 -11.25 -2.81 -104.31
CA ARG A 522 -10.24 -3.07 -105.33
C ARG A 522 -9.51 -1.78 -105.71
N GLY A 523 -10.25 -0.69 -105.86
CA GLY A 523 -9.62 0.57 -106.19
C GLY A 523 -8.73 1.10 -105.08
N PHE A 524 -9.22 1.09 -103.83
CA PHE A 524 -8.39 1.55 -102.74
C PHE A 524 -7.14 0.71 -102.64
N ASN A 525 -7.28 -0.60 -102.80
CA ASN A 525 -6.10 -1.45 -102.75
C ASN A 525 -5.15 -1.07 -103.87
N LYS A 526 -5.69 -0.71 -105.03
CA LYS A 526 -4.82 -0.27 -106.12
C LYS A 526 -4.01 0.94 -105.73
N VAL A 527 -4.69 1.98 -105.24
CA VAL A 527 -3.95 3.21 -104.98
C VAL A 527 -3.02 2.98 -103.80
N PHE A 528 -3.39 2.11 -102.87
CA PHE A 528 -2.55 1.82 -101.72
C PHE A 528 -1.31 1.03 -102.13
N HIS A 529 -1.44 0.10 -103.07
CA HIS A 529 -0.26 -0.59 -103.56
C HIS A 529 0.70 0.39 -104.23
N ARG A 530 0.17 1.26 -105.09
CA ARG A 530 1.00 2.31 -105.67
C ARG A 530 1.73 3.07 -104.57
N GLY A 531 0.96 3.60 -103.61
CA GLY A 531 1.53 4.48 -102.61
C GLY A 531 2.54 3.81 -101.74
N ALA A 532 2.24 2.58 -101.30
CA ALA A 532 3.17 1.83 -100.46
C ALA A 532 4.48 1.63 -101.21
N GLU A 533 4.41 1.34 -102.52
CA GLU A 533 5.65 1.16 -103.28
C GLU A 533 6.39 2.49 -103.43
N ASN A 534 5.67 3.58 -103.68
CA ASN A 534 6.35 4.87 -103.72
C ASN A 534 7.04 5.14 -102.39
N TYR A 535 6.38 4.79 -101.29
CA TYR A 535 6.98 4.95 -99.98
C TYR A 535 8.25 4.12 -99.83
N GLY A 536 8.22 2.87 -100.30
CA GLY A 536 9.43 2.06 -100.19
C GLY A 536 10.59 2.67 -100.96
N ARG A 537 10.32 3.09 -102.21
CA ARG A 537 11.32 3.81 -102.99
C ARG A 537 11.79 5.06 -102.24
N GLY A 538 10.85 5.79 -101.62
CA GLY A 538 11.20 7.01 -100.93
C GLY A 538 12.08 6.78 -99.73
N VAL A 539 11.80 5.73 -98.96
CA VAL A 539 12.63 5.40 -97.81
C VAL A 539 14.02 5.02 -98.26
N ARG A 540 14.12 4.25 -99.34
CA ARG A 540 15.42 3.92 -99.89
C ARG A 540 16.13 5.19 -100.36
N GLY A 541 15.39 6.10 -100.99
CA GLY A 541 15.97 7.35 -101.41
C GLY A 541 16.51 8.15 -100.25
N VAL A 542 15.70 8.32 -99.20
CA VAL A 542 16.14 9.12 -98.06
C VAL A 542 17.31 8.44 -97.36
N LEU A 543 17.31 7.10 -97.31
CA LEU A 543 18.42 6.38 -96.69
C LEU A 543 19.71 6.55 -97.46
N SER A 544 19.65 6.82 -98.77
CA SER A 544 20.90 7.07 -99.50
C SER A 544 21.54 8.41 -99.10
N ARG A 545 20.76 9.49 -99.09
CA ARG A 545 21.30 10.81 -98.75
C ARG A 545 21.10 11.10 -97.25
N LYS A 546 21.68 10.22 -96.45
CA LYS A 546 21.47 10.25 -95.01
C LYS A 546 21.94 11.55 -94.36
N ALA A 547 23.12 12.04 -94.74
CA ALA A 547 23.63 13.27 -94.11
C ALA A 547 22.79 14.49 -94.51
N VAL A 548 22.38 14.56 -95.77
CA VAL A 548 21.43 15.60 -96.17
C VAL A 548 20.19 15.50 -95.30
N MET A 549 19.75 14.27 -95.02
CA MET A 549 18.60 14.06 -94.14
C MET A 549 18.86 14.65 -92.76
N LEU A 550 20.03 14.37 -92.17
CA LEU A 550 20.35 14.90 -90.86
C LEU A 550 20.38 16.43 -90.85
N GLY A 551 20.93 17.02 -91.89
CA GLY A 551 20.96 18.47 -91.98
C GLY A 551 19.57 19.07 -92.04
N LEU A 552 18.71 18.49 -92.89
CA LEU A 552 17.33 18.97 -92.95
C LEU A 552 16.65 18.82 -91.60
N TYR A 553 16.98 17.76 -90.86
CA TYR A 553 16.41 17.60 -89.53
C TYR A 553 16.88 18.70 -88.60
N LEU A 554 18.17 19.07 -88.69
CA LEU A 554 18.66 20.12 -87.82
C LEU A 554 17.95 21.43 -88.14
N VAL A 555 17.74 21.67 -89.43
CA VAL A 555 16.92 22.80 -89.86
C VAL A 555 15.54 22.70 -89.24
N LEU A 556 14.96 21.51 -89.24
CA LEU A 556 13.60 21.39 -88.74
C LEU A 556 13.52 21.59 -87.22
N VAL A 557 14.53 21.14 -86.47
CA VAL A 557 14.54 21.40 -85.01
C VAL A 557 14.68 22.89 -84.73
N GLY A 558 15.56 23.56 -85.47
CA GLY A 558 15.59 25.01 -85.35
C GLY A 558 14.22 25.59 -85.60
N ALA A 559 13.54 25.08 -86.62
CA ALA A 559 12.20 25.55 -86.93
C ALA A 559 11.24 25.32 -85.77
N THR A 560 11.36 24.19 -85.06
CA THR A 560 10.47 23.99 -83.92
C THR A 560 10.72 25.01 -82.83
N LEU A 561 11.99 25.30 -82.55
CA LEU A 561 12.27 26.38 -81.59
C LEU A 561 11.63 27.69 -82.04
N MET A 562 11.75 28.01 -83.33
CA MET A 562 11.24 29.27 -83.84
C MET A 562 9.73 29.37 -83.67
N VAL A 563 9.01 28.33 -84.09
CA VAL A 563 7.56 28.37 -84.02
C VAL A 563 7.10 28.35 -82.58
N SER A 564 7.84 27.71 -81.69
CA SER A 564 7.48 27.79 -80.28
C SER A 564 7.56 29.24 -79.79
N LYS A 565 8.56 29.99 -80.25
CA LYS A 565 8.65 31.38 -79.80
C LYS A 565 7.74 32.34 -80.55
N ILE A 566 7.15 31.96 -81.68
CA ILE A 566 6.23 32.87 -82.35
C ILE A 566 4.80 32.71 -81.83
N VAL A 567 4.40 31.50 -81.48
CA VAL A 567 3.03 31.27 -81.00
C VAL A 567 2.90 31.77 -79.58
N PRO A 568 1.92 32.64 -79.29
CA PRO A 568 1.77 33.19 -77.93
C PRO A 568 1.17 32.20 -76.94
N GLY A 569 1.65 32.28 -75.70
CA GLY A 569 1.18 31.40 -74.65
C GLY A 569 -0.20 31.77 -74.13
N GLY A 570 -0.83 30.81 -73.46
CA GLY A 570 -2.16 30.96 -72.92
C GLY A 570 -2.39 30.09 -71.69
N PHE A 571 -3.59 30.21 -71.14
CA PHE A 571 -4.09 29.45 -69.99
C PHE A 571 -5.52 29.12 -70.39
N VAL A 572 -6.42 28.87 -69.46
CA VAL A 572 -7.76 28.47 -69.92
C VAL A 572 -8.44 29.61 -70.67
N PRO A 573 -8.67 29.45 -71.97
CA PRO A 573 -9.17 30.55 -72.80
C PRO A 573 -10.59 30.93 -72.39
N ALA A 574 -11.05 32.03 -72.96
CA ALA A 574 -12.35 32.56 -72.58
C ALA A 574 -13.50 31.75 -73.18
N GLN A 575 -14.46 31.36 -72.33
CA GLN A 575 -15.69 30.71 -72.75
C GLN A 575 -16.91 31.58 -72.39
N ASP A 576 -17.89 31.59 -73.28
CA ASP A 576 -19.21 32.17 -73.01
C ASP A 576 -19.88 31.40 -71.88
N LYS A 577 -19.96 31.98 -70.69
CA LYS A 577 -20.57 31.30 -69.55
C LYS A 577 -22.05 31.69 -69.35
N GLU A 578 -22.64 32.34 -70.36
CA GLU A 578 -24.08 32.62 -70.42
C GLU A 578 -24.51 33.72 -69.44
N TYR A 579 -23.57 34.60 -69.09
CA TYR A 579 -23.94 35.83 -68.39
C TYR A 579 -22.84 36.86 -68.56
N LEU A 580 -23.21 38.11 -68.39
CA LEU A 580 -22.29 39.23 -68.36
C LEU A 580 -22.42 39.92 -67.02
N ILE A 581 -21.39 40.68 -66.64
CA ILE A 581 -21.39 41.43 -65.39
C ILE A 581 -21.28 42.91 -65.71
N ALA A 582 -22.35 43.66 -65.43
CA ALA A 582 -22.39 45.11 -65.50
C ALA A 582 -22.13 45.72 -64.13
N PHE A 583 -21.17 46.63 -64.07
CA PHE A 583 -20.91 47.41 -62.87
C PHE A 583 -21.32 48.86 -63.14
N ALA A 584 -21.99 49.47 -62.16
CA ALA A 584 -22.36 50.88 -62.19
C ALA A 584 -21.76 51.57 -60.97
N GLN A 585 -21.06 52.67 -61.19
CA GLN A 585 -20.55 53.53 -60.13
C GLN A 585 -21.10 54.94 -60.31
N LEU A 586 -21.84 55.41 -59.31
CA LEU A 586 -22.42 56.75 -59.33
C LEU A 586 -21.38 57.72 -58.75
N PRO A 587 -21.63 59.03 -58.70
CA PRO A 587 -20.65 59.93 -58.10
C PRO A 587 -20.47 59.66 -56.63
N ASN A 588 -19.25 59.92 -56.17
CA ASN A 588 -18.85 59.54 -54.83
C ASN A 588 -19.82 60.08 -53.80
N GLY A 589 -20.29 59.19 -52.95
CA GLY A 589 -21.25 59.55 -51.95
C GLY A 589 -22.67 59.57 -52.45
N ALA A 590 -22.93 59.14 -53.67
CA ALA A 590 -24.30 59.13 -54.15
C ALA A 590 -25.16 58.28 -53.22
N SER A 591 -26.44 58.56 -53.18
CA SER A 591 -27.32 57.80 -52.32
C SER A 591 -27.63 56.45 -52.95
N LEU A 592 -27.94 55.46 -52.12
CA LEU A 592 -28.37 54.18 -52.65
C LEU A 592 -29.65 54.28 -53.47
N ASP A 593 -30.50 55.29 -53.25
CA ASP A 593 -31.71 55.41 -54.07
C ASP A 593 -31.39 55.84 -55.51
N ARG A 594 -30.45 56.77 -55.70
CA ARG A 594 -29.99 57.07 -57.05
C ARG A 594 -29.40 55.83 -57.70
N THR A 595 -28.59 55.08 -56.94
CA THR A 595 -28.00 53.86 -57.45
C THR A 595 -29.07 52.88 -57.88
N GLU A 596 -30.15 52.76 -57.10
CA GLU A 596 -31.19 51.80 -57.47
C GLU A 596 -31.87 52.21 -58.77
N LYS A 597 -32.09 53.51 -58.97
CA LYS A 597 -32.68 53.89 -60.25
C LYS A 597 -31.74 53.59 -61.41
N VAL A 598 -30.43 53.80 -61.21
CA VAL A 598 -29.48 53.46 -62.25
C VAL A 598 -29.55 51.97 -62.57
N ILE A 599 -29.61 51.13 -61.53
CA ILE A 599 -29.66 49.68 -61.69
C ILE A 599 -30.94 49.24 -62.38
N ARG A 600 -32.08 49.87 -62.01
CA ARG A 600 -33.35 49.57 -62.65
C ARG A 600 -33.32 49.91 -64.13
N ASP A 601 -32.74 51.06 -64.48
CA ASP A 601 -32.65 51.43 -65.89
C ASP A 601 -31.76 50.45 -66.66
N MET A 602 -30.62 50.10 -66.08
CA MET A 602 -29.75 49.11 -66.74
C MET A 602 -30.51 47.82 -66.96
N GLY A 603 -31.27 47.38 -65.94
CA GLY A 603 -32.05 46.16 -66.07
C GLY A 603 -33.05 46.21 -67.20
N ALA A 604 -33.80 47.31 -67.31
CA ALA A 604 -34.77 47.44 -68.39
C ALA A 604 -34.08 47.46 -69.75
N ILE A 605 -32.98 48.21 -69.86
CA ILE A 605 -32.23 48.29 -71.11
C ILE A 605 -31.75 46.91 -71.53
N ALA A 606 -31.19 46.15 -70.58
CA ALA A 606 -30.69 44.81 -70.86
C ALA A 606 -31.82 43.87 -71.25
N LEU A 607 -32.94 43.94 -70.54
CA LEU A 607 -34.08 43.07 -70.83
C LEU A 607 -34.62 43.34 -72.24
N LYS A 608 -34.45 44.56 -72.78
CA LYS A 608 -34.82 44.73 -74.19
C LYS A 608 -33.75 44.29 -75.17
N GLN A 609 -32.53 44.05 -74.72
CA GLN A 609 -31.47 43.62 -75.63
C GLN A 609 -31.72 42.17 -76.06
N PRO A 610 -31.66 41.85 -77.35
CA PRO A 610 -31.92 40.47 -77.78
C PRO A 610 -30.87 39.51 -77.25
N GLY A 611 -31.19 38.22 -77.30
CA GLY A 611 -30.38 37.18 -76.67
C GLY A 611 -30.31 37.19 -75.15
N VAL A 612 -30.84 38.21 -74.47
CA VAL A 612 -30.73 38.36 -73.01
C VAL A 612 -31.86 37.58 -72.35
N GLU A 613 -31.54 36.88 -71.25
CA GLU A 613 -32.53 36.16 -70.46
C GLU A 613 -33.01 36.94 -69.26
N SER A 614 -32.10 37.42 -68.42
CA SER A 614 -32.54 38.03 -67.18
C SER A 614 -31.57 39.10 -66.71
N ALA A 615 -32.09 40.01 -65.87
CA ALA A 615 -31.33 41.07 -65.22
C ALA A 615 -31.37 40.80 -63.72
N VAL A 616 -30.28 40.27 -63.18
CA VAL A 616 -30.15 39.92 -61.78
C VAL A 616 -29.47 41.11 -61.12
N ALA A 617 -30.23 41.90 -60.38
CA ALA A 617 -29.80 43.22 -59.97
C ALA A 617 -29.45 43.24 -58.49
N PHE A 618 -28.40 43.99 -58.16
CA PHE A 618 -28.02 44.24 -56.76
C PHE A 618 -27.58 45.70 -56.64
N PRO A 619 -28.52 46.60 -56.36
CA PRO A 619 -28.11 47.94 -55.92
C PRO A 619 -27.33 47.84 -54.62
N GLY A 620 -26.16 48.50 -54.61
CA GLY A 620 -25.28 48.56 -53.47
C GLY A 620 -24.10 47.63 -53.50
N LEU A 621 -24.06 46.67 -54.43
CA LEU A 621 -22.98 45.69 -54.43
C LEU A 621 -21.76 46.26 -55.12
N SER A 622 -20.61 46.18 -54.45
CA SER A 622 -19.35 46.73 -54.94
C SER A 622 -18.50 45.66 -55.60
N VAL A 623 -17.73 46.03 -56.63
CA VAL A 623 -16.78 45.04 -57.12
C VAL A 623 -15.74 44.74 -56.07
N ASN A 624 -15.45 45.70 -55.17
CA ASN A 624 -14.50 45.37 -54.12
C ASN A 624 -15.15 44.41 -53.16
N GLY A 625 -14.47 43.31 -52.90
CA GLY A 625 -14.90 42.38 -51.88
C GLY A 625 -16.32 41.87 -51.94
N PHE A 626 -17.07 42.28 -52.98
CA PHE A 626 -18.52 42.06 -53.02
C PHE A 626 -19.19 42.55 -51.74
N THR A 627 -18.73 43.69 -51.26
CA THR A 627 -19.24 44.42 -50.11
C THR A 627 -20.10 45.57 -50.62
N ASN A 628 -20.50 46.47 -49.70
CA ASN A 628 -21.52 47.48 -49.97
C ASN A 628 -20.92 48.86 -50.17
N SER A 629 -21.34 49.52 -51.26
CA SER A 629 -21.07 50.93 -51.52
C SER A 629 -22.40 51.59 -51.85
N SER A 630 -22.62 52.80 -51.37
CA SER A 630 -23.91 53.45 -51.64
C SER A 630 -24.04 53.78 -53.12
N SER A 631 -22.95 54.17 -53.76
CA SER A 631 -22.96 54.72 -55.09
C SER A 631 -22.67 53.69 -56.16
N ALA A 632 -22.49 52.42 -55.77
CA ALA A 632 -22.13 51.35 -56.70
C ALA A 632 -23.16 50.24 -56.68
N GLY A 633 -23.25 49.52 -57.78
CA GLY A 633 -24.16 48.40 -57.89
C GLY A 633 -23.80 47.52 -59.05
N ILE A 634 -24.34 46.30 -59.05
CA ILE A 634 -24.01 45.32 -60.08
C ILE A 634 -25.31 44.74 -60.65
N VAL A 635 -25.35 44.60 -61.98
CA VAL A 635 -26.36 43.75 -62.62
C VAL A 635 -25.66 42.60 -63.36
N PHE A 636 -25.94 41.36 -62.91
CA PHE A 636 -25.63 40.14 -63.64
C PHE A 636 -26.68 39.85 -64.71
N VAL A 637 -26.31 40.00 -65.97
CA VAL A 637 -27.22 39.77 -67.09
C VAL A 637 -27.04 38.34 -67.58
N THR A 638 -27.99 37.47 -67.27
CA THR A 638 -27.98 36.11 -67.80
C THR A 638 -28.52 36.10 -69.21
N LEU A 639 -27.85 35.36 -70.11
CA LEU A 639 -28.24 35.20 -71.51
C LEU A 639 -28.98 33.89 -71.74
N LYS A 640 -29.69 33.83 -72.87
CA LYS A 640 -30.39 32.64 -73.30
C LYS A 640 -29.41 31.51 -73.65
N PRO A 641 -29.88 30.25 -73.64
CA PRO A 641 -28.97 29.12 -73.94
C PRO A 641 -28.38 29.27 -75.32
N PHE A 642 -27.17 28.72 -75.49
CA PHE A 642 -26.45 28.92 -76.73
C PHE A 642 -27.25 28.46 -77.95
N ASP A 643 -27.81 27.24 -77.89
CA ASP A 643 -28.50 26.67 -79.05
C ASP A 643 -29.73 27.48 -79.44
N GLN A 644 -30.38 28.11 -78.47
CA GLN A 644 -31.54 28.93 -78.77
C GLN A 644 -31.16 30.27 -79.39
N ARG A 645 -29.94 30.73 -79.16
CA ARG A 645 -29.47 31.98 -79.72
C ARG A 645 -28.31 31.73 -80.69
N HIS A 646 -28.67 31.39 -81.93
CA HIS A 646 -27.72 31.33 -83.04
C HIS A 646 -27.63 32.71 -83.68
N GLY A 647 -26.42 33.27 -83.75
CA GLY A 647 -26.26 34.58 -84.34
C GLY A 647 -24.92 35.22 -84.02
N LYS A 648 -24.26 35.84 -85.01
CA LYS A 648 -23.05 36.60 -84.70
C LYS A 648 -23.36 37.75 -83.75
N ALA A 649 -24.05 38.77 -84.25
CA ALA A 649 -24.36 39.95 -83.44
C ALA A 649 -25.09 39.58 -82.16
N LEU A 650 -25.48 38.32 -82.02
CA LEU A 650 -26.15 37.87 -80.81
C LEU A 650 -25.19 36.91 -80.08
N SER A 651 -24.21 37.47 -79.38
CA SER A 651 -23.20 36.65 -78.71
C SER A 651 -22.72 37.38 -77.48
N ALA A 652 -21.90 36.71 -76.67
CA ALA A 652 -21.55 37.31 -75.39
C ALA A 652 -20.69 38.55 -75.58
N GLY A 653 -19.74 38.53 -76.50
CA GLY A 653 -19.00 39.75 -76.79
C GLY A 653 -19.87 40.80 -77.47
N ALA A 654 -20.72 40.35 -78.38
CA ALA A 654 -21.61 41.26 -79.10
C ALA A 654 -22.66 41.84 -78.17
N ILE A 655 -23.29 40.98 -77.35
CA ILE A 655 -24.25 41.47 -76.38
C ILE A 655 -23.57 42.44 -75.42
N ALA A 656 -22.36 42.10 -74.97
CA ALA A 656 -21.65 42.98 -74.06
C ALA A 656 -21.37 44.34 -74.69
N GLY A 657 -20.91 44.35 -75.94
CA GLY A 657 -20.66 45.61 -76.61
C GLY A 657 -21.91 46.44 -76.81
N ALA A 658 -23.02 45.78 -77.15
CA ALA A 658 -24.28 46.50 -77.32
C ALA A 658 -24.75 47.10 -75.99
N LEU A 659 -24.66 46.32 -74.91
CA LEU A 659 -25.05 46.83 -73.60
C LEU A 659 -24.12 47.97 -73.17
N ASN A 660 -22.83 47.86 -73.46
CA ASN A 660 -21.92 48.96 -73.14
C ASN A 660 -22.27 50.20 -73.94
N GLN A 661 -22.64 50.02 -75.21
CA GLN A 661 -23.07 51.14 -76.03
C GLN A 661 -24.30 51.83 -75.43
N LYS A 662 -25.30 51.04 -75.02
CA LYS A 662 -26.49 51.65 -74.47
C LYS A 662 -26.22 52.29 -73.11
N TYR A 663 -25.45 51.60 -72.25
CA TYR A 663 -25.17 52.10 -70.91
C TYR A 663 -24.25 53.31 -70.90
N ALA A 664 -23.37 53.44 -71.89
CA ALA A 664 -22.57 54.67 -71.96
C ALA A 664 -23.43 55.90 -72.18
N ALA A 665 -24.64 55.73 -72.72
CA ALA A 665 -25.62 56.80 -72.84
C ALA A 665 -26.52 56.85 -71.62
N LEU A 666 -25.91 56.72 -70.44
CA LEU A 666 -26.52 57.05 -69.17
C LEU A 666 -25.83 58.25 -68.54
N LYS A 667 -26.63 59.09 -67.94
CA LYS A 667 -26.19 60.22 -67.14
C LYS A 667 -26.11 59.75 -65.68
N ASP A 668 -25.37 60.51 -64.87
CA ASP A 668 -25.27 60.31 -63.43
C ASP A 668 -24.37 59.11 -63.08
N SER A 669 -23.94 58.28 -64.03
CA SER A 669 -23.12 57.14 -63.62
C SER A 669 -22.17 56.66 -64.72
N PHE A 670 -21.09 56.02 -64.29
CA PHE A 670 -20.25 55.20 -65.16
C PHE A 670 -20.62 53.72 -65.05
N VAL A 671 -20.87 53.09 -66.20
CA VAL A 671 -21.26 51.68 -66.25
C VAL A 671 -20.34 50.97 -67.24
N ALA A 672 -19.90 49.76 -66.87
CA ALA A 672 -19.16 48.93 -67.82
C ALA A 672 -19.62 47.48 -67.74
N VAL A 673 -19.73 46.86 -68.91
CA VAL A 673 -20.13 45.46 -69.03
C VAL A 673 -18.89 44.63 -69.38
N PHE A 674 -18.67 43.58 -68.62
CA PHE A 674 -17.48 42.73 -68.71
C PHE A 674 -17.91 41.28 -68.85
N PRO A 675 -17.06 40.43 -69.43
CA PRO A 675 -17.33 38.98 -69.49
C PRO A 675 -16.92 38.26 -68.22
N PRO A 676 -17.55 37.15 -67.89
CA PRO A 676 -17.19 36.43 -66.67
C PRO A 676 -15.85 35.71 -66.82
N PRO A 677 -15.13 35.54 -65.72
CA PRO A 677 -13.93 34.70 -65.75
C PRO A 677 -14.31 33.25 -65.94
N PRO A 678 -13.54 32.46 -66.70
CA PRO A 678 -13.90 31.05 -66.89
C PRO A 678 -13.87 30.21 -65.62
N VAL A 679 -12.96 30.47 -64.70
CA VAL A 679 -12.93 29.78 -63.42
C VAL A 679 -13.00 30.84 -62.33
N LEU A 680 -14.02 30.74 -61.49
CA LEU A 680 -14.34 31.75 -60.48
C LEU A 680 -13.26 31.85 -59.42
N GLY A 681 -12.43 32.89 -59.53
CA GLY A 681 -11.22 32.96 -58.73
C GLY A 681 -9.93 33.07 -59.53
N LEU A 682 -9.83 32.41 -60.70
CA LEU A 682 -8.58 32.37 -61.48
C LEU A 682 -7.93 33.74 -61.68
N GLY A 683 -8.71 34.82 -61.71
CA GLY A 683 -8.08 36.12 -61.75
C GLY A 683 -7.54 36.71 -63.05
N THR A 684 -8.41 37.11 -63.98
CA THR A 684 -7.95 37.80 -65.18
C THR A 684 -6.95 36.98 -66.00
N LEU A 685 -7.47 36.07 -66.82
CA LEU A 685 -6.69 35.21 -67.70
C LEU A 685 -5.28 35.74 -68.02
N GLY A 686 -5.12 37.04 -68.26
CA GLY A 686 -3.79 37.56 -68.48
C GLY A 686 -3.29 38.75 -67.69
N GLY A 687 -4.00 39.17 -66.63
CA GLY A 687 -3.63 40.34 -65.86
C GLY A 687 -3.17 40.07 -64.43
N PHE A 688 -2.59 41.11 -63.83
CA PHE A 688 -1.96 41.05 -62.52
C PHE A 688 -2.67 41.96 -61.54
N LYS A 689 -2.34 41.79 -60.26
CA LYS A 689 -2.83 42.70 -59.22
C LYS A 689 -1.78 42.79 -58.10
N MET A 690 -1.61 43.98 -57.54
CA MET A 690 -0.66 44.23 -56.47
C MET A 690 -1.28 45.21 -55.48
N GLN A 691 -0.65 45.30 -54.31
CA GLN A 691 -1.12 46.09 -53.18
C GLN A 691 0.02 46.99 -52.74
N ILE A 692 -0.16 48.30 -52.87
CA ILE A 692 0.81 49.26 -52.36
C ILE A 692 0.53 49.45 -50.88
N GLU A 693 1.53 49.22 -50.04
CA GLU A 693 1.36 49.11 -48.60
C GLU A 693 2.01 50.28 -47.87
N ASP A 694 1.25 50.88 -46.95
CA ASP A 694 1.73 51.89 -46.01
C ASP A 694 2.32 51.19 -44.81
N ARG A 695 3.63 50.94 -44.86
CA ARG A 695 4.28 50.29 -43.73
C ARG A 695 4.80 51.27 -42.68
N GLY A 696 4.86 52.56 -42.99
CA GLY A 696 5.52 53.50 -42.12
C GLY A 696 4.66 54.66 -41.62
N ALA A 697 3.41 54.36 -41.25
CA ALA A 697 2.50 55.37 -40.71
C ALA A 697 2.38 56.58 -41.63
N VAL A 698 2.49 56.33 -42.93
CA VAL A 698 2.30 57.33 -43.95
C VAL A 698 0.80 57.57 -44.08
N GLY A 699 0.37 58.83 -43.97
CA GLY A 699 -1.06 59.11 -44.01
C GLY A 699 -1.88 58.52 -45.16
N TYR A 700 -3.21 58.39 -44.99
CA TYR A 700 -4.04 57.97 -46.12
C TYR A 700 -3.84 58.91 -47.30
N ALA A 701 -3.73 60.21 -47.03
CA ALA A 701 -3.52 61.15 -48.12
C ALA A 701 -2.18 60.86 -48.77
N ARG A 702 -1.14 60.66 -47.95
CA ARG A 702 0.18 60.39 -48.50
C ARG A 702 0.25 59.01 -49.17
N LEU A 703 -0.50 58.02 -48.67
CA LEU A 703 -0.59 56.73 -49.37
C LEU A 703 -1.24 56.89 -50.73
N ALA A 704 -2.34 57.64 -50.81
CA ALA A 704 -2.97 57.92 -52.10
C ALA A 704 -2.01 58.63 -53.04
N ASP A 705 -1.22 59.56 -52.51
CA ASP A 705 -0.24 60.24 -53.33
C ASP A 705 0.78 59.26 -53.87
N ALA A 706 1.28 58.38 -53.02
CA ALA A 706 2.26 57.40 -53.49
C ALA A 706 1.68 56.55 -54.60
N THR A 707 0.44 56.06 -54.41
CA THR A 707 -0.15 55.16 -55.38
C THR A 707 -0.42 55.86 -56.71
N ASN A 708 -0.95 57.09 -56.66
CA ASN A 708 -1.18 57.81 -57.91
C ASN A 708 0.11 58.26 -58.58
N ASP A 709 1.15 58.59 -57.82
CA ASP A 709 2.44 58.87 -58.45
C ASP A 709 2.99 57.63 -59.14
N PHE A 710 2.81 56.45 -58.53
CA PHE A 710 3.21 55.22 -59.21
C PHE A 710 2.40 54.97 -60.46
N ILE A 711 1.07 55.06 -60.36
CA ILE A 711 0.22 54.88 -61.54
C ILE A 711 0.53 55.94 -62.57
N LYS A 712 1.01 57.09 -62.10
CA LYS A 712 1.39 58.26 -62.90
C LYS A 712 2.69 58.02 -63.67
N ARG A 713 3.60 57.26 -63.07
CA ARG A 713 4.84 56.92 -63.77
C ARG A 713 4.62 55.76 -64.72
N ALA A 714 3.65 54.87 -64.39
CA ALA A 714 3.46 53.61 -65.11
C ALA A 714 2.78 53.72 -66.47
N GLN A 715 1.98 54.76 -66.75
CA GLN A 715 1.46 54.85 -68.13
C GLN A 715 2.53 55.28 -69.10
N GLN A 716 3.66 55.76 -68.61
CA GLN A 716 4.81 55.97 -69.49
C GLN A 716 5.73 54.74 -69.43
N ALA A 717 5.16 53.59 -69.81
CA ALA A 717 5.93 52.35 -69.90
C ALA A 717 5.22 51.40 -70.87
N PRO A 718 5.92 50.86 -71.87
CA PRO A 718 5.23 50.08 -72.90
C PRO A 718 4.87 48.68 -72.47
N GLU A 719 5.48 48.19 -71.39
CA GLU A 719 5.17 46.84 -70.96
C GLU A 719 3.80 46.74 -70.27
N LEU A 720 3.29 47.84 -69.75
CA LEU A 720 2.04 47.81 -69.01
C LEU A 720 0.82 48.22 -69.84
N GLY A 721 -0.34 47.84 -69.33
CA GLY A 721 -1.63 48.17 -69.91
C GLY A 721 -2.37 49.27 -69.16
N PRO A 722 -3.69 49.12 -69.07
CA PRO A 722 -4.60 50.06 -68.39
C PRO A 722 -4.73 49.88 -66.88
N LEU A 723 -3.65 50.17 -66.15
CA LEU A 723 -3.63 50.18 -64.68
C LEU A 723 -4.76 50.97 -64.04
N PHE A 724 -5.68 50.30 -63.35
CA PHE A 724 -6.68 51.00 -62.56
C PHE A 724 -6.53 50.64 -61.07
N THR A 725 -7.07 51.49 -60.19
CA THR A 725 -7.11 51.27 -58.75
C THR A 725 -8.55 51.36 -58.26
N SER A 726 -8.75 51.01 -56.99
CA SER A 726 -10.02 51.26 -56.31
C SER A 726 -9.87 52.13 -55.08
N TYR A 727 -8.68 52.63 -54.81
CA TYR A 727 -8.43 53.38 -53.58
C TYR A 727 -8.96 54.79 -53.78
N GLN A 728 -10.01 55.13 -53.02
CA GLN A 728 -10.75 56.37 -53.16
C GLN A 728 -10.79 57.07 -51.80
N ILE A 729 -10.18 58.25 -51.70
CA ILE A 729 -10.25 59.01 -50.45
C ILE A 729 -10.88 60.38 -50.67
N ASN A 730 -11.64 60.54 -51.75
CA ASN A 730 -12.36 61.76 -52.00
C ASN A 730 -13.84 61.44 -52.24
N VAL A 731 -14.42 60.64 -51.34
CA VAL A 731 -15.87 60.61 -51.20
C VAL A 731 -16.28 61.66 -50.18
N PRO A 732 -17.34 62.41 -50.45
CA PRO A 732 -17.79 63.44 -49.51
C PRO A 732 -18.18 62.87 -48.15
N GLN A 733 -17.83 63.61 -47.10
CA GLN A 733 -18.21 63.27 -45.73
C GLN A 733 -18.34 64.55 -44.90
N LEU A 734 -18.64 64.35 -43.61
CA LEU A 734 -18.76 65.40 -42.61
C LEU A 734 -17.80 65.15 -41.46
N ASN A 735 -17.11 66.21 -41.03
CA ASN A 735 -16.29 66.21 -39.84
C ASN A 735 -17.00 66.94 -38.69
N VAL A 736 -17.04 66.31 -37.52
CA VAL A 736 -17.68 66.90 -36.34
C VAL A 736 -16.63 67.02 -35.22
N ASP A 737 -16.33 68.27 -34.84
CA ASP A 737 -15.33 68.58 -33.82
C ASP A 737 -16.01 68.98 -32.53
N LEU A 738 -15.66 68.29 -31.45
CA LEU A 738 -16.27 68.46 -30.14
C LEU A 738 -15.32 69.26 -29.25
N ASP A 739 -15.78 70.41 -28.77
CA ASP A 739 -15.06 71.24 -27.81
C ASP A 739 -15.14 70.60 -26.43
N ARG A 740 -14.04 69.99 -26.00
CA ARG A 740 -14.07 69.21 -24.78
C ARG A 740 -14.17 70.10 -23.55
N VAL A 741 -13.36 71.17 -23.51
CA VAL A 741 -13.40 72.07 -22.35
C VAL A 741 -14.76 72.75 -22.25
N LYS A 742 -15.28 73.25 -23.38
CA LYS A 742 -16.59 73.88 -23.36
C LYS A 742 -17.67 72.87 -22.96
N ALA A 743 -17.50 71.60 -23.33
CA ALA A 743 -18.46 70.60 -22.91
C ALA A 743 -18.44 70.41 -21.39
N LYS A 744 -17.26 70.19 -20.82
CA LYS A 744 -17.21 69.83 -19.40
C LYS A 744 -17.48 71.00 -18.48
N GLN A 745 -17.22 72.24 -18.94
CA GLN A 745 -17.61 73.39 -18.16
C GLN A 745 -19.11 73.62 -18.25
N LEU A 746 -19.71 73.39 -19.43
CA LEU A 746 -21.16 73.43 -19.63
C LEU A 746 -21.89 72.27 -18.98
N GLY A 747 -21.20 71.37 -18.28
CA GLY A 747 -21.86 70.29 -17.58
C GLY A 747 -22.22 69.08 -18.42
N VAL A 748 -21.81 69.04 -19.68
CA VAL A 748 -22.16 67.93 -20.58
C VAL A 748 -21.03 66.91 -20.61
N ASN A 749 -21.40 65.65 -20.53
CA ASN A 749 -20.44 64.55 -20.60
C ASN A 749 -20.04 64.26 -22.04
N VAL A 750 -18.74 64.04 -22.26
CA VAL A 750 -18.23 63.79 -23.62
C VAL A 750 -18.73 62.44 -24.14
N THR A 751 -18.90 61.47 -23.26
CA THR A 751 -19.55 60.22 -23.64
C THR A 751 -21.01 60.46 -24.00
N ASP A 752 -21.68 61.43 -23.36
CA ASP A 752 -23.07 61.76 -23.70
C ASP A 752 -23.19 62.33 -25.10
N VAL A 753 -22.25 63.19 -25.49
CA VAL A 753 -22.24 63.72 -26.85
C VAL A 753 -22.04 62.59 -27.85
N PHE A 754 -21.05 61.74 -27.60
CA PHE A 754 -20.79 60.67 -28.54
C PHE A 754 -21.96 59.69 -28.59
N ASP A 755 -22.58 59.42 -27.45
CA ASP A 755 -23.74 58.51 -27.40
C ASP A 755 -24.91 59.07 -28.20
N THR A 756 -25.19 60.39 -28.09
CA THR A 756 -26.23 61.02 -28.89
C THR A 756 -25.93 60.86 -30.38
N MET A 757 -24.71 61.18 -30.78
CA MET A 757 -24.38 61.03 -32.18
C MET A 757 -24.58 59.59 -32.65
N GLN A 758 -24.14 58.63 -31.83
CA GLN A 758 -24.21 57.23 -32.23
C GLN A 758 -25.65 56.75 -32.33
N ILE A 759 -26.46 57.01 -31.32
CA ILE A 759 -27.81 56.46 -31.33
C ILE A 759 -28.63 57.13 -32.42
N TYR A 760 -28.56 58.47 -32.50
CA TYR A 760 -29.44 59.18 -33.42
C TYR A 760 -29.01 59.01 -34.86
N LEU A 761 -27.71 59.10 -35.11
CA LEU A 761 -27.20 59.03 -36.47
C LEU A 761 -26.70 57.64 -36.85
N GLY A 762 -26.41 56.78 -35.87
CA GLY A 762 -25.81 55.50 -36.18
C GLY A 762 -26.60 54.24 -35.87
N SER A 763 -27.79 54.37 -35.27
CA SER A 763 -28.70 53.25 -35.09
C SER A 763 -28.11 52.17 -34.18
N LEU A 764 -28.07 52.49 -32.90
CA LEU A 764 -27.67 51.49 -31.90
C LEU A 764 -28.59 50.27 -31.88
N TYR A 765 -27.99 49.10 -31.60
CA TYR A 765 -28.71 47.85 -31.39
C TYR A 765 -28.92 47.66 -29.89
N VAL A 766 -30.17 47.45 -29.46
CA VAL A 766 -30.41 47.50 -28.01
C VAL A 766 -30.51 46.07 -27.44
N ASN A 767 -31.42 45.24 -27.96
CA ASN A 767 -31.57 43.87 -27.49
C ASN A 767 -32.48 43.14 -28.46
N ASP A 768 -32.78 41.89 -28.13
CA ASP A 768 -33.50 41.01 -29.04
C ASP A 768 -34.96 40.94 -28.68
N PHE A 769 -35.79 40.68 -29.69
CA PHE A 769 -37.19 40.37 -29.43
C PHE A 769 -37.58 39.12 -30.21
N ASN A 770 -38.56 38.40 -29.67
CA ASN A 770 -38.98 37.12 -30.23
C ASN A 770 -40.21 37.28 -31.09
N ARG A 771 -40.21 36.59 -32.22
CA ARG A 771 -41.25 36.68 -33.21
C ARG A 771 -41.35 35.37 -33.96
N PHE A 772 -42.52 34.72 -33.87
CA PHE A 772 -42.71 33.39 -34.45
C PHE A 772 -41.64 32.42 -33.97
N GLY A 773 -41.35 32.48 -32.67
CA GLY A 773 -40.33 31.67 -32.02
C GLY A 773 -38.90 31.97 -32.40
N ARG A 774 -38.66 32.99 -33.21
CA ARG A 774 -37.32 33.31 -33.68
C ARG A 774 -36.85 34.62 -33.09
N VAL A 775 -35.55 34.71 -32.87
CA VAL A 775 -34.97 35.88 -32.23
C VAL A 775 -34.58 36.87 -33.31
N TYR A 776 -34.94 38.14 -33.09
CA TYR A 776 -34.61 39.21 -34.02
C TYR A 776 -34.10 40.36 -33.18
N GLN A 777 -33.58 41.39 -33.82
CA GLN A 777 -33.04 42.53 -33.08
C GLN A 777 -33.97 43.74 -33.10
N VAL A 778 -34.03 44.46 -31.97
CA VAL A 778 -34.53 45.84 -31.98
C VAL A 778 -33.36 46.81 -32.16
N ARG A 779 -33.54 47.76 -33.07
CA ARG A 779 -32.55 48.75 -33.46
C ARG A 779 -33.16 50.15 -33.33
N VAL A 780 -32.48 51.05 -32.59
CA VAL A 780 -32.96 52.42 -32.35
C VAL A 780 -32.20 53.37 -33.26
N GLN A 781 -32.89 54.38 -33.81
CA GLN A 781 -32.21 55.39 -34.62
C GLN A 781 -33.13 56.60 -34.82
N ALA A 782 -32.53 57.76 -35.04
CA ALA A 782 -33.33 58.90 -35.49
C ALA A 782 -34.03 58.59 -36.80
N ASP A 783 -35.24 59.11 -36.94
CA ASP A 783 -36.01 58.91 -38.17
C ASP A 783 -35.33 59.61 -39.35
N ALA A 784 -35.69 59.14 -40.54
CA ALA A 784 -35.11 59.64 -41.79
C ALA A 784 -35.17 61.16 -41.91
N PRO A 785 -36.29 61.84 -41.66
CA PRO A 785 -36.30 63.31 -41.83
C PRO A 785 -35.35 64.02 -40.91
N PHE A 786 -34.87 63.36 -39.87
CA PHE A 786 -34.03 63.99 -38.87
C PHE A 786 -32.54 63.67 -39.02
N ARG A 787 -32.13 62.97 -40.10
CA ARG A 787 -30.72 62.68 -40.33
C ARG A 787 -30.24 62.92 -41.77
N GLN A 788 -31.01 63.59 -42.62
CA GLN A 788 -30.65 63.73 -44.03
C GLN A 788 -29.96 65.05 -44.32
N ARG A 789 -29.11 65.51 -43.42
CA ARG A 789 -28.70 66.91 -43.41
C ARG A 789 -27.64 67.13 -42.35
N ALA A 790 -26.54 67.83 -42.70
CA ALA A 790 -25.41 68.02 -41.78
C ALA A 790 -25.86 68.54 -40.41
N ASP A 791 -26.62 69.65 -40.37
CA ASP A 791 -26.92 70.19 -39.04
C ASP A 791 -28.08 69.47 -38.36
N ASP A 792 -28.74 68.53 -39.02
CA ASP A 792 -29.57 67.63 -38.25
C ASP A 792 -28.71 66.94 -37.20
N ILE A 793 -27.39 67.01 -37.37
CA ILE A 793 -26.45 66.79 -36.30
C ILE A 793 -26.64 67.84 -35.20
N LEU A 794 -26.72 69.12 -35.59
CA LEU A 794 -26.71 70.20 -34.61
C LEU A 794 -28.03 70.32 -33.87
N GLN A 795 -29.13 69.87 -34.49
CA GLN A 795 -30.44 69.89 -33.85
C GLN A 795 -30.67 68.74 -32.90
N LEU A 796 -29.69 67.87 -32.72
CA LEU A 796 -29.81 66.81 -31.73
C LEU A 796 -29.46 67.38 -30.37
N LYS A 797 -30.12 66.89 -29.33
CA LYS A 797 -29.87 67.41 -28.00
C LYS A 797 -29.50 66.29 -27.05
N THR A 798 -28.46 66.54 -26.25
CA THR A 798 -28.12 65.76 -25.08
C THR A 798 -28.49 66.60 -23.84
N ARG A 799 -28.11 66.12 -22.65
CA ARG A 799 -28.42 66.76 -21.38
C ARG A 799 -27.17 66.94 -20.55
N ASN A 800 -27.11 68.04 -19.81
CA ASN A 800 -25.96 68.24 -18.94
C ASN A 800 -26.23 67.64 -17.57
N ALA A 801 -25.23 67.71 -16.68
CA ALA A 801 -25.40 67.22 -15.32
C ALA A 801 -26.48 67.99 -14.57
N ALA A 802 -26.68 69.26 -14.93
CA ALA A 802 -27.68 70.09 -14.26
C ALA A 802 -29.10 69.67 -14.59
N GLY A 803 -29.30 68.97 -15.71
CA GLY A 803 -30.61 68.59 -16.19
C GLY A 803 -31.06 69.35 -17.41
N GLU A 804 -30.23 70.23 -17.95
CA GLU A 804 -30.61 71.05 -19.10
C GLU A 804 -30.38 70.32 -20.41
N MET A 805 -31.39 70.35 -21.27
CA MET A 805 -31.25 69.85 -22.63
C MET A 805 -30.35 70.81 -23.39
N VAL A 806 -29.10 70.40 -23.59
CA VAL A 806 -28.13 71.15 -24.37
C VAL A 806 -28.18 70.66 -25.80
N PRO A 807 -28.40 71.52 -26.78
CA PRO A 807 -28.16 71.13 -28.17
C PRO A 807 -26.68 71.22 -28.45
N LEU A 808 -26.21 70.34 -29.33
CA LEU A 808 -24.78 70.37 -29.65
C LEU A 808 -24.46 71.39 -30.72
N SER A 809 -25.47 72.13 -31.21
CA SER A 809 -25.20 73.34 -31.95
C SER A 809 -24.30 74.26 -31.14
N SER A 810 -24.39 74.15 -29.82
CA SER A 810 -23.55 74.91 -28.90
C SER A 810 -22.38 74.08 -28.40
N LEU A 811 -22.25 72.82 -28.86
CA LEU A 811 -21.18 71.95 -28.44
C LEU A 811 -20.27 71.43 -29.56
N VAL A 812 -20.65 71.56 -30.81
CA VAL A 812 -19.89 70.93 -31.89
C VAL A 812 -19.81 71.81 -33.13
N THR A 813 -18.75 71.61 -33.91
CA THR A 813 -18.65 72.23 -35.23
C THR A 813 -18.65 71.17 -36.33
N VAL A 814 -19.46 71.39 -37.36
CA VAL A 814 -19.66 70.46 -38.47
C VAL A 814 -19.13 71.11 -39.75
N SER A 815 -18.17 70.47 -40.38
CA SER A 815 -17.56 70.95 -41.60
C SER A 815 -17.60 69.87 -42.66
N PRO A 816 -17.67 70.23 -43.95
CA PRO A 816 -17.57 69.21 -44.99
C PRO A 816 -16.13 68.74 -45.09
N THR A 817 -15.96 67.52 -45.59
CA THR A 817 -14.61 67.01 -45.81
C THR A 817 -14.72 65.87 -46.82
N PHE A 818 -13.57 65.27 -47.14
CA PHE A 818 -13.54 64.09 -47.99
C PHE A 818 -12.76 63.01 -47.26
N GLY A 819 -13.14 61.77 -47.52
CA GLY A 819 -12.43 60.66 -46.95
C GLY A 819 -12.58 59.44 -47.81
N PRO A 820 -12.07 58.30 -47.34
CA PRO A 820 -12.36 57.04 -48.01
C PRO A 820 -13.62 56.34 -47.50
N GLU A 821 -14.37 55.83 -48.46
CA GLU A 821 -15.34 54.76 -48.23
C GLU A 821 -14.52 53.51 -48.44
N MET A 822 -14.80 52.45 -47.66
CA MET A 822 -13.97 51.26 -47.87
C MET A 822 -12.49 51.45 -47.58
N VAL A 823 -12.06 51.17 -46.36
CA VAL A 823 -10.64 51.04 -46.09
C VAL A 823 -10.27 49.56 -46.23
N VAL A 824 -9.24 49.28 -47.04
CA VAL A 824 -8.70 47.93 -47.20
C VAL A 824 -7.30 47.85 -46.62
N ARG A 825 -7.09 46.87 -45.77
CA ARG A 825 -5.78 46.57 -45.18
C ARG A 825 -5.31 45.20 -45.66
N TYR A 826 -4.24 45.18 -46.46
CA TYR A 826 -3.69 43.94 -47.00
C TYR A 826 -2.41 43.58 -46.27
N ASN A 827 -2.40 42.39 -45.64
CA ASN A 827 -1.29 41.92 -44.81
C ASN A 827 -1.02 42.87 -43.64
N ALA A 828 -2.08 43.32 -42.97
CA ALA A 828 -2.02 44.21 -41.81
C ALA A 828 -1.41 45.56 -42.15
N TYR A 829 -1.35 45.90 -43.43
CA TYR A 829 -0.90 47.21 -43.87
C TYR A 829 -2.06 47.88 -44.61
N THR A 830 -2.32 49.15 -44.31
CA THR A 830 -3.22 49.94 -45.12
C THR A 830 -2.72 49.93 -46.55
N ALA A 831 -3.60 49.63 -47.52
CA ALA A 831 -3.11 49.30 -48.85
C ALA A 831 -4.05 49.77 -49.96
N ALA A 832 -3.45 50.07 -51.11
CA ALA A 832 -4.17 50.49 -52.30
C ALA A 832 -3.87 49.52 -53.45
N ASP A 833 -4.92 49.00 -54.06
CA ASP A 833 -4.76 48.03 -55.13
C ASP A 833 -4.41 48.69 -56.45
N VAL A 834 -3.65 47.97 -57.24
CA VAL A 834 -3.40 48.30 -58.64
C VAL A 834 -3.67 47.06 -59.46
N ASN A 835 -4.45 47.23 -60.53
CA ASN A 835 -4.74 46.13 -61.43
C ASN A 835 -4.41 46.58 -62.84
N GLY A 836 -3.95 45.64 -63.66
CA GLY A 836 -3.60 46.03 -65.01
C GLY A 836 -3.37 44.83 -65.90
N GLY A 837 -2.98 45.15 -67.14
CA GLY A 837 -2.78 44.16 -68.17
C GLY A 837 -1.39 44.19 -68.75
N PRO A 838 -1.11 43.24 -69.63
CA PRO A 838 0.24 43.14 -70.19
C PRO A 838 0.52 43.92 -71.46
N ALA A 839 -0.30 44.89 -71.89
CA ALA A 839 0.07 45.70 -73.07
C ALA A 839 0.31 44.90 -74.36
N PRO A 840 -0.72 44.69 -75.21
CA PRO A 840 -0.64 43.65 -76.25
C PRO A 840 0.62 43.68 -77.12
N GLY A 841 1.43 42.65 -76.90
CA GLY A 841 2.67 42.36 -77.58
C GLY A 841 3.72 42.03 -76.55
N TYR A 842 3.26 41.90 -75.29
CA TYR A 842 4.07 41.42 -74.17
C TYR A 842 3.26 40.32 -73.51
N SER A 843 3.94 39.32 -72.92
CA SER A 843 3.11 38.25 -72.37
C SER A 843 2.72 38.40 -70.90
N SER A 844 3.62 38.11 -69.95
CA SER A 844 3.21 38.27 -68.56
C SER A 844 4.32 38.76 -67.62
N GLY A 845 5.50 38.20 -67.78
CA GLY A 845 6.62 38.43 -66.90
C GLY A 845 7.29 39.76 -67.07
N GLN A 846 7.37 40.18 -68.32
CA GLN A 846 8.00 41.46 -68.57
C GLN A 846 7.18 42.56 -67.93
N ALA A 847 5.86 42.47 -68.00
CA ALA A 847 5.00 43.46 -67.36
C ALA A 847 5.32 43.56 -65.87
N GLN A 848 5.53 42.42 -65.21
CA GLN A 848 5.81 42.47 -63.78
C GLN A 848 7.23 42.96 -63.49
N ALA A 849 8.18 42.72 -64.39
CA ALA A 849 9.49 43.33 -64.22
C ALA A 849 9.42 44.86 -64.23
N ALA A 850 8.64 45.41 -65.16
CA ALA A 850 8.45 46.87 -65.21
C ALA A 850 7.75 47.34 -63.96
N VAL A 851 6.71 46.62 -63.55
CA VAL A 851 5.95 47.03 -62.37
C VAL A 851 6.92 47.21 -61.22
N GLU A 852 7.79 46.23 -61.01
CA GLU A 852 8.67 46.35 -59.85
C GLU A 852 9.72 47.44 -60.06
N ARG A 853 10.20 47.64 -61.30
CA ARG A 853 11.17 48.72 -61.52
C ARG A 853 10.56 50.04 -61.09
N ILE A 854 9.34 50.31 -61.58
CA ILE A 854 8.65 51.55 -61.28
C ILE A 854 8.41 51.67 -59.78
N ALA A 855 7.94 50.59 -59.15
CA ALA A 855 7.65 50.63 -57.71
C ALA A 855 8.90 50.90 -56.88
N ALA A 856 10.01 50.22 -57.22
CA ALA A 856 11.25 50.43 -56.50
C ALA A 856 11.75 51.86 -56.65
N GLN A 857 11.45 52.51 -57.77
CA GLN A 857 11.89 53.91 -57.84
C GLN A 857 10.94 54.90 -57.17
N THR A 858 9.61 54.71 -57.22
CA THR A 858 8.73 55.84 -56.93
C THR A 858 7.99 55.79 -55.59
N LEU A 859 7.87 54.65 -54.96
CA LEU A 859 7.16 54.62 -53.67
C LEU A 859 8.05 55.24 -52.61
N PRO A 860 7.55 56.21 -51.84
CA PRO A 860 8.39 56.86 -50.83
C PRO A 860 8.75 55.95 -49.67
N ARG A 861 9.48 56.50 -48.70
CA ARG A 861 9.84 55.73 -47.52
C ARG A 861 8.57 55.35 -46.77
N GLY A 862 8.57 54.15 -46.21
CA GLY A 862 7.41 53.63 -45.52
C GLY A 862 6.28 53.18 -46.43
N VAL A 863 6.49 53.16 -47.74
CA VAL A 863 5.47 52.78 -48.71
C VAL A 863 6.08 51.72 -49.62
N LYS A 864 5.95 50.45 -49.23
CA LYS A 864 6.42 49.32 -50.04
C LYS A 864 5.27 48.75 -50.87
N PHE A 865 5.50 47.64 -51.58
CA PHE A 865 4.39 46.99 -52.24
C PHE A 865 4.57 45.48 -52.27
N GLU A 866 3.45 44.77 -52.48
CA GLU A 866 3.41 43.32 -52.55
C GLU A 866 2.58 42.85 -53.74
N TRP A 867 2.91 41.67 -54.24
CA TRP A 867 2.10 40.97 -55.23
C TRP A 867 0.96 40.24 -54.53
N THR A 868 -0.08 39.94 -55.28
CA THR A 868 -1.21 39.18 -54.75
C THR A 868 -1.85 38.36 -55.86
N ASP A 869 -2.53 37.30 -55.43
CA ASP A 869 -3.41 36.53 -56.30
C ASP A 869 -2.60 35.72 -57.30
N LEU A 870 -3.22 35.42 -58.44
CA LEU A 870 -2.62 34.66 -59.52
C LEU A 870 -1.12 34.89 -59.64
N THR A 871 -0.68 36.15 -59.56
CA THR A 871 0.74 36.45 -59.73
C THR A 871 1.54 36.02 -58.50
N TYR A 872 1.01 36.19 -57.30
CA TYR A 872 1.75 35.74 -56.13
C TYR A 872 1.83 34.22 -56.09
N GLN A 873 0.77 33.53 -56.54
CA GLN A 873 0.83 32.07 -56.60
C GLN A 873 1.86 31.61 -57.62
N GLN A 874 1.89 32.23 -58.81
CA GLN A 874 2.91 31.85 -59.78
C GLN A 874 4.31 32.13 -59.26
N ILE A 875 4.52 33.30 -58.66
CA ILE A 875 5.87 33.66 -58.19
C ILE A 875 6.34 32.73 -57.09
N LEU A 876 5.43 32.27 -56.22
CA LEU A 876 5.86 31.34 -55.18
C LEU A 876 6.25 29.98 -55.76
N ALA A 877 5.48 29.47 -56.71
CA ALA A 877 5.79 28.20 -57.37
C ALA A 877 7.03 28.33 -58.25
N GLY A 878 8.13 27.72 -57.82
CA GLY A 878 9.39 27.73 -58.54
C GLY A 878 9.36 27.26 -59.98
N ASP A 879 10.54 27.14 -60.59
CA ASP A 879 10.69 26.78 -62.01
C ASP A 879 10.20 25.34 -62.22
N SER A 880 8.87 25.18 -62.28
CA SER A 880 8.17 23.90 -62.36
C SER A 880 8.56 23.02 -63.54
N ALA A 881 8.13 23.38 -64.75
CA ALA A 881 8.40 22.56 -65.94
C ALA A 881 9.88 22.31 -66.17
N PHE A 882 10.73 23.22 -65.71
CA PHE A 882 12.16 23.04 -65.94
C PHE A 882 12.74 21.85 -65.20
N TRP A 883 12.04 21.26 -64.22
CA TRP A 883 12.47 19.97 -63.70
C TRP A 883 11.54 18.83 -64.10
N VAL A 884 10.27 19.11 -64.39
CA VAL A 884 9.36 18.04 -64.81
C VAL A 884 9.72 17.51 -66.18
N PHE A 885 9.93 18.39 -67.16
CA PHE A 885 10.19 17.88 -68.51
C PHE A 885 11.54 17.19 -68.63
N PRO A 886 12.66 17.75 -68.13
CA PRO A 886 13.91 16.98 -68.18
C PRO A 886 13.81 15.62 -67.50
N ILE A 887 13.18 15.52 -66.33
CA ILE A 887 13.05 14.23 -65.67
C ILE A 887 12.30 13.24 -66.57
N SER A 888 11.21 13.71 -67.20
CA SER A 888 10.40 12.79 -68.00
C SER A 888 11.14 12.34 -69.25
N VAL A 889 11.88 13.23 -69.90
CA VAL A 889 12.72 12.81 -71.00
C VAL A 889 13.72 11.77 -70.53
N LEU A 890 14.32 11.99 -69.36
CA LEU A 890 15.29 11.03 -68.83
C LEU A 890 14.64 9.66 -68.58
N LEU A 891 13.47 9.64 -67.97
CA LEU A 891 12.78 8.38 -67.71
C LEU A 891 12.42 7.69 -69.02
N VAL A 892 12.01 8.46 -70.03
CA VAL A 892 11.69 7.86 -71.31
C VAL A 892 12.93 7.21 -71.89
N PHE A 893 14.08 7.90 -71.81
CA PHE A 893 15.33 7.34 -72.26
C PHE A 893 15.64 6.02 -71.57
N LEU A 894 15.50 5.99 -70.22
CA LEU A 894 15.83 4.79 -69.48
C LEU A 894 14.90 3.64 -69.82
N VAL A 895 13.60 3.89 -69.94
CA VAL A 895 12.71 2.78 -70.30
C VAL A 895 13.11 2.22 -71.65
N LEU A 896 13.32 3.10 -72.63
CA LEU A 896 13.68 2.62 -73.97
C LEU A 896 15.02 1.88 -73.97
N ALA A 897 16.01 2.38 -73.20
CA ALA A 897 17.30 1.70 -73.12
C ALA A 897 17.12 0.30 -72.54
N ALA A 898 16.27 0.15 -71.53
CA ALA A 898 16.02 -1.19 -71.05
C ALA A 898 15.36 -2.05 -72.13
N LEU A 899 14.43 -1.46 -72.90
CA LEU A 899 13.74 -2.23 -73.93
C LEU A 899 14.71 -2.73 -74.99
N TYR A 900 15.58 -1.86 -75.44
CA TYR A 900 16.48 -2.20 -76.51
C TYR A 900 17.77 -2.82 -76.00
N GLU A 901 17.98 -2.82 -74.69
CA GLU A 901 19.31 -3.11 -74.16
C GLU A 901 20.37 -2.28 -74.89
N SER A 902 20.02 -1.04 -75.24
CA SER A 902 20.94 -0.17 -75.94
C SER A 902 21.01 1.21 -75.27
N LEU A 903 22.19 1.79 -75.20
CA LEU A 903 22.19 3.16 -74.76
C LEU A 903 21.98 4.16 -75.90
N THR A 904 21.95 3.73 -77.14
CA THR A 904 21.85 4.66 -78.26
C THR A 904 20.57 4.53 -79.08
N LEU A 905 20.04 3.32 -79.24
CA LEU A 905 18.80 3.17 -79.98
C LEU A 905 17.65 4.01 -79.45
N PRO A 906 17.54 4.33 -78.15
CA PRO A 906 16.45 5.23 -77.71
C PRO A 906 16.39 6.56 -78.46
N LEU A 907 17.53 7.17 -78.86
CA LEU A 907 17.46 8.41 -79.64
C LEU A 907 16.63 8.22 -80.90
N ALA A 908 16.70 7.05 -81.54
CA ALA A 908 15.93 6.86 -82.76
C ALA A 908 14.45 7.18 -82.55
N VAL A 909 13.94 6.95 -81.33
CA VAL A 909 12.60 7.37 -80.94
C VAL A 909 12.60 8.79 -80.40
N ILE A 910 13.52 9.12 -79.49
CA ILE A 910 13.44 10.40 -78.78
C ILE A 910 13.62 11.59 -79.72
N LEU A 911 14.55 11.50 -80.67
CA LEU A 911 14.80 12.57 -81.62
C LEU A 911 13.60 12.89 -82.51
N ILE A 912 12.57 12.04 -82.55
CA ILE A 912 11.44 12.27 -83.44
C ILE A 912 10.39 13.24 -82.87
N VAL A 913 10.28 13.42 -81.56
CA VAL A 913 9.14 14.15 -80.97
C VAL A 913 9.19 15.67 -81.20
N PRO A 914 10.37 16.29 -81.30
CA PRO A 914 10.37 17.70 -81.73
C PRO A 914 9.57 17.90 -83.01
N MET A 915 9.59 16.94 -83.92
CA MET A 915 8.90 17.09 -85.18
C MET A 915 7.38 17.13 -85.00
N SER A 916 6.83 16.34 -84.08
CA SER A 916 5.40 16.46 -83.79
C SER A 916 5.10 17.85 -83.20
N ILE A 917 5.99 18.33 -82.32
CA ILE A 917 5.82 19.68 -81.79
C ILE A 917 5.73 20.69 -82.91
N LEU A 918 6.69 20.65 -83.84
CA LEU A 918 6.71 21.54 -85.01
C LEU A 918 5.43 21.43 -85.82
N SER A 919 5.00 20.20 -86.11
CA SER A 919 3.78 20.01 -86.91
C SER A 919 2.58 20.66 -86.25
N ALA A 920 2.38 20.41 -84.95
CA ALA A 920 1.21 20.98 -84.28
C ALA A 920 1.34 22.50 -84.18
N LEU A 921 2.49 23.00 -83.73
CA LEU A 921 2.60 24.43 -83.50
C LEU A 921 2.50 25.20 -84.80
N THR A 922 3.10 24.72 -85.89
CA THR A 922 2.87 25.39 -87.18
C THR A 922 1.39 25.34 -87.56
N GLY A 923 0.68 24.27 -87.19
CA GLY A 923 -0.76 24.31 -87.38
C GLY A 923 -1.41 25.49 -86.68
N VAL A 924 -1.15 25.63 -85.39
CA VAL A 924 -1.76 26.73 -84.64
C VAL A 924 -1.28 28.08 -85.19
N TRP A 925 -0.02 28.16 -85.61
CA TRP A 925 0.52 29.41 -86.16
C TRP A 925 -0.16 29.77 -87.48
N LEU A 926 -0.48 28.79 -88.31
CA LEU A 926 -1.23 29.13 -89.51
C LEU A 926 -2.69 29.46 -89.19
N THR A 927 -3.23 29.00 -88.07
CA THR A 927 -4.58 29.45 -87.70
C THR A 927 -4.59 30.66 -86.76
N GLN A 928 -3.43 31.17 -86.37
CA GLN A 928 -3.33 32.32 -85.47
C GLN A 928 -4.13 32.08 -84.19
N GLY A 929 -3.88 30.94 -83.55
CA GLY A 929 -4.35 30.68 -82.22
C GLY A 929 -3.22 30.80 -81.20
N ASP A 930 -3.52 30.38 -80.00
CA ASP A 930 -2.55 30.47 -78.92
C ASP A 930 -2.23 29.08 -78.38
N ASN A 931 -1.21 29.07 -77.56
CA ASN A 931 -0.73 27.86 -76.94
C ASN A 931 -1.33 27.72 -75.53
N ASN A 932 -2.65 27.66 -75.48
CA ASN A 932 -3.30 27.54 -74.18
C ASN A 932 -3.17 26.11 -73.68
N ILE A 933 -3.40 25.92 -72.38
CA ILE A 933 -3.05 24.62 -71.79
C ILE A 933 -3.84 23.48 -72.42
N PHE A 934 -5.00 23.75 -73.03
CA PHE A 934 -5.67 22.70 -73.78
C PHE A 934 -4.83 22.23 -74.97
N THR A 935 -4.34 23.17 -75.79
CA THR A 935 -3.47 22.73 -76.88
C THR A 935 -2.14 22.21 -76.35
N GLN A 936 -1.69 22.62 -75.17
CA GLN A 936 -0.47 22.05 -74.65
C GLN A 936 -0.62 20.57 -74.34
N ILE A 937 -1.69 20.20 -73.64
CA ILE A 937 -1.87 18.79 -73.40
C ILE A 937 -2.13 18.06 -74.71
N GLY A 938 -2.71 18.75 -75.71
CA GLY A 938 -2.79 18.18 -77.05
C GLY A 938 -1.43 17.89 -77.66
N LEU A 939 -0.48 18.81 -77.50
CA LEU A 939 0.89 18.56 -77.93
C LEU A 939 1.47 17.34 -77.22
N MET A 940 1.22 17.20 -75.93
CA MET A 940 1.72 16.04 -75.21
C MET A 940 1.15 14.74 -75.78
N VAL A 941 -0.15 14.72 -76.08
CA VAL A 941 -0.69 13.51 -76.68
C VAL A 941 -0.08 13.26 -78.05
N LEU A 942 0.18 14.31 -78.84
CA LEU A 942 0.83 14.10 -80.15
C LEU A 942 2.24 13.53 -80.00
N VAL A 943 3.02 14.02 -79.03
CA VAL A 943 4.36 13.46 -78.85
C VAL A 943 4.27 12.02 -78.38
N GLY A 944 3.33 11.72 -77.49
CA GLY A 944 3.15 10.34 -77.10
C GLY A 944 2.80 9.46 -78.27
N LEU A 945 1.92 9.94 -79.14
CA LEU A 945 1.48 9.16 -80.28
C LEU A 945 2.66 8.87 -81.23
N SER A 946 3.47 9.89 -81.52
CA SER A 946 4.64 9.69 -82.37
C SER A 946 5.68 8.77 -81.70
N ALA A 947 5.82 8.87 -80.38
CA ALA A 947 6.70 7.95 -79.67
C ALA A 947 6.22 6.50 -79.78
N LYS A 948 4.90 6.27 -79.69
CA LYS A 948 4.37 4.93 -79.95
C LYS A 948 4.82 4.43 -81.31
N ASN A 949 4.59 5.26 -82.34
CA ASN A 949 4.90 4.88 -83.70
C ASN A 949 6.36 4.52 -83.86
N ALA A 950 7.24 5.40 -83.36
CA ALA A 950 8.67 5.15 -83.47
C ALA A 950 9.07 3.91 -82.69
N ILE A 951 8.51 3.71 -81.51
CA ILE A 951 8.92 2.54 -80.75
C ILE A 951 8.63 1.28 -81.55
N LEU A 952 7.46 1.23 -82.21
CA LEU A 952 7.16 0.03 -82.99
C LEU A 952 8.04 -0.09 -84.24
N ILE A 953 8.31 1.03 -84.92
CA ILE A 953 9.23 0.96 -86.07
C ILE A 953 10.60 0.45 -85.63
N VAL A 954 11.16 1.05 -84.58
CA VAL A 954 12.51 0.70 -84.15
C VAL A 954 12.53 -0.73 -83.65
N GLU A 955 11.49 -1.15 -82.93
CA GLU A 955 11.49 -2.49 -82.39
C GLU A 955 11.37 -3.52 -83.50
N PHE A 956 10.55 -3.24 -84.52
CA PHE A 956 10.50 -4.14 -85.68
C PHE A 956 11.85 -4.22 -86.42
N ALA A 957 12.50 -3.08 -86.65
CA ALA A 957 13.79 -3.08 -87.32
C ALA A 957 14.82 -3.86 -86.55
N ARG A 958 14.85 -3.65 -85.24
CA ARG A 958 15.74 -4.37 -84.37
C ARG A 958 15.49 -5.88 -84.47
N GLU A 959 14.21 -6.27 -84.49
CA GLU A 959 13.87 -7.68 -84.55
C GLU A 959 14.29 -8.29 -85.88
N LEU A 960 14.15 -7.54 -86.97
CA LEU A 960 14.63 -8.03 -88.27
C LEU A 960 16.15 -8.20 -88.27
N GLU A 961 16.88 -7.26 -87.68
CA GLU A 961 18.34 -7.40 -87.60
C GLU A 961 18.77 -8.56 -86.70
N HIS A 962 18.00 -8.88 -85.65
CA HIS A 962 18.27 -10.08 -84.88
C HIS A 962 18.02 -11.34 -85.69
N ASP A 963 17.17 -11.25 -86.69
CA ASP A 963 17.07 -12.24 -87.75
C ASP A 963 18.24 -11.93 -88.68
N GLY A 964 18.28 -12.45 -89.90
CA GLY A 964 19.44 -12.12 -90.72
C GLY A 964 19.45 -10.86 -91.57
N LYS A 965 18.91 -9.74 -91.12
CA LYS A 965 18.87 -8.57 -91.97
C LYS A 965 19.88 -7.51 -91.53
N THR A 966 20.45 -6.85 -92.51
CA THR A 966 21.38 -5.76 -92.26
C THR A 966 20.58 -4.56 -91.74
N PRO A 967 21.22 -3.65 -91.00
CA PRO A 967 20.50 -2.45 -90.55
C PRO A 967 19.68 -1.77 -91.64
N PHE A 968 20.24 -1.65 -92.85
CA PHE A 968 19.54 -0.96 -93.94
C PHE A 968 18.25 -1.68 -94.30
N GLU A 969 18.31 -2.97 -94.60
CA GLU A 969 17.05 -3.58 -94.99
C GLU A 969 16.13 -3.79 -93.80
N ALA A 970 16.66 -3.87 -92.58
CA ALA A 970 15.78 -3.95 -91.41
C ALA A 970 14.95 -2.65 -91.27
N ALA A 971 15.61 -1.50 -91.39
CA ALA A 971 14.87 -0.24 -91.35
C ALA A 971 13.83 -0.20 -92.47
N VAL A 972 14.23 -0.59 -93.69
CA VAL A 972 13.32 -0.51 -94.84
C VAL A 972 12.10 -1.40 -94.64
N GLU A 973 12.34 -2.66 -94.29
CA GLU A 973 11.26 -3.61 -94.19
C GLU A 973 10.36 -3.26 -93.00
N ALA A 974 10.97 -2.83 -91.90
CA ALA A 974 10.20 -2.47 -90.72
C ALA A 974 9.27 -1.31 -91.00
N SER A 975 9.78 -0.27 -91.69
CA SER A 975 8.96 0.89 -92.06
C SER A 975 7.81 0.48 -92.97
N ARG A 976 8.06 -0.41 -93.94
CA ARG A 976 6.96 -0.93 -94.76
C ARG A 976 5.95 -1.68 -93.92
N LEU A 977 6.43 -2.50 -92.98
CA LEU A 977 5.52 -3.29 -92.16
C LEU A 977 4.58 -2.39 -91.37
N ARG A 978 5.14 -1.33 -90.77
CA ARG A 978 4.41 -0.40 -89.93
C ARG A 978 3.68 0.68 -90.71
N LEU A 979 3.91 0.78 -92.03
CA LEU A 979 3.25 1.84 -92.81
C LEU A 979 1.72 1.77 -92.71
N ARG A 980 1.14 0.58 -92.91
CA ARG A 980 -0.31 0.49 -92.92
C ARG A 980 -0.99 0.87 -91.60
N PRO A 981 -0.62 0.30 -90.44
CA PRO A 981 -1.33 0.68 -89.22
C PRO A 981 -1.17 2.16 -88.88
N ILE A 982 0.00 2.72 -89.15
CA ILE A 982 0.24 4.13 -88.86
C ILE A 982 -0.70 5.00 -89.68
N LEU A 983 -0.85 4.66 -90.97
CA LEU A 983 -1.82 5.35 -91.82
C LEU A 983 -3.23 5.11 -91.31
N MET A 984 -3.53 3.92 -90.82
CA MET A 984 -4.90 3.69 -90.35
C MET A 984 -5.23 4.66 -89.22
N THR A 985 -4.37 4.74 -88.21
CA THR A 985 -4.63 5.63 -87.09
C THR A 985 -4.67 7.09 -87.54
N SER A 986 -3.71 7.49 -88.38
CA SER A 986 -3.72 8.89 -88.86
C SER A 986 -4.97 9.19 -89.67
N ILE A 987 -5.40 8.28 -90.53
CA ILE A 987 -6.60 8.52 -91.30
C ILE A 987 -7.81 8.58 -90.39
N ALA A 988 -7.85 7.75 -89.36
CA ALA A 988 -8.97 7.80 -88.44
C ALA A 988 -9.07 9.17 -87.79
N PHE A 989 -7.95 9.71 -87.34
CA PHE A 989 -7.98 11.03 -86.71
C PHE A 989 -8.29 12.14 -87.72
N ILE A 990 -7.65 12.09 -88.89
CA ILE A 990 -7.84 13.12 -89.89
C ILE A 990 -9.28 13.13 -90.40
N MET A 991 -9.89 11.97 -90.55
CA MET A 991 -11.31 11.97 -90.84
C MET A 991 -12.09 12.49 -89.65
N GLY A 992 -11.59 12.28 -88.45
CA GLY A 992 -12.29 12.85 -87.32
C GLY A 992 -12.29 14.37 -87.31
N VAL A 993 -11.31 15.01 -87.94
CA VAL A 993 -11.32 16.47 -87.92
C VAL A 993 -12.37 17.06 -88.85
N VAL A 994 -12.83 16.36 -89.87
CA VAL A 994 -13.85 16.92 -90.73
C VAL A 994 -15.19 17.15 -90.03
N PRO A 995 -15.79 16.17 -89.33
CA PRO A 995 -17.04 16.48 -88.59
C PRO A 995 -16.86 17.41 -87.41
N LEU A 996 -15.72 17.35 -86.72
CA LEU A 996 -15.45 18.24 -85.59
C LEU A 996 -14.97 19.61 -86.05
N VAL A 997 -15.11 19.91 -87.34
CA VAL A 997 -14.90 21.26 -87.84
C VAL A 997 -16.22 21.93 -88.20
N LEU A 998 -17.21 21.18 -88.67
CA LEU A 998 -18.57 21.67 -88.96
C LEU A 998 -19.47 21.08 -87.86
N SER A 999 -19.63 21.82 -86.77
CA SER A 999 -20.47 21.35 -85.68
C SER A 999 -20.76 22.49 -84.70
N THR A 1000 -21.67 22.22 -83.76
CA THR A 1000 -22.05 23.14 -82.70
C THR A 1000 -22.43 22.29 -81.48
N GLY A 1001 -22.54 22.94 -80.33
CA GLY A 1001 -22.89 22.22 -79.12
C GLY A 1001 -22.32 22.81 -77.84
N ALA A 1002 -21.52 22.03 -77.11
CA ALA A 1002 -20.95 22.49 -75.85
C ALA A 1002 -19.64 23.25 -76.08
N GLY A 1003 -19.69 24.18 -77.03
CA GLY A 1003 -18.53 24.97 -77.38
C GLY A 1003 -18.17 24.71 -78.83
N ALA A 1004 -18.30 25.72 -79.70
CA ALA A 1004 -18.13 25.52 -81.13
C ALA A 1004 -16.81 26.07 -81.65
N GLU A 1005 -16.57 27.38 -81.46
CA GLU A 1005 -15.29 28.00 -81.80
C GLU A 1005 -14.10 27.14 -81.40
N MET A 1006 -14.10 26.71 -80.13
CA MET A 1006 -12.94 26.03 -79.57
C MET A 1006 -12.73 24.66 -80.22
N ARG A 1007 -13.80 24.02 -80.70
CA ARG A 1007 -13.61 22.78 -81.44
C ARG A 1007 -12.74 23.00 -82.68
N HIS A 1008 -13.09 23.98 -83.51
CA HIS A 1008 -12.25 24.20 -84.69
C HIS A 1008 -10.82 24.52 -84.29
N ALA A 1009 -10.62 25.03 -83.07
CA ALA A 1009 -9.28 25.38 -82.62
C ALA A 1009 -8.36 24.16 -82.70
N MET A 1010 -8.89 22.98 -82.37
CA MET A 1010 -8.09 21.78 -82.50
C MET A 1010 -8.15 21.17 -83.88
N GLY A 1011 -9.16 21.55 -84.67
CA GLY A 1011 -9.38 20.99 -85.99
C GLY A 1011 -8.18 21.04 -86.90
N VAL A 1012 -7.70 22.26 -87.18
CA VAL A 1012 -6.47 22.38 -87.95
C VAL A 1012 -5.27 21.95 -87.15
N ALA A 1013 -5.30 22.13 -85.82
CA ALA A 1013 -4.15 21.73 -85.01
C ALA A 1013 -3.89 20.24 -85.11
N VAL A 1014 -4.93 19.42 -84.90
CA VAL A 1014 -4.70 17.99 -84.92
C VAL A 1014 -4.39 17.51 -86.34
N PHE A 1015 -5.07 18.09 -87.34
CA PHE A 1015 -4.81 17.70 -88.73
C PHE A 1015 -3.33 17.82 -89.08
N PHE A 1016 -2.77 19.02 -88.91
CA PHE A 1016 -1.33 19.20 -89.13
C PHE A 1016 -0.52 18.31 -88.21
N GLY A 1017 -0.91 18.23 -86.93
CA GLY A 1017 -0.21 17.34 -86.03
C GLY A 1017 -0.27 15.92 -86.53
N MET A 1018 -1.48 15.47 -86.89
CA MET A 1018 -1.62 14.13 -87.42
C MET A 1018 -0.74 13.95 -88.64
N LEU A 1019 -0.72 14.94 -89.53
CA LEU A 1019 0.12 14.88 -90.72
C LEU A 1019 1.60 14.79 -90.35
N GLY A 1020 2.09 15.68 -89.49
CA GLY A 1020 3.50 15.68 -89.20
C GLY A 1020 3.91 14.40 -88.49
N VAL A 1021 3.12 14.00 -87.51
CA VAL A 1021 3.34 12.75 -86.80
C VAL A 1021 3.51 11.63 -87.79
N THR A 1022 2.66 11.60 -88.82
CA THR A 1022 2.83 10.59 -89.84
C THR A 1022 4.09 10.86 -90.65
N LEU A 1023 4.17 12.03 -91.28
CA LEU A 1023 5.22 12.21 -92.28
C LEU A 1023 6.59 12.05 -91.65
N PHE A 1024 6.87 12.81 -90.58
CA PHE A 1024 8.18 12.73 -89.94
C PHE A 1024 8.43 11.34 -89.35
N GLY A 1025 7.39 10.67 -88.84
CA GLY A 1025 7.60 9.33 -88.35
C GLY A 1025 8.05 8.38 -89.45
N LEU A 1026 7.36 8.43 -90.59
CA LEU A 1026 7.61 7.45 -91.64
C LEU A 1026 8.87 7.75 -92.43
N MET A 1027 9.24 9.01 -92.54
CA MET A 1027 10.35 9.43 -93.37
C MET A 1027 11.63 9.53 -92.57
N LEU A 1028 11.57 9.67 -91.26
CA LEU A 1028 12.76 9.99 -90.48
C LEU A 1028 13.20 8.90 -89.52
N THR A 1029 12.28 8.14 -88.94
CA THR A 1029 12.68 7.06 -88.04
C THR A 1029 13.58 6.03 -88.73
N PRO A 1030 13.34 5.60 -89.97
CA PRO A 1030 14.33 4.70 -90.57
C PRO A 1030 15.69 5.34 -90.62
N VAL A 1031 15.80 6.61 -91.00
CA VAL A 1031 17.11 7.25 -91.10
C VAL A 1031 17.82 7.20 -89.76
N PHE A 1032 17.17 7.69 -88.69
CA PHE A 1032 17.78 7.66 -87.38
C PHE A 1032 18.21 6.26 -87.01
N TYR A 1033 17.36 5.27 -87.29
CA TYR A 1033 17.69 3.91 -86.88
C TYR A 1033 19.01 3.51 -87.51
N VAL A 1034 19.13 3.64 -88.83
CA VAL A 1034 20.34 3.16 -89.45
C VAL A 1034 21.54 3.93 -88.94
N VAL A 1035 21.39 5.24 -88.75
CA VAL A 1035 22.52 6.03 -88.27
C VAL A 1035 22.92 5.56 -86.89
N LEU A 1036 21.95 5.41 -85.99
CA LEU A 1036 22.26 4.95 -84.66
C LEU A 1036 22.76 3.51 -84.69
N ARG A 1037 22.24 2.71 -85.62
CA ARG A 1037 22.56 1.29 -85.67
C ARG A 1037 23.97 1.04 -86.17
N THR A 1038 24.56 1.94 -86.95
CA THR A 1038 25.93 1.78 -87.41
C THR A 1038 26.92 2.54 -86.52
N LEU A 1039 26.60 2.72 -85.24
CA LEU A 1039 27.54 3.18 -84.21
C LEU A 1039 27.69 2.24 -83.01
N ALA A 1040 27.11 1.03 -83.02
CA ALA A 1040 27.21 0.12 -81.87
C ALA A 1040 27.77 -1.25 -82.25
N GLY A 1041 28.93 -1.26 -82.91
CA GLY A 1041 29.53 -2.50 -83.35
C GLY A 1041 31.05 -2.44 -83.30
N GLY A 1042 31.69 -3.38 -82.60
CA GLY A 1042 33.15 -3.40 -82.50
C GLY A 1042 33.81 -4.04 -81.29
N MET B 1 -1.58 -27.47 -62.31
CA MET B 1 -0.96 -26.23 -61.85
C MET B 1 -0.27 -26.48 -60.52
N ASN B 2 1.05 -26.36 -60.48
CA ASN B 2 1.81 -26.61 -59.24
C ASN B 2 2.31 -25.29 -58.66
N ILE B 3 1.43 -24.60 -57.96
CA ILE B 3 1.84 -23.48 -57.12
C ILE B 3 2.31 -24.05 -55.78
N SER B 4 1.84 -25.25 -55.48
CA SER B 4 2.15 -26.02 -54.30
C SER B 4 3.46 -26.78 -54.40
N LYS B 5 4.08 -26.82 -55.59
CA LYS B 5 5.30 -27.63 -55.73
C LYS B 5 6.40 -27.13 -54.79
N PHE B 6 6.68 -25.83 -54.84
CA PHE B 6 7.79 -25.25 -54.10
C PHE B 6 7.72 -25.60 -52.63
N PHE B 7 6.51 -25.62 -52.06
CA PHE B 7 6.35 -25.90 -50.64
C PHE B 7 6.25 -27.38 -50.33
N ILE B 8 5.67 -28.19 -51.21
CA ILE B 8 5.67 -29.63 -50.98
C ILE B 8 7.10 -30.11 -50.78
N ASP B 9 8.01 -29.53 -51.54
CA ASP B 9 9.40 -29.90 -51.43
C ASP B 9 10.11 -29.24 -50.26
N ARG B 10 9.54 -28.15 -49.74
CA ARG B 10 10.16 -27.39 -48.65
C ARG B 10 9.16 -27.22 -47.51
N PRO B 11 8.87 -28.28 -46.77
CA PRO B 11 7.91 -28.13 -45.67
C PRO B 11 8.32 -27.09 -44.65
N ILE B 12 9.63 -26.91 -44.38
CA ILE B 12 10.06 -25.88 -43.44
C ILE B 12 9.76 -24.48 -43.97
N PHE B 13 9.91 -24.22 -45.26
CA PHE B 13 9.55 -22.90 -45.76
C PHE B 13 8.07 -22.62 -45.50
N ALA B 14 7.22 -23.60 -45.81
CA ALA B 14 5.79 -23.43 -45.66
C ALA B 14 5.40 -23.23 -44.18
N GLY B 15 6.01 -24.02 -43.29
CA GLY B 15 5.78 -23.83 -41.88
C GLY B 15 6.20 -22.45 -41.42
N VAL B 16 7.33 -21.97 -41.94
CA VAL B 16 7.79 -20.65 -41.54
C VAL B 16 6.76 -19.60 -41.93
N LEU B 17 6.19 -19.70 -43.14
CA LEU B 17 5.16 -18.73 -43.49
C LEU B 17 3.97 -18.80 -42.54
N SER B 18 3.48 -20.02 -42.26
CA SER B 18 2.29 -20.07 -41.41
C SER B 18 2.58 -19.65 -39.97
N VAL B 19 3.77 -19.92 -39.46
CA VAL B 19 4.09 -19.41 -38.13
C VAL B 19 4.15 -17.89 -38.17
N ILE B 20 4.61 -17.28 -39.26
CA ILE B 20 4.56 -15.83 -39.36
C ILE B 20 3.10 -15.34 -39.38
N ILE B 21 2.25 -16.02 -40.13
CA ILE B 21 0.83 -15.69 -40.17
C ILE B 21 0.26 -15.73 -38.75
N LEU B 22 0.57 -16.80 -38.04
CA LEU B 22 0.10 -17.03 -36.68
C LEU B 22 0.59 -15.96 -35.72
N LEU B 23 1.88 -15.63 -35.78
CA LEU B 23 2.47 -14.66 -34.89
C LEU B 23 1.85 -13.28 -35.08
N ALA B 24 1.71 -12.85 -36.33
CA ALA B 24 1.02 -11.59 -36.59
C ALA B 24 -0.40 -11.62 -36.04
N GLY B 25 -1.11 -12.74 -36.23
CA GLY B 25 -2.48 -12.82 -35.71
C GLY B 25 -2.54 -12.68 -34.21
N MET B 26 -1.61 -13.29 -33.48
CA MET B 26 -1.58 -13.17 -32.03
C MET B 26 -1.23 -11.74 -31.60
N ILE B 27 -0.28 -11.11 -32.28
CA ILE B 27 0.03 -9.71 -32.00
C ILE B 27 -1.22 -8.84 -32.16
N ALA B 28 -1.91 -8.97 -33.29
CA ALA B 28 -3.10 -8.15 -33.51
C ALA B 28 -4.15 -8.46 -32.47
N MET B 29 -4.29 -9.75 -32.10
CA MET B 29 -5.23 -10.13 -31.05
C MET B 29 -4.99 -9.29 -29.81
N PHE B 30 -3.74 -9.11 -29.44
CA PHE B 30 -3.49 -8.27 -28.28
C PHE B 30 -3.47 -6.77 -28.59
N LEU B 31 -3.65 -6.34 -29.84
CA LEU B 31 -3.78 -4.92 -30.15
C LEU B 31 -5.17 -4.53 -30.65
N LEU B 32 -6.07 -5.39 -30.63
CA LEU B 32 -7.29 -4.92 -31.28
C LEU B 32 -8.22 -4.25 -30.28
N PRO B 33 -9.09 -3.35 -30.76
CA PRO B 33 -10.22 -2.92 -29.93
C PRO B 33 -11.14 -4.07 -29.57
N ILE B 34 -11.64 -4.07 -28.33
CA ILE B 34 -12.66 -5.00 -27.88
C ILE B 34 -13.90 -4.19 -27.52
N SER B 35 -15.06 -4.66 -28.00
CA SER B 35 -16.33 -4.00 -27.73
C SER B 35 -17.49 -4.95 -27.99
N GLU B 36 -18.68 -4.58 -27.51
CA GLU B 36 -19.81 -5.48 -27.72
C GLU B 36 -20.32 -5.40 -29.14
N TYR B 37 -20.44 -4.19 -29.68
CA TYR B 37 -20.90 -3.95 -31.04
C TYR B 37 -19.97 -2.94 -31.69
N PRO B 38 -20.01 -2.82 -33.02
CA PRO B 38 -19.25 -1.76 -33.69
C PRO B 38 -19.93 -0.42 -33.52
N GLU B 39 -19.30 0.62 -34.04
CA GLU B 39 -19.87 1.96 -34.04
C GLU B 39 -21.07 1.97 -34.98
N VAL B 40 -22.27 1.86 -34.43
CA VAL B 40 -23.46 1.80 -35.25
C VAL B 40 -24.33 3.03 -35.08
N VAL B 41 -24.31 3.68 -33.93
CA VAL B 41 -25.16 4.85 -33.65
C VAL B 41 -24.47 6.09 -34.23
N PRO B 42 -25.16 6.86 -35.08
CA PRO B 42 -24.54 8.02 -35.72
C PRO B 42 -24.02 9.01 -34.69
N PRO B 43 -22.87 9.60 -34.93
CA PRO B 43 -22.26 10.49 -33.94
C PRO B 43 -23.09 11.76 -33.72
N SER B 44 -22.99 12.30 -32.51
CA SER B 44 -23.71 13.51 -32.20
C SER B 44 -22.89 14.42 -31.29
N VAL B 45 -23.18 15.70 -31.36
CA VAL B 45 -22.62 16.71 -30.47
C VAL B 45 -23.71 17.15 -29.52
N ILE B 46 -23.33 17.47 -28.28
CA ILE B 46 -24.28 17.86 -27.25
C ILE B 46 -23.87 19.22 -26.68
N VAL B 47 -24.83 20.15 -26.66
CA VAL B 47 -24.66 21.49 -26.12
C VAL B 47 -25.54 21.59 -24.87
N LYS B 48 -24.95 22.04 -23.76
CA LYS B 48 -25.66 22.12 -22.50
C LYS B 48 -25.57 23.52 -21.90
N ALA B 49 -26.70 24.03 -21.43
CA ALA B 49 -26.81 25.36 -20.87
C ALA B 49 -27.91 25.37 -19.82
N GLN B 50 -27.62 25.98 -18.67
CA GLN B 50 -28.59 26.21 -17.61
C GLN B 50 -29.13 27.64 -17.67
N TYR B 51 -30.42 27.79 -17.41
CA TYR B 51 -31.05 29.10 -17.18
C TYR B 51 -31.97 28.96 -15.98
N PRO B 52 -31.41 28.98 -14.76
CA PRO B 52 -32.21 28.62 -13.57
C PRO B 52 -33.39 29.54 -13.32
N GLY B 53 -34.55 28.92 -13.12
CA GLY B 53 -35.77 29.64 -12.82
C GLY B 53 -36.61 29.99 -14.02
N ALA B 54 -36.01 29.99 -15.21
CA ALA B 54 -36.72 30.34 -16.43
C ALA B 54 -37.64 29.20 -16.88
N ASN B 55 -38.81 29.60 -17.37
CA ASN B 55 -39.83 28.67 -17.82
C ASN B 55 -39.34 27.97 -19.09
N PRO B 56 -39.69 26.69 -19.27
CA PRO B 56 -39.21 25.97 -20.46
C PRO B 56 -39.49 26.69 -21.76
N LYS B 57 -40.58 27.45 -21.85
CA LYS B 57 -40.81 28.26 -23.05
C LYS B 57 -39.78 29.40 -23.17
N VAL B 58 -39.46 30.07 -22.06
CA VAL B 58 -38.46 31.13 -22.11
C VAL B 58 -37.11 30.57 -22.53
N ILE B 59 -36.76 29.40 -21.99
CA ILE B 59 -35.51 28.74 -22.34
C ILE B 59 -35.52 28.32 -23.81
N ALA B 60 -36.64 27.75 -24.26
CA ALA B 60 -36.77 27.30 -25.64
C ALA B 60 -36.55 28.43 -26.63
N GLU B 61 -37.04 29.62 -26.32
CA GLU B 61 -37.07 30.69 -27.30
C GLU B 61 -35.97 31.73 -27.15
N THR B 62 -35.46 31.96 -25.93
CA THR B 62 -34.42 32.97 -25.71
C THR B 62 -33.04 32.35 -25.48
N VAL B 63 -32.95 31.03 -25.27
CA VAL B 63 -31.69 30.31 -25.12
C VAL B 63 -31.47 29.29 -26.25
N ALA B 64 -32.35 28.28 -26.33
CA ALA B 64 -32.19 27.21 -27.32
C ALA B 64 -32.33 27.74 -28.75
N SER B 65 -33.32 28.60 -28.97
CA SER B 65 -33.65 29.05 -30.33
C SER B 65 -32.50 29.78 -31.00
N PRO B 66 -31.86 30.77 -30.37
CA PRO B 66 -30.66 31.36 -31.00
C PRO B 66 -29.54 30.35 -31.26
N LEU B 67 -29.28 29.44 -30.32
CA LEU B 67 -28.22 28.46 -30.55
C LEU B 67 -28.52 27.61 -31.77
N GLU B 68 -29.77 27.17 -31.94
CA GLU B 68 -30.13 26.40 -33.13
C GLU B 68 -30.01 27.25 -34.38
N GLU B 69 -30.31 28.54 -34.29
CA GLU B 69 -30.17 29.40 -35.46
C GLU B 69 -28.72 29.41 -35.93
N GLN B 70 -27.78 29.42 -34.99
CA GLN B 70 -26.36 29.40 -35.32
C GLN B 70 -25.86 28.00 -35.75
N ILE B 71 -26.32 26.96 -35.07
CA ILE B 71 -25.95 25.58 -35.35
C ILE B 71 -26.55 25.10 -36.66
N ASN B 72 -27.76 25.53 -36.97
CA ASN B 72 -28.47 25.02 -38.14
C ASN B 72 -27.60 25.22 -39.39
N GLY B 73 -27.58 24.20 -40.25
CA GLY B 73 -26.80 24.28 -41.45
C GLY B 73 -25.33 23.92 -41.29
N VAL B 74 -24.93 23.35 -40.16
CA VAL B 74 -23.55 22.87 -40.06
C VAL B 74 -23.37 21.70 -41.02
N GLU B 75 -22.15 21.55 -41.53
CA GLU B 75 -21.89 20.51 -42.51
C GLU B 75 -22.13 19.14 -41.91
N ASP B 76 -22.68 18.25 -42.71
CA ASP B 76 -22.90 16.85 -42.37
C ASP B 76 -23.90 16.66 -41.23
N MET B 77 -24.77 17.65 -40.99
CA MET B 77 -25.78 17.54 -39.95
C MET B 77 -26.94 16.69 -40.43
N LEU B 78 -27.23 15.61 -39.71
CA LEU B 78 -28.40 14.80 -40.02
C LEU B 78 -29.68 15.46 -39.53
N TYR B 79 -29.71 15.88 -38.25
CA TYR B 79 -30.83 16.63 -37.67
C TYR B 79 -30.42 17.18 -36.30
N MET B 80 -31.27 18.00 -35.73
CA MET B 80 -30.96 18.55 -34.42
C MET B 80 -32.22 18.72 -33.59
N GLN B 81 -32.09 18.53 -32.28
CA GLN B 81 -33.20 18.81 -31.38
C GLN B 81 -32.68 19.41 -30.10
N SER B 82 -33.37 20.44 -29.63
CA SER B 82 -33.09 21.03 -28.33
C SER B 82 -34.20 20.63 -27.39
N GLN B 83 -33.87 20.61 -26.11
CA GLN B 83 -34.86 20.28 -25.09
C GLN B 83 -34.60 21.19 -23.89
N ALA B 84 -35.64 21.96 -23.53
CA ALA B 84 -35.63 22.86 -22.39
C ALA B 84 -36.55 22.27 -21.34
N ASN B 85 -36.07 22.21 -20.10
CA ASN B 85 -36.80 21.63 -18.99
C ASN B 85 -37.12 22.67 -17.92
N SER B 86 -38.17 22.39 -17.15
CA SER B 86 -38.59 23.30 -16.09
C SER B 86 -37.56 23.40 -14.98
N ASP B 87 -36.62 22.46 -14.89
CA ASP B 87 -35.54 22.69 -13.93
C ASP B 87 -34.49 23.65 -14.47
N GLY B 88 -34.72 24.24 -15.64
CA GLY B 88 -33.87 25.28 -16.16
C GLY B 88 -32.74 24.83 -17.06
N ASN B 89 -32.68 23.56 -17.41
CA ASN B 89 -31.59 23.09 -18.25
C ASN B 89 -32.01 23.08 -19.70
N MET B 90 -31.07 23.37 -20.58
CA MET B 90 -31.29 23.33 -22.01
C MET B 90 -30.24 22.41 -22.61
N THR B 91 -30.67 21.45 -23.44
CA THR B 91 -29.76 20.48 -24.03
C THR B 91 -30.06 20.34 -25.52
N ILE B 92 -29.08 20.64 -26.36
CA ILE B 92 -29.21 20.46 -27.79
C ILE B 92 -28.39 19.24 -28.19
N THR B 93 -28.99 18.35 -28.98
CA THR B 93 -28.32 17.18 -29.55
C THR B 93 -28.33 17.38 -31.06
N VAL B 94 -27.14 17.59 -31.63
CA VAL B 94 -26.96 17.73 -33.06
C VAL B 94 -26.42 16.40 -33.55
N THR B 95 -27.18 15.70 -34.36
CA THR B 95 -26.75 14.41 -34.86
C THR B 95 -26.22 14.58 -36.28
N PHE B 96 -25.06 13.97 -36.51
CA PHE B 96 -24.36 13.99 -37.79
C PHE B 96 -24.49 12.68 -38.53
N LYS B 97 -24.22 12.77 -39.83
CA LYS B 97 -24.29 11.65 -40.74
C LYS B 97 -23.32 10.56 -40.31
N LEU B 98 -23.76 9.31 -40.39
CA LEU B 98 -22.87 8.24 -39.97
C LEU B 98 -21.59 8.32 -40.79
N GLY B 99 -20.45 8.11 -40.13
CA GLY B 99 -19.16 8.26 -40.77
C GLY B 99 -18.57 9.65 -40.70
N THR B 100 -19.30 10.62 -40.17
CA THR B 100 -18.66 11.89 -39.83
C THR B 100 -17.64 11.65 -38.74
N ASP B 101 -16.58 12.42 -38.76
CA ASP B 101 -15.64 12.38 -37.65
C ASP B 101 -16.24 13.14 -36.48
N PRO B 102 -16.46 12.51 -35.33
CA PRO B 102 -17.05 13.24 -34.19
C PRO B 102 -16.29 14.49 -33.82
N ASP B 103 -14.97 14.48 -33.95
CA ASP B 103 -14.20 15.62 -33.47
C ASP B 103 -14.36 16.84 -34.38
N LYS B 104 -14.38 16.62 -35.70
CA LYS B 104 -14.60 17.73 -36.62
C LYS B 104 -16.00 18.33 -36.40
N ALA B 105 -17.01 17.47 -36.21
CA ALA B 105 -18.36 17.96 -35.97
C ALA B 105 -18.43 18.78 -34.70
N THR B 106 -17.83 18.30 -33.62
CA THR B 106 -17.86 19.09 -32.40
C THR B 106 -17.17 20.42 -32.59
N GLN B 107 -16.08 20.47 -33.36
CA GLN B 107 -15.44 21.77 -33.53
C GLN B 107 -16.32 22.74 -34.32
N LEU B 108 -17.02 22.24 -35.34
CA LEU B 108 -17.94 23.09 -36.09
C LEU B 108 -19.05 23.61 -35.20
N VAL B 109 -19.66 22.70 -34.43
CA VAL B 109 -20.77 23.07 -33.55
C VAL B 109 -20.32 24.03 -32.47
N GLN B 110 -19.08 23.87 -31.99
CA GLN B 110 -18.55 24.80 -31.00
C GLN B 110 -18.40 26.21 -31.57
N ASN B 111 -17.89 26.32 -32.81
CA ASN B 111 -17.79 27.63 -33.45
C ASN B 111 -19.15 28.30 -33.60
N ARG B 112 -20.14 27.54 -34.08
CA ARG B 112 -21.46 28.12 -34.27
C ARG B 112 -22.01 28.60 -32.93
N VAL B 113 -21.88 27.75 -31.91
CA VAL B 113 -22.39 28.11 -30.60
C VAL B 113 -21.72 29.38 -30.09
N ASN B 114 -20.42 29.54 -30.34
CA ASN B 114 -19.74 30.78 -29.94
C ASN B 114 -20.29 31.98 -30.69
N GLN B 115 -20.61 31.82 -31.98
CA GLN B 115 -21.21 32.92 -32.71
C GLN B 115 -22.50 33.38 -32.05
N ALA B 116 -23.31 32.42 -31.65
CA ALA B 116 -24.59 32.75 -31.00
C ALA B 116 -24.41 33.25 -29.58
N LEU B 117 -23.29 32.90 -28.93
CA LEU B 117 -23.18 33.05 -27.49
C LEU B 117 -23.53 34.43 -26.95
N PRO B 118 -23.08 35.54 -27.54
CA PRO B 118 -23.48 36.86 -27.02
C PRO B 118 -24.99 37.13 -27.09
N ARG B 119 -25.74 36.34 -27.87
CA ARG B 119 -27.20 36.45 -27.96
C ARG B 119 -27.94 35.87 -26.75
N LEU B 120 -27.24 35.13 -25.89
CA LEU B 120 -27.85 34.49 -24.73
C LEU B 120 -28.03 35.48 -23.60
N PRO B 121 -28.95 35.20 -22.69
CA PRO B 121 -29.08 36.05 -21.49
C PRO B 121 -27.79 36.04 -20.69
N GLU B 122 -27.59 37.10 -19.91
CA GLU B 122 -26.36 37.19 -19.12
C GLU B 122 -26.25 36.02 -18.15
N ASP B 123 -27.36 35.60 -17.57
CA ASP B 123 -27.31 34.54 -16.57
C ASP B 123 -26.93 33.19 -17.19
N VAL B 124 -27.45 32.88 -18.37
CA VAL B 124 -27.07 31.65 -19.08
C VAL B 124 -25.61 31.68 -19.49
N GLN B 125 -25.13 32.86 -19.91
CA GLN B 125 -23.72 33.01 -20.27
C GLN B 125 -22.83 32.82 -19.05
N ARG B 126 -23.24 33.40 -17.91
CA ARG B 126 -22.45 33.34 -16.67
C ARG B 126 -22.34 31.93 -16.15
N LEU B 127 -23.43 31.15 -16.22
CA LEU B 127 -23.29 29.76 -15.81
C LEU B 127 -22.43 28.95 -16.76
N GLY B 128 -22.34 29.34 -18.03
CA GLY B 128 -21.49 28.81 -19.08
C GLY B 128 -22.21 27.81 -19.98
N ILE B 129 -21.75 27.72 -21.22
CA ILE B 129 -22.27 26.76 -22.19
C ILE B 129 -21.18 25.74 -22.50
N THR B 130 -21.57 24.48 -22.67
CA THR B 130 -20.59 23.44 -22.96
C THR B 130 -21.02 22.66 -24.20
N THR B 131 -20.04 22.29 -25.00
CA THR B 131 -20.26 21.54 -26.23
C THR B 131 -19.28 20.38 -26.24
N VAL B 132 -19.79 19.15 -26.36
CA VAL B 132 -18.98 17.96 -26.20
C VAL B 132 -19.45 16.87 -27.17
N LYS B 133 -18.51 16.03 -27.63
CA LYS B 133 -18.90 14.86 -28.42
C LYS B 133 -19.51 13.79 -27.52
N SER B 134 -20.69 13.30 -27.89
CA SER B 134 -21.28 12.23 -27.12
C SER B 134 -20.54 10.93 -27.39
N SER B 135 -20.24 10.19 -26.32
CA SER B 135 -19.58 8.90 -26.36
C SER B 135 -20.64 7.84 -26.08
N PRO B 136 -21.28 7.29 -27.11
CA PRO B 136 -22.51 6.51 -26.89
C PRO B 136 -22.27 5.15 -26.25
N THR B 137 -21.02 4.73 -26.13
CA THR B 137 -20.68 3.37 -25.76
C THR B 137 -20.51 3.26 -24.25
N LEU B 138 -21.45 2.62 -23.57
CA LEU B 138 -21.37 2.53 -22.12
C LEU B 138 -20.54 1.31 -21.72
N THR B 139 -19.38 1.54 -21.08
CA THR B 139 -18.54 0.44 -20.64
C THR B 139 -19.03 -0.20 -19.34
N MET B 140 -19.21 0.61 -18.30
CA MET B 140 -19.72 0.08 -17.05
C MET B 140 -20.23 1.23 -16.21
N VAL B 141 -21.00 0.91 -15.18
CA VAL B 141 -21.51 1.88 -14.21
C VAL B 141 -20.95 1.58 -12.83
N VAL B 142 -20.33 2.58 -12.23
CA VAL B 142 -19.81 2.51 -10.87
C VAL B 142 -20.58 3.48 -10.01
N HIS B 143 -21.12 3.01 -8.88
CA HIS B 143 -21.83 3.84 -7.92
C HIS B 143 -20.98 4.03 -6.68
N LEU B 144 -20.93 5.26 -6.18
CA LEU B 144 -20.56 5.44 -4.80
C LEU B 144 -21.83 5.38 -3.98
N ILE B 145 -21.71 4.76 -2.81
CA ILE B 145 -22.87 4.42 -1.99
C ILE B 145 -22.52 4.74 -0.54
N SER B 146 -23.53 5.11 0.24
CA SER B 146 -23.33 5.20 1.68
C SER B 146 -24.17 4.10 2.31
N PRO B 147 -23.58 2.92 2.56
CA PRO B 147 -24.40 1.75 2.94
C PRO B 147 -24.97 1.83 4.34
N ASN B 148 -24.57 2.81 5.15
CA ASN B 148 -25.20 2.98 6.45
C ASN B 148 -25.72 4.40 6.61
N ASP B 149 -25.94 5.09 5.50
CA ASP B 149 -26.47 6.46 5.49
C ASP B 149 -25.59 7.43 6.26
N SER B 150 -24.31 7.13 6.41
CA SER B 150 -23.40 8.04 7.07
C SER B 150 -23.38 9.38 6.32
N TYR B 151 -23.38 9.32 4.99
CA TYR B 151 -23.24 10.49 4.14
C TYR B 151 -24.33 10.54 3.06
N ASP B 152 -24.65 11.75 2.60
CA ASP B 152 -25.78 11.97 1.70
C ASP B 152 -25.34 12.15 0.23
N MET B 153 -26.36 12.24 -0.64
CA MET B 153 -26.14 12.21 -2.08
C MET B 153 -25.17 13.30 -2.53
N THR B 154 -25.35 14.50 -2.04
CA THR B 154 -24.44 15.54 -2.46
C THR B 154 -23.04 15.27 -1.95
N TYR B 155 -22.90 14.68 -0.76
CA TYR B 155 -21.58 14.31 -0.30
C TYR B 155 -20.96 13.30 -1.23
N LEU B 156 -21.72 12.26 -1.61
CA LEU B 156 -21.19 11.19 -2.44
C LEU B 156 -20.78 11.73 -3.81
N ARG B 157 -21.61 12.57 -4.41
CA ARG B 157 -21.23 13.17 -5.68
C ARG B 157 -20.00 14.02 -5.53
N ASN B 158 -19.89 14.79 -4.45
CA ASN B 158 -18.71 15.61 -4.27
C ASN B 158 -17.47 14.73 -4.16
N TYR B 159 -17.58 13.60 -3.44
CA TYR B 159 -16.45 12.71 -3.28
C TYR B 159 -16.01 12.17 -4.63
N ALA B 160 -16.98 11.69 -5.40
CA ALA B 160 -16.72 11.21 -6.73
C ALA B 160 -16.01 12.28 -7.55
N LEU B 161 -16.49 13.50 -7.45
CA LEU B 161 -15.93 14.60 -8.23
C LEU B 161 -14.50 14.88 -7.81
N ILE B 162 -14.20 14.78 -6.52
CA ILE B 162 -12.89 15.21 -6.02
C ILE B 162 -11.83 14.12 -6.17
N ASN B 163 -12.15 12.88 -5.80
CA ASN B 163 -11.13 11.84 -5.72
C ASN B 163 -11.27 10.79 -6.79
N VAL B 164 -12.47 10.52 -7.28
CA VAL B 164 -12.74 9.33 -8.05
C VAL B 164 -12.80 9.62 -9.54
N LYS B 165 -13.52 10.68 -9.95
CA LYS B 165 -13.88 10.84 -11.35
C LYS B 165 -12.66 10.94 -12.24
N ASP B 166 -11.67 11.73 -11.82
CA ASP B 166 -10.56 11.98 -12.73
C ASP B 166 -9.64 10.80 -12.87
N ARG B 167 -9.47 10.03 -11.80
CA ARG B 167 -8.68 8.82 -11.91
C ARG B 167 -9.27 7.90 -12.97
N LEU B 168 -10.59 7.72 -12.93
CA LEU B 168 -11.28 6.93 -13.94
C LEU B 168 -11.14 7.55 -15.31
N SER B 169 -11.31 8.86 -15.39
CA SER B 169 -11.31 9.52 -16.68
C SER B 169 -9.95 9.44 -17.37
N ARG B 170 -8.89 9.11 -16.62
CA ARG B 170 -7.54 9.04 -17.15
C ARG B 170 -7.13 7.62 -17.63
N ILE B 171 -8.06 6.65 -17.67
CA ILE B 171 -7.64 5.26 -17.77
C ILE B 171 -6.99 4.94 -19.11
N GLN B 172 -7.73 4.68 -20.20
CA GLN B 172 -6.98 4.72 -21.46
C GLN B 172 -7.87 5.04 -22.65
N GLY B 173 -8.96 4.29 -22.73
CA GLY B 173 -9.92 4.38 -23.81
C GLY B 173 -11.20 4.95 -23.30
N VAL B 174 -11.20 5.37 -22.02
CA VAL B 174 -12.34 6.02 -21.38
C VAL B 174 -12.49 7.39 -22.00
N GLY B 175 -13.63 7.61 -22.64
CA GLY B 175 -13.86 8.85 -23.34
C GLY B 175 -14.61 9.84 -22.47
N GLN B 176 -15.40 9.32 -21.52
CA GLN B 176 -16.21 10.24 -20.74
C GLN B 176 -16.60 9.56 -19.44
N VAL B 177 -16.50 10.31 -18.34
CA VAL B 177 -17.10 9.88 -17.08
C VAL B 177 -18.24 10.83 -16.81
N GLN B 178 -19.45 10.29 -16.66
CA GLN B 178 -20.64 11.10 -16.46
C GLN B 178 -21.20 10.75 -15.11
N LEU B 179 -21.37 11.77 -14.25
CA LEU B 179 -22.00 11.58 -12.94
C LEU B 179 -23.50 11.78 -13.09
N TRP B 180 -24.28 10.86 -12.54
CA TRP B 180 -25.74 10.97 -12.55
C TRP B 180 -26.22 10.93 -11.11
N GLY B 181 -26.73 12.05 -10.63
CA GLY B 181 -27.28 12.09 -9.27
C GLY B 181 -27.43 13.51 -8.78
N ALA B 182 -27.37 13.64 -7.44
CA ALA B 182 -27.67 14.89 -6.77
C ALA B 182 -26.66 15.96 -7.18
N GLY B 183 -26.92 17.17 -6.75
CA GLY B 183 -26.09 18.30 -7.15
C GLY B 183 -24.83 18.41 -6.34
N ASP B 184 -23.86 19.14 -6.89
CA ASP B 184 -22.62 19.36 -6.17
C ASP B 184 -22.79 20.40 -5.06
N TYR B 185 -21.79 20.47 -4.17
CA TYR B 185 -21.80 21.40 -3.06
C TYR B 185 -21.79 22.84 -3.56
N ALA B 186 -22.52 23.68 -2.82
CA ALA B 186 -22.69 25.09 -3.12
C ALA B 186 -22.93 25.82 -1.81
N MET B 187 -22.60 27.11 -1.80
CA MET B 187 -23.01 27.96 -0.69
C MET B 187 -24.40 28.51 -0.99
N ARG B 188 -25.40 28.06 -0.24
CA ARG B 188 -26.77 28.53 -0.41
C ARG B 188 -27.09 29.59 0.63
N VAL B 189 -27.67 30.69 0.15
CA VAL B 189 -28.21 31.75 1.01
C VAL B 189 -29.72 31.73 0.84
N TRP B 190 -30.45 31.30 1.88
CA TRP B 190 -31.90 31.11 1.86
C TRP B 190 -32.56 32.32 2.53
N LEU B 191 -33.02 33.25 1.70
CA LEU B 191 -33.61 34.48 2.19
C LEU B 191 -34.97 34.21 2.81
N ASP B 192 -35.24 34.91 3.93
CA ASP B 192 -36.55 35.09 4.52
C ASP B 192 -37.05 36.39 3.95
N PRO B 193 -37.84 36.37 2.87
CA PRO B 193 -38.18 37.63 2.20
C PRO B 193 -38.96 38.60 3.10
N GLN B 194 -39.73 38.07 4.05
CA GLN B 194 -40.37 38.91 5.05
C GLN B 194 -39.34 39.76 5.80
N LYS B 195 -38.28 39.12 6.30
CA LYS B 195 -37.26 39.84 7.05
C LYS B 195 -36.53 40.87 6.18
N VAL B 196 -36.22 40.49 4.95
CA VAL B 196 -35.50 41.40 4.05
C VAL B 196 -36.32 42.65 3.78
N ALA B 197 -37.64 42.50 3.63
CA ALA B 197 -38.50 43.66 3.45
C ALA B 197 -38.62 44.45 4.74
N GLN B 198 -38.68 43.74 5.87
CA GLN B 198 -38.75 44.38 7.17
C GLN B 198 -37.63 45.39 7.30
N ARG B 199 -36.43 45.02 6.88
CA ARG B 199 -35.33 45.97 6.77
C ARG B 199 -35.40 46.87 5.52
N ASN B 200 -36.50 46.92 4.77
CA ASN B 200 -36.58 47.79 3.60
C ASN B 200 -35.47 47.50 2.60
N LEU B 201 -35.37 46.22 2.25
CA LEU B 201 -34.38 45.72 1.32
C LEU B 201 -35.06 44.86 0.28
N THR B 202 -34.60 44.94 -0.96
CA THR B 202 -34.96 43.95 -1.96
C THR B 202 -33.83 42.93 -2.10
N ALA B 203 -34.17 41.78 -2.70
CA ALA B 203 -33.18 40.72 -2.91
C ALA B 203 -31.96 41.22 -3.68
N ASP B 204 -32.17 42.13 -4.63
CA ASP B 204 -31.07 42.79 -5.31
C ASP B 204 -30.07 43.42 -4.33
N ASP B 205 -30.56 44.04 -3.24
CA ASP B 205 -29.66 44.64 -2.24
C ASP B 205 -28.71 43.61 -1.64
N VAL B 206 -29.24 42.47 -1.24
CA VAL B 206 -28.41 41.42 -0.65
C VAL B 206 -27.47 40.84 -1.70
N VAL B 207 -27.94 40.69 -2.95
CA VAL B 207 -27.05 40.16 -3.99
C VAL B 207 -25.88 41.10 -4.22
N ARG B 208 -26.15 42.41 -4.21
CA ARG B 208 -25.04 43.36 -4.36
C ARG B 208 -24.07 43.23 -3.19
N ALA B 209 -24.62 43.03 -1.98
CA ALA B 209 -23.79 42.91 -0.78
C ALA B 209 -22.84 41.71 -0.87
N ILE B 210 -23.37 40.57 -1.33
CA ILE B 210 -22.54 39.38 -1.45
C ILE B 210 -21.47 39.58 -2.50
N ARG B 211 -21.84 40.16 -3.66
CA ARG B 211 -20.84 40.42 -4.70
C ARG B 211 -19.77 41.39 -4.23
N GLU B 212 -20.16 42.34 -3.39
CA GLU B 212 -19.25 43.36 -2.89
C GLU B 212 -18.27 42.81 -1.86
N GLN B 213 -18.73 41.91 -0.98
CA GLN B 213 -17.94 41.51 0.18
C GLN B 213 -17.31 40.13 0.06
N ASN B 214 -17.66 39.37 -0.97
CA ASN B 214 -17.06 38.07 -1.26
C ASN B 214 -16.43 38.24 -2.62
N VAL B 215 -15.17 38.67 -2.62
CA VAL B 215 -14.48 39.00 -3.85
C VAL B 215 -13.00 38.98 -3.56
N GLN B 216 -12.24 38.41 -4.50
CA GLN B 216 -10.79 38.45 -4.41
C GLN B 216 -10.29 39.89 -4.54
N VAL B 217 -9.07 40.13 -4.09
CA VAL B 217 -8.48 41.46 -4.13
C VAL B 217 -7.15 41.41 -4.86
N ALA B 218 -6.89 42.40 -5.71
CA ALA B 218 -5.57 42.60 -6.31
C ALA B 218 -4.84 43.68 -5.53
N ALA B 219 -4.19 43.26 -4.44
CA ALA B 219 -3.78 44.21 -3.39
C ALA B 219 -2.60 45.09 -3.77
N GLY B 220 -1.86 44.75 -4.83
CA GLY B 220 -0.75 45.57 -5.27
C GLY B 220 0.62 45.00 -4.90
N VAL B 221 1.64 45.75 -5.29
CA VAL B 221 3.02 45.36 -5.01
C VAL B 221 3.81 46.63 -4.70
N ILE B 222 4.58 46.58 -3.62
CA ILE B 222 5.40 47.71 -3.21
C ILE B 222 6.79 47.52 -3.78
N GLY B 223 7.31 48.58 -4.39
CA GLY B 223 8.67 48.56 -4.91
C GLY B 223 8.86 47.84 -6.21
N ALA B 224 7.80 47.60 -6.97
CA ALA B 224 7.90 46.93 -8.26
C ALA B 224 8.45 47.87 -9.31
N SER B 225 8.83 47.30 -10.45
CA SER B 225 9.33 48.11 -11.55
C SER B 225 8.16 48.84 -12.20
N PRO B 226 8.37 50.07 -12.67
CA PRO B 226 9.62 50.84 -12.51
C PRO B 226 9.64 51.49 -11.13
N THR B 227 10.81 51.51 -10.50
CA THR B 227 10.95 52.06 -9.16
C THR B 227 12.22 52.90 -9.08
N LEU B 228 12.20 53.89 -8.19
CA LEU B 228 13.31 54.82 -8.13
C LEU B 228 14.50 54.10 -7.50
N PRO B 229 15.72 54.63 -7.66
CA PRO B 229 16.89 53.80 -7.35
C PRO B 229 17.00 53.60 -5.85
N GLY B 230 17.69 52.54 -5.47
CA GLY B 230 17.92 52.23 -4.10
C GLY B 230 16.85 51.37 -3.47
N THR B 231 15.67 51.29 -4.07
CA THR B 231 14.62 50.42 -3.58
C THR B 231 15.15 49.00 -3.39
N PRO B 232 15.20 48.48 -2.17
CA PRO B 232 15.91 47.21 -1.95
C PRO B 232 15.07 45.99 -2.27
N LEU B 233 13.77 46.07 -1.99
CA LEU B 233 12.91 44.89 -2.05
C LEU B 233 11.65 45.15 -2.88
N GLN B 234 11.13 44.07 -3.45
CA GLN B 234 9.84 44.07 -4.14
C GLN B 234 8.91 43.17 -3.34
N LEU B 235 7.88 43.77 -2.72
CA LEU B 235 7.00 43.10 -1.78
C LEU B 235 5.59 43.00 -2.33
N SER B 236 5.05 41.78 -2.38
CA SER B 236 3.65 41.60 -2.73
C SER B 236 2.76 41.81 -1.51
N VAL B 237 1.54 42.29 -1.75
CA VAL B 237 0.59 42.60 -0.69
C VAL B 237 -0.51 41.55 -0.67
N ASN B 238 -0.86 41.08 0.52
CA ASN B 238 -1.96 40.17 0.76
C ASN B 238 -3.07 40.90 1.51
N ALA B 239 -4.32 40.53 1.20
CA ALA B 239 -5.49 41.05 1.90
C ALA B 239 -6.63 40.05 1.77
N ARG B 240 -7.14 39.53 2.90
CA ARG B 240 -8.20 38.52 2.86
C ARG B 240 -9.45 39.07 2.19
N GLY B 241 -9.76 38.56 1.00
CA GLY B 241 -10.91 39.04 0.29
C GLY B 241 -12.05 38.05 0.14
N ARG B 242 -11.75 36.77 -0.12
CA ARG B 242 -12.81 35.80 -0.34
C ARG B 242 -13.22 35.18 0.98
N LEU B 243 -14.51 34.88 1.09
CA LEU B 243 -15.03 34.29 2.31
C LEU B 243 -14.93 32.77 2.24
N GLN B 244 -14.68 32.16 3.40
CA GLN B 244 -14.27 30.77 3.43
C GLN B 244 -15.33 29.81 3.91
N ASN B 245 -16.19 30.23 4.83
CA ASN B 245 -17.16 29.33 5.45
C ASN B 245 -18.48 30.07 5.59
N GLU B 246 -19.48 29.34 6.11
CA GLU B 246 -20.80 29.94 6.24
C GLU B 246 -20.75 31.12 7.20
N ASP B 247 -20.00 31.00 8.30
CA ASP B 247 -19.98 32.07 9.28
C ASP B 247 -19.40 33.36 8.73
N GLU B 248 -18.38 33.26 7.87
CA GLU B 248 -17.92 34.47 7.20
C GLU B 248 -19.01 35.08 6.33
N PHE B 249 -19.84 34.23 5.71
CA PHE B 249 -20.97 34.74 4.93
C PHE B 249 -22.05 35.35 5.82
N GLY B 250 -22.17 34.89 7.06
CA GLY B 250 -23.13 35.50 7.96
C GLY B 250 -22.71 36.88 8.42
N ASP B 251 -21.40 37.14 8.48
CA ASP B 251 -20.88 38.43 8.90
C ASP B 251 -21.08 39.51 7.87
N ILE B 252 -21.56 39.15 6.67
CA ILE B 252 -21.75 40.12 5.59
C ILE B 252 -22.66 41.23 6.09
N VAL B 253 -22.27 42.47 5.81
CA VAL B 253 -23.05 43.63 6.25
C VAL B 253 -24.04 43.92 5.13
N VAL B 254 -25.30 43.53 5.35
CA VAL B 254 -26.32 43.69 4.31
C VAL B 254 -26.97 45.06 4.35
N LYS B 255 -26.96 45.72 5.50
CA LYS B 255 -27.45 47.09 5.54
C LYS B 255 -26.85 47.77 6.75
N THR B 256 -26.35 48.98 6.54
CA THR B 256 -25.91 49.84 7.63
C THR B 256 -26.94 50.96 7.74
N ALA B 257 -27.59 51.07 8.90
CA ALA B 257 -28.71 51.97 9.09
C ALA B 257 -28.27 53.43 9.11
N PRO B 258 -29.19 54.36 8.79
CA PRO B 258 -28.80 55.79 8.69
C PRO B 258 -28.32 56.38 10.01
N ASP B 259 -28.32 55.58 11.06
CA ASP B 259 -27.78 56.01 12.34
C ASP B 259 -26.58 55.19 12.83
N GLY B 260 -26.40 53.96 12.34
CA GLY B 260 -25.27 53.21 12.82
C GLY B 260 -25.50 51.73 13.01
N GLY B 261 -26.65 51.20 12.62
CA GLY B 261 -27.05 49.85 12.98
C GLY B 261 -26.90 48.91 11.79
N VAL B 262 -26.21 47.80 12.02
CA VAL B 262 -25.81 46.88 10.96
C VAL B 262 -26.65 45.61 11.05
N THR B 263 -27.36 45.30 9.98
CA THR B 263 -28.02 44.01 9.84
C THR B 263 -27.13 43.11 8.98
N HIS B 264 -26.75 41.97 9.53
CA HIS B 264 -25.84 41.09 8.83
C HIS B 264 -26.67 40.08 8.05
N LEU B 265 -26.03 39.46 7.04
CA LEU B 265 -26.71 38.46 6.23
C LEU B 265 -27.27 37.38 7.12
N ARG B 266 -26.60 37.15 8.25
CA ARG B 266 -27.08 36.23 9.27
C ARG B 266 -28.47 36.62 9.76
N ASP B 267 -28.80 37.92 9.76
CA ASP B 267 -30.10 38.38 10.25
C ASP B 267 -31.25 38.04 9.31
N ILE B 268 -31.02 38.02 8.00
CA ILE B 268 -32.11 37.94 7.04
C ILE B 268 -32.18 36.62 6.30
N ALA B 269 -31.16 35.78 6.39
CA ALA B 269 -31.19 34.54 5.64
C ALA B 269 -30.56 33.44 6.48
N ARG B 270 -30.90 32.23 6.10
CA ARG B 270 -30.25 31.05 6.64
C ARG B 270 -29.18 30.66 5.64
N ILE B 271 -27.97 30.41 6.12
CA ILE B 271 -26.84 30.25 5.19
C ILE B 271 -26.21 28.90 5.41
N GLU B 272 -26.33 28.02 4.43
CA GLU B 272 -25.93 26.64 4.65
C GLU B 272 -25.22 26.14 3.39
N LEU B 273 -24.35 25.17 3.58
CA LEU B 273 -23.66 24.56 2.46
C LEU B 273 -24.49 23.38 1.97
N ASP B 274 -25.13 23.56 0.82
CA ASP B 274 -26.15 22.64 0.34
C ASP B 274 -25.82 22.36 -1.12
N ALA B 275 -26.79 21.93 -1.89
CA ALA B 275 -26.53 21.59 -3.30
C ALA B 275 -26.78 22.79 -4.20
N SER B 276 -26.07 22.82 -5.31
CA SER B 276 -26.23 23.85 -6.32
C SER B 276 -27.46 23.66 -7.20
N GLU B 277 -28.01 22.44 -7.27
CA GLU B 277 -29.24 22.20 -8.03
C GLU B 277 -29.92 20.96 -7.50
N TYR B 278 -31.22 20.84 -7.82
CA TYR B 278 -32.09 19.89 -7.14
C TYR B 278 -32.96 19.04 -8.09
N GLY B 279 -32.65 18.98 -9.37
CA GLY B 279 -33.54 18.32 -10.31
C GLY B 279 -33.55 16.79 -10.24
N LEU B 280 -32.44 16.17 -9.80
CA LEU B 280 -32.32 14.73 -9.88
C LEU B 280 -31.81 14.12 -8.57
N ARG B 281 -32.30 12.92 -8.25
CA ARG B 281 -31.81 12.15 -7.12
C ARG B 281 -31.32 10.78 -7.57
N SER B 282 -30.45 10.18 -6.74
CA SER B 282 -29.86 8.89 -7.06
C SER B 282 -29.84 8.01 -5.82
N LEU B 283 -30.56 6.89 -5.88
CA LEU B 283 -30.54 5.89 -4.81
C LEU B 283 -30.01 4.59 -5.35
N LEU B 284 -29.45 3.77 -4.46
CA LEU B 284 -29.06 2.41 -4.79
C LEU B 284 -29.55 1.51 -3.66
N ASP B 285 -30.54 0.67 -3.97
CA ASP B 285 -31.22 -0.12 -2.96
C ASP B 285 -31.69 0.80 -1.86
N ASN B 286 -32.20 1.96 -2.29
CA ASN B 286 -32.81 2.96 -1.45
C ASN B 286 -31.82 3.54 -0.44
N LYS B 287 -30.53 3.60 -0.80
CA LYS B 287 -29.53 4.25 0.03
C LYS B 287 -28.88 5.36 -0.78
N PRO B 288 -28.39 6.41 -0.10
CA PRO B 288 -27.79 7.54 -0.83
C PRO B 288 -26.70 7.04 -1.76
N ALA B 289 -26.66 7.62 -2.98
CA ALA B 289 -25.79 7.14 -4.06
C ALA B 289 -25.49 8.27 -5.06
N VAL B 290 -24.46 8.00 -5.88
CA VAL B 290 -24.18 8.70 -7.13
C VAL B 290 -23.82 7.67 -8.18
N ALA B 291 -24.32 7.85 -9.39
CA ALA B 291 -23.95 6.98 -10.48
C ALA B 291 -22.79 7.60 -11.24
N MET B 292 -21.84 6.75 -11.62
CA MET B 292 -20.75 7.12 -12.51
C MET B 292 -20.84 6.21 -13.72
N ALA B 293 -21.21 6.77 -14.87
CA ALA B 293 -21.21 6.05 -16.13
C ALA B 293 -19.89 6.30 -16.84
N ILE B 294 -19.11 5.24 -17.06
CA ILE B 294 -17.86 5.31 -17.80
C ILE B 294 -18.16 4.93 -19.23
N ASN B 295 -17.85 5.81 -20.17
CA ASN B 295 -18.10 5.62 -21.58
C ASN B 295 -16.77 5.59 -22.29
N GLN B 296 -16.58 4.60 -23.16
CA GLN B 296 -15.32 4.40 -23.85
C GLN B 296 -15.27 5.08 -25.20
N SER B 297 -14.06 5.42 -25.60
CA SER B 297 -13.80 6.00 -26.91
C SER B 297 -13.91 4.97 -28.03
N PRO B 298 -14.06 5.43 -29.28
CA PRO B 298 -13.99 4.50 -30.41
C PRO B 298 -12.66 3.77 -30.42
N GLY B 299 -12.67 2.52 -30.86
CA GLY B 299 -11.43 1.75 -30.85
C GLY B 299 -10.76 1.63 -29.50
N ALA B 300 -11.54 1.33 -28.48
CA ALA B 300 -11.04 1.19 -27.13
C ALA B 300 -11.12 -0.28 -26.76
N ASN B 301 -10.60 -0.63 -25.59
CA ASN B 301 -10.62 -2.02 -25.17
C ASN B 301 -11.51 -2.18 -23.95
N SER B 302 -12.76 -2.62 -24.18
CA SER B 302 -13.71 -2.79 -23.11
C SER B 302 -13.10 -3.55 -21.95
N LEU B 303 -12.35 -4.60 -22.26
CA LEU B 303 -11.80 -5.46 -21.21
C LEU B 303 -10.69 -4.77 -20.44
N ALA B 304 -9.81 -4.07 -21.15
CA ALA B 304 -8.71 -3.38 -20.49
C ALA B 304 -9.25 -2.29 -19.58
N ILE B 305 -10.23 -1.54 -20.09
CA ILE B 305 -10.87 -0.48 -19.32
C ILE B 305 -11.56 -1.03 -18.09
N SER B 306 -12.35 -2.10 -18.26
CA SER B 306 -13.09 -2.62 -17.12
C SER B 306 -12.14 -3.12 -16.04
N ASP B 307 -11.10 -3.85 -16.42
CA ASP B 307 -10.16 -4.31 -15.41
C ASP B 307 -9.48 -3.13 -14.73
N GLU B 308 -9.13 -2.10 -15.51
CA GLU B 308 -8.45 -0.97 -14.90
C GLU B 308 -9.40 -0.22 -13.95
N VAL B 309 -10.69 -0.12 -14.31
CA VAL B 309 -11.64 0.55 -13.43
C VAL B 309 -11.76 -0.21 -12.12
N ARG B 310 -11.91 -1.53 -12.20
CA ARG B 310 -12.05 -2.33 -10.99
C ARG B 310 -10.81 -2.21 -10.10
N LYS B 311 -9.61 -2.19 -10.72
CA LYS B 311 -8.37 -2.03 -9.97
C LYS B 311 -8.28 -0.65 -9.31
N THR B 312 -8.67 0.40 -10.05
CA THR B 312 -8.65 1.75 -9.52
C THR B 312 -9.62 1.92 -8.36
N MET B 313 -10.82 1.37 -8.52
CA MET B 313 -11.82 1.44 -7.47
C MET B 313 -11.35 0.72 -6.22
N ALA B 314 -10.72 -0.46 -6.40
CA ALA B 314 -10.20 -1.18 -5.26
C ALA B 314 -9.09 -0.39 -4.55
N GLU B 315 -8.32 0.40 -5.30
CA GLU B 315 -7.27 1.21 -4.69
C GLU B 315 -7.85 2.43 -3.97
N LEU B 316 -8.88 3.04 -4.57
CA LEU B 316 -9.51 4.21 -3.99
C LEU B 316 -10.35 3.88 -2.76
N LYS B 317 -10.96 2.69 -2.72
CA LYS B 317 -11.76 2.34 -1.55
C LYS B 317 -10.91 2.31 -0.30
N GLN B 318 -9.60 2.24 -0.45
CA GLN B 318 -8.74 2.24 0.71
C GLN B 318 -8.67 3.61 1.38
N ASP B 319 -9.05 4.68 0.67
CA ASP B 319 -9.18 6.02 1.25
C ASP B 319 -10.61 6.43 1.60
N PHE B 320 -11.60 5.56 1.42
CA PHE B 320 -13.00 5.93 1.64
C PHE B 320 -13.22 6.15 3.14
N PRO B 321 -13.77 7.30 3.55
CA PRO B 321 -14.20 7.43 4.94
C PRO B 321 -15.20 6.35 5.28
N ALA B 322 -15.16 5.89 6.53
CA ALA B 322 -16.11 4.86 6.93
C ALA B 322 -17.53 5.32 6.67
N GLY B 323 -18.31 4.48 5.99
CA GLY B 323 -19.64 4.85 5.55
C GLY B 323 -19.75 5.23 4.08
N VAL B 324 -18.64 5.18 3.33
CA VAL B 324 -18.64 5.36 1.89
C VAL B 324 -18.04 4.12 1.21
N ASP B 325 -18.67 3.68 0.14
CA ASP B 325 -18.31 2.42 -0.49
C ASP B 325 -18.52 2.58 -1.99
N TYR B 326 -18.10 1.56 -2.77
CA TYR B 326 -18.45 1.53 -4.20
C TYR B 326 -19.12 0.21 -4.55
N ARG B 327 -19.90 0.25 -5.63
CA ARG B 327 -20.50 -0.95 -6.21
C ARG B 327 -20.41 -0.87 -7.73
N ILE B 328 -19.91 -1.96 -8.36
CA ILE B 328 -19.92 -2.08 -9.81
C ILE B 328 -21.35 -2.50 -10.17
N VAL B 329 -22.19 -1.52 -10.51
CA VAL B 329 -23.62 -1.80 -10.61
C VAL B 329 -23.96 -2.53 -11.91
N TYR B 330 -23.31 -2.14 -13.01
CA TYR B 330 -23.58 -2.72 -14.33
C TYR B 330 -22.28 -2.70 -15.09
N ASP B 331 -21.85 -3.88 -15.54
CA ASP B 331 -20.57 -4.07 -16.24
C ASP B 331 -20.87 -4.89 -17.47
N PRO B 332 -21.42 -4.27 -18.51
CA PRO B 332 -21.79 -5.04 -19.70
C PRO B 332 -20.62 -5.63 -20.48
N THR B 333 -19.37 -5.28 -20.16
CA THR B 333 -18.27 -5.92 -20.89
C THR B 333 -18.25 -7.43 -20.70
N GLN B 334 -18.81 -7.95 -19.61
CA GLN B 334 -18.87 -9.39 -19.42
C GLN B 334 -19.49 -10.07 -20.63
N PHE B 335 -20.42 -9.40 -21.31
CA PHE B 335 -21.04 -9.99 -22.49
C PHE B 335 -20.00 -10.35 -23.54
N VAL B 336 -19.18 -9.38 -23.94
CA VAL B 336 -18.19 -9.68 -24.98
C VAL B 336 -17.27 -10.78 -24.46
N ARG B 337 -17.01 -10.79 -23.16
CA ARG B 337 -16.15 -11.82 -22.59
C ARG B 337 -16.72 -13.20 -22.84
N SER B 338 -18.02 -13.38 -22.57
CA SER B 338 -18.63 -14.68 -22.85
C SER B 338 -18.55 -15.00 -24.34
N SER B 339 -18.79 -14.00 -25.21
CA SER B 339 -18.65 -14.24 -26.64
C SER B 339 -17.25 -14.72 -26.98
N ILE B 340 -16.24 -14.13 -26.35
CA ILE B 340 -14.90 -14.62 -26.63
C ILE B 340 -14.79 -16.08 -26.24
N LYS B 341 -15.23 -16.43 -25.02
CA LYS B 341 -15.24 -17.83 -24.64
C LYS B 341 -16.05 -18.64 -25.64
N ALA B 342 -17.18 -18.09 -26.08
CA ALA B 342 -18.00 -18.79 -27.04
C ALA B 342 -17.17 -19.17 -28.25
N VAL B 343 -16.42 -18.22 -28.80
CA VAL B 343 -15.57 -18.58 -29.94
C VAL B 343 -14.53 -19.60 -29.53
N VAL B 344 -13.79 -19.30 -28.46
CA VAL B 344 -12.64 -20.15 -28.16
C VAL B 344 -13.09 -21.59 -27.98
N HIS B 345 -14.11 -21.77 -27.14
CA HIS B 345 -14.61 -23.13 -26.92
C HIS B 345 -15.10 -23.73 -28.22
N THR B 346 -15.90 -22.98 -28.98
CA THR B 346 -16.44 -23.51 -30.22
C THR B 346 -15.32 -23.91 -31.19
N LEU B 347 -14.21 -23.16 -31.19
CA LEU B 347 -13.08 -23.53 -32.02
C LEU B 347 -12.52 -24.90 -31.61
N LEU B 348 -12.23 -25.08 -30.31
CA LEU B 348 -11.69 -26.35 -29.84
C LEU B 348 -12.63 -27.49 -30.17
N GLU B 349 -13.90 -27.33 -29.84
CA GLU B 349 -14.88 -28.36 -30.18
C GLU B 349 -14.72 -28.71 -31.65
N ALA B 350 -14.71 -27.68 -32.49
CA ALA B 350 -14.69 -27.89 -33.94
C ALA B 350 -13.42 -28.62 -34.36
N ILE B 351 -12.27 -28.19 -33.84
CA ILE B 351 -11.04 -28.88 -34.21
C ILE B 351 -11.14 -30.35 -33.82
N ALA B 352 -11.54 -30.61 -32.59
CA ALA B 352 -11.70 -31.98 -32.16
C ALA B 352 -12.64 -32.73 -33.09
N LEU B 353 -13.78 -32.12 -33.43
CA LEU B 353 -14.73 -32.79 -34.31
C LEU B 353 -14.09 -33.17 -35.63
N VAL B 354 -13.38 -32.22 -36.27
CA VAL B 354 -12.83 -32.56 -37.58
C VAL B 354 -11.84 -33.71 -37.43
N VAL B 355 -11.06 -33.71 -36.34
CA VAL B 355 -10.14 -34.81 -36.10
C VAL B 355 -10.91 -36.12 -36.03
N ILE B 356 -11.99 -36.14 -35.26
CA ILE B 356 -12.83 -37.33 -35.16
C ILE B 356 -13.27 -37.74 -36.56
N VAL B 357 -13.78 -36.78 -37.33
CA VAL B 357 -14.32 -37.16 -38.63
C VAL B 357 -13.21 -37.76 -39.47
N VAL B 358 -12.03 -37.13 -39.44
CA VAL B 358 -10.93 -37.63 -40.26
C VAL B 358 -10.54 -39.04 -39.83
N ILE B 359 -10.45 -39.28 -38.52
CA ILE B 359 -10.06 -40.60 -38.05
C ILE B 359 -11.07 -41.63 -38.52
N VAL B 360 -12.35 -41.28 -38.52
CA VAL B 360 -13.33 -42.28 -38.93
C VAL B 360 -13.24 -42.55 -40.41
N PHE B 361 -13.06 -41.50 -41.22
CA PHE B 361 -13.17 -41.74 -42.66
C PHE B 361 -11.84 -42.16 -43.26
N LEU B 362 -10.78 -41.42 -42.98
CA LEU B 362 -9.48 -41.70 -43.55
C LEU B 362 -8.71 -42.69 -42.71
N GLN B 363 -9.11 -42.85 -41.45
CA GLN B 363 -8.61 -43.92 -40.61
C GLN B 363 -7.10 -43.87 -40.48
N THR B 364 -6.55 -42.67 -40.60
CA THR B 364 -5.16 -42.40 -40.26
C THR B 364 -5.12 -41.25 -39.27
N TRP B 365 -4.49 -41.46 -38.11
CA TRP B 365 -4.37 -40.33 -37.20
C TRP B 365 -3.48 -39.24 -37.77
N ARG B 366 -2.62 -39.59 -38.71
CA ARG B 366 -1.71 -38.61 -39.27
C ARG B 366 -2.45 -37.59 -40.15
N ALA B 367 -3.53 -38.02 -40.85
CA ALA B 367 -4.28 -37.11 -41.71
C ALA B 367 -4.96 -35.99 -40.95
N SER B 368 -5.35 -36.26 -39.70
CA SER B 368 -6.05 -35.33 -38.83
C SER B 368 -5.19 -34.16 -38.36
N ILE B 369 -3.85 -34.28 -38.39
CA ILE B 369 -3.01 -33.13 -38.06
C ILE B 369 -3.20 -32.02 -39.08
N ILE B 370 -3.66 -32.36 -40.28
CA ILE B 370 -3.78 -31.37 -41.33
C ILE B 370 -4.80 -30.33 -40.87
N PRO B 371 -6.06 -30.67 -40.55
CA PRO B 371 -6.93 -29.65 -39.96
C PRO B 371 -6.43 -29.11 -38.63
N LEU B 372 -5.86 -29.97 -37.78
CA LEU B 372 -5.45 -29.56 -36.45
C LEU B 372 -4.55 -28.34 -36.50
N ILE B 373 -3.65 -28.26 -37.47
CA ILE B 373 -2.83 -27.06 -37.59
C ILE B 373 -3.47 -26.04 -38.54
N ALA B 374 -4.12 -26.48 -39.62
CA ALA B 374 -4.54 -25.52 -40.63
C ALA B 374 -5.62 -24.59 -40.10
N VAL B 375 -6.59 -25.15 -39.38
CA VAL B 375 -7.72 -24.36 -38.90
C VAL B 375 -7.28 -23.28 -37.93
N PRO B 376 -6.57 -23.57 -36.82
CA PRO B 376 -6.11 -22.47 -35.97
C PRO B 376 -5.25 -21.48 -36.71
N VAL B 377 -4.37 -21.91 -37.60
CA VAL B 377 -3.54 -20.94 -38.27
C VAL B 377 -4.41 -19.96 -39.06
N SER B 378 -5.41 -20.48 -39.77
CA SER B 378 -6.29 -19.58 -40.54
C SER B 378 -7.05 -18.63 -39.61
N ILE B 379 -7.73 -19.18 -38.60
CA ILE B 379 -8.58 -18.37 -37.75
C ILE B 379 -7.74 -17.34 -36.98
N VAL B 380 -6.70 -17.80 -36.29
CA VAL B 380 -5.83 -16.87 -35.54
C VAL B 380 -5.23 -15.83 -36.48
N GLY B 381 -4.83 -16.25 -37.68
CA GLY B 381 -4.22 -15.31 -38.60
C GLY B 381 -5.16 -14.22 -39.05
N THR B 382 -6.46 -14.52 -39.08
CA THR B 382 -7.43 -13.51 -39.49
C THR B 382 -7.29 -12.21 -38.69
N PHE B 383 -6.91 -12.29 -37.41
CA PHE B 383 -6.86 -11.09 -36.57
C PHE B 383 -5.92 -10.03 -37.14
N SER B 384 -4.81 -10.44 -37.77
CA SER B 384 -3.86 -9.44 -38.28
C SER B 384 -4.44 -8.63 -39.45
N LEU B 385 -5.08 -9.29 -40.40
CA LEU B 385 -5.72 -8.51 -41.46
C LEU B 385 -6.91 -7.72 -40.92
N LEU B 386 -7.63 -8.27 -39.93
CA LEU B 386 -8.72 -7.56 -39.28
C LEU B 386 -8.22 -6.26 -38.66
N LEU B 387 -7.06 -6.32 -38.00
CA LEU B 387 -6.43 -5.11 -37.48
C LEU B 387 -6.08 -4.16 -38.61
N LEU B 388 -5.43 -4.65 -39.66
CA LEU B 388 -4.94 -3.75 -40.71
C LEU B 388 -6.06 -2.92 -41.29
N PHE B 389 -7.26 -3.48 -41.42
CA PHE B 389 -8.37 -2.76 -41.98
C PHE B 389 -9.14 -1.97 -40.92
N GLY B 390 -8.56 -1.80 -39.74
CA GLY B 390 -9.18 -1.06 -38.66
C GLY B 390 -10.52 -1.62 -38.24
N TYR B 391 -10.63 -2.92 -38.15
CA TYR B 391 -11.79 -3.54 -37.55
C TYR B 391 -11.50 -3.77 -36.08
N SER B 392 -12.37 -4.54 -35.45
CA SER B 392 -12.29 -4.75 -34.02
C SER B 392 -12.87 -6.12 -33.66
N ILE B 393 -12.55 -6.56 -32.45
CA ILE B 393 -13.18 -7.72 -31.85
C ILE B 393 -14.48 -7.21 -31.24
N ASN B 394 -15.58 -7.35 -31.97
CA ASN B 394 -16.93 -7.12 -31.45
C ASN B 394 -17.74 -8.42 -31.57
N ALA B 395 -18.96 -8.42 -31.03
CA ALA B 395 -19.75 -9.65 -31.03
C ALA B 395 -20.03 -10.12 -32.46
N LEU B 396 -20.29 -9.17 -33.35
CA LEU B 396 -20.56 -9.53 -34.74
C LEU B 396 -19.34 -10.17 -35.37
N SER B 397 -18.16 -9.58 -35.17
CA SER B 397 -17.00 -10.15 -35.84
C SER B 397 -16.64 -11.51 -35.25
N LEU B 398 -16.86 -11.70 -33.93
CA LEU B 398 -16.63 -13.02 -33.34
C LEU B 398 -17.58 -14.06 -33.92
N PHE B 399 -18.84 -13.67 -34.11
CA PHE B 399 -19.79 -14.56 -34.77
C PHE B 399 -19.34 -14.84 -36.21
N GLY B 400 -18.82 -13.83 -36.89
CA GLY B 400 -18.25 -14.05 -38.19
C GLY B 400 -17.19 -15.12 -38.15
N MET B 401 -16.34 -15.08 -37.12
CA MET B 401 -15.27 -16.06 -37.01
C MET B 401 -15.82 -17.47 -36.80
N VAL B 402 -16.85 -17.60 -35.95
CA VAL B 402 -17.40 -18.95 -35.73
C VAL B 402 -17.98 -19.49 -37.03
N LEU B 403 -18.63 -18.63 -37.82
CA LEU B 403 -19.10 -19.16 -39.10
C LEU B 403 -17.91 -19.48 -40.01
N ALA B 404 -16.85 -18.69 -39.94
CA ALA B 404 -15.69 -18.94 -40.79
C ALA B 404 -15.01 -20.25 -40.47
N ILE B 405 -15.11 -20.69 -39.21
CA ILE B 405 -14.53 -21.97 -38.81
C ILE B 405 -15.00 -23.08 -39.73
N GLY B 406 -16.29 -23.04 -40.10
CA GLY B 406 -16.81 -24.04 -41.02
C GLY B 406 -16.11 -24.06 -42.37
N ILE B 407 -15.93 -22.87 -42.95
CA ILE B 407 -15.28 -22.76 -44.25
C ILE B 407 -13.80 -23.17 -44.16
N VAL B 408 -13.12 -22.78 -43.10
CA VAL B 408 -11.70 -23.14 -42.97
C VAL B 408 -11.54 -24.66 -42.78
N VAL B 409 -12.41 -25.26 -41.96
CA VAL B 409 -12.41 -26.70 -41.76
C VAL B 409 -12.70 -27.43 -43.07
N ASP B 410 -13.66 -26.91 -43.86
CA ASP B 410 -13.94 -27.54 -45.15
C ASP B 410 -12.71 -27.51 -46.05
N ASP B 411 -12.00 -26.38 -46.05
CA ASP B 411 -10.78 -26.28 -46.85
C ASP B 411 -9.79 -27.38 -46.48
N ALA B 412 -9.51 -27.52 -45.18
CA ALA B 412 -8.54 -28.53 -44.76
C ALA B 412 -9.02 -29.93 -45.16
N ILE B 413 -10.30 -30.22 -44.96
CA ILE B 413 -10.82 -31.53 -45.33
C ILE B 413 -10.59 -31.77 -46.82
N VAL B 414 -10.89 -30.78 -47.66
CA VAL B 414 -10.77 -30.98 -49.11
C VAL B 414 -9.34 -31.33 -49.48
N VAL B 415 -8.35 -30.56 -48.98
CA VAL B 415 -6.96 -30.86 -49.34
C VAL B 415 -6.52 -32.24 -48.82
N VAL B 416 -6.77 -32.53 -47.54
CA VAL B 416 -6.20 -33.78 -47.01
C VAL B 416 -6.93 -34.99 -47.58
N GLU B 417 -8.25 -34.89 -47.79
CA GLU B 417 -8.95 -36.01 -48.39
C GLU B 417 -8.46 -36.25 -49.81
N ASN B 418 -8.18 -35.18 -50.57
CA ASN B 418 -7.70 -35.42 -51.92
C ASN B 418 -6.34 -36.12 -51.91
N VAL B 419 -5.42 -35.66 -51.07
CA VAL B 419 -4.12 -36.30 -51.04
C VAL B 419 -4.26 -37.76 -50.61
N GLU B 420 -5.06 -37.99 -49.56
CA GLU B 420 -5.22 -39.36 -49.07
C GLU B 420 -5.88 -40.25 -50.11
N ARG B 421 -6.82 -39.71 -50.87
CA ARG B 421 -7.45 -40.49 -51.93
C ARG B 421 -6.42 -40.90 -52.97
N ASN B 422 -5.56 -39.96 -53.39
CA ASN B 422 -4.52 -40.33 -54.34
C ASN B 422 -3.60 -41.41 -53.76
N ILE B 423 -3.26 -41.30 -52.47
CA ILE B 423 -2.43 -42.32 -51.83
C ILE B 423 -3.13 -43.68 -51.86
N GLU B 424 -4.45 -43.70 -51.61
CA GLU B 424 -5.19 -44.96 -51.65
C GLU B 424 -5.20 -45.55 -53.04
N ASN B 425 -4.91 -44.74 -54.06
CA ASN B 425 -4.66 -45.22 -55.40
C ASN B 425 -3.24 -45.72 -55.58
N GLY B 426 -2.53 -45.96 -54.48
CA GLY B 426 -1.21 -46.56 -54.51
C GLY B 426 -0.03 -45.64 -54.70
N LEU B 427 -0.24 -44.32 -54.74
CA LEU B 427 0.87 -43.40 -54.85
C LEU B 427 1.59 -43.21 -53.52
N THR B 428 2.77 -42.59 -53.60
CA THR B 428 3.58 -42.19 -52.46
C THR B 428 3.12 -40.81 -51.94
N ALA B 429 3.52 -40.48 -50.71
CA ALA B 429 3.04 -39.23 -50.10
C ALA B 429 3.42 -38.03 -50.95
N ARG B 430 4.70 -37.91 -51.28
CA ARG B 430 5.14 -36.78 -52.11
C ARG B 430 4.40 -36.77 -53.46
N ALA B 431 4.32 -37.92 -54.14
CA ALA B 431 3.70 -37.95 -55.47
C ALA B 431 2.19 -37.71 -55.41
N ALA B 432 1.52 -38.32 -54.42
CA ALA B 432 0.09 -38.12 -54.27
C ALA B 432 -0.21 -36.68 -53.85
N THR B 433 0.64 -36.07 -53.03
CA THR B 433 0.44 -34.67 -52.70
C THR B 433 0.56 -33.81 -53.95
N TYR B 434 1.58 -34.05 -54.80
CA TYR B 434 1.68 -33.32 -56.06
C TYR B 434 0.42 -33.44 -56.89
N LYS B 435 -0.04 -34.68 -57.09
CA LYS B 435 -1.20 -34.90 -57.97
C LYS B 435 -2.45 -34.23 -57.40
N ALA B 436 -2.73 -34.44 -56.11
CA ALA B 436 -3.93 -33.87 -55.50
C ALA B 436 -3.89 -32.35 -55.56
N MET B 437 -2.71 -31.75 -55.32
CA MET B 437 -2.63 -30.30 -55.42
C MET B 437 -2.79 -29.81 -56.86
N GLN B 438 -2.29 -30.54 -57.85
CA GLN B 438 -2.62 -30.15 -59.23
C GLN B 438 -4.11 -30.28 -59.50
N GLU B 439 -4.77 -31.24 -58.87
CA GLU B 439 -6.22 -31.38 -59.02
C GLU B 439 -6.99 -30.21 -58.39
N VAL B 440 -6.57 -29.68 -57.25
CA VAL B 440 -7.42 -28.73 -56.55
C VAL B 440 -6.90 -27.29 -56.52
N SER B 441 -5.62 -27.05 -56.79
CA SER B 441 -5.08 -25.70 -56.53
C SER B 441 -5.78 -24.62 -57.36
N GLY B 442 -6.16 -24.93 -58.59
CA GLY B 442 -6.94 -24.00 -59.36
C GLY B 442 -8.30 -23.75 -58.73
N PRO B 443 -9.07 -24.81 -58.48
CA PRO B 443 -10.35 -24.63 -57.80
C PRO B 443 -10.21 -23.93 -56.46
N ILE B 444 -9.10 -24.11 -55.76
CA ILE B 444 -8.97 -23.46 -54.46
C ILE B 444 -8.95 -21.94 -54.61
N ILE B 445 -8.17 -21.44 -55.57
CA ILE B 445 -8.09 -20.02 -55.88
C ILE B 445 -9.44 -19.50 -56.37
N ALA B 446 -10.08 -20.25 -57.26
CA ALA B 446 -11.39 -19.82 -57.73
C ALA B 446 -12.44 -19.80 -56.61
N ILE B 447 -12.43 -20.78 -55.68
CA ILE B 447 -13.44 -20.73 -54.61
C ILE B 447 -13.14 -19.58 -53.66
N ALA B 448 -11.87 -19.30 -53.39
CA ALA B 448 -11.56 -18.12 -52.59
C ALA B 448 -12.18 -16.89 -53.21
N LEU B 449 -11.93 -16.71 -54.52
CA LEU B 449 -12.50 -15.57 -55.22
C LEU B 449 -14.03 -15.59 -55.18
N THR B 450 -14.65 -16.75 -55.35
CA THR B 450 -16.11 -16.80 -55.32
C THR B 450 -16.63 -16.43 -53.94
N LEU B 451 -15.96 -16.89 -52.89
CA LEU B 451 -16.42 -16.56 -51.55
C LEU B 451 -16.26 -15.07 -51.28
N VAL B 452 -15.12 -14.49 -51.69
CA VAL B 452 -14.96 -13.04 -51.60
C VAL B 452 -16.08 -12.35 -52.37
N ALA B 453 -16.38 -12.82 -53.58
CA ALA B 453 -17.43 -12.20 -54.40
C ALA B 453 -18.80 -12.34 -53.78
N VAL B 454 -19.01 -13.36 -52.98
CA VAL B 454 -20.29 -13.43 -52.28
C VAL B 454 -20.30 -12.47 -51.10
N PHE B 455 -19.21 -12.41 -50.34
CA PHE B 455 -19.30 -11.80 -49.01
C PHE B 455 -18.90 -10.33 -48.99
N VAL B 456 -17.78 -9.95 -49.62
CA VAL B 456 -17.29 -8.57 -49.65
C VAL B 456 -18.33 -7.56 -50.16
N PRO B 457 -19.12 -7.84 -51.20
CA PRO B 457 -20.21 -6.89 -51.54
C PRO B 457 -21.12 -6.58 -50.38
N LEU B 458 -21.38 -7.54 -49.50
CA LEU B 458 -22.25 -7.30 -48.35
C LEU B 458 -21.69 -6.20 -47.47
N ALA B 459 -20.36 -6.10 -47.36
CA ALA B 459 -19.75 -5.07 -46.53
C ALA B 459 -20.02 -3.69 -47.07
N PHE B 460 -20.40 -3.57 -48.34
CA PHE B 460 -20.69 -2.28 -48.94
C PHE B 460 -22.18 -1.95 -48.91
N MET B 461 -22.91 -2.38 -47.89
CA MET B 461 -24.28 -1.91 -47.79
C MET B 461 -24.35 -0.60 -47.00
N SER B 462 -25.54 -0.03 -46.94
CA SER B 462 -25.73 1.29 -46.37
C SER B 462 -26.47 1.21 -45.05
N GLY B 463 -26.05 2.05 -44.11
CA GLY B 463 -26.79 2.14 -42.88
C GLY B 463 -26.42 1.09 -41.86
N LEU B 464 -27.37 0.85 -40.96
CA LEU B 464 -27.18 -0.04 -39.82
C LEU B 464 -27.00 -1.49 -40.25
N THR B 465 -27.82 -1.96 -41.19
CA THR B 465 -27.65 -3.31 -41.71
C THR B 465 -26.27 -3.47 -42.31
N GLY B 466 -25.87 -2.48 -43.12
CA GLY B 466 -24.55 -2.48 -43.72
C GLY B 466 -23.45 -2.51 -42.68
N GLN B 467 -23.64 -1.78 -41.59
CA GLN B 467 -22.59 -1.72 -40.59
C GLN B 467 -22.42 -3.05 -39.88
N PHE B 468 -23.50 -3.83 -39.74
CA PHE B 468 -23.38 -5.19 -39.15
C PHE B 468 -22.76 -6.18 -40.14
N TYR B 469 -23.28 -6.21 -41.37
CA TYR B 469 -22.76 -7.13 -42.37
C TYR B 469 -21.30 -6.86 -42.64
N LYS B 470 -20.89 -5.60 -42.56
CA LYS B 470 -19.48 -5.28 -42.76
C LYS B 470 -18.60 -6.15 -41.86
N GLN B 471 -18.98 -6.27 -40.58
CA GLN B 471 -18.23 -7.09 -39.62
C GLN B 471 -18.24 -8.56 -40.01
N PHE B 472 -19.44 -9.12 -40.23
CA PHE B 472 -19.53 -10.53 -40.61
C PHE B 472 -18.66 -10.83 -41.84
N ALA B 473 -18.94 -10.12 -42.93
CA ALA B 473 -18.36 -10.38 -44.23
C ALA B 473 -16.85 -10.13 -44.26
N MET B 474 -16.38 -9.01 -43.69
CA MET B 474 -14.93 -8.80 -43.69
C MET B 474 -14.21 -9.91 -42.94
N THR B 475 -14.76 -10.32 -41.79
CA THR B 475 -14.10 -11.39 -41.04
C THR B 475 -14.06 -12.67 -41.85
N ILE B 476 -15.19 -13.06 -42.45
CA ILE B 476 -15.23 -14.30 -43.23
C ILE B 476 -14.31 -14.21 -44.44
N ALA B 477 -14.34 -13.08 -45.16
CA ALA B 477 -13.51 -12.94 -46.35
C ALA B 477 -12.03 -13.05 -46.01
N ILE B 478 -11.60 -12.40 -44.94
CA ILE B 478 -10.20 -12.50 -44.56
C ILE B 478 -9.86 -13.96 -44.26
N SER B 479 -10.71 -14.62 -43.46
CA SER B 479 -10.42 -15.99 -43.11
C SER B 479 -10.37 -16.86 -44.35
N THR B 480 -11.25 -16.58 -45.31
CA THR B 480 -11.31 -17.37 -46.53
C THR B 480 -10.02 -17.23 -47.33
N VAL B 481 -9.56 -16.00 -47.52
CA VAL B 481 -8.32 -15.78 -48.24
C VAL B 481 -7.16 -16.44 -47.52
N ILE B 482 -7.05 -16.26 -46.19
CA ILE B 482 -5.94 -16.88 -45.45
C ILE B 482 -5.98 -18.40 -45.54
N SER B 483 -7.18 -18.99 -45.36
CA SER B 483 -7.32 -20.43 -45.43
C SER B 483 -6.94 -20.95 -46.79
N ALA B 484 -7.36 -20.25 -47.85
CA ALA B 484 -6.94 -20.64 -49.20
C ALA B 484 -5.42 -20.66 -49.31
N PHE B 485 -4.77 -19.59 -48.85
CA PHE B 485 -3.31 -19.55 -48.91
C PHE B 485 -2.70 -20.72 -48.14
N ASN B 486 -3.27 -21.06 -46.99
CA ASN B 486 -2.76 -22.19 -46.25
C ASN B 486 -3.04 -23.48 -46.99
N SER B 487 -4.17 -23.52 -47.70
CA SER B 487 -4.58 -24.67 -48.48
C SER B 487 -3.63 -24.95 -49.63
N LEU B 488 -2.91 -23.92 -50.10
CA LEU B 488 -1.95 -24.08 -51.17
C LEU B 488 -0.53 -24.27 -50.71
N THR B 489 -0.19 -23.89 -49.49
CA THR B 489 1.20 -23.99 -49.03
C THR B 489 1.35 -24.97 -47.87
N LEU B 490 0.64 -24.72 -46.77
CA LEU B 490 0.92 -25.40 -45.52
C LEU B 490 0.22 -26.75 -45.44
N SER B 491 -1.05 -26.82 -45.85
CA SER B 491 -1.74 -28.11 -45.79
C SER B 491 -1.10 -29.18 -46.68
N PRO B 492 -0.81 -28.94 -47.98
CA PRO B 492 -0.15 -29.97 -48.78
C PRO B 492 1.25 -30.31 -48.30
N ALA B 493 2.04 -29.33 -47.86
CA ALA B 493 3.37 -29.65 -47.34
C ALA B 493 3.26 -30.55 -46.11
N LEU B 494 2.34 -30.22 -45.20
CA LEU B 494 2.16 -31.07 -44.04
C LEU B 494 1.76 -32.48 -44.43
N SER B 495 0.83 -32.62 -45.36
CA SER B 495 0.35 -33.95 -45.70
C SER B 495 1.39 -34.73 -46.49
N ALA B 496 2.23 -34.04 -47.27
CA ALA B 496 3.33 -34.73 -47.93
C ALA B 496 4.34 -35.28 -46.91
N ILE B 497 4.62 -34.52 -45.85
CA ILE B 497 5.60 -35.01 -44.89
C ILE B 497 5.00 -35.94 -43.83
N LEU B 498 3.67 -36.01 -43.69
CA LEU B 498 3.04 -36.80 -42.62
C LEU B 498 2.17 -37.97 -43.06
N LEU B 499 1.60 -37.96 -44.26
CA LEU B 499 0.72 -39.06 -44.65
C LEU B 499 1.55 -40.29 -45.03
N LYS B 500 1.14 -41.44 -44.50
CA LYS B 500 1.82 -42.68 -44.84
C LYS B 500 1.30 -43.18 -46.18
N GLY B 501 2.23 -43.53 -47.07
CA GLY B 501 1.92 -44.23 -48.30
C GLY B 501 1.71 -45.70 -48.07
N HIS B 502 1.39 -46.42 -49.15
CA HIS B 502 1.28 -47.87 -49.06
C HIS B 502 2.65 -48.44 -48.67
N GLY B 503 2.65 -49.34 -47.71
CA GLY B 503 3.86 -49.73 -47.00
C GLY B 503 3.95 -48.95 -45.71
N ASP B 504 5.17 -48.81 -45.18
CA ASP B 504 5.52 -47.94 -44.04
C ASP B 504 4.43 -47.73 -42.99
N LYS B 505 4.03 -48.76 -42.24
CA LYS B 505 2.92 -48.69 -41.28
C LYS B 505 3.39 -48.91 -39.84
N GLU B 506 2.41 -48.92 -38.92
CA GLU B 506 2.42 -49.23 -37.48
C GLU B 506 3.01 -48.17 -36.51
N ASP B 507 3.65 -47.10 -36.99
CA ASP B 507 4.80 -46.53 -36.27
C ASP B 507 4.75 -46.55 -34.75
N TRP B 508 3.89 -45.79 -34.10
CA TRP B 508 3.78 -45.91 -32.65
C TRP B 508 2.32 -45.95 -32.27
N LEU B 509 1.53 -45.07 -32.88
CA LEU B 509 0.13 -44.84 -32.54
C LEU B 509 -0.82 -45.48 -33.53
N THR B 510 -0.43 -45.53 -34.81
CA THR B 510 -1.29 -46.15 -35.84
C THR B 510 -1.57 -47.62 -35.49
N ARG B 511 -0.57 -48.32 -35.01
CA ARG B 511 -0.80 -49.72 -34.66
C ARG B 511 -1.82 -49.82 -33.52
N VAL B 512 -1.67 -48.99 -32.48
CA VAL B 512 -2.60 -49.10 -31.37
C VAL B 512 -4.00 -48.67 -31.80
N MET B 513 -4.09 -47.63 -32.64
CA MET B 513 -5.38 -47.16 -33.10
C MET B 513 -6.10 -48.23 -33.89
N ASN B 514 -5.39 -48.92 -34.77
CA ASN B 514 -6.03 -50.00 -35.48
C ASN B 514 -6.45 -51.10 -34.51
N ARG B 515 -5.58 -51.43 -33.55
CA ARG B 515 -5.91 -52.44 -32.55
C ARG B 515 -7.18 -52.09 -31.78
N VAL B 516 -7.32 -50.82 -31.38
CA VAL B 516 -8.40 -50.46 -30.48
C VAL B 516 -9.69 -50.19 -31.24
N LEU B 517 -9.61 -49.72 -32.49
CA LEU B 517 -10.78 -49.28 -33.23
C LEU B 517 -11.03 -50.08 -34.50
N GLY B 518 -10.39 -51.24 -34.68
CA GLY B 518 -10.50 -51.96 -35.94
C GLY B 518 -11.91 -52.44 -36.24
N GLY B 519 -12.61 -52.91 -35.21
CA GLY B 519 -14.00 -53.30 -35.42
C GLY B 519 -14.84 -52.13 -35.87
N PHE B 520 -14.69 -50.98 -35.19
CA PHE B 520 -15.42 -49.80 -35.61
C PHE B 520 -15.05 -49.38 -37.02
N PHE B 521 -13.75 -49.39 -37.34
CA PHE B 521 -13.31 -49.02 -38.68
C PHE B 521 -13.97 -49.90 -39.71
N ARG B 522 -13.91 -51.21 -39.49
CA ARG B 522 -14.44 -52.17 -40.46
C ARG B 522 -15.93 -52.01 -40.64
N GLY B 523 -16.67 -51.82 -39.56
CA GLY B 523 -18.09 -51.60 -39.70
C GLY B 523 -18.44 -50.32 -40.43
N PHE B 524 -17.81 -49.20 -40.05
CA PHE B 524 -18.08 -47.93 -40.72
C PHE B 524 -17.67 -48.00 -42.18
N ASN B 525 -16.54 -48.63 -42.48
CA ASN B 525 -16.19 -48.79 -43.88
C ASN B 525 -17.26 -49.59 -44.61
N LYS B 526 -17.78 -50.64 -43.97
CA LYS B 526 -18.82 -51.45 -44.61
C LYS B 526 -20.05 -50.61 -44.95
N VAL B 527 -20.54 -49.84 -43.97
CA VAL B 527 -21.76 -49.07 -44.20
C VAL B 527 -21.49 -47.92 -45.14
N PHE B 528 -20.29 -47.34 -45.07
CA PHE B 528 -19.95 -46.25 -45.97
C PHE B 528 -19.86 -46.76 -47.41
N HIS B 529 -19.33 -47.99 -47.58
CA HIS B 529 -19.25 -48.58 -48.90
C HIS B 529 -20.65 -48.74 -49.47
N ARG B 530 -21.53 -49.36 -48.67
CA ARG B 530 -22.94 -49.54 -49.07
C ARG B 530 -23.55 -48.22 -49.49
N GLY B 531 -23.40 -47.17 -48.65
CA GLY B 531 -24.02 -45.90 -48.99
C GLY B 531 -23.49 -45.32 -50.29
N ALA B 532 -22.17 -45.43 -50.52
CA ALA B 532 -21.59 -44.92 -51.74
C ALA B 532 -22.22 -45.58 -52.98
N GLU B 533 -22.38 -46.94 -53.02
CA GLU B 533 -22.97 -47.52 -54.25
C GLU B 533 -24.45 -47.15 -54.35
N ASN B 534 -25.22 -47.12 -53.25
CA ASN B 534 -26.61 -46.68 -53.42
C ASN B 534 -26.70 -45.23 -53.91
N TYR B 535 -25.82 -44.37 -53.44
CA TYR B 535 -25.80 -43.02 -53.98
C TYR B 535 -25.50 -43.05 -55.48
N GLY B 536 -24.56 -43.87 -55.91
CA GLY B 536 -24.28 -43.93 -57.34
C GLY B 536 -25.51 -44.31 -58.14
N ARG B 537 -26.25 -45.32 -57.65
CA ARG B 537 -27.52 -45.67 -58.26
C ARG B 537 -28.47 -44.47 -58.30
N GLY B 538 -28.56 -43.72 -57.19
CA GLY B 538 -29.48 -42.59 -57.17
C GLY B 538 -29.12 -41.52 -58.17
N VAL B 539 -27.82 -41.24 -58.31
CA VAL B 539 -27.37 -40.26 -59.30
C VAL B 539 -27.74 -40.75 -60.69
N ARG B 540 -27.57 -42.06 -60.95
CA ARG B 540 -27.96 -42.59 -62.25
C ARG B 540 -29.46 -42.45 -62.49
N GLY B 541 -30.27 -42.71 -61.46
CA GLY B 541 -31.71 -42.55 -61.62
C GLY B 541 -32.10 -41.12 -61.94
N VAL B 542 -31.57 -40.16 -61.18
CA VAL B 542 -31.93 -38.78 -61.42
C VAL B 542 -31.41 -38.33 -62.79
N LEU B 543 -30.23 -38.81 -63.17
CA LEU B 543 -29.69 -38.46 -64.47
C LEU B 543 -30.51 -39.05 -65.60
N SER B 544 -31.18 -40.18 -65.36
CA SER B 544 -32.09 -40.71 -66.37
C SER B 544 -33.34 -39.83 -66.46
N ARG B 545 -33.97 -39.54 -65.32
CA ARG B 545 -35.15 -38.67 -65.35
C ARG B 545 -34.81 -37.20 -65.06
N LYS B 546 -33.83 -36.70 -65.80
CA LYS B 546 -33.35 -35.32 -65.66
C LYS B 546 -34.48 -34.31 -65.81
N ALA B 547 -35.42 -34.56 -66.72
CA ALA B 547 -36.51 -33.60 -66.91
C ALA B 547 -37.41 -33.55 -65.68
N VAL B 548 -37.73 -34.71 -65.11
CA VAL B 548 -38.49 -34.74 -63.85
C VAL B 548 -37.75 -33.99 -62.76
N MET B 549 -36.44 -34.19 -62.68
CA MET B 549 -35.64 -33.45 -61.70
C MET B 549 -35.77 -31.95 -61.90
N LEU B 550 -35.69 -31.49 -63.14
CA LEU B 550 -35.85 -30.06 -63.39
C LEU B 550 -37.21 -29.58 -62.92
N GLY B 551 -38.24 -30.39 -63.14
CA GLY B 551 -39.56 -30.01 -62.65
C GLY B 551 -39.60 -29.84 -61.14
N LEU B 552 -39.07 -30.83 -60.42
CA LEU B 552 -39.00 -30.72 -58.97
C LEU B 552 -38.21 -29.49 -58.55
N TYR B 553 -37.15 -29.16 -59.29
CA TYR B 553 -36.34 -28.00 -58.95
C TYR B 553 -37.12 -26.70 -59.11
N LEU B 554 -37.92 -26.61 -60.18
CA LEU B 554 -38.74 -25.41 -60.35
C LEU B 554 -39.78 -25.30 -59.23
N VAL B 555 -40.38 -26.43 -58.85
CA VAL B 555 -41.29 -26.45 -57.70
C VAL B 555 -40.57 -25.94 -56.46
N LEU B 556 -39.37 -26.44 -56.22
CA LEU B 556 -38.65 -26.08 -55.01
C LEU B 556 -38.21 -24.63 -55.02
N VAL B 557 -37.90 -24.07 -56.20
CA VAL B 557 -37.61 -22.64 -56.28
C VAL B 557 -38.83 -21.85 -55.85
N GLY B 558 -40.01 -22.27 -56.32
CA GLY B 558 -41.22 -21.64 -55.83
C GLY B 558 -41.35 -21.73 -54.32
N ALA B 559 -41.11 -22.93 -53.78
CA ALA B 559 -41.18 -23.12 -52.34
C ALA B 559 -40.18 -22.23 -51.62
N THR B 560 -39.01 -21.98 -52.22
CA THR B 560 -38.06 -21.07 -51.59
C THR B 560 -38.61 -19.66 -51.50
N LEU B 561 -39.22 -19.18 -52.60
CA LEU B 561 -39.87 -17.87 -52.52
C LEU B 561 -40.96 -17.83 -51.46
N MET B 562 -41.78 -18.88 -51.43
CA MET B 562 -42.91 -18.90 -50.49
C MET B 562 -42.43 -18.87 -49.04
N VAL B 563 -41.45 -19.73 -48.71
CA VAL B 563 -40.95 -19.78 -47.33
C VAL B 563 -40.16 -18.54 -46.99
N SER B 564 -39.52 -17.92 -47.99
CA SER B 564 -38.86 -16.65 -47.75
C SER B 564 -39.88 -15.59 -47.32
N LYS B 565 -41.07 -15.59 -47.95
CA LYS B 565 -42.09 -14.63 -47.56
C LYS B 565 -42.95 -15.10 -46.39
N ILE B 566 -42.90 -16.37 -46.01
CA ILE B 566 -43.71 -16.89 -44.90
C ILE B 566 -43.00 -16.71 -43.56
N VAL B 567 -41.69 -16.85 -43.54
CA VAL B 567 -40.96 -16.63 -42.28
C VAL B 567 -40.92 -15.13 -42.00
N PRO B 568 -41.32 -14.68 -40.82
CA PRO B 568 -41.36 -13.23 -40.56
C PRO B 568 -39.96 -12.67 -40.45
N GLY B 569 -39.79 -11.47 -41.00
CA GLY B 569 -38.49 -10.84 -40.98
C GLY B 569 -38.12 -10.33 -39.60
N GLY B 570 -36.82 -10.16 -39.40
CA GLY B 570 -36.28 -9.70 -38.14
C GLY B 570 -35.02 -8.93 -38.39
N PHE B 571 -34.47 -8.36 -37.32
CA PHE B 571 -33.23 -7.64 -37.53
C PHE B 571 -32.18 -8.01 -36.51
N VAL B 572 -32.42 -7.78 -35.23
CA VAL B 572 -31.43 -8.11 -34.21
C VAL B 572 -32.21 -8.56 -33.00
N PRO B 573 -32.18 -9.86 -32.69
CA PRO B 573 -33.13 -10.43 -31.73
C PRO B 573 -32.98 -9.89 -30.31
N ALA B 574 -34.00 -10.18 -29.50
CA ALA B 574 -34.06 -9.70 -28.14
C ALA B 574 -33.13 -10.53 -27.25
N GLN B 575 -32.20 -9.86 -26.59
CA GLN B 575 -31.24 -10.51 -25.71
C GLN B 575 -31.48 -10.01 -24.29
N ASP B 576 -31.48 -10.93 -23.33
CA ASP B 576 -31.51 -10.58 -21.92
C ASP B 576 -30.24 -9.80 -21.61
N LYS B 577 -30.33 -8.50 -21.36
CA LYS B 577 -29.11 -7.74 -21.11
C LYS B 577 -28.84 -7.60 -19.62
N GLU B 578 -29.54 -8.37 -18.78
CA GLU B 578 -29.38 -8.48 -17.33
C GLU B 578 -29.93 -7.28 -16.56
N TYR B 579 -30.88 -6.55 -17.13
CA TYR B 579 -31.62 -5.54 -16.38
C TYR B 579 -32.92 -5.21 -17.10
N LEU B 580 -33.83 -4.63 -16.35
CA LEU B 580 -35.09 -4.08 -16.83
C LEU B 580 -35.10 -2.58 -16.53
N ILE B 581 -35.96 -1.83 -17.21
CA ILE B 581 -36.17 -0.42 -16.93
C ILE B 581 -37.62 -0.23 -16.52
N ALA B 582 -37.85 0.09 -15.24
CA ALA B 582 -39.17 0.50 -14.77
C ALA B 582 -39.27 2.04 -14.81
N PHE B 583 -40.35 2.55 -15.42
CA PHE B 583 -40.64 3.98 -15.48
C PHE B 583 -41.80 4.28 -14.55
N ALA B 584 -41.70 5.40 -13.84
CA ALA B 584 -42.77 5.91 -12.99
C ALA B 584 -43.14 7.29 -13.49
N GLN B 585 -44.41 7.48 -13.81
CA GLN B 585 -44.97 8.79 -14.13
C GLN B 585 -46.11 9.08 -13.17
N LEU B 586 -45.96 10.10 -12.37
CA LEU B 586 -46.96 10.47 -11.35
C LEU B 586 -47.96 11.40 -12.02
N PRO B 587 -48.99 11.89 -11.32
CA PRO B 587 -49.88 12.88 -11.95
C PRO B 587 -49.13 14.16 -12.28
N ASN B 588 -49.52 14.77 -13.38
CA ASN B 588 -48.74 15.87 -13.95
C ASN B 588 -48.51 17.01 -12.97
N GLY B 589 -47.26 17.43 -12.86
CA GLY B 589 -46.85 18.49 -11.96
C GLY B 589 -46.62 18.06 -10.53
N ALA B 590 -46.71 16.77 -10.24
CA ALA B 590 -46.44 16.31 -8.89
C ALA B 590 -45.01 16.69 -8.48
N SER B 591 -44.80 16.80 -7.17
CA SER B 591 -43.49 17.16 -6.63
C SER B 591 -42.53 15.97 -6.67
N LEU B 592 -41.22 16.29 -6.69
CA LEU B 592 -40.16 15.28 -6.64
C LEU B 592 -40.19 14.47 -5.34
N ASP B 593 -40.74 15.02 -4.25
CA ASP B 593 -40.81 14.21 -3.03
C ASP B 593 -41.83 13.10 -3.20
N ARG B 594 -42.96 13.40 -3.81
CA ARG B 594 -43.93 12.35 -4.15
C ARG B 594 -43.29 11.29 -5.06
N THR B 595 -42.52 11.72 -6.05
CA THR B 595 -41.85 10.78 -6.93
C THR B 595 -40.84 9.95 -6.17
N GLU B 596 -40.06 10.54 -5.26
CA GLU B 596 -39.07 9.73 -4.57
C GLU B 596 -39.75 8.67 -3.73
N LYS B 597 -40.92 8.97 -3.20
CA LYS B 597 -41.63 7.92 -2.48
C LYS B 597 -42.08 6.79 -3.44
N VAL B 598 -42.61 7.14 -4.61
CA VAL B 598 -43.01 6.09 -5.55
C VAL B 598 -41.81 5.25 -6.00
N ILE B 599 -40.69 5.91 -6.27
CA ILE B 599 -39.48 5.23 -6.72
C ILE B 599 -38.94 4.28 -5.64
N ARG B 600 -38.93 4.71 -4.38
CA ARG B 600 -38.47 3.83 -3.32
C ARG B 600 -39.38 2.60 -3.20
N ASP B 601 -40.69 2.82 -3.31
CA ASP B 601 -41.59 1.66 -3.25
C ASP B 601 -41.29 0.69 -4.37
N MET B 602 -41.10 1.22 -5.59
CA MET B 602 -40.83 0.34 -6.71
C MET B 602 -39.57 -0.46 -6.46
N GLY B 603 -38.52 0.21 -5.95
CA GLY B 603 -37.26 -0.45 -5.69
C GLY B 603 -37.39 -1.55 -4.66
N ALA B 604 -38.11 -1.28 -3.57
CA ALA B 604 -38.28 -2.31 -2.54
C ALA B 604 -39.05 -3.50 -3.10
N ILE B 605 -40.10 -3.23 -3.87
CA ILE B 605 -40.86 -4.30 -4.51
C ILE B 605 -39.94 -5.13 -5.39
N ALA B 606 -39.09 -4.48 -6.17
CA ALA B 606 -38.18 -5.22 -7.04
C ALA B 606 -37.21 -6.05 -6.21
N LEU B 607 -36.71 -5.47 -5.13
CA LEU B 607 -35.72 -6.15 -4.30
C LEU B 607 -36.30 -7.40 -3.65
N LYS B 608 -37.62 -7.45 -3.45
CA LYS B 608 -38.29 -8.65 -2.96
C LYS B 608 -38.66 -9.63 -4.07
N GLN B 609 -38.59 -9.21 -5.33
CA GLN B 609 -38.86 -10.05 -6.51
C GLN B 609 -37.66 -10.96 -6.78
N PRO B 610 -37.86 -12.27 -7.02
CA PRO B 610 -36.71 -13.14 -7.26
C PRO B 610 -36.03 -12.79 -8.59
N GLY B 611 -34.82 -13.32 -8.76
CA GLY B 611 -33.97 -12.98 -9.88
C GLY B 611 -33.46 -11.56 -9.93
N VAL B 612 -33.96 -10.67 -9.09
CA VAL B 612 -33.55 -9.28 -9.14
C VAL B 612 -32.27 -9.15 -8.32
N GLU B 613 -31.27 -8.45 -8.85
CA GLU B 613 -30.10 -8.22 -8.02
C GLU B 613 -30.10 -6.85 -7.38
N SER B 614 -30.39 -5.81 -8.15
CA SER B 614 -30.35 -4.49 -7.53
C SER B 614 -31.39 -3.56 -8.14
N ALA B 615 -31.70 -2.52 -7.37
CA ALA B 615 -32.62 -1.47 -7.78
C ALA B 615 -31.78 -0.20 -7.88
N VAL B 616 -31.49 0.23 -9.12
CA VAL B 616 -30.73 1.44 -9.39
C VAL B 616 -31.75 2.53 -9.70
N ALA B 617 -31.98 3.43 -8.75
CA ALA B 617 -33.10 4.35 -8.79
C ALA B 617 -32.66 5.79 -9.05
N PHE B 618 -33.48 6.49 -9.83
CA PHE B 618 -33.31 7.92 -10.12
C PHE B 618 -34.68 8.61 -10.06
N PRO B 619 -35.07 9.11 -8.89
CA PRO B 619 -36.23 10.01 -8.84
C PRO B 619 -35.88 11.29 -9.56
N GLY B 620 -36.75 11.70 -10.48
CA GLY B 620 -36.54 12.88 -11.27
C GLY B 620 -36.04 12.65 -12.68
N LEU B 621 -35.65 11.42 -13.02
CA LEU B 621 -35.12 11.13 -14.34
C LEU B 621 -36.25 10.79 -15.30
N SER B 622 -36.33 11.53 -16.40
CA SER B 622 -37.37 11.35 -17.40
C SER B 622 -36.84 10.50 -18.56
N VAL B 623 -37.71 9.61 -19.06
CA VAL B 623 -37.35 8.81 -20.22
C VAL B 623 -37.18 9.69 -21.45
N ASN B 624 -37.92 10.78 -21.55
CA ASN B 624 -37.79 11.70 -22.68
C ASN B 624 -36.53 12.53 -22.53
N GLY B 625 -35.41 11.95 -22.97
CA GLY B 625 -34.16 12.67 -23.08
C GLY B 625 -33.18 12.41 -21.97
N PHE B 626 -33.54 11.58 -21.00
CA PHE B 626 -32.82 11.44 -19.73
C PHE B 626 -32.57 12.80 -19.09
N THR B 627 -33.60 13.64 -19.14
CA THR B 627 -33.61 14.94 -18.51
C THR B 627 -34.46 14.90 -17.23
N ASN B 628 -34.64 16.06 -16.58
CA ASN B 628 -35.22 16.11 -15.23
C ASN B 628 -36.69 16.52 -15.25
N SER B 629 -37.53 15.73 -14.61
CA SER B 629 -38.93 16.04 -14.44
C SER B 629 -39.29 15.85 -12.97
N SER B 630 -40.24 16.65 -12.49
CA SER B 630 -40.63 16.49 -11.08
C SER B 630 -41.44 15.22 -10.86
N SER B 631 -42.28 14.85 -11.82
CA SER B 631 -43.28 13.81 -11.59
C SER B 631 -42.88 12.43 -12.09
N ALA B 632 -41.69 12.30 -12.64
CA ALA B 632 -41.24 11.05 -13.24
C ALA B 632 -39.91 10.58 -12.65
N GLY B 633 -39.68 9.28 -12.76
CA GLY B 633 -38.42 8.69 -12.32
C GLY B 633 -38.24 7.33 -12.93
N ILE B 634 -37.02 6.82 -12.81
CA ILE B 634 -36.66 5.52 -13.40
C ILE B 634 -36.00 4.65 -12.34
N VAL B 635 -36.39 3.38 -12.28
CA VAL B 635 -35.58 2.37 -11.60
C VAL B 635 -35.09 1.32 -12.61
N PHE B 636 -33.78 1.28 -12.82
CA PHE B 636 -33.11 0.21 -13.54
C PHE B 636 -32.98 -0.98 -12.59
N VAL B 637 -33.72 -2.05 -12.88
CA VAL B 637 -33.69 -3.25 -12.07
C VAL B 637 -32.67 -4.20 -12.71
N THR B 638 -31.50 -4.30 -12.08
CA THR B 638 -30.51 -5.26 -12.53
C THR B 638 -30.86 -6.66 -12.02
N LEU B 639 -30.71 -7.62 -12.93
CA LEU B 639 -31.04 -9.02 -12.72
C LEU B 639 -29.78 -9.81 -12.36
N LYS B 640 -30.00 -10.92 -11.68
CA LYS B 640 -28.89 -11.81 -11.38
C LYS B 640 -28.34 -12.44 -12.67
N PRO B 641 -27.09 -12.91 -12.64
CA PRO B 641 -26.46 -13.40 -13.87
C PRO B 641 -27.28 -14.50 -14.51
N PHE B 642 -27.17 -14.61 -15.83
CA PHE B 642 -28.05 -15.50 -16.57
C PHE B 642 -27.89 -16.94 -16.09
N ASP B 643 -26.64 -17.39 -15.94
CA ASP B 643 -26.35 -18.72 -15.43
C ASP B 643 -26.76 -18.89 -13.97
N GLN B 644 -26.99 -17.78 -13.26
CA GLN B 644 -27.35 -17.74 -11.84
C GLN B 644 -28.77 -18.26 -11.71
N ARG B 645 -29.42 -18.04 -10.55
CA ARG B 645 -30.71 -18.67 -10.30
C ARG B 645 -31.82 -18.22 -11.25
N HIS B 646 -31.47 -17.64 -12.41
CA HIS B 646 -32.52 -17.48 -13.41
C HIS B 646 -32.87 -18.90 -13.88
N GLY B 647 -34.14 -19.24 -13.81
CA GLY B 647 -34.63 -20.55 -14.20
C GLY B 647 -35.66 -20.34 -15.29
N LYS B 648 -36.58 -21.27 -15.50
CA LYS B 648 -37.62 -21.05 -16.49
C LYS B 648 -38.48 -19.84 -16.12
N ALA B 649 -39.39 -20.00 -15.16
CA ALA B 649 -40.26 -18.90 -14.77
C ALA B 649 -39.52 -17.69 -14.23
N LEU B 650 -38.21 -17.77 -14.01
CA LEU B 650 -37.49 -16.64 -13.44
C LEU B 650 -36.61 -15.97 -14.50
N SER B 651 -37.22 -15.48 -15.59
CA SER B 651 -36.46 -14.92 -16.71
C SER B 651 -36.77 -13.44 -16.86
N ALA B 652 -36.04 -12.80 -17.78
CA ALA B 652 -36.17 -11.35 -17.92
C ALA B 652 -37.59 -10.95 -18.29
N GLY B 653 -38.22 -11.68 -19.21
CA GLY B 653 -39.61 -11.41 -19.52
C GLY B 653 -40.54 -11.75 -18.37
N ALA B 654 -40.25 -12.85 -17.68
CA ALA B 654 -41.07 -13.22 -16.54
C ALA B 654 -40.91 -12.22 -15.40
N ILE B 655 -39.66 -11.85 -15.09
CA ILE B 655 -39.43 -10.89 -14.01
C ILE B 655 -40.17 -9.60 -14.31
N ALA B 656 -40.07 -9.12 -15.57
CA ALA B 656 -40.71 -7.88 -15.97
C ALA B 656 -42.23 -7.96 -15.84
N GLY B 657 -42.82 -9.08 -16.28
CA GLY B 657 -44.27 -9.21 -16.14
C GLY B 657 -44.72 -9.19 -14.69
N ALA B 658 -43.98 -9.88 -13.82
CA ALA B 658 -44.33 -9.87 -12.40
C ALA B 658 -44.20 -8.49 -11.79
N LEU B 659 -43.11 -7.79 -12.12
CA LEU B 659 -42.93 -6.45 -11.57
C LEU B 659 -44.03 -5.53 -12.06
N ASN B 660 -44.46 -5.69 -13.33
CA ASN B 660 -45.55 -4.87 -13.84
C ASN B 660 -46.84 -5.15 -13.10
N GLN B 661 -47.12 -6.43 -12.80
CA GLN B 661 -48.31 -6.74 -12.03
C GLN B 661 -48.25 -6.11 -10.64
N LYS B 662 -47.12 -6.25 -9.95
CA LYS B 662 -47.03 -5.71 -8.59
C LYS B 662 -47.08 -4.18 -8.60
N TYR B 663 -46.39 -3.55 -9.55
CA TYR B 663 -46.42 -2.10 -9.66
C TYR B 663 -47.80 -1.59 -10.03
N ALA B 664 -48.62 -2.43 -10.67
CA ALA B 664 -49.99 -2.02 -10.98
C ALA B 664 -50.77 -1.71 -9.72
N ALA B 665 -50.36 -2.25 -8.57
CA ALA B 665 -50.94 -1.89 -7.30
C ALA B 665 -50.19 -0.76 -6.62
N LEU B 666 -49.48 0.08 -7.38
CA LEU B 666 -49.02 1.37 -6.89
C LEU B 666 -49.93 2.37 -7.59
N LYS B 667 -50.86 2.96 -6.85
CA LYS B 667 -51.86 3.79 -7.49
C LYS B 667 -51.52 5.26 -7.55
N ASP B 668 -50.50 5.71 -6.82
CA ASP B 668 -50.08 7.11 -6.90
C ASP B 668 -49.44 7.45 -8.24
N SER B 669 -49.13 6.44 -9.06
CA SER B 669 -48.38 6.66 -10.29
C SER B 669 -48.74 5.60 -11.31
N PHE B 670 -48.46 5.93 -12.58
CA PHE B 670 -48.42 4.94 -13.65
C PHE B 670 -47.00 4.39 -13.67
N VAL B 671 -46.88 3.08 -13.65
CA VAL B 671 -45.58 2.44 -13.68
C VAL B 671 -45.59 1.39 -14.77
N ALA B 672 -44.52 1.35 -15.55
CA ALA B 672 -44.36 0.21 -16.44
C ALA B 672 -42.89 -0.19 -16.50
N VAL B 673 -42.62 -1.48 -16.42
CA VAL B 673 -41.28 -2.00 -16.55
C VAL B 673 -41.19 -2.64 -17.91
N PHE B 674 -40.14 -2.29 -18.64
CA PHE B 674 -39.84 -2.57 -20.03
C PHE B 674 -38.53 -3.31 -20.18
N PRO B 675 -38.37 -4.09 -21.24
CA PRO B 675 -37.11 -4.78 -21.48
C PRO B 675 -36.10 -3.84 -22.10
N PRO B 676 -34.83 -4.05 -21.83
CA PRO B 676 -33.81 -3.12 -22.28
C PRO B 676 -33.61 -3.21 -23.78
N PRO B 677 -33.06 -2.16 -24.39
CA PRO B 677 -32.74 -2.21 -25.82
C PRO B 677 -31.67 -3.24 -26.11
N PRO B 678 -31.80 -3.96 -27.23
CA PRO B 678 -30.77 -4.94 -27.59
C PRO B 678 -29.43 -4.28 -27.89
N VAL B 679 -29.46 -3.14 -28.58
CA VAL B 679 -28.26 -2.35 -28.85
C VAL B 679 -28.52 -0.97 -28.28
N LEU B 680 -27.71 -0.56 -27.31
CA LEU B 680 -27.88 0.75 -26.70
C LEU B 680 -27.53 1.82 -27.71
N GLY B 681 -28.51 2.67 -28.02
CA GLY B 681 -28.39 3.68 -29.05
C GLY B 681 -29.40 3.63 -30.18
N LEU B 682 -30.25 2.59 -30.34
CA LEU B 682 -31.21 2.68 -31.44
C LEU B 682 -32.66 2.30 -31.10
N GLY B 683 -32.92 1.44 -30.12
CA GLY B 683 -34.29 1.24 -29.65
C GLY B 683 -35.34 0.47 -30.45
N THR B 684 -36.27 1.23 -31.04
CA THR B 684 -37.54 0.78 -31.66
C THR B 684 -37.54 -0.61 -32.29
N LEU B 685 -36.50 -0.98 -33.06
CA LEU B 685 -36.38 -2.33 -33.63
C LEU B 685 -37.62 -2.75 -34.42
N GLY B 686 -37.92 -2.00 -35.48
CA GLY B 686 -39.00 -2.34 -36.39
C GLY B 686 -40.26 -1.58 -36.06
N GLY B 687 -40.08 -0.28 -35.94
CA GLY B 687 -41.10 0.68 -35.59
C GLY B 687 -40.57 2.05 -35.96
N PHE B 688 -41.45 3.04 -35.89
CA PHE B 688 -41.13 4.39 -36.28
C PHE B 688 -41.31 5.38 -35.15
N LYS B 689 -40.72 6.56 -35.37
CA LYS B 689 -40.92 7.76 -34.58
C LYS B 689 -40.78 8.94 -35.53
N MET B 690 -41.65 9.93 -35.37
CA MET B 690 -41.62 11.10 -36.22
C MET B 690 -41.98 12.32 -35.38
N GLN B 691 -41.73 13.51 -35.96
CA GLN B 691 -41.86 14.81 -35.29
C GLN B 691 -42.84 15.65 -36.09
N ILE B 692 -43.99 15.95 -35.49
CA ILE B 692 -44.93 16.92 -36.03
C ILE B 692 -44.46 18.30 -35.61
N GLU B 693 -44.20 19.17 -36.58
CA GLU B 693 -43.52 20.45 -36.39
C GLU B 693 -44.47 21.61 -36.63
N ASP B 694 -44.47 22.57 -35.69
CA ASP B 694 -45.15 23.87 -35.80
C ASP B 694 -44.23 24.82 -36.55
N ARG B 695 -44.41 24.88 -37.87
CA ARG B 695 -43.63 25.76 -38.71
C ARG B 695 -44.25 27.13 -38.88
N GLY B 696 -45.50 27.32 -38.48
CA GLY B 696 -46.16 28.59 -38.72
C GLY B 696 -46.64 29.28 -37.47
N ALA B 697 -45.86 29.22 -36.39
CA ALA B 697 -46.16 29.92 -35.15
C ALA B 697 -47.58 29.61 -34.67
N VAL B 698 -48.01 28.36 -34.91
CA VAL B 698 -49.34 27.92 -34.57
C VAL B 698 -49.54 27.76 -33.07
N GLY B 699 -48.49 27.90 -32.29
CA GLY B 699 -48.59 27.82 -30.86
C GLY B 699 -48.54 26.41 -30.32
N TYR B 700 -48.15 26.30 -29.05
CA TYR B 700 -48.07 24.99 -28.40
C TYR B 700 -49.41 24.30 -28.41
N ALA B 701 -50.48 25.06 -28.13
CA ALA B 701 -51.81 24.50 -27.98
C ALA B 701 -52.35 23.93 -29.29
N ARG B 702 -52.26 24.71 -30.37
CA ARG B 702 -52.79 24.21 -31.63
C ARG B 702 -51.95 23.04 -32.18
N LEU B 703 -50.64 23.04 -31.93
CA LEU B 703 -49.80 21.91 -32.31
C LEU B 703 -50.18 20.65 -31.54
N ALA B 704 -50.45 20.79 -30.23
CA ALA B 704 -50.93 19.65 -29.45
C ALA B 704 -52.26 19.14 -29.98
N ASP B 705 -53.17 20.07 -30.33
CA ASP B 705 -54.44 19.66 -30.90
C ASP B 705 -54.24 18.89 -32.20
N ALA B 706 -53.31 19.38 -33.04
CA ALA B 706 -53.00 18.71 -34.30
C ALA B 706 -52.46 17.31 -34.06
N THR B 707 -51.54 17.15 -33.11
CA THR B 707 -50.95 15.83 -32.88
C THR B 707 -51.95 14.85 -32.32
N ASN B 708 -52.81 15.30 -31.41
CA ASN B 708 -53.83 14.39 -30.90
C ASN B 708 -54.85 14.06 -31.98
N ASP B 709 -55.15 15.00 -32.87
CA ASP B 709 -55.97 14.67 -34.04
C ASP B 709 -55.28 13.67 -34.97
N PHE B 710 -53.96 13.79 -35.14
CA PHE B 710 -53.26 12.79 -35.95
C PHE B 710 -53.33 11.42 -35.30
N ILE B 711 -53.07 11.35 -34.00
CA ILE B 711 -53.21 10.05 -33.34
C ILE B 711 -54.66 9.58 -33.48
N LYS B 712 -55.61 10.53 -33.45
CA LYS B 712 -57.04 10.25 -33.51
C LYS B 712 -57.51 9.75 -34.88
N ARG B 713 -56.85 10.17 -35.96
CA ARG B 713 -57.24 9.57 -37.24
C ARG B 713 -56.49 8.26 -37.47
N ALA B 714 -55.26 8.17 -36.96
CA ALA B 714 -54.41 7.03 -37.27
C ALA B 714 -54.77 5.74 -36.52
N GLN B 715 -55.45 5.82 -35.35
CA GLN B 715 -55.82 4.56 -34.70
C GLN B 715 -57.07 3.98 -35.39
N GLN B 716 -57.32 4.31 -36.67
CA GLN B 716 -58.48 3.66 -37.28
C GLN B 716 -58.16 2.21 -37.63
N ALA B 717 -57.40 1.93 -38.74
CA ALA B 717 -56.91 0.57 -38.89
C ALA B 717 -55.82 0.32 -39.96
N PRO B 718 -54.77 1.15 -40.09
CA PRO B 718 -53.79 0.87 -41.15
C PRO B 718 -52.69 -0.08 -40.69
N GLU B 719 -53.04 -1.10 -39.91
CA GLU B 719 -52.08 -2.03 -39.31
C GLU B 719 -51.16 -1.34 -38.31
N LEU B 720 -51.23 -0.01 -38.21
CA LEU B 720 -50.41 0.70 -37.23
C LEU B 720 -50.82 0.29 -35.82
N GLY B 721 -49.92 0.46 -34.87
CA GLY B 721 -50.19 0.00 -33.53
C GLY B 721 -50.55 1.07 -32.55
N PRO B 722 -50.10 0.92 -31.32
CA PRO B 722 -50.37 1.89 -30.25
C PRO B 722 -49.49 3.12 -30.32
N LEU B 723 -49.71 3.94 -31.36
CA LEU B 723 -49.03 5.23 -31.48
C LEU B 723 -49.13 6.02 -30.20
N PHE B 724 -48.03 6.23 -29.49
CA PHE B 724 -48.07 7.07 -28.31
C PHE B 724 -47.21 8.32 -28.50
N THR B 725 -47.53 9.35 -27.74
CA THR B 725 -46.76 10.59 -27.73
C THR B 725 -46.29 10.90 -26.32
N SER B 726 -45.38 11.85 -26.23
CA SER B 726 -44.91 12.35 -24.95
C SER B 726 -45.10 13.84 -24.82
N TYR B 727 -45.73 14.47 -25.80
CA TYR B 727 -45.91 15.92 -25.81
C TYR B 727 -47.05 16.26 -24.85
N GLN B 728 -46.72 16.98 -23.79
CA GLN B 728 -47.65 17.23 -22.68
C GLN B 728 -47.79 18.73 -22.47
N ILE B 729 -48.99 19.27 -22.63
CA ILE B 729 -49.16 20.70 -22.35
C ILE B 729 -50.20 20.96 -21.26
N ASN B 730 -50.47 19.96 -20.41
CA ASN B 730 -51.38 20.13 -19.29
C ASN B 730 -50.69 19.69 -18.01
N VAL B 731 -49.46 20.18 -17.80
CA VAL B 731 -48.85 20.21 -16.48
C VAL B 731 -49.27 21.53 -15.85
N PRO B 732 -49.75 21.54 -14.60
CA PRO B 732 -50.17 22.80 -13.97
C PRO B 732 -49.05 23.83 -13.84
N GLN B 733 -49.41 25.10 -14.02
CA GLN B 733 -48.45 26.20 -13.92
C GLN B 733 -49.11 27.44 -13.32
N LEU B 734 -48.29 28.47 -13.12
CA LEU B 734 -48.78 29.76 -12.62
C LEU B 734 -48.46 30.85 -13.64
N ASN B 735 -49.46 31.65 -13.94
CA ASN B 735 -49.29 32.80 -14.79
C ASN B 735 -49.26 34.05 -13.91
N VAL B 736 -48.27 34.89 -14.13
CA VAL B 736 -48.09 36.11 -13.35
C VAL B 736 -48.21 37.26 -14.33
N ASP B 737 -49.17 38.13 -14.05
CA ASP B 737 -49.47 39.30 -14.85
C ASP B 737 -48.92 40.52 -14.13
N LEU B 738 -48.07 41.27 -14.79
CA LEU B 738 -47.49 42.48 -14.24
C LEU B 738 -48.11 43.65 -14.98
N ASP B 739 -48.83 44.49 -14.25
CA ASP B 739 -49.40 45.73 -14.75
C ASP B 739 -48.23 46.71 -14.90
N ARG B 740 -47.78 46.92 -16.14
CA ARG B 740 -46.56 47.70 -16.32
C ARG B 740 -46.79 49.17 -16.01
N VAL B 741 -47.86 49.74 -16.53
CA VAL B 741 -48.08 51.15 -16.25
C VAL B 741 -48.30 51.34 -14.75
N LYS B 742 -49.10 50.47 -14.12
CA LYS B 742 -49.37 50.63 -12.70
C LYS B 742 -48.10 50.52 -11.88
N ALA B 743 -47.21 49.62 -12.26
CA ALA B 743 -45.93 49.53 -11.57
C ALA B 743 -45.16 50.83 -11.70
N LYS B 744 -45.12 51.40 -12.92
CA LYS B 744 -44.30 52.59 -13.08
C LYS B 744 -44.92 53.82 -12.45
N GLN B 745 -46.24 53.84 -12.24
CA GLN B 745 -46.89 54.92 -11.50
C GLN B 745 -46.57 54.85 -10.01
N LEU B 746 -46.53 53.62 -9.46
CA LEU B 746 -46.11 53.36 -8.09
C LEU B 746 -44.62 53.58 -7.90
N GLY B 747 -43.92 54.07 -8.92
CA GLY B 747 -42.51 54.29 -8.79
C GLY B 747 -41.70 53.03 -8.91
N VAL B 748 -42.33 51.91 -9.25
CA VAL B 748 -41.69 50.61 -9.28
C VAL B 748 -41.21 50.30 -10.68
N ASN B 749 -39.95 49.90 -10.79
CA ASN B 749 -39.40 49.49 -12.06
C ASN B 749 -39.77 48.06 -12.40
N VAL B 750 -40.10 47.81 -13.68
CA VAL B 750 -40.51 46.48 -14.14
C VAL B 750 -39.34 45.49 -14.05
N THR B 751 -38.12 45.98 -14.26
CA THR B 751 -36.94 45.16 -14.02
C THR B 751 -36.80 44.81 -12.55
N ASP B 752 -37.21 45.71 -11.64
CA ASP B 752 -37.20 45.41 -10.20
C ASP B 752 -38.19 44.29 -9.87
N VAL B 753 -39.38 44.32 -10.48
CA VAL B 753 -40.37 43.27 -10.27
C VAL B 753 -39.81 41.94 -10.74
N PHE B 754 -39.28 41.91 -11.96
CA PHE B 754 -38.78 40.66 -12.47
C PHE B 754 -37.57 40.17 -11.67
N ASP B 755 -36.66 41.07 -11.28
CA ASP B 755 -35.50 40.64 -10.51
C ASP B 755 -35.92 40.06 -9.19
N THR B 756 -36.93 40.67 -8.54
CA THR B 756 -37.44 40.11 -7.29
C THR B 756 -37.96 38.69 -7.54
N MET B 757 -38.74 38.52 -8.62
CA MET B 757 -39.26 37.19 -8.95
C MET B 757 -38.13 36.19 -9.20
N GLN B 758 -37.10 36.60 -9.93
CA GLN B 758 -36.04 35.65 -10.24
C GLN B 758 -35.26 35.28 -8.98
N ILE B 759 -34.75 36.28 -8.26
CA ILE B 759 -33.88 35.92 -7.14
C ILE B 759 -34.67 35.14 -6.10
N TYR B 760 -35.90 35.54 -5.80
CA TYR B 760 -36.62 34.82 -4.75
C TYR B 760 -37.13 33.48 -5.23
N LEU B 761 -37.78 33.46 -6.39
CA LEU B 761 -38.43 32.24 -6.87
C LEU B 761 -37.58 31.43 -7.83
N GLY B 762 -36.57 32.03 -8.46
CA GLY B 762 -35.77 31.30 -9.43
C GLY B 762 -34.32 31.15 -9.03
N SER B 763 -33.90 31.78 -7.94
CA SER B 763 -32.57 31.57 -7.36
C SER B 763 -31.37 31.96 -8.20
N LEU B 764 -31.09 33.25 -8.32
CA LEU B 764 -29.88 33.75 -8.96
C LEU B 764 -28.57 33.22 -8.38
N TYR B 765 -27.58 33.00 -9.27
CA TYR B 765 -26.20 32.61 -8.94
C TYR B 765 -25.35 33.87 -8.82
N VAL B 766 -24.64 34.01 -7.70
CA VAL B 766 -24.07 35.32 -7.40
C VAL B 766 -22.60 35.42 -7.79
N ASN B 767 -21.76 34.60 -7.19
CA ASN B 767 -20.33 34.57 -7.49
C ASN B 767 -19.76 33.31 -6.87
N ASP B 768 -18.45 33.11 -7.00
CA ASP B 768 -17.84 31.88 -6.52
C ASP B 768 -17.16 32.12 -5.19
N PHE B 769 -17.05 31.05 -4.40
CA PHE B 769 -16.20 31.08 -3.22
C PHE B 769 -15.29 29.87 -3.22
N ASN B 770 -14.15 30.01 -2.56
CA ASN B 770 -13.07 29.02 -2.57
C ASN B 770 -13.14 28.09 -1.37
N ARG B 771 -12.93 26.80 -1.62
CA ARG B 771 -12.96 25.80 -0.57
C ARG B 771 -12.04 24.66 -1.02
N PHE B 772 -10.95 24.46 -0.26
CA PHE B 772 -9.91 23.49 -0.62
C PHE B 772 -9.36 23.79 -2.02
N GLY B 773 -9.14 25.08 -2.29
CA GLY B 773 -8.64 25.66 -3.54
C GLY B 773 -9.58 25.56 -4.73
N ARG B 774 -10.78 25.04 -4.54
CA ARG B 774 -11.74 24.79 -5.61
C ARG B 774 -12.91 25.76 -5.49
N VAL B 775 -13.53 26.06 -6.60
CA VAL B 775 -14.62 27.02 -6.67
C VAL B 775 -15.96 26.31 -6.46
N TYR B 776 -16.89 26.97 -5.77
CA TYR B 776 -18.18 26.30 -5.56
C TYR B 776 -19.50 27.06 -5.73
N GLN B 777 -19.57 28.31 -6.24
CA GLN B 777 -20.92 28.87 -6.39
C GLN B 777 -21.72 29.24 -5.12
N VAL B 778 -21.82 30.54 -4.76
CA VAL B 778 -22.89 30.99 -3.87
C VAL B 778 -24.16 31.32 -4.69
N ARG B 779 -25.30 30.79 -4.24
CA ARG B 779 -26.61 31.00 -4.87
C ARG B 779 -27.61 31.44 -3.82
N VAL B 780 -28.29 32.58 -4.05
CA VAL B 780 -29.33 33.05 -3.13
C VAL B 780 -30.69 32.73 -3.73
N GLN B 781 -31.65 32.53 -2.85
CA GLN B 781 -33.02 32.18 -3.24
C GLN B 781 -33.92 32.36 -2.04
N ALA B 782 -35.20 32.63 -2.30
CA ALA B 782 -36.15 32.57 -1.22
C ALA B 782 -36.07 31.21 -0.58
N ASP B 783 -36.26 31.21 0.70
CA ASP B 783 -36.22 30.02 1.49
C ASP B 783 -37.40 29.08 1.20
N ALA B 784 -37.21 27.82 1.58
CA ALA B 784 -38.22 26.81 1.29
C ALA B 784 -39.63 27.21 1.67
N PRO B 785 -39.91 27.70 2.89
CA PRO B 785 -41.31 27.98 3.26
C PRO B 785 -41.92 29.10 2.46
N PHE B 786 -41.10 29.94 1.87
CA PHE B 786 -41.54 31.18 1.27
C PHE B 786 -41.76 31.07 -0.21
N ARG B 787 -41.65 29.87 -0.78
CA ARG B 787 -41.85 29.66 -2.22
C ARG B 787 -42.68 28.42 -2.56
N GLN B 788 -43.36 27.80 -1.61
CA GLN B 788 -44.00 26.51 -1.87
C GLN B 788 -45.41 26.63 -2.39
N ARG B 789 -45.82 27.83 -2.79
CA ARG B 789 -47.24 28.13 -2.73
C ARG B 789 -47.59 29.42 -3.45
N ALA B 790 -48.57 29.34 -4.37
CA ALA B 790 -48.86 30.40 -5.35
C ALA B 790 -48.79 31.83 -4.82
N ASP B 791 -49.50 32.14 -3.73
CA ASP B 791 -49.53 33.52 -3.28
C ASP B 791 -48.30 33.90 -2.47
N ASP B 792 -47.34 32.98 -2.28
CA ASP B 792 -46.01 33.40 -1.85
C ASP B 792 -45.42 34.39 -2.84
N ILE B 793 -45.91 34.39 -4.08
CA ILE B 793 -45.56 35.40 -5.05
C ILE B 793 -45.98 36.77 -4.55
N LEU B 794 -47.19 36.84 -4.00
CA LEU B 794 -47.79 38.11 -3.66
C LEU B 794 -47.13 38.74 -2.44
N GLN B 795 -46.55 37.92 -1.57
CA GLN B 795 -45.91 38.45 -0.37
C GLN B 795 -44.51 38.95 -0.64
N LEU B 796 -44.03 38.85 -1.86
CA LEU B 796 -42.69 39.33 -2.14
C LEU B 796 -42.78 40.82 -2.35
N LYS B 797 -41.76 41.55 -1.87
CA LYS B 797 -41.80 42.99 -1.99
C LYS B 797 -40.58 43.50 -2.73
N THR B 798 -40.83 44.35 -3.69
CA THR B 798 -39.81 45.15 -4.31
C THR B 798 -39.90 46.55 -3.70
N ARG B 799 -39.11 47.46 -4.22
CA ARG B 799 -39.07 48.81 -3.69
C ARG B 799 -39.28 49.75 -4.85
N ASN B 800 -39.96 50.85 -4.58
CA ASN B 800 -40.15 51.83 -5.63
C ASN B 800 -38.99 52.81 -5.60
N ALA B 801 -39.03 53.78 -6.50
CA ALA B 801 -37.98 54.79 -6.55
C ALA B 801 -37.91 55.61 -5.26
N ALA B 802 -39.04 55.81 -4.59
CA ALA B 802 -39.06 56.61 -3.38
C ALA B 802 -38.41 55.91 -2.19
N GLY B 803 -38.29 54.60 -2.22
CA GLY B 803 -37.80 53.83 -1.10
C GLY B 803 -38.85 53.01 -0.41
N GLU B 804 -40.08 53.04 -0.93
CA GLU B 804 -41.21 52.32 -0.36
C GLU B 804 -41.29 50.89 -0.88
N MET B 805 -41.36 49.94 0.05
CA MET B 805 -41.54 48.55 -0.31
C MET B 805 -42.97 48.36 -0.83
N VAL B 806 -43.09 48.18 -2.13
CA VAL B 806 -44.35 47.84 -2.78
C VAL B 806 -44.43 46.32 -2.86
N PRO B 807 -45.48 45.70 -2.33
CA PRO B 807 -45.68 44.27 -2.53
C PRO B 807 -46.25 43.96 -3.90
N LEU B 808 -45.96 42.75 -4.38
CA LEU B 808 -46.43 42.42 -5.71
C LEU B 808 -47.90 42.04 -5.69
N SER B 809 -48.46 41.88 -4.49
CA SER B 809 -49.91 41.77 -4.36
C SER B 809 -50.59 42.96 -4.99
N SER B 810 -49.90 44.11 -5.01
CA SER B 810 -50.45 45.34 -5.55
C SER B 810 -50.03 45.65 -6.99
N LEU B 811 -49.08 44.92 -7.57
CA LEU B 811 -48.76 45.17 -8.97
C LEU B 811 -48.85 43.92 -9.84
N VAL B 812 -49.17 42.77 -9.26
CA VAL B 812 -49.18 41.53 -10.02
C VAL B 812 -50.44 40.73 -9.70
N THR B 813 -50.90 39.97 -10.69
CA THR B 813 -51.91 38.93 -10.49
C THR B 813 -51.35 37.55 -10.81
N VAL B 814 -51.63 36.57 -9.96
CA VAL B 814 -51.15 35.19 -10.09
C VAL B 814 -52.38 34.32 -10.35
N SER B 815 -52.39 33.62 -11.47
CA SER B 815 -53.52 32.80 -11.88
C SER B 815 -53.07 31.39 -12.22
N PRO B 816 -53.96 30.41 -12.06
CA PRO B 816 -53.63 29.05 -12.50
C PRO B 816 -53.65 28.91 -14.02
N THR B 817 -52.84 27.98 -14.54
CA THR B 817 -52.84 27.75 -15.98
C THR B 817 -52.27 26.35 -16.24
N PHE B 818 -52.18 25.98 -17.52
CA PHE B 818 -51.58 24.73 -17.95
C PHE B 818 -50.47 24.98 -18.97
N GLY B 819 -49.44 24.13 -18.93
CA GLY B 819 -48.39 24.23 -19.91
C GLY B 819 -47.58 22.96 -20.11
N PRO B 820 -46.56 23.03 -20.97
CA PRO B 820 -45.61 21.93 -21.09
C PRO B 820 -44.50 22.00 -20.04
N GLU B 821 -44.05 20.82 -19.62
CA GLU B 821 -42.91 20.76 -18.70
C GLU B 821 -41.58 20.80 -19.45
N MET B 822 -41.51 20.12 -20.58
CA MET B 822 -40.32 20.09 -21.42
C MET B 822 -40.76 20.59 -22.78
N VAL B 823 -40.08 21.61 -23.27
CA VAL B 823 -40.28 22.03 -24.64
C VAL B 823 -39.19 21.36 -25.45
N VAL B 824 -39.59 20.62 -26.48
CA VAL B 824 -38.65 20.02 -27.40
C VAL B 824 -38.79 20.74 -28.72
N ARG B 825 -37.70 21.26 -29.21
CA ARG B 825 -37.69 21.96 -30.49
C ARG B 825 -36.84 21.14 -31.46
N TYR B 826 -37.48 20.52 -32.46
CA TYR B 826 -36.82 19.62 -33.41
C TYR B 826 -36.61 20.30 -34.76
N ASN B 827 -35.35 20.39 -35.18
CA ASN B 827 -34.99 21.14 -36.40
C ASN B 827 -35.46 22.58 -36.30
N ALA B 828 -35.19 23.20 -35.16
CA ALA B 828 -35.50 24.60 -34.88
C ALA B 828 -36.99 24.89 -34.94
N TYR B 829 -37.82 23.85 -34.91
CA TYR B 829 -39.27 23.97 -34.86
C TYR B 829 -39.74 23.34 -33.55
N THR B 830 -40.62 24.04 -32.85
CA THR B 830 -41.33 23.42 -31.74
C THR B 830 -42.11 22.22 -32.28
N ALA B 831 -41.91 21.05 -31.68
CA ALA B 831 -42.34 19.81 -32.32
C ALA B 831 -42.84 18.82 -31.28
N ALA B 832 -43.77 17.98 -31.72
CA ALA B 832 -44.35 16.94 -30.89
C ALA B 832 -44.05 15.59 -31.53
N ASP B 833 -43.47 14.68 -30.75
CA ASP B 833 -43.12 13.37 -31.25
C ASP B 833 -44.32 12.45 -31.17
N VAL B 834 -44.44 11.55 -32.16
CA VAL B 834 -45.33 10.40 -32.08
C VAL B 834 -44.56 9.18 -32.57
N ASN B 835 -44.64 8.08 -31.82
CA ASN B 835 -43.96 6.86 -32.19
C ASN B 835 -44.92 5.67 -32.14
N GLY B 836 -44.68 4.72 -33.03
CA GLY B 836 -45.56 3.58 -33.17
C GLY B 836 -44.96 2.56 -34.10
N GLY B 837 -45.83 1.71 -34.66
CA GLY B 837 -45.39 0.73 -35.62
C GLY B 837 -46.23 -0.53 -35.72
N PRO B 838 -45.91 -1.36 -36.71
CA PRO B 838 -46.59 -2.65 -36.86
C PRO B 838 -45.84 -3.77 -36.13
N ALA B 839 -46.52 -4.90 -36.01
CA ALA B 839 -45.93 -6.11 -35.42
C ALA B 839 -44.75 -6.61 -36.24
N PRO B 840 -43.79 -7.33 -35.63
CA PRO B 840 -42.54 -7.64 -36.32
C PRO B 840 -42.71 -8.47 -37.59
N GLY B 841 -43.84 -9.14 -37.77
CA GLY B 841 -44.08 -9.84 -39.02
C GLY B 841 -44.67 -8.96 -40.09
N TYR B 842 -44.60 -7.64 -39.89
CA TYR B 842 -44.94 -6.61 -40.87
C TYR B 842 -43.69 -5.75 -40.98
N SER B 843 -43.45 -5.13 -42.13
CA SER B 843 -42.26 -4.29 -42.20
C SER B 843 -42.62 -2.86 -41.81
N SER B 844 -41.71 -1.93 -42.08
CA SER B 844 -41.86 -0.54 -41.69
C SER B 844 -42.39 0.34 -42.80
N GLY B 845 -42.07 0.01 -44.06
CA GLY B 845 -42.40 0.90 -45.16
C GLY B 845 -43.88 1.05 -45.38
N GLN B 846 -44.65 -0.03 -45.25
CA GLN B 846 -46.09 0.09 -45.41
C GLN B 846 -46.70 0.92 -44.27
N ALA B 847 -46.23 0.69 -43.04
CA ALA B 847 -46.69 1.48 -41.92
C ALA B 847 -46.37 2.95 -42.13
N GLN B 848 -45.16 3.24 -42.59
CA GLN B 848 -44.79 4.63 -42.74
C GLN B 848 -45.54 5.29 -43.88
N ALA B 849 -45.88 4.51 -44.92
CA ALA B 849 -46.76 5.02 -45.96
C ALA B 849 -48.12 5.38 -45.38
N ALA B 850 -48.63 4.55 -44.46
CA ALA B 850 -49.91 4.84 -43.83
C ALA B 850 -49.85 6.14 -43.02
N VAL B 851 -48.85 6.28 -42.15
CA VAL B 851 -48.75 7.52 -41.36
C VAL B 851 -48.56 8.72 -42.29
N GLU B 852 -47.76 8.57 -43.35
CA GLU B 852 -47.52 9.71 -44.25
C GLU B 852 -48.81 10.15 -44.93
N ARG B 853 -49.60 9.18 -45.40
CA ARG B 853 -50.90 9.51 -45.98
C ARG B 853 -51.83 10.15 -44.96
N ILE B 854 -51.90 9.58 -43.75
CA ILE B 854 -52.77 10.11 -42.69
C ILE B 854 -52.38 11.54 -42.35
N ALA B 855 -51.09 11.81 -42.20
CA ALA B 855 -50.63 13.16 -41.91
C ALA B 855 -50.97 14.13 -43.04
N ALA B 856 -50.77 13.70 -44.30
CA ALA B 856 -51.16 14.56 -45.42
C ALA B 856 -52.65 14.86 -45.37
N GLN B 857 -53.44 13.93 -44.84
CA GLN B 857 -54.88 14.14 -44.72
C GLN B 857 -55.23 15.00 -43.51
N THR B 858 -54.47 14.90 -42.42
CA THR B 858 -54.94 15.31 -41.11
C THR B 858 -54.27 16.56 -40.54
N LEU B 859 -53.04 16.87 -40.95
CA LEU B 859 -52.30 17.96 -40.33
C LEU B 859 -52.82 19.32 -40.80
N PRO B 860 -53.18 20.23 -39.87
CA PRO B 860 -53.70 21.55 -40.29
C PRO B 860 -52.66 22.46 -40.93
N ARG B 861 -53.06 23.67 -41.29
CA ARG B 861 -52.15 24.59 -41.95
C ARG B 861 -50.94 24.89 -41.06
N GLY B 862 -49.76 24.98 -41.67
CA GLY B 862 -48.55 25.35 -40.96
C GLY B 862 -47.96 24.32 -40.02
N VAL B 863 -48.45 23.09 -40.04
CA VAL B 863 -48.01 22.04 -39.12
C VAL B 863 -47.63 20.84 -40.00
N LYS B 864 -46.35 20.77 -40.36
CA LYS B 864 -45.87 19.66 -41.18
C LYS B 864 -45.25 18.58 -40.30
N PHE B 865 -44.69 17.53 -40.90
CA PHE B 865 -43.96 16.58 -40.06
C PHE B 865 -42.74 16.05 -40.81
N GLU B 866 -41.80 15.50 -40.02
CA GLU B 866 -40.56 14.92 -40.50
C GLU B 866 -40.32 13.58 -39.82
N TRP B 867 -39.60 12.69 -40.50
CA TRP B 867 -39.13 11.48 -39.84
C TRP B 867 -37.82 11.76 -39.11
N THR B 868 -37.59 11.04 -38.00
CA THR B 868 -36.33 11.23 -37.28
C THR B 868 -35.95 9.99 -36.48
N ASP B 869 -35.19 9.09 -37.08
CA ASP B 869 -34.34 8.09 -36.43
C ASP B 869 -33.99 7.10 -37.52
N LEU B 870 -33.71 5.87 -37.09
CA LEU B 870 -33.60 4.74 -38.00
C LEU B 870 -34.47 4.91 -39.25
N THR B 871 -35.69 5.45 -39.13
CA THR B 871 -36.57 5.60 -40.29
C THR B 871 -36.09 6.73 -41.21
N TYR B 872 -35.67 7.87 -40.65
CA TYR B 872 -35.16 8.95 -41.49
C TYR B 872 -33.84 8.57 -42.13
N GLN B 873 -33.03 7.79 -41.41
CA GLN B 873 -31.77 7.31 -41.95
C GLN B 873 -31.98 6.29 -43.08
N GLN B 874 -32.93 5.36 -42.91
CA GLN B 874 -33.30 4.46 -44.00
C GLN B 874 -33.83 5.24 -45.20
N ILE B 875 -34.69 6.23 -44.97
CA ILE B 875 -35.28 6.95 -46.10
C ILE B 875 -34.18 7.61 -46.92
N LEU B 876 -33.10 8.04 -46.28
CA LEU B 876 -31.96 8.57 -47.01
C LEU B 876 -31.25 7.49 -47.81
N ALA B 877 -31.17 6.27 -47.26
CA ALA B 877 -30.47 5.18 -47.94
C ALA B 877 -31.18 4.75 -49.22
N GLY B 878 -30.39 4.51 -50.27
CA GLY B 878 -30.92 4.09 -51.54
C GLY B 878 -31.06 2.59 -51.67
N ASP B 879 -31.12 1.91 -50.51
CA ASP B 879 -31.18 0.44 -50.42
C ASP B 879 -30.19 -0.27 -51.35
N SER B 880 -28.89 -0.12 -51.07
CA SER B 880 -27.83 -0.72 -51.85
C SER B 880 -28.16 -2.14 -52.32
N ALA B 881 -28.73 -2.95 -51.42
CA ALA B 881 -29.03 -4.36 -51.67
C ALA B 881 -29.46 -4.67 -53.10
N PHE B 882 -30.23 -3.75 -53.69
CA PHE B 882 -30.73 -3.93 -55.05
C PHE B 882 -29.60 -3.93 -56.05
N TRP B 883 -28.43 -3.42 -55.67
CA TRP B 883 -27.23 -3.53 -56.47
C TRP B 883 -26.20 -4.47 -55.85
N VAL B 884 -26.26 -4.74 -54.54
CA VAL B 884 -25.28 -5.64 -53.95
C VAL B 884 -25.50 -7.06 -54.43
N PHE B 885 -26.74 -7.56 -54.34
CA PHE B 885 -26.89 -8.96 -54.74
C PHE B 885 -26.68 -9.18 -56.23
N PRO B 886 -27.26 -8.38 -57.14
CA PRO B 886 -26.94 -8.59 -58.56
C PRO B 886 -25.45 -8.52 -58.83
N ILE B 887 -24.74 -7.56 -58.24
CA ILE B 887 -23.30 -7.48 -58.45
C ILE B 887 -22.63 -8.75 -57.96
N SER B 888 -23.02 -9.26 -56.81
CA SER B 888 -22.29 -10.42 -56.31
C SER B 888 -22.58 -11.68 -57.14
N VAL B 889 -23.83 -11.91 -57.55
CA VAL B 889 -24.06 -13.05 -58.43
C VAL B 889 -23.32 -12.87 -59.75
N LEU B 890 -23.34 -11.67 -60.33
CA LEU B 890 -22.58 -11.47 -61.55
C LEU B 890 -21.09 -11.76 -61.33
N LEU B 891 -20.54 -11.32 -60.19
CA LEU B 891 -19.12 -11.56 -59.92
C LEU B 891 -18.83 -13.04 -59.77
N VAL B 892 -19.68 -13.77 -59.04
CA VAL B 892 -19.42 -15.20 -58.89
C VAL B 892 -19.52 -15.89 -60.25
N PHE B 893 -20.50 -15.48 -61.07
CA PHE B 893 -20.62 -16.05 -62.41
C PHE B 893 -19.33 -15.87 -63.21
N LEU B 894 -18.78 -14.65 -63.19
CA LEU B 894 -17.55 -14.37 -63.93
C LEU B 894 -16.38 -15.19 -63.39
N VAL B 895 -16.25 -15.29 -62.07
CA VAL B 895 -15.14 -16.05 -61.49
C VAL B 895 -15.23 -17.50 -61.94
N LEU B 896 -16.43 -18.07 -61.86
CA LEU B 896 -16.63 -19.45 -62.27
C LEU B 896 -16.38 -19.61 -63.76
N ALA B 897 -16.83 -18.62 -64.56
CA ALA B 897 -16.64 -18.68 -65.99
C ALA B 897 -15.16 -18.75 -66.35
N ALA B 898 -14.33 -17.96 -65.66
CA ALA B 898 -12.89 -18.04 -65.89
C ALA B 898 -12.35 -19.40 -65.50
N LEU B 899 -12.81 -19.95 -64.39
CA LEU B 899 -12.25 -21.22 -63.94
C LEU B 899 -12.62 -22.38 -64.89
N TYR B 900 -13.89 -22.46 -65.31
CA TYR B 900 -14.35 -23.55 -66.18
C TYR B 900 -14.13 -23.28 -67.66
N GLU B 901 -13.66 -22.09 -68.05
CA GLU B 901 -13.65 -21.65 -69.44
C GLU B 901 -14.97 -21.93 -70.14
N SER B 902 -16.06 -21.90 -69.39
CA SER B 902 -17.37 -22.18 -69.95
C SER B 902 -18.34 -21.08 -69.52
N LEU B 903 -19.22 -20.71 -70.42
CA LEU B 903 -20.28 -19.75 -70.11
C LEU B 903 -21.51 -20.40 -69.53
N THR B 904 -21.57 -21.73 -69.48
CA THR B 904 -22.77 -22.38 -68.95
C THR B 904 -22.52 -23.14 -67.66
N LEU B 905 -21.34 -23.73 -67.50
CA LEU B 905 -21.06 -24.45 -66.27
C LEU B 905 -21.21 -23.60 -65.00
N PRO B 906 -20.94 -22.29 -64.99
CA PRO B 906 -21.19 -21.56 -63.74
C PRO B 906 -22.61 -21.75 -63.27
N LEU B 907 -23.56 -21.88 -64.19
CA LEU B 907 -24.95 -22.07 -63.79
C LEU B 907 -25.11 -23.31 -62.93
N ALA B 908 -24.37 -24.38 -63.27
CA ALA B 908 -24.46 -25.61 -62.49
C ALA B 908 -24.17 -25.34 -61.02
N VAL B 909 -23.35 -24.34 -60.74
CA VAL B 909 -23.15 -23.93 -59.35
C VAL B 909 -24.26 -22.98 -58.91
N ILE B 910 -24.53 -21.94 -59.69
CA ILE B 910 -25.42 -20.88 -59.21
C ILE B 910 -26.83 -21.42 -58.99
N LEU B 911 -27.34 -22.20 -59.94
CA LEU B 911 -28.68 -22.77 -59.82
C LEU B 911 -28.86 -23.60 -58.57
N ILE B 912 -27.77 -24.02 -57.92
CA ILE B 912 -27.95 -24.84 -56.73
C ILE B 912 -28.24 -23.99 -55.48
N VAL B 913 -27.86 -22.72 -55.45
CA VAL B 913 -27.89 -21.97 -54.19
C VAL B 913 -29.29 -21.65 -53.66
N PRO B 914 -30.32 -21.46 -54.49
CA PRO B 914 -31.66 -21.26 -53.88
C PRO B 914 -32.04 -22.38 -52.93
N MET B 915 -31.65 -23.61 -53.25
CA MET B 915 -32.10 -24.76 -52.47
C MET B 915 -31.59 -24.70 -51.04
N SER B 916 -30.33 -24.33 -50.84
CA SER B 916 -29.84 -24.19 -49.47
C SER B 916 -30.64 -23.12 -48.72
N ILE B 917 -30.98 -22.01 -49.40
CA ILE B 917 -31.83 -21.01 -48.76
C ILE B 917 -33.10 -21.70 -48.23
N LEU B 918 -33.76 -22.46 -49.11
CA LEU B 918 -34.95 -23.19 -48.74
C LEU B 918 -34.67 -24.07 -47.54
N SER B 919 -33.59 -24.84 -47.61
CA SER B 919 -33.28 -25.73 -46.49
C SER B 919 -33.17 -24.95 -45.19
N ALA B 920 -32.49 -23.81 -45.24
CA ALA B 920 -32.36 -23.01 -44.03
C ALA B 920 -33.71 -22.42 -43.62
N LEU B 921 -34.44 -21.84 -44.58
CA LEU B 921 -35.64 -21.10 -44.19
C LEU B 921 -36.69 -22.03 -43.61
N THR B 922 -36.89 -23.20 -44.23
CA THR B 922 -37.81 -24.18 -43.67
C THR B 922 -37.37 -24.55 -42.27
N GLY B 923 -36.06 -24.67 -42.04
CA GLY B 923 -35.58 -24.90 -40.70
C GLY B 923 -36.04 -23.83 -39.73
N VAL B 924 -35.77 -22.56 -40.05
CA VAL B 924 -36.24 -21.50 -39.15
C VAL B 924 -37.76 -21.53 -39.08
N TRP B 925 -38.41 -21.81 -40.22
CA TRP B 925 -39.87 -21.87 -40.23
C TRP B 925 -40.36 -23.02 -39.37
N LEU B 926 -39.63 -24.13 -39.37
CA LEU B 926 -40.07 -25.26 -38.57
C LEU B 926 -39.91 -25.00 -37.08
N THR B 927 -39.04 -24.07 -36.70
CA THR B 927 -38.97 -23.61 -35.32
C THR B 927 -39.75 -22.32 -35.09
N GLN B 928 -40.34 -21.77 -36.14
CA GLN B 928 -41.08 -20.51 -36.10
C GLN B 928 -40.26 -19.42 -35.41
N GLY B 929 -39.04 -19.24 -35.92
CA GLY B 929 -38.23 -18.09 -35.62
C GLY B 929 -38.27 -17.10 -36.77
N ASP B 930 -37.40 -16.10 -36.68
CA ASP B 930 -37.42 -15.06 -37.68
C ASP B 930 -36.10 -15.03 -38.45
N ASN B 931 -36.14 -14.29 -39.54
CA ASN B 931 -34.99 -14.15 -40.44
C ASN B 931 -34.15 -12.93 -40.04
N ASN B 932 -33.62 -12.99 -38.83
CA ASN B 932 -32.78 -11.91 -38.32
C ASN B 932 -31.40 -11.93 -38.96
N ILE B 933 -30.65 -10.84 -38.77
CA ILE B 933 -29.38 -10.67 -39.49
C ILE B 933 -28.41 -11.77 -39.14
N PHE B 934 -28.50 -12.31 -37.93
CA PHE B 934 -27.69 -13.46 -37.60
C PHE B 934 -28.07 -14.65 -38.47
N THR B 935 -29.36 -14.96 -38.57
CA THR B 935 -29.73 -16.08 -39.43
C THR B 935 -29.48 -15.76 -40.89
N GLN B 936 -29.47 -14.48 -41.28
CA GLN B 936 -29.12 -14.18 -42.66
C GLN B 936 -27.65 -14.41 -42.94
N ILE B 937 -26.76 -14.00 -42.04
CA ILE B 937 -25.35 -14.29 -42.32
C ILE B 937 -25.13 -15.80 -42.27
N GLY B 938 -25.89 -16.52 -41.45
CA GLY B 938 -25.87 -17.96 -41.54
C GLY B 938 -26.30 -18.47 -42.91
N LEU B 939 -27.37 -17.89 -43.45
CA LEU B 939 -27.83 -18.22 -44.79
C LEU B 939 -26.74 -17.98 -45.81
N MET B 940 -26.00 -16.87 -45.65
CA MET B 940 -24.94 -16.55 -46.57
C MET B 940 -23.80 -17.57 -46.52
N VAL B 941 -23.39 -17.97 -45.32
CA VAL B 941 -22.34 -18.97 -45.25
C VAL B 941 -22.84 -20.29 -45.84
N LEU B 942 -24.12 -20.61 -45.64
CA LEU B 942 -24.67 -21.83 -46.24
C LEU B 942 -24.64 -21.77 -47.76
N VAL B 943 -24.96 -20.61 -48.35
CA VAL B 943 -24.87 -20.55 -49.81
C VAL B 943 -23.42 -20.70 -50.23
N GLY B 944 -22.49 -20.10 -49.48
CA GLY B 944 -21.08 -20.28 -49.80
C GLY B 944 -20.63 -21.73 -49.75
N LEU B 945 -21.04 -22.45 -48.72
CA LEU B 945 -20.64 -23.84 -48.58
C LEU B 945 -21.21 -24.69 -49.72
N SER B 946 -22.49 -24.46 -50.05
CA SER B 946 -23.09 -25.22 -51.13
C SER B 946 -22.39 -24.90 -52.45
N ALA B 947 -22.01 -23.64 -52.64
CA ALA B 947 -21.28 -23.27 -53.84
C ALA B 947 -19.94 -23.99 -53.91
N LYS B 948 -19.19 -24.02 -52.80
CA LYS B 948 -17.92 -24.75 -52.78
C LYS B 948 -18.09 -26.19 -53.22
N ASN B 949 -19.04 -26.89 -52.60
CA ASN B 949 -19.24 -28.30 -52.94
C ASN B 949 -19.59 -28.45 -54.41
N ALA B 950 -20.49 -27.59 -54.91
CA ALA B 950 -20.85 -27.70 -56.31
C ALA B 950 -19.65 -27.43 -57.21
N ILE B 951 -18.84 -26.43 -56.87
CA ILE B 951 -17.72 -26.08 -57.72
C ILE B 951 -16.77 -27.25 -57.87
N LEU B 952 -16.49 -27.95 -56.78
CA LEU B 952 -15.59 -29.09 -56.90
C LEU B 952 -16.24 -30.25 -57.68
N ILE B 953 -17.55 -30.50 -57.45
CA ILE B 953 -18.25 -31.54 -58.22
C ILE B 953 -18.17 -31.24 -59.71
N VAL B 954 -18.49 -30.00 -60.09
CA VAL B 954 -18.53 -29.64 -61.50
C VAL B 954 -17.12 -29.68 -62.11
N GLU B 955 -16.11 -29.19 -61.38
CA GLU B 955 -14.76 -29.17 -61.93
C GLU B 955 -14.24 -30.58 -62.12
N PHE B 956 -14.58 -31.47 -61.18
CA PHE B 956 -14.22 -32.88 -61.32
C PHE B 956 -14.90 -33.51 -62.55
N ALA B 957 -16.20 -33.26 -62.74
CA ALA B 957 -16.89 -33.80 -63.91
C ALA B 957 -16.30 -33.25 -65.21
N ARG B 958 -15.97 -31.97 -65.23
CA ARG B 958 -15.35 -31.38 -66.40
C ARG B 958 -14.04 -32.09 -66.75
N GLU B 959 -13.14 -32.29 -65.78
CA GLU B 959 -11.87 -32.95 -66.14
C GLU B 959 -12.09 -34.40 -66.55
N LEU B 960 -13.05 -35.09 -65.93
CA LEU B 960 -13.39 -36.43 -66.37
C LEU B 960 -13.90 -36.43 -67.81
N GLU B 961 -14.73 -35.44 -68.16
CA GLU B 961 -15.22 -35.35 -69.53
C GLU B 961 -14.08 -35.02 -70.50
N HIS B 962 -13.11 -34.20 -70.08
CA HIS B 962 -11.94 -33.93 -70.90
C HIS B 962 -11.08 -35.18 -71.07
N ASP B 963 -11.19 -36.14 -70.17
CA ASP B 963 -10.63 -37.47 -70.34
C ASP B 963 -11.52 -38.38 -71.18
N GLY B 964 -12.40 -37.81 -71.99
CA GLY B 964 -13.25 -38.62 -72.85
C GLY B 964 -14.39 -39.37 -72.20
N LYS B 965 -15.02 -38.78 -71.21
CA LYS B 965 -16.20 -39.41 -70.61
C LYS B 965 -17.44 -38.70 -71.13
N THR B 966 -18.52 -39.46 -71.30
CA THR B 966 -19.75 -38.79 -71.68
C THR B 966 -20.24 -37.98 -70.47
N PRO B 967 -20.96 -36.88 -70.71
CA PRO B 967 -21.46 -36.10 -69.58
C PRO B 967 -22.12 -36.94 -68.52
N PHE B 968 -22.87 -37.99 -68.90
CA PHE B 968 -23.55 -38.81 -67.90
C PHE B 968 -22.55 -39.49 -66.97
N GLU B 969 -21.58 -40.19 -67.54
CA GLU B 969 -20.63 -40.91 -66.71
C GLU B 969 -19.66 -39.95 -66.03
N ALA B 970 -19.39 -38.81 -66.64
CA ALA B 970 -18.56 -37.79 -65.98
C ALA B 970 -19.27 -37.27 -64.74
N ALA B 971 -20.56 -36.96 -64.85
CA ALA B 971 -21.31 -36.48 -63.69
C ALA B 971 -21.33 -37.53 -62.59
N VAL B 972 -21.62 -38.78 -62.94
CA VAL B 972 -21.69 -39.80 -61.90
C VAL B 972 -20.32 -40.01 -61.28
N GLU B 973 -19.25 -40.08 -62.09
CA GLU B 973 -17.94 -40.34 -61.52
C GLU B 973 -17.47 -39.20 -60.64
N ALA B 974 -17.74 -37.96 -61.05
CA ALA B 974 -17.37 -36.83 -60.21
C ALA B 974 -18.14 -36.85 -58.91
N SER B 975 -19.45 -37.07 -58.98
CA SER B 975 -20.24 -37.06 -57.76
C SER B 975 -19.76 -38.15 -56.81
N ARG B 976 -19.48 -39.35 -57.34
CA ARG B 976 -18.93 -40.41 -56.49
C ARG B 976 -17.57 -40.02 -55.93
N LEU B 977 -16.72 -39.37 -56.73
CA LEU B 977 -15.40 -38.98 -56.25
C LEU B 977 -15.48 -38.00 -55.10
N ARG B 978 -16.36 -36.99 -55.22
CA ARG B 978 -16.45 -35.93 -54.23
C ARG B 978 -17.36 -36.29 -53.06
N LEU B 979 -18.09 -37.40 -53.14
CA LEU B 979 -19.04 -37.75 -52.08
C LEU B 979 -18.40 -37.77 -50.69
N ARG B 980 -17.23 -38.40 -50.56
CA ARG B 980 -16.63 -38.58 -49.24
C ARG B 980 -16.28 -37.26 -48.57
N PRO B 981 -15.52 -36.34 -49.19
CA PRO B 981 -15.20 -35.10 -48.49
C PRO B 981 -16.44 -34.27 -48.12
N ILE B 982 -17.46 -34.28 -48.98
CA ILE B 982 -18.70 -33.56 -48.69
C ILE B 982 -19.36 -34.14 -47.46
N LEU B 983 -19.41 -35.47 -47.38
CA LEU B 983 -19.94 -36.12 -46.20
C LEU B 983 -19.10 -35.79 -44.98
N MET B 984 -17.76 -35.73 -45.15
CA MET B 984 -16.91 -35.46 -43.99
C MET B 984 -17.25 -34.11 -43.39
N THR B 985 -17.33 -33.07 -44.23
CA THR B 985 -17.68 -31.74 -43.73
C THR B 985 -19.09 -31.72 -43.12
N SER B 986 -20.06 -32.33 -43.81
CA SER B 986 -21.43 -32.31 -43.31
C SER B 986 -21.51 -32.97 -41.94
N ILE B 987 -20.86 -34.12 -41.80
CA ILE B 987 -20.89 -34.84 -40.54
C ILE B 987 -20.19 -34.05 -39.45
N ALA B 988 -19.09 -33.37 -39.79
CA ALA B 988 -18.41 -32.55 -38.79
C ALA B 988 -19.36 -31.48 -38.24
N PHE B 989 -20.08 -30.76 -39.13
CA PHE B 989 -21.02 -29.75 -38.67
C PHE B 989 -22.15 -30.35 -37.84
N ILE B 990 -22.72 -31.47 -38.28
CA ILE B 990 -23.87 -32.03 -37.59
C ILE B 990 -23.49 -32.55 -36.20
N MET B 991 -22.29 -33.11 -36.07
CA MET B 991 -21.84 -33.44 -34.73
C MET B 991 -21.56 -32.19 -33.92
N GLY B 992 -21.17 -31.09 -34.55
CA GLY B 992 -21.06 -29.84 -33.78
C GLY B 992 -22.41 -29.30 -33.35
N VAL B 993 -23.46 -29.61 -34.11
CA VAL B 993 -24.83 -29.16 -33.80
C VAL B 993 -25.45 -29.99 -32.70
N VAL B 994 -25.00 -31.23 -32.52
CA VAL B 994 -25.57 -32.10 -31.48
C VAL B 994 -25.41 -31.55 -30.06
N PRO B 995 -24.25 -31.03 -29.63
CA PRO B 995 -24.20 -30.41 -28.28
C PRO B 995 -25.05 -29.15 -28.13
N LEU B 996 -25.26 -28.36 -29.18
CA LEU B 996 -26.12 -27.19 -29.08
C LEU B 996 -27.60 -27.54 -29.16
N VAL B 997 -27.94 -28.81 -29.12
CA VAL B 997 -29.32 -29.23 -29.02
C VAL B 997 -29.62 -29.90 -27.68
N LEU B 998 -28.65 -30.58 -27.09
CA LEU B 998 -28.79 -31.24 -25.79
C LEU B 998 -28.13 -30.37 -24.71
N SER B 999 -28.72 -29.20 -24.47
CA SER B 999 -28.18 -28.26 -23.47
C SER B 999 -29.28 -27.59 -22.66
N THR B 1000 -30.26 -28.34 -22.18
CA THR B 1000 -31.34 -27.74 -21.43
C THR B 1000 -30.84 -27.14 -20.10
N GLY B 1001 -31.70 -26.33 -19.48
CA GLY B 1001 -31.40 -25.67 -18.21
C GLY B 1001 -30.45 -24.49 -18.27
N ALA B 1002 -29.64 -24.41 -19.31
CA ALA B 1002 -28.63 -23.39 -19.48
C ALA B 1002 -29.14 -22.27 -20.41
N GLY B 1003 -28.21 -21.42 -20.86
CA GLY B 1003 -28.47 -20.33 -21.78
C GLY B 1003 -28.65 -20.80 -23.21
N ALA B 1004 -29.54 -21.78 -23.40
CA ALA B 1004 -29.67 -22.52 -24.66
C ALA B 1004 -30.86 -22.06 -25.50
N GLU B 1005 -31.28 -20.80 -25.38
CA GLU B 1005 -32.32 -20.31 -26.29
C GLU B 1005 -31.75 -20.06 -27.68
N MET B 1006 -30.70 -19.25 -27.78
CA MET B 1006 -30.12 -18.96 -29.08
C MET B 1006 -29.23 -20.10 -29.56
N ARG B 1007 -28.70 -20.91 -28.62
CA ARG B 1007 -27.91 -22.09 -28.96
C ARG B 1007 -28.72 -23.04 -29.84
N HIS B 1008 -29.86 -23.52 -29.31
CA HIS B 1008 -30.75 -24.39 -30.08
C HIS B 1008 -31.39 -23.63 -31.23
N ALA B 1009 -31.62 -22.32 -31.04
CA ALA B 1009 -32.30 -21.52 -32.07
C ALA B 1009 -31.52 -21.51 -33.36
N MET B 1010 -30.20 -21.38 -33.28
CA MET B 1010 -29.42 -21.52 -34.50
C MET B 1010 -29.04 -22.99 -34.75
N GLY B 1011 -29.14 -23.84 -33.72
CA GLY B 1011 -28.86 -25.25 -33.81
C GLY B 1011 -29.69 -26.03 -34.83
N VAL B 1012 -31.01 -26.00 -34.64
CA VAL B 1012 -31.88 -26.73 -35.58
C VAL B 1012 -31.82 -26.09 -36.96
N ALA B 1013 -31.64 -24.76 -37.01
CA ALA B 1013 -31.47 -24.09 -38.29
C ALA B 1013 -30.27 -24.65 -39.03
N VAL B 1014 -29.15 -24.82 -38.33
CA VAL B 1014 -27.95 -25.35 -38.96
C VAL B 1014 -28.12 -26.81 -39.34
N PHE B 1015 -28.82 -27.60 -38.51
CA PHE B 1015 -29.06 -28.98 -38.89
C PHE B 1015 -29.79 -29.07 -40.23
N PHE B 1016 -30.94 -28.39 -40.35
CA PHE B 1016 -31.67 -28.39 -41.63
C PHE B 1016 -30.89 -27.74 -42.76
N GLY B 1017 -30.18 -26.65 -42.50
CA GLY B 1017 -29.36 -26.06 -43.53
C GLY B 1017 -28.31 -27.01 -44.07
N MET B 1018 -27.61 -27.71 -43.17
CA MET B 1018 -26.65 -28.73 -43.58
C MET B 1018 -27.32 -29.88 -44.35
N LEU B 1019 -28.43 -30.41 -43.82
CA LEU B 1019 -29.11 -31.50 -44.51
C LEU B 1019 -29.44 -31.10 -45.92
N GLY B 1020 -30.05 -29.92 -46.08
CA GLY B 1020 -30.40 -29.46 -47.41
C GLY B 1020 -29.20 -29.16 -48.28
N VAL B 1021 -28.18 -28.50 -47.73
CA VAL B 1021 -27.00 -28.20 -48.53
C VAL B 1021 -26.43 -29.48 -49.12
N THR B 1022 -26.25 -30.50 -48.29
CA THR B 1022 -25.71 -31.77 -48.77
C THR B 1022 -26.66 -32.43 -49.76
N LEU B 1023 -27.93 -32.58 -49.36
CA LEU B 1023 -28.86 -33.35 -50.17
C LEU B 1023 -29.01 -32.74 -51.54
N PHE B 1024 -29.32 -31.44 -51.58
CA PHE B 1024 -29.51 -30.77 -52.86
C PHE B 1024 -28.21 -30.74 -53.67
N GLY B 1025 -27.06 -30.52 -53.05
CA GLY B 1025 -25.82 -30.52 -53.81
C GLY B 1025 -25.54 -31.85 -54.48
N LEU B 1026 -25.66 -32.94 -53.71
CA LEU B 1026 -25.30 -34.25 -54.25
C LEU B 1026 -26.34 -34.77 -55.22
N MET B 1027 -27.61 -34.43 -55.02
CA MET B 1027 -28.66 -34.96 -55.87
C MET B 1027 -28.94 -34.09 -57.07
N LEU B 1028 -28.48 -32.86 -57.07
CA LEU B 1028 -28.85 -31.95 -58.15
C LEU B 1028 -27.67 -31.43 -58.98
N THR B 1029 -26.49 -31.19 -58.39
CA THR B 1029 -25.39 -30.73 -59.21
C THR B 1029 -25.08 -31.68 -60.36
N PRO B 1030 -25.08 -33.01 -60.19
CA PRO B 1030 -24.88 -33.87 -61.39
C PRO B 1030 -25.92 -33.62 -62.46
N VAL B 1031 -27.19 -33.44 -62.06
CA VAL B 1031 -28.27 -33.21 -63.01
C VAL B 1031 -28.03 -31.92 -63.78
N PHE B 1032 -27.75 -30.83 -63.07
CA PHE B 1032 -27.42 -29.59 -63.76
C PHE B 1032 -26.24 -29.77 -64.70
N TYR B 1033 -25.21 -30.50 -64.27
CA TYR B 1033 -24.04 -30.63 -65.12
C TYR B 1033 -24.44 -31.25 -66.44
N VAL B 1034 -25.15 -32.38 -66.40
CA VAL B 1034 -25.52 -33.02 -67.66
C VAL B 1034 -26.47 -32.13 -68.46
N VAL B 1035 -27.41 -31.45 -67.82
CA VAL B 1035 -28.34 -30.61 -68.58
C VAL B 1035 -27.59 -29.49 -69.29
N LEU B 1036 -26.78 -28.73 -68.55
CA LEU B 1036 -26.03 -27.62 -69.13
C LEU B 1036 -25.03 -28.13 -70.17
N ARG B 1037 -24.48 -29.33 -69.94
CA ARG B 1037 -23.43 -29.89 -70.78
C ARG B 1037 -23.99 -30.39 -72.11
N THR B 1038 -25.24 -30.84 -72.13
CA THR B 1038 -25.90 -31.22 -73.36
C THR B 1038 -26.78 -30.10 -73.88
N LEU B 1039 -26.68 -28.93 -73.28
CA LEU B 1039 -27.13 -27.69 -73.89
C LEU B 1039 -25.93 -26.79 -74.08
N ALA B 1040 -24.83 -27.38 -74.57
CA ALA B 1040 -23.59 -26.69 -74.90
C ALA B 1040 -23.21 -27.06 -76.34
N GLY B 1041 -23.70 -26.28 -77.30
CA GLY B 1041 -23.50 -26.56 -78.71
C GLY B 1041 -24.59 -27.44 -79.28
N GLY B 1042 -25.28 -26.98 -80.31
CA GLY B 1042 -26.38 -27.73 -80.89
C GLY B 1042 -27.57 -27.87 -79.94
N MET C 1 15.98 -18.88 -56.15
CA MET C 1 15.99 -17.47 -55.76
C MET C 1 17.27 -16.77 -56.23
N ASN C 2 18.00 -17.41 -57.17
CA ASN C 2 19.12 -16.76 -57.87
C ASN C 2 18.66 -16.26 -59.24
N ILE C 3 17.95 -15.13 -59.19
CA ILE C 3 17.44 -14.44 -60.37
C ILE C 3 18.39 -13.36 -60.89
N SER C 4 19.66 -13.42 -60.51
CA SER C 4 20.51 -12.36 -61.05
C SER C 4 20.98 -12.66 -62.45
N LYS C 5 20.65 -13.82 -63.00
CA LYS C 5 21.11 -14.17 -64.35
C LYS C 5 20.59 -13.17 -65.38
N PHE C 6 19.30 -12.84 -65.29
CA PHE C 6 18.67 -11.89 -66.21
C PHE C 6 19.42 -10.57 -66.25
N PHE C 7 19.88 -10.11 -65.10
CA PHE C 7 20.57 -8.83 -65.08
C PHE C 7 22.03 -8.98 -65.45
N ILE C 8 22.65 -10.12 -65.12
CA ILE C 8 24.01 -10.36 -65.59
C ILE C 8 24.03 -10.26 -67.11
N ASP C 9 22.98 -10.77 -67.74
CA ASP C 9 22.88 -10.74 -69.19
C ASP C 9 22.47 -9.38 -69.75
N ARG C 10 21.83 -8.52 -68.95
CA ARG C 10 21.31 -7.25 -69.43
C ARG C 10 21.83 -6.13 -68.54
N PRO C 11 23.12 -5.80 -68.67
CA PRO C 11 23.68 -4.77 -67.81
C PRO C 11 23.00 -3.43 -67.96
N ILE C 12 22.49 -3.08 -69.16
CA ILE C 12 21.79 -1.80 -69.30
C ILE C 12 20.55 -1.78 -68.41
N PHE C 13 19.81 -2.89 -68.37
CA PHE C 13 18.61 -2.96 -67.55
C PHE C 13 18.94 -2.76 -66.07
N ALA C 14 20.00 -3.41 -65.61
CA ALA C 14 20.39 -3.25 -64.21
C ALA C 14 20.79 -1.80 -63.95
N GLY C 15 21.56 -1.23 -64.86
CA GLY C 15 21.91 0.19 -64.75
C GLY C 15 20.68 1.07 -64.77
N VAL C 16 19.70 0.74 -65.59
CA VAL C 16 18.50 1.57 -65.68
C VAL C 16 17.79 1.58 -64.34
N LEU C 17 17.64 0.40 -63.74
CA LEU C 17 17.01 0.32 -62.43
C LEU C 17 17.81 1.11 -61.38
N SER C 18 19.13 0.95 -61.37
CA SER C 18 19.90 1.66 -60.36
C SER C 18 19.85 3.16 -60.58
N VAL C 19 19.87 3.59 -61.83
CA VAL C 19 19.78 5.01 -62.13
C VAL C 19 18.43 5.57 -61.72
N ILE C 20 17.37 4.77 -61.84
CA ILE C 20 16.07 5.20 -61.34
C ILE C 20 16.11 5.36 -59.81
N ILE C 21 16.73 4.40 -59.12
CA ILE C 21 16.92 4.50 -57.67
C ILE C 21 17.70 5.77 -57.31
N LEU C 22 18.81 6.01 -58.00
CA LEU C 22 19.63 7.19 -57.74
C LEU C 22 18.85 8.47 -58.02
N LEU C 23 18.15 8.51 -59.15
CA LEU C 23 17.38 9.70 -59.53
C LEU C 23 16.26 10.00 -58.53
N ALA C 24 15.47 8.98 -58.19
CA ALA C 24 14.45 9.18 -57.17
C ALA C 24 15.09 9.68 -55.88
N GLY C 25 16.22 9.10 -55.49
CA GLY C 25 16.83 9.49 -54.23
C GLY C 25 17.26 10.93 -54.20
N MET C 26 17.86 11.43 -55.29
CA MET C 26 18.23 12.84 -55.29
C MET C 26 16.99 13.73 -55.29
N ILE C 27 15.95 13.35 -56.04
CA ILE C 27 14.70 14.10 -55.99
C ILE C 27 14.18 14.18 -54.55
N ALA C 28 14.11 13.04 -53.87
CA ALA C 28 13.57 13.00 -52.50
C ALA C 28 14.43 13.78 -51.54
N MET C 29 15.74 13.76 -51.76
CA MET C 29 16.67 14.46 -50.87
C MET C 29 16.30 15.93 -50.74
N PHE C 30 15.95 16.57 -51.85
CA PHE C 30 15.56 17.97 -51.86
C PHE C 30 14.13 18.21 -51.42
N LEU C 31 13.36 17.18 -51.08
CA LEU C 31 12.02 17.38 -50.58
C LEU C 31 11.86 16.94 -49.13
N LEU C 32 12.93 16.55 -48.47
CA LEU C 32 12.59 16.00 -47.17
C LEU C 32 12.62 17.08 -46.12
N PRO C 33 11.83 16.89 -45.05
CA PRO C 33 12.01 17.73 -43.85
C PRO C 33 13.42 17.60 -43.32
N ILE C 34 13.98 18.72 -42.88
CA ILE C 34 15.29 18.77 -42.24
C ILE C 34 15.13 19.40 -40.86
N SER C 35 15.73 18.79 -39.84
CA SER C 35 15.71 19.31 -38.48
C SER C 35 16.81 18.61 -37.70
N GLU C 36 17.04 19.07 -36.47
CA GLU C 36 18.09 18.47 -35.67
C GLU C 36 17.70 17.12 -35.07
N TYR C 37 16.45 16.95 -34.69
CA TYR C 37 15.93 15.70 -34.15
C TYR C 37 14.59 15.43 -34.82
N PRO C 38 14.05 14.23 -34.65
CA PRO C 38 12.68 14.00 -35.09
C PRO C 38 11.70 14.65 -34.10
N GLU C 39 10.43 14.48 -34.40
CA GLU C 39 9.38 15.00 -33.54
C GLU C 39 9.43 14.20 -32.24
N VAL C 40 10.09 14.76 -31.24
CA VAL C 40 10.31 14.03 -30.00
C VAL C 40 9.60 14.63 -28.79
N VAL C 41 9.36 15.94 -28.77
CA VAL C 41 8.80 16.57 -27.57
C VAL C 41 7.27 16.43 -27.58
N PRO C 42 6.65 15.94 -26.51
CA PRO C 42 5.18 15.80 -26.48
C PRO C 42 4.50 17.13 -26.68
N PRO C 43 3.40 17.17 -27.43
CA PRO C 43 2.75 18.45 -27.67
C PRO C 43 2.15 18.98 -26.38
N SER C 44 2.17 20.30 -26.24
CA SER C 44 1.52 20.91 -25.09
C SER C 44 0.83 22.18 -25.55
N VAL C 45 -0.22 22.55 -24.84
CA VAL C 45 -0.96 23.78 -25.08
C VAL C 45 -0.69 24.75 -23.95
N ILE C 46 -0.66 26.03 -24.26
CA ILE C 46 -0.30 27.05 -23.28
C ILE C 46 -1.48 27.99 -23.15
N VAL C 47 -1.91 28.21 -21.92
CA VAL C 47 -2.98 29.14 -21.60
C VAL C 47 -2.38 30.27 -20.78
N LYS C 48 -2.59 31.50 -21.22
CA LYS C 48 -1.99 32.62 -20.50
C LYS C 48 -3.07 33.61 -20.09
N ALA C 49 -2.77 34.32 -18.98
CA ALA C 49 -3.71 35.26 -18.37
C ALA C 49 -2.95 36.30 -17.54
N GLN C 50 -3.26 37.58 -17.66
CA GLN C 50 -2.75 38.55 -16.69
C GLN C 50 -3.83 38.87 -15.67
N TYR C 51 -3.39 39.07 -14.43
CA TYR C 51 -4.20 39.67 -13.37
C TYR C 51 -3.32 40.65 -12.63
N PRO C 52 -3.07 41.83 -13.19
CA PRO C 52 -2.05 42.73 -12.61
C PRO C 52 -2.36 43.13 -11.15
N GLY C 53 -1.33 43.01 -10.29
CA GLY C 53 -1.42 43.38 -8.90
C GLY C 53 -1.85 42.26 -7.98
N ALA C 54 -2.49 41.23 -8.54
CA ALA C 54 -3.02 40.14 -7.73
C ALA C 54 -1.89 39.24 -7.20
N ASN C 55 -2.08 38.78 -5.97
CA ASN C 55 -1.14 37.92 -5.29
C ASN C 55 -1.11 36.54 -5.94
N PRO C 56 0.07 35.89 -5.98
CA PRO C 56 0.16 34.56 -6.62
C PRO C 56 -0.80 33.54 -6.06
N LYS C 57 -1.09 33.58 -4.75
CA LYS C 57 -2.10 32.71 -4.19
C LYS C 57 -3.49 33.08 -4.72
N VAL C 58 -3.78 34.38 -4.81
CA VAL C 58 -5.06 34.86 -5.34
C VAL C 58 -5.21 34.47 -6.81
N ILE C 59 -4.14 34.61 -7.61
CA ILE C 59 -4.17 34.18 -9.00
C ILE C 59 -4.32 32.66 -9.10
N ALA C 60 -3.57 31.92 -8.30
CA ALA C 60 -3.62 30.47 -8.32
C ALA C 60 -5.02 29.95 -7.98
N GLU C 61 -5.73 30.66 -7.10
CA GLU C 61 -7.01 30.18 -6.58
C GLU C 61 -8.24 30.77 -7.28
N THR C 62 -8.18 31.99 -7.80
CA THR C 62 -9.34 32.56 -8.47
C THR C 62 -9.21 32.59 -9.98
N VAL C 63 -8.00 32.39 -10.53
CA VAL C 63 -7.76 32.36 -11.98
C VAL C 63 -7.35 30.97 -12.43
N ALA C 64 -6.26 30.44 -11.89
CA ALA C 64 -5.76 29.16 -12.34
C ALA C 64 -6.76 28.06 -12.08
N SER C 65 -7.34 28.02 -10.87
CA SER C 65 -8.16 26.89 -10.44
C SER C 65 -9.42 26.70 -11.26
N PRO C 66 -10.27 27.71 -11.50
CA PRO C 66 -11.41 27.50 -12.42
C PRO C 66 -11.00 27.11 -13.84
N LEU C 67 -9.95 27.73 -14.38
CA LEU C 67 -9.49 27.35 -15.71
C LEU C 67 -9.08 25.87 -15.76
N GLU C 68 -8.30 25.42 -14.78
CA GLU C 68 -7.90 24.03 -14.78
C GLU C 68 -9.08 23.09 -14.49
N GLU C 69 -10.04 23.50 -13.65
CA GLU C 69 -11.18 22.62 -13.46
C GLU C 69 -11.95 22.43 -14.76
N GLN C 70 -12.02 23.45 -15.61
CA GLN C 70 -12.64 23.23 -16.92
C GLN C 70 -11.76 22.44 -17.86
N ILE C 71 -10.45 22.73 -17.88
CA ILE C 71 -9.53 22.05 -18.79
C ILE C 71 -9.45 20.59 -18.45
N ASN C 72 -9.57 20.26 -17.17
CA ASN C 72 -9.38 18.90 -16.70
C ASN C 72 -10.25 17.95 -17.51
N GLY C 73 -9.68 16.79 -17.86
CA GLY C 73 -10.40 15.81 -18.63
C GLY C 73 -10.40 15.97 -20.14
N VAL C 74 -9.59 16.85 -20.70
CA VAL C 74 -9.52 16.87 -22.15
C VAL C 74 -8.94 15.54 -22.61
N GLU C 75 -9.30 15.14 -23.82
CA GLU C 75 -8.88 13.86 -24.35
C GLU C 75 -7.37 13.82 -24.48
N ASP C 76 -6.79 12.70 -24.08
CA ASP C 76 -5.38 12.38 -24.29
C ASP C 76 -4.45 13.37 -23.60
N MET C 77 -4.97 14.00 -22.54
CA MET C 77 -4.19 14.93 -21.72
C MET C 77 -3.24 14.12 -20.85
N LEU C 78 -1.94 14.37 -20.98
CA LEU C 78 -0.98 13.68 -20.12
C LEU C 78 -1.02 14.23 -18.70
N TYR C 79 -0.94 15.55 -18.57
CA TYR C 79 -1.06 16.21 -17.26
C TYR C 79 -1.11 17.70 -17.50
N MET C 80 -1.28 18.45 -16.43
CA MET C 80 -1.32 19.90 -16.58
C MET C 80 -0.67 20.53 -15.35
N GLN C 81 -0.09 21.69 -15.57
CA GLN C 81 0.44 22.49 -14.47
C GLN C 81 0.09 23.95 -14.73
N SER C 82 -0.34 24.62 -13.68
CA SER C 82 -0.50 26.07 -13.70
C SER C 82 0.63 26.65 -12.86
N GLN C 83 0.98 27.89 -13.17
CA GLN C 83 2.01 28.62 -12.47
C GLN C 83 1.57 30.07 -12.41
N ALA C 84 1.46 30.60 -11.20
CA ALA C 84 1.10 31.98 -10.94
C ALA C 84 2.32 32.71 -10.40
N ASN C 85 2.65 33.86 -11.00
CA ASN C 85 3.80 34.65 -10.63
C ASN C 85 3.33 35.95 -9.99
N SER C 86 4.21 36.54 -9.15
CA SER C 86 3.89 37.75 -8.39
C SER C 86 3.74 38.99 -9.27
N ASP C 87 4.28 38.97 -10.48
CA ASP C 87 4.09 40.06 -11.42
C ASP C 87 2.74 40.01 -12.09
N GLY C 88 1.85 39.16 -11.62
CA GLY C 88 0.49 39.13 -12.10
C GLY C 88 0.22 38.20 -13.25
N ASN C 89 1.19 37.36 -13.64
CA ASN C 89 0.98 36.48 -14.78
C ASN C 89 0.59 35.07 -14.35
N MET C 90 -0.26 34.44 -15.16
CA MET C 90 -0.77 33.10 -14.94
C MET C 90 -0.49 32.32 -16.21
N THR C 91 0.13 31.14 -16.08
CA THR C 91 0.51 30.33 -17.23
C THR C 91 0.15 28.87 -16.95
N ILE C 92 -0.69 28.28 -17.78
CA ILE C 92 -1.03 26.85 -17.72
C ILE C 92 -0.36 26.13 -18.89
N THR C 93 0.27 25.00 -18.60
CA THR C 93 0.82 24.13 -19.63
C THR C 93 0.09 22.81 -19.56
N VAL C 94 -0.64 22.46 -20.62
CA VAL C 94 -1.35 21.19 -20.71
C VAL C 94 -0.53 20.30 -21.64
N THR C 95 0.03 19.21 -21.12
CA THR C 95 0.82 18.31 -21.94
C THR C 95 -0.06 17.13 -22.30
N PHE C 96 -0.07 16.78 -23.60
CA PHE C 96 -0.85 15.69 -24.18
C PHE C 96 0.01 14.52 -24.57
N LYS C 97 -0.67 13.39 -24.80
CA LYS C 97 -0.02 12.16 -25.18
C LYS C 97 0.73 12.34 -26.49
N LEU C 98 1.91 11.74 -26.58
CA LEU C 98 2.74 11.90 -27.75
C LEU C 98 1.98 11.45 -29.00
N GLY C 99 2.14 12.22 -30.07
CA GLY C 99 1.43 11.95 -31.30
C GLY C 99 0.06 12.59 -31.42
N THR C 100 -0.45 13.21 -30.37
CA THR C 100 -1.64 14.03 -30.52
C THR C 100 -1.39 15.25 -31.41
N ASP C 101 -2.42 15.65 -32.13
CA ASP C 101 -2.29 16.80 -33.01
C ASP C 101 -2.31 18.07 -32.17
N PRO C 102 -1.27 18.90 -32.21
CA PRO C 102 -1.33 20.14 -31.43
C PRO C 102 -2.58 20.94 -31.70
N ASP C 103 -3.08 20.97 -32.94
CA ASP C 103 -4.18 21.88 -33.27
C ASP C 103 -5.50 21.42 -32.67
N LYS C 104 -5.80 20.12 -32.78
CA LYS C 104 -7.02 19.60 -32.14
C LYS C 104 -6.97 19.82 -30.63
N ALA C 105 -5.82 19.52 -30.03
CA ALA C 105 -5.67 19.65 -28.59
C ALA C 105 -5.84 21.08 -28.16
N THR C 106 -5.20 22.02 -28.87
CA THR C 106 -5.33 23.40 -28.47
C THR C 106 -6.76 23.88 -28.57
N GLN C 107 -7.46 23.51 -29.63
CA GLN C 107 -8.82 24.03 -29.72
C GLN C 107 -9.69 23.44 -28.60
N LEU C 108 -9.47 22.18 -28.23
CA LEU C 108 -10.27 21.60 -27.14
C LEU C 108 -10.03 22.32 -25.83
N VAL C 109 -8.76 22.52 -25.48
CA VAL C 109 -8.50 23.19 -24.21
C VAL C 109 -8.98 24.63 -24.25
N GLN C 110 -8.95 25.29 -25.42
CA GLN C 110 -9.51 26.64 -25.52
C GLN C 110 -11.01 26.64 -25.33
N ASN C 111 -11.71 25.64 -25.86
CA ASN C 111 -13.15 25.53 -25.60
C ASN C 111 -13.40 25.49 -24.11
N ARG C 112 -12.66 24.62 -23.40
CA ARG C 112 -12.81 24.54 -21.96
C ARG C 112 -12.46 25.86 -21.29
N VAL C 113 -11.41 26.52 -21.78
CA VAL C 113 -11.02 27.82 -21.22
C VAL C 113 -12.17 28.81 -21.38
N ASN C 114 -12.83 28.79 -22.54
CA ASN C 114 -13.95 29.69 -22.80
C ASN C 114 -15.09 29.38 -21.84
N GLN C 115 -15.35 28.10 -21.60
CA GLN C 115 -16.36 27.72 -20.62
C GLN C 115 -16.02 28.33 -19.26
N ALA C 116 -14.74 28.33 -18.90
CA ALA C 116 -14.33 28.92 -17.62
C ALA C 116 -14.39 30.44 -17.61
N LEU C 117 -14.28 31.07 -18.78
CA LEU C 117 -14.02 32.51 -18.90
C LEU C 117 -14.97 33.41 -18.10
N PRO C 118 -16.29 33.23 -18.15
CA PRO C 118 -17.14 34.16 -17.39
C PRO C 118 -16.97 34.07 -15.90
N ARG C 119 -16.46 32.96 -15.35
CA ARG C 119 -16.21 32.88 -13.91
C ARG C 119 -14.92 33.58 -13.48
N LEU C 120 -14.12 34.06 -14.42
CA LEU C 120 -12.86 34.71 -14.09
C LEU C 120 -13.10 36.15 -13.65
N PRO C 121 -12.16 36.75 -12.91
CA PRO C 121 -12.34 38.15 -12.50
C PRO C 121 -12.52 39.07 -13.70
N GLU C 122 -13.14 40.22 -13.46
CA GLU C 122 -13.39 41.18 -14.53
C GLU C 122 -12.08 41.61 -15.19
N ASP C 123 -11.03 41.77 -14.39
CA ASP C 123 -9.78 42.31 -14.91
C ASP C 123 -9.08 41.33 -15.86
N VAL C 124 -9.06 40.04 -15.52
CA VAL C 124 -8.43 39.07 -16.43
C VAL C 124 -9.24 38.97 -17.73
N GLN C 125 -10.56 39.04 -17.65
CA GLN C 125 -11.34 39.03 -18.87
C GLN C 125 -11.03 40.25 -19.72
N ARG C 126 -10.89 41.41 -19.08
CA ARG C 126 -10.63 42.66 -19.83
C ARG C 126 -9.27 42.61 -20.53
N LEU C 127 -8.25 42.04 -19.89
CA LEU C 127 -6.99 41.84 -20.60
C LEU C 127 -7.08 40.71 -21.63
N GLY C 128 -7.91 39.71 -21.40
CA GLY C 128 -8.02 38.60 -22.33
C GLY C 128 -7.16 37.41 -21.91
N ILE C 129 -7.58 36.23 -22.38
CA ILE C 129 -6.86 34.97 -22.19
C ILE C 129 -6.33 34.51 -23.55
N THR C 130 -5.19 33.83 -23.58
CA THR C 130 -4.70 33.31 -24.86
C THR C 130 -4.35 31.84 -24.76
N THR C 131 -4.66 31.07 -25.81
CA THR C 131 -4.36 29.63 -25.85
C THR C 131 -3.67 29.28 -27.16
N VAL C 132 -2.46 28.72 -27.07
CA VAL C 132 -1.68 28.44 -28.28
C VAL C 132 -0.92 27.12 -28.16
N LYS C 133 -0.72 26.44 -29.30
CA LYS C 133 0.09 25.23 -29.32
C LYS C 133 1.56 25.57 -29.09
N SER C 134 2.19 24.80 -28.23
CA SER C 134 3.61 24.99 -27.98
C SER C 134 4.42 24.49 -29.18
N SER C 135 5.37 25.32 -29.63
CA SER C 135 6.28 25.02 -30.73
C SER C 135 7.67 24.81 -30.16
N PRO C 136 8.03 23.59 -29.77
CA PRO C 136 9.26 23.40 -29.01
C PRO C 136 10.52 23.48 -29.83
N THR C 137 10.42 23.44 -31.16
CA THR C 137 11.59 23.24 -32.01
C THR C 137 12.17 24.59 -32.42
N LEU C 138 13.26 24.98 -31.77
CA LEU C 138 13.81 26.31 -31.94
C LEU C 138 14.77 26.34 -33.13
N THR C 139 14.40 27.07 -34.18
CA THR C 139 15.29 27.22 -35.33
C THR C 139 16.39 28.25 -35.07
N MET C 140 16.04 29.46 -34.67
CA MET C 140 17.11 30.40 -34.36
C MET C 140 16.56 31.56 -33.54
N VAL C 141 17.47 32.34 -32.97
CA VAL C 141 17.15 33.53 -32.18
C VAL C 141 17.79 34.75 -32.84
N VAL C 142 16.97 35.74 -33.13
CA VAL C 142 17.44 37.01 -33.67
C VAL C 142 17.13 38.10 -32.65
N HIS C 143 18.15 38.90 -32.33
CA HIS C 143 18.04 40.01 -31.41
C HIS C 143 18.02 41.31 -32.18
N LEU C 144 17.12 42.21 -31.81
CA LEU C 144 17.29 43.62 -32.15
C LEU C 144 18.10 44.27 -31.02
N ILE C 145 19.01 45.17 -31.41
CA ILE C 145 19.98 45.72 -30.48
C ILE C 145 20.13 47.20 -30.74
N SER C 146 20.39 47.96 -29.69
CA SER C 146 20.81 49.36 -29.83
C SER C 146 22.24 49.45 -29.32
N PRO C 147 23.25 49.36 -30.20
CA PRO C 147 24.63 49.17 -29.73
C PRO C 147 25.26 50.39 -29.08
N ASN C 148 24.61 51.55 -29.12
CA ASN C 148 25.14 52.72 -28.42
C ASN C 148 24.11 53.33 -27.48
N ASP C 149 23.14 52.52 -27.01
CA ASP C 149 22.07 52.88 -26.08
C ASP C 149 21.17 53.97 -26.62
N SER C 150 21.16 54.19 -27.94
CA SER C 150 20.30 55.22 -28.49
C SER C 150 18.83 54.94 -28.17
N TYR C 151 18.41 53.70 -28.29
CA TYR C 151 17.03 53.31 -28.04
C TYR C 151 17.00 52.21 -27.00
N ASP C 152 15.89 52.16 -26.27
CA ASP C 152 15.76 51.33 -25.09
C ASP C 152 15.06 50.02 -25.45
N MET C 153 14.92 49.16 -24.43
CA MET C 153 14.33 47.84 -24.63
C MET C 153 12.92 47.93 -25.18
N THR C 154 12.10 48.85 -24.63
CA THR C 154 10.72 48.93 -25.08
C THR C 154 10.60 49.43 -26.52
N TYR C 155 11.46 50.35 -26.94
CA TYR C 155 11.48 50.72 -28.36
C TYR C 155 11.91 49.55 -29.23
N LEU C 156 12.97 48.85 -28.83
CA LEU C 156 13.46 47.74 -29.64
C LEU C 156 12.41 46.66 -29.76
N ARG C 157 11.74 46.34 -28.65
CA ARG C 157 10.68 45.36 -28.70
C ARG C 157 9.53 45.82 -29.59
N ASN C 158 9.12 47.08 -29.48
CA ASN C 158 8.01 47.52 -30.31
C ASN C 158 8.39 47.49 -31.78
N TYR C 159 9.63 47.86 -32.10
CA TYR C 159 10.10 47.82 -33.49
C TYR C 159 10.04 46.41 -34.02
N ALA C 160 10.52 45.45 -33.21
CA ALA C 160 10.38 44.05 -33.55
C ALA C 160 8.93 43.71 -33.85
N LEU C 161 8.01 44.15 -32.99
CA LEU C 161 6.60 43.84 -33.17
C LEU C 161 6.03 44.45 -34.44
N ILE C 162 6.45 45.66 -34.77
CA ILE C 162 5.81 46.42 -35.83
C ILE C 162 6.36 46.06 -37.19
N ASN C 163 7.68 45.88 -37.29
CA ASN C 163 8.32 45.73 -38.59
C ASN C 163 8.88 44.34 -38.85
N VAL C 164 9.31 43.64 -37.80
CA VAL C 164 10.11 42.43 -37.94
C VAL C 164 9.28 41.16 -37.70
N LYS C 165 8.48 41.15 -36.64
CA LYS C 165 7.93 39.89 -36.18
C LYS C 165 7.05 39.23 -37.24
N ASP C 166 6.21 40.01 -37.92
CA ASP C 166 5.19 39.42 -38.79
C ASP C 166 5.80 38.83 -40.06
N ARG C 167 6.82 39.49 -40.60
CA ARG C 167 7.53 38.96 -41.76
C ARG C 167 8.27 37.68 -41.46
N LEU C 168 8.99 37.64 -40.32
CA LEU C 168 9.62 36.40 -39.89
C LEU C 168 8.57 35.30 -39.74
N SER C 169 7.43 35.62 -39.15
CA SER C 169 6.42 34.59 -38.97
C SER C 169 5.78 34.15 -40.29
N ARG C 170 5.92 34.94 -41.37
CA ARG C 170 5.30 34.51 -42.63
C ARG C 170 6.20 33.60 -43.47
N ILE C 171 7.37 33.27 -42.96
CA ILE C 171 8.27 32.34 -43.62
C ILE C 171 7.65 30.95 -43.57
N GLN C 172 7.92 30.15 -44.60
CA GLN C 172 7.29 28.84 -44.72
C GLN C 172 7.93 27.86 -43.75
N GLY C 173 7.09 27.13 -43.03
CA GLY C 173 7.54 26.20 -42.01
C GLY C 173 7.86 26.84 -40.68
N VAL C 174 7.92 28.16 -40.61
CA VAL C 174 8.10 28.84 -39.33
C VAL C 174 6.76 28.79 -38.60
N GLY C 175 6.76 28.19 -37.41
CA GLY C 175 5.50 27.98 -36.72
C GLY C 175 5.13 29.06 -35.71
N GLN C 176 6.14 29.73 -35.16
CA GLN C 176 5.93 30.75 -34.14
C GLN C 176 7.17 31.63 -34.03
N VAL C 177 6.96 32.95 -33.95
CA VAL C 177 8.03 33.85 -33.55
C VAL C 177 7.63 34.35 -32.18
N GLN C 178 8.55 34.29 -31.24
CA GLN C 178 8.28 34.71 -29.87
C GLN C 178 9.18 35.86 -29.49
N LEU C 179 8.58 36.96 -29.02
CA LEU C 179 9.36 38.09 -28.53
C LEU C 179 9.66 37.87 -27.07
N TRP C 180 10.90 38.12 -26.69
CA TRP C 180 11.38 38.00 -25.32
C TRP C 180 12.07 39.31 -24.95
N GLY C 181 11.47 40.07 -24.03
CA GLY C 181 12.02 41.38 -23.68
C GLY C 181 11.04 42.21 -22.88
N ALA C 182 11.17 43.53 -23.02
CA ALA C 182 10.56 44.49 -22.10
C ALA C 182 9.03 44.51 -21.94
N GLY C 183 8.29 44.92 -22.97
CA GLY C 183 6.84 45.03 -22.89
C GLY C 183 6.33 45.91 -24.01
N ASP C 184 5.08 45.72 -24.43
CA ASP C 184 4.58 46.54 -25.54
C ASP C 184 4.30 47.97 -25.08
N TYR C 185 4.14 48.87 -26.05
CA TYR C 185 3.87 50.26 -25.70
C TYR C 185 2.55 50.38 -24.97
N ALA C 186 2.52 51.31 -24.02
CA ALA C 186 1.35 51.60 -23.24
C ALA C 186 1.40 53.08 -22.87
N MET C 187 0.22 53.68 -22.69
CA MET C 187 0.16 55.00 -22.10
C MET C 187 0.06 54.80 -20.61
N ARG C 188 1.08 55.20 -19.88
CA ARG C 188 1.08 55.13 -18.44
C ARG C 188 0.69 56.49 -17.88
N VAL C 189 -0.26 56.52 -16.96
CA VAL C 189 -0.57 57.73 -16.21
C VAL C 189 -0.29 57.45 -14.74
N TRP C 190 0.77 58.06 -14.23
CA TRP C 190 1.33 57.78 -12.91
C TRP C 190 0.78 58.79 -11.91
N LEU C 191 -0.23 58.37 -11.12
CA LEU C 191 -0.93 59.27 -10.22
C LEU C 191 -0.08 59.70 -9.03
N ASP C 192 -0.25 60.94 -8.62
CA ASP C 192 0.21 61.42 -7.32
C ASP C 192 -0.94 61.27 -6.33
N PRO C 193 -0.99 60.20 -5.55
CA PRO C 193 -2.17 59.96 -4.72
C PRO C 193 -2.42 61.09 -3.74
N GLN C 194 -1.36 61.76 -3.27
CA GLN C 194 -1.54 62.97 -2.49
C GLN C 194 -2.35 64.01 -3.25
N LYS C 195 -1.91 64.36 -4.46
CA LYS C 195 -2.61 65.39 -5.23
C LYS C 195 -4.03 64.94 -5.59
N VAL C 196 -4.20 63.67 -5.93
CA VAL C 196 -5.53 63.16 -6.29
C VAL C 196 -6.48 63.29 -5.11
N ALA C 197 -6.01 63.01 -3.90
CA ALA C 197 -6.85 63.18 -2.73
C ALA C 197 -7.04 64.66 -2.40
N GLN C 198 -6.00 65.47 -2.64
CA GLN C 198 -6.09 66.90 -2.39
C GLN C 198 -7.19 67.54 -3.22
N ARG C 199 -7.30 67.16 -4.50
CA ARG C 199 -8.43 67.61 -5.29
C ARG C 199 -9.72 66.85 -4.92
N ASN C 200 -9.68 66.07 -3.84
CA ASN C 200 -10.83 65.36 -3.31
C ASN C 200 -11.39 64.35 -4.32
N LEU C 201 -10.50 63.47 -4.82
CA LEU C 201 -10.79 62.43 -5.80
C LEU C 201 -10.24 61.10 -5.32
N THR C 202 -10.92 60.01 -5.69
CA THR C 202 -10.37 58.66 -5.55
C THR C 202 -9.73 58.24 -6.87
N ALA C 203 -8.84 57.24 -6.81
CA ALA C 203 -8.25 56.72 -8.05
C ALA C 203 -9.34 56.22 -9.00
N ASP C 204 -10.41 55.66 -8.42
CA ASP C 204 -11.59 55.30 -9.18
C ASP C 204 -12.10 56.46 -10.05
N ASP C 205 -12.14 57.67 -9.48
CA ASP C 205 -12.61 58.85 -10.22
C ASP C 205 -11.76 59.07 -11.45
N VAL C 206 -10.43 58.95 -11.30
CA VAL C 206 -9.50 59.17 -12.39
C VAL C 206 -9.71 58.12 -13.47
N VAL C 207 -9.91 56.86 -13.05
CA VAL C 207 -10.09 55.76 -13.99
C VAL C 207 -11.33 55.99 -14.83
N ARG C 208 -12.43 56.40 -14.18
CA ARG C 208 -13.67 56.68 -14.90
C ARG C 208 -13.50 57.88 -15.82
N ALA C 209 -12.72 58.87 -15.40
CA ALA C 209 -12.51 60.04 -16.25
C ALA C 209 -11.84 59.64 -17.53
N ILE C 210 -10.80 58.82 -17.41
CA ILE C 210 -10.08 58.35 -18.58
C ILE C 210 -10.99 57.52 -19.48
N ARG C 211 -11.79 56.63 -18.89
CA ARG C 211 -12.73 55.86 -19.71
C ARG C 211 -13.77 56.74 -20.38
N GLU C 212 -14.17 57.83 -19.72
CA GLU C 212 -15.17 58.72 -20.28
C GLU C 212 -14.62 59.50 -21.46
N GLN C 213 -13.38 59.97 -21.35
CA GLN C 213 -12.84 60.93 -22.29
C GLN C 213 -11.94 60.32 -23.36
N ASN C 214 -11.61 59.03 -23.25
CA ASN C 214 -10.82 58.33 -24.26
C ASN C 214 -11.60 57.14 -24.81
N VAL C 215 -12.33 57.33 -25.91
CA VAL C 215 -13.19 56.25 -26.39
C VAL C 215 -13.43 56.44 -27.88
N GLN C 216 -13.36 55.36 -28.64
CA GLN C 216 -13.72 55.46 -30.04
C GLN C 216 -15.21 55.71 -30.14
N VAL C 217 -15.61 56.37 -31.23
CA VAL C 217 -16.99 56.77 -31.41
C VAL C 217 -17.50 56.25 -32.75
N ALA C 218 -18.76 55.78 -32.75
CA ALA C 218 -19.49 55.45 -33.97
C ALA C 218 -20.32 56.67 -34.35
N ALA C 219 -19.70 57.57 -35.12
CA ALA C 219 -20.20 58.94 -35.28
C ALA C 219 -21.44 59.05 -36.15
N GLY C 220 -21.78 58.03 -36.91
CA GLY C 220 -23.02 58.06 -37.65
C GLY C 220 -22.82 58.37 -39.12
N VAL C 221 -23.95 58.38 -39.83
CA VAL C 221 -23.99 58.60 -41.27
C VAL C 221 -25.20 59.46 -41.59
N ILE C 222 -24.99 60.51 -42.36
CA ILE C 222 -26.06 61.42 -42.74
C ILE C 222 -26.63 60.97 -44.08
N GLY C 223 -27.96 60.88 -44.15
CA GLY C 223 -28.59 60.60 -45.42
C GLY C 223 -28.52 59.16 -45.87
N ALA C 224 -28.25 58.24 -44.95
CA ALA C 224 -28.16 56.81 -45.24
C ALA C 224 -29.55 56.19 -45.40
N SER C 225 -29.56 54.98 -45.91
CA SER C 225 -30.83 54.32 -46.17
C SER C 225 -31.49 53.87 -44.85
N PRO C 226 -32.82 53.97 -44.78
CA PRO C 226 -33.68 54.59 -45.80
C PRO C 226 -33.85 56.09 -45.55
N THR C 227 -33.94 56.91 -46.60
CA THR C 227 -34.25 58.34 -46.51
C THR C 227 -35.25 58.66 -47.61
N LEU C 228 -36.10 59.63 -47.35
CA LEU C 228 -37.25 59.78 -48.22
C LEU C 228 -37.12 60.48 -49.58
N PRO C 229 -36.77 61.72 -49.62
CA PRO C 229 -37.16 62.48 -50.81
C PRO C 229 -36.33 62.27 -52.05
N GLY C 230 -35.18 62.90 -52.01
CA GLY C 230 -34.19 62.90 -53.05
C GLY C 230 -32.83 63.11 -52.45
N THR C 231 -32.65 62.68 -51.19
CA THR C 231 -31.36 62.83 -50.53
C THR C 231 -30.24 62.45 -51.48
N PRO C 232 -29.39 63.42 -51.84
CA PRO C 232 -28.47 63.23 -52.98
C PRO C 232 -27.25 62.42 -52.62
N LEU C 233 -26.80 62.58 -51.39
CA LEU C 233 -25.54 62.05 -50.94
C LEU C 233 -25.76 61.29 -49.64
N GLN C 234 -24.87 60.35 -49.40
CA GLN C 234 -24.80 59.63 -48.14
C GLN C 234 -23.45 59.94 -47.53
N LEU C 235 -23.45 60.67 -46.41
CA LEU C 235 -22.23 61.24 -45.85
C LEU C 235 -21.90 60.58 -44.53
N SER C 236 -20.68 60.03 -44.44
CA SER C 236 -20.17 59.50 -43.20
C SER C 236 -19.61 60.62 -42.32
N VAL C 237 -19.68 60.43 -41.01
CA VAL C 237 -19.25 61.43 -40.03
C VAL C 237 -17.97 60.99 -39.36
N ASN C 238 -17.05 61.92 -39.16
CA ASN C 238 -15.85 61.67 -38.37
C ASN C 238 -15.92 62.47 -37.07
N ALA C 239 -15.43 61.87 -35.99
CA ALA C 239 -15.41 62.50 -34.68
C ALA C 239 -14.26 61.93 -33.88
N ARG C 240 -13.32 62.80 -33.49
CA ARG C 240 -12.11 62.44 -32.75
C ARG C 240 -12.53 61.84 -31.41
N GLY C 241 -12.35 60.54 -31.18
CA GLY C 241 -12.76 60.00 -29.90
C GLY C 241 -11.67 59.52 -28.96
N ARG C 242 -10.65 58.84 -29.51
CA ARG C 242 -9.53 58.32 -28.74
C ARG C 242 -8.39 59.32 -28.72
N LEU C 243 -7.63 59.32 -27.62
CA LEU C 243 -6.45 60.18 -27.54
C LEU C 243 -5.20 59.46 -28.06
N GLN C 244 -4.26 60.27 -28.56
CA GLN C 244 -3.10 59.83 -29.34
C GLN C 244 -1.77 59.99 -28.64
N ASN C 245 -1.60 60.97 -27.75
CA ASN C 245 -0.30 61.28 -27.15
C ASN C 245 -0.46 61.56 -25.68
N GLU C 246 0.68 61.81 -25.02
CA GLU C 246 0.68 62.06 -23.58
C GLU C 246 -0.08 63.34 -23.22
N ASP C 247 0.12 64.41 -23.98
CA ASP C 247 -0.46 65.69 -23.62
C ASP C 247 -1.98 65.69 -23.71
N GLU C 248 -2.54 65.01 -24.71
CA GLU C 248 -3.99 64.87 -24.80
C GLU C 248 -4.53 64.12 -23.60
N PHE C 249 -3.78 63.11 -23.13
CA PHE C 249 -4.15 62.38 -21.93
C PHE C 249 -4.00 63.23 -20.68
N GLY C 250 -3.13 64.25 -20.72
CA GLY C 250 -3.04 65.19 -19.63
C GLY C 250 -4.23 66.12 -19.56
N ASP C 251 -4.86 66.41 -20.71
CA ASP C 251 -6.00 67.31 -20.83
C ASP C 251 -7.27 66.72 -20.23
N ILE C 252 -7.23 65.46 -19.83
CA ILE C 252 -8.40 64.80 -19.27
C ILE C 252 -8.88 65.61 -18.08
N VAL C 253 -10.19 65.84 -18.02
CA VAL C 253 -10.79 66.64 -16.97
C VAL C 253 -11.17 65.69 -15.83
N VAL C 254 -10.38 65.71 -14.76
CA VAL C 254 -10.65 64.85 -13.62
C VAL C 254 -11.62 65.50 -12.65
N LYS C 255 -11.72 66.83 -12.66
CA LYS C 255 -12.67 67.54 -11.81
C LYS C 255 -12.95 68.89 -12.44
N THR C 256 -14.23 69.25 -12.53
CA THR C 256 -14.66 70.58 -12.99
C THR C 256 -15.23 71.34 -11.80
N ALA C 257 -14.63 72.49 -11.49
CA ALA C 257 -15.07 73.28 -10.34
C ALA C 257 -16.42 73.94 -10.62
N PRO C 258 -17.22 74.23 -9.58
CA PRO C 258 -18.58 74.73 -9.83
C PRO C 258 -18.63 76.06 -10.55
N ASP C 259 -17.64 76.94 -10.34
CA ASP C 259 -17.64 78.24 -11.00
C ASP C 259 -17.27 78.16 -12.47
N GLY C 260 -16.57 77.11 -12.90
CA GLY C 260 -16.13 77.03 -14.28
C GLY C 260 -14.75 76.46 -14.42
N GLY C 261 -14.18 75.95 -13.33
CA GLY C 261 -12.76 75.64 -13.26
C GLY C 261 -12.48 74.17 -13.45
N VAL C 262 -11.50 73.89 -14.31
CA VAL C 262 -11.18 72.56 -14.79
C VAL C 262 -9.87 72.10 -14.17
N THR C 263 -9.89 70.94 -13.50
CA THR C 263 -8.67 70.27 -13.05
C THR C 263 -8.34 69.15 -14.04
N HIS C 264 -7.15 69.23 -14.64
CA HIS C 264 -6.70 68.33 -15.69
C HIS C 264 -5.89 67.16 -15.11
N LEU C 265 -5.76 66.09 -15.90
CA LEU C 265 -5.03 64.92 -15.41
C LEU C 265 -3.57 65.22 -15.11
N ARG C 266 -2.93 66.06 -15.92
CA ARG C 266 -1.54 66.39 -15.62
C ARG C 266 -1.41 67.03 -14.24
N ASP C 267 -2.46 67.68 -13.75
CA ASP C 267 -2.40 68.32 -12.44
C ASP C 267 -2.16 67.31 -11.34
N ILE C 268 -2.65 66.09 -11.52
CA ILE C 268 -2.62 65.08 -10.48
C ILE C 268 -1.69 63.95 -10.80
N ALA C 269 -1.23 63.82 -12.04
CA ALA C 269 -0.42 62.67 -12.45
C ALA C 269 0.64 63.08 -13.46
N ARG C 270 1.60 62.19 -13.65
CA ARG C 270 2.60 62.25 -14.71
C ARG C 270 2.16 61.33 -15.86
N ILE C 271 2.27 61.79 -17.10
CA ILE C 271 1.74 61.02 -18.23
C ILE C 271 2.89 60.72 -19.19
N GLU C 272 3.19 59.44 -19.38
CA GLU C 272 4.38 59.01 -20.09
C GLU C 272 4.04 57.82 -20.97
N LEU C 273 4.76 57.66 -22.08
CA LEU C 273 4.65 56.46 -22.89
C LEU C 273 5.71 55.48 -22.45
N ASP C 274 5.35 54.21 -22.36
CA ASP C 274 6.24 53.30 -21.68
C ASP C 274 5.76 51.87 -21.96
N ALA C 275 6.16 50.95 -21.10
CA ALA C 275 5.84 49.54 -21.27
C ALA C 275 4.54 49.20 -20.53
N SER C 276 3.85 48.18 -21.04
CA SER C 276 2.62 47.69 -20.41
C SER C 276 2.89 46.83 -19.18
N GLU C 277 4.10 46.28 -19.08
CA GLU C 277 4.54 45.55 -17.90
C GLU C 277 6.05 45.61 -17.86
N TYR C 278 6.60 45.30 -16.69
CA TYR C 278 8.00 45.57 -16.41
C TYR C 278 8.72 44.34 -15.82
N GLY C 279 8.13 43.15 -15.96
CA GLY C 279 8.65 41.99 -15.26
C GLY C 279 9.97 41.45 -15.79
N LEU C 280 10.26 41.70 -17.07
CA LEU C 280 11.40 41.09 -17.71
C LEU C 280 12.21 42.14 -18.43
N ARG C 281 13.54 41.98 -18.45
CA ARG C 281 14.43 42.83 -19.22
C ARG C 281 15.26 41.98 -20.17
N SER C 282 15.76 42.62 -21.23
CA SER C 282 16.51 41.92 -22.27
C SER C 282 17.71 42.77 -22.66
N LEU C 283 18.89 42.22 -22.44
CA LEU C 283 20.14 42.82 -22.90
C LEU C 283 20.85 41.85 -23.84
N LEU C 284 21.70 42.41 -24.68
CA LEU C 284 22.63 41.65 -25.50
C LEU C 284 23.99 42.28 -25.31
N ASP C 285 24.87 41.59 -24.60
CA ASP C 285 26.17 42.13 -24.24
C ASP C 285 26.05 43.49 -23.57
N ASN C 286 25.11 43.55 -22.62
CA ASN C 286 24.90 44.71 -21.77
C ASN C 286 24.51 45.95 -22.57
N LYS C 287 23.83 45.75 -23.69
CA LYS C 287 23.17 46.84 -24.40
C LYS C 287 21.70 46.48 -24.57
N PRO C 288 20.80 47.47 -24.60
CA PRO C 288 19.36 47.16 -24.68
C PRO C 288 19.04 46.30 -25.90
N ALA C 289 18.14 45.32 -25.71
CA ALA C 289 17.88 44.32 -26.74
C ALA C 289 16.48 43.75 -26.60
N VAL C 290 16.03 43.09 -27.67
CA VAL C 290 14.89 42.18 -27.62
C VAL C 290 15.26 40.91 -28.38
N ALA C 291 14.91 39.76 -27.81
CA ALA C 291 15.17 38.49 -28.45
C ALA C 291 13.92 38.07 -29.20
N MET C 292 14.13 37.55 -30.41
CA MET C 292 13.04 36.94 -31.18
C MET C 292 13.41 35.49 -31.42
N ALA C 293 12.67 34.59 -30.79
CA ALA C 293 12.86 33.17 -30.98
C ALA C 293 11.98 32.69 -32.13
N ILE C 294 12.60 32.18 -33.19
CA ILE C 294 11.88 31.62 -34.32
C ILE C 294 11.81 30.13 -34.10
N ASN C 295 10.61 29.59 -34.05
CA ASN C 295 10.37 28.17 -33.82
C ASN C 295 9.72 27.63 -35.06
N GLN C 296 10.21 26.48 -35.53
CA GLN C 296 9.67 25.86 -36.73
C GLN C 296 8.60 24.84 -36.38
N SER C 297 7.62 24.73 -37.28
CA SER C 297 6.53 23.77 -37.20
C SER C 297 7.02 22.38 -37.63
N PRO C 298 6.27 21.32 -37.31
CA PRO C 298 6.65 20.00 -37.82
C PRO C 298 6.78 19.98 -39.33
N GLY C 299 7.33 18.85 -39.79
CA GLY C 299 7.76 18.62 -41.15
C GLY C 299 8.34 19.80 -41.90
N ALA C 300 9.17 20.58 -41.23
CA ALA C 300 9.72 21.79 -41.84
C ALA C 300 11.19 21.60 -42.18
N ASN C 301 11.76 22.58 -42.87
CA ASN C 301 13.13 22.54 -43.37
C ASN C 301 13.99 23.60 -42.69
N SER C 302 14.80 23.18 -41.70
CA SER C 302 15.65 24.08 -40.92
C SER C 302 16.54 24.96 -41.78
N LEU C 303 17.18 24.40 -42.82
CA LEU C 303 18.10 25.24 -43.59
C LEU C 303 17.36 26.29 -44.42
N ALA C 304 16.20 25.93 -44.98
CA ALA C 304 15.43 26.93 -45.73
C ALA C 304 15.03 28.08 -44.83
N ILE C 305 14.52 27.73 -43.64
CA ILE C 305 14.04 28.72 -42.67
C ILE C 305 15.18 29.63 -42.24
N SER C 306 16.33 29.03 -41.92
CA SER C 306 17.48 29.83 -41.48
C SER C 306 17.97 30.77 -42.57
N ASP C 307 18.06 30.28 -43.81
CA ASP C 307 18.53 31.12 -44.89
C ASP C 307 17.56 32.27 -45.12
N GLU C 308 16.25 32.00 -45.08
CA GLU C 308 15.30 33.09 -45.32
C GLU C 308 15.31 34.10 -44.18
N VAL C 309 15.45 33.63 -42.93
CA VAL C 309 15.52 34.56 -41.81
C VAL C 309 16.73 35.47 -41.96
N ARG C 310 17.88 34.91 -42.32
CA ARG C 310 19.04 35.78 -42.48
C ARG C 310 18.83 36.80 -43.60
N LYS C 311 18.22 36.38 -44.71
CA LYS C 311 18.02 37.31 -45.82
C LYS C 311 17.02 38.41 -45.47
N THR C 312 15.92 38.04 -44.79
CA THR C 312 14.89 38.99 -44.37
C THR C 312 15.45 39.98 -43.38
N MET C 313 16.24 39.50 -42.41
CA MET C 313 16.87 40.39 -41.44
C MET C 313 17.76 41.40 -42.13
N ALA C 314 18.55 40.94 -43.10
CA ALA C 314 19.44 41.85 -43.80
C ALA C 314 18.69 42.93 -44.57
N GLU C 315 17.52 42.59 -45.12
CA GLU C 315 16.79 43.63 -45.86
C GLU C 315 16.04 44.57 -44.92
N LEU C 316 15.54 44.05 -43.80
CA LEU C 316 14.85 44.89 -42.83
C LEU C 316 15.82 45.87 -42.23
N LYS C 317 17.09 45.48 -42.12
CA LYS C 317 18.09 46.39 -41.58
C LYS C 317 18.25 47.62 -42.46
N GLN C 318 17.81 47.54 -43.72
CA GLN C 318 17.88 48.68 -44.63
C GLN C 318 16.86 49.77 -44.30
N ASP C 319 15.79 49.43 -43.58
CA ASP C 319 14.86 50.42 -43.03
C ASP C 319 15.21 50.77 -41.61
N PHE C 320 16.28 50.21 -41.07
CA PHE C 320 16.61 50.44 -39.68
C PHE C 320 17.00 51.89 -39.45
N PRO C 321 16.36 52.58 -38.52
CA PRO C 321 16.88 53.86 -38.07
C PRO C 321 18.28 53.68 -37.51
N ALA C 322 19.12 54.65 -37.75
CA ALA C 322 20.48 54.59 -37.22
C ALA C 322 20.43 54.44 -35.70
N GLY C 323 21.21 53.50 -35.20
CA GLY C 323 21.21 53.17 -33.78
C GLY C 323 20.45 51.92 -33.42
N VAL C 324 19.80 51.27 -34.38
CA VAL C 324 19.20 49.95 -34.16
C VAL C 324 19.82 48.99 -35.15
N ASP C 325 20.06 47.75 -34.71
CA ASP C 325 20.72 46.73 -35.49
C ASP C 325 20.12 45.38 -35.14
N TYR C 326 20.55 44.34 -35.85
CA TYR C 326 20.17 42.99 -35.48
C TYR C 326 21.40 42.12 -35.37
N ARG C 327 21.27 41.05 -34.58
CA ARG C 327 22.28 40.00 -34.51
C ARG C 327 21.58 38.64 -34.48
N ILE C 328 22.04 37.72 -35.31
CA ILE C 328 21.62 36.34 -35.23
C ILE C 328 22.43 35.71 -34.11
N VAL C 329 21.84 35.67 -32.92
CA VAL C 329 22.60 35.35 -31.73
C VAL C 329 22.84 33.84 -31.56
N TYR C 330 21.90 33.03 -32.01
CA TYR C 330 22.00 31.59 -31.84
C TYR C 330 21.34 30.96 -33.06
N ASP C 331 22.10 30.11 -33.77
CA ASP C 331 21.66 29.48 -35.01
C ASP C 331 21.96 28.00 -34.97
N PRO C 332 21.18 27.22 -34.22
CA PRO C 332 21.48 25.78 -34.08
C PRO C 332 21.34 24.98 -35.37
N THR C 333 20.87 25.56 -36.47
CA THR C 333 20.92 24.85 -37.74
C THR C 333 22.35 24.47 -38.14
N GLN C 334 23.35 25.21 -37.64
CA GLN C 334 24.74 24.86 -37.90
C GLN C 334 25.00 23.42 -37.53
N PHE C 335 24.33 22.91 -36.49
CA PHE C 335 24.49 21.52 -36.08
C PHE C 335 24.07 20.53 -37.17
N VAL C 336 22.86 20.68 -37.70
CA VAL C 336 22.46 19.76 -38.76
C VAL C 336 23.36 19.92 -39.97
N ARG C 337 23.83 21.14 -40.26
CA ARG C 337 24.76 21.28 -41.38
C ARG C 337 26.02 20.48 -41.12
N SER C 338 26.55 20.56 -39.90
CA SER C 338 27.74 19.78 -39.57
C SER C 338 27.48 18.29 -39.72
N SER C 339 26.32 17.81 -39.23
CA SER C 339 26.00 16.39 -39.43
C SER C 339 25.92 16.02 -40.91
N ILE C 340 25.31 16.87 -41.74
CA ILE C 340 25.24 16.57 -43.17
C ILE C 340 26.64 16.48 -43.76
N LYS C 341 27.48 17.48 -43.49
CA LYS C 341 28.85 17.41 -43.99
C LYS C 341 29.59 16.21 -43.44
N ALA C 342 29.36 15.87 -42.17
CA ALA C 342 29.96 14.69 -41.57
C ALA C 342 29.58 13.44 -42.38
N VAL C 343 28.30 13.30 -42.69
CA VAL C 343 27.87 12.14 -43.45
C VAL C 343 28.55 12.11 -44.81
N VAL C 344 28.56 13.24 -45.52
CA VAL C 344 29.16 13.27 -46.85
C VAL C 344 30.63 12.88 -46.80
N HIS C 345 31.36 13.44 -45.83
CA HIS C 345 32.75 13.06 -45.65
C HIS C 345 32.87 11.59 -45.32
N THR C 346 32.02 11.09 -44.42
CA THR C 346 32.11 9.70 -44.03
C THR C 346 31.90 8.79 -45.22
N LEU C 347 30.91 9.09 -46.06
CA LEU C 347 30.70 8.31 -47.27
C LEU C 347 31.93 8.33 -48.18
N LEU C 348 32.47 9.51 -48.47
CA LEU C 348 33.64 9.54 -49.35
C LEU C 348 34.81 8.78 -48.74
N GLU C 349 35.13 9.06 -47.49
CA GLU C 349 36.21 8.33 -46.81
C GLU C 349 35.94 6.83 -46.84
N ALA C 350 34.73 6.39 -46.54
CA ALA C 350 34.44 4.97 -46.53
C ALA C 350 34.62 4.36 -47.91
N ILE C 351 34.11 5.04 -48.94
CA ILE C 351 34.27 4.54 -50.31
C ILE C 351 35.74 4.38 -50.66
N ALA C 352 36.53 5.43 -50.41
CA ALA C 352 37.97 5.35 -50.62
C ALA C 352 38.57 4.19 -49.85
N LEU C 353 38.15 4.00 -48.60
CA LEU C 353 38.69 2.91 -47.78
C LEU C 353 38.45 1.56 -48.45
N VAL C 354 37.20 1.28 -48.84
CA VAL C 354 36.96 -0.02 -49.46
C VAL C 354 37.69 -0.13 -50.80
N VAL C 355 37.82 0.96 -51.55
CA VAL C 355 38.60 0.87 -52.79
C VAL C 355 40.01 0.43 -52.47
N ILE C 356 40.64 1.07 -51.47
CA ILE C 356 41.98 0.69 -51.05
C ILE C 356 42.02 -0.79 -50.66
N VAL C 357 41.03 -1.20 -49.86
CA VAL C 357 41.02 -2.56 -49.31
C VAL C 357 40.87 -3.58 -50.43
N VAL C 358 39.95 -3.34 -51.39
CA VAL C 358 39.70 -4.26 -52.49
C VAL C 358 40.93 -4.33 -53.39
N ILE C 359 41.57 -3.20 -53.63
CA ILE C 359 42.82 -3.26 -54.40
C ILE C 359 43.89 -4.05 -53.65
N VAL C 360 43.97 -3.91 -52.33
CA VAL C 360 45.01 -4.66 -51.63
C VAL C 360 44.70 -6.16 -51.59
N PHE C 361 43.44 -6.53 -51.39
CA PHE C 361 43.11 -7.96 -51.23
C PHE C 361 42.90 -8.67 -52.56
N LEU C 362 42.11 -8.06 -53.44
CA LEU C 362 41.76 -8.70 -54.69
C LEU C 362 42.76 -8.37 -55.78
N GLN C 363 43.53 -7.30 -55.60
CA GLN C 363 44.65 -6.94 -56.46
C GLN C 363 44.23 -6.74 -57.91
N THR C 364 42.99 -6.32 -58.10
CA THR C 364 42.50 -5.80 -59.39
C THR C 364 41.82 -4.46 -59.15
N TRP C 365 42.27 -3.42 -59.83
CA TRP C 365 41.58 -2.14 -59.65
C TRP C 365 40.15 -2.18 -60.20
N ARG C 366 39.85 -3.12 -61.09
CA ARG C 366 38.51 -3.17 -61.64
C ARG C 366 37.49 -3.65 -60.63
N ALA C 367 37.88 -4.55 -59.72
CA ALA C 367 36.93 -5.01 -58.71
C ALA C 367 36.53 -3.88 -57.76
N SER C 368 37.42 -2.92 -57.49
CA SER C 368 37.06 -1.83 -56.60
C SER C 368 35.98 -0.93 -57.21
N ILE C 369 35.81 -0.98 -58.53
CA ILE C 369 34.73 -0.21 -59.16
C ILE C 369 33.36 -0.71 -58.72
N ILE C 370 33.22 -1.98 -58.32
CA ILE C 370 31.86 -2.41 -57.98
C ILE C 370 31.33 -1.68 -56.75
N PRO C 371 31.98 -1.73 -55.57
CA PRO C 371 31.46 -0.93 -54.45
C PRO C 371 31.46 0.56 -54.72
N LEU C 372 32.47 1.05 -55.45
CA LEU C 372 32.54 2.47 -55.75
C LEU C 372 31.25 2.96 -56.38
N ILE C 373 30.58 2.13 -57.16
CA ILE C 373 29.26 2.50 -57.67
C ILE C 373 28.16 2.07 -56.71
N ALA C 374 28.25 0.85 -56.18
CA ALA C 374 27.10 0.27 -55.49
C ALA C 374 26.80 1.00 -54.19
N VAL C 375 27.82 1.39 -53.44
CA VAL C 375 27.60 2.00 -52.13
C VAL C 375 26.83 3.32 -52.24
N PRO C 376 27.30 4.33 -52.99
CA PRO C 376 26.50 5.57 -53.10
C PRO C 376 25.12 5.33 -53.70
N VAL C 377 25.02 4.53 -54.76
CA VAL C 377 23.71 4.26 -55.35
C VAL C 377 22.79 3.66 -54.31
N SER C 378 23.31 2.76 -53.49
CA SER C 378 22.52 2.19 -52.41
C SER C 378 22.17 3.25 -51.38
N ILE C 379 23.16 4.03 -50.92
CA ILE C 379 22.90 5.01 -49.86
C ILE C 379 21.95 6.10 -50.33
N VAL C 380 22.28 6.76 -51.44
CA VAL C 380 21.46 7.84 -51.96
C VAL C 380 20.03 7.38 -52.21
N GLY C 381 19.86 6.19 -52.75
CA GLY C 381 18.52 5.72 -53.04
C GLY C 381 17.66 5.64 -51.80
N THR C 382 18.29 5.40 -50.63
CA THR C 382 17.58 5.32 -49.36
C THR C 382 16.68 6.54 -49.14
N PHE C 383 17.13 7.74 -49.55
CA PHE C 383 16.34 8.93 -49.26
C PHE C 383 14.92 8.76 -49.77
N SER C 384 14.74 8.04 -50.88
CA SER C 384 13.40 7.93 -51.45
C SER C 384 12.44 7.23 -50.48
N LEU C 385 12.86 6.11 -49.91
CA LEU C 385 11.91 5.47 -49.01
C LEU C 385 11.70 6.29 -47.75
N LEU C 386 12.72 7.05 -47.30
CA LEU C 386 12.50 7.95 -46.16
C LEU C 386 11.41 8.96 -46.46
N LEU C 387 11.45 9.54 -47.67
CA LEU C 387 10.40 10.47 -48.06
C LEU C 387 9.05 9.76 -48.08
N LEU C 388 9.01 8.55 -48.63
CA LEU C 388 7.72 7.87 -48.77
C LEU C 388 7.07 7.60 -47.41
N PHE C 389 7.86 7.20 -46.42
CA PHE C 389 7.34 6.91 -45.09
C PHE C 389 7.32 8.13 -44.20
N GLY C 390 7.55 9.31 -44.76
CA GLY C 390 7.48 10.55 -44.00
C GLY C 390 8.46 10.60 -42.86
N TYR C 391 9.70 10.22 -43.10
CA TYR C 391 10.77 10.46 -42.16
C TYR C 391 11.43 11.77 -42.54
N SER C 392 12.59 12.05 -41.95
CA SER C 392 13.24 13.34 -42.14
C SER C 392 14.76 13.16 -42.05
N ILE C 393 15.46 14.23 -42.43
CA ILE C 393 16.93 14.35 -42.42
C ILE C 393 17.43 14.79 -41.04
N ASN C 394 16.69 14.48 -39.97
CA ASN C 394 17.23 14.74 -38.64
C ASN C 394 18.57 13.98 -38.40
N ALA C 395 19.19 14.31 -37.26
CA ALA C 395 20.50 13.78 -36.93
C ALA C 395 20.46 12.27 -36.72
N LEU C 396 19.41 11.76 -36.10
CA LEU C 396 19.35 10.33 -35.88
C LEU C 396 19.32 9.57 -37.21
N SER C 397 18.59 10.06 -38.20
CA SER C 397 18.53 9.34 -39.48
C SER C 397 19.86 9.43 -40.24
N LEU C 398 20.58 10.55 -40.15
CA LEU C 398 21.91 10.63 -40.76
C LEU C 398 22.91 9.70 -40.09
N PHE C 399 22.88 9.60 -38.76
CA PHE C 399 23.76 8.63 -38.11
C PHE C 399 23.39 7.21 -38.52
N GLY C 400 22.08 6.95 -38.61
CA GLY C 400 21.63 5.70 -39.16
C GLY C 400 22.24 5.45 -40.52
N MET C 401 22.31 6.49 -41.34
CA MET C 401 22.90 6.30 -42.66
C MET C 401 24.38 5.95 -42.60
N VAL C 402 25.17 6.54 -41.69
CA VAL C 402 26.57 6.12 -41.70
C VAL C 402 26.72 4.64 -41.28
N LEU C 403 25.94 4.20 -40.30
CA LEU C 403 26.00 2.77 -39.98
C LEU C 403 25.53 1.95 -41.19
N ALA C 404 24.55 2.49 -41.92
CA ALA C 404 24.11 1.83 -43.12
C ALA C 404 25.26 1.75 -44.13
N ILE C 405 26.13 2.78 -44.16
CA ILE C 405 27.29 2.70 -45.05
C ILE C 405 28.03 1.42 -44.76
N GLY C 406 28.16 1.11 -43.48
CA GLY C 406 28.84 -0.14 -43.15
C GLY C 406 28.14 -1.36 -43.75
N ILE C 407 26.83 -1.44 -43.59
CA ILE C 407 26.14 -2.63 -44.13
C ILE C 407 26.24 -2.69 -45.65
N VAL C 408 26.10 -1.54 -46.31
CA VAL C 408 26.11 -1.48 -47.79
C VAL C 408 27.49 -1.83 -48.34
N VAL C 409 28.57 -1.34 -47.70
CA VAL C 409 29.90 -1.70 -48.17
C VAL C 409 30.10 -3.21 -48.01
N ASP C 410 29.66 -3.79 -46.90
CA ASP C 410 29.85 -5.23 -46.80
C ASP C 410 29.12 -5.99 -47.90
N ASP C 411 27.90 -5.59 -48.22
CA ASP C 411 27.21 -6.28 -49.31
C ASP C 411 28.04 -6.26 -50.59
N ALA C 412 28.59 -5.09 -50.94
CA ALA C 412 29.39 -4.99 -52.16
C ALA C 412 30.63 -5.88 -52.10
N ILE C 413 31.35 -5.84 -50.98
CA ILE C 413 32.53 -6.68 -50.82
C ILE C 413 32.17 -8.14 -51.01
N VAL C 414 31.10 -8.59 -50.37
CA VAL C 414 30.73 -10.00 -50.43
C VAL C 414 30.50 -10.42 -51.89
N VAL C 415 29.70 -9.65 -52.62
CA VAL C 415 29.45 -10.05 -54.01
C VAL C 415 30.73 -10.02 -54.83
N VAL C 416 31.50 -8.92 -54.76
CA VAL C 416 32.61 -8.75 -55.68
C VAL C 416 33.76 -9.70 -55.34
N GLU C 417 33.98 -9.96 -54.06
CA GLU C 417 34.99 -10.94 -53.70
C GLU C 417 34.57 -12.33 -54.14
N ASN C 418 33.29 -12.68 -54.03
CA ASN C 418 32.91 -14.02 -54.47
C ASN C 418 33.17 -14.19 -55.97
N VAL C 419 32.80 -13.19 -56.76
CA VAL C 419 33.07 -13.29 -58.19
C VAL C 419 34.57 -13.40 -58.42
N GLU C 420 35.38 -12.58 -57.75
CA GLU C 420 36.81 -12.64 -57.97
C GLU C 420 37.40 -13.99 -57.57
N ARG C 421 36.86 -14.59 -56.51
CA ARG C 421 37.34 -15.90 -56.12
C ARG C 421 37.06 -16.94 -57.20
N ASN C 422 35.85 -16.94 -57.76
CA ASN C 422 35.59 -17.87 -58.86
C ASN C 422 36.48 -17.56 -60.05
N ILE C 423 36.78 -16.28 -60.29
CA ILE C 423 37.67 -15.91 -61.38
C ILE C 423 39.05 -16.52 -61.18
N GLU C 424 39.55 -16.50 -59.94
CA GLU C 424 40.86 -17.05 -59.62
C GLU C 424 40.89 -18.55 -59.77
N ASN C 425 39.74 -19.19 -59.77
CA ASN C 425 39.59 -20.58 -60.13
C ASN C 425 39.53 -20.80 -61.62
N GLY C 426 39.91 -19.79 -62.39
CA GLY C 426 40.04 -19.91 -63.82
C GLY C 426 38.77 -19.70 -64.62
N LEU C 427 37.66 -19.35 -63.97
CA LEU C 427 36.44 -19.09 -64.74
C LEU C 427 36.52 -17.73 -65.40
N THR C 428 35.63 -17.50 -66.36
CA THR C 428 35.52 -16.21 -67.03
C THR C 428 34.61 -15.29 -66.25
N ALA C 429 34.69 -13.99 -66.56
CA ALA C 429 33.88 -13.05 -65.80
C ALA C 429 32.40 -13.42 -65.86
N ARG C 430 31.84 -13.69 -67.07
CA ARG C 430 30.43 -14.09 -67.09
C ARG C 430 30.21 -15.32 -66.24
N ALA C 431 31.04 -16.35 -66.46
CA ALA C 431 30.84 -17.64 -65.80
C ALA C 431 31.06 -17.52 -64.29
N ALA C 432 32.09 -16.78 -63.90
CA ALA C 432 32.36 -16.58 -62.49
C ALA C 432 31.23 -15.80 -61.86
N THR C 433 30.68 -14.84 -62.60
CA THR C 433 29.55 -14.08 -62.08
C THR C 433 28.31 -14.96 -61.91
N TYR C 434 27.94 -15.72 -62.94
CA TYR C 434 26.79 -16.59 -62.82
C TYR C 434 26.93 -17.49 -61.61
N LYS C 435 28.10 -18.11 -61.49
CA LYS C 435 28.35 -19.07 -60.42
C LYS C 435 28.32 -18.42 -59.04
N ALA C 436 29.02 -17.29 -58.88
CA ALA C 436 29.05 -16.64 -57.58
C ALA C 436 27.65 -16.18 -57.19
N MET C 437 26.88 -15.67 -58.14
CA MET C 437 25.53 -15.24 -57.82
C MET C 437 24.66 -16.42 -57.44
N GLN C 438 24.84 -17.57 -58.08
CA GLN C 438 24.16 -18.74 -57.58
C GLN C 438 24.61 -19.09 -56.17
N GLU C 439 25.86 -18.82 -55.84
CA GLU C 439 26.34 -19.12 -54.51
C GLU C 439 25.68 -18.21 -53.46
N VAL C 440 25.52 -16.91 -53.75
CA VAL C 440 25.17 -15.96 -52.69
C VAL C 440 23.77 -15.33 -52.79
N SER C 441 23.11 -15.34 -53.95
CA SER C 441 21.94 -14.48 -54.11
C SER C 441 20.84 -14.85 -53.11
N GLY C 442 20.65 -16.14 -52.86
CA GLY C 442 19.70 -16.61 -51.86
C GLY C 442 20.09 -16.18 -50.46
N PRO C 443 21.33 -16.46 -50.05
CA PRO C 443 21.79 -15.91 -48.78
C PRO C 443 21.59 -14.41 -48.73
N ILE C 444 21.68 -13.74 -49.87
CA ILE C 444 21.50 -12.29 -49.89
C ILE C 444 20.08 -11.91 -49.51
N ILE C 445 19.08 -12.60 -50.08
CA ILE C 445 17.68 -12.35 -49.75
C ILE C 445 17.43 -12.65 -48.28
N ALA C 446 17.92 -13.82 -47.81
CA ALA C 446 17.71 -14.16 -46.42
C ALA C 446 18.36 -13.16 -45.49
N ILE C 447 19.54 -12.64 -45.86
CA ILE C 447 20.20 -11.69 -45.00
C ILE C 447 19.40 -10.39 -44.98
N ALA C 448 18.88 -10.00 -46.13
CA ALA C 448 18.02 -8.83 -46.16
C ALA C 448 16.87 -9.00 -45.18
N LEU C 449 16.17 -10.13 -45.27
CA LEU C 449 15.02 -10.34 -44.38
C LEU C 449 15.46 -10.38 -42.92
N THR C 450 16.56 -11.05 -42.60
CA THR C 450 16.91 -11.09 -41.18
C THR C 450 17.29 -9.70 -40.69
N LEU C 451 17.94 -8.88 -41.53
CA LEU C 451 18.25 -7.53 -41.09
C LEU C 451 16.98 -6.71 -40.89
N VAL C 452 16.01 -6.89 -41.77
CA VAL C 452 14.72 -6.25 -41.53
C VAL C 452 14.18 -6.71 -40.18
N ALA C 453 14.23 -8.03 -39.92
CA ALA C 453 13.71 -8.60 -38.67
C ALA C 453 14.49 -8.15 -37.44
N VAL C 454 15.74 -7.77 -37.61
CA VAL C 454 16.45 -7.20 -36.48
C VAL C 454 16.01 -5.77 -36.24
N PHE C 455 15.92 -4.98 -37.30
CA PHE C 455 15.92 -3.54 -37.09
C PHE C 455 14.52 -2.95 -37.04
N VAL C 456 13.65 -3.33 -37.96
CA VAL C 456 12.31 -2.79 -38.03
C VAL C 456 11.54 -2.97 -36.72
N PRO C 457 11.68 -4.10 -36.02
CA PRO C 457 11.08 -4.18 -34.67
C PRO C 457 11.51 -3.09 -33.71
N LEU C 458 12.77 -2.64 -33.75
CA LEU C 458 13.20 -1.56 -32.85
C LEU C 458 12.39 -0.28 -33.06
N ALA C 459 11.95 -0.01 -34.29
CA ALA C 459 11.17 1.18 -34.54
C ALA C 459 9.83 1.14 -33.84
N PHE C 460 9.36 -0.05 -33.47
CA PHE C 460 8.08 -0.17 -32.80
C PHE C 460 8.22 -0.24 -31.28
N MET C 461 9.21 0.46 -30.72
CA MET C 461 9.28 0.60 -29.28
C MET C 461 8.51 1.83 -28.82
N SER C 462 8.42 2.00 -27.49
CA SER C 462 7.53 2.99 -26.89
C SER C 462 8.29 4.17 -26.31
N GLY C 463 7.75 5.35 -26.54
CA GLY C 463 8.30 6.53 -25.93
C GLY C 463 9.46 7.13 -26.71
N LEU C 464 10.24 7.90 -25.98
CA LEU C 464 11.33 8.66 -26.57
C LEU C 464 12.40 7.73 -27.14
N THR C 465 12.71 6.65 -26.41
CA THR C 465 13.63 5.66 -26.95
C THR C 465 13.10 5.10 -28.25
N GLY C 466 11.81 4.78 -28.29
CA GLY C 466 11.20 4.36 -29.53
C GLY C 466 11.36 5.38 -30.64
N GLN C 467 11.23 6.68 -30.31
CA GLN C 467 11.25 7.71 -31.34
C GLN C 467 12.63 7.88 -31.96
N PHE C 468 13.69 7.63 -31.17
CA PHE C 468 15.06 7.62 -31.71
C PHE C 468 15.34 6.33 -32.52
N TYR C 469 14.97 5.17 -31.96
CA TYR C 469 15.19 3.92 -32.66
C TYR C 469 14.43 3.92 -33.97
N LYS C 470 13.25 4.53 -34.00
CA LYS C 470 12.49 4.64 -35.25
C LYS C 470 13.37 5.20 -36.37
N GLN C 471 14.07 6.29 -36.08
CA GLN C 471 14.94 6.90 -37.10
C GLN C 471 16.07 5.97 -37.48
N PHE C 472 16.82 5.47 -36.48
CA PHE C 472 17.96 4.58 -36.79
C PHE C 472 17.51 3.42 -37.66
N ALA C 473 16.57 2.64 -37.13
CA ALA C 473 16.15 1.38 -37.72
C ALA C 473 15.49 1.57 -39.08
N MET C 474 14.61 2.57 -39.24
CA MET C 474 14.03 2.75 -40.56
C MET C 474 15.11 3.05 -41.59
N THR C 475 16.08 3.91 -41.24
CA THR C 475 17.16 4.16 -42.18
C THR C 475 17.92 2.87 -42.50
N ILE C 476 18.29 2.11 -41.47
CA ILE C 476 19.11 0.93 -41.69
C ILE C 476 18.37 -0.06 -42.57
N ALA C 477 17.11 -0.33 -42.24
CA ALA C 477 16.34 -1.33 -42.98
C ALA C 477 16.19 -0.91 -44.43
N ILE C 478 15.88 0.36 -44.69
CA ILE C 478 15.74 0.80 -46.07
C ILE C 478 17.06 0.62 -46.83
N SER C 479 18.17 1.07 -46.24
CA SER C 479 19.44 0.91 -46.92
C SER C 479 19.70 -0.56 -47.18
N THR C 480 19.32 -1.42 -46.23
CA THR C 480 19.57 -2.85 -46.37
C THR C 480 18.79 -3.45 -47.54
N VAL C 481 17.49 -3.16 -47.64
CA VAL C 481 16.75 -3.72 -48.78
C VAL C 481 17.27 -3.17 -50.09
N ILE C 482 17.58 -1.87 -50.16
CA ILE C 482 18.09 -1.37 -51.45
C ILE C 482 19.43 -2.02 -51.79
N SER C 483 20.34 -2.13 -50.81
CA SER C 483 21.64 -2.76 -51.07
C SER C 483 21.47 -4.19 -51.50
N ALA C 484 20.55 -4.92 -50.85
CA ALA C 484 20.21 -6.27 -51.27
C ALA C 484 19.75 -6.30 -52.72
N PHE C 485 18.85 -5.41 -53.10
CA PHE C 485 18.38 -5.39 -54.47
C PHE C 485 19.52 -5.10 -55.45
N ASN C 486 20.41 -4.17 -55.09
CA ASN C 486 21.50 -3.86 -56.00
C ASN C 486 22.51 -4.98 -56.06
N SER C 487 22.70 -5.68 -54.95
CA SER C 487 23.63 -6.79 -54.90
C SER C 487 23.18 -7.97 -55.77
N LEU C 488 21.89 -8.06 -56.07
CA LEU C 488 21.35 -9.06 -56.98
C LEU C 488 21.23 -8.55 -58.40
N THR C 489 21.30 -7.26 -58.64
CA THR C 489 21.09 -6.78 -60.00
C THR C 489 22.31 -6.06 -60.54
N LEU C 490 22.74 -5.00 -59.86
CA LEU C 490 23.73 -4.09 -60.42
C LEU C 490 25.15 -4.59 -60.19
N SER C 491 25.49 -4.98 -58.96
CA SER C 491 26.84 -5.45 -58.66
C SER C 491 27.23 -6.68 -59.50
N PRO C 492 26.39 -7.70 -59.64
CA PRO C 492 26.78 -8.78 -60.55
C PRO C 492 26.91 -8.35 -62.01
N ALA C 493 26.01 -7.53 -62.55
CA ALA C 493 26.15 -7.12 -63.96
C ALA C 493 27.41 -6.28 -64.16
N LEU C 494 27.67 -5.36 -63.23
CA LEU C 494 28.87 -4.55 -63.28
C LEU C 494 30.12 -5.41 -63.24
N SER C 495 30.15 -6.44 -62.37
CA SER C 495 31.35 -7.25 -62.24
C SER C 495 31.54 -8.20 -63.44
N ALA C 496 30.44 -8.76 -63.97
CA ALA C 496 30.57 -9.58 -65.16
C ALA C 496 31.08 -8.76 -66.31
N ILE C 497 30.73 -7.48 -66.35
CA ILE C 497 31.15 -6.64 -67.45
C ILE C 497 32.52 -5.99 -67.22
N LEU C 498 33.04 -6.01 -66.00
CA LEU C 498 34.23 -5.23 -65.70
C LEU C 498 35.42 -6.04 -65.26
N LEU C 499 35.22 -7.20 -64.64
CA LEU C 499 36.32 -8.01 -64.14
C LEU C 499 36.97 -8.83 -65.27
N LYS C 500 38.31 -8.85 -65.33
CA LYS C 500 38.97 -9.62 -66.37
C LYS C 500 39.11 -11.08 -65.95
N GLY C 501 38.80 -11.98 -66.86
CA GLY C 501 39.19 -13.40 -66.73
C GLY C 501 40.70 -13.61 -66.68
N HIS C 502 41.12 -14.83 -66.37
CA HIS C 502 42.56 -15.12 -66.45
C HIS C 502 43.10 -14.97 -67.88
N GLY C 503 42.27 -15.19 -68.88
CA GLY C 503 42.83 -15.24 -70.21
C GLY C 503 42.79 -13.99 -71.03
N ASP C 504 42.30 -12.88 -70.49
CA ASP C 504 42.23 -11.67 -71.27
C ASP C 504 43.25 -10.64 -70.80
N LYS C 505 43.78 -9.89 -71.78
CA LYS C 505 44.92 -9.00 -71.57
C LYS C 505 44.69 -7.99 -70.47
N GLU C 506 45.70 -7.79 -69.63
CA GLU C 506 45.66 -6.73 -68.64
C GLU C 506 45.66 -5.39 -69.36
N ASP C 507 44.88 -4.45 -68.84
CA ASP C 507 44.85 -3.11 -69.43
C ASP C 507 46.10 -2.32 -69.06
N TRP C 508 46.04 -1.00 -69.23
CA TRP C 508 47.21 -0.15 -68.98
C TRP C 508 47.34 0.17 -67.49
N LEU C 509 46.21 0.37 -66.84
CA LEU C 509 46.25 0.67 -65.42
C LEU C 509 46.59 -0.58 -64.64
N THR C 510 46.15 -1.76 -65.09
CA THR C 510 46.52 -2.99 -64.43
C THR C 510 48.02 -3.21 -64.47
N ARG C 511 48.64 -2.98 -65.62
CA ARG C 511 50.09 -3.13 -65.70
C ARG C 511 50.81 -2.10 -64.84
N VAL C 512 50.36 -0.83 -64.85
CA VAL C 512 51.07 0.15 -64.03
C VAL C 512 50.89 -0.18 -62.54
N MET C 513 49.68 -0.59 -62.13
CA MET C 513 49.43 -0.94 -60.74
C MET C 513 50.27 -2.13 -60.29
N ASN C 514 50.33 -3.18 -61.13
CA ASN C 514 51.12 -4.36 -60.78
C ASN C 514 52.61 -4.03 -60.75
N ARG C 515 53.10 -3.30 -61.74
CA ARG C 515 54.50 -2.90 -61.75
C ARG C 515 54.84 -2.10 -60.50
N VAL C 516 53.94 -1.21 -60.08
CA VAL C 516 54.26 -0.32 -58.96
C VAL C 516 54.02 -1.01 -57.61
N LEU C 517 53.06 -1.92 -57.50
CA LEU C 517 52.75 -2.51 -56.20
C LEU C 517 53.01 -4.02 -56.18
N GLY C 518 53.73 -4.55 -57.16
CA GLY C 518 53.88 -6.00 -57.24
C GLY C 518 54.64 -6.57 -56.06
N GLY C 519 55.70 -5.88 -55.62
CA GLY C 519 56.40 -6.31 -54.43
C GLY C 519 55.51 -6.30 -53.21
N PHE C 520 54.77 -5.20 -53.04
CA PHE C 520 53.81 -5.13 -51.95
C PHE C 520 52.80 -6.25 -52.05
N PHE C 521 52.29 -6.50 -53.26
CA PHE C 521 51.30 -7.56 -53.44
C PHE C 521 51.88 -8.90 -53.02
N ARG C 522 53.10 -9.20 -53.45
CA ARG C 522 53.72 -10.49 -53.14
C ARG C 522 53.92 -10.64 -51.63
N GLY C 523 54.37 -9.56 -50.97
CA GLY C 523 54.54 -9.60 -49.52
C GLY C 523 53.22 -9.76 -48.78
N PHE C 524 52.22 -8.98 -49.15
CA PHE C 524 50.92 -9.12 -48.52
C PHE C 524 50.38 -10.52 -48.72
N ASN C 525 50.57 -11.07 -49.93
CA ASN C 525 50.12 -12.42 -50.19
C ASN C 525 50.81 -13.44 -49.28
N LYS C 526 52.11 -13.29 -49.09
CA LYS C 526 52.82 -14.19 -48.19
C LYS C 526 52.24 -14.11 -46.77
N VAL C 527 52.09 -12.89 -46.25
CA VAL C 527 51.64 -12.81 -44.87
C VAL C 527 50.18 -13.26 -44.76
N PHE C 528 49.36 -13.02 -45.79
CA PHE C 528 47.97 -13.49 -45.70
C PHE C 528 47.93 -15.01 -45.71
N HIS C 529 48.85 -15.65 -46.41
CA HIS C 529 48.97 -17.11 -46.37
C HIS C 529 49.30 -17.61 -44.96
N ARG C 530 50.25 -16.93 -44.31
CA ARG C 530 50.55 -17.18 -42.90
C ARG C 530 49.26 -17.30 -42.12
N GLY C 531 48.49 -16.21 -42.19
CA GLY C 531 47.26 -16.12 -41.44
C GLY C 531 46.21 -17.13 -41.87
N ALA C 532 46.10 -17.37 -43.17
CA ALA C 532 45.08 -18.29 -43.64
C ALA C 532 45.31 -19.66 -43.02
N GLU C 533 46.55 -20.17 -43.09
CA GLU C 533 46.79 -21.50 -42.55
C GLU C 533 46.79 -21.54 -41.04
N ASN C 534 47.32 -20.54 -40.36
CA ASN C 534 47.21 -20.58 -38.90
C ASN C 534 45.73 -20.61 -38.50
N TYR C 535 44.88 -19.83 -39.19
CA TYR C 535 43.45 -19.85 -38.92
C TYR C 535 42.86 -21.23 -39.14
N GLY C 536 43.22 -21.87 -40.25
CA GLY C 536 42.73 -23.22 -40.51
C GLY C 536 43.20 -24.21 -39.46
N ARG C 537 44.48 -24.13 -39.08
CA ARG C 537 44.96 -24.96 -38.00
C ARG C 537 44.15 -24.72 -36.75
N GLY C 538 43.83 -23.45 -36.47
CA GLY C 538 43.08 -23.12 -35.29
C GLY C 538 41.69 -23.68 -35.33
N VAL C 539 41.02 -23.58 -36.48
CA VAL C 539 39.67 -24.12 -36.56
C VAL C 539 39.70 -25.62 -36.38
N ARG C 540 40.67 -26.29 -37.00
CA ARG C 540 40.78 -27.73 -36.84
C ARG C 540 40.98 -28.07 -35.36
N GLY C 541 41.81 -27.29 -34.67
CA GLY C 541 41.99 -27.51 -33.25
C GLY C 541 40.73 -27.31 -32.44
N VAL C 542 40.06 -26.17 -32.64
CA VAL C 542 38.88 -25.90 -31.82
C VAL C 542 37.79 -26.90 -32.14
N LEU C 543 37.68 -27.34 -33.41
CA LEU C 543 36.63 -28.26 -33.79
C LEU C 543 36.77 -29.60 -33.08
N SER C 544 37.99 -29.97 -32.70
CA SER C 544 38.20 -31.19 -31.92
C SER C 544 37.71 -31.03 -30.48
N ARG C 545 38.05 -29.89 -29.85
CA ARG C 545 37.73 -29.66 -28.45
C ARG C 545 36.38 -28.96 -28.31
N LYS C 546 35.37 -29.61 -28.90
CA LYS C 546 34.04 -29.01 -28.97
C LYS C 546 33.47 -28.78 -27.56
N ALA C 547 33.68 -29.73 -26.64
CA ALA C 547 33.12 -29.58 -25.29
C ALA C 547 33.76 -28.40 -24.57
N VAL C 548 35.08 -28.25 -24.69
CA VAL C 548 35.75 -27.09 -24.12
C VAL C 548 35.19 -25.80 -24.74
N MET C 549 34.99 -25.80 -26.06
CA MET C 549 34.46 -24.61 -26.70
C MET C 549 33.09 -24.24 -26.16
N LEU C 550 32.20 -25.22 -26.00
CA LEU C 550 30.89 -24.93 -25.44
C LEU C 550 31.01 -24.39 -24.02
N GLY C 551 31.92 -24.96 -23.23
CA GLY C 551 32.10 -24.44 -21.88
C GLY C 551 32.54 -22.98 -21.88
N LEU C 552 33.57 -22.67 -22.66
CA LEU C 552 34.06 -21.30 -22.76
C LEU C 552 32.98 -20.36 -23.29
N TYR C 553 32.13 -20.84 -24.21
CA TYR C 553 31.06 -19.99 -24.72
C TYR C 553 30.05 -19.69 -23.63
N LEU C 554 29.73 -20.67 -22.80
CA LEU C 554 28.81 -20.41 -21.68
C LEU C 554 29.41 -19.41 -20.71
N VAL C 555 30.72 -19.52 -20.45
CA VAL C 555 31.42 -18.49 -19.67
C VAL C 555 31.23 -17.12 -20.32
N LEU C 556 31.41 -17.04 -21.63
CA LEU C 556 31.31 -15.74 -22.30
C LEU C 556 29.91 -15.18 -22.28
N VAL C 557 28.88 -16.03 -22.37
CA VAL C 557 27.51 -15.53 -22.26
C VAL C 557 27.28 -14.94 -20.89
N GLY C 558 27.76 -15.65 -19.85
CA GLY C 558 27.66 -15.08 -18.52
C GLY C 558 28.33 -13.72 -18.43
N ALA C 559 29.55 -13.62 -18.94
CA ALA C 559 30.26 -12.35 -18.95
C ALA C 559 29.51 -11.28 -19.74
N THR C 560 28.81 -11.66 -20.80
CA THR C 560 28.02 -10.67 -21.52
C THR C 560 26.97 -10.08 -20.61
N LEU C 561 26.27 -10.93 -19.86
CA LEU C 561 25.32 -10.42 -18.87
C LEU C 561 26.01 -9.55 -17.81
N MET C 562 27.17 -10.01 -17.34
CA MET C 562 27.89 -9.28 -16.30
C MET C 562 28.29 -7.88 -16.76
N VAL C 563 28.91 -7.78 -17.94
CA VAL C 563 29.34 -6.48 -18.46
C VAL C 563 28.12 -5.67 -18.87
N SER C 564 27.02 -6.32 -19.23
CA SER C 564 25.79 -5.59 -19.49
C SER C 564 25.33 -4.86 -18.24
N LYS C 565 25.44 -5.51 -17.06
CA LYS C 565 25.07 -4.84 -15.81
C LYS C 565 26.18 -3.98 -15.22
N ILE C 566 27.42 -4.11 -15.68
CA ILE C 566 28.53 -3.31 -15.17
C ILE C 566 28.66 -1.97 -15.91
N VAL C 567 28.32 -1.94 -17.19
CA VAL C 567 28.41 -0.70 -17.97
C VAL C 567 27.28 0.24 -17.56
N PRO C 568 27.59 1.47 -17.16
CA PRO C 568 26.52 2.35 -16.69
C PRO C 568 25.67 2.83 -17.85
N GLY C 569 24.36 2.86 -17.61
CA GLY C 569 23.44 3.27 -18.65
C GLY C 569 23.45 4.77 -18.90
N GLY C 570 22.99 5.12 -20.09
CA GLY C 570 22.95 6.49 -20.54
C GLY C 570 21.75 6.61 -21.47
N PHE C 571 21.47 7.84 -21.88
CA PHE C 571 20.25 7.98 -22.66
C PHE C 571 20.53 8.78 -23.93
N VAL C 572 20.96 10.03 -23.77
CA VAL C 572 21.35 10.92 -24.87
C VAL C 572 22.50 11.70 -24.25
N PRO C 573 23.74 11.41 -24.60
CA PRO C 573 24.88 11.93 -23.81
C PRO C 573 24.99 13.45 -23.89
N ALA C 574 25.77 14.00 -22.95
CA ALA C 574 25.88 15.44 -22.80
C ALA C 574 26.77 16.01 -23.89
N GLN C 575 26.23 16.97 -24.65
CA GLN C 575 26.91 17.58 -25.77
C GLN C 575 27.11 19.09 -25.62
N ASP C 576 28.27 19.57 -26.08
CA ASP C 576 28.54 20.99 -26.30
C ASP C 576 27.60 21.52 -27.38
N LYS C 577 26.60 22.34 -26.99
CA LYS C 577 25.68 22.97 -27.92
C LYS C 577 26.05 24.41 -28.21
N GLU C 578 27.26 24.83 -27.83
CA GLU C 578 27.83 26.14 -28.12
C GLU C 578 27.25 27.28 -27.27
N TYR C 579 26.67 26.97 -26.10
CA TYR C 579 26.27 27.99 -25.13
C TYR C 579 26.14 27.36 -23.75
N LEU C 580 26.23 28.21 -22.73
CA LEU C 580 26.03 27.81 -21.36
C LEU C 580 24.89 28.63 -20.78
N ILE C 581 24.29 28.13 -19.71
CA ILE C 581 23.22 28.84 -19.03
C ILE C 581 23.75 29.19 -17.65
N ALA C 582 24.07 30.46 -17.43
CA ALA C 582 24.37 30.93 -16.09
C ALA C 582 23.08 31.52 -15.53
N PHE C 583 22.64 31.04 -14.37
CA PHE C 583 21.53 31.68 -13.70
C PHE C 583 21.99 32.24 -12.35
N ALA C 584 21.44 33.40 -12.01
CA ALA C 584 21.69 34.06 -10.74
C ALA C 584 20.38 34.21 -9.97
N GLN C 585 20.40 33.77 -8.72
CA GLN C 585 19.33 34.00 -7.77
C GLN C 585 19.92 34.76 -6.60
N LEU C 586 19.39 35.96 -6.36
CA LEU C 586 19.75 36.95 -5.35
C LEU C 586 18.99 36.64 -4.07
N PRO C 587 19.15 37.42 -2.98
CA PRO C 587 18.33 37.18 -1.78
C PRO C 587 16.85 37.38 -2.10
N ASN C 588 16.01 36.58 -1.46
CA ASN C 588 14.59 36.52 -1.83
C ASN C 588 13.93 37.89 -1.80
N GLY C 589 13.22 38.20 -2.89
CA GLY C 589 12.51 39.47 -2.98
C GLY C 589 13.36 40.64 -3.42
N ALA C 590 14.61 40.40 -3.77
CA ALA C 590 15.46 41.49 -4.23
C ALA C 590 14.84 42.18 -5.43
N SER C 591 15.18 43.45 -5.60
CA SER C 591 14.61 44.24 -6.68
C SER C 591 15.20 43.81 -8.02
N LEU C 592 14.40 44.00 -9.08
CA LEU C 592 14.86 43.74 -10.42
C LEU C 592 16.08 44.59 -10.76
N ASP C 593 16.24 45.75 -10.11
CA ASP C 593 17.42 46.58 -10.34
C ASP C 593 18.67 45.93 -9.78
N ARG C 594 18.56 45.36 -8.58
CA ARG C 594 19.68 44.64 -7.98
C ARG C 594 20.11 43.47 -8.88
N THR C 595 19.14 42.70 -9.36
CA THR C 595 19.48 41.59 -10.24
C THR C 595 20.09 42.09 -11.53
N GLU C 596 19.56 43.17 -12.11
CA GLU C 596 20.16 43.63 -13.36
C GLU C 596 21.60 44.01 -13.13
N LYS C 597 21.90 44.49 -11.93
CA LYS C 597 23.30 44.77 -11.61
C LYS C 597 24.13 43.48 -11.60
N VAL C 598 23.59 42.42 -10.99
CA VAL C 598 24.29 41.13 -11.01
C VAL C 598 24.45 40.61 -12.44
N ILE C 599 23.38 40.74 -13.24
CA ILE C 599 23.38 40.25 -14.61
C ILE C 599 24.42 40.97 -15.44
N ARG C 600 24.53 42.28 -15.28
CA ARG C 600 25.56 43.02 -16.00
C ARG C 600 26.94 42.57 -15.58
N ASP C 601 27.14 42.34 -14.27
CA ASP C 601 28.47 41.89 -13.83
C ASP C 601 28.82 40.56 -14.47
N MET C 602 27.88 39.61 -14.45
CA MET C 602 28.12 38.31 -15.06
C MET C 602 28.40 38.43 -16.55
N GLY C 603 27.60 39.24 -17.25
CA GLY C 603 27.81 39.43 -18.67
C GLY C 603 29.19 39.98 -18.97
N ALA C 604 29.63 40.97 -18.19
CA ALA C 604 30.96 41.54 -18.39
C ALA C 604 32.04 40.49 -18.16
N ILE C 605 31.90 39.69 -17.09
CA ILE C 605 32.89 38.65 -16.80
C ILE C 605 32.98 37.67 -17.96
N ALA C 606 31.83 37.23 -18.46
CA ALA C 606 31.84 36.27 -19.56
C ALA C 606 32.49 36.85 -20.81
N LEU C 607 32.19 38.11 -21.13
CA LEU C 607 32.70 38.72 -22.35
C LEU C 607 34.22 38.82 -22.38
N LYS C 608 34.90 38.85 -21.22
CA LYS C 608 36.35 38.81 -21.19
C LYS C 608 36.93 37.40 -21.26
N GLN C 609 36.10 36.37 -21.10
CA GLN C 609 36.56 34.98 -21.11
C GLN C 609 36.88 34.55 -22.56
N PRO C 610 38.03 33.94 -22.80
CA PRO C 610 38.47 33.69 -24.19
C PRO C 610 37.57 32.79 -25.00
N GLY C 611 36.82 31.87 -24.39
CA GLY C 611 35.99 31.00 -25.18
C GLY C 611 34.63 31.53 -25.51
N VAL C 612 34.27 32.65 -24.91
CA VAL C 612 32.95 33.24 -24.97
C VAL C 612 32.83 34.14 -26.18
N GLU C 613 31.70 34.04 -26.89
CA GLU C 613 31.31 34.95 -27.97
C GLU C 613 30.32 36.02 -27.53
N SER C 614 29.22 35.65 -26.87
CA SER C 614 28.25 36.68 -26.51
C SER C 614 27.55 36.34 -25.21
N ALA C 615 27.01 37.38 -24.57
CA ALA C 615 26.25 37.28 -23.33
C ALA C 615 24.83 37.71 -23.66
N VAL C 616 23.93 36.75 -23.77
CA VAL C 616 22.53 37.00 -24.09
C VAL C 616 21.80 37.02 -22.76
N ALA C 617 21.43 38.21 -22.27
CA ALA C 617 21.02 38.39 -20.88
C ALA C 617 19.53 38.67 -20.76
N PHE C 618 18.93 38.16 -19.67
CA PHE C 618 17.55 38.47 -19.29
C PHE C 618 17.49 38.59 -17.76
N PRO C 619 17.70 39.80 -17.22
CA PRO C 619 17.36 40.05 -15.82
C PRO C 619 15.87 39.90 -15.62
N GLY C 620 15.51 39.15 -14.59
CA GLY C 620 14.12 38.87 -14.29
C GLY C 620 13.65 37.53 -14.79
N LEU C 621 14.45 36.84 -15.60
CA LEU C 621 14.03 35.57 -16.17
C LEU C 621 14.31 34.44 -15.18
N SER C 622 13.28 33.69 -14.84
CA SER C 622 13.40 32.60 -13.89
C SER C 622 13.63 31.32 -14.65
N VAL C 623 14.56 30.50 -14.16
CA VAL C 623 14.71 29.17 -14.74
C VAL C 623 13.46 28.35 -14.46
N ASN C 624 12.73 28.66 -13.38
CA ASN C 624 11.51 27.97 -12.99
C ASN C 624 10.36 28.37 -13.91
N GLY C 625 10.36 27.81 -15.12
CA GLY C 625 9.25 27.97 -16.05
C GLY C 625 9.49 29.01 -17.13
N PHE C 626 10.68 29.62 -17.17
CA PHE C 626 10.94 30.82 -17.95
C PHE C 626 9.90 31.89 -17.69
N THR C 627 9.49 32.01 -16.46
CA THR C 627 8.57 33.05 -16.05
C THR C 627 9.37 34.14 -15.33
N ASN C 628 8.69 35.12 -14.74
CA ASN C 628 9.34 36.34 -14.26
C ASN C 628 9.48 36.35 -12.73
N SER C 629 10.71 36.59 -12.26
CA SER C 629 10.97 36.82 -10.85
C SER C 629 11.85 38.06 -10.68
N SER C 630 11.61 38.80 -9.60
CA SER C 630 12.43 39.99 -9.38
C SER C 630 13.86 39.60 -9.05
N SER C 631 14.05 38.50 -8.32
CA SER C 631 15.33 38.20 -7.72
C SER C 631 16.16 37.23 -8.53
N ALA C 632 15.69 36.82 -9.71
CA ALA C 632 16.36 35.85 -10.55
C ALA C 632 16.64 36.43 -11.93
N GLY C 633 17.64 35.87 -12.58
CA GLY C 633 17.97 36.27 -13.94
C GLY C 633 18.85 35.24 -14.61
N ILE C 634 18.92 35.31 -15.94
CA ILE C 634 19.64 34.32 -16.74
C ILE C 634 20.56 35.03 -17.72
N VAL C 635 21.80 34.56 -17.81
CA VAL C 635 22.71 34.91 -18.91
C VAL C 635 23.00 33.64 -19.70
N PHE C 636 22.53 33.60 -20.94
CA PHE C 636 22.96 32.62 -21.93
C PHE C 636 24.31 33.06 -22.50
N VAL C 637 25.37 32.35 -22.18
CA VAL C 637 26.70 32.66 -22.70
C VAL C 637 26.95 31.79 -23.93
N THR C 638 26.84 32.38 -25.11
CA THR C 638 27.15 31.69 -26.35
C THR C 638 28.66 31.67 -26.56
N LEU C 639 29.16 30.49 -26.99
CA LEU C 639 30.58 30.18 -27.18
C LEU C 639 30.99 30.37 -28.62
N LYS C 640 32.28 30.58 -28.82
CA LYS C 640 32.82 30.73 -30.17
C LYS C 640 32.69 29.42 -30.94
N PRO C 641 32.67 29.48 -32.28
CA PRO C 641 32.60 28.26 -33.08
C PRO C 641 33.79 27.34 -32.78
N PHE C 642 33.56 26.04 -32.96
CA PHE C 642 34.52 25.03 -32.52
C PHE C 642 35.89 25.24 -33.14
N ASP C 643 35.95 25.50 -34.46
CA ASP C 643 37.23 25.70 -35.12
C ASP C 643 37.98 26.86 -34.49
N GLN C 644 37.23 27.78 -33.89
CA GLN C 644 37.85 28.83 -33.11
C GLN C 644 38.36 28.28 -31.77
N ARG C 645 37.57 27.44 -31.11
CA ARG C 645 37.93 26.97 -29.76
C ARG C 645 38.59 25.60 -29.82
N HIS C 646 39.77 25.56 -30.45
CA HIS C 646 40.59 24.35 -30.42
C HIS C 646 41.45 24.35 -29.16
N GLY C 647 41.48 23.23 -28.47
CA GLY C 647 42.25 23.06 -27.25
C GLY C 647 41.38 22.62 -26.08
N LYS C 648 42.08 22.24 -25.01
CA LYS C 648 41.44 21.91 -23.73
C LYS C 648 40.72 23.11 -23.11
N ALA C 649 41.50 24.10 -22.66
CA ALA C 649 40.99 25.24 -21.91
C ALA C 649 39.85 26.04 -22.55
N LEU C 650 39.55 25.81 -23.82
CA LEU C 650 38.47 26.57 -24.47
C LEU C 650 37.24 25.71 -24.75
N SER C 651 36.87 24.85 -23.81
CA SER C 651 35.75 23.95 -24.02
C SER C 651 34.59 24.33 -23.13
N ALA C 652 33.45 23.69 -23.39
CA ALA C 652 32.22 24.12 -22.73
C ALA C 652 32.27 23.81 -21.25
N GLY C 653 32.75 22.63 -20.87
CA GLY C 653 32.91 22.33 -19.46
C GLY C 653 33.98 23.16 -18.78
N ALA C 654 35.10 23.36 -19.46
CA ALA C 654 36.18 24.15 -18.86
C ALA C 654 35.75 25.60 -18.70
N ILE C 655 35.15 26.16 -19.75
CA ILE C 655 34.65 27.53 -19.68
C ILE C 655 33.59 27.65 -18.59
N ALA C 656 32.70 26.65 -18.48
CA ALA C 656 31.68 26.68 -17.45
C ALA C 656 32.29 26.68 -16.06
N GLY C 657 33.30 25.85 -15.84
CA GLY C 657 33.98 25.87 -14.55
C GLY C 657 34.65 27.20 -14.26
N ALA C 658 35.26 27.80 -15.28
CA ALA C 658 35.91 29.09 -15.12
C ALA C 658 34.92 30.19 -14.76
N LEU C 659 33.81 30.24 -15.48
CA LEU C 659 32.76 31.20 -15.14
C LEU C 659 32.20 30.92 -13.76
N ASN C 660 32.08 29.65 -13.37
CA ASN C 660 31.59 29.33 -12.04
C ASN C 660 32.55 29.83 -10.97
N GLN C 661 33.85 29.62 -11.17
CA GLN C 661 34.81 30.12 -10.19
C GLN C 661 34.77 31.64 -10.10
N LYS C 662 34.74 32.33 -11.25
CA LYS C 662 34.73 33.79 -11.22
C LYS C 662 33.43 34.32 -10.64
N TYR C 663 32.30 33.71 -11.00
CA TYR C 663 31.02 34.15 -10.48
C TYR C 663 30.88 33.87 -8.99
N ALA C 664 31.59 32.84 -8.48
CA ALA C 664 31.58 32.56 -7.05
C ALA C 664 32.12 33.74 -6.25
N ALA C 665 32.88 34.62 -6.87
CA ALA C 665 33.33 35.85 -6.24
C ALA C 665 32.37 37.02 -6.48
N LEU C 666 31.11 36.73 -6.81
CA LEU C 666 30.04 37.71 -6.67
C LEU C 666 29.24 37.23 -5.47
N LYS C 667 29.37 37.93 -4.36
CA LYS C 667 28.70 37.53 -3.14
C LYS C 667 27.34 38.20 -3.00
N ASP C 668 27.03 39.15 -3.88
CA ASP C 668 25.72 39.76 -3.87
C ASP C 668 24.61 38.81 -4.33
N SER C 669 24.98 37.66 -4.89
CA SER C 669 24.03 36.71 -5.46
C SER C 669 24.62 35.31 -5.43
N PHE C 670 23.74 34.32 -5.55
CA PHE C 670 24.15 32.95 -5.87
C PHE C 670 24.14 32.81 -7.38
N VAL C 671 25.24 32.31 -7.93
CA VAL C 671 25.37 32.13 -9.37
C VAL C 671 25.85 30.71 -9.69
N ALA C 672 25.23 30.10 -10.69
CA ALA C 672 25.75 28.84 -11.19
C ALA C 672 25.68 28.82 -12.71
N VAL C 673 26.72 28.27 -13.33
CA VAL C 673 26.78 28.07 -14.77
C VAL C 673 26.58 26.59 -15.06
N PHE C 674 25.63 26.29 -15.93
CA PHE C 674 25.25 24.92 -16.22
C PHE C 674 25.33 24.65 -17.72
N PRO C 675 25.57 23.40 -18.09
CA PRO C 675 25.64 23.04 -19.51
C PRO C 675 24.25 22.85 -20.09
N PRO C 676 24.09 23.13 -21.38
CA PRO C 676 22.75 23.15 -21.99
C PRO C 676 22.17 21.76 -22.11
N PRO C 677 20.86 21.66 -22.15
CA PRO C 677 20.23 20.36 -22.39
C PRO C 677 20.62 19.82 -23.75
N PRO C 678 20.80 18.51 -23.85
CA PRO C 678 21.21 17.93 -25.13
C PRO C 678 20.21 18.12 -26.25
N VAL C 679 18.92 17.94 -25.98
CA VAL C 679 17.86 18.23 -26.93
C VAL C 679 16.87 19.13 -26.21
N LEU C 680 16.57 20.29 -26.81
CA LEU C 680 15.77 21.26 -26.08
C LEU C 680 14.43 20.64 -25.73
N GLY C 681 14.18 20.43 -24.44
CA GLY C 681 12.99 19.74 -24.00
C GLY C 681 13.24 18.42 -23.29
N LEU C 682 14.38 18.22 -22.63
CA LEU C 682 14.62 16.95 -21.94
C LEU C 682 14.90 17.02 -20.45
N GLY C 683 15.49 18.11 -19.93
CA GLY C 683 15.65 18.25 -18.49
C GLY C 683 16.36 17.14 -17.73
N THR C 684 17.69 17.01 -17.87
CA THR C 684 18.51 15.98 -17.22
C THR C 684 17.83 14.61 -17.24
N LEU C 685 17.75 14.01 -18.42
CA LEU C 685 17.05 12.73 -18.59
C LEU C 685 17.55 11.64 -17.66
N GLY C 686 18.82 11.67 -17.24
CA GLY C 686 19.22 10.67 -16.29
C GLY C 686 18.77 11.05 -14.90
N GLY C 687 17.48 11.37 -14.80
CA GLY C 687 16.88 11.81 -13.55
C GLY C 687 15.38 11.82 -13.68
N PHE C 688 14.73 12.02 -12.54
CA PHE C 688 13.28 12.08 -12.44
C PHE C 688 12.83 13.45 -11.91
N LYS C 689 11.53 13.68 -12.03
CA LYS C 689 10.87 14.82 -11.41
C LYS C 689 9.51 14.35 -10.92
N MET C 690 9.11 14.88 -9.77
CA MET C 690 7.94 14.42 -9.06
C MET C 690 7.22 15.60 -8.46
N GLN C 691 5.97 15.32 -8.06
CA GLN C 691 5.00 16.31 -7.65
C GLN C 691 4.36 15.96 -6.30
N ILE C 692 4.68 16.70 -5.23
CA ILE C 692 3.97 16.55 -3.97
C ILE C 692 2.76 17.47 -3.99
N GLU C 693 1.57 16.87 -3.85
CA GLU C 693 0.30 17.54 -4.08
C GLU C 693 -0.47 17.70 -2.78
N ASP C 694 -0.96 18.93 -2.54
CA ASP C 694 -1.84 19.25 -1.41
C ASP C 694 -3.26 18.88 -1.83
N ARG C 695 -3.62 17.62 -1.58
CA ARG C 695 -4.95 17.11 -1.86
C ARG C 695 -5.90 17.25 -0.67
N GLY C 696 -5.38 17.52 0.52
CA GLY C 696 -6.21 17.53 1.71
C GLY C 696 -6.18 18.86 2.44
N ALA C 697 -6.18 19.94 1.66
CA ALA C 697 -6.26 21.29 2.22
C ALA C 697 -5.24 21.58 3.31
N VAL C 698 -4.03 21.03 3.21
CA VAL C 698 -2.98 21.42 4.15
C VAL C 698 -2.49 22.79 3.68
N GLY C 699 -1.71 23.47 4.48
CA GLY C 699 -1.25 24.80 4.09
C GLY C 699 -0.07 24.78 3.12
N TYR C 700 0.14 25.90 2.43
CA TYR C 700 1.36 26.05 1.65
C TYR C 700 2.55 25.80 2.56
N ALA C 701 2.44 26.28 3.80
CA ALA C 701 3.49 26.08 4.81
C ALA C 701 3.59 24.61 5.18
N ARG C 702 2.46 23.95 5.42
CA ARG C 702 2.52 22.54 5.75
C ARG C 702 2.96 21.71 4.54
N LEU C 703 2.64 22.19 3.32
CA LEU C 703 3.14 21.54 2.11
C LEU C 703 4.66 21.62 2.01
N ALA C 704 5.23 22.79 2.28
CA ALA C 704 6.68 22.91 2.33
C ALA C 704 7.27 22.01 3.41
N ASP C 705 6.58 21.89 4.55
CA ASP C 705 7.03 21.00 5.61
C ASP C 705 7.12 19.56 5.12
N ALA C 706 6.08 19.11 4.41
CA ALA C 706 6.09 17.75 3.86
C ALA C 706 7.23 17.53 2.87
N THR C 707 7.47 18.51 1.99
CA THR C 707 8.54 18.36 1.00
C THR C 707 9.90 18.32 1.65
N ASN C 708 10.10 19.14 2.68
CA ASN C 708 11.40 19.17 3.35
C ASN C 708 11.63 17.89 4.17
N ASP C 709 10.56 17.34 4.77
CA ASP C 709 10.68 16.02 5.40
C ASP C 709 11.02 14.94 4.38
N PHE C 710 10.39 15.02 3.20
CA PHE C 710 10.68 14.06 2.15
C PHE C 710 12.14 14.17 1.67
N ILE C 711 12.64 15.39 1.46
CA ILE C 711 14.03 15.56 1.01
C ILE C 711 15.01 15.05 2.06
N LYS C 712 14.73 15.30 3.35
CA LYS C 712 15.65 14.86 4.39
C LYS C 712 15.61 13.33 4.53
N ARG C 713 14.43 12.72 4.36
CA ARG C 713 14.33 11.28 4.46
C ARG C 713 14.90 10.61 3.22
N ALA C 714 14.87 11.29 2.07
CA ALA C 714 15.49 10.75 0.87
C ALA C 714 17.01 10.86 0.95
N GLN C 715 17.53 11.80 1.75
CA GLN C 715 18.96 11.80 2.01
C GLN C 715 19.32 10.68 2.98
N GLN C 716 18.37 10.27 3.82
CA GLN C 716 18.64 9.13 4.70
C GLN C 716 18.43 7.79 4.02
N ALA C 717 18.02 7.75 2.76
CA ALA C 717 18.01 6.49 2.08
C ALA C 717 19.12 6.52 1.05
N PRO C 718 20.11 5.59 1.15
CA PRO C 718 21.31 5.60 0.30
C PRO C 718 21.17 5.04 -1.12
N GLU C 719 20.20 5.58 -1.88
CA GLU C 719 20.00 5.16 -3.29
C GLU C 719 19.78 6.32 -4.27
N LEU C 720 19.40 7.51 -3.83
CA LEU C 720 19.14 8.72 -4.60
C LEU C 720 20.33 9.67 -4.52
N GLY C 721 20.35 10.68 -5.39
CA GLY C 721 21.39 11.69 -5.36
C GLY C 721 20.89 12.97 -4.67
N PRO C 722 21.33 14.14 -5.14
CA PRO C 722 20.88 15.41 -4.55
C PRO C 722 19.52 15.83 -5.11
N LEU C 723 18.56 16.10 -4.21
CA LEU C 723 17.19 16.53 -4.58
C LEU C 723 16.98 18.01 -4.31
N PHE C 724 16.81 18.82 -5.36
CA PHE C 724 16.49 20.23 -5.16
C PHE C 724 15.08 20.57 -5.65
N THR C 725 14.53 21.63 -5.05
CA THR C 725 13.22 22.19 -5.37
C THR C 725 13.35 23.68 -5.70
N SER C 726 12.28 24.25 -6.22
CA SER C 726 12.21 25.70 -6.46
C SER C 726 11.09 26.34 -5.65
N TYR C 727 10.45 25.57 -4.77
CA TYR C 727 9.30 25.98 -3.99
C TYR C 727 9.77 26.86 -2.82
N GLN C 728 9.28 28.10 -2.81
CA GLN C 728 9.69 29.16 -1.89
C GLN C 728 8.46 29.62 -1.12
N ILE C 729 8.48 29.53 0.20
CA ILE C 729 7.37 30.13 0.92
C ILE C 729 7.83 31.17 1.95
N ASN C 730 9.08 31.62 1.85
CA ASN C 730 9.57 32.69 2.72
C ASN C 730 10.28 33.76 1.93
N VAL C 731 9.64 34.25 0.87
CA VAL C 731 10.01 35.55 0.31
C VAL C 731 9.22 36.62 1.06
N PRO C 732 9.84 37.73 1.45
CA PRO C 732 9.09 38.78 2.17
C PRO C 732 7.91 39.34 1.39
N GLN C 733 6.83 39.60 2.11
CA GLN C 733 5.64 40.23 1.55
C GLN C 733 5.02 41.07 2.66
N LEU C 734 3.91 41.71 2.35
CA LEU C 734 3.16 42.48 3.32
C LEU C 734 1.73 41.95 3.42
N ASN C 735 1.26 41.78 4.64
CA ASN C 735 -0.11 41.43 4.89
C ASN C 735 -0.87 42.70 5.26
N VAL C 736 -2.01 42.92 4.59
CA VAL C 736 -2.85 44.08 4.82
C VAL C 736 -4.19 43.57 5.32
N ASP C 737 -4.54 43.95 6.55
CA ASP C 737 -5.76 43.51 7.21
C ASP C 737 -6.74 44.67 7.16
N LEU C 738 -7.92 44.41 6.64
CA LEU C 738 -8.95 45.43 6.50
C LEU C 738 -9.99 45.19 7.57
N ASP C 739 -10.16 46.19 8.44
CA ASP C 739 -11.20 46.17 9.46
C ASP C 739 -12.52 46.44 8.76
N ARG C 740 -13.29 45.37 8.51
CA ARG C 740 -14.49 45.51 7.68
C ARG C 740 -15.54 46.34 8.40
N VAL C 741 -15.80 46.04 9.67
CA VAL C 741 -16.74 46.86 10.42
C VAL C 741 -16.20 48.28 10.56
N LYS C 742 -14.91 48.45 10.84
CA LYS C 742 -14.40 49.82 10.91
C LYS C 742 -14.51 50.56 9.58
N ALA C 743 -14.38 49.84 8.45
CA ALA C 743 -14.58 50.49 7.15
C ALA C 743 -16.01 50.98 7.00
N LYS C 744 -17.00 50.11 7.24
CA LYS C 744 -18.39 50.51 6.99
C LYS C 744 -18.99 51.41 8.07
N GLN C 745 -18.41 51.48 9.27
CA GLN C 745 -18.84 52.47 10.25
C GLN C 745 -18.34 53.87 9.87
N LEU C 746 -17.13 53.96 9.29
CA LEU C 746 -16.59 55.21 8.74
C LEU C 746 -17.25 55.63 7.43
N GLY C 747 -18.25 54.89 6.98
CA GLY C 747 -18.96 55.18 5.77
C GLY C 747 -18.27 54.72 4.50
N VAL C 748 -17.13 54.05 4.59
CA VAL C 748 -16.38 53.65 3.40
C VAL C 748 -16.74 52.21 3.04
N ASN C 749 -17.02 52.01 1.77
CA ASN C 749 -17.35 50.70 1.25
C ASN C 749 -16.07 49.90 1.06
N VAL C 750 -16.13 48.60 1.34
CA VAL C 750 -14.93 47.77 1.31
C VAL C 750 -14.37 47.71 -0.11
N THR C 751 -15.24 47.71 -1.10
CA THR C 751 -14.77 47.69 -2.48
C THR C 751 -14.01 48.96 -2.83
N ASP C 752 -14.39 50.11 -2.27
CA ASP C 752 -13.65 51.34 -2.56
C ASP C 752 -12.23 51.29 -1.99
N VAL C 753 -12.08 50.73 -0.79
CA VAL C 753 -10.75 50.56 -0.21
C VAL C 753 -9.90 49.65 -1.08
N PHE C 754 -10.45 48.50 -1.45
CA PHE C 754 -9.66 47.55 -2.25
C PHE C 754 -9.32 48.15 -3.60
N ASP C 755 -10.26 48.86 -4.21
CA ASP C 755 -9.98 49.46 -5.50
C ASP C 755 -8.88 50.50 -5.38
N THR C 756 -8.86 51.26 -4.28
CA THR C 756 -7.76 52.21 -4.11
C THR C 756 -6.43 51.47 -4.08
N MET C 757 -6.37 50.38 -3.30
CA MET C 757 -5.14 49.60 -3.24
C MET C 757 -4.75 49.05 -4.60
N GLN C 758 -5.72 48.51 -5.35
CA GLN C 758 -5.41 47.89 -6.63
C GLN C 758 -4.96 48.91 -7.66
N ILE C 759 -5.70 50.00 -7.84
CA ILE C 759 -5.34 50.96 -8.88
C ILE C 759 -4.03 51.66 -8.53
N TYR C 760 -3.86 52.09 -7.28
CA TYR C 760 -2.67 52.86 -6.93
C TYR C 760 -1.44 51.97 -6.86
N LEU C 761 -1.56 50.81 -6.23
CA LEU C 761 -0.41 49.94 -6.04
C LEU C 761 -0.29 48.85 -7.08
N GLY C 762 -1.36 48.54 -7.83
CA GLY C 762 -1.36 47.44 -8.75
C GLY C 762 -1.53 47.72 -10.23
N SER C 763 -1.70 48.99 -10.64
CA SER C 763 -1.69 49.37 -12.04
C SER C 763 -2.84 48.74 -12.83
N LEU C 764 -4.04 49.26 -12.57
CA LEU C 764 -5.21 48.88 -13.37
C LEU C 764 -5.06 49.24 -14.86
N TYR C 765 -5.65 48.40 -15.70
CA TYR C 765 -5.76 48.62 -17.14
C TYR C 765 -7.12 49.25 -17.44
N VAL C 766 -7.10 50.36 -18.17
CA VAL C 766 -8.30 51.17 -18.29
C VAL C 766 -9.00 50.83 -19.60
N ASN C 767 -8.36 51.16 -20.71
CA ASN C 767 -8.89 50.90 -22.04
C ASN C 767 -7.78 51.16 -23.04
N ASP C 768 -8.12 51.03 -24.31
CA ASP C 768 -7.15 51.04 -25.40
C ASP C 768 -7.09 52.42 -26.05
N PHE C 769 -5.90 52.75 -26.55
CA PHE C 769 -5.68 53.92 -27.38
C PHE C 769 -4.90 53.55 -28.61
N ASN C 770 -5.08 54.32 -29.67
CA ASN C 770 -4.52 54.02 -30.98
C ASN C 770 -3.23 54.78 -31.25
N ARG C 771 -2.30 54.06 -31.85
CA ARG C 771 -0.96 54.55 -32.19
C ARG C 771 -0.50 53.79 -33.42
N PHE C 772 -0.26 54.52 -34.52
CA PHE C 772 0.07 53.91 -35.82
C PHE C 772 -0.99 52.91 -36.27
N GLY C 773 -2.26 53.25 -36.06
CA GLY C 773 -3.35 52.35 -36.40
C GLY C 773 -3.46 51.10 -35.56
N ARG C 774 -2.66 51.00 -34.50
CA ARG C 774 -2.59 49.83 -33.62
C ARG C 774 -3.17 50.14 -32.25
N VAL C 775 -3.66 49.12 -31.60
CA VAL C 775 -4.25 49.26 -30.28
C VAL C 775 -3.17 49.07 -29.22
N TYR C 776 -3.20 49.91 -28.20
CA TYR C 776 -2.28 49.82 -27.07
C TYR C 776 -3.05 50.07 -25.78
N GLN C 777 -2.49 49.58 -24.68
CA GLN C 777 -3.08 49.71 -23.35
C GLN C 777 -2.76 51.08 -22.72
N VAL C 778 -3.77 51.76 -22.14
CA VAL C 778 -3.46 52.76 -21.12
C VAL C 778 -3.53 52.09 -19.75
N ARG C 779 -2.55 52.34 -18.88
CA ARG C 779 -2.50 51.77 -17.54
C ARG C 779 -2.27 52.86 -16.49
N VAL C 780 -3.05 52.84 -15.38
CA VAL C 780 -3.01 53.97 -14.44
C VAL C 780 -1.94 53.89 -13.37
N GLN C 781 -2.12 53.12 -12.29
CA GLN C 781 -1.01 52.98 -11.34
C GLN C 781 -0.40 54.24 -10.69
N ALA C 782 -0.68 54.51 -9.43
CA ALA C 782 0.07 55.55 -8.73
C ALA C 782 1.56 55.50 -9.08
N ASP C 783 2.15 56.68 -9.17
CA ASP C 783 3.53 56.87 -9.58
C ASP C 783 4.52 56.17 -8.63
N ALA C 784 5.74 55.99 -9.15
CA ALA C 784 6.82 55.27 -8.47
C ALA C 784 7.14 55.75 -7.06
N PRO C 785 7.29 57.05 -6.78
CA PRO C 785 7.74 57.47 -5.42
C PRO C 785 6.77 57.09 -4.33
N PHE C 786 5.53 56.79 -4.67
CA PHE C 786 4.51 56.53 -3.68
C PHE C 786 4.27 55.03 -3.50
N ARG C 787 5.10 54.17 -4.10
CA ARG C 787 4.93 52.72 -3.96
C ARG C 787 6.20 52.03 -3.50
N GLN C 788 7.25 52.77 -3.13
CA GLN C 788 8.57 52.17 -2.93
C GLN C 788 8.88 51.83 -1.48
N ARG C 789 7.87 51.54 -0.65
CA ARG C 789 8.10 51.45 0.79
C ARG C 789 6.80 51.09 1.49
N ALA C 790 6.85 50.10 2.37
CA ALA C 790 5.65 49.57 3.01
C ALA C 790 4.66 50.64 3.48
N ASP C 791 5.14 51.62 4.26
CA ASP C 791 4.22 52.50 4.97
C ASP C 791 3.61 53.64 4.15
N ASP C 792 4.08 53.92 2.92
CA ASP C 792 3.29 54.79 2.06
C ASP C 792 2.03 54.11 1.51
N ILE C 793 1.81 52.85 1.86
CA ILE C 793 0.52 52.21 1.58
C ILE C 793 -0.60 52.97 2.30
N LEU C 794 -0.34 53.44 3.53
CA LEU C 794 -1.32 54.08 4.40
C LEU C 794 -1.71 55.47 3.95
N GLN C 795 -0.87 56.12 3.16
CA GLN C 795 -1.10 57.45 2.63
C GLN C 795 -2.07 57.46 1.47
N LEU C 796 -2.66 56.34 1.12
CA LEU C 796 -3.68 56.34 0.09
C LEU C 796 -5.00 56.75 0.71
N LYS C 797 -5.84 57.42 -0.07
CA LYS C 797 -7.13 57.84 0.46
C LYS C 797 -8.23 57.37 -0.47
N THR C 798 -9.27 56.77 0.11
CA THR C 798 -10.52 56.49 -0.58
C THR C 798 -11.58 57.44 -0.01
N ARG C 799 -12.85 57.23 -0.37
CA ARG C 799 -13.93 58.09 0.09
C ARG C 799 -15.06 57.27 0.69
N ASN C 800 -15.75 57.89 1.67
CA ASN C 800 -16.90 57.33 2.37
C ASN C 800 -18.21 57.70 1.68
N ALA C 801 -19.33 57.24 2.24
CA ALA C 801 -20.63 57.60 1.68
C ALA C 801 -20.89 59.10 1.74
N ALA C 802 -20.36 59.76 2.77
CA ALA C 802 -20.58 61.19 2.93
C ALA C 802 -19.78 62.02 1.92
N GLY C 803 -18.70 61.49 1.38
CA GLY C 803 -17.86 62.24 0.49
C GLY C 803 -16.53 62.66 1.07
N GLU C 804 -16.20 62.24 2.28
CA GLU C 804 -14.93 62.61 2.90
C GLU C 804 -13.80 61.70 2.44
N MET C 805 -12.68 62.32 2.07
CA MET C 805 -11.45 61.59 1.74
C MET C 805 -10.86 61.01 3.02
N VAL C 806 -11.05 59.71 3.22
CA VAL C 806 -10.55 58.94 4.36
C VAL C 806 -9.23 58.26 4.01
N PRO C 807 -8.17 58.44 4.80
CA PRO C 807 -6.97 57.63 4.63
C PRO C 807 -7.14 56.25 5.26
N LEU C 808 -6.45 55.28 4.67
CA LEU C 808 -6.54 53.91 5.19
C LEU C 808 -5.55 53.65 6.33
N SER C 809 -4.72 54.64 6.70
CA SER C 809 -3.98 54.52 7.95
C SER C 809 -4.92 54.28 9.11
N SER C 810 -6.16 54.72 8.97
CA SER C 810 -7.23 54.54 9.93
C SER C 810 -8.15 53.38 9.59
N LEU C 811 -7.89 52.65 8.50
CA LEU C 811 -8.77 51.55 8.11
C LEU C 811 -8.10 50.18 7.97
N VAL C 812 -6.77 50.11 7.91
CA VAL C 812 -6.11 48.84 7.68
C VAL C 812 -4.85 48.76 8.52
N THR C 813 -4.42 47.53 8.82
CA THR C 813 -3.14 47.29 9.46
C THR C 813 -2.20 46.59 8.48
N VAL C 814 -0.97 47.08 8.40
CA VAL C 814 0.02 46.58 7.47
C VAL C 814 1.18 45.98 8.25
N SER C 815 1.40 44.70 8.08
CA SER C 815 2.45 44.00 8.79
C SER C 815 3.28 43.18 7.80
N PRO C 816 4.55 42.92 8.10
CA PRO C 816 5.32 42.02 7.23
C PRO C 816 4.89 40.57 7.40
N THR C 817 5.14 39.78 6.36
CA THR C 817 4.88 38.34 6.38
C THR C 817 5.76 37.69 5.33
N PHE C 818 5.59 36.37 5.15
CA PHE C 818 6.33 35.60 4.16
C PHE C 818 5.38 34.85 3.25
N GLY C 819 5.78 34.70 2.00
CA GLY C 819 5.01 33.93 1.05
C GLY C 819 5.79 33.40 -0.13
N PRO C 820 5.09 32.75 -1.06
CA PRO C 820 5.69 32.38 -2.33
C PRO C 820 5.60 33.48 -3.36
N GLU C 821 6.63 33.57 -4.17
CA GLU C 821 6.63 34.39 -5.37
C GLU C 821 6.08 33.64 -6.58
N MET C 822 5.69 32.38 -6.42
CA MET C 822 5.23 31.55 -7.52
C MET C 822 4.46 30.40 -6.88
N VAL C 823 3.18 30.31 -7.21
CA VAL C 823 2.36 29.16 -6.85
C VAL C 823 2.22 28.28 -8.07
N VAL C 824 2.59 27.00 -7.98
CA VAL C 824 2.38 26.06 -9.08
C VAL C 824 1.37 25.00 -8.67
N ARG C 825 0.37 24.77 -9.52
CA ARG C 825 -0.64 23.74 -9.29
C ARG C 825 -0.54 22.66 -10.37
N TYR C 826 -0.12 21.45 -9.97
CA TYR C 826 0.00 20.34 -10.89
C TYR C 826 -1.18 19.40 -10.73
N ASN C 827 -1.90 19.20 -11.82
CA ASN C 827 -3.12 18.41 -11.84
C ASN C 827 -4.15 18.95 -10.86
N ALA C 828 -4.37 20.28 -10.93
CA ALA C 828 -5.39 20.98 -10.14
C ALA C 828 -5.15 20.94 -8.62
N TYR C 829 -3.94 20.63 -8.15
CA TYR C 829 -3.60 20.66 -6.73
C TYR C 829 -2.51 21.70 -6.49
N THR C 830 -2.64 22.54 -5.43
CA THR C 830 -1.51 23.37 -5.01
C THR C 830 -0.36 22.44 -4.68
N ALA C 831 0.79 22.65 -5.30
CA ALA C 831 1.70 21.51 -5.28
C ALA C 831 3.14 21.93 -5.48
N ALA C 832 4.04 21.13 -4.92
CA ALA C 832 5.48 21.42 -4.90
C ALA C 832 6.33 20.34 -5.55
N ASP C 833 7.26 20.77 -6.39
CA ASP C 833 8.12 19.85 -7.13
C ASP C 833 9.31 19.35 -6.32
N VAL C 834 9.68 18.09 -6.53
CA VAL C 834 11.01 17.58 -6.13
C VAL C 834 11.57 16.76 -7.29
N ASN C 835 12.81 17.03 -7.65
CA ASN C 835 13.45 16.33 -8.75
C ASN C 835 14.82 15.83 -8.30
N GLY C 836 15.27 14.78 -8.95
CA GLY C 836 16.52 14.16 -8.54
C GLY C 836 16.99 13.14 -9.55
N GLY C 837 17.82 12.24 -9.04
CA GLY C 837 18.38 11.16 -9.82
C GLY C 837 18.92 10.07 -8.92
N PRO C 838 19.39 8.99 -9.51
CA PRO C 838 19.95 7.90 -8.71
C PRO C 838 21.44 8.12 -8.45
N ALA C 839 21.89 7.57 -7.31
CA ALA C 839 23.30 7.61 -6.93
C ALA C 839 24.14 6.84 -7.96
N PRO C 840 25.43 7.23 -8.14
CA PRO C 840 26.17 6.71 -9.29
C PRO C 840 26.27 5.20 -9.28
N GLY C 841 25.43 4.54 -10.10
CA GLY C 841 25.47 3.10 -10.23
C GLY C 841 24.10 2.48 -10.03
N TYR C 842 23.07 3.31 -10.13
CA TYR C 842 21.70 2.85 -10.05
C TYR C 842 20.92 3.31 -11.26
N SER C 843 19.87 2.55 -11.57
CA SER C 843 19.05 2.83 -12.72
C SER C 843 17.96 3.83 -12.31
N SER C 844 16.92 3.93 -13.13
CA SER C 844 15.83 4.83 -12.85
C SER C 844 14.72 4.12 -12.11
N GLY C 845 14.53 2.82 -12.40
CA GLY C 845 13.48 2.08 -11.74
C GLY C 845 13.76 1.92 -10.25
N GLN C 846 15.03 1.69 -9.90
CA GLN C 846 15.38 1.61 -8.48
C GLN C 846 15.23 2.97 -7.81
N ALA C 847 15.63 4.04 -8.50
CA ALA C 847 15.48 5.39 -7.96
C ALA C 847 14.02 5.72 -7.68
N GLN C 848 13.13 5.38 -8.61
CA GLN C 848 11.72 5.70 -8.40
C GLN C 848 11.08 4.79 -7.37
N ALA C 849 11.52 3.53 -7.28
CA ALA C 849 11.08 2.67 -6.19
C ALA C 849 11.47 3.26 -4.84
N ALA C 850 12.68 3.80 -4.75
CA ALA C 850 13.14 4.47 -3.54
C ALA C 850 12.30 5.70 -3.25
N VAL C 851 12.05 6.53 -4.27
CA VAL C 851 11.24 7.72 -4.07
C VAL C 851 9.87 7.35 -3.53
N GLU C 852 9.25 6.32 -4.11
CA GLU C 852 7.92 5.91 -3.66
C GLU C 852 7.92 5.34 -2.25
N ARG C 853 8.90 4.52 -1.90
CA ARG C 853 8.97 3.99 -0.54
C ARG C 853 9.10 5.12 0.46
N ILE C 854 9.99 6.08 0.18
CA ILE C 854 10.16 7.26 1.02
C ILE C 854 8.86 8.06 1.08
N ALA C 855 8.18 8.23 -0.05
CA ALA C 855 6.91 8.95 -0.02
C ALA C 855 5.88 8.25 0.86
N ALA C 856 5.81 6.93 0.77
CA ALA C 856 4.93 6.18 1.66
C ALA C 856 5.34 6.35 3.12
N GLN C 857 6.63 6.58 3.37
CA GLN C 857 7.09 6.73 4.76
C GLN C 857 6.79 8.10 5.34
N THR C 858 6.95 9.19 4.56
CA THR C 858 7.02 10.54 5.09
C THR C 858 5.89 11.49 4.71
N LEU C 859 5.15 11.24 3.65
CA LEU C 859 4.12 12.23 3.26
C LEU C 859 2.94 12.18 4.22
N PRO C 860 2.57 13.28 4.87
CA PRO C 860 1.42 13.27 5.80
C PRO C 860 0.09 13.15 5.08
N ARG C 861 -1.01 13.15 5.83
CA ARG C 861 -2.33 13.01 5.23
C ARG C 861 -2.63 14.16 4.28
N GLY C 862 -3.38 13.86 3.23
CA GLY C 862 -3.77 14.89 2.30
C GLY C 862 -2.66 15.45 1.44
N VAL C 863 -1.48 14.85 1.49
CA VAL C 863 -0.32 15.31 0.73
C VAL C 863 0.16 14.06 -0.02
N LYS C 864 -0.37 13.87 -1.23
CA LYS C 864 0.00 12.74 -2.07
C LYS C 864 1.08 13.17 -3.06
N PHE C 865 1.45 12.29 -3.99
CA PHE C 865 2.40 12.67 -5.03
C PHE C 865 2.04 11.99 -6.35
N GLU C 866 2.56 12.58 -7.43
CA GLU C 866 2.42 12.06 -8.79
C GLU C 866 3.74 12.18 -9.54
N TRP C 867 3.95 11.25 -10.49
CA TRP C 867 5.08 11.35 -11.40
C TRP C 867 4.78 12.26 -12.59
N THR C 868 5.85 12.83 -13.14
CA THR C 868 5.79 13.68 -14.33
C THR C 868 7.16 13.61 -14.98
N ASP C 869 7.28 14.17 -16.18
CA ASP C 869 8.59 14.57 -16.70
C ASP C 869 9.55 13.39 -16.90
N LEU C 870 9.28 12.69 -18.00
CA LEU C 870 10.06 11.62 -18.60
C LEU C 870 9.94 10.34 -17.82
N THR C 871 9.69 10.42 -16.53
CA THR C 871 9.46 9.20 -15.76
C THR C 871 8.01 8.76 -15.81
N TYR C 872 7.08 9.72 -15.83
CA TYR C 872 5.66 9.40 -15.96
C TYR C 872 5.30 8.83 -17.33
N GLN C 873 6.00 9.30 -18.38
CA GLN C 873 5.79 8.83 -19.74
C GLN C 873 6.23 7.39 -19.89
N GLN C 874 7.40 7.08 -19.32
CA GLN C 874 7.89 5.71 -19.30
C GLN C 874 6.96 4.79 -18.51
N ILE C 875 6.43 5.24 -17.37
CA ILE C 875 5.56 4.37 -16.58
C ILE C 875 4.30 4.03 -17.38
N LEU C 876 3.81 4.97 -18.19
CA LEU C 876 2.64 4.68 -19.00
C LEU C 876 2.94 3.62 -20.04
N ALA C 877 4.13 3.71 -20.64
CA ALA C 877 4.58 2.78 -21.67
C ALA C 877 4.82 1.42 -21.02
N GLY C 878 3.73 0.67 -20.86
CA GLY C 878 3.78 -0.65 -20.25
C GLY C 878 4.80 -1.55 -20.91
N ASP C 879 4.97 -2.77 -20.42
CA ASP C 879 6.08 -3.57 -20.90
C ASP C 879 5.94 -4.01 -22.36
N SER C 880 5.96 -3.07 -23.30
CA SER C 880 6.02 -3.46 -24.71
C SER C 880 7.45 -3.83 -25.10
N ALA C 881 8.39 -2.91 -24.87
CA ALA C 881 9.82 -3.12 -25.16
C ALA C 881 10.35 -4.52 -24.85
N PHE C 882 9.83 -5.19 -23.81
CA PHE C 882 10.28 -6.56 -23.52
C PHE C 882 9.80 -7.55 -24.55
N TRP C 883 8.85 -7.19 -25.40
CA TRP C 883 8.37 -8.08 -26.45
C TRP C 883 9.02 -7.82 -27.79
N VAL C 884 9.68 -6.68 -27.96
CA VAL C 884 10.32 -6.39 -29.24
C VAL C 884 11.44 -7.38 -29.51
N PHE C 885 12.33 -7.61 -28.55
CA PHE C 885 13.49 -8.44 -28.85
C PHE C 885 13.12 -9.91 -29.09
N PRO C 886 12.31 -10.57 -28.25
CA PRO C 886 11.92 -11.95 -28.60
C PRO C 886 11.25 -12.09 -29.96
N ILE C 887 10.34 -11.19 -30.31
CA ILE C 887 9.66 -11.29 -31.60
C ILE C 887 10.69 -11.27 -32.72
N SER C 888 11.65 -10.35 -32.62
CA SER C 888 12.64 -10.22 -33.68
C SER C 888 13.57 -11.44 -33.72
N VAL C 889 13.94 -11.97 -32.55
CA VAL C 889 14.71 -13.20 -32.54
C VAL C 889 13.95 -14.32 -33.25
N LEU C 890 12.68 -14.49 -32.91
CA LEU C 890 11.88 -15.53 -33.55
C LEU C 890 11.79 -15.29 -35.06
N LEU C 891 11.63 -14.04 -35.46
CA LEU C 891 11.55 -13.74 -36.89
C LEU C 891 12.85 -14.12 -37.58
N VAL C 892 13.99 -13.81 -36.95
CA VAL C 892 15.26 -14.16 -37.56
C VAL C 892 15.42 -15.68 -37.65
N PHE C 893 15.06 -16.39 -36.58
CA PHE C 893 15.11 -17.85 -36.64
C PHE C 893 14.25 -18.39 -37.79
N LEU C 894 13.03 -17.88 -37.94
CA LEU C 894 12.13 -18.38 -38.99
C LEU C 894 12.71 -18.12 -40.38
N VAL C 895 13.27 -16.92 -40.58
CA VAL C 895 13.85 -16.58 -41.87
C VAL C 895 15.02 -17.52 -42.17
N LEU C 896 15.89 -17.75 -41.18
CA LEU C 896 17.01 -18.65 -41.40
C LEU C 896 16.55 -20.08 -41.64
N ALA C 897 15.51 -20.53 -40.92
CA ALA C 897 14.98 -21.88 -41.11
C ALA C 897 14.49 -22.08 -42.54
N ALA C 898 13.79 -21.09 -43.10
CA ALA C 898 13.41 -21.18 -44.51
C ALA C 898 14.65 -21.16 -45.41
N LEU C 899 15.66 -20.34 -45.07
CA LEU C 899 16.84 -20.29 -45.93
C LEU C 899 17.54 -21.65 -45.96
N TYR C 900 17.78 -22.21 -44.79
CA TYR C 900 18.53 -23.45 -44.65
C TYR C 900 17.69 -24.69 -44.79
N GLU C 901 16.37 -24.55 -44.92
CA GLU C 901 15.43 -25.68 -44.82
C GLU C 901 15.77 -26.55 -43.61
N SER C 902 16.30 -25.92 -42.56
CA SER C 902 16.71 -26.60 -41.35
C SER C 902 16.19 -25.88 -40.13
N LEU C 903 15.75 -26.64 -39.13
CA LEU C 903 15.34 -26.07 -37.87
C LEU C 903 16.49 -25.91 -36.90
N THR C 904 17.67 -26.44 -37.22
CA THR C 904 18.79 -26.40 -36.28
C THR C 904 19.90 -25.48 -36.72
N LEU C 905 20.15 -25.40 -38.04
CA LEU C 905 21.19 -24.51 -38.53
C LEU C 905 20.96 -23.04 -38.15
N PRO C 906 19.73 -22.50 -38.06
CA PRO C 906 19.58 -21.11 -37.60
C PRO C 906 20.26 -20.86 -36.28
N LEU C 907 20.28 -21.85 -35.39
CA LEU C 907 20.95 -21.69 -34.10
C LEU C 907 22.41 -21.33 -34.29
N ALA C 908 23.08 -21.98 -35.26
CA ALA C 908 24.51 -21.73 -35.50
C ALA C 908 24.79 -20.26 -35.77
N VAL C 909 23.86 -19.55 -36.40
CA VAL C 909 24.04 -18.12 -36.59
C VAL C 909 23.70 -17.36 -35.32
N ILE C 910 22.51 -17.62 -34.76
CA ILE C 910 22.00 -16.73 -33.71
C ILE C 910 22.93 -16.74 -32.49
N LEU C 911 23.44 -17.92 -32.14
CA LEU C 911 24.31 -18.05 -30.98
C LEU C 911 25.53 -17.14 -31.03
N ILE C 912 25.85 -16.56 -32.18
CA ILE C 912 27.05 -15.73 -32.24
C ILE C 912 26.78 -14.31 -31.76
N VAL C 913 25.53 -13.83 -31.78
CA VAL C 913 25.27 -12.41 -31.55
C VAL C 913 25.57 -11.96 -30.12
N PRO C 914 25.42 -12.78 -29.08
CA PRO C 914 25.90 -12.31 -27.77
C PRO C 914 27.36 -11.92 -27.76
N MET C 915 28.24 -12.66 -28.45
CA MET C 915 29.66 -12.35 -28.38
C MET C 915 29.95 -10.97 -28.93
N SER C 916 29.29 -10.61 -30.04
CA SER C 916 29.46 -9.25 -30.56
C SER C 916 29.01 -8.23 -29.53
N ILE C 917 27.87 -8.47 -28.89
CA ILE C 917 27.43 -7.57 -27.83
C ILE C 917 28.51 -7.43 -26.78
N LEU C 918 29.03 -8.58 -26.31
CA LEU C 918 30.10 -8.54 -25.33
C LEU C 918 31.25 -7.69 -25.86
N SER C 919 31.65 -7.97 -27.10
CA SER C 919 32.77 -7.27 -27.68
C SER C 919 32.57 -5.76 -27.63
N ALA C 920 31.35 -5.31 -27.98
CA ALA C 920 31.07 -3.87 -27.95
C ALA C 920 31.00 -3.35 -26.52
N LEU C 921 30.25 -4.03 -25.66
CA LEU C 921 30.02 -3.46 -24.34
C LEU C 921 31.31 -3.43 -23.56
N THR C 922 32.13 -4.48 -23.68
CA THR C 922 33.45 -4.49 -23.06
C THR C 922 34.27 -3.29 -23.51
N GLY C 923 34.17 -2.92 -24.78
CA GLY C 923 34.82 -1.71 -25.23
C GLY C 923 34.38 -0.52 -24.41
N VAL C 924 33.07 -0.34 -24.29
CA VAL C 924 32.55 0.77 -23.51
C VAL C 924 33.05 0.67 -22.07
N TRP C 925 33.09 -0.54 -21.50
CA TRP C 925 33.55 -0.68 -20.13
C TRP C 925 35.02 -0.35 -20.04
N LEU C 926 35.79 -0.74 -21.04
CA LEU C 926 37.21 -0.48 -21.03
C LEU C 926 37.52 1.00 -21.26
N THR C 927 36.62 1.71 -21.92
CA THR C 927 36.82 3.13 -22.17
C THR C 927 36.14 4.03 -21.14
N GLN C 928 35.44 3.45 -20.16
CA GLN C 928 34.68 4.23 -19.17
C GLN C 928 33.71 5.19 -19.87
N GLY C 929 32.94 4.67 -20.81
CA GLY C 929 31.80 5.35 -21.38
C GLY C 929 30.50 4.76 -20.90
N ASP C 930 29.42 5.20 -21.52
CA ASP C 930 28.09 4.76 -21.14
C ASP C 930 27.40 4.00 -22.25
N ASN C 931 26.33 3.31 -21.89
CA ASN C 931 25.53 2.56 -22.85
C ASN C 931 24.35 3.42 -23.31
N ASN C 932 24.70 4.56 -23.91
CA ASN C 932 23.68 5.47 -24.42
C ASN C 932 23.09 4.92 -25.72
N ILE C 933 21.95 5.49 -26.13
CA ILE C 933 21.16 4.92 -27.23
C ILE C 933 21.96 4.87 -28.51
N PHE C 934 22.95 5.76 -28.64
CA PHE C 934 23.86 5.72 -29.78
C PHE C 934 24.69 4.44 -29.79
N THR C 935 25.31 4.09 -28.66
CA THR C 935 26.05 2.84 -28.63
C THR C 935 25.13 1.63 -28.70
N GLN C 936 23.88 1.75 -28.27
CA GLN C 936 22.97 0.63 -28.43
C GLN C 936 22.67 0.39 -29.90
N ILE C 937 22.44 1.46 -30.66
CA ILE C 937 22.21 1.24 -32.08
C ILE C 937 23.48 0.74 -32.76
N GLY C 938 24.65 1.15 -32.24
CA GLY C 938 25.89 0.55 -32.68
C GLY C 938 25.93 -0.94 -32.39
N LEU C 939 25.49 -1.34 -31.21
CA LEU C 939 25.37 -2.76 -30.87
C LEU C 939 24.49 -3.47 -31.87
N MET C 940 23.38 -2.84 -32.25
CA MET C 940 22.50 -3.47 -33.22
C MET C 940 23.19 -3.67 -34.57
N VAL C 941 23.93 -2.67 -35.04
CA VAL C 941 24.59 -2.86 -36.33
C VAL C 941 25.66 -3.95 -36.21
N LEU C 942 26.35 -4.00 -35.08
CA LEU C 942 27.36 -5.06 -34.89
C LEU C 942 26.71 -6.43 -34.87
N VAL C 943 25.54 -6.58 -34.24
CA VAL C 943 24.85 -7.87 -34.25
C VAL C 943 24.42 -8.22 -35.65
N GLY C 944 23.92 -7.24 -36.41
CA GLY C 944 23.55 -7.51 -37.79
C GLY C 944 24.73 -7.95 -38.62
N LEU C 945 25.86 -7.26 -38.44
CA LEU C 945 27.05 -7.55 -39.22
C LEU C 945 27.60 -8.94 -38.93
N SER C 946 27.72 -9.28 -37.65
CA SER C 946 28.16 -10.63 -37.31
C SER C 946 27.13 -11.65 -37.78
N ALA C 947 25.85 -11.31 -37.77
CA ALA C 947 24.86 -12.25 -38.28
C ALA C 947 25.10 -12.54 -39.76
N LYS C 948 25.38 -11.50 -40.54
CA LYS C 948 25.68 -11.66 -41.97
C LYS C 948 26.85 -12.61 -42.17
N ASN C 949 27.96 -12.35 -41.47
CA ASN C 949 29.14 -13.20 -41.62
C ASN C 949 28.80 -14.66 -41.31
N ALA C 950 28.14 -14.89 -40.17
CA ALA C 950 27.80 -16.24 -39.77
C ALA C 950 26.89 -16.92 -40.79
N ILE C 951 25.92 -16.19 -41.32
CA ILE C 951 25.00 -16.79 -42.27
C ILE C 951 25.77 -17.31 -43.47
N LEU C 952 26.77 -16.55 -43.90
CA LEU C 952 27.55 -17.02 -45.05
C LEU C 952 28.44 -18.22 -44.70
N ILE C 953 29.10 -18.21 -43.53
CA ILE C 953 29.89 -19.38 -43.14
C ILE C 953 29.01 -20.63 -43.14
N VAL C 954 27.84 -20.54 -42.51
CA VAL C 954 27.00 -21.72 -42.40
C VAL C 954 26.49 -22.14 -43.79
N GLU C 955 26.13 -21.20 -44.65
CA GLU C 955 25.59 -21.63 -45.93
C GLU C 955 26.66 -22.32 -46.79
N PHE C 956 27.89 -21.80 -46.75
CA PHE C 956 29.00 -22.46 -47.43
C PHE C 956 29.24 -23.85 -46.86
N ALA C 957 29.24 -24.00 -45.53
CA ALA C 957 29.45 -25.32 -44.92
C ALA C 957 28.40 -26.32 -45.38
N ARG C 958 27.13 -25.91 -45.39
CA ARG C 958 26.06 -26.77 -45.89
C ARG C 958 26.33 -27.22 -47.34
N GLU C 959 26.74 -26.29 -48.21
CA GLU C 959 26.98 -26.71 -49.59
C GLU C 959 28.18 -27.65 -49.70
N LEU C 960 29.23 -27.39 -48.91
CA LEU C 960 30.38 -28.28 -48.95
C LEU C 960 29.99 -29.68 -48.50
N GLU C 961 29.10 -29.79 -47.51
CA GLU C 961 28.60 -31.12 -47.18
C GLU C 961 27.90 -31.74 -48.37
N HIS C 962 27.26 -30.92 -49.23
CA HIS C 962 26.71 -31.48 -50.48
C HIS C 962 27.80 -31.98 -51.43
N ASP C 963 29.01 -31.48 -51.27
CA ASP C 963 30.20 -31.97 -51.98
C ASP C 963 30.72 -33.32 -51.45
N GLY C 964 29.99 -33.97 -50.55
CA GLY C 964 30.44 -35.21 -49.93
C GLY C 964 31.49 -35.00 -48.85
N LYS C 965 31.43 -33.91 -48.12
CA LYS C 965 32.37 -33.62 -47.05
C LYS C 965 31.69 -33.80 -45.71
N THR C 966 32.45 -34.24 -44.72
CA THR C 966 31.89 -34.36 -43.39
C THR C 966 31.68 -32.98 -42.80
N PRO C 967 30.73 -32.84 -41.88
CA PRO C 967 30.60 -31.56 -41.17
C PRO C 967 31.93 -31.01 -40.69
N PHE C 968 32.87 -31.82 -40.20
CA PHE C 968 34.15 -31.24 -39.79
C PHE C 968 34.86 -30.58 -40.98
N GLU C 969 35.04 -31.32 -42.08
CA GLU C 969 35.78 -30.70 -43.17
C GLU C 969 34.97 -29.65 -43.92
N ALA C 970 33.64 -29.78 -43.92
CA ALA C 970 32.81 -28.71 -44.48
C ALA C 970 32.93 -27.42 -43.65
N ALA C 971 32.87 -27.54 -42.33
CA ALA C 971 33.06 -26.37 -41.48
C ALA C 971 34.43 -25.75 -41.72
N VAL C 972 35.47 -26.57 -41.75
CA VAL C 972 36.82 -26.02 -41.91
C VAL C 972 36.94 -25.30 -43.24
N GLU C 973 36.50 -25.95 -44.32
CA GLU C 973 36.69 -25.38 -45.64
C GLU C 973 35.84 -24.13 -45.80
N ALA C 974 34.63 -24.11 -45.24
CA ALA C 974 33.80 -22.90 -45.28
C ALA C 974 34.48 -21.75 -44.54
N SER C 975 35.03 -22.03 -43.36
CA SER C 975 35.73 -21.00 -42.62
C SER C 975 36.84 -20.39 -43.44
N ARG C 976 37.64 -21.24 -44.08
CA ARG C 976 38.69 -20.69 -44.95
C ARG C 976 38.09 -19.91 -46.11
N LEU C 977 37.01 -20.42 -46.70
CA LEU C 977 36.46 -19.76 -47.88
C LEU C 977 36.03 -18.34 -47.56
N ARG C 978 35.35 -18.17 -46.42
CA ARG C 978 34.83 -16.85 -46.10
C ARG C 978 35.84 -15.98 -45.39
N LEU C 979 36.97 -16.53 -44.95
CA LEU C 979 37.92 -15.74 -44.17
C LEU C 979 38.30 -14.43 -44.87
N ARG C 980 38.56 -14.48 -46.17
CA ARG C 980 39.04 -13.29 -46.87
C ARG C 980 38.03 -12.14 -46.90
N PRO C 981 36.79 -12.32 -47.36
CA PRO C 981 35.86 -11.18 -47.36
C PRO C 981 35.52 -10.66 -45.93
N ILE C 982 35.50 -11.55 -44.94
CA ILE C 982 35.29 -11.12 -43.55
C ILE C 982 36.42 -10.22 -43.11
N LEU C 983 37.66 -10.60 -43.41
CA LEU C 983 38.78 -9.75 -43.06
C LEU C 983 38.73 -8.44 -43.82
N MET C 984 38.30 -8.47 -45.07
CA MET C 984 38.21 -7.22 -45.84
C MET C 984 37.25 -6.24 -45.19
N THR C 985 36.03 -6.71 -44.87
CA THR C 985 35.05 -5.85 -44.22
C THR C 985 35.54 -5.35 -42.87
N SER C 986 36.07 -6.25 -42.05
CA SER C 986 36.52 -5.83 -40.73
C SER C 986 37.66 -4.82 -40.85
N ILE C 987 38.58 -5.04 -41.78
CA ILE C 987 39.68 -4.11 -41.99
C ILE C 987 39.14 -2.76 -42.47
N ALA C 988 38.10 -2.78 -43.32
CA ALA C 988 37.55 -1.53 -43.82
C ALA C 988 36.99 -0.68 -42.68
N PHE C 989 36.22 -1.30 -41.77
CA PHE C 989 35.74 -0.53 -40.62
C PHE C 989 36.88 -0.10 -39.72
N ILE C 990 37.83 -1.01 -39.46
CA ILE C 990 38.92 -0.73 -38.52
C ILE C 990 39.80 0.41 -39.02
N MET C 991 40.06 0.47 -40.33
CA MET C 991 40.73 1.65 -40.88
C MET C 991 39.80 2.85 -40.90
N GLY C 992 38.49 2.64 -41.00
CA GLY C 992 37.55 3.73 -40.91
C GLY C 992 37.52 4.40 -39.54
N VAL C 993 37.98 3.70 -38.50
CA VAL C 993 37.95 4.32 -37.18
C VAL C 993 39.01 5.41 -37.08
N VAL C 994 40.08 5.33 -37.88
CA VAL C 994 41.10 6.39 -37.84
C VAL C 994 40.56 7.74 -38.31
N PRO C 995 39.79 7.84 -39.40
CA PRO C 995 39.18 9.14 -39.73
C PRO C 995 38.24 9.67 -38.67
N LEU C 996 37.56 8.81 -37.92
CA LEU C 996 36.79 9.29 -36.77
C LEU C 996 37.66 9.51 -35.53
N VAL C 997 38.99 9.42 -35.67
CA VAL C 997 39.91 9.81 -34.60
C VAL C 997 40.71 11.07 -34.94
N LEU C 998 41.03 11.30 -36.22
CA LEU C 998 41.76 12.51 -36.64
C LEU C 998 40.90 13.51 -37.42
N SER C 999 39.61 13.65 -37.07
CA SER C 999 38.75 14.66 -37.72
C SER C 999 37.52 14.91 -36.85
N THR C 1000 37.58 15.97 -36.05
CA THR C 1000 36.52 16.33 -35.11
C THR C 1000 35.62 17.41 -35.68
N GLY C 1001 34.31 17.25 -35.47
CA GLY C 1001 33.32 18.20 -35.93
C GLY C 1001 32.51 18.72 -34.76
N ALA C 1002 31.61 19.66 -35.05
CA ALA C 1002 30.77 20.25 -34.00
C ALA C 1002 30.08 19.17 -33.16
N GLY C 1003 29.41 18.23 -33.83
CA GLY C 1003 28.66 17.17 -33.20
C GLY C 1003 29.43 15.87 -33.08
N ALA C 1004 30.60 15.89 -32.45
CA ALA C 1004 31.51 14.76 -32.52
C ALA C 1004 31.47 13.89 -31.26
N GLU C 1005 30.42 13.99 -30.44
CA GLU C 1005 30.22 12.95 -29.43
C GLU C 1005 29.53 11.74 -30.03
N MET C 1006 28.47 11.95 -30.82
CA MET C 1006 27.75 10.81 -31.39
C MET C 1006 28.60 10.09 -32.42
N ARG C 1007 29.56 10.80 -33.03
CA ARG C 1007 30.50 10.20 -33.96
C ARG C 1007 31.42 9.18 -33.28
N HIS C 1008 32.23 9.64 -32.33
CA HIS C 1008 33.19 8.79 -31.63
C HIS C 1008 32.55 7.85 -30.62
N ALA C 1009 31.31 8.11 -30.15
CA ALA C 1009 30.74 7.30 -29.07
C ALA C 1009 30.77 5.81 -29.36
N MET C 1010 31.13 5.43 -30.59
CA MET C 1010 31.42 4.05 -30.97
C MET C 1010 32.87 3.85 -31.34
N GLY C 1011 33.68 4.90 -31.46
CA GLY C 1011 35.03 4.80 -32.02
C GLY C 1011 35.94 3.71 -31.50
N VAL C 1012 36.31 3.76 -30.21
CA VAL C 1012 37.07 2.62 -29.69
C VAL C 1012 36.13 1.43 -29.61
N ALA C 1013 34.84 1.69 -29.36
CA ALA C 1013 33.84 0.64 -29.33
C ALA C 1013 33.79 -0.09 -30.66
N VAL C 1014 33.81 0.63 -31.78
CA VAL C 1014 33.77 -0.07 -33.06
C VAL C 1014 35.07 -0.81 -33.30
N PHE C 1015 36.21 -0.28 -32.87
CA PHE C 1015 37.44 -1.07 -33.01
C PHE C 1015 37.28 -2.43 -32.33
N PHE C 1016 36.99 -2.42 -31.03
CA PHE C 1016 36.83 -3.68 -30.31
C PHE C 1016 35.65 -4.50 -30.84
N GLY C 1017 34.52 -3.86 -31.13
CA GLY C 1017 33.38 -4.58 -31.67
C GLY C 1017 33.67 -5.28 -32.98
N MET C 1018 34.31 -4.60 -33.92
CA MET C 1018 34.73 -5.25 -35.15
C MET C 1018 35.68 -6.38 -34.84
N LEU C 1019 36.64 -6.13 -33.94
CA LEU C 1019 37.59 -7.17 -33.55
C LEU C 1019 36.85 -8.40 -33.05
N GLY C 1020 35.90 -8.19 -32.13
CA GLY C 1020 35.15 -9.30 -31.60
C GLY C 1020 34.27 -9.97 -32.65
N VAL C 1021 33.58 -9.19 -33.47
CA VAL C 1021 32.75 -9.76 -34.51
C VAL C 1021 33.58 -10.69 -35.38
N THR C 1022 34.75 -10.20 -35.81
CA THR C 1022 35.64 -11.00 -36.64
C THR C 1022 36.13 -12.25 -35.92
N LEU C 1023 36.76 -12.05 -34.76
CA LEU C 1023 37.38 -13.17 -34.07
C LEU C 1023 36.35 -14.20 -33.69
N PHE C 1024 35.27 -13.79 -33.01
CA PHE C 1024 34.26 -14.74 -32.59
C PHE C 1024 33.59 -15.41 -33.79
N GLY C 1025 33.31 -14.66 -34.86
CA GLY C 1025 32.70 -15.31 -36.00
C GLY C 1025 33.56 -16.42 -36.52
N LEU C 1026 34.86 -16.14 -36.68
CA LEU C 1026 35.78 -17.08 -37.30
C LEU C 1026 36.11 -18.25 -36.38
N MET C 1027 36.09 -18.03 -35.07
CA MET C 1027 36.45 -19.09 -34.13
C MET C 1027 35.26 -19.90 -33.64
N LEU C 1028 34.05 -19.35 -33.69
CA LEU C 1028 32.93 -20.02 -33.06
C LEU C 1028 31.87 -20.50 -34.03
N THR C 1029 31.62 -19.81 -35.14
CA THR C 1029 30.58 -20.32 -36.05
C THR C 1029 30.88 -21.73 -36.56
N PRO C 1030 32.11 -22.08 -36.98
CA PRO C 1030 32.34 -23.48 -37.35
C PRO C 1030 32.09 -24.45 -36.20
N VAL C 1031 32.46 -24.07 -34.97
CA VAL C 1031 32.21 -24.96 -33.83
C VAL C 1031 30.72 -25.26 -33.70
N PHE C 1032 29.91 -24.20 -33.64
CA PHE C 1032 28.47 -24.36 -33.54
C PHE C 1032 27.94 -25.21 -34.67
N TYR C 1033 28.45 -24.98 -35.90
CA TYR C 1033 27.97 -25.71 -37.06
C TYR C 1033 28.23 -27.19 -36.89
N VAL C 1034 29.46 -27.56 -36.53
CA VAL C 1034 29.81 -28.98 -36.40
C VAL C 1034 28.99 -29.64 -35.29
N VAL C 1035 28.79 -28.94 -34.17
CA VAL C 1035 27.99 -29.54 -33.10
C VAL C 1035 26.55 -29.76 -33.56
N LEU C 1036 25.93 -28.72 -34.13
CA LEU C 1036 24.54 -28.82 -34.56
C LEU C 1036 24.37 -29.85 -35.66
N ARG C 1037 25.36 -29.97 -36.56
CA ARG C 1037 25.27 -30.93 -37.65
C ARG C 1037 25.48 -32.34 -37.14
N THR C 1038 26.29 -32.51 -36.08
CA THR C 1038 26.53 -33.83 -35.51
C THR C 1038 25.64 -34.13 -34.31
N LEU C 1039 24.49 -33.49 -34.23
CA LEU C 1039 23.40 -34.09 -33.46
C LEU C 1039 22.21 -34.47 -34.33
N ALA C 1040 22.23 -34.20 -35.64
CA ALA C 1040 21.19 -34.68 -36.54
C ALA C 1040 21.76 -35.32 -37.80
N GLY C 1041 22.91 -34.80 -38.26
CA GLY C 1041 23.49 -35.17 -39.54
C GLY C 1041 24.29 -36.45 -39.56
N GLY C 1042 23.68 -37.51 -39.08
CA GLY C 1042 24.31 -38.81 -39.04
C GLY C 1042 23.60 -39.70 -40.03
N LYS C 1043 22.69 -40.52 -39.54
CA LYS C 1043 21.93 -41.45 -40.37
C LYS C 1043 20.90 -40.72 -41.23
N MET D 1 -5.58 13.05 76.76
CA MET D 1 -6.13 12.63 75.47
C MET D 1 -7.59 12.22 75.59
N ASN D 2 -8.40 12.56 74.60
CA ASN D 2 -9.83 12.23 74.60
C ASN D 2 -10.25 11.71 73.22
N ILE D 3 -9.51 10.75 72.69
CA ILE D 3 -9.88 10.15 71.42
C ILE D 3 -11.03 9.16 71.54
N SER D 4 -11.31 8.72 72.77
CA SER D 4 -12.39 7.78 73.01
C SER D 4 -13.73 8.48 73.08
N LYS D 5 -13.72 9.81 73.19
CA LYS D 5 -14.96 10.55 73.41
C LYS D 5 -15.94 10.31 72.27
N PHE D 6 -15.45 10.39 71.03
CA PHE D 6 -16.30 10.18 69.87
C PHE D 6 -17.02 8.84 69.95
N PHE D 7 -16.32 7.80 70.41
CA PHE D 7 -16.90 6.47 70.49
C PHE D 7 -17.64 6.21 71.78
N ILE D 8 -17.23 6.84 72.89
CA ILE D 8 -18.06 6.77 74.08
C ILE D 8 -19.44 7.28 73.77
N ASP D 9 -19.51 8.38 73.01
CA ASP D 9 -20.78 9.00 72.70
C ASP D 9 -21.57 8.28 71.62
N ARG D 10 -20.94 7.42 70.85
CA ARG D 10 -21.61 6.77 69.73
C ARG D 10 -21.41 5.27 69.87
N PRO D 11 -22.07 4.65 70.85
CA PRO D 11 -21.85 3.23 71.07
C PRO D 11 -22.19 2.38 69.89
N ILE D 12 -23.19 2.75 69.09
CA ILE D 12 -23.43 1.96 67.89
C ILE D 12 -22.26 2.10 66.91
N PHE D 13 -21.68 3.30 66.80
CA PHE D 13 -20.51 3.45 65.93
C PHE D 13 -19.37 2.54 66.36
N ALA D 14 -19.04 2.53 67.66
CA ALA D 14 -17.98 1.64 68.13
C ALA D 14 -18.37 0.19 67.90
N GLY D 15 -19.63 -0.15 68.17
CA GLY D 15 -20.06 -1.51 67.93
C GLY D 15 -19.90 -1.91 66.48
N VAL D 16 -20.21 -0.99 65.57
CA VAL D 16 -20.10 -1.29 64.15
C VAL D 16 -18.65 -1.54 63.77
N LEU D 17 -17.74 -0.71 64.27
CA LEU D 17 -16.32 -0.96 63.97
C LEU D 17 -15.91 -2.33 64.45
N SER D 18 -16.25 -2.68 65.69
CA SER D 18 -15.83 -3.94 66.25
C SER D 18 -16.52 -5.13 65.59
N VAL D 19 -17.78 -5.00 65.19
CA VAL D 19 -18.45 -6.09 64.48
C VAL D 19 -17.81 -6.30 63.12
N ILE D 20 -17.38 -5.22 62.47
CA ILE D 20 -16.65 -5.38 61.21
C ILE D 20 -15.32 -6.10 61.44
N ILE D 21 -14.58 -5.74 62.49
CA ILE D 21 -13.37 -6.50 62.81
C ILE D 21 -13.72 -7.97 62.98
N LEU D 22 -14.81 -8.25 63.71
CA LEU D 22 -15.22 -9.63 63.94
C LEU D 22 -15.50 -10.34 62.62
N LEU D 23 -16.25 -9.69 61.73
CA LEU D 23 -16.63 -10.27 60.46
C LEU D 23 -15.40 -10.55 59.58
N ALA D 24 -14.49 -9.58 59.49
CA ALA D 24 -13.26 -9.79 58.73
C ALA D 24 -12.46 -10.94 59.31
N GLY D 25 -12.32 -11.01 60.62
CA GLY D 25 -11.56 -12.09 61.22
C GLY D 25 -12.17 -13.47 60.98
N MET D 26 -13.50 -13.55 61.04
CA MET D 26 -14.17 -14.83 60.80
C MET D 26 -14.03 -15.24 59.34
N ILE D 27 -14.19 -14.29 58.41
CA ILE D 27 -13.96 -14.59 57.01
C ILE D 27 -12.54 -15.11 56.81
N ALA D 28 -11.55 -14.42 57.39
CA ALA D 28 -10.16 -14.83 57.22
C ALA D 28 -9.90 -16.20 57.81
N MET D 29 -10.58 -16.51 58.92
CA MET D 29 -10.43 -17.81 59.56
C MET D 29 -10.68 -18.94 58.59
N PHE D 30 -11.68 -18.78 57.73
CA PHE D 30 -12.03 -19.76 56.70
C PHE D 30 -11.20 -19.64 55.43
N LEU D 31 -10.24 -18.72 55.35
CA LEU D 31 -9.36 -18.64 54.20
C LEU D 31 -7.91 -18.94 54.57
N LEU D 32 -7.67 -19.32 55.74
CA LEU D 32 -6.24 -19.36 56.02
C LEU D 32 -5.64 -20.73 55.73
N PRO D 33 -4.36 -20.76 55.41
CA PRO D 33 -3.62 -22.02 55.45
C PRO D 33 -3.65 -22.63 56.85
N ILE D 34 -3.84 -23.94 56.91
CA ILE D 34 -3.74 -24.68 58.16
C ILE D 34 -2.70 -25.79 57.98
N SER D 35 -1.77 -25.90 58.93
CA SER D 35 -0.82 -27.01 58.96
C SER D 35 -0.23 -27.04 60.35
N GLU D 36 0.53 -28.09 60.63
CA GLU D 36 1.03 -28.23 62.00
C GLU D 36 2.18 -27.27 62.29
N TYR D 37 3.04 -26.96 61.33
CA TYR D 37 4.14 -26.03 61.51
C TYR D 37 4.19 -25.07 60.34
N PRO D 38 4.93 -23.98 60.46
CA PRO D 38 5.16 -23.12 59.30
C PRO D 38 6.19 -23.77 58.37
N GLU D 39 6.45 -23.11 57.25
CA GLU D 39 7.49 -23.56 56.32
C GLU D 39 8.83 -23.39 57.01
N VAL D 40 9.33 -24.45 57.63
CA VAL D 40 10.58 -24.35 58.38
C VAL D 40 11.72 -25.10 57.71
N VAL D 41 11.44 -26.18 56.98
CA VAL D 41 12.48 -27.00 56.36
C VAL D 41 12.90 -26.40 55.02
N PRO D 42 14.19 -26.12 54.82
CA PRO D 42 14.61 -25.48 53.57
C PRO D 42 14.21 -26.31 52.36
N PRO D 43 13.76 -25.66 51.30
CA PRO D 43 13.30 -26.41 50.13
C PRO D 43 14.44 -27.18 49.44
N SER D 44 14.08 -28.30 48.81
CA SER D 44 15.06 -29.10 48.09
C SER D 44 14.48 -29.60 46.78
N VAL D 45 15.34 -29.84 45.83
CA VAL D 45 14.96 -30.44 44.57
C VAL D 45 15.55 -31.84 44.53
N ILE D 46 14.84 -32.76 43.87
CA ILE D 46 15.22 -34.17 43.82
C ILE D 46 15.41 -34.55 42.36
N VAL D 47 16.56 -35.13 42.04
CA VAL D 47 16.84 -35.66 40.71
C VAL D 47 17.03 -37.16 40.81
N LYS D 48 16.30 -37.91 39.97
CA LYS D 48 16.32 -39.36 40.01
C LYS D 48 16.72 -39.92 38.66
N ALA D 49 17.52 -40.98 38.70
CA ALA D 49 18.06 -41.63 37.51
C ALA D 49 18.29 -43.10 37.81
N GLN D 50 17.81 -43.98 36.94
CA GLN D 50 18.08 -45.39 37.12
C GLN D 50 19.18 -45.87 36.17
N TYR D 51 20.08 -46.72 36.67
CA TYR D 51 21.05 -47.43 35.84
C TYR D 51 21.04 -48.89 36.26
N PRO D 52 20.04 -49.65 35.85
CA PRO D 52 19.83 -50.99 36.40
C PRO D 52 21.00 -51.92 36.12
N GLY D 53 21.44 -52.60 37.16
CA GLY D 53 22.52 -53.55 37.09
C GLY D 53 23.88 -52.95 37.34
N ALA D 54 24.01 -51.64 37.18
CA ALA D 54 25.31 -51.00 37.35
C ALA D 54 25.68 -50.94 38.82
N ASN D 55 26.96 -51.17 39.11
CA ASN D 55 27.48 -51.15 40.47
C ASN D 55 27.47 -49.73 41.05
N PRO D 56 27.22 -49.60 42.37
CA PRO D 56 27.19 -48.26 42.97
C PRO D 56 28.44 -47.43 42.70
N LYS D 57 29.61 -48.05 42.56
CA LYS D 57 30.76 -47.25 42.18
C LYS D 57 30.58 -46.67 40.78
N VAL D 58 30.10 -47.48 39.83
CA VAL D 58 29.88 -47.00 38.46
C VAL D 58 28.81 -45.92 38.43
N ILE D 59 27.71 -46.12 39.17
CA ILE D 59 26.65 -45.13 39.19
C ILE D 59 27.17 -43.85 39.81
N ALA D 60 27.99 -43.97 40.87
CA ALA D 60 28.56 -42.81 41.51
C ALA D 60 29.42 -42.00 40.55
N GLU D 61 30.16 -42.67 39.69
CA GLU D 61 31.19 -42.00 38.89
C GLU D 61 30.74 -41.64 37.46
N THR D 62 29.85 -42.41 36.85
CA THR D 62 29.42 -42.16 35.49
C THR D 62 28.03 -41.56 35.36
N VAL D 63 27.22 -41.60 36.41
CA VAL D 63 25.89 -40.99 36.42
C VAL D 63 25.82 -39.81 37.39
N ALA D 64 26.07 -40.07 38.67
CA ALA D 64 25.96 -39.01 39.66
C ALA D 64 26.93 -37.88 39.38
N SER D 65 28.17 -38.19 38.98
CA SER D 65 29.20 -37.17 38.85
C SER D 65 28.90 -36.12 37.80
N PRO D 66 28.57 -36.46 36.54
CA PRO D 66 28.21 -35.40 35.60
C PRO D 66 27.00 -34.55 36.01
N LEU D 67 25.93 -35.18 36.54
CA LEU D 67 24.79 -34.37 36.99
C LEU D 67 25.20 -33.40 38.10
N GLU D 68 25.97 -33.86 39.09
CA GLU D 68 26.39 -32.93 40.14
C GLU D 68 27.35 -31.88 39.60
N GLU D 69 28.17 -32.23 38.60
CA GLU D 69 29.06 -31.26 37.97
C GLU D 69 28.27 -30.10 37.36
N GLN D 70 27.17 -30.41 36.70
CA GLN D 70 26.35 -29.36 36.11
C GLN D 70 25.50 -28.65 37.16
N ILE D 71 24.97 -29.41 38.12
CA ILE D 71 24.14 -28.81 39.16
C ILE D 71 24.96 -27.84 40.01
N ASN D 72 26.24 -28.13 40.23
CA ASN D 72 27.03 -27.34 41.15
C ASN D 72 27.02 -25.86 40.78
N GLY D 73 26.92 -25.02 41.80
CA GLY D 73 26.88 -23.59 41.57
C GLY D 73 25.54 -23.00 41.24
N VAL D 74 24.45 -23.75 41.44
CA VAL D 74 23.11 -23.16 41.24
C VAL D 74 22.85 -22.10 42.31
N GLU D 75 22.03 -21.13 41.92
CA GLU D 75 21.76 -19.97 42.77
C GLU D 75 21.08 -20.39 44.07
N ASP D 76 21.49 -19.78 45.19
CA ASP D 76 20.89 -20.01 46.50
C ASP D 76 21.02 -21.44 46.97
N MET D 77 22.00 -22.20 46.45
CA MET D 77 22.19 -23.59 46.87
C MET D 77 22.86 -23.65 48.23
N LEU D 78 22.20 -24.29 49.18
CA LEU D 78 22.80 -24.53 50.48
C LEU D 78 23.86 -25.63 50.41
N TYR D 79 23.51 -26.77 49.79
CA TYR D 79 24.45 -27.87 49.55
C TYR D 79 23.77 -28.89 48.64
N MET D 80 24.51 -29.92 48.23
CA MET D 80 23.90 -30.97 47.43
C MET D 80 24.50 -32.30 47.85
N GLN D 81 23.69 -33.36 47.78
CA GLN D 81 24.24 -34.71 47.96
C GLN D 81 23.57 -35.71 47.04
N SER D 82 24.37 -36.55 46.40
CA SER D 82 23.93 -37.64 45.57
C SER D 82 24.15 -38.96 46.28
N GLN D 83 23.36 -39.96 45.89
CA GLN D 83 23.43 -41.30 46.47
C GLN D 83 23.17 -42.34 45.40
N ALA D 84 24.13 -43.24 45.22
CA ALA D 84 24.02 -44.34 44.27
C ALA D 84 23.84 -45.61 45.07
N ASN D 85 22.81 -46.38 44.72
CA ASN D 85 22.43 -47.58 45.43
C ASN D 85 22.59 -48.83 44.58
N SER D 86 22.74 -49.97 45.27
CA SER D 86 22.94 -51.25 44.61
C SER D 86 21.74 -51.68 43.79
N ASP D 87 20.57 -51.12 44.04
CA ASP D 87 19.43 -51.44 43.20
C ASP D 87 19.45 -50.67 41.89
N GLY D 88 20.49 -49.91 41.62
CA GLY D 88 20.62 -49.23 40.36
C GLY D 88 20.01 -47.84 40.32
N ASN D 89 19.54 -47.32 41.45
CA ASN D 89 18.92 -46.01 41.50
C ASN D 89 19.93 -44.96 41.97
N MET D 90 19.80 -43.75 41.42
CA MET D 90 20.66 -42.63 41.72
C MET D 90 19.75 -41.49 42.11
N THR D 91 20.04 -40.86 43.26
CA THR D 91 19.20 -39.81 43.82
C THR D 91 20.06 -38.63 44.23
N ILE D 92 19.81 -37.48 43.62
CA ILE D 92 20.47 -36.25 43.99
C ILE D 92 19.48 -35.40 44.76
N THR D 93 19.89 -34.89 45.92
CA THR D 93 19.09 -33.97 46.71
C THR D 93 19.83 -32.64 46.85
N VAL D 94 19.27 -31.59 46.24
CA VAL D 94 19.84 -30.24 46.28
C VAL D 94 19.04 -29.41 47.25
N THR D 95 19.67 -28.99 48.33
CA THR D 95 18.98 -28.17 49.32
C THR D 95 19.37 -26.72 49.12
N PHE D 96 18.37 -25.84 49.12
CA PHE D 96 18.51 -24.41 48.97
C PHE D 96 18.22 -23.69 50.28
N LYS D 97 18.59 -22.41 50.27
CA LYS D 97 18.42 -21.52 51.41
C LYS D 97 16.95 -21.36 51.80
N LEU D 98 16.68 -21.33 53.11
CA LEU D 98 15.31 -21.18 53.56
C LEU D 98 14.72 -19.91 52.98
N GLY D 99 13.48 -19.99 52.50
CA GLY D 99 12.87 -18.86 51.86
C GLY D 99 13.13 -18.72 50.36
N THR D 100 14.00 -19.56 49.78
CA THR D 100 14.09 -19.61 48.32
C THR D 100 12.78 -20.12 47.74
N ASP D 101 12.45 -19.67 46.55
CA ASP D 101 11.23 -20.16 45.93
C ASP D 101 11.41 -21.56 45.40
N PRO D 102 10.57 -22.51 45.81
CA PRO D 102 10.70 -23.88 45.31
C PRO D 102 10.65 -24.00 43.79
N ASP D 103 9.74 -23.29 43.12
CA ASP D 103 9.53 -23.57 41.70
C ASP D 103 10.68 -23.06 40.85
N LYS D 104 11.15 -21.84 41.12
CA LYS D 104 12.29 -21.31 40.38
C LYS D 104 13.53 -22.16 40.64
N ALA D 105 13.72 -22.60 41.89
CA ALA D 105 14.87 -23.43 42.24
C ALA D 105 14.88 -24.73 41.45
N THR D 106 13.75 -25.44 41.42
CA THR D 106 13.73 -26.66 40.62
C THR D 106 13.94 -26.34 39.15
N GLN D 107 13.41 -25.20 38.67
CA GLN D 107 13.59 -24.90 37.25
C GLN D 107 15.06 -24.73 36.88
N LEU D 108 15.81 -24.04 37.76
CA LEU D 108 17.25 -23.85 37.55
C LEU D 108 17.97 -25.20 37.57
N VAL D 109 17.62 -26.05 38.55
CA VAL D 109 18.21 -27.37 38.64
C VAL D 109 17.86 -28.20 37.40
N GLN D 110 16.65 -27.99 36.85
CA GLN D 110 16.22 -28.70 35.65
C GLN D 110 17.05 -28.34 34.44
N ASN D 111 17.33 -27.04 34.23
CA ASN D 111 18.19 -26.66 33.12
C ASN D 111 19.55 -27.32 33.22
N ARG D 112 20.16 -27.24 34.41
CA ARG D 112 21.48 -27.83 34.57
C ARG D 112 21.46 -29.35 34.33
N VAL D 113 20.45 -30.04 34.86
CA VAL D 113 20.37 -31.49 34.67
C VAL D 113 20.26 -31.83 33.19
N ASN D 114 19.49 -31.02 32.44
CA ASN D 114 19.36 -31.25 31.00
C ASN D 114 20.68 -31.08 30.29
N GLN D 115 21.43 -30.04 30.67
CA GLN D 115 22.76 -29.84 30.10
C GLN D 115 23.66 -31.04 30.35
N ALA D 116 23.56 -31.61 31.55
CA ALA D 116 24.41 -32.75 31.88
C ALA D 116 24.00 -34.01 31.12
N LEU D 117 22.75 -34.10 30.71
CA LEU D 117 22.15 -35.35 30.23
C LEU D 117 22.90 -36.09 29.12
N PRO D 118 23.39 -35.45 28.04
CA PRO D 118 24.06 -36.24 26.99
C PRO D 118 25.34 -36.93 27.45
N ARG D 119 25.97 -36.49 28.55
CA ARG D 119 27.13 -37.22 29.05
C ARG D 119 26.75 -38.47 29.83
N LEU D 120 25.46 -38.72 30.07
CA LEU D 120 24.99 -39.89 30.81
C LEU D 120 25.00 -41.13 29.93
N PRO D 121 25.08 -42.32 30.52
CA PRO D 121 25.02 -43.56 29.72
C PRO D 121 23.71 -43.69 28.97
N GLU D 122 23.76 -44.52 27.94
CA GLU D 122 22.62 -44.73 27.04
C GLU D 122 21.42 -45.26 27.81
N ASP D 123 21.66 -46.19 28.73
CA ASP D 123 20.60 -46.86 29.47
C ASP D 123 19.94 -45.92 30.47
N VAL D 124 20.73 -45.05 31.14
CA VAL D 124 20.12 -44.07 32.03
C VAL D 124 19.22 -43.10 31.26
N GLN D 125 19.65 -42.68 30.06
CA GLN D 125 18.79 -41.80 29.26
C GLN D 125 17.53 -42.51 28.78
N ARG D 126 17.65 -43.77 28.36
CA ARG D 126 16.48 -44.48 27.84
C ARG D 126 15.41 -44.62 28.92
N LEU D 127 15.81 -44.94 30.14
CA LEU D 127 14.85 -44.98 31.22
C LEU D 127 14.41 -43.58 31.61
N GLY D 128 15.24 -42.59 31.40
CA GLY D 128 14.83 -41.23 31.67
C GLY D 128 15.26 -40.76 33.04
N ILE D 129 15.42 -39.44 33.18
CA ILE D 129 15.76 -38.75 34.41
C ILE D 129 14.55 -37.93 34.79
N THR D 130 14.34 -37.71 36.10
CA THR D 130 13.28 -36.80 36.54
C THR D 130 13.81 -35.79 37.54
N THR D 131 13.29 -34.57 37.49
CA THR D 131 13.65 -33.51 38.42
C THR D 131 12.36 -32.93 38.99
N VAL D 132 12.20 -32.99 40.30
CA VAL D 132 10.94 -32.57 40.90
C VAL D 132 11.22 -31.87 42.22
N LYS D 133 10.39 -30.88 42.54
CA LYS D 133 10.50 -30.18 43.82
C LYS D 133 10.06 -31.10 44.93
N SER D 134 10.86 -31.17 45.98
CA SER D 134 10.46 -31.92 47.14
C SER D 134 9.38 -31.15 47.89
N SER D 135 8.29 -31.84 48.23
CA SER D 135 7.18 -31.33 49.02
C SER D 135 7.31 -31.93 50.42
N PRO D 136 7.97 -31.24 51.35
CA PRO D 136 8.37 -31.88 52.61
C PRO D 136 7.24 -32.09 53.60
N THR D 137 6.12 -31.43 53.43
CA THR D 137 5.07 -31.40 54.44
C THR D 137 4.12 -32.56 54.18
N LEU D 138 4.22 -33.60 54.98
CA LEU D 138 3.40 -34.78 54.77
C LEU D 138 2.05 -34.57 55.47
N THR D 139 0.97 -34.49 54.69
CA THR D 139 -0.37 -34.37 55.27
C THR D 139 -0.88 -35.69 55.83
N MET D 140 -0.84 -36.76 55.04
CA MET D 140 -1.24 -38.07 55.54
C MET D 140 -0.67 -39.17 54.65
N VAL D 141 -0.70 -40.40 55.18
CA VAL D 141 -0.34 -41.60 54.44
C VAL D 141 -1.53 -42.56 54.44
N VAL D 142 -1.94 -42.98 53.25
CA VAL D 142 -3.04 -43.91 53.04
C VAL D 142 -2.50 -45.17 52.38
N HIS D 143 -2.93 -46.32 52.88
CA HIS D 143 -2.52 -47.63 52.37
C HIS D 143 -3.63 -48.30 51.56
N LEU D 144 -3.25 -48.88 50.43
CA LEU D 144 -4.02 -49.97 49.80
C LEU D 144 -3.47 -51.27 50.36
N ILE D 145 -4.37 -52.18 50.75
CA ILE D 145 -4.00 -53.35 51.53
C ILE D 145 -4.77 -54.56 51.04
N SER D 146 -4.19 -55.74 51.19
CA SER D 146 -4.92 -56.98 50.94
C SER D 146 -5.09 -57.78 52.21
N PRO D 147 -6.24 -57.69 52.89
CA PRO D 147 -6.38 -58.30 54.23
C PRO D 147 -6.45 -59.82 54.20
N ASN D 148 -6.58 -60.45 53.04
CA ASN D 148 -6.55 -61.91 53.00
C ASN D 148 -5.55 -62.40 51.96
N ASP D 149 -4.58 -61.57 51.60
CA ASP D 149 -3.52 -61.93 50.66
C ASP D 149 -4.06 -62.29 49.28
N SER D 150 -5.26 -61.80 48.95
CA SER D 150 -5.84 -62.04 47.62
C SER D 150 -4.95 -61.52 46.51
N TYR D 151 -4.41 -60.32 46.68
CA TYR D 151 -3.61 -59.63 45.67
C TYR D 151 -2.28 -59.22 46.28
N ASP D 152 -1.25 -59.14 45.44
CA ASP D 152 0.11 -58.92 45.93
C ASP D 152 0.50 -57.45 45.77
N MET D 153 1.71 -57.15 46.25
CA MET D 153 2.19 -55.79 46.36
C MET D 153 2.18 -55.04 45.01
N THR D 154 2.62 -55.71 43.95
CA THR D 154 2.58 -55.06 42.63
C THR D 154 1.15 -54.80 42.18
N TYR D 155 0.20 -55.68 42.50
CA TYR D 155 -1.18 -55.39 42.13
C TYR D 155 -1.69 -54.15 42.85
N LEU D 156 -1.40 -54.06 44.15
CA LEU D 156 -1.89 -52.93 44.92
C LEU D 156 -1.30 -51.63 44.40
N ARG D 157 0.00 -51.61 44.08
CA ARG D 157 0.59 -50.40 43.52
C ARG D 157 -0.01 -50.06 42.17
N ASN D 158 -0.20 -51.06 41.31
CA ASN D 158 -0.74 -50.73 40.00
C ASN D 158 -2.16 -50.19 40.12
N TYR D 159 -2.96 -50.75 41.03
CA TYR D 159 -4.31 -50.25 41.23
C TYR D 159 -4.29 -48.81 41.73
N ALA D 160 -3.46 -48.55 42.74
CA ALA D 160 -3.26 -47.20 43.24
C ALA D 160 -2.89 -46.25 42.11
N LEU D 161 -1.97 -46.68 41.26
CA LEU D 161 -1.51 -45.84 40.16
C LEU D 161 -2.63 -45.58 39.15
N ILE D 162 -3.48 -46.58 38.89
CA ILE D 162 -4.47 -46.47 37.82
C ILE D 162 -5.68 -45.68 38.27
N ASN D 163 -6.19 -46.01 39.46
CA ASN D 163 -7.47 -45.49 39.90
C ASN D 163 -7.38 -44.47 41.02
N VAL D 164 -6.36 -44.53 41.87
CA VAL D 164 -6.37 -43.79 43.13
C VAL D 164 -5.46 -42.56 43.09
N LYS D 165 -4.21 -42.71 42.64
CA LYS D 165 -3.23 -41.67 42.90
C LYS D 165 -3.61 -40.33 42.31
N ASP D 166 -3.94 -40.28 41.03
CA ASP D 166 -4.10 -38.98 40.39
C ASP D 166 -5.41 -38.30 40.81
N ARG D 167 -6.45 -39.06 41.16
CA ARG D 167 -7.63 -38.43 41.73
C ARG D 167 -7.28 -37.71 43.04
N LEU D 168 -6.48 -38.35 43.90
CA LEU D 168 -5.91 -37.64 45.05
C LEU D 168 -5.01 -36.48 44.62
N SER D 169 -4.21 -36.67 43.57
CA SER D 169 -3.31 -35.60 43.15
C SER D 169 -4.06 -34.37 42.68
N ARG D 170 -5.35 -34.52 42.37
CA ARG D 170 -6.20 -33.42 41.94
C ARG D 170 -7.00 -32.79 43.08
N ILE D 171 -6.82 -33.25 44.32
CA ILE D 171 -7.41 -32.55 45.47
C ILE D 171 -6.69 -31.21 45.64
N GLN D 172 -7.44 -30.19 46.08
CA GLN D 172 -6.91 -28.83 46.14
C GLN D 172 -6.07 -28.65 47.40
N GLY D 173 -4.79 -28.42 47.18
CA GLY D 173 -3.78 -28.24 48.21
C GLY D 173 -2.77 -29.35 48.23
N VAL D 174 -3.09 -30.47 47.58
CA VAL D 174 -2.19 -31.60 47.48
C VAL D 174 -1.11 -31.27 46.48
N GLY D 175 0.14 -31.33 46.92
CA GLY D 175 1.22 -30.97 46.03
C GLY D 175 1.82 -32.17 45.35
N GLN D 176 1.76 -33.32 46.03
CA GLN D 176 2.37 -34.53 45.51
C GLN D 176 1.79 -35.75 46.19
N VAL D 177 1.49 -36.79 45.42
CA VAL D 177 1.15 -38.09 45.98
C VAL D 177 2.28 -39.06 45.66
N GLN D 178 2.84 -39.72 46.67
CA GLN D 178 4.00 -40.59 46.51
C GLN D 178 3.61 -42.02 46.81
N LEU D 179 3.89 -42.92 45.88
CA LEU D 179 3.70 -44.35 46.13
C LEU D 179 4.98 -44.92 46.70
N TRP D 180 4.86 -45.67 47.81
CA TRP D 180 5.97 -46.31 48.49
C TRP D 180 5.65 -47.81 48.60
N GLY D 181 6.43 -48.63 47.90
CA GLY D 181 6.13 -50.05 47.87
C GLY D 181 6.85 -50.80 46.77
N ALA D 182 6.16 -51.77 46.16
CA ALA D 182 6.76 -52.64 45.17
C ALA D 182 7.04 -51.85 43.90
N GLY D 183 7.17 -52.56 42.77
CA GLY D 183 7.52 -51.90 41.52
C GLY D 183 6.36 -52.10 40.60
N ASP D 184 6.23 -51.24 39.57
CA ASP D 184 5.07 -51.31 38.70
C ASP D 184 5.21 -52.49 37.71
N TYR D 185 4.10 -52.81 37.05
CA TYR D 185 4.04 -53.94 36.14
C TYR D 185 5.01 -53.81 34.97
N ALA D 186 5.53 -54.96 34.55
CA ALA D 186 6.46 -55.13 33.45
C ALA D 186 6.23 -56.51 32.83
N MET D 187 6.62 -56.64 31.57
CA MET D 187 6.72 -57.94 30.92
C MET D 187 8.15 -58.44 31.14
N ARG D 188 8.31 -59.47 31.98
CA ARG D 188 9.63 -60.04 32.30
C ARG D 188 9.87 -61.31 31.49
N VAL D 189 11.03 -61.36 30.85
CA VAL D 189 11.50 -62.54 30.14
C VAL D 189 12.69 -63.07 30.93
N TRP D 190 12.52 -64.26 31.53
CA TRP D 190 13.50 -64.90 32.39
C TRP D 190 14.21 -65.96 31.54
N LEU D 191 15.38 -65.60 31.03
CA LEU D 191 16.12 -66.46 30.14
C LEU D 191 16.70 -67.64 30.91
N ASP D 192 16.67 -68.81 30.29
CA ASP D 192 17.41 -69.97 30.78
C ASP D 192 18.72 -69.99 30.02
N PRO D 193 19.79 -69.38 30.56
CA PRO D 193 20.97 -69.15 29.71
C PRO D 193 21.56 -70.44 29.15
N GLN D 194 21.40 -71.55 29.88
CA GLN D 194 21.71 -72.85 29.32
C GLN D 194 20.89 -73.13 28.07
N LYS D 195 19.56 -72.90 28.12
CA LYS D 195 18.76 -73.15 26.91
C LYS D 195 19.11 -72.20 25.77
N VAL D 196 19.32 -70.91 26.05
CA VAL D 196 19.61 -69.99 24.95
C VAL D 196 20.91 -70.37 24.28
N ALA D 197 21.91 -70.79 25.06
CA ALA D 197 23.17 -71.22 24.44
C ALA D 197 22.98 -72.53 23.68
N GLN D 198 22.15 -73.43 24.21
CA GLN D 198 21.91 -74.71 23.58
C GLN D 198 21.42 -74.53 22.15
N ARG D 199 20.49 -73.61 21.93
CA ARG D 199 20.07 -73.22 20.59
C ARG D 199 21.05 -72.26 19.87
N ASN D 200 22.28 -72.10 20.34
CA ASN D 200 23.29 -71.28 19.65
C ASN D 200 22.90 -69.80 19.57
N LEU D 201 22.53 -69.24 20.73
CA LEU D 201 22.12 -67.85 20.86
C LEU D 201 22.83 -67.21 22.03
N THR D 202 23.15 -65.92 21.90
CA THR D 202 23.51 -65.11 23.06
C THR D 202 22.32 -64.24 23.46
N ALA D 203 22.34 -63.76 24.70
CA ALA D 203 21.20 -62.96 25.19
C ALA D 203 20.92 -61.76 24.29
N ASP D 204 21.97 -61.16 23.73
CA ASP D 204 21.80 -60.08 22.78
C ASP D 204 20.84 -60.45 21.65
N ASP D 205 20.92 -61.69 21.15
CA ASP D 205 20.02 -62.13 20.08
C ASP D 205 18.57 -62.02 20.51
N VAL D 206 18.25 -62.47 21.73
CA VAL D 206 16.87 -62.44 22.17
C VAL D 206 16.40 -60.99 22.35
N VAL D 207 17.25 -60.11 22.88
CA VAL D 207 16.78 -58.73 23.03
C VAL D 207 16.52 -58.11 21.66
N ARG D 208 17.37 -58.40 20.67
CA ARG D 208 17.12 -57.90 19.32
C ARG D 208 15.84 -58.48 18.75
N ALA D 209 15.55 -59.75 19.04
CA ALA D 209 14.32 -60.38 18.56
C ALA D 209 13.10 -59.70 19.15
N ILE D 210 13.14 -59.41 20.46
CA ILE D 210 12.03 -58.71 21.09
C ILE D 210 11.87 -57.32 20.49
N ARG D 211 13.00 -56.62 20.29
CA ARG D 211 12.97 -55.31 19.66
C ARG D 211 12.44 -55.35 18.23
N GLU D 212 12.71 -56.43 17.50
CA GLU D 212 12.18 -56.51 16.15
C GLU D 212 10.67 -56.77 16.18
N GLN D 213 10.21 -57.65 17.08
CA GLN D 213 8.87 -58.20 16.98
C GLN D 213 7.86 -57.57 17.93
N ASN D 214 8.31 -56.69 18.84
CA ASN D 214 7.39 -55.94 19.70
C ASN D 214 7.64 -54.47 19.41
N VAL D 215 6.91 -53.93 18.42
CA VAL D 215 7.16 -52.58 17.94
C VAL D 215 5.92 -52.11 17.23
N GLN D 216 5.52 -50.85 17.50
CA GLN D 216 4.41 -50.22 16.79
C GLN D 216 4.75 -50.02 15.32
N VAL D 217 3.73 -49.89 14.48
CA VAL D 217 3.92 -49.73 13.05
C VAL D 217 3.25 -48.45 12.59
N ALA D 218 3.93 -47.72 11.71
CA ALA D 218 3.32 -46.61 11.01
C ALA D 218 2.84 -47.18 9.69
N ALA D 219 1.65 -47.77 9.69
CA ALA D 219 1.28 -48.69 8.61
C ALA D 219 0.98 -47.98 7.30
N GLY D 220 0.69 -46.68 7.33
CA GLY D 220 0.46 -45.90 6.12
C GLY D 220 -1.00 -45.62 5.85
N VAL D 221 -1.24 -44.92 4.74
CA VAL D 221 -2.58 -44.49 4.35
C VAL D 221 -2.77 -44.66 2.85
N ILE D 222 -3.86 -45.31 2.47
CA ILE D 222 -4.23 -45.50 1.07
C ILE D 222 -5.18 -44.38 0.69
N GLY D 223 -4.91 -43.70 -0.42
CA GLY D 223 -5.81 -42.65 -0.83
C GLY D 223 -5.65 -41.34 -0.08
N ALA D 224 -4.49 -41.12 0.53
CA ALA D 224 -4.25 -39.86 1.21
C ALA D 224 -3.87 -38.78 0.21
N SER D 225 -3.85 -37.55 0.69
CA SER D 225 -3.47 -36.43 -0.14
C SER D 225 -1.96 -36.48 -0.41
N PRO D 226 -1.52 -36.14 -1.63
CA PRO D 226 -2.32 -35.86 -2.84
C PRO D 226 -2.60 -37.07 -3.72
N THR D 227 -3.76 -37.14 -4.41
CA THR D 227 -4.09 -38.20 -5.36
C THR D 227 -4.76 -37.60 -6.62
N LEU D 228 -4.57 -38.28 -7.76
CA LEU D 228 -4.96 -37.80 -9.08
C LEU D 228 -6.45 -37.93 -9.41
N PRO D 229 -7.00 -39.13 -9.43
CA PRO D 229 -8.34 -39.30 -10.00
C PRO D 229 -9.39 -38.88 -9.00
N GLY D 230 -10.65 -39.19 -9.31
CA GLY D 230 -11.70 -38.95 -8.34
C GLY D 230 -11.73 -40.07 -7.33
N THR D 231 -10.56 -40.31 -6.71
CA THR D 231 -10.36 -41.29 -5.65
C THR D 231 -11.45 -41.12 -4.59
N PRO D 232 -12.32 -42.12 -4.39
CA PRO D 232 -13.52 -41.88 -3.58
C PRO D 232 -13.26 -41.85 -2.07
N LEU D 233 -12.33 -42.66 -1.58
CA LEU D 233 -12.14 -42.80 -0.15
C LEU D 233 -10.68 -42.62 0.22
N GLN D 234 -10.47 -42.17 1.46
CA GLN D 234 -9.16 -42.10 2.10
C GLN D 234 -9.15 -43.09 3.25
N LEU D 235 -8.30 -44.10 3.17
CA LEU D 235 -8.29 -45.22 4.09
C LEU D 235 -7.01 -45.25 4.90
N SER D 236 -7.16 -45.28 6.21
CA SER D 236 -6.01 -45.51 7.05
C SER D 236 -5.76 -47.02 7.09
N VAL D 237 -4.50 -47.39 7.31
CA VAL D 237 -4.09 -48.80 7.30
C VAL D 237 -3.84 -49.24 8.73
N ASN D 238 -4.32 -50.43 9.09
CA ASN D 238 -4.04 -51.00 10.39
C ASN D 238 -3.18 -52.25 10.28
N ALA D 239 -2.24 -52.39 11.22
CA ALA D 239 -1.36 -53.55 11.30
C ALA D 239 -0.90 -53.72 12.74
N ARG D 240 -1.20 -54.87 13.33
CA ARG D 240 -0.80 -55.17 14.71
C ARG D 240 0.71 -55.26 14.80
N GLY D 241 1.32 -54.31 15.50
CA GLY D 241 2.77 -54.31 15.63
C GLY D 241 3.28 -54.59 17.03
N ARG D 242 2.63 -54.06 18.06
CA ARG D 242 3.05 -54.31 19.44
C ARG D 242 2.36 -55.55 19.95
N LEU D 243 3.08 -56.34 20.76
CA LEU D 243 2.47 -57.53 21.37
C LEU D 243 1.82 -57.16 22.69
N GLN D 244 0.76 -57.91 23.04
CA GLN D 244 -0.11 -57.47 24.11
C GLN D 244 -0.05 -58.27 25.39
N ASN D 245 0.28 -59.56 25.35
CA ASN D 245 0.22 -60.37 26.56
C ASN D 245 1.40 -61.31 26.57
N GLU D 246 1.46 -62.15 27.61
CA GLU D 246 2.58 -63.09 27.73
C GLU D 246 2.62 -64.06 26.54
N ASP D 247 1.46 -64.56 26.11
CA ASP D 247 1.44 -65.55 25.04
C ASP D 247 1.98 -65.00 23.73
N GLU D 248 1.65 -63.75 23.40
CA GLU D 248 2.26 -63.15 22.21
C GLU D 248 3.76 -63.01 22.37
N PHE D 249 4.24 -62.68 23.57
CA PHE D 249 5.67 -62.59 23.73
C PHE D 249 6.32 -63.95 23.58
N GLY D 250 5.59 -65.02 23.89
CA GLY D 250 6.11 -66.35 23.68
C GLY D 250 6.28 -66.71 22.22
N ASP D 251 5.45 -66.14 21.35
CA ASP D 251 5.49 -66.45 19.92
C ASP D 251 6.65 -65.78 19.17
N ILE D 252 7.43 -64.93 19.85
CA ILE D 252 8.56 -64.30 19.18
C ILE D 252 9.47 -65.39 18.61
N VAL D 253 9.89 -65.21 17.37
CA VAL D 253 10.73 -66.19 16.70
C VAL D 253 12.19 -65.81 16.96
N VAL D 254 12.87 -66.56 17.82
CA VAL D 254 14.23 -66.22 18.22
C VAL D 254 15.30 -66.76 17.27
N LYS D 255 15.02 -67.86 16.57
CA LYS D 255 15.90 -68.40 15.54
C LYS D 255 15.06 -69.28 14.64
N THR D 256 15.27 -69.15 13.33
CA THR D 256 14.62 -70.05 12.37
C THR D 256 15.67 -71.01 11.83
N ALA D 257 15.43 -72.31 12.04
CA ALA D 257 16.37 -73.31 11.59
C ALA D 257 16.30 -73.45 10.06
N PRO D 258 17.41 -73.88 9.41
CA PRO D 258 17.45 -73.86 7.94
C PRO D 258 16.46 -74.79 7.26
N ASP D 259 15.67 -75.54 8.04
CA ASP D 259 14.63 -76.41 7.52
C ASP D 259 13.23 -75.84 7.67
N GLY D 260 13.04 -74.85 8.54
CA GLY D 260 11.73 -74.29 8.81
C GLY D 260 11.51 -74.31 10.29
N GLY D 261 12.57 -74.66 11.02
CA GLY D 261 12.51 -74.98 12.43
C GLY D 261 12.54 -73.78 13.35
N VAL D 262 11.40 -73.11 13.49
CA VAL D 262 11.34 -71.87 14.26
C VAL D 262 11.40 -72.22 15.75
N THR D 263 12.41 -71.68 16.42
CA THR D 263 12.50 -71.78 17.87
C THR D 263 11.97 -70.48 18.48
N HIS D 264 10.95 -70.60 19.32
CA HIS D 264 10.23 -69.46 19.87
C HIS D 264 10.76 -69.03 21.24
N LEU D 265 10.40 -67.80 21.62
CA LEU D 265 10.80 -67.25 22.92
C LEU D 265 10.27 -68.12 24.06
N ARG D 266 9.13 -68.80 23.84
CA ARG D 266 8.61 -69.75 24.82
C ARG D 266 9.63 -70.86 25.07
N ASP D 267 10.37 -71.25 24.03
CA ASP D 267 11.33 -72.35 24.11
C ASP D 267 12.52 -72.00 24.97
N ILE D 268 12.89 -70.72 25.02
CA ILE D 268 14.18 -70.31 25.53
C ILE D 268 14.04 -69.59 26.87
N ALA D 269 12.85 -69.09 27.20
CA ALA D 269 12.69 -68.31 28.42
C ALA D 269 11.30 -68.52 29.00
N ARG D 270 11.18 -68.13 30.25
CA ARG D 270 9.92 -68.07 30.95
C ARG D 270 9.43 -66.63 30.86
N ILE D 271 8.16 -66.42 30.56
CA ILE D 271 7.65 -65.05 30.31
C ILE D 271 6.47 -64.76 31.23
N GLU D 272 6.65 -63.78 32.12
CA GLU D 272 5.69 -63.52 33.19
C GLU D 272 5.45 -62.02 33.30
N LEU D 273 4.23 -61.65 33.71
CA LEU D 273 3.92 -60.24 33.95
C LEU D 273 4.21 -59.99 35.42
N ASP D 274 5.20 -59.15 35.69
CA ASP D 274 5.80 -59.09 37.02
C ASP D 274 6.29 -57.67 37.26
N ALA D 275 7.22 -57.47 38.20
CA ALA D 275 7.60 -56.10 38.59
C ALA D 275 8.77 -55.56 37.79
N SER D 276 8.82 -54.24 37.66
CA SER D 276 9.90 -53.57 36.95
C SER D 276 11.15 -53.39 37.79
N GLU D 277 11.02 -53.39 39.12
CA GLU D 277 12.18 -53.36 39.99
C GLU D 277 11.79 -53.98 41.33
N TYR D 278 12.80 -54.46 42.07
CA TYR D 278 12.51 -55.31 43.22
C TYR D 278 13.22 -54.86 44.49
N GLY D 279 13.73 -53.63 44.53
CA GLY D 279 14.54 -53.21 45.66
C GLY D 279 13.77 -53.00 46.96
N LEU D 280 12.46 -52.71 46.88
CA LEU D 280 11.69 -52.34 48.07
C LEU D 280 10.36 -53.09 48.12
N ARG D 281 9.95 -53.43 49.34
CA ARG D 281 8.67 -54.06 49.62
C ARG D 281 7.86 -53.25 50.64
N SER D 282 6.56 -53.53 50.67
CA SER D 282 5.61 -52.85 51.55
C SER D 282 4.63 -53.83 52.16
N LEU D 283 4.60 -53.92 53.48
CA LEU D 283 3.58 -54.67 54.19
C LEU D 283 2.81 -53.72 55.11
N LEU D 284 1.58 -54.09 55.45
CA LEU D 284 0.80 -53.39 56.47
C LEU D 284 0.23 -54.46 57.41
N ASP D 285 0.77 -54.53 58.62
CA ASP D 285 0.48 -55.65 59.53
C ASP D 285 0.76 -56.97 58.82
N ASN D 286 1.91 -57.04 58.16
CA ASN D 286 2.38 -58.28 57.51
C ASN D 286 1.45 -58.72 56.39
N LYS D 287 0.75 -57.80 55.76
CA LYS D 287 -0.13 -58.13 54.66
C LYS D 287 0.23 -57.27 53.45
N PRO D 288 -0.01 -57.77 52.23
CA PRO D 288 0.42 -57.01 51.05
C PRO D 288 -0.15 -55.61 51.08
N ALA D 289 0.69 -54.63 50.70
CA ALA D 289 0.32 -53.23 50.82
C ALA D 289 1.12 -52.39 49.86
N VAL D 290 0.61 -51.18 49.64
CA VAL D 290 1.37 -50.06 49.11
C VAL D 290 1.00 -48.86 49.97
N ALA D 291 1.99 -48.04 50.32
CA ALA D 291 1.74 -46.81 51.07
C ALA D 291 1.62 -45.66 50.08
N MET D 292 0.66 -44.75 50.32
CA MET D 292 0.55 -43.53 49.54
C MET D 292 0.75 -42.37 50.51
N ALA D 293 1.88 -41.66 50.38
CA ALA D 293 2.14 -40.47 51.16
C ALA D 293 1.64 -39.25 50.40
N ILE D 294 0.65 -38.55 50.96
CA ILE D 294 0.10 -37.32 50.38
C ILE D 294 0.81 -36.13 51.01
N ASN D 295 1.43 -35.31 50.18
CA ASN D 295 2.17 -34.14 50.63
C ASN D 295 1.46 -32.91 50.11
N GLN D 296 1.23 -31.95 51.00
CA GLN D 296 0.49 -30.73 50.70
C GLN D 296 1.42 -29.61 50.22
N SER D 297 0.90 -28.74 49.37
CA SER D 297 1.62 -27.59 48.89
C SER D 297 1.77 -26.48 49.91
N PRO D 298 2.75 -25.58 49.72
CA PRO D 298 2.82 -24.41 50.61
C PRO D 298 1.51 -23.64 50.59
N GLY D 299 1.15 -23.12 51.76
CA GLY D 299 -0.12 -22.44 51.94
C GLY D 299 -1.37 -23.26 51.67
N ALA D 300 -1.41 -24.50 52.13
CA ALA D 300 -2.58 -25.36 51.89
C ALA D 300 -3.34 -25.56 53.18
N ASN D 301 -4.50 -26.20 53.07
CA ASN D 301 -5.35 -26.40 54.24
C ASN D 301 -5.39 -27.88 54.57
N SER D 302 -4.53 -28.29 55.52
CA SER D 302 -4.43 -29.68 55.94
C SER D 302 -5.77 -30.29 56.28
N LEU D 303 -6.63 -29.56 56.99
CA LEU D 303 -7.89 -30.16 57.45
C LEU D 303 -8.84 -30.39 56.28
N ALA D 304 -8.86 -29.46 55.33
CA ALA D 304 -9.67 -29.67 54.15
C ALA D 304 -9.17 -30.87 53.37
N ILE D 305 -7.85 -30.95 53.19
CA ILE D 305 -7.25 -32.05 52.45
C ILE D 305 -7.58 -33.38 53.10
N SER D 306 -7.43 -33.45 54.42
CA SER D 306 -7.65 -34.70 55.13
C SER D 306 -9.09 -35.16 55.01
N ASP D 307 -10.04 -34.25 55.19
CA ASP D 307 -11.43 -34.69 55.07
C ASP D 307 -11.70 -35.15 53.64
N GLU D 308 -11.18 -34.44 52.65
CA GLU D 308 -11.46 -34.81 51.27
C GLU D 308 -10.78 -36.12 50.89
N VAL D 309 -9.57 -36.36 51.40
CA VAL D 309 -8.89 -37.63 51.16
C VAL D 309 -9.72 -38.77 51.75
N ARG D 310 -10.21 -38.56 52.98
CA ARG D 310 -10.99 -39.61 53.63
C ARG D 310 -12.27 -39.90 52.84
N LYS D 311 -12.90 -38.87 52.32
CA LYS D 311 -14.14 -39.10 51.57
C LYS D 311 -13.86 -39.77 50.24
N THR D 312 -12.78 -39.39 49.57
CA THR D 312 -12.43 -40.04 48.31
C THR D 312 -12.11 -41.52 48.54
N MET D 313 -11.36 -41.82 49.59
CA MET D 313 -11.05 -43.20 49.93
C MET D 313 -12.32 -44.00 50.16
N ALA D 314 -13.26 -43.44 50.92
CA ALA D 314 -14.52 -44.15 51.17
C ALA D 314 -15.32 -44.35 49.89
N GLU D 315 -15.25 -43.41 48.94
CA GLU D 315 -16.02 -43.59 47.72
C GLU D 315 -15.34 -44.54 46.73
N LEU D 316 -14.01 -44.48 46.65
CA LEU D 316 -13.28 -45.39 45.77
C LEU D 316 -13.33 -46.81 46.27
N LYS D 317 -13.49 -47.01 47.59
CA LYS D 317 -13.61 -48.35 48.13
C LYS D 317 -14.78 -49.12 47.54
N GLN D 318 -15.77 -48.43 46.98
CA GLN D 318 -16.93 -49.11 46.42
C GLN D 318 -16.65 -49.80 45.08
N ASP D 319 -15.59 -49.41 44.36
CA ASP D 319 -15.16 -50.10 43.14
C ASP D 319 -14.05 -51.11 43.41
N PHE D 320 -13.68 -51.28 44.67
CA PHE D 320 -12.55 -52.12 45.01
C PHE D 320 -12.88 -53.58 44.75
N PRO D 321 -12.06 -54.31 43.98
CA PRO D 321 -12.23 -55.76 43.89
C PRO D 321 -12.11 -56.41 45.26
N ALA D 322 -12.92 -57.45 45.49
CA ALA D 322 -12.95 -58.11 46.80
C ALA D 322 -11.56 -58.59 47.19
N GLY D 323 -11.13 -58.24 48.40
CA GLY D 323 -9.77 -58.50 48.83
C GLY D 323 -8.85 -57.30 48.76
N VAL D 324 -9.35 -56.15 48.33
CA VAL D 324 -8.60 -54.90 48.31
C VAL D 324 -9.27 -53.91 49.25
N ASP D 325 -8.48 -53.20 50.03
CA ASP D 325 -9.00 -52.29 51.04
C ASP D 325 -8.06 -51.11 51.15
N TYR D 326 -8.45 -50.10 51.93
CA TYR D 326 -7.57 -48.99 52.27
C TYR D 326 -7.56 -48.84 53.78
N ARG D 327 -6.51 -48.19 54.27
CA ARG D 327 -6.37 -47.80 55.66
C ARG D 327 -5.79 -46.40 55.77
N ILE D 328 -6.43 -45.53 56.56
CA ILE D 328 -5.82 -44.23 56.86
C ILE D 328 -4.83 -44.50 57.99
N VAL D 329 -3.59 -44.82 57.62
CA VAL D 329 -2.66 -45.30 58.63
C VAL D 329 -2.08 -44.18 59.48
N TYR D 330 -1.89 -42.98 58.92
CA TYR D 330 -1.35 -41.87 59.70
C TYR D 330 -1.92 -40.57 59.17
N ASP D 331 -2.56 -39.81 60.05
CA ASP D 331 -3.23 -38.55 59.69
C ASP D 331 -2.81 -37.46 60.68
N PRO D 332 -1.57 -36.99 60.56
CA PRO D 332 -1.04 -36.02 61.53
C PRO D 332 -1.75 -34.68 61.53
N THR D 333 -2.68 -34.45 60.60
CA THR D 333 -3.51 -33.26 60.67
C THR D 333 -4.29 -33.23 61.97
N GLN D 334 -4.57 -34.40 62.53
CA GLN D 334 -5.26 -34.47 63.80
C GLN D 334 -4.54 -33.65 64.86
N PHE D 335 -3.21 -33.57 64.78
CA PHE D 335 -2.46 -32.77 65.74
C PHE D 335 -2.94 -31.31 65.71
N VAL D 336 -2.94 -30.67 64.54
CA VAL D 336 -3.38 -29.27 64.48
C VAL D 336 -4.84 -29.17 64.89
N ARG D 337 -5.65 -30.17 64.54
CA ARG D 337 -7.04 -30.11 64.93
C ARG D 337 -7.13 -30.03 66.44
N SER D 338 -6.35 -30.87 67.13
CA SER D 338 -6.33 -30.82 68.58
C SER D 338 -5.87 -29.45 69.07
N SER D 339 -4.83 -28.89 68.45
CA SER D 339 -4.37 -27.58 68.84
C SER D 339 -5.51 -26.56 68.76
N ILE D 340 -6.27 -26.60 67.66
CA ILE D 340 -7.40 -25.71 67.51
C ILE D 340 -8.37 -25.94 68.65
N LYS D 341 -8.71 -27.21 68.90
CA LYS D 341 -9.62 -27.51 69.99
C LYS D 341 -9.06 -26.97 71.30
N ALA D 342 -7.74 -27.07 71.48
CA ALA D 342 -7.12 -26.53 72.68
C ALA D 342 -7.38 -25.02 72.81
N VAL D 343 -7.08 -24.26 71.74
CA VAL D 343 -7.20 -22.81 71.82
C VAL D 343 -8.61 -22.42 72.22
N VAL D 344 -9.61 -22.98 71.54
CA VAL D 344 -10.97 -22.61 71.86
C VAL D 344 -11.22 -22.84 73.34
N HIS D 345 -10.83 -24.00 73.84
CA HIS D 345 -11.07 -24.27 75.25
C HIS D 345 -10.33 -23.28 76.12
N THR D 346 -9.06 -23.02 75.81
CA THR D 346 -8.33 -22.07 76.64
C THR D 346 -9.00 -20.70 76.61
N LEU D 347 -9.43 -20.26 75.42
CA LEU D 347 -10.11 -18.98 75.30
C LEU D 347 -11.32 -18.92 76.22
N LEU D 348 -12.18 -19.95 76.16
CA LEU D 348 -13.36 -19.96 77.01
C LEU D 348 -12.94 -19.89 78.47
N GLU D 349 -11.95 -20.72 78.87
CA GLU D 349 -11.47 -20.66 80.25
C GLU D 349 -11.14 -19.22 80.64
N ALA D 350 -10.34 -18.55 79.80
CA ALA D 350 -9.89 -17.21 80.16
C ALA D 350 -11.09 -16.29 80.31
N ILE D 351 -12.01 -16.34 79.35
CA ILE D 351 -13.16 -15.46 79.46
C ILE D 351 -13.89 -15.77 80.76
N ALA D 352 -14.13 -17.07 81.00
CA ALA D 352 -14.80 -17.46 82.23
C ALA D 352 -14.04 -16.93 83.45
N LEU D 353 -12.73 -17.13 83.47
CA LEU D 353 -11.95 -16.66 84.60
C LEU D 353 -12.04 -15.14 84.73
N VAL D 354 -11.85 -14.39 83.63
CA VAL D 354 -11.90 -12.94 83.77
C VAL D 354 -13.30 -12.52 84.22
N VAL D 355 -14.33 -13.21 83.74
CA VAL D 355 -15.68 -12.86 84.15
C VAL D 355 -15.78 -12.97 85.66
N ILE D 356 -15.34 -14.10 86.23
CA ILE D 356 -15.42 -14.26 87.68
C ILE D 356 -14.63 -13.18 88.40
N VAL D 357 -13.40 -12.91 87.93
CA VAL D 357 -12.60 -11.95 88.68
C VAL D 357 -13.30 -10.61 88.72
N VAL D 358 -13.88 -10.19 87.58
CA VAL D 358 -14.55 -8.89 87.51
C VAL D 358 -15.73 -8.86 88.49
N ILE D 359 -16.46 -9.97 88.61
CA ILE D 359 -17.55 -10.04 89.57
C ILE D 359 -17.04 -9.99 91.00
N VAL D 360 -15.91 -10.66 91.31
CA VAL D 360 -15.49 -10.65 92.70
C VAL D 360 -14.99 -9.26 93.12
N PHE D 361 -14.20 -8.60 92.27
CA PHE D 361 -13.58 -7.33 92.66
C PHE D 361 -14.51 -6.15 92.41
N LEU D 362 -15.16 -6.12 91.25
CA LEU D 362 -15.97 -4.98 90.86
C LEU D 362 -17.44 -5.14 91.24
N GLN D 363 -17.90 -6.37 91.46
CA GLN D 363 -19.22 -6.69 92.02
C GLN D 363 -20.38 -6.12 91.21
N THR D 364 -20.21 -6.02 89.89
CA THR D 364 -21.27 -5.75 88.92
C THR D 364 -21.29 -6.86 87.89
N TRP D 365 -22.43 -7.50 87.71
CA TRP D 365 -22.43 -8.51 86.67
C TRP D 365 -22.33 -7.85 85.30
N ARG D 366 -22.76 -6.59 85.20
CA ARG D 366 -22.65 -5.90 83.93
C ARG D 366 -21.19 -5.56 83.60
N ALA D 367 -20.36 -5.33 84.62
CA ALA D 367 -18.96 -5.02 84.35
C ALA D 367 -18.26 -6.17 83.64
N SER D 368 -18.70 -7.41 83.89
CA SER D 368 -18.07 -8.54 83.21
C SER D 368 -18.41 -8.61 81.73
N ILE D 369 -19.49 -7.94 81.28
CA ILE D 369 -19.83 -7.99 79.86
C ILE D 369 -18.74 -7.34 78.99
N ILE D 370 -17.96 -6.39 79.53
CA ILE D 370 -16.96 -5.75 78.69
C ILE D 370 -15.86 -6.74 78.29
N PRO D 371 -15.10 -7.38 79.20
CA PRO D 371 -14.11 -8.36 78.71
C PRO D 371 -14.74 -9.52 77.95
N LEU D 372 -15.93 -9.96 78.37
CA LEU D 372 -16.60 -11.06 77.68
C LEU D 372 -16.83 -10.76 76.21
N ILE D 373 -17.05 -9.50 75.83
CA ILE D 373 -17.14 -9.17 74.41
C ILE D 373 -15.79 -8.77 73.82
N ALA D 374 -15.03 -7.95 74.55
CA ALA D 374 -13.85 -7.34 73.99
C ALA D 374 -12.79 -8.38 73.66
N VAL D 375 -12.64 -9.41 74.52
CA VAL D 375 -11.62 -10.42 74.28
C VAL D 375 -11.86 -11.19 73.00
N PRO D 376 -13.03 -11.80 72.77
CA PRO D 376 -13.29 -12.47 71.48
C PRO D 376 -13.14 -11.57 70.26
N VAL D 377 -13.59 -10.31 70.33
CA VAL D 377 -13.46 -9.44 69.17
C VAL D 377 -12.00 -9.29 68.80
N SER D 378 -11.13 -9.07 69.79
CA SER D 378 -9.70 -8.97 69.52
C SER D 378 -9.15 -10.26 68.93
N ILE D 379 -9.43 -11.38 69.58
CA ILE D 379 -8.77 -12.62 69.17
C ILE D 379 -9.23 -13.03 67.78
N VAL D 380 -10.55 -13.11 67.58
CA VAL D 380 -11.05 -13.48 66.25
C VAL D 380 -10.54 -12.49 65.19
N GLY D 381 -10.53 -11.19 65.51
CA GLY D 381 -10.06 -10.22 64.54
C GLY D 381 -8.59 -10.37 64.18
N THR D 382 -7.78 -10.90 65.08
CA THR D 382 -6.38 -11.12 64.74
C THR D 382 -6.23 -11.92 63.44
N PHE D 383 -7.19 -12.81 63.17
CA PHE D 383 -7.09 -13.67 62.00
C PHE D 383 -7.05 -12.85 60.70
N SER D 384 -7.78 -11.74 60.63
CA SER D 384 -7.80 -10.98 59.38
C SER D 384 -6.42 -10.39 59.07
N LEU D 385 -5.78 -9.77 60.05
CA LEU D 385 -4.45 -9.24 59.74
C LEU D 385 -3.46 -10.38 59.51
N LEU D 386 -3.65 -11.50 60.20
CA LEU D 386 -2.83 -12.68 59.95
C LEU D 386 -2.94 -13.11 58.50
N LEU D 387 -4.16 -13.12 57.95
CA LEU D 387 -4.33 -13.40 56.53
C LEU D 387 -3.59 -12.38 55.68
N LEU D 388 -3.74 -11.11 56.02
CA LEU D 388 -3.17 -10.04 55.18
C LEU D 388 -1.66 -10.13 55.11
N PHE D 389 -0.99 -10.52 56.18
CA PHE D 389 0.45 -10.65 56.14
C PHE D 389 0.89 -12.03 55.69
N GLY D 390 -0.05 -12.84 55.20
CA GLY D 390 0.31 -14.16 54.71
C GLY D 390 0.94 -15.06 55.76
N TYR D 391 0.38 -15.10 56.94
CA TYR D 391 0.72 -16.13 57.91
C TYR D 391 -0.33 -17.22 57.83
N SER D 392 -0.32 -18.13 58.81
CA SER D 392 -1.23 -19.26 58.76
C SER D 392 -1.59 -19.74 60.16
N ILE D 393 -2.65 -20.53 60.21
CA ILE D 393 -3.04 -21.25 61.42
C ILE D 393 -2.19 -22.50 61.54
N ASN D 394 -1.08 -22.41 62.26
CA ASN D 394 -0.22 -23.53 62.62
C ASN D 394 -0.15 -23.64 64.14
N ALA D 395 0.58 -24.66 64.61
CA ALA D 395 0.67 -24.88 66.05
C ALA D 395 1.37 -23.72 66.73
N LEU D 396 2.43 -23.19 66.11
CA LEU D 396 3.11 -22.06 66.72
C LEU D 396 2.21 -20.84 66.78
N SER D 397 1.47 -20.54 65.71
CA SER D 397 0.66 -19.32 65.75
C SER D 397 -0.53 -19.47 66.72
N LEU D 398 -1.11 -20.68 66.84
CA LEU D 398 -2.14 -20.87 67.86
C LEU D 398 -1.58 -20.70 69.27
N PHE D 399 -0.33 -21.10 69.50
CA PHE D 399 0.27 -20.80 70.79
C PHE D 399 0.42 -19.30 70.97
N GLY D 400 0.77 -18.60 69.90
CA GLY D 400 0.81 -17.15 69.98
C GLY D 400 -0.51 -16.59 70.46
N MET D 401 -1.61 -17.11 69.93
CA MET D 401 -2.91 -16.61 70.33
C MET D 401 -3.22 -16.92 71.79
N VAL D 402 -2.86 -18.12 72.26
CA VAL D 402 -3.15 -18.42 73.65
C VAL D 402 -2.39 -17.48 74.58
N LEU D 403 -1.12 -17.17 74.27
CA LEU D 403 -0.38 -16.22 75.09
C LEU D 403 -0.97 -14.82 74.98
N ALA D 404 -1.43 -14.45 73.79
CA ALA D 404 -1.97 -13.12 73.57
C ALA D 404 -3.22 -12.88 74.40
N ILE D 405 -4.00 -13.93 74.65
CA ILE D 405 -5.20 -13.78 75.45
C ILE D 405 -4.88 -13.03 76.74
N GLY D 406 -3.69 -13.22 77.29
CA GLY D 406 -3.33 -12.48 78.50
C GLY D 406 -3.31 -10.99 78.32
N ILE D 407 -2.66 -10.51 77.25
CA ILE D 407 -2.62 -9.07 77.01
C ILE D 407 -4.02 -8.54 76.73
N VAL D 408 -4.84 -9.31 76.02
CA VAL D 408 -6.19 -8.86 75.67
C VAL D 408 -7.09 -8.78 76.90
N VAL D 409 -7.07 -9.81 77.76
CA VAL D 409 -7.88 -9.77 78.99
C VAL D 409 -7.40 -8.64 79.90
N ASP D 410 -6.07 -8.47 80.01
CA ASP D 410 -5.58 -7.39 80.84
C ASP D 410 -6.05 -6.06 80.32
N ASP D 411 -6.01 -5.86 79.02
CA ASP D 411 -6.48 -4.61 78.45
C ASP D 411 -7.93 -4.34 78.84
N ALA D 412 -8.79 -5.35 78.64
CA ALA D 412 -10.20 -5.17 78.97
C ALA D 412 -10.35 -4.86 80.44
N ILE D 413 -9.59 -5.57 81.29
CA ILE D 413 -9.63 -5.30 82.70
C ILE D 413 -9.23 -3.86 82.99
N VAL D 414 -8.16 -3.38 82.33
CA VAL D 414 -7.64 -2.06 82.66
C VAL D 414 -8.70 -0.98 82.41
N VAL D 415 -9.33 -1.04 81.23
CA VAL D 415 -10.37 -0.06 80.90
C VAL D 415 -11.56 -0.18 81.87
N VAL D 416 -12.08 -1.40 82.05
CA VAL D 416 -13.34 -1.52 82.77
C VAL D 416 -13.15 -1.17 84.24
N GLU D 417 -12.00 -1.52 84.82
CA GLU D 417 -11.73 -1.13 86.21
C GLU D 417 -11.54 0.38 86.32
N ASN D 418 -10.89 1.02 85.35
CA ASN D 418 -10.74 2.46 85.50
C ASN D 418 -12.10 3.14 85.50
N VAL D 419 -13.00 2.73 84.60
CA VAL D 419 -14.33 3.32 84.57
C VAL D 419 -15.07 3.05 85.88
N GLU D 420 -15.05 1.81 86.37
CA GLU D 420 -15.77 1.49 87.59
C GLU D 420 -15.19 2.24 88.79
N ARG D 421 -13.87 2.41 88.83
CA ARG D 421 -13.27 3.16 89.92
C ARG D 421 -13.72 4.62 89.88
N ASN D 422 -13.71 5.24 88.70
CA ASN D 422 -14.21 6.61 88.65
C ASN D 422 -15.67 6.67 89.10
N ILE D 423 -16.44 5.65 88.74
CA ILE D 423 -17.84 5.59 89.15
C ILE D 423 -17.96 5.54 90.66
N GLU D 424 -17.10 4.76 91.31
CA GLU D 424 -17.11 4.61 92.76
C GLU D 424 -16.79 5.91 93.48
N ASN D 425 -16.24 6.90 92.77
CA ASN D 425 -16.11 8.25 93.27
C ASN D 425 -17.41 9.04 93.18
N GLY D 426 -18.52 8.36 92.92
CA GLY D 426 -19.81 8.99 92.82
C GLY D 426 -20.14 9.60 91.48
N LEU D 427 -19.29 9.46 90.48
CA LEU D 427 -19.63 9.93 89.15
C LEU D 427 -20.60 8.94 88.50
N THR D 428 -21.32 9.40 87.47
CA THR D 428 -22.18 8.51 86.71
C THR D 428 -21.38 7.96 85.52
N ALA D 429 -21.95 6.93 84.89
CA ALA D 429 -21.23 6.14 83.91
C ALA D 429 -20.58 7.00 82.83
N ARG D 430 -21.33 7.90 82.20
CA ARG D 430 -20.75 8.70 81.12
C ARG D 430 -19.58 9.55 81.59
N ALA D 431 -19.74 10.25 82.72
CA ALA D 431 -18.68 11.13 83.19
C ALA D 431 -17.44 10.34 83.62
N ALA D 432 -17.66 9.21 84.30
CA ALA D 432 -16.56 8.36 84.73
C ALA D 432 -15.86 7.73 83.54
N THR D 433 -16.61 7.36 82.49
CA THR D 433 -16.02 6.81 81.28
C THR D 433 -15.13 7.84 80.59
N TYR D 434 -15.62 9.07 80.44
CA TYR D 434 -14.77 10.12 79.89
C TYR D 434 -13.50 10.28 80.72
N LYS D 435 -13.66 10.37 82.04
CA LYS D 435 -12.50 10.60 82.88
C LYS D 435 -11.51 9.45 82.79
N ALA D 436 -12.02 8.22 82.84
CA ALA D 436 -11.15 7.04 82.79
C ALA D 436 -10.39 6.97 81.49
N MET D 437 -11.09 7.22 80.38
CA MET D 437 -10.43 7.16 79.08
C MET D 437 -9.44 8.29 78.93
N GLN D 438 -9.71 9.46 79.50
CA GLN D 438 -8.71 10.51 79.54
C GLN D 438 -7.49 10.07 80.34
N GLU D 439 -7.71 9.28 81.39
CA GLU D 439 -6.61 8.78 82.20
C GLU D 439 -5.76 7.75 81.46
N VAL D 440 -6.36 6.90 80.64
CA VAL D 440 -5.66 5.74 80.11
C VAL D 440 -5.41 5.77 78.60
N SER D 441 -6.11 6.60 77.83
CA SER D 441 -6.14 6.44 76.37
C SER D 441 -4.79 6.64 75.71
N GLY D 442 -4.02 7.63 76.16
CA GLY D 442 -2.68 7.85 75.67
C GLY D 442 -1.73 6.73 76.02
N PRO D 443 -1.63 6.40 77.31
CA PRO D 443 -0.82 5.26 77.70
C PRO D 443 -1.21 4.00 76.97
N ILE D 444 -2.48 3.81 76.64
CA ILE D 444 -2.84 2.59 75.92
C ILE D 444 -2.14 2.54 74.58
N ILE D 445 -2.15 3.66 73.86
CA ILE D 445 -1.46 3.75 72.57
C ILE D 445 0.05 3.55 72.74
N ALA D 446 0.64 4.24 73.70
CA ALA D 446 2.07 4.03 73.92
C ALA D 446 2.35 2.59 74.34
N ILE D 447 1.41 1.95 75.05
CA ILE D 447 1.58 0.56 75.50
C ILE D 447 1.56 -0.38 74.31
N ALA D 448 0.65 -0.16 73.37
CA ALA D 448 0.65 -0.91 72.13
C ALA D 448 1.98 -0.75 71.42
N LEU D 449 2.47 0.49 71.31
CA LEU D 449 3.75 0.70 70.66
C LEU D 449 4.89 -0.01 71.42
N THR D 450 4.86 0.00 72.75
CA THR D 450 5.95 -0.65 73.49
C THR D 450 5.90 -2.16 73.33
N LEU D 451 4.70 -2.73 73.31
CA LEU D 451 4.57 -4.16 73.09
C LEU D 451 5.04 -4.53 71.68
N VAL D 452 4.67 -3.70 70.69
CA VAL D 452 5.19 -3.91 69.34
C VAL D 452 6.71 -3.86 69.35
N ALA D 453 7.30 -2.88 70.04
CA ALA D 453 8.75 -2.80 70.10
C ALA D 453 9.35 -3.99 70.81
N VAL D 454 8.58 -4.63 71.70
CA VAL D 454 9.06 -5.85 72.33
C VAL D 454 9.09 -6.99 71.33
N PHE D 455 8.01 -7.18 70.61
CA PHE D 455 7.74 -8.43 69.91
C PHE D 455 8.15 -8.42 68.44
N VAL D 456 7.80 -7.39 67.68
CA VAL D 456 8.10 -7.35 66.25
C VAL D 456 9.57 -7.59 65.94
N PRO D 457 10.53 -7.05 66.69
CA PRO D 457 11.92 -7.45 66.45
C PRO D 457 12.14 -8.96 66.52
N LEU D 458 11.44 -9.67 67.42
CA LEU D 458 11.59 -11.13 67.46
C LEU D 458 11.20 -11.77 66.13
N ALA D 459 10.20 -11.21 65.46
CA ALA D 459 9.79 -11.77 64.18
C ALA D 459 10.88 -11.66 63.13
N PHE D 460 11.89 -10.82 63.34
CA PHE D 460 13.01 -10.67 62.41
C PHE D 460 14.27 -11.43 62.84
N MET D 461 14.17 -12.61 63.44
CA MET D 461 15.39 -13.37 63.62
C MET D 461 15.66 -14.33 62.44
N SER D 462 16.83 -14.99 62.51
CA SER D 462 17.36 -15.83 61.44
C SER D 462 17.33 -17.31 61.84
N GLY D 463 17.03 -18.16 60.86
CA GLY D 463 17.08 -19.57 61.06
C GLY D 463 15.79 -20.14 61.64
N LEU D 464 15.92 -21.33 62.21
CA LEU D 464 14.75 -22.02 62.73
C LEU D 464 14.17 -21.29 63.93
N THR D 465 15.06 -20.80 64.81
CA THR D 465 14.60 -19.96 65.92
C THR D 465 13.83 -18.78 65.37
N GLY D 466 14.37 -18.13 64.33
CA GLY D 466 13.66 -17.04 63.70
C GLY D 466 12.30 -17.46 63.19
N GLN D 467 12.21 -18.67 62.62
CA GLN D 467 10.96 -19.10 62.00
C GLN D 467 9.87 -19.35 63.02
N PHE D 468 10.26 -19.78 64.22
CA PHE D 468 9.28 -19.97 65.31
C PHE D 468 8.83 -18.63 65.90
N TYR D 469 9.81 -17.76 66.19
CA TYR D 469 9.47 -16.44 66.74
C TYR D 469 8.62 -15.63 65.78
N LYS D 470 8.88 -15.73 64.47
CA LYS D 470 8.05 -15.04 63.49
C LYS D 470 6.58 -15.32 63.78
N GLN D 471 6.23 -16.59 64.01
CA GLN D 471 4.84 -16.98 64.27
C GLN D 471 4.33 -16.36 65.56
N PHE D 472 5.09 -16.60 66.65
CA PHE D 472 4.71 -16.08 67.97
C PHE D 472 4.47 -14.57 67.93
N ALA D 473 5.52 -13.84 67.55
CA ALA D 473 5.56 -12.39 67.63
C ALA D 473 4.53 -11.75 66.72
N MET D 474 4.38 -12.24 65.49
CA MET D 474 3.37 -11.61 64.64
C MET D 474 1.99 -11.76 65.25
N THR D 475 1.67 -12.95 65.77
CA THR D 475 0.34 -13.11 66.35
C THR D 475 0.14 -12.16 67.53
N ILE D 476 1.10 -12.11 68.43
CA ILE D 476 0.93 -11.26 69.60
C ILE D 476 0.83 -9.81 69.19
N ALA D 477 1.68 -9.36 68.26
CA ALA D 477 1.66 -7.98 67.84
C ALA D 477 0.30 -7.61 67.23
N ILE D 478 -0.22 -8.47 66.35
CA ILE D 478 -1.50 -8.19 65.73
C ILE D 478 -2.59 -8.10 66.77
N SER D 479 -2.68 -9.11 67.63
CA SER D 479 -3.75 -9.09 68.63
C SER D 479 -3.60 -7.89 69.57
N THR D 480 -2.36 -7.51 69.89
CA THR D 480 -2.14 -6.34 70.73
C THR D 480 -2.68 -5.07 70.09
N VAL D 481 -2.34 -4.83 68.83
CA VAL D 481 -2.85 -3.62 68.16
C VAL D 481 -4.36 -3.66 68.08
N ILE D 482 -4.93 -4.81 67.70
CA ILE D 482 -6.38 -4.88 67.56
C ILE D 482 -7.03 -4.60 68.92
N SER D 483 -6.48 -5.20 69.99
CA SER D 483 -7.00 -5.01 71.34
C SER D 483 -6.94 -3.55 71.77
N ALA D 484 -5.83 -2.87 71.49
CA ALA D 484 -5.73 -1.45 71.79
C ALA D 484 -6.85 -0.68 71.12
N PHE D 485 -7.05 -0.92 69.84
CA PHE D 485 -8.11 -0.18 69.14
C PHE D 485 -9.46 -0.46 69.78
N ASN D 486 -9.68 -1.70 70.23
CA ASN D 486 -10.93 -1.99 70.95
C ASN D 486 -11.00 -1.31 72.33
N SER D 487 -9.87 -1.18 73.01
CA SER D 487 -9.80 -0.53 74.30
C SER D 487 -10.06 0.97 74.22
N LEU D 488 -9.84 1.59 73.07
CA LEU D 488 -10.18 3.01 72.92
C LEU D 488 -11.56 3.25 72.32
N THR D 489 -12.21 2.25 71.72
CA THR D 489 -13.51 2.50 71.12
C THR D 489 -14.62 1.71 71.81
N LEU D 490 -14.56 0.37 71.82
CA LEU D 490 -15.70 -0.46 72.19
C LEU D 490 -15.82 -0.66 73.70
N SER D 491 -14.71 -0.97 74.37
CA SER D 491 -14.78 -1.17 75.82
C SER D 491 -15.32 0.06 76.54
N PRO D 492 -14.82 1.28 76.30
CA PRO D 492 -15.42 2.45 76.98
C PRO D 492 -16.84 2.74 76.56
N ALA D 493 -17.20 2.61 75.27
CA ALA D 493 -18.59 2.84 74.90
C ALA D 493 -19.51 1.84 75.57
N LEU D 494 -19.10 0.58 75.59
CA LEU D 494 -19.86 -0.45 76.28
C LEU D 494 -19.98 -0.16 77.76
N SER D 495 -18.89 0.25 78.42
CA SER D 495 -18.97 0.41 79.87
C SER D 495 -19.76 1.65 80.27
N ALA D 496 -19.70 2.71 79.48
CA ALA D 496 -20.57 3.85 79.75
C ALA D 496 -22.04 3.45 79.56
N ILE D 497 -22.33 2.59 78.58
CA ILE D 497 -23.70 2.16 78.36
C ILE D 497 -24.13 0.98 79.24
N LEU D 498 -23.21 0.36 79.99
CA LEU D 498 -23.48 -0.86 80.76
C LEU D 498 -23.32 -0.70 82.26
N LEU D 499 -22.44 0.19 82.71
CA LEU D 499 -22.11 0.41 84.12
C LEU D 499 -22.94 1.51 84.82
N LYS D 500 -24.13 1.87 84.34
CA LYS D 500 -24.73 3.13 84.81
C LYS D 500 -25.32 3.00 86.20
N GLY D 501 -24.83 3.85 87.11
CA GLY D 501 -25.46 4.13 88.38
C GLY D 501 -25.30 3.09 89.47
N HIS D 502 -24.68 3.43 90.60
CA HIS D 502 -24.67 2.51 91.73
C HIS D 502 -26.05 2.43 92.35
N GLY D 503 -26.48 1.20 92.64
CA GLY D 503 -27.86 0.97 93.05
C GLY D 503 -28.77 1.32 91.89
N ASP D 504 -29.60 2.35 92.08
CA ASP D 504 -30.39 2.99 91.03
C ASP D 504 -31.42 2.14 90.30
N LYS D 505 -31.39 0.83 90.47
CA LYS D 505 -32.36 -0.08 89.85
C LYS D 505 -31.99 -1.50 90.26
N GLU D 506 -32.98 -2.38 90.19
CA GLU D 506 -32.84 -3.74 90.70
C GLU D 506 -33.29 -4.76 89.65
N ASP D 507 -32.39 -5.12 88.74
CA ASP D 507 -32.74 -6.14 87.77
C ASP D 507 -32.81 -7.50 88.50
N TRP D 508 -32.92 -8.57 87.74
CA TRP D 508 -33.09 -9.88 88.36
C TRP D 508 -31.76 -10.49 88.74
N LEU D 509 -30.77 -10.34 87.86
CA LEU D 509 -29.53 -11.03 88.04
C LEU D 509 -28.68 -10.37 89.11
N THR D 510 -28.71 -9.03 89.22
CA THR D 510 -27.97 -8.41 90.32
C THR D 510 -28.55 -8.85 91.65
N ARG D 511 -29.88 -8.95 91.74
CA ARG D 511 -30.48 -9.36 93.01
C ARG D 511 -30.10 -10.78 93.36
N VAL D 512 -30.13 -11.70 92.40
CA VAL D 512 -29.78 -13.08 92.72
C VAL D 512 -28.30 -13.17 93.08
N MET D 513 -27.44 -12.40 92.37
CA MET D 513 -26.02 -12.40 92.69
C MET D 513 -25.77 -11.90 94.10
N ASN D 514 -26.48 -10.84 94.51
CA ASN D 514 -26.34 -10.36 95.89
C ASN D 514 -26.89 -11.36 96.89
N ARG D 515 -28.07 -11.92 96.60
CA ARG D 515 -28.65 -12.90 97.50
C ARG D 515 -27.67 -14.04 97.79
N VAL D 516 -26.99 -14.54 96.75
CA VAL D 516 -26.14 -15.68 96.98
C VAL D 516 -24.74 -15.29 97.44
N LEU D 517 -24.23 -14.13 97.04
CA LEU D 517 -22.82 -13.80 97.25
C LEU D 517 -22.58 -12.60 98.14
N GLY D 518 -23.59 -12.12 98.86
CA GLY D 518 -23.37 -10.94 99.69
C GLY D 518 -22.38 -11.21 100.80
N GLY D 519 -22.48 -12.39 101.41
CA GLY D 519 -21.54 -12.75 102.45
C GLY D 519 -20.12 -12.82 101.92
N PHE D 520 -19.95 -13.51 100.77
CA PHE D 520 -18.60 -13.61 100.20
C PHE D 520 -18.07 -12.25 99.83
N PHE D 521 -18.93 -11.40 99.26
CA PHE D 521 -18.51 -10.06 98.87
C PHE D 521 -18.00 -9.31 100.09
N ARG D 522 -18.76 -9.35 101.19
CA ARG D 522 -18.36 -8.60 102.38
C ARG D 522 -17.04 -9.12 102.93
N GLY D 523 -16.89 -10.44 102.98
CA GLY D 523 -15.64 -10.98 103.49
C GLY D 523 -14.46 -10.60 102.62
N PHE D 524 -14.61 -10.78 101.29
CA PHE D 524 -13.54 -10.45 100.37
C PHE D 524 -13.19 -8.97 100.46
N ASN D 525 -14.20 -8.11 100.56
CA ASN D 525 -13.91 -6.69 100.65
C ASN D 525 -13.12 -6.40 101.92
N LYS D 526 -13.48 -7.07 103.02
CA LYS D 526 -12.78 -6.89 104.28
C LYS D 526 -11.31 -7.26 104.14
N VAL D 527 -11.04 -8.45 103.59
CA VAL D 527 -9.64 -8.88 103.50
C VAL D 527 -8.88 -8.02 102.51
N PHE D 528 -9.54 -7.57 101.43
CA PHE D 528 -8.86 -6.75 100.46
C PHE D 528 -8.48 -5.39 101.05
N HIS D 529 -9.35 -4.84 101.91
CA HIS D 529 -9.01 -3.61 102.64
C HIS D 529 -7.80 -3.84 103.55
N ARG D 530 -7.82 -4.94 104.29
CA ARG D 530 -6.68 -5.36 105.10
C ARG D 530 -5.40 -5.29 104.27
N GLY D 531 -5.39 -6.04 103.17
CA GLY D 531 -4.19 -6.16 102.38
C GLY D 531 -3.79 -4.86 101.73
N ALA D 532 -4.75 -4.13 101.16
CA ALA D 532 -4.45 -2.90 100.44
C ALA D 532 -3.78 -1.89 101.33
N GLU D 533 -4.27 -1.71 102.56
CA GLU D 533 -3.59 -0.74 103.42
C GLU D 533 -2.24 -1.26 103.86
N ASN D 534 -2.10 -2.57 104.11
CA ASN D 534 -0.75 -3.04 104.34
C ASN D 534 0.16 -2.71 103.16
N TYR D 535 -0.35 -2.82 101.94
CA TYR D 535 0.46 -2.46 100.77
C TYR D 535 0.88 -1.00 100.83
N GLY D 536 -0.05 -0.12 101.20
CA GLY D 536 0.30 1.29 101.35
C GLY D 536 1.38 1.54 102.39
N ARG D 537 1.24 0.86 103.55
CA ARG D 537 2.31 0.92 104.55
C ARG D 537 3.63 0.50 103.93
N GLY D 538 3.61 -0.63 103.21
CA GLY D 538 4.83 -1.18 102.64
C GLY D 538 5.46 -0.27 101.61
N VAL D 539 4.64 0.36 100.76
CA VAL D 539 5.20 1.25 99.76
C VAL D 539 5.89 2.42 100.44
N ARG D 540 5.26 2.99 101.50
CA ARG D 540 5.91 4.08 102.24
C ARG D 540 7.20 3.63 102.90
N GLY D 541 7.20 2.40 103.42
CA GLY D 541 8.42 1.87 103.99
C GLY D 541 9.53 1.75 102.97
N VAL D 542 9.22 1.16 101.81
CA VAL D 542 10.27 0.98 100.81
C VAL D 542 10.74 2.34 100.30
N LEU D 543 9.84 3.31 100.15
CA LEU D 543 10.31 4.62 99.72
C LEU D 543 11.22 5.25 100.74
N SER D 544 11.04 4.93 102.03
CA SER D 544 11.94 5.50 103.02
C SER D 544 13.36 4.93 102.89
N ARG D 545 13.48 3.60 102.80
CA ARG D 545 14.79 2.94 102.69
C ARG D 545 15.15 2.69 101.22
N LYS D 546 15.11 3.77 100.44
CA LYS D 546 15.27 3.69 98.98
C LYS D 546 16.63 3.10 98.57
N ALA D 547 17.70 3.49 99.26
CA ALA D 547 19.02 2.98 98.91
C ALA D 547 19.12 1.48 99.17
N VAL D 548 18.52 1.02 100.27
CA VAL D 548 18.43 -0.41 100.54
C VAL D 548 17.72 -1.12 99.38
N MET D 549 16.64 -0.52 98.88
CA MET D 549 15.92 -1.10 97.76
C MET D 549 16.80 -1.20 96.52
N LEU D 550 17.54 -0.12 96.21
CA LEU D 550 18.40 -0.15 95.02
C LEU D 550 19.49 -1.22 95.13
N GLY D 551 20.10 -1.36 96.32
CA GLY D 551 21.08 -2.40 96.49
C GLY D 551 20.48 -3.77 96.28
N LEU D 552 19.34 -4.01 96.91
CA LEU D 552 18.65 -5.27 96.72
C LEU D 552 18.33 -5.51 95.25
N TYR D 553 18.05 -4.44 94.52
CA TYR D 553 17.77 -4.59 93.09
C TYR D 553 18.99 -5.10 92.36
N LEU D 554 20.16 -4.58 92.73
CA LEU D 554 21.37 -5.06 92.09
C LEU D 554 21.60 -6.54 92.38
N VAL D 555 21.33 -6.94 93.62
CA VAL D 555 21.40 -8.37 93.95
C VAL D 555 20.46 -9.18 93.05
N LEU D 556 19.22 -8.70 92.89
CA LEU D 556 18.25 -9.48 92.12
C LEU D 556 18.63 -9.53 90.63
N VAL D 557 19.24 -8.47 90.12
CA VAL D 557 19.75 -8.49 88.74
C VAL D 557 20.85 -9.54 88.62
N GLY D 558 21.74 -9.58 89.60
CA GLY D 558 22.76 -10.63 89.62
C GLY D 558 22.15 -12.02 89.63
N ALA D 559 21.13 -12.22 90.47
CA ALA D 559 20.43 -13.50 90.49
C ALA D 559 19.81 -13.79 89.14
N THR D 560 19.34 -12.77 88.44
CA THR D 560 18.76 -12.96 87.11
C THR D 560 19.79 -13.48 86.14
N LEU D 561 20.99 -12.89 86.13
CA LEU D 561 22.04 -13.44 85.29
C LEU D 561 22.38 -14.87 85.68
N MET D 562 22.53 -15.12 86.98
CA MET D 562 22.93 -16.45 87.43
C MET D 562 21.91 -17.50 87.02
N VAL D 563 20.62 -17.23 87.25
CA VAL D 563 19.58 -18.19 86.92
C VAL D 563 19.42 -18.33 85.42
N SER D 564 19.69 -17.25 84.67
CA SER D 564 19.62 -17.40 83.22
C SER D 564 20.65 -18.40 82.74
N LYS D 565 21.87 -18.34 83.30
CA LYS D 565 22.88 -19.30 82.85
C LYS D 565 22.80 -20.64 83.55
N ILE D 566 22.07 -20.75 84.66
CA ILE D 566 21.93 -22.04 85.34
C ILE D 566 20.79 -22.86 84.75
N VAL D 567 19.73 -22.23 84.28
CA VAL D 567 18.67 -23.02 83.65
C VAL D 567 19.14 -23.45 82.27
N PRO D 568 19.07 -24.74 81.94
CA PRO D 568 19.59 -25.19 80.64
C PRO D 568 18.67 -24.80 79.51
N GLY D 569 19.27 -24.35 78.41
CA GLY D 569 18.50 -23.96 77.26
C GLY D 569 17.93 -25.16 76.53
N GLY D 570 16.90 -24.89 75.72
CA GLY D 570 16.23 -25.93 74.96
C GLY D 570 15.67 -25.34 73.69
N PHE D 571 15.12 -26.20 72.84
CA PHE D 571 14.57 -25.63 71.62
C PHE D 571 13.13 -26.03 71.37
N VAL D 572 12.88 -27.29 71.06
CA VAL D 572 11.54 -27.75 70.77
C VAL D 572 11.39 -29.05 71.57
N PRO D 573 10.56 -29.09 72.59
CA PRO D 573 10.54 -30.26 73.48
C PRO D 573 10.06 -31.51 72.74
N ALA D 574 10.23 -32.65 73.38
CA ALA D 574 9.86 -33.91 72.77
C ALA D 574 8.35 -34.05 72.82
N GLN D 575 7.74 -34.31 71.68
CA GLN D 575 6.31 -34.55 71.69
C GLN D 575 6.03 -35.93 71.12
N ASP D 576 5.13 -36.65 71.78
CA ASP D 576 4.59 -37.92 71.27
C ASP D 576 3.80 -37.72 69.99
N LYS D 577 4.34 -38.14 68.86
CA LYS D 577 3.70 -37.98 67.55
C LYS D 577 2.91 -39.20 67.09
N GLU D 578 2.65 -40.14 68.00
CA GLU D 578 1.75 -41.27 67.79
C GLU D 578 2.34 -42.38 66.90
N TYR D 579 3.67 -42.44 66.79
CA TYR D 579 4.31 -43.57 66.12
C TYR D 579 5.78 -43.63 66.55
N LEU D 580 6.38 -44.80 66.36
CA LEU D 580 7.80 -45.04 66.54
C LEU D 580 8.40 -45.56 65.23
N ILE D 581 9.73 -45.42 65.10
CA ILE D 581 10.44 -45.90 63.92
C ILE D 581 11.41 -46.97 64.40
N ALA D 582 11.16 -48.21 64.04
CA ALA D 582 12.10 -49.28 64.30
C ALA D 582 12.97 -49.53 63.07
N PHE D 583 14.28 -49.59 63.27
CA PHE D 583 15.18 -49.91 62.19
C PHE D 583 15.74 -51.31 62.38
N ALA D 584 15.87 -52.01 61.26
CA ALA D 584 16.52 -53.30 61.20
C ALA D 584 17.66 -53.24 60.19
N GLN D 585 18.86 -53.60 60.63
CA GLN D 585 19.99 -53.78 59.75
C GLN D 585 20.54 -55.19 59.94
N LEU D 586 20.51 -55.97 58.86
CA LEU D 586 20.95 -57.36 58.84
C LEU D 586 22.46 -57.40 58.59
N PRO D 587 23.10 -58.58 58.54
CA PRO D 587 24.51 -58.62 58.13
C PRO D 587 24.69 -58.17 56.69
N ASN D 588 25.86 -57.63 56.38
CA ASN D 588 26.06 -56.98 55.08
C ASN D 588 25.68 -57.90 53.93
N GLY D 589 24.87 -57.39 53.01
CA GLY D 589 24.53 -58.20 51.86
C GLY D 589 23.49 -59.27 52.07
N ALA D 590 22.85 -59.33 53.24
CA ALA D 590 21.80 -60.33 53.41
C ALA D 590 20.73 -60.14 52.36
N SER D 591 20.04 -61.21 52.02
CA SER D 591 19.04 -61.09 50.96
C SER D 591 17.76 -60.37 51.45
N LEU D 592 17.08 -59.73 50.49
CA LEU D 592 15.83 -59.06 50.82
C LEU D 592 14.78 -60.04 51.37
N ASP D 593 14.88 -61.32 51.02
CA ASP D 593 13.93 -62.25 51.62
C ASP D 593 14.23 -62.46 53.10
N ARG D 594 15.51 -62.57 53.46
CA ARG D 594 15.83 -62.64 54.88
C ARG D 594 15.42 -61.36 55.61
N THR D 595 15.64 -60.19 55.01
CA THR D 595 15.18 -58.98 55.67
C THR D 595 13.66 -58.99 55.81
N GLU D 596 12.93 -59.47 54.80
CA GLU D 596 11.47 -59.49 54.93
C GLU D 596 11.06 -60.43 56.07
N LYS D 597 11.82 -61.51 56.30
CA LYS D 597 11.50 -62.33 57.47
C LYS D 597 11.75 -61.57 58.76
N VAL D 598 12.85 -60.82 58.85
CA VAL D 598 13.10 -60.07 60.09
C VAL D 598 12.01 -59.03 60.31
N ILE D 599 11.65 -58.33 59.24
CA ILE D 599 10.64 -57.27 59.28
C ILE D 599 9.28 -57.84 59.67
N ARG D 600 8.90 -59.00 59.12
CA ARG D 600 7.64 -59.62 59.52
C ARG D 600 7.67 -60.01 60.99
N ASP D 601 8.80 -60.54 61.47
CA ASP D 601 8.87 -60.85 62.89
C ASP D 601 8.69 -59.59 63.73
N MET D 602 9.33 -58.50 63.34
CA MET D 602 9.16 -57.24 64.07
C MET D 602 7.71 -56.77 64.06
N GLY D 603 7.04 -56.84 62.90
CA GLY D 603 5.66 -56.44 62.84
C GLY D 603 4.79 -57.22 63.79
N ALA D 604 4.95 -58.54 63.82
CA ALA D 604 4.13 -59.35 64.72
C ALA D 604 4.41 -59.03 66.18
N ILE D 605 5.69 -58.89 66.54
CA ILE D 605 6.03 -58.54 67.92
C ILE D 605 5.40 -57.21 68.31
N ALA D 606 5.48 -56.21 67.42
CA ALA D 606 4.90 -54.91 67.72
C ALA D 606 3.39 -55.02 67.87
N LEU D 607 2.73 -55.77 66.98
CA LEU D 607 1.28 -55.90 67.06
C LEU D 607 0.84 -56.56 68.36
N LYS D 608 1.72 -57.35 68.99
CA LYS D 608 1.39 -57.87 70.31
C LYS D 608 1.69 -56.88 71.44
N GLN D 609 2.42 -55.80 71.19
CA GLN D 609 2.74 -54.85 72.27
C GLN D 609 1.52 -54.01 72.61
N PRO D 610 1.13 -53.92 73.88
CA PRO D 610 -0.02 -53.08 74.24
C PRO D 610 0.33 -51.61 74.07
N GLY D 611 -0.56 -50.89 73.39
CA GLY D 611 -0.35 -49.51 73.02
C GLY D 611 -0.13 -49.31 71.54
N VAL D 612 0.11 -50.39 70.79
CA VAL D 612 0.46 -50.37 69.38
C VAL D 612 -0.78 -50.39 68.52
N GLU D 613 -0.80 -49.58 67.47
CA GLU D 613 -1.95 -49.71 66.60
C GLU D 613 -1.62 -50.47 65.33
N SER D 614 -0.55 -50.10 64.64
CA SER D 614 -0.25 -50.75 63.37
C SER D 614 1.26 -50.87 63.17
N ALA D 615 1.63 -51.83 62.33
CA ALA D 615 3.01 -52.07 61.92
C ALA D 615 3.09 -51.83 60.41
N VAL D 616 3.62 -50.66 60.03
CA VAL D 616 3.75 -50.26 58.65
C VAL D 616 5.17 -50.62 58.23
N ALA D 617 5.34 -51.68 57.42
CA ALA D 617 6.65 -52.28 57.20
C ALA D 617 7.19 -52.03 55.79
N PHE D 618 8.50 -51.84 55.71
CA PHE D 618 9.21 -51.70 54.44
C PHE D 618 10.51 -52.53 54.49
N PRO D 619 10.46 -53.79 54.07
CA PRO D 619 11.71 -54.50 53.81
C PRO D 619 12.44 -53.81 52.68
N GLY D 620 13.70 -53.52 52.89
CA GLY D 620 14.49 -52.89 51.86
C GLY D 620 14.67 -51.42 52.02
N LEU D 621 13.97 -50.78 52.94
CA LEU D 621 14.08 -49.34 53.08
C LEU D 621 15.24 -49.01 54.01
N SER D 622 16.15 -48.17 53.52
CA SER D 622 17.31 -47.76 54.30
C SER D 622 16.99 -46.46 55.06
N VAL D 623 17.52 -46.37 56.28
CA VAL D 623 17.42 -45.12 57.02
C VAL D 623 18.20 -44.03 56.30
N ASN D 624 19.30 -44.38 55.60
CA ASN D 624 20.01 -43.37 54.84
C ASN D 624 19.23 -43.08 53.55
N GLY D 625 18.95 -41.81 53.32
CA GLY D 625 18.31 -41.29 52.11
C GLY D 625 16.92 -41.82 51.87
N PHE D 626 16.44 -42.66 52.77
CA PHE D 626 15.24 -43.45 52.54
C PHE D 626 15.27 -44.16 51.19
N THR D 627 16.44 -44.71 50.86
CA THR D 627 16.74 -45.50 49.66
C THR D 627 16.77 -47.01 49.99
N ASN D 628 17.20 -47.83 49.03
CA ASN D 628 17.03 -49.28 49.12
C ASN D 628 18.35 -49.99 49.42
N SER D 629 18.30 -50.86 50.43
CA SER D 629 19.39 -51.78 50.78
C SER D 629 18.81 -53.17 50.91
N SER D 630 19.56 -54.20 50.52
CA SER D 630 19.03 -55.55 50.67
C SER D 630 18.93 -55.91 52.15
N SER D 631 19.84 -55.41 52.97
CA SER D 631 19.97 -55.84 54.36
C SER D 631 19.31 -54.91 55.37
N ALA D 632 18.62 -53.87 54.94
CA ALA D 632 18.02 -52.94 55.88
C ALA D 632 16.52 -52.81 55.62
N GLY D 633 15.80 -52.41 56.66
CA GLY D 633 14.37 -52.19 56.56
C GLY D 633 13.86 -51.36 57.72
N ILE D 634 12.64 -50.83 57.55
CA ILE D 634 12.03 -49.94 58.53
C ILE D 634 10.62 -50.43 58.83
N VAL D 635 10.27 -50.51 60.12
CA VAL D 635 8.86 -50.61 60.48
C VAL D 635 8.47 -49.41 61.33
N PHE D 636 7.58 -48.57 60.77
CA PHE D 636 6.88 -47.51 61.49
C PHE D 636 5.75 -48.14 62.33
N VAL D 637 5.89 -48.08 63.65
CA VAL D 637 4.86 -48.58 64.55
C VAL D 637 3.95 -47.42 64.94
N THR D 638 2.74 -47.41 64.39
CA THR D 638 1.76 -46.42 64.77
C THR D 638 1.10 -46.81 66.09
N LEU D 639 0.95 -45.82 66.97
CA LEU D 639 0.42 -46.00 68.31
C LEU D 639 -1.07 -45.62 68.36
N LYS D 640 -1.75 -46.16 69.37
CA LYS D 640 -3.14 -45.80 69.63
C LYS D 640 -3.25 -44.36 70.14
N PRO D 641 -4.43 -43.74 69.99
CA PRO D 641 -4.56 -42.33 70.36
C PRO D 641 -4.18 -42.10 71.80
N PHE D 642 -3.62 -40.93 72.06
CA PHE D 642 -2.97 -40.69 73.34
C PHE D 642 -3.94 -40.94 74.50
N ASP D 643 -5.20 -40.56 74.33
CA ASP D 643 -6.20 -40.74 75.38
C ASP D 643 -6.37 -42.21 75.74
N GLN D 644 -6.18 -43.12 74.78
CA GLN D 644 -6.28 -44.53 75.09
C GLN D 644 -5.05 -45.04 75.83
N ARG D 645 -3.94 -44.29 75.78
CA ARG D 645 -2.71 -44.74 76.41
C ARG D 645 -2.47 -43.97 77.70
N HIS D 646 -3.22 -44.38 78.74
CA HIS D 646 -3.06 -43.92 80.11
C HIS D 646 -2.05 -44.79 80.84
N GLY D 647 -1.12 -44.15 81.56
CA GLY D 647 -0.14 -44.93 82.27
C GLY D 647 1.28 -44.61 81.87
N LYS D 648 2.16 -44.54 82.86
CA LYS D 648 3.57 -44.32 82.58
C LYS D 648 4.12 -45.41 81.66
N ALA D 649 3.50 -46.60 81.65
CA ALA D 649 3.97 -47.72 80.85
C ALA D 649 3.40 -47.75 79.44
N LEU D 650 2.45 -46.89 79.10
CA LEU D 650 1.94 -46.85 77.73
C LEU D 650 2.43 -45.61 76.99
N SER D 651 3.44 -44.94 77.53
CA SER D 651 3.97 -43.74 76.89
C SER D 651 4.75 -44.13 75.66
N ALA D 652 5.20 -43.14 74.90
CA ALA D 652 5.90 -43.50 73.69
C ALA D 652 7.28 -44.05 74.03
N GLY D 653 7.94 -43.46 75.02
CA GLY D 653 9.22 -43.98 75.46
C GLY D 653 9.13 -45.34 76.11
N ALA D 654 8.09 -45.57 76.92
CA ALA D 654 7.93 -46.88 77.56
C ALA D 654 7.64 -47.96 76.52
N ILE D 655 6.73 -47.67 75.59
CA ILE D 655 6.48 -48.64 74.53
C ILE D 655 7.75 -48.89 73.74
N ALA D 656 8.51 -47.84 73.43
CA ALA D 656 9.75 -48.01 72.68
C ALA D 656 10.76 -48.85 73.46
N GLY D 657 10.88 -48.62 74.77
CA GLY D 657 11.77 -49.46 75.56
C GLY D 657 11.33 -50.91 75.57
N ALA D 658 10.01 -51.14 75.61
CA ALA D 658 9.51 -52.51 75.55
C ALA D 658 9.88 -53.16 74.22
N LEU D 659 9.67 -52.42 73.13
CA LEU D 659 10.00 -52.92 71.81
C LEU D 659 11.50 -53.15 71.66
N ASN D 660 12.32 -52.27 72.23
CA ASN D 660 13.77 -52.44 72.13
C ASN D 660 14.23 -53.69 72.86
N GLN D 661 13.70 -53.93 74.06
CA GLN D 661 14.05 -55.15 74.75
C GLN D 661 13.61 -56.38 73.95
N LYS D 662 12.39 -56.32 73.38
CA LYS D 662 11.87 -57.48 72.66
C LYS D 662 12.62 -57.74 71.35
N TYR D 663 12.94 -56.68 70.61
CA TYR D 663 13.68 -56.82 69.36
C TYR D 663 15.15 -57.18 69.59
N ALA D 664 15.72 -56.77 70.73
CA ALA D 664 17.12 -57.07 71.04
C ALA D 664 17.41 -58.56 71.14
N ALA D 665 16.40 -59.40 71.36
CA ALA D 665 16.58 -60.85 71.33
C ALA D 665 16.28 -61.45 69.97
N LEU D 666 16.44 -60.69 68.89
CA LEU D 666 16.39 -61.26 67.55
C LEU D 666 17.82 -61.47 67.12
N LYS D 667 18.26 -62.72 67.11
CA LYS D 667 19.67 -63.00 66.85
C LYS D 667 19.89 -63.28 65.37
N ASP D 668 19.30 -62.41 64.55
CA ASP D 668 19.44 -62.39 63.09
C ASP D 668 19.62 -60.98 62.53
N SER D 669 19.38 -59.94 63.31
CA SER D 669 19.41 -58.57 62.85
C SER D 669 19.81 -57.70 64.01
N PHE D 670 20.33 -56.51 63.71
CA PHE D 670 20.45 -55.44 64.71
C PHE D 670 19.21 -54.55 64.57
N VAL D 671 18.47 -54.37 65.67
CA VAL D 671 17.22 -53.60 65.63
C VAL D 671 17.18 -52.59 66.77
N ALA D 672 16.75 -51.36 66.47
CA ALA D 672 16.38 -50.48 67.58
C ALA D 672 15.19 -49.60 67.19
N VAL D 673 14.41 -49.24 68.22
CA VAL D 673 13.24 -48.38 68.09
C VAL D 673 13.59 -46.96 68.56
N PHE D 674 13.30 -45.97 67.72
CA PHE D 674 13.61 -44.60 68.04
C PHE D 674 12.35 -43.76 67.91
N PRO D 675 12.21 -42.70 68.71
CA PRO D 675 11.01 -41.86 68.67
C PRO D 675 11.08 -40.84 67.54
N PRO D 676 9.94 -40.39 67.02
CA PRO D 676 9.95 -39.58 65.82
C PRO D 676 10.54 -38.21 66.07
N PRO D 677 11.09 -37.56 65.03
CA PRO D 677 11.54 -36.18 65.19
C PRO D 677 10.35 -35.27 65.44
N PRO D 678 10.51 -34.23 66.25
CA PRO D 678 9.37 -33.34 66.53
C PRO D 678 8.82 -32.65 65.30
N VAL D 679 9.67 -32.19 64.37
CA VAL D 679 9.20 -31.63 63.10
C VAL D 679 9.89 -32.34 61.95
N LEU D 680 9.08 -32.97 61.10
CA LEU D 680 9.58 -33.74 59.98
C LEU D 680 10.31 -32.83 59.01
N GLY D 681 11.56 -33.16 58.73
CA GLY D 681 12.47 -32.28 58.02
C GLY D 681 13.73 -32.13 58.84
N LEU D 682 14.00 -33.14 59.68
CA LEU D 682 15.25 -33.31 60.45
C LEU D 682 15.54 -32.09 61.34
N GLY D 683 14.69 -31.94 62.36
CA GLY D 683 14.82 -30.86 63.33
C GLY D 683 15.19 -31.17 64.79
N THR D 684 16.19 -32.02 65.02
CA THR D 684 16.58 -32.44 66.38
C THR D 684 17.62 -31.51 66.98
N LEU D 685 17.25 -30.80 68.06
CA LEU D 685 18.22 -30.00 68.80
C LEU D 685 19.25 -30.91 69.46
N GLY D 686 20.41 -30.34 69.76
CA GLY D 686 21.47 -31.07 70.45
C GLY D 686 21.82 -32.34 69.73
N GLY D 687 22.10 -32.20 68.44
CA GLY D 687 22.49 -33.29 67.57
C GLY D 687 23.03 -32.72 66.28
N PHE D 688 24.24 -33.12 65.87
CA PHE D 688 24.84 -32.59 64.66
C PHE D 688 25.05 -33.72 63.66
N LYS D 689 25.33 -33.32 62.42
CA LYS D 689 25.73 -34.27 61.40
C LYS D 689 26.77 -33.60 60.51
N MET D 690 27.80 -34.35 60.14
CA MET D 690 28.85 -33.77 59.34
C MET D 690 29.33 -34.82 58.35
N GLN D 691 30.11 -34.35 57.38
CA GLN D 691 30.50 -35.13 56.22
C GLN D 691 32.01 -35.06 56.06
N ILE D 692 32.66 -36.22 56.15
CA ILE D 692 34.07 -36.36 55.81
C ILE D 692 34.15 -36.51 54.31
N GLU D 693 34.87 -35.59 53.66
CA GLU D 693 34.92 -35.46 52.20
C GLU D 693 36.30 -35.86 51.69
N ASP D 694 36.30 -36.72 50.67
CA ASP D 694 37.50 -37.07 49.90
C ASP D 694 37.67 -36.02 48.81
N ARG D 695 38.41 -34.97 49.12
CA ARG D 695 38.62 -33.94 48.10
C ARG D 695 39.85 -34.22 47.25
N GLY D 696 40.71 -35.13 47.67
CA GLY D 696 41.97 -35.35 47.00
C GLY D 696 42.16 -36.75 46.47
N ALA D 697 41.10 -37.34 45.91
CA ALA D 697 41.17 -38.64 45.26
C ALA D 697 41.82 -39.69 46.17
N VAL D 698 41.49 -39.62 47.45
CA VAL D 698 42.08 -40.52 48.43
C VAL D 698 41.56 -41.94 48.28
N GLY D 699 40.39 -42.11 47.67
CA GLY D 699 39.82 -43.43 47.46
C GLY D 699 38.85 -43.82 48.57
N TYR D 700 37.96 -44.75 48.22
CA TYR D 700 36.96 -45.22 49.19
C TYR D 700 37.62 -45.84 50.41
N ALA D 701 38.66 -46.65 50.21
CA ALA D 701 39.26 -47.37 51.32
C ALA D 701 39.96 -46.41 52.29
N ARG D 702 40.77 -45.51 51.78
CA ARG D 702 41.44 -44.57 52.67
C ARG D 702 40.46 -43.58 53.27
N LEU D 703 39.38 -43.25 52.53
CA LEU D 703 38.34 -42.39 53.08
C LEU D 703 37.68 -43.06 54.28
N ALA D 704 37.38 -44.35 54.16
CA ALA D 704 36.87 -45.09 55.31
C ALA D 704 37.88 -45.11 56.45
N ASP D 705 39.16 -45.25 56.12
CA ASP D 705 40.18 -45.23 57.16
C ASP D 705 40.18 -43.89 57.90
N ALA D 706 40.10 -42.79 57.17
CA ALA D 706 40.06 -41.47 57.80
C ALA D 706 38.81 -41.30 58.66
N THR D 707 37.65 -41.72 58.16
CA THR D 707 36.43 -41.54 58.94
C THR D 707 36.46 -42.41 60.20
N ASN D 708 36.95 -43.65 60.08
CA ASN D 708 37.00 -44.52 61.24
C ASN D 708 38.06 -44.07 62.25
N ASP D 709 39.20 -43.56 61.78
CA ASP D 709 40.18 -42.99 62.69
C ASP D 709 39.62 -41.77 63.42
N PHE D 710 38.83 -40.94 62.71
CA PHE D 710 38.21 -39.77 63.35
C PHE D 710 37.18 -40.18 64.40
N ILE D 711 36.30 -41.13 64.08
CA ILE D 711 35.32 -41.57 65.07
C ILE D 711 36.02 -42.20 66.25
N LYS D 712 37.12 -42.92 66.00
CA LYS D 712 37.84 -43.58 67.08
C LYS D 712 38.60 -42.58 67.95
N ARG D 713 39.09 -41.48 67.37
CA ARG D 713 39.76 -40.46 68.18
C ARG D 713 38.77 -39.57 68.93
N ALA D 714 37.57 -39.40 68.40
CA ALA D 714 36.62 -38.44 68.96
C ALA D 714 35.96 -38.94 70.25
N GLN D 715 35.85 -40.24 70.47
CA GLN D 715 35.30 -40.68 71.75
C GLN D 715 36.27 -40.57 72.90
N GLN D 716 37.53 -40.25 72.64
CA GLN D 716 38.48 -39.99 73.70
C GLN D 716 38.44 -38.54 74.17
N ALA D 717 37.65 -37.72 73.53
CA ALA D 717 37.49 -36.32 73.90
C ALA D 717 36.09 -36.07 74.44
N PRO D 718 35.98 -35.29 75.52
CA PRO D 718 34.66 -35.10 76.15
C PRO D 718 33.80 -34.19 75.28
N GLU D 719 32.66 -33.76 75.82
CA GLU D 719 31.65 -32.88 75.22
C GLU D 719 30.96 -33.53 74.02
N LEU D 720 31.48 -34.64 73.53
CA LEU D 720 30.86 -35.37 72.44
C LEU D 720 30.13 -36.61 72.94
N GLY D 721 29.16 -37.06 72.17
CA GLY D 721 28.41 -38.26 72.51
C GLY D 721 28.84 -39.45 71.66
N PRO D 722 27.88 -40.29 71.30
CA PRO D 722 28.19 -41.43 70.41
C PRO D 722 28.21 -40.96 68.97
N LEU D 723 29.38 -41.03 68.34
CA LEU D 723 29.53 -40.72 66.91
C LEU D 723 29.38 -42.00 66.10
N PHE D 724 28.33 -42.07 65.30
CA PHE D 724 28.15 -43.14 64.36
C PHE D 724 28.24 -42.60 62.94
N THR D 725 28.54 -43.50 62.01
CA THR D 725 28.64 -43.24 60.59
C THR D 725 27.70 -44.21 59.87
N SER D 726 27.48 -43.99 58.58
CA SER D 726 26.73 -44.95 57.79
C SER D 726 27.56 -45.47 56.63
N TYR D 727 28.82 -45.09 56.56
CA TYR D 727 29.69 -45.40 55.44
C TYR D 727 30.22 -46.83 55.57
N GLN D 728 29.87 -47.68 54.62
CA GLN D 728 30.20 -49.10 54.69
C GLN D 728 30.98 -49.50 53.45
N ILE D 729 32.22 -49.97 53.63
CA ILE D 729 32.94 -50.45 52.45
C ILE D 729 33.30 -51.91 52.58
N ASN D 730 32.63 -52.62 53.47
CA ASN D 730 32.84 -54.06 53.61
C ASN D 730 31.51 -54.80 53.56
N VAL D 731 30.72 -54.48 52.54
CA VAL D 731 29.62 -55.34 52.10
C VAL D 731 30.21 -56.35 51.12
N PRO D 732 29.87 -57.63 51.22
CA PRO D 732 30.41 -58.60 50.27
C PRO D 732 30.02 -58.27 48.85
N GLN D 733 30.96 -58.49 47.92
CA GLN D 733 30.70 -58.34 46.49
C GLN D 733 31.57 -59.31 45.69
N LEU D 734 31.40 -59.30 44.38
CA LEU D 734 32.17 -60.14 43.48
C LEU D 734 32.89 -59.24 42.47
N ASN D 735 34.18 -59.50 42.27
CA ASN D 735 34.97 -58.84 41.25
C ASN D 735 35.13 -59.78 40.06
N VAL D 736 34.83 -59.30 38.87
CA VAL D 736 34.94 -60.12 37.67
C VAL D 736 35.97 -59.44 36.78
N ASP D 737 37.07 -60.14 36.53
CA ASP D 737 38.17 -59.61 35.76
C ASP D 737 38.16 -60.27 34.40
N LEU D 738 38.19 -59.47 33.34
CA LEU D 738 38.16 -59.96 31.98
C LEU D 738 39.58 -59.94 31.43
N ASP D 739 40.07 -61.11 31.05
CA ASP D 739 41.36 -61.21 30.40
C ASP D 739 41.22 -60.60 29.00
N ARG D 740 41.80 -59.43 28.81
CA ARG D 740 41.53 -58.69 27.58
C ARG D 740 42.17 -59.35 26.36
N VAL D 741 43.47 -59.65 26.42
CA VAL D 741 44.08 -60.31 25.27
C VAL D 741 43.47 -61.69 25.07
N LYS D 742 43.35 -62.48 26.16
CA LYS D 742 42.83 -63.83 26.04
C LYS D 742 41.41 -63.83 25.49
N ALA D 743 40.62 -62.81 25.85
CA ALA D 743 39.31 -62.68 25.24
C ALA D 743 39.44 -62.49 23.74
N LYS D 744 40.35 -61.61 23.32
CA LYS D 744 40.41 -61.35 21.89
C LYS D 744 41.02 -62.49 21.08
N GLN D 745 41.82 -63.37 21.68
CA GLN D 745 42.33 -64.53 20.93
C GLN D 745 41.22 -65.57 20.68
N LEU D 746 40.31 -65.77 21.66
CA LEU D 746 39.17 -66.67 21.46
C LEU D 746 38.15 -66.10 20.48
N GLY D 747 38.43 -64.95 19.89
CA GLY D 747 37.57 -64.39 18.86
C GLY D 747 36.35 -63.68 19.35
N VAL D 748 36.21 -63.48 20.67
CA VAL D 748 35.04 -62.85 21.29
C VAL D 748 35.33 -61.37 21.53
N ASN D 749 34.40 -60.52 21.13
CA ASN D 749 34.55 -59.10 21.39
C ASN D 749 34.12 -58.79 22.83
N VAL D 750 34.86 -57.86 23.47
CA VAL D 750 34.68 -57.52 24.89
C VAL D 750 33.30 -56.95 25.20
N THR D 751 32.71 -56.24 24.24
CA THR D 751 31.35 -55.76 24.40
C THR D 751 30.36 -56.92 24.53
N ASP D 752 30.65 -58.06 23.88
CA ASP D 752 29.82 -59.25 24.04
C ASP D 752 29.91 -59.79 25.46
N VAL D 753 31.10 -59.77 26.05
CA VAL D 753 31.24 -60.22 27.43
C VAL D 753 30.42 -59.33 28.35
N PHE D 754 30.57 -58.02 28.17
CA PHE D 754 29.86 -57.07 29.02
C PHE D 754 28.35 -57.10 28.79
N ASP D 755 27.92 -57.26 27.53
CA ASP D 755 26.49 -57.37 27.27
C ASP D 755 25.90 -58.64 27.86
N THR D 756 26.59 -59.78 27.76
CA THR D 756 26.07 -60.98 28.39
C THR D 756 25.95 -60.76 29.88
N MET D 757 27.00 -60.21 30.51
CA MET D 757 26.96 -59.97 31.94
C MET D 757 25.80 -59.04 32.32
N GLN D 758 25.62 -57.96 31.55
CA GLN D 758 24.60 -56.97 31.85
C GLN D 758 23.19 -57.54 31.68
N ILE D 759 22.92 -58.16 30.52
CA ILE D 759 21.57 -58.63 30.23
C ILE D 759 21.17 -59.77 31.15
N TYR D 760 22.07 -60.73 31.35
CA TYR D 760 21.73 -61.89 32.17
C TYR D 760 21.70 -61.54 33.64
N LEU D 761 22.72 -60.80 34.10
CA LEU D 761 22.88 -60.49 35.50
C LEU D 761 22.31 -59.15 35.91
N GLY D 762 22.10 -58.22 34.97
CA GLY D 762 21.64 -56.90 35.33
C GLY D 762 20.30 -56.50 34.74
N SER D 763 19.71 -57.34 33.88
CA SER D 763 18.35 -57.16 33.42
C SER D 763 18.16 -55.85 32.63
N LEU D 764 18.70 -55.84 31.44
CA LEU D 764 18.48 -54.72 30.51
C LEU D 764 17.00 -54.54 30.16
N TYR D 765 16.62 -53.29 29.92
CA TYR D 765 15.28 -52.89 29.51
C TYR D 765 15.17 -52.83 27.98
N VAL D 766 14.16 -53.50 27.40
CA VAL D 766 14.15 -53.68 25.95
C VAL D 766 13.29 -52.63 25.24
N ASN D 767 11.98 -52.63 25.51
CA ASN D 767 11.08 -51.64 24.92
C ASN D 767 9.74 -51.76 25.64
N ASP D 768 8.74 -50.99 25.18
CA ASP D 768 7.43 -50.91 25.81
C ASP D 768 6.41 -51.76 25.08
N PHE D 769 5.41 -52.20 25.83
CA PHE D 769 4.21 -52.79 25.25
C PHE D 769 2.97 -52.14 25.89
N ASN D 770 1.89 -52.09 25.11
CA ASN D 770 0.67 -51.42 25.52
C ASN D 770 -0.31 -52.44 26.10
N ARG D 771 -0.91 -52.09 27.22
CA ARG D 771 -1.78 -52.95 28.02
C ARG D 771 -2.77 -52.05 28.75
N PHE D 772 -4.06 -52.27 28.54
CA PHE D 772 -5.06 -51.32 29.03
C PHE D 772 -4.77 -49.93 28.47
N GLY D 773 -4.34 -49.88 27.21
CA GLY D 773 -4.01 -48.63 26.55
C GLY D 773 -2.84 -47.89 27.18
N ARG D 774 -2.20 -48.48 28.20
CA ARG D 774 -1.12 -47.83 28.92
C ARG D 774 0.19 -48.56 28.67
N VAL D 775 1.27 -47.84 28.73
CA VAL D 775 2.57 -48.37 28.38
C VAL D 775 3.24 -49.00 29.60
N TYR D 776 3.88 -50.15 29.37
CA TYR D 776 4.64 -50.84 30.40
C TYR D 776 5.94 -51.34 29.77
N GLN D 777 7.01 -51.37 30.55
CA GLN D 777 8.30 -51.82 30.02
C GLN D 777 8.39 -53.35 30.01
N VAL D 778 8.98 -53.90 28.94
CA VAL D 778 9.48 -55.27 28.98
C VAL D 778 10.92 -55.26 29.47
N ARG D 779 11.20 -56.12 30.45
CA ARG D 779 12.52 -56.22 31.05
C ARG D 779 12.95 -57.68 30.96
N VAL D 780 14.06 -57.94 30.26
CA VAL D 780 14.56 -59.30 30.06
C VAL D 780 15.76 -59.55 30.98
N GLN D 781 15.84 -60.77 31.50
CA GLN D 781 16.88 -61.11 32.46
C GLN D 781 17.01 -62.63 32.59
N ALA D 782 18.20 -63.09 32.94
CA ALA D 782 18.35 -64.49 33.32
C ALA D 782 17.43 -64.82 34.50
N ASP D 783 16.91 -66.04 34.48
CA ASP D 783 16.04 -66.52 35.53
C ASP D 783 16.82 -66.66 36.83
N ALA D 784 16.08 -66.61 37.95
CA ALA D 784 16.68 -66.68 39.28
C ALA D 784 17.59 -67.87 39.49
N PRO D 785 17.22 -69.10 39.09
CA PRO D 785 18.07 -70.27 39.42
C PRO D 785 19.45 -70.17 38.80
N PHE D 786 19.60 -69.32 37.78
CA PHE D 786 20.82 -69.20 37.01
C PHE D 786 21.61 -67.96 37.40
N ARG D 787 21.19 -67.24 38.43
CA ARG D 787 21.95 -66.07 38.85
C ARG D 787 22.11 -66.00 40.37
N GLN D 788 21.87 -67.10 41.11
CA GLN D 788 21.86 -67.01 42.57
C GLN D 788 23.23 -67.24 43.19
N ARG D 789 24.18 -67.77 42.44
CA ARG D 789 25.40 -68.30 43.02
C ARG D 789 26.54 -67.79 42.15
N ALA D 790 27.60 -67.29 42.77
CA ALA D 790 28.70 -66.67 42.02
C ALA D 790 29.05 -67.44 40.76
N ASP D 791 29.18 -68.75 40.87
CA ASP D 791 29.76 -69.52 39.78
C ASP D 791 28.80 -69.74 38.61
N ASP D 792 27.49 -69.60 38.80
CA ASP D 792 26.66 -69.63 37.59
C ASP D 792 26.85 -68.39 36.73
N ILE D 793 27.66 -67.42 37.17
CA ILE D 793 28.14 -66.39 36.24
C ILE D 793 28.88 -67.05 35.09
N LEU D 794 29.76 -68.02 35.43
CA LEU D 794 30.69 -68.64 34.48
C LEU D 794 29.98 -69.57 33.52
N GLN D 795 28.77 -70.02 33.85
CA GLN D 795 28.00 -70.89 32.97
C GLN D 795 27.33 -70.12 31.82
N LEU D 796 27.47 -68.80 31.76
CA LEU D 796 26.89 -68.06 30.65
C LEU D 796 27.84 -68.08 29.48
N LYS D 797 27.27 -68.06 28.29
CA LYS D 797 28.07 -68.18 27.10
C LYS D 797 27.80 -67.00 26.20
N THR D 798 28.87 -66.42 25.69
CA THR D 798 28.77 -65.50 24.58
C THR D 798 29.26 -66.23 23.33
N ARG D 799 29.37 -65.50 22.22
CA ARG D 799 29.72 -66.11 20.93
C ARG D 799 30.90 -65.38 20.32
N ASN D 800 31.75 -66.14 19.65
CA ASN D 800 32.90 -65.54 18.99
C ASN D 800 32.54 -65.14 17.55
N ALA D 801 33.48 -64.46 16.90
CA ALA D 801 33.23 -64.03 15.53
C ALA D 801 32.99 -65.22 14.64
N ALA D 802 33.62 -66.36 14.97
CA ALA D 802 33.50 -67.57 14.19
C ALA D 802 32.11 -68.21 14.30
N GLY D 803 31.38 -67.94 15.39
CA GLY D 803 30.08 -68.52 15.64
C GLY D 803 30.05 -69.58 16.72
N GLU D 804 31.17 -69.83 17.39
CA GLU D 804 31.25 -70.84 18.45
C GLU D 804 30.85 -70.24 19.80
N MET D 805 29.98 -70.94 20.51
CA MET D 805 29.58 -70.53 21.85
C MET D 805 30.74 -70.72 22.83
N VAL D 806 31.36 -69.61 23.22
CA VAL D 806 32.42 -69.60 24.24
C VAL D 806 31.78 -69.32 25.59
N PRO D 807 32.00 -70.16 26.60
CA PRO D 807 31.57 -69.80 27.95
C PRO D 807 32.55 -68.82 28.56
N LEU D 808 32.05 -67.94 29.42
CA LEU D 808 33.01 -67.00 29.98
C LEU D 808 33.76 -67.60 31.16
N SER D 809 33.47 -68.86 31.51
CA SER D 809 34.35 -69.61 32.41
C SER D 809 35.78 -69.62 31.89
N SER D 810 35.95 -69.55 30.58
CA SER D 810 37.29 -69.56 30.02
C SER D 810 37.84 -68.19 29.66
N LEU D 811 37.07 -67.10 29.80
CA LEU D 811 37.61 -65.78 29.46
C LEU D 811 37.54 -64.75 30.58
N VAL D 812 36.92 -65.06 31.70
CA VAL D 812 36.87 -64.13 32.83
C VAL D 812 37.17 -64.95 34.09
N THR D 813 37.72 -64.28 35.11
CA THR D 813 37.93 -64.84 36.44
C THR D 813 37.09 -64.12 37.50
N VAL D 814 36.53 -64.87 38.45
CA VAL D 814 35.61 -64.36 39.47
C VAL D 814 36.24 -64.49 40.86
N SER D 815 36.33 -63.37 41.58
CA SER D 815 36.93 -63.35 42.90
C SER D 815 35.99 -62.70 43.90
N PRO D 816 36.04 -63.12 45.16
CA PRO D 816 35.27 -62.41 46.21
C PRO D 816 35.96 -61.11 46.58
N THR D 817 35.18 -60.14 47.07
CA THR D 817 35.75 -58.86 47.49
C THR D 817 34.80 -58.14 48.43
N PHE D 818 35.20 -56.94 48.85
CA PHE D 818 34.36 -56.07 49.67
C PHE D 818 34.20 -54.73 48.99
N GLY D 819 33.03 -54.13 49.14
CA GLY D 819 32.78 -52.81 48.63
C GLY D 819 31.67 -52.11 49.38
N PRO D 820 31.34 -50.90 48.95
CA PRO D 820 30.17 -50.20 49.52
C PRO D 820 28.87 -50.58 48.84
N GLU D 821 27.80 -50.60 49.63
CA GLU D 821 26.47 -50.80 49.07
C GLU D 821 25.76 -49.49 48.72
N MET D 822 26.36 -48.36 49.00
CA MET D 822 25.78 -47.05 48.76
C MET D 822 26.95 -46.10 48.67
N VAL D 823 27.11 -45.43 47.54
CA VAL D 823 28.12 -44.39 47.44
C VAL D 823 27.38 -43.08 47.62
N VAL D 824 27.78 -42.29 48.62
CA VAL D 824 27.20 -40.97 48.85
C VAL D 824 28.25 -39.92 48.51
N ARG D 825 27.85 -38.94 47.71
CA ARG D 825 28.71 -37.81 47.36
C ARG D 825 28.07 -36.56 47.94
N TYR D 826 28.71 -35.94 48.92
CA TYR D 826 28.20 -34.73 49.53
C TYR D 826 29.01 -33.55 49.01
N ASN D 827 28.33 -32.61 48.35
CA ASN D 827 28.95 -31.47 47.66
C ASN D 827 29.92 -31.96 46.59
N ALA D 828 29.46 -32.94 45.80
CA ALA D 828 30.20 -33.53 44.69
C ALA D 828 31.49 -34.21 45.14
N TYR D 829 31.63 -34.51 46.43
CA TYR D 829 32.76 -35.25 46.96
C TYR D 829 32.27 -36.59 47.48
N THR D 830 32.96 -37.67 47.11
CA THR D 830 32.70 -38.94 47.76
C THR D 830 32.89 -38.77 49.26
N ALA D 831 31.89 -39.18 50.04
CA ALA D 831 31.87 -38.71 51.41
C ALA D 831 31.27 -39.75 52.36
N ALA D 832 31.70 -39.64 53.62
CA ALA D 832 31.22 -40.49 54.70
C ALA D 832 30.57 -39.60 55.76
N ASP D 833 29.34 -39.92 56.13
CA ASP D 833 28.66 -39.13 57.17
C ASP D 833 29.09 -39.59 58.56
N VAL D 834 29.18 -38.66 59.49
CA VAL D 834 29.33 -39.00 60.89
C VAL D 834 28.30 -38.19 61.66
N ASN D 835 27.62 -38.85 62.60
CA ASN D 835 26.54 -38.27 63.35
C ASN D 835 26.84 -38.37 64.83
N GLY D 836 26.38 -37.38 65.61
CA GLY D 836 26.74 -37.35 67.00
C GLY D 836 25.96 -36.32 67.77
N GLY D 837 26.47 -35.99 68.95
CA GLY D 837 25.76 -35.12 69.87
C GLY D 837 26.63 -34.48 70.93
N PRO D 838 26.01 -33.65 71.75
CA PRO D 838 26.75 -32.89 72.76
C PRO D 838 26.98 -33.57 74.11
N ALA D 839 26.87 -34.91 74.24
CA ALA D 839 27.27 -35.55 75.49
C ALA D 839 26.53 -35.08 76.74
N PRO D 840 25.46 -35.76 77.15
CA PRO D 840 24.52 -35.16 78.10
C PRO D 840 25.16 -34.53 79.33
N GLY D 841 25.08 -33.21 79.35
CA GLY D 841 25.53 -32.32 80.39
C GLY D 841 26.31 -31.19 79.75
N TYR D 842 26.24 -31.12 78.43
CA TYR D 842 26.82 -30.04 77.65
C TYR D 842 25.78 -29.46 76.71
N SER D 843 25.99 -28.20 76.32
CA SER D 843 25.10 -27.60 75.33
C SER D 843 25.64 -28.06 73.98
N SER D 844 25.24 -27.43 72.87
CA SER D 844 25.61 -28.02 71.59
C SER D 844 26.83 -27.40 70.93
N GLY D 845 26.96 -26.08 70.96
CA GLY D 845 27.98 -25.44 70.14
C GLY D 845 29.39 -25.78 70.55
N GLN D 846 29.67 -25.86 71.84
CA GLN D 846 31.03 -26.21 72.24
C GLN D 846 31.37 -27.63 71.80
N ALA D 847 30.37 -28.52 71.77
CA ALA D 847 30.62 -29.85 71.23
C ALA D 847 31.14 -29.77 69.80
N GLN D 848 30.53 -28.90 68.97
CA GLN D 848 31.02 -28.81 67.60
C GLN D 848 32.40 -28.18 67.58
N ALA D 849 32.66 -27.27 68.53
CA ALA D 849 34.00 -26.71 68.66
C ALA D 849 35.02 -27.81 68.86
N ALA D 850 34.67 -28.85 69.63
CA ALA D 850 35.58 -29.96 69.78
C ALA D 850 35.81 -30.71 68.47
N VAL D 851 34.72 -31.09 67.79
CA VAL D 851 34.86 -31.89 66.58
C VAL D 851 35.74 -31.19 65.56
N GLU D 852 35.51 -29.89 65.38
CA GLU D 852 36.22 -29.15 64.35
C GLU D 852 37.72 -29.12 64.61
N ARG D 853 38.12 -28.97 65.89
CA ARG D 853 39.55 -29.09 66.16
C ARG D 853 40.03 -30.53 65.93
N ILE D 854 39.28 -31.52 66.47
CA ILE D 854 39.69 -32.91 66.35
C ILE D 854 39.82 -33.31 64.89
N ALA D 855 38.82 -32.97 64.07
CA ALA D 855 38.93 -33.32 62.66
C ALA D 855 40.15 -32.66 62.04
N ALA D 856 40.39 -31.38 62.37
CA ALA D 856 41.54 -30.68 61.81
C ALA D 856 42.83 -31.38 62.18
N GLN D 857 42.84 -32.10 63.30
CA GLN D 857 44.05 -32.79 63.73
C GLN D 857 44.26 -34.11 62.99
N THR D 858 43.20 -34.82 62.63
CA THR D 858 43.34 -36.22 62.26
C THR D 858 43.11 -36.53 60.79
N LEU D 859 42.44 -35.68 60.04
CA LEU D 859 42.16 -36.00 58.64
C LEU D 859 43.42 -35.86 57.79
N PRO D 860 43.81 -36.89 57.03
CA PRO D 860 45.04 -36.78 56.22
C PRO D 860 44.87 -35.79 55.08
N ARG D 861 45.90 -35.55 54.26
CA ARG D 861 45.75 -34.59 53.18
C ARG D 861 44.70 -35.05 52.20
N GLY D 862 44.01 -34.08 51.60
CA GLY D 862 42.98 -34.37 50.64
C GLY D 862 41.71 -34.88 51.25
N VAL D 863 41.61 -34.89 52.58
CA VAL D 863 40.43 -35.36 53.27
C VAL D 863 40.03 -34.24 54.23
N LYS D 864 38.98 -33.51 53.87
CA LYS D 864 38.45 -32.42 54.69
C LYS D 864 37.07 -32.79 55.20
N PHE D 865 36.41 -31.88 55.90
CA PHE D 865 35.03 -32.14 56.31
C PHE D 865 34.19 -30.88 56.24
N GLU D 866 32.87 -31.09 56.13
CA GLU D 866 31.91 -30.00 56.07
C GLU D 866 30.73 -30.31 56.98
N TRP D 867 30.12 -29.26 57.50
CA TRP D 867 28.89 -29.43 58.24
C TRP D 867 27.73 -29.54 57.26
N THR D 868 26.67 -30.17 57.73
CA THR D 868 25.48 -30.32 56.91
C THR D 868 24.26 -30.20 57.80
N ASP D 869 23.17 -29.85 57.14
CA ASP D 869 21.84 -29.86 57.71
C ASP D 869 21.68 -28.73 58.71
N LEU D 870 21.01 -29.01 59.83
CA LEU D 870 20.70 -27.96 60.79
C LEU D 870 21.96 -27.24 61.28
N THR D 871 23.08 -27.94 61.44
CA THR D 871 24.26 -27.26 61.96
C THR D 871 24.90 -26.34 60.92
N TYR D 872 24.93 -26.75 59.66
CA TYR D 872 25.44 -25.85 58.62
C TYR D 872 24.53 -24.65 58.46
N GLN D 873 23.23 -24.87 58.65
CA GLN D 873 22.29 -23.77 58.59
C GLN D 873 22.48 -22.79 59.74
N GLN D 874 22.67 -23.30 60.96
CA GLN D 874 22.93 -22.43 62.12
C GLN D 874 24.21 -21.62 61.93
N ILE D 875 25.28 -22.26 61.46
CA ILE D 875 26.53 -21.52 61.31
C ILE D 875 26.42 -20.47 60.21
N LEU D 876 25.80 -20.82 59.07
CA LEU D 876 25.62 -19.80 58.02
C LEU D 876 24.58 -18.77 58.43
N ALA D 877 23.42 -19.23 58.89
CA ALA D 877 22.39 -18.30 59.38
C ALA D 877 22.96 -17.77 60.68
N GLY D 878 23.89 -16.84 60.54
CA GLY D 878 24.67 -16.31 61.63
C GLY D 878 23.91 -15.73 62.80
N ASP D 879 24.69 -15.22 63.76
CA ASP D 879 24.20 -14.70 65.02
C ASP D 879 23.16 -13.58 64.87
N SER D 880 21.88 -13.94 65.05
CA SER D 880 20.79 -12.98 64.94
C SER D 880 20.62 -12.17 66.23
N ALA D 881 20.20 -12.84 67.30
CA ALA D 881 19.89 -12.28 68.63
C ALA D 881 20.80 -11.15 69.11
N PHE D 882 22.04 -11.11 68.64
CA PHE D 882 22.97 -10.08 69.06
C PHE D 882 22.54 -8.66 68.65
N TRP D 883 21.66 -8.52 67.68
CA TRP D 883 21.15 -7.20 67.38
C TRP D 883 19.67 -7.00 67.67
N VAL D 884 18.87 -8.07 67.67
CA VAL D 884 17.44 -7.92 67.87
C VAL D 884 17.13 -7.36 69.26
N PHE D 885 17.71 -7.92 70.30
CA PHE D 885 17.27 -7.49 71.62
C PHE D 885 17.66 -6.05 71.95
N PRO D 886 18.92 -5.61 71.79
CA PRO D 886 19.21 -4.19 71.99
C PRO D 886 18.34 -3.28 71.16
N ILE D 887 18.10 -3.59 69.88
CA ILE D 887 17.23 -2.73 69.09
C ILE D 887 15.88 -2.60 69.77
N SER D 888 15.31 -3.73 70.20
CA SER D 888 13.98 -3.63 70.81
C SER D 888 14.05 -2.87 72.14
N VAL D 889 15.11 -3.09 72.93
CA VAL D 889 15.25 -2.29 74.14
C VAL D 889 15.31 -0.80 73.77
N LEU D 890 16.13 -0.44 72.79
CA LEU D 890 16.21 0.96 72.40
C LEU D 890 14.85 1.47 71.93
N LEU D 891 14.16 0.67 71.10
CA LEU D 891 12.87 1.12 70.60
C LEU D 891 11.91 1.36 71.74
N VAL D 892 11.91 0.45 72.73
CA VAL D 892 10.99 0.58 73.86
C VAL D 892 11.29 1.88 74.60
N PHE D 893 12.58 2.12 74.86
CA PHE D 893 12.98 3.36 75.52
C PHE D 893 12.47 4.56 74.74
N LEU D 894 12.68 4.55 73.42
CA LEU D 894 12.27 5.71 72.66
C LEU D 894 10.77 5.89 72.77
N VAL D 895 10.00 4.81 72.67
CA VAL D 895 8.56 5.00 72.77
C VAL D 895 8.22 5.63 74.10
N LEU D 896 8.81 5.09 75.18
CA LEU D 896 8.52 5.63 76.51
C LEU D 896 9.02 7.06 76.64
N ALA D 897 10.21 7.35 76.10
CA ALA D 897 10.72 8.71 76.17
C ALA D 897 9.79 9.70 75.47
N ALA D 898 9.19 9.29 74.36
CA ALA D 898 8.21 10.19 73.75
C ALA D 898 6.98 10.35 74.64
N LEU D 899 6.54 9.28 75.31
CA LEU D 899 5.32 9.37 76.11
C LEU D 899 5.51 10.31 77.29
N TYR D 900 6.60 10.16 78.02
CA TYR D 900 6.82 10.90 79.25
C TYR D 900 7.48 12.26 79.01
N GLU D 901 7.88 12.59 77.79
CA GLU D 901 8.74 13.74 77.54
C GLU D 901 9.91 13.78 78.52
N SER D 902 10.44 12.60 78.84
CA SER D 902 11.57 12.46 79.76
C SER D 902 12.62 11.50 79.20
N LEU D 903 13.88 11.83 79.40
CA LEU D 903 14.92 10.90 79.05
C LEU D 903 15.23 9.91 80.16
N THR D 904 14.74 10.13 81.36
CA THR D 904 15.08 9.26 82.49
C THR D 904 13.89 8.47 83.02
N LEU D 905 12.69 9.01 82.90
CA LEU D 905 11.52 8.27 83.34
C LEU D 905 11.36 6.91 82.66
N PRO D 906 11.78 6.70 81.40
CA PRO D 906 11.65 5.34 80.82
C PRO D 906 12.35 4.26 81.63
N LEU D 907 13.46 4.58 82.29
CA LEU D 907 14.15 3.58 83.09
C LEU D 907 13.23 2.97 84.13
N ALA D 908 12.36 3.77 84.77
CA ALA D 908 11.50 3.22 85.81
C ALA D 908 10.66 2.04 85.30
N VAL D 909 10.30 2.05 84.01
CA VAL D 909 9.65 0.89 83.41
C VAL D 909 10.68 -0.16 83.02
N ILE D 910 11.74 0.26 82.33
CA ILE D 910 12.67 -0.69 81.72
C ILE D 910 13.40 -1.51 82.78
N LEU D 911 13.84 -0.87 83.84
CA LEU D 911 14.56 -1.55 84.91
C LEU D 911 13.74 -2.65 85.57
N ILE D 912 12.42 -2.69 85.34
CA ILE D 912 11.60 -3.69 86.01
C ILE D 912 11.57 -5.04 85.31
N VAL D 913 11.81 -5.12 84.00
CA VAL D 913 11.60 -6.41 83.33
C VAL D 913 12.65 -7.46 83.72
N PRO D 914 13.90 -7.10 84.04
CA PRO D 914 14.78 -8.15 84.57
C PRO D 914 14.16 -8.92 85.72
N MET D 915 13.38 -8.27 86.58
CA MET D 915 12.75 -8.95 87.70
C MET D 915 11.70 -9.97 87.22
N SER D 916 10.96 -9.66 86.15
CA SER D 916 10.05 -10.65 85.57
C SER D 916 10.81 -11.85 85.01
N ILE D 917 11.91 -11.58 84.31
CA ILE D 917 12.74 -12.68 83.82
C ILE D 917 13.14 -13.58 84.98
N LEU D 918 13.65 -12.96 86.06
CA LEU D 918 14.03 -13.71 87.24
C LEU D 918 12.86 -14.55 87.76
N SER D 919 11.68 -13.94 87.87
CA SER D 919 10.53 -14.68 88.39
C SER D 919 10.23 -15.91 87.56
N ALA D 920 10.19 -15.75 86.24
CA ALA D 920 9.85 -16.88 85.38
C ALA D 920 10.93 -17.96 85.41
N LEU D 921 12.20 -17.54 85.27
CA LEU D 921 13.26 -18.53 85.21
C LEU D 921 13.41 -19.23 86.54
N THR D 922 13.30 -18.52 87.66
CA THR D 922 13.31 -19.21 88.95
C THR D 922 12.14 -20.17 89.11
N GLY D 923 10.98 -19.85 88.57
CA GLY D 923 9.91 -20.84 88.58
C GLY D 923 10.27 -22.11 87.82
N VAL D 924 10.69 -21.95 86.57
CA VAL D 924 11.06 -23.13 85.79
C VAL D 924 12.25 -23.85 86.42
N TRP D 925 13.16 -23.10 87.03
CA TRP D 925 14.32 -23.70 87.68
C TRP D 925 13.90 -24.55 88.86
N LEU D 926 12.90 -24.09 89.61
CA LEU D 926 12.41 -24.91 90.71
C LEU D 926 11.65 -26.12 90.19
N THR D 927 11.17 -26.09 88.95
CA THR D 927 10.60 -27.31 88.39
C THR D 927 11.60 -28.13 87.58
N GLN D 928 12.84 -27.65 87.44
CA GLN D 928 13.87 -28.31 86.66
C GLN D 928 13.37 -28.67 85.26
N GLY D 929 12.83 -27.66 84.57
CA GLY D 929 12.57 -27.74 83.16
C GLY D 929 13.64 -26.96 82.40
N ASP D 930 13.44 -26.82 81.10
CA ASP D 930 14.46 -26.14 80.33
C ASP D 930 13.87 -24.86 79.74
N ASN D 931 14.77 -24.03 79.26
CA ASN D 931 14.42 -22.74 78.69
C ASN D 931 14.30 -22.85 77.18
N ASN D 932 13.38 -23.68 76.76
CA ASN D 932 13.09 -23.88 75.35
C ASN D 932 12.27 -22.69 74.83
N ILE D 933 12.18 -22.57 73.50
CA ILE D 933 11.60 -21.36 72.90
C ILE D 933 10.16 -21.16 73.31
N PHE D 934 9.44 -22.22 73.68
CA PHE D 934 8.10 -21.99 74.21
C PHE D 934 8.17 -21.21 75.53
N THR D 935 9.03 -21.64 76.45
CA THR D 935 9.18 -20.81 77.65
C THR D 935 9.86 -19.48 77.33
N GLN D 936 10.61 -19.38 76.24
CA GLN D 936 11.19 -18.09 75.86
C GLN D 936 10.11 -17.10 75.42
N ILE D 937 9.19 -17.54 74.58
CA ILE D 937 8.13 -16.63 74.20
C ILE D 937 7.23 -16.36 75.40
N GLY D 938 7.11 -17.34 76.32
CA GLY D 938 6.42 -17.06 77.56
C GLY D 938 7.08 -15.97 78.39
N LEU D 939 8.42 -16.02 78.53
CA LEU D 939 9.11 -14.93 79.20
C LEU D 939 8.84 -13.62 78.50
N MET D 940 8.82 -13.63 77.17
CA MET D 940 8.56 -12.38 76.46
C MET D 940 7.18 -11.84 76.81
N VAL D 941 6.17 -12.70 76.85
CA VAL D 941 4.86 -12.21 77.23
C VAL D 941 4.88 -11.71 78.68
N LEU D 942 5.64 -12.36 79.56
CA LEU D 942 5.73 -11.89 80.94
C LEU D 942 6.37 -10.51 81.03
N VAL D 943 7.42 -10.25 80.25
CA VAL D 943 8.00 -8.91 80.29
C VAL D 943 7.01 -7.92 79.72
N GLY D 944 6.28 -8.29 78.67
CA GLY D 944 5.25 -7.39 78.19
C GLY D 944 4.25 -7.03 79.28
N LEU D 945 3.81 -8.04 80.03
CA LEU D 945 2.80 -7.82 81.08
C LEU D 945 3.34 -6.90 82.18
N SER D 946 4.56 -7.18 82.64
CA SER D 946 5.14 -6.33 83.66
C SER D 946 5.42 -4.93 83.10
N ALA D 947 5.79 -4.84 81.82
CA ALA D 947 6.02 -3.55 81.21
C ALA D 947 4.74 -2.71 81.15
N LYS D 948 3.63 -3.33 80.74
CA LYS D 948 2.34 -2.63 80.73
C LYS D 948 2.04 -2.06 82.10
N ASN D 949 2.15 -2.93 83.12
CA ASN D 949 1.79 -2.53 84.46
C ASN D 949 2.64 -1.36 84.91
N ALA D 950 3.96 -1.45 84.72
CA ALA D 950 4.81 -0.37 85.18
C ALA D 950 4.47 0.92 84.43
N ILE D 951 4.20 0.85 83.12
CA ILE D 951 3.89 2.07 82.39
C ILE D 951 2.68 2.77 83.00
N LEU D 952 1.64 2.01 83.34
CA LEU D 952 0.49 2.68 83.92
C LEU D 952 0.82 3.22 85.33
N ILE D 953 1.61 2.49 86.11
CA ILE D 953 2.00 3.03 87.41
C ILE D 953 2.70 4.38 87.21
N VAL D 954 3.71 4.40 86.35
CA VAL D 954 4.55 5.58 86.18
C VAL D 954 3.74 6.74 85.63
N GLU D 955 2.85 6.44 84.69
CA GLU D 955 2.05 7.49 84.05
C GLU D 955 1.04 8.09 85.02
N PHE D 956 0.43 7.26 85.88
CA PHE D 956 -0.43 7.79 86.95
C PHE D 956 0.34 8.69 87.92
N ALA D 957 1.51 8.26 88.36
CA ALA D 957 2.31 9.11 89.23
C ALA D 957 2.65 10.43 88.56
N ARG D 958 3.00 10.39 87.29
CA ARG D 958 3.33 11.58 86.52
C ARG D 958 2.14 12.52 86.47
N GLU D 959 0.96 12.00 86.18
CA GLU D 959 -0.20 12.90 86.12
C GLU D 959 -0.53 13.45 87.49
N LEU D 960 -0.33 12.65 88.56
CA LEU D 960 -0.54 13.19 89.90
C LEU D 960 0.42 14.36 90.16
N GLU D 961 1.67 14.25 89.74
CA GLU D 961 2.57 15.40 89.81
C GLU D 961 2.09 16.54 88.94
N HIS D 962 1.36 16.24 87.86
CA HIS D 962 0.78 17.33 87.10
C HIS D 962 -0.27 18.06 87.93
N ASP D 963 -0.87 17.40 88.91
CA ASP D 963 -1.59 18.13 89.94
C ASP D 963 -0.57 18.57 90.97
N GLY D 964 -0.99 18.99 92.15
CA GLY D 964 0.02 19.44 93.09
C GLY D 964 0.67 18.41 94.00
N LYS D 965 0.97 17.21 93.53
CA LYS D 965 1.51 16.20 94.42
C LYS D 965 3.00 15.99 94.24
N THR D 966 3.68 15.77 95.35
CA THR D 966 5.11 15.49 95.35
C THR D 966 5.37 14.12 94.73
N PRO D 967 6.57 13.92 94.17
CA PRO D 967 6.89 12.59 93.63
C PRO D 967 6.60 11.48 94.63
N PHE D 968 6.92 11.69 95.91
CA PHE D 968 6.71 10.66 96.92
C PHE D 968 5.24 10.28 97.03
N GLU D 969 4.36 11.27 97.25
CA GLU D 969 2.94 10.96 97.40
C GLU D 969 2.30 10.59 96.07
N ALA D 970 2.85 11.08 94.96
CA ALA D 970 2.37 10.66 93.65
C ALA D 970 2.62 9.18 93.43
N ALA D 971 3.83 8.71 93.73
CA ALA D 971 4.08 7.28 93.62
C ALA D 971 3.17 6.50 94.56
N VAL D 972 3.02 6.96 95.80
CA VAL D 972 2.21 6.22 96.77
C VAL D 972 0.77 6.10 96.27
N GLU D 973 0.18 7.22 95.87
CA GLU D 973 -1.21 7.22 95.46
C GLU D 973 -1.41 6.45 94.16
N ALA D 974 -0.46 6.59 93.22
CA ALA D 974 -0.55 5.87 91.96
C ALA D 974 -0.50 4.37 92.18
N SER D 975 0.41 3.93 93.04
CA SER D 975 0.52 2.52 93.34
C SER D 975 -0.78 2.00 93.95
N ARG D 976 -1.36 2.72 94.90
CA ARG D 976 -2.65 2.26 95.44
C ARG D 976 -3.69 2.22 94.33
N LEU D 977 -3.68 3.23 93.47
CA LEU D 977 -4.71 3.33 92.45
C LEU D 977 -4.66 2.12 91.51
N ARG D 978 -3.45 1.76 91.07
CA ARG D 978 -3.30 0.66 90.12
C ARG D 978 -3.26 -0.70 90.79
N LEU D 979 -3.22 -0.76 92.13
CA LEU D 979 -3.16 -2.06 92.81
C LEU D 979 -4.28 -2.99 92.38
N ARG D 980 -5.52 -2.49 92.37
CA ARG D 980 -6.67 -3.38 92.15
C ARG D 980 -6.65 -4.04 90.78
N PRO D 981 -6.51 -3.33 89.66
CA PRO D 981 -6.51 -4.04 88.37
C PRO D 981 -5.34 -5.02 88.22
N ILE D 982 -4.18 -4.70 88.78
CA ILE D 982 -3.03 -5.59 88.68
C ILE D 982 -3.35 -6.90 89.37
N LEU D 983 -3.94 -6.84 90.57
CA LEU D 983 -4.39 -8.06 91.23
C LEU D 983 -5.47 -8.75 90.43
N MET D 984 -6.37 -8.00 89.79
CA MET D 984 -7.41 -8.67 89.01
C MET D 984 -6.82 -9.54 87.93
N THR D 985 -5.91 -8.96 87.14
CA THR D 985 -5.28 -9.73 86.07
C THR D 985 -4.46 -10.89 86.64
N SER D 986 -3.64 -10.62 87.66
CA SER D 986 -2.81 -11.68 88.24
C SER D 986 -3.65 -12.80 88.85
N ILE D 987 -4.70 -12.48 89.60
CA ILE D 987 -5.54 -13.51 90.18
C ILE D 987 -6.21 -14.32 89.08
N ALA D 988 -6.59 -13.66 87.97
CA ALA D 988 -7.19 -14.41 86.87
C ALA D 988 -6.21 -15.46 86.31
N PHE D 989 -4.97 -15.05 86.07
CA PHE D 989 -4.00 -16.00 85.52
C PHE D 989 -3.68 -17.09 86.53
N ILE D 990 -3.42 -16.72 87.78
CA ILE D 990 -3.04 -17.69 88.80
C ILE D 990 -4.17 -18.67 89.05
N MET D 991 -5.42 -18.22 88.97
CA MET D 991 -6.51 -19.18 89.06
C MET D 991 -6.52 -20.08 87.83
N GLY D 992 -6.08 -19.54 86.70
CA GLY D 992 -5.93 -20.35 85.50
C GLY D 992 -4.84 -21.40 85.57
N VAL D 993 -3.86 -21.23 86.46
CA VAL D 993 -2.79 -22.23 86.58
C VAL D 993 -3.24 -23.52 87.25
N VAL D 994 -4.29 -23.48 88.07
CA VAL D 994 -4.79 -24.72 88.66
C VAL D 994 -5.35 -25.68 87.61
N PRO D 995 -6.16 -25.23 86.63
CA PRO D 995 -6.55 -26.15 85.55
C PRO D 995 -5.41 -26.61 84.67
N LEU D 996 -4.39 -25.78 84.48
CA LEU D 996 -3.18 -26.08 83.71
C LEU D 996 -2.19 -26.92 84.52
N VAL D 997 -2.66 -27.48 85.63
CA VAL D 997 -1.89 -28.42 86.43
C VAL D 997 -2.41 -29.86 86.32
N LEU D 998 -3.72 -30.06 86.06
CA LEU D 998 -4.35 -31.37 86.07
C LEU D 998 -4.62 -31.96 84.68
N SER D 999 -3.75 -31.75 83.69
CA SER D 999 -3.93 -32.37 82.38
C SER D 999 -3.47 -33.83 82.40
N THR D 1000 -4.10 -34.66 81.56
CA THR D 1000 -3.85 -36.10 81.55
C THR D 1000 -3.06 -36.66 80.35
N GLY D 1001 -3.06 -36.00 79.19
CA GLY D 1001 -2.39 -36.62 78.07
C GLY D 1001 -1.42 -35.82 77.21
N ALA D 1002 -1.74 -35.72 75.91
CA ALA D 1002 -0.88 -35.05 74.93
C ALA D 1002 -0.40 -33.69 75.41
N GLY D 1003 -1.34 -32.77 75.65
CA GLY D 1003 -0.97 -31.43 76.08
C GLY D 1003 -0.04 -31.43 77.27
N ALA D 1004 -0.31 -32.28 78.25
CA ALA D 1004 0.47 -32.20 79.48
C ALA D 1004 1.91 -32.64 79.29
N GLU D 1005 2.32 -32.77 78.04
CA GLU D 1005 3.72 -33.01 77.71
C GLU D 1005 4.53 -31.71 77.84
N MET D 1006 3.98 -30.61 77.33
CA MET D 1006 4.63 -29.30 77.46
C MET D 1006 3.88 -28.36 78.39
N ARG D 1007 2.58 -28.57 78.61
CA ARG D 1007 1.78 -27.72 79.49
C ARG D 1007 2.34 -27.65 80.90
N HIS D 1008 2.63 -28.81 81.51
CA HIS D 1008 3.14 -28.79 82.87
C HIS D 1008 4.40 -27.94 82.96
N ALA D 1009 5.16 -27.85 81.87
CA ALA D 1009 6.43 -27.12 81.88
C ALA D 1009 6.22 -25.66 82.24
N MET D 1010 5.15 -25.06 81.72
CA MET D 1010 4.85 -23.68 82.07
C MET D 1010 3.96 -23.55 83.30
N GLY D 1011 3.35 -24.63 83.77
CA GLY D 1011 2.38 -24.54 84.86
C GLY D 1011 2.83 -23.77 86.08
N VAL D 1012 3.85 -24.27 86.78
CA VAL D 1012 4.39 -23.48 87.89
C VAL D 1012 5.15 -22.29 87.34
N ALA D 1013 5.73 -22.43 86.14
CA ALA D 1013 6.52 -21.36 85.56
C ALA D 1013 5.72 -20.06 85.46
N VAL D 1014 4.47 -20.14 84.98
CA VAL D 1014 3.70 -18.91 84.89
C VAL D 1014 3.39 -18.37 86.28
N PHE D 1015 3.08 -19.27 87.23
CA PHE D 1015 2.74 -18.86 88.59
C PHE D 1015 3.81 -17.96 89.18
N PHE D 1016 5.03 -18.47 89.28
CA PHE D 1016 6.11 -17.68 89.83
C PHE D 1016 6.30 -16.42 88.99
N GLY D 1017 6.26 -16.56 87.67
CA GLY D 1017 6.41 -15.39 86.84
C GLY D 1017 5.32 -14.38 87.15
N MET D 1018 4.08 -14.86 87.21
CA MET D 1018 2.99 -13.96 87.52
C MET D 1018 3.22 -13.33 88.87
N LEU D 1019 3.54 -14.16 89.88
CA LEU D 1019 3.78 -13.65 91.21
C LEU D 1019 4.90 -12.62 91.17
N GLY D 1020 6.00 -12.95 90.50
CA GLY D 1020 7.10 -12.01 90.45
C GLY D 1020 6.68 -10.73 89.75
N VAL D 1021 5.98 -10.88 88.62
CA VAL D 1021 5.47 -9.72 87.92
C VAL D 1021 4.68 -8.83 88.89
N THR D 1022 3.84 -9.44 89.72
CA THR D 1022 3.12 -8.64 90.67
C THR D 1022 4.08 -8.08 91.71
N LEU D 1023 4.79 -8.95 92.43
CA LEU D 1023 5.51 -8.47 93.61
C LEU D 1023 6.45 -7.34 93.22
N PHE D 1024 7.35 -7.63 92.28
CA PHE D 1024 8.32 -6.62 91.89
C PHE D 1024 7.63 -5.40 91.29
N GLY D 1025 6.63 -5.63 90.44
CA GLY D 1025 5.95 -4.51 89.82
C GLY D 1025 5.40 -3.56 90.86
N LEU D 1026 4.71 -4.13 91.88
CA LEU D 1026 4.08 -3.27 92.86
C LEU D 1026 5.07 -2.73 93.87
N MET D 1027 6.12 -3.48 94.17
CA MET D 1027 6.98 -3.06 95.25
C MET D 1027 8.17 -2.25 94.77
N LEU D 1028 8.49 -2.31 93.48
CA LEU D 1028 9.71 -1.71 92.97
C LEU D 1028 9.47 -0.51 92.05
N THR D 1029 8.42 -0.55 91.21
CA THR D 1029 8.16 0.59 90.33
C THR D 1029 7.99 1.91 91.09
N PRO D 1030 7.28 1.98 92.22
CA PRO D 1030 7.29 3.25 92.97
C PRO D 1030 8.70 3.68 93.39
N VAL D 1031 9.55 2.74 93.81
CA VAL D 1031 10.91 3.13 94.22
C VAL D 1031 11.60 3.83 93.07
N PHE D 1032 11.66 3.16 91.91
CA PHE D 1032 12.32 3.76 90.77
C PHE D 1032 11.75 5.13 90.49
N TYR D 1033 10.42 5.28 90.54
CA TYR D 1033 9.84 6.58 90.17
C TYR D 1033 10.37 7.69 91.08
N VAL D 1034 10.27 7.50 92.40
CA VAL D 1034 10.70 8.54 93.31
C VAL D 1034 12.18 8.81 93.12
N VAL D 1035 12.93 7.75 92.86
CA VAL D 1035 14.37 7.90 92.65
C VAL D 1035 14.64 8.74 91.42
N LEU D 1036 14.00 8.40 90.29
CA LEU D 1036 14.32 9.09 89.05
C LEU D 1036 13.89 10.55 89.06
N ARG D 1037 12.76 10.87 89.70
CA ARG D 1037 12.24 12.24 89.65
C ARG D 1037 13.08 13.20 90.47
N THR D 1038 13.80 12.71 91.48
CA THR D 1038 14.61 13.56 92.35
C THR D 1038 16.06 13.70 91.85
N LEU D 1039 16.26 13.68 90.54
CA LEU D 1039 17.53 14.08 89.94
C LEU D 1039 17.43 15.34 89.07
N ALA D 1040 16.27 16.01 89.04
CA ALA D 1040 16.16 17.27 88.31
C ALA D 1040 15.66 18.40 89.20
N GLY D 1041 15.75 18.22 90.51
CA GLY D 1041 15.25 19.20 91.46
C GLY D 1041 16.09 19.17 92.73
N GLY D 1042 15.96 20.27 93.49
CA GLY D 1042 16.67 20.48 94.75
C GLY D 1042 17.98 19.75 94.99
N ASN E 2 -16.11 19.49 59.50
CA ASN E 2 -15.86 20.35 58.34
C ASN E 2 -14.75 19.80 57.46
N ILE E 3 -15.10 18.85 56.61
CA ILE E 3 -14.15 18.31 55.64
C ILE E 3 -14.06 19.24 54.45
N SER E 4 -15.23 19.72 54.02
CA SER E 4 -15.37 20.56 52.85
C SER E 4 -15.01 22.01 53.09
N LYS E 5 -14.90 22.44 54.36
CA LYS E 5 -14.59 23.84 54.61
C LYS E 5 -13.23 24.23 54.02
N PHE E 6 -12.22 23.36 54.20
CA PHE E 6 -10.88 23.69 53.76
C PHE E 6 -10.85 24.05 52.28
N PHE E 7 -11.55 23.27 51.46
CA PHE E 7 -11.51 23.50 50.03
C PHE E 7 -12.53 24.55 49.58
N ILE E 8 -13.66 24.68 50.29
CA ILE E 8 -14.57 25.80 50.01
C ILE E 8 -13.80 27.08 50.09
N ASP E 9 -12.94 27.18 51.08
CA ASP E 9 -12.14 28.39 51.20
C ASP E 9 -10.93 28.42 50.28
N ARG E 10 -10.51 27.27 49.74
CA ARG E 10 -9.34 27.22 48.87
C ARG E 10 -9.75 26.53 47.58
N PRO E 11 -10.53 27.21 46.73
CA PRO E 11 -10.98 26.56 45.49
C PRO E 11 -9.82 26.14 44.57
N ILE E 12 -8.71 26.91 44.54
CA ILE E 12 -7.56 26.53 43.74
C ILE E 12 -6.92 25.26 44.29
N PHE E 13 -6.87 25.09 45.60
CA PHE E 13 -6.35 23.83 46.15
C PHE E 13 -7.21 22.65 45.67
N ALA E 14 -8.54 22.80 45.77
CA ALA E 14 -9.43 21.73 45.35
C ALA E 14 -9.26 21.44 43.87
N GLY E 15 -9.19 22.49 43.04
CA GLY E 15 -8.95 22.31 41.64
C GLY E 15 -7.64 21.61 41.36
N VAL E 16 -6.59 21.96 42.11
CA VAL E 16 -5.29 21.34 41.86
C VAL E 16 -5.39 19.84 42.08
N LEU E 17 -6.04 19.43 43.17
CA LEU E 17 -6.24 18.00 43.39
C LEU E 17 -7.03 17.37 42.25
N SER E 18 -8.08 18.04 41.80
CA SER E 18 -8.91 17.43 40.77
C SER E 18 -8.16 17.31 39.45
N VAL E 19 -7.34 18.31 39.12
CA VAL E 19 -6.53 18.26 37.90
C VAL E 19 -5.50 17.15 38.03
N ILE E 20 -4.97 16.89 39.23
CA ILE E 20 -4.06 15.76 39.39
C ILE E 20 -4.80 14.43 39.15
N ILE E 21 -6.00 14.28 39.71
CA ILE E 21 -6.79 13.07 39.46
C ILE E 21 -7.04 12.90 37.96
N LEU E 22 -7.43 13.99 37.29
CA LEU E 22 -7.72 13.97 35.87
C LEU E 22 -6.50 13.58 35.05
N LEU E 23 -5.34 14.18 35.37
CA LEU E 23 -4.13 13.91 34.61
C LEU E 23 -3.69 12.47 34.79
N ALA E 24 -3.74 11.96 36.03
CA ALA E 24 -3.46 10.55 36.24
C ALA E 24 -4.39 9.70 35.39
N GLY E 25 -5.68 10.05 35.38
CA GLY E 25 -6.62 9.27 34.60
C GLY E 25 -6.32 9.26 33.11
N MET E 26 -5.88 10.39 32.56
CA MET E 26 -5.55 10.42 31.14
C MET E 26 -4.27 9.63 30.82
N ILE E 27 -3.25 9.77 31.66
CA ILE E 27 -2.07 8.93 31.51
C ILE E 27 -2.48 7.46 31.56
N ALA E 28 -3.28 7.09 32.55
CA ALA E 28 -3.66 5.69 32.68
C ALA E 28 -4.44 5.24 31.47
N MET E 29 -5.30 6.10 30.95
CA MET E 29 -6.03 5.79 29.74
C MET E 29 -5.04 5.41 28.63
N PHE E 30 -3.92 6.14 28.51
CA PHE E 30 -3.00 5.74 27.45
C PHE E 30 -2.10 4.56 27.83
N LEU E 31 -2.16 4.07 29.05
CA LEU E 31 -1.38 2.89 29.39
C LEU E 31 -2.25 1.66 29.60
N LEU E 32 -3.49 1.73 29.29
CA LEU E 32 -4.15 0.54 29.76
C LEU E 32 -4.15 -0.55 28.69
N PRO E 33 -4.20 -1.80 29.15
CA PRO E 33 -4.58 -2.89 28.26
C PRO E 33 -5.96 -2.64 27.69
N ILE E 34 -6.11 -2.93 26.40
CA ILE E 34 -7.40 -2.85 25.75
C ILE E 34 -7.69 -4.21 25.13
N SER E 35 -8.88 -4.74 25.38
CA SER E 35 -9.28 -6.01 24.79
C SER E 35 -10.79 -6.12 24.86
N GLU E 36 -11.34 -7.10 24.15
CA GLU E 36 -12.80 -7.14 24.11
C GLU E 36 -13.39 -7.67 25.40
N TYR E 37 -12.74 -8.66 26.02
CA TYR E 37 -13.16 -9.27 27.28
C TYR E 37 -11.93 -9.38 28.15
N PRO E 38 -12.11 -9.64 29.45
CA PRO E 38 -10.95 -9.93 30.30
C PRO E 38 -10.47 -11.36 30.07
N GLU E 39 -9.39 -11.71 30.75
CA GLU E 39 -8.87 -13.07 30.66
C GLU E 39 -9.88 -13.97 31.35
N VAL E 40 -10.74 -14.64 30.57
CA VAL E 40 -11.78 -15.46 31.16
C VAL E 40 -11.59 -16.93 30.87
N VAL E 41 -10.91 -17.28 29.79
CA VAL E 41 -10.66 -18.67 29.38
C VAL E 41 -9.42 -19.19 30.11
N PRO E 42 -9.51 -20.30 30.84
CA PRO E 42 -8.36 -20.80 31.63
C PRO E 42 -7.16 -21.11 30.75
N PRO E 43 -5.95 -20.85 31.24
CA PRO E 43 -4.76 -21.06 30.41
C PRO E 43 -4.50 -22.52 30.11
N SER E 44 -3.93 -22.79 28.94
CA SER E 44 -3.60 -24.16 28.58
C SER E 44 -2.28 -24.20 27.82
N VAL E 45 -1.64 -25.36 27.89
CA VAL E 45 -0.42 -25.65 27.15
C VAL E 45 -0.77 -26.63 26.05
N ILE E 46 -0.08 -26.51 24.91
CA ILE E 46 -0.35 -27.34 23.72
C ILE E 46 0.93 -28.01 23.24
N VAL E 47 0.86 -29.33 23.08
CA VAL E 47 1.95 -30.22 22.66
C VAL E 47 1.57 -30.91 21.36
N LYS E 48 2.50 -31.00 20.38
CA LYS E 48 2.07 -31.53 19.07
C LYS E 48 2.68 -32.85 18.60
N ALA E 49 3.96 -32.99 18.24
CA ALA E 49 4.32 -34.36 17.79
C ALA E 49 3.61 -34.96 16.56
N GLN E 50 4.16 -34.80 15.35
CA GLN E 50 3.70 -35.58 14.19
C GLN E 50 4.21 -37.02 14.24
N TYR E 51 3.38 -37.97 13.77
CA TYR E 51 3.80 -39.36 13.53
C TYR E 51 3.27 -39.84 12.17
N PRO E 52 3.86 -39.39 11.07
CA PRO E 52 3.25 -39.61 9.76
C PRO E 52 3.13 -41.08 9.40
N GLY E 53 1.94 -41.45 8.92
CA GLY E 53 1.63 -42.80 8.53
C GLY E 53 0.99 -43.63 9.61
N ALA E 54 1.15 -43.24 10.87
CA ALA E 54 0.64 -44.04 11.98
C ALA E 54 -0.88 -43.95 12.10
N ASN E 55 -1.51 -45.09 12.39
CA ASN E 55 -2.95 -45.12 12.57
C ASN E 55 -3.30 -44.40 13.87
N PRO E 56 -4.44 -43.70 13.91
CA PRO E 56 -4.79 -42.95 15.12
C PRO E 56 -4.76 -43.75 16.41
N LYS E 57 -5.16 -45.03 16.38
CA LYS E 57 -5.06 -45.80 17.62
C LYS E 57 -3.60 -45.94 18.05
N VAL E 58 -2.72 -46.20 17.09
CA VAL E 58 -1.28 -46.33 17.39
C VAL E 58 -0.71 -45.01 17.90
N ILE E 59 -1.11 -43.89 17.31
CA ILE E 59 -0.63 -42.60 17.79
C ILE E 59 -1.11 -42.38 19.21
N ALA E 60 -2.38 -42.68 19.47
CA ALA E 60 -2.96 -42.47 20.79
C ALA E 60 -2.26 -43.31 21.84
N GLU E 61 -1.90 -44.54 21.50
CA GLU E 61 -1.42 -45.47 22.52
C GLU E 61 0.09 -45.50 22.65
N THR E 62 0.84 -45.21 21.59
CA THR E 62 2.29 -45.18 21.69
C THR E 62 2.88 -43.77 21.69
N VAL E 63 2.12 -42.74 21.33
CA VAL E 63 2.59 -41.36 21.39
C VAL E 63 1.84 -40.59 22.46
N ALA E 64 0.52 -40.48 22.33
CA ALA E 64 -0.22 -39.68 23.28
C ALA E 64 -0.09 -40.25 24.68
N SER E 65 -0.26 -41.57 24.82
CA SER E 65 -0.35 -42.16 26.16
C SER E 65 0.92 -41.98 26.98
N PRO E 66 2.13 -42.30 26.48
CA PRO E 66 3.33 -42.03 27.30
C PRO E 66 3.52 -40.56 27.68
N LEU E 67 3.23 -39.65 26.74
CA LEU E 67 3.30 -38.23 27.08
C LEU E 67 2.30 -37.89 28.18
N GLU E 68 1.06 -38.37 28.09
CA GLU E 68 0.06 -38.08 29.11
C GLU E 68 0.46 -38.67 30.47
N GLU E 69 1.06 -39.86 30.47
CA GLU E 69 1.45 -40.46 31.73
C GLU E 69 2.53 -39.62 32.41
N GLN E 70 3.43 -39.02 31.63
CA GLN E 70 4.37 -38.09 32.29
C GLN E 70 3.72 -36.76 32.66
N ILE E 71 2.91 -36.21 31.78
CA ILE E 71 2.30 -34.92 31.99
C ILE E 71 1.36 -34.96 33.19
N ASN E 72 0.68 -36.07 33.39
CA ASN E 72 -0.34 -36.15 34.42
C ASN E 72 0.28 -35.84 35.78
N GLY E 73 -0.49 -35.16 36.62
CA GLY E 73 -0.02 -34.83 37.95
C GLY E 73 0.81 -33.57 38.04
N VAL E 74 0.89 -32.80 36.97
CA VAL E 74 1.56 -31.52 37.02
C VAL E 74 0.74 -30.57 37.89
N GLU E 75 1.41 -29.66 38.57
CA GLU E 75 0.71 -28.77 39.51
C GLU E 75 -0.29 -27.87 38.81
N ASP E 76 -1.43 -27.65 39.44
CA ASP E 76 -2.46 -26.73 38.97
C ASP E 76 -3.18 -27.18 37.70
N MET E 77 -3.12 -28.47 37.35
CA MET E 77 -3.77 -28.95 36.13
C MET E 77 -5.27 -29.13 36.33
N LEU E 78 -6.08 -28.48 35.50
CA LEU E 78 -7.52 -28.71 35.54
C LEU E 78 -7.92 -30.03 34.89
N TYR E 79 -7.44 -30.27 33.67
CA TYR E 79 -7.65 -31.54 32.96
C TYR E 79 -6.74 -31.54 31.74
N MET E 80 -6.72 -32.67 31.03
CA MET E 80 -5.93 -32.78 29.81
C MET E 80 -6.67 -33.64 28.82
N GLN E 81 -6.50 -33.34 27.54
CA GLN E 81 -7.04 -34.24 26.52
C GLN E 81 -6.06 -34.29 25.36
N SER E 82 -5.85 -35.50 24.84
CA SER E 82 -5.06 -35.72 23.64
C SER E 82 -5.97 -36.12 22.49
N GLN E 83 -5.50 -35.85 21.28
CA GLN E 83 -6.24 -36.18 20.07
C GLN E 83 -5.26 -36.62 19.00
N ALA E 84 -5.48 -37.81 18.47
CA ALA E 84 -4.70 -38.34 17.38
C ALA E 84 -5.57 -38.33 16.14
N ASN E 85 -5.05 -37.78 15.05
CA ASN E 85 -5.78 -37.63 13.80
C ASN E 85 -5.16 -38.54 12.75
N SER E 86 -5.99 -38.95 11.77
CA SER E 86 -5.53 -39.89 10.75
C SER E 86 -4.45 -39.31 9.85
N ASP E 87 -4.27 -37.98 9.82
CA ASP E 87 -3.17 -37.39 9.08
C ASP E 87 -1.84 -37.47 9.83
N GLY E 88 -1.81 -38.21 10.93
CA GLY E 88 -0.58 -38.49 11.64
C GLY E 88 -0.20 -37.50 12.71
N ASN E 89 -1.05 -36.52 12.98
CA ASN E 89 -0.74 -35.49 13.96
C ASN E 89 -1.27 -35.87 15.33
N MET E 90 -0.54 -35.46 16.36
CA MET E 90 -0.91 -35.74 17.74
C MET E 90 -1.00 -34.40 18.46
N THR E 91 -2.05 -34.18 19.24
CA THR E 91 -2.19 -32.88 19.91
C THR E 91 -2.70 -33.07 21.33
N ILE E 92 -1.91 -32.67 22.31
CA ILE E 92 -2.31 -32.66 23.72
C ILE E 92 -2.58 -31.22 24.15
N THR E 93 -3.72 -31.00 24.80
CA THR E 93 -4.05 -29.71 25.42
C THR E 93 -4.24 -29.92 26.91
N VAL E 94 -3.33 -29.33 27.71
CA VAL E 94 -3.37 -29.41 29.17
C VAL E 94 -3.90 -28.09 29.68
N THR E 95 -5.08 -28.11 30.30
CA THR E 95 -5.67 -26.91 30.85
C THR E 95 -5.45 -26.83 32.34
N PHE E 96 -5.01 -25.65 32.79
CA PHE E 96 -4.74 -25.32 34.17
C PHE E 96 -5.82 -24.40 34.71
N LYS E 97 -5.87 -24.29 36.04
CA LYS E 97 -6.82 -23.39 36.69
C LYS E 97 -6.52 -21.95 36.31
N LEU E 98 -7.57 -21.16 36.09
CA LEU E 98 -7.38 -19.77 35.68
C LEU E 98 -6.52 -19.04 36.70
N GLY E 99 -5.61 -18.21 36.20
CA GLY E 99 -4.68 -17.53 37.04
C GLY E 99 -3.38 -18.27 37.29
N THR E 100 -3.26 -19.49 36.83
CA THR E 100 -1.94 -20.11 36.79
C THR E 100 -1.09 -19.33 35.81
N ASP E 101 0.20 -19.23 36.08
CA ASP E 101 1.04 -18.48 35.16
C ASP E 101 1.25 -19.33 33.91
N PRO E 102 0.80 -18.88 32.75
CA PRO E 102 0.96 -19.68 31.54
C PRO E 102 2.39 -20.07 31.24
N ASP E 103 3.34 -19.17 31.46
CA ASP E 103 4.71 -19.46 31.06
C ASP E 103 5.37 -20.49 31.99
N LYS E 104 5.15 -20.36 33.29
CA LYS E 104 5.67 -21.35 34.22
C LYS E 104 5.06 -22.72 33.93
N ALA E 105 3.75 -22.73 33.66
CA ALA E 105 3.05 -23.96 33.33
C ALA E 105 3.61 -24.58 32.06
N THR E 106 3.86 -23.76 31.04
CA THR E 106 4.41 -24.30 29.82
C THR E 106 5.78 -24.92 30.04
N GLN E 107 6.65 -24.29 30.83
CA GLN E 107 7.95 -24.93 31.01
C GLN E 107 7.83 -26.24 31.78
N LEU E 108 7.01 -26.29 32.83
CA LEU E 108 6.91 -27.55 33.57
C LEU E 108 6.31 -28.67 32.71
N VAL E 109 5.26 -28.39 31.93
CA VAL E 109 4.77 -29.45 31.04
C VAL E 109 5.83 -29.77 29.98
N GLN E 110 6.67 -28.80 29.61
CA GLN E 110 7.79 -29.08 28.73
C GLN E 110 8.77 -30.06 29.36
N ASN E 111 9.03 -29.86 30.65
CA ASN E 111 9.92 -30.73 31.41
C ASN E 111 9.42 -32.16 31.41
N ARG E 112 8.13 -32.33 31.74
CA ARG E 112 7.58 -33.68 31.73
C ARG E 112 7.61 -34.29 30.34
N VAL E 113 7.28 -33.50 29.31
CA VAL E 113 7.31 -34.03 27.95
C VAL E 113 8.73 -34.54 27.63
N ASN E 114 9.75 -33.79 28.07
CA ASN E 114 11.14 -34.23 27.89
C ASN E 114 11.41 -35.53 28.63
N GLN E 115 10.87 -35.68 29.84
CA GLN E 115 11.03 -36.95 30.54
C GLN E 115 10.46 -38.10 29.73
N ALA E 116 9.31 -37.90 29.11
CA ALA E 116 8.69 -38.96 28.31
C ALA E 116 9.41 -39.21 26.99
N LEU E 117 10.09 -38.20 26.46
CA LEU E 117 10.57 -38.22 25.09
C LEU E 117 11.37 -39.45 24.68
N PRO E 118 12.32 -39.96 25.46
CA PRO E 118 13.11 -41.10 24.94
C PRO E 118 12.31 -42.37 24.68
N ARG E 119 11.18 -42.59 25.37
CA ARG E 119 10.37 -43.76 25.05
C ARG E 119 9.47 -43.58 23.83
N LEU E 120 9.43 -42.39 23.25
CA LEU E 120 8.56 -42.17 22.11
C LEU E 120 9.19 -42.83 20.88
N PRO E 121 8.40 -43.12 19.84
CA PRO E 121 8.98 -43.72 18.63
C PRO E 121 10.08 -42.84 18.05
N GLU E 122 11.02 -43.45 17.32
CA GLU E 122 12.13 -42.68 16.78
C GLU E 122 11.66 -41.62 15.80
N ASP E 123 10.68 -41.95 14.97
CA ASP E 123 10.25 -40.98 13.96
C ASP E 123 9.58 -39.79 14.62
N VAL E 124 8.79 -40.03 15.67
CA VAL E 124 8.18 -38.93 16.39
C VAL E 124 9.27 -38.05 17.02
N GLN E 125 10.36 -38.67 17.48
CA GLN E 125 11.50 -37.92 18.01
C GLN E 125 12.22 -37.14 16.92
N ARG E 126 12.37 -37.72 15.73
CA ARG E 126 13.07 -37.00 14.67
C ARG E 126 12.27 -35.78 14.21
N LEU E 127 10.94 -35.89 14.05
CA LEU E 127 10.22 -34.67 13.74
C LEU E 127 10.20 -33.70 14.92
N GLY E 128 10.27 -34.19 16.14
CA GLY E 128 10.37 -33.28 17.27
C GLY E 128 9.02 -33.00 17.91
N ILE E 129 9.05 -32.63 19.19
CA ILE E 129 7.86 -32.26 19.95
C ILE E 129 7.98 -30.76 20.22
N THR E 130 6.85 -30.06 20.19
CA THR E 130 6.86 -28.65 20.56
C THR E 130 5.77 -28.41 21.59
N THR E 131 6.08 -27.59 22.57
CA THR E 131 5.16 -27.30 23.67
C THR E 131 5.06 -25.79 23.83
N VAL E 132 3.85 -25.26 23.69
CA VAL E 132 3.68 -23.81 23.61
C VAL E 132 2.46 -23.36 24.42
N LYS E 133 2.58 -22.17 25.00
CA LYS E 133 1.46 -21.57 25.71
C LYS E 133 0.39 -21.18 24.70
N SER E 134 -0.82 -21.60 24.97
CA SER E 134 -1.94 -21.22 24.13
C SER E 134 -2.29 -19.77 24.42
N SER E 135 -2.52 -19.00 23.34
CA SER E 135 -3.00 -17.60 23.42
C SER E 135 -4.44 -17.54 22.96
N PRO E 136 -5.41 -17.62 23.87
CA PRO E 136 -6.82 -17.72 23.46
C PRO E 136 -7.44 -16.41 22.98
N THR E 137 -6.77 -15.27 23.16
CA THR E 137 -7.35 -13.98 22.78
C THR E 137 -6.91 -13.65 21.36
N LEU E 138 -7.80 -13.86 20.40
CA LEU E 138 -7.48 -13.66 18.98
C LEU E 138 -7.77 -12.22 18.59
N THR E 139 -6.72 -11.46 18.23
CA THR E 139 -6.82 -10.05 17.87
C THR E 139 -7.36 -9.83 16.46
N MET E 140 -6.74 -10.46 15.45
CA MET E 140 -7.23 -10.34 14.08
C MET E 140 -6.68 -11.47 13.23
N VAL E 141 -7.30 -11.65 12.07
CA VAL E 141 -6.88 -12.64 11.08
C VAL E 141 -6.54 -11.94 9.76
N VAL E 142 -5.33 -12.16 9.28
CA VAL E 142 -4.86 -11.65 7.99
C VAL E 142 -4.59 -12.81 7.05
N HIS E 143 -5.12 -12.72 5.84
CA HIS E 143 -4.89 -13.73 4.82
C HIS E 143 -3.92 -13.22 3.77
N LEU E 144 -2.97 -14.08 3.38
CA LEU E 144 -2.28 -13.93 2.11
C LEU E 144 -3.08 -14.66 1.04
N ILE E 145 -3.19 -14.05 -0.14
CA ILE E 145 -4.10 -14.51 -1.18
C ILE E 145 -3.41 -14.40 -2.55
N SER E 146 -3.82 -15.27 -3.47
CA SER E 146 -3.46 -15.13 -4.88
C SER E 146 -4.71 -14.80 -5.66
N PRO E 147 -4.97 -13.52 -5.93
CA PRO E 147 -6.27 -13.11 -6.50
C PRO E 147 -6.45 -13.49 -7.94
N ASN E 148 -5.40 -13.96 -8.63
CA ASN E 148 -5.50 -14.43 -10.01
C ASN E 148 -4.91 -15.83 -10.17
N ASP E 149 -4.87 -16.60 -9.09
CA ASP E 149 -4.39 -18.00 -9.05
C ASP E 149 -2.94 -18.14 -9.51
N SER E 150 -2.18 -17.05 -9.51
CA SER E 150 -0.78 -17.11 -9.95
C SER E 150 0.05 -18.05 -9.08
N TYR E 151 -0.15 -18.02 -7.77
CA TYR E 151 0.69 -18.79 -6.87
C TYR E 151 -0.19 -19.65 -5.98
N ASP E 152 0.35 -20.76 -5.50
CA ASP E 152 -0.43 -21.76 -4.79
C ASP E 152 -0.30 -21.64 -3.28
N MET E 153 -1.08 -22.47 -2.59
CA MET E 153 -1.21 -22.42 -1.14
C MET E 153 0.13 -22.64 -0.42
N THR E 154 0.90 -23.65 -0.84
CA THR E 154 2.18 -23.88 -0.16
C THR E 154 3.15 -22.72 -0.42
N TYR E 155 3.08 -22.12 -1.60
CA TYR E 155 3.86 -20.91 -1.86
C TYR E 155 3.44 -19.79 -0.92
N LEU E 156 2.12 -19.58 -0.77
CA LEU E 156 1.61 -18.47 0.06
C LEU E 156 2.01 -18.64 1.51
N ARG E 157 1.91 -19.88 2.02
CA ARG E 157 2.32 -20.12 3.39
C ARG E 157 3.81 -19.90 3.55
N ASN E 158 4.61 -20.35 2.58
CA ASN E 158 6.05 -20.12 2.68
C ASN E 158 6.37 -18.64 2.66
N TYR E 159 5.64 -17.87 1.83
CA TYR E 159 5.90 -16.45 1.75
C TYR E 159 5.62 -15.79 3.08
N ALA E 160 4.44 -16.05 3.65
CA ALA E 160 4.11 -15.51 4.97
C ALA E 160 5.19 -15.88 5.98
N LEU E 161 5.66 -17.13 5.93
CA LEU E 161 6.68 -17.61 6.84
C LEU E 161 8.01 -16.88 6.67
N ILE E 162 8.40 -16.54 5.44
CA ILE E 162 9.72 -15.96 5.23
C ILE E 162 9.68 -14.45 5.48
N ASN E 163 8.64 -13.78 4.97
CA ASN E 163 8.59 -12.33 4.88
C ASN E 163 7.58 -11.67 5.80
N VAL E 164 6.47 -12.30 6.13
CA VAL E 164 5.41 -11.61 6.85
C VAL E 164 5.39 -11.99 8.32
N LYS E 165 5.45 -13.29 8.63
CA LYS E 165 5.09 -13.74 9.97
C LYS E 165 5.99 -13.10 11.02
N ASP E 166 7.27 -12.94 10.74
CA ASP E 166 8.17 -12.47 11.78
C ASP E 166 7.93 -11.00 12.06
N ARG E 167 7.63 -10.22 11.02
CA ARG E 167 7.29 -8.81 11.22
C ARG E 167 6.03 -8.67 12.06
N LEU E 168 5.00 -9.45 11.75
CA LEU E 168 3.78 -9.44 12.55
C LEU E 168 4.08 -9.85 13.98
N SER E 169 4.84 -10.92 14.16
CA SER E 169 5.13 -11.48 15.47
C SER E 169 6.03 -10.61 16.34
N ARG E 170 6.74 -9.64 15.77
CA ARG E 170 7.52 -8.75 16.62
C ARG E 170 6.75 -7.51 17.07
N ILE E 171 5.49 -7.36 16.67
CA ILE E 171 4.73 -6.20 17.12
C ILE E 171 4.52 -6.31 18.63
N GLN E 172 4.50 -5.14 19.29
CA GLN E 172 4.49 -5.03 20.75
C GLN E 172 3.13 -5.44 21.31
N GLY E 173 3.04 -6.67 21.81
CA GLY E 173 1.81 -7.18 22.38
C GLY E 173 1.27 -8.39 21.64
N VAL E 174 1.83 -8.72 20.49
CA VAL E 174 1.42 -9.91 19.77
C VAL E 174 1.99 -11.11 20.51
N GLY E 175 1.12 -12.03 20.90
CA GLY E 175 1.62 -13.18 21.63
C GLY E 175 1.94 -14.34 20.71
N GLN E 176 1.24 -14.40 19.58
CA GLN E 176 1.44 -15.51 18.68
C GLN E 176 0.89 -15.15 17.29
N VAL E 177 1.62 -15.57 16.25
CA VAL E 177 1.11 -15.57 14.89
C VAL E 177 0.93 -17.03 14.50
N GLN E 178 -0.26 -17.41 14.05
CA GLN E 178 -0.55 -18.79 13.68
C GLN E 178 -0.87 -18.88 12.19
N LEU E 179 -0.16 -19.74 11.47
CA LEU E 179 -0.42 -19.94 10.06
C LEU E 179 -1.44 -21.05 9.91
N TRP E 180 -2.48 -20.82 9.13
CA TRP E 180 -3.54 -21.79 8.91
C TRP E 180 -3.66 -22.00 7.41
N GLY E 181 -3.25 -23.16 6.93
CA GLY E 181 -3.35 -23.48 5.50
C GLY E 181 -2.45 -24.65 5.13
N ALA E 182 -2.07 -24.67 3.86
CA ALA E 182 -1.38 -25.84 3.31
C ALA E 182 -0.04 -26.07 4.00
N GLY E 183 0.57 -27.20 3.71
CA GLY E 183 1.83 -27.53 4.34
C GLY E 183 2.95 -26.66 3.80
N ASP E 184 4.00 -26.51 4.61
CA ASP E 184 5.16 -25.75 4.16
C ASP E 184 6.03 -26.57 3.18
N TYR E 185 6.96 -25.88 2.55
CA TYR E 185 7.81 -26.48 1.52
C TYR E 185 8.67 -27.62 2.07
N ALA E 186 8.83 -28.65 1.24
CA ALA E 186 9.61 -29.84 1.56
C ALA E 186 10.24 -30.33 0.27
N MET E 187 11.33 -31.06 0.38
CA MET E 187 11.82 -31.79 -0.79
C MET E 187 11.17 -33.16 -0.75
N ARG E 188 10.22 -33.42 -1.65
CA ARG E 188 9.55 -34.71 -1.73
C ARG E 188 10.16 -35.56 -2.83
N VAL E 189 10.48 -36.83 -2.52
CA VAL E 189 10.84 -37.81 -3.56
C VAL E 189 9.77 -38.91 -3.58
N TRP E 190 9.05 -38.98 -4.69
CA TRP E 190 7.93 -39.90 -4.88
C TRP E 190 8.46 -41.13 -5.61
N LEU E 191 8.67 -42.21 -4.87
CA LEU E 191 9.22 -43.43 -5.43
C LEU E 191 8.20 -44.11 -6.33
N ASP E 192 8.68 -44.70 -7.43
CA ASP E 192 7.95 -45.64 -8.27
C ASP E 192 8.30 -47.04 -7.80
N PRO E 193 7.49 -47.65 -6.93
CA PRO E 193 7.90 -48.92 -6.30
C PRO E 193 8.15 -50.04 -7.31
N GLN E 194 7.45 -50.03 -8.44
CA GLN E 194 7.80 -50.91 -9.56
C GLN E 194 9.24 -50.72 -9.97
N LYS E 195 9.63 -49.46 -10.23
CA LYS E 195 11.00 -49.18 -10.63
C LYS E 195 11.99 -49.51 -9.51
N VAL E 196 11.62 -49.20 -8.26
CA VAL E 196 12.53 -49.45 -7.13
C VAL E 196 12.82 -50.93 -7.02
N ALA E 197 11.81 -51.75 -7.26
CA ALA E 197 11.98 -53.20 -7.21
C ALA E 197 12.72 -53.74 -8.43
N GLN E 198 12.44 -53.21 -9.61
CA GLN E 198 13.08 -53.71 -10.82
C GLN E 198 14.60 -53.62 -10.71
N ARG E 199 15.09 -52.48 -10.25
CA ARG E 199 16.51 -52.33 -9.99
C ARG E 199 16.94 -53.00 -8.68
N ASN E 200 16.09 -53.86 -8.12
CA ASN E 200 16.37 -54.70 -6.95
C ASN E 200 16.72 -53.89 -5.69
N LEU E 201 15.86 -52.92 -5.38
CA LEU E 201 16.04 -52.07 -4.22
C LEU E 201 14.74 -52.03 -3.44
N THR E 202 14.85 -51.97 -2.12
CA THR E 202 13.75 -51.63 -1.23
C THR E 202 13.81 -50.16 -0.84
N ALA E 203 12.66 -49.63 -0.41
CA ALA E 203 12.57 -48.21 -0.09
C ALA E 203 13.58 -47.79 0.97
N ASP E 204 13.82 -48.68 1.93
CA ASP E 204 14.86 -48.47 2.94
C ASP E 204 16.21 -48.15 2.29
N ASP E 205 16.53 -48.83 1.18
CA ASP E 205 17.79 -48.57 0.48
C ASP E 205 17.88 -47.12 0.03
N VAL E 206 16.80 -46.61 -0.57
CA VAL E 206 16.82 -45.25 -1.09
C VAL E 206 16.91 -44.25 0.05
N VAL E 207 16.19 -44.48 1.16
CA VAL E 207 16.29 -43.52 2.27
C VAL E 207 17.71 -43.54 2.84
N ARG E 208 18.35 -44.71 2.90
CA ARG E 208 19.73 -44.76 3.36
C ARG E 208 20.66 -44.01 2.40
N ALA E 209 20.42 -44.12 1.09
CA ALA E 209 21.25 -43.40 0.13
C ALA E 209 21.12 -41.89 0.33
N ILE E 210 19.89 -41.40 0.54
CA ILE E 210 19.63 -39.97 0.76
C ILE E 210 20.29 -39.47 2.05
N ARG E 211 20.25 -40.27 3.12
CA ARG E 211 20.98 -39.90 4.33
C ARG E 211 22.49 -39.87 4.09
N GLU E 212 22.99 -40.77 3.24
CA GLU E 212 24.43 -40.82 3.02
C GLU E 212 24.90 -39.64 2.19
N GLN E 213 24.14 -39.25 1.17
CA GLN E 213 24.61 -38.27 0.20
C GLN E 213 24.06 -36.86 0.38
N ASN E 214 23.14 -36.64 1.32
CA ASN E 214 22.64 -35.29 1.63
C ASN E 214 22.92 -35.00 3.11
N VAL E 215 24.12 -34.51 3.40
CA VAL E 215 24.54 -34.33 4.77
C VAL E 215 25.75 -33.41 4.81
N GLN E 216 25.78 -32.51 5.78
CA GLN E 216 26.99 -31.72 5.96
C GLN E 216 28.13 -32.65 6.39
N VAL E 217 29.36 -32.20 6.19
CA VAL E 217 30.52 -32.94 6.65
C VAL E 217 31.37 -31.95 7.44
N ALA E 218 31.96 -32.42 8.53
CA ALA E 218 32.94 -31.62 9.25
C ALA E 218 34.32 -32.02 8.74
N ALA E 219 34.77 -31.35 7.67
CA ALA E 219 35.87 -31.83 6.86
C ALA E 219 37.24 -31.71 7.51
N GLY E 220 37.37 -30.94 8.59
CA GLY E 220 38.63 -30.85 9.33
C GLY E 220 39.32 -29.51 9.14
N VAL E 221 40.47 -29.40 9.81
CA VAL E 221 41.28 -28.18 9.84
C VAL E 221 42.75 -28.55 9.74
N ILE E 222 43.48 -27.86 8.87
CA ILE E 222 44.89 -28.10 8.62
C ILE E 222 45.73 -27.13 9.44
N GLY E 223 46.69 -27.67 10.17
CA GLY E 223 47.64 -26.83 10.86
C GLY E 223 47.15 -26.21 12.12
N ALA E 224 46.07 -26.75 12.68
CA ALA E 224 45.48 -26.24 13.91
C ALA E 224 46.34 -26.66 15.11
N SER E 225 46.02 -26.06 16.24
CA SER E 225 46.73 -26.40 17.46
C SER E 225 46.28 -27.78 17.94
N PRO E 226 47.18 -28.57 18.52
CA PRO E 226 48.60 -28.27 18.68
C PRO E 226 49.37 -28.62 17.38
N THR E 227 50.38 -27.82 17.07
CA THR E 227 51.08 -27.90 15.80
C THR E 227 52.59 -27.80 15.96
N LEU E 228 53.29 -28.40 14.99
CA LEU E 228 54.73 -28.49 15.05
C LEU E 228 55.33 -27.11 14.86
N PRO E 229 56.42 -26.83 15.50
CA PRO E 229 56.86 -25.44 15.59
C PRO E 229 57.42 -24.90 14.30
N GLY E 230 56.52 -24.33 13.52
CA GLY E 230 56.80 -23.67 12.26
C GLY E 230 55.62 -23.69 11.31
N THR E 231 54.58 -24.46 11.59
CA THR E 231 53.39 -24.40 10.77
C THR E 231 52.90 -22.96 10.67
N PRO E 232 52.85 -22.38 9.49
CA PRO E 232 52.62 -20.93 9.38
C PRO E 232 51.16 -20.49 9.50
N LEU E 233 50.27 -21.30 8.93
CA LEU E 233 48.88 -20.94 8.75
C LEU E 233 48.00 -22.04 9.30
N GLN E 234 46.80 -21.65 9.71
CA GLN E 234 45.76 -22.59 10.09
C GLN E 234 44.68 -22.46 9.03
N LEU E 235 44.46 -23.53 8.27
CA LEU E 235 43.53 -23.48 7.14
C LEU E 235 42.38 -24.40 7.43
N SER E 236 41.16 -23.87 7.40
CA SER E 236 39.99 -24.72 7.55
C SER E 236 39.62 -25.37 6.21
N VAL E 237 39.06 -26.58 6.28
CA VAL E 237 38.76 -27.37 5.10
C VAL E 237 37.25 -27.37 4.86
N ASN E 238 36.86 -27.10 3.62
CA ASN E 238 35.48 -27.13 3.15
C ASN E 238 35.25 -28.27 2.17
N ALA E 239 34.08 -28.88 2.24
CA ALA E 239 33.69 -29.90 1.27
C ALA E 239 32.18 -29.97 1.22
N ARG E 240 31.60 -29.65 0.07
CA ARG E 240 30.14 -29.60 -0.04
C ARG E 240 29.45 -30.90 0.27
N GLY E 241 28.68 -30.89 1.36
CA GLY E 241 27.93 -32.05 1.76
C GLY E 241 26.42 -31.97 1.58
N ARG E 242 25.79 -30.83 1.87
CA ARG E 242 24.34 -30.78 1.75
C ARG E 242 23.93 -30.39 0.34
N LEU E 243 22.80 -30.94 -0.09
CA LEU E 243 22.26 -30.70 -1.41
C LEU E 243 21.31 -29.52 -1.42
N GLN E 244 21.31 -28.80 -2.55
CA GLN E 244 20.70 -27.47 -2.65
C GLN E 244 19.46 -27.39 -3.50
N ASN E 245 19.29 -28.26 -4.49
CA ASN E 245 18.15 -28.19 -5.40
C ASN E 245 17.70 -29.61 -5.74
N GLU E 246 16.61 -29.72 -6.50
CA GLU E 246 16.10 -31.03 -6.90
C GLU E 246 17.11 -31.79 -7.77
N ASP E 247 17.79 -31.08 -8.67
CA ASP E 247 18.68 -31.76 -9.62
C ASP E 247 19.80 -32.46 -8.91
N GLU E 248 20.33 -31.86 -7.84
CA GLU E 248 21.33 -32.53 -7.04
C GLU E 248 20.76 -33.78 -6.38
N PHE E 249 19.48 -33.72 -5.99
CA PHE E 249 18.82 -34.87 -5.37
C PHE E 249 18.57 -35.99 -6.36
N GLY E 250 18.36 -35.67 -7.63
CA GLY E 250 18.23 -36.72 -8.64
C GLY E 250 19.57 -37.38 -8.92
N ASP E 251 20.65 -36.64 -8.75
CA ASP E 251 22.00 -37.13 -9.00
C ASP E 251 22.43 -38.13 -7.95
N ILE E 252 21.63 -38.31 -6.90
CA ILE E 252 21.96 -39.25 -5.84
C ILE E 252 22.08 -40.66 -6.40
N VAL E 253 23.14 -41.36 -6.02
CA VAL E 253 23.43 -42.70 -6.49
C VAL E 253 22.81 -43.73 -5.54
N VAL E 254 21.76 -44.41 -6.00
CA VAL E 254 21.09 -45.40 -5.16
C VAL E 254 21.68 -46.81 -5.29
N LYS E 255 22.30 -47.10 -6.43
CA LYS E 255 22.89 -48.41 -6.68
C LYS E 255 24.02 -48.27 -7.69
N THR E 256 25.15 -48.90 -7.39
CA THR E 256 26.24 -49.02 -8.35
C THR E 256 26.27 -50.47 -8.84
N ALA E 257 26.07 -50.65 -10.16
CA ALA E 257 25.96 -51.98 -10.73
C ALA E 257 27.31 -52.69 -10.72
N PRO E 258 27.30 -54.02 -10.74
CA PRO E 258 28.57 -54.77 -10.60
C PRO E 258 29.59 -54.55 -11.71
N ASP E 259 29.28 -53.74 -12.73
CA ASP E 259 30.27 -53.40 -13.75
C ASP E 259 30.74 -51.96 -13.64
N GLY E 260 29.95 -51.11 -13.00
CA GLY E 260 30.25 -49.70 -12.79
C GLY E 260 29.02 -48.84 -13.00
N GLY E 261 27.88 -49.49 -13.24
CA GLY E 261 26.69 -48.79 -13.69
C GLY E 261 25.96 -48.13 -12.54
N VAL E 262 25.58 -46.87 -12.73
CA VAL E 262 25.03 -46.06 -11.65
C VAL E 262 23.53 -45.89 -11.88
N THR E 263 22.73 -46.32 -10.92
CA THR E 263 21.30 -46.06 -10.93
C THR E 263 21.07 -44.83 -10.07
N HIS E 264 20.52 -43.79 -10.67
CA HIS E 264 20.33 -42.53 -9.98
C HIS E 264 18.92 -42.42 -9.39
N LEU E 265 18.81 -41.54 -8.39
CA LEU E 265 17.51 -41.35 -7.74
C LEU E 265 16.47 -40.87 -8.75
N ARG E 266 16.88 -40.08 -9.74
CA ARG E 266 15.94 -39.70 -10.79
C ARG E 266 15.40 -40.91 -11.53
N ASP E 267 16.21 -41.96 -11.68
CA ASP E 267 15.75 -43.14 -12.41
C ASP E 267 14.64 -43.87 -11.66
N ILE E 268 14.67 -43.81 -10.33
CA ILE E 268 13.81 -44.63 -9.50
C ILE E 268 12.69 -43.81 -8.87
N ALA E 269 12.81 -42.49 -8.85
CA ALA E 269 11.84 -41.65 -8.17
C ALA E 269 11.66 -40.36 -8.92
N ARG E 270 10.57 -39.68 -8.61
CA ARG E 270 10.36 -38.31 -9.04
C ARG E 270 10.66 -37.34 -7.91
N ILE E 271 11.41 -36.28 -8.21
CA ILE E 271 11.91 -35.39 -7.15
C ILE E 271 11.38 -33.99 -7.39
N GLU E 272 10.54 -33.52 -6.47
CA GLU E 272 9.74 -32.32 -6.64
C GLU E 272 9.75 -31.59 -5.30
N LEU E 273 9.33 -30.32 -5.29
CA LEU E 273 9.37 -29.63 -4.01
C LEU E 273 8.09 -29.85 -3.20
N ASP E 274 7.01 -29.17 -3.52
CA ASP E 274 5.78 -29.27 -2.72
C ASP E 274 5.90 -29.13 -1.18
N ALA E 275 4.87 -29.62 -0.51
CA ALA E 275 4.65 -29.52 0.93
C ALA E 275 5.10 -30.74 1.72
N SER E 276 5.37 -30.50 3.00
CA SER E 276 5.69 -31.56 3.95
C SER E 276 4.47 -32.33 4.44
N GLU E 277 3.26 -31.76 4.39
CA GLU E 277 2.03 -32.43 4.80
C GLU E 277 0.85 -31.87 4.04
N TYR E 278 -0.25 -32.65 4.02
CA TYR E 278 -1.35 -32.39 3.10
C TYR E 278 -2.74 -32.41 3.76
N GLY E 279 -2.81 -32.33 5.08
CA GLY E 279 -4.07 -32.53 5.76
C GLY E 279 -5.06 -31.37 5.61
N LEU E 280 -4.56 -30.15 5.44
CA LEU E 280 -5.39 -28.96 5.45
C LEU E 280 -5.06 -28.02 4.30
N ARG E 281 -6.10 -27.42 3.71
CA ARG E 281 -6.02 -26.45 2.63
C ARG E 281 -6.72 -25.17 3.04
N SER E 282 -6.38 -24.06 2.37
CA SER E 282 -6.95 -22.76 2.73
C SER E 282 -7.37 -21.99 1.49
N LEU E 283 -8.65 -21.67 1.43
CA LEU E 283 -9.17 -20.82 0.36
C LEU E 283 -9.68 -19.51 0.96
N LEU E 284 -9.71 -18.47 0.13
CA LEU E 284 -10.35 -17.21 0.47
C LEU E 284 -11.14 -16.73 -0.75
N ASP E 285 -12.46 -16.78 -0.65
CA ASP E 285 -13.32 -16.55 -1.81
C ASP E 285 -12.89 -17.47 -2.95
N ASN E 286 -12.68 -18.74 -2.58
CA ASN E 286 -12.37 -19.81 -3.51
C ASN E 286 -11.07 -19.58 -4.27
N LYS E 287 -10.15 -18.81 -3.70
CA LYS E 287 -8.84 -18.64 -4.31
C LYS E 287 -7.76 -19.02 -3.31
N PRO E 288 -6.60 -19.47 -3.78
CA PRO E 288 -5.56 -19.92 -2.85
C PRO E 288 -5.24 -18.84 -1.84
N ALA E 289 -5.10 -19.26 -0.58
CA ALA E 289 -4.94 -18.33 0.52
C ALA E 289 -4.23 -19.03 1.66
N VAL E 290 -3.70 -18.24 2.58
CA VAL E 290 -3.28 -18.75 3.89
C VAL E 290 -3.78 -17.75 4.91
N ALA E 291 -4.25 -18.26 6.05
CA ALA E 291 -4.72 -17.43 7.14
C ALA E 291 -3.59 -17.19 8.13
N MET E 292 -3.47 -15.98 8.62
CA MET E 292 -2.57 -15.70 9.74
C MET E 292 -3.45 -15.19 10.86
N ALA E 293 -3.59 -15.98 11.92
CA ALA E 293 -4.32 -15.58 13.11
C ALA E 293 -3.31 -14.94 14.07
N ILE E 294 -3.51 -13.65 14.34
CA ILE E 294 -2.70 -12.91 15.30
C ILE E 294 -3.39 -12.94 16.66
N ASN E 295 -2.67 -13.42 17.67
CA ASN E 295 -3.15 -13.56 19.03
C ASN E 295 -2.32 -12.66 19.91
N GLN E 296 -2.99 -11.92 20.78
CA GLN E 296 -2.32 -10.94 21.62
C GLN E 296 -1.91 -11.56 22.96
N SER E 297 -0.83 -11.02 23.51
CA SER E 297 -0.36 -11.43 24.82
C SER E 297 -1.33 -10.90 25.86
N PRO E 298 -1.31 -11.45 27.07
CA PRO E 298 -2.12 -10.84 28.12
C PRO E 298 -1.73 -9.37 28.29
N GLY E 299 -2.56 -8.65 29.02
CA GLY E 299 -2.42 -7.20 29.13
C GLY E 299 -1.96 -6.42 27.91
N ALA E 300 -2.52 -6.72 26.74
CA ALA E 300 -2.11 -6.08 25.50
C ALA E 300 -3.18 -5.11 25.04
N ASN E 301 -2.83 -4.33 24.01
CA ASN E 301 -3.67 -3.25 23.49
C ASN E 301 -4.16 -3.65 22.09
N SER E 302 -5.40 -4.18 22.04
CA SER E 302 -5.97 -4.64 20.79
C SER E 302 -5.86 -3.59 19.73
N LEU E 303 -6.13 -2.35 20.11
CA LEU E 303 -6.18 -1.27 19.15
C LEU E 303 -4.79 -0.96 18.60
N ALA E 304 -3.79 -0.94 19.48
CA ALA E 304 -2.42 -0.68 19.05
C ALA E 304 -1.94 -1.77 18.11
N ILE E 305 -2.19 -3.03 18.47
CA ILE E 305 -1.78 -4.15 17.66
C ILE E 305 -2.44 -4.11 16.30
N SER E 306 -3.75 -3.87 16.27
CA SER E 306 -4.45 -3.85 14.99
C SER E 306 -3.91 -2.77 14.09
N ASP E 307 -3.70 -1.57 14.64
CA ASP E 307 -3.21 -0.46 13.84
C ASP E 307 -1.81 -0.77 13.30
N GLU E 308 -0.95 -1.35 14.14
CA GLU E 308 0.42 -1.66 13.72
C GLU E 308 0.43 -2.77 12.67
N VAL E 309 -0.47 -3.75 12.82
CA VAL E 309 -0.58 -4.83 11.84
C VAL E 309 -1.03 -4.28 10.50
N ARG E 310 -2.03 -3.40 10.48
CA ARG E 310 -2.48 -2.84 9.22
C ARG E 310 -1.38 -2.07 8.52
N LYS E 311 -0.62 -1.31 9.30
CA LYS E 311 0.50 -0.56 8.73
C LYS E 311 1.59 -1.49 8.20
N THR E 312 1.89 -2.55 8.94
CA THR E 312 2.92 -3.50 8.51
C THR E 312 2.51 -4.27 7.26
N MET E 313 1.25 -4.73 7.19
CA MET E 313 0.77 -5.39 5.98
C MET E 313 0.84 -4.44 4.79
N ALA E 314 0.41 -3.19 4.98
CA ALA E 314 0.46 -2.23 3.88
C ALA E 314 1.88 -1.99 3.43
N GLU E 315 2.84 -2.03 4.35
CA GLU E 315 4.24 -1.81 3.96
C GLU E 315 4.85 -3.02 3.28
N LEU E 316 4.50 -4.22 3.74
CA LEU E 316 5.03 -5.42 3.12
C LEU E 316 4.41 -5.67 1.74
N LYS E 317 3.18 -5.19 1.49
CA LYS E 317 2.54 -5.41 0.21
C LYS E 317 3.29 -4.77 -0.95
N GLN E 318 4.11 -3.75 -0.71
CA GLN E 318 4.80 -3.16 -1.85
C GLN E 318 5.90 -4.05 -2.39
N ASP E 319 6.32 -5.05 -1.62
CA ASP E 319 7.27 -6.05 -2.06
C ASP E 319 6.57 -7.28 -2.61
N PHE E 320 5.25 -7.29 -2.64
CA PHE E 320 4.52 -8.49 -3.01
C PHE E 320 4.70 -8.76 -4.50
N PRO E 321 5.10 -9.96 -4.89
CA PRO E 321 5.07 -10.30 -6.30
C PRO E 321 3.68 -10.12 -6.88
N ALA E 322 3.63 -9.64 -8.12
CA ALA E 322 2.33 -9.43 -8.74
C ALA E 322 1.57 -10.75 -8.76
N GLY E 323 0.34 -10.71 -8.27
CA GLY E 323 -0.45 -11.90 -8.09
C GLY E 323 -0.53 -12.42 -6.68
N VAL E 324 0.17 -11.80 -5.73
CA VAL E 324 -0.01 -12.10 -4.30
C VAL E 324 -0.39 -10.80 -3.59
N ASP E 325 -1.35 -10.92 -2.68
CA ASP E 325 -1.99 -9.80 -2.01
C ASP E 325 -2.32 -10.22 -0.60
N TYR E 326 -2.81 -9.28 0.20
CA TYR E 326 -3.33 -9.59 1.51
C TYR E 326 -4.73 -9.00 1.67
N ARG E 327 -5.52 -9.60 2.54
CA ARG E 327 -6.77 -9.01 3.01
C ARG E 327 -6.89 -9.25 4.50
N ILE E 328 -7.26 -8.20 5.23
CA ILE E 328 -7.55 -8.31 6.65
C ILE E 328 -8.93 -8.95 6.78
N VAL E 329 -8.96 -10.27 6.94
CA VAL E 329 -10.24 -10.98 6.82
C VAL E 329 -11.14 -10.73 8.03
N TYR E 330 -10.56 -10.61 9.22
CA TYR E 330 -11.37 -10.50 10.43
C TYR E 330 -10.65 -9.68 11.49
N ASP E 331 -11.31 -8.62 11.99
CA ASP E 331 -10.72 -7.72 12.98
C ASP E 331 -11.66 -7.43 14.13
N PRO E 332 -11.81 -8.35 15.07
CA PRO E 332 -12.78 -8.15 16.13
C PRO E 332 -12.44 -7.00 17.06
N THR E 333 -11.26 -6.38 16.93
CA THR E 333 -11.00 -5.22 17.77
C THR E 333 -12.01 -4.10 17.50
N GLN E 334 -12.59 -4.09 16.30
CA GLN E 334 -13.59 -3.09 16.00
C GLN E 334 -14.69 -3.07 17.05
N PHE E 335 -15.03 -4.25 17.59
CA PHE E 335 -16.06 -4.33 18.61
C PHE E 335 -15.72 -3.46 19.81
N VAL E 336 -14.53 -3.64 20.39
CA VAL E 336 -14.17 -2.80 21.53
C VAL E 336 -14.13 -1.36 21.08
N ARG E 337 -13.74 -1.11 19.83
CA ARG E 337 -13.75 0.26 19.35
C ARG E 337 -15.15 0.86 19.42
N SER E 338 -16.14 0.13 18.94
CA SER E 338 -17.50 0.64 18.99
C SER E 338 -17.87 0.93 20.42
N SER E 339 -17.53 0.00 21.31
CA SER E 339 -17.84 0.16 22.71
C SER E 339 -17.22 1.42 23.28
N ILE E 340 -15.96 1.68 22.95
CA ILE E 340 -15.35 2.91 23.43
C ILE E 340 -16.14 4.12 22.95
N LYS E 341 -16.44 4.17 21.65
CA LYS E 341 -17.23 5.28 21.15
C LYS E 341 -18.55 5.35 21.89
N ALA E 342 -19.19 4.20 22.10
CA ALA E 342 -20.45 4.20 22.82
C ALA E 342 -20.27 4.88 24.17
N VAL E 343 -19.26 4.46 24.92
CA VAL E 343 -19.08 5.04 26.25
C VAL E 343 -18.92 6.54 26.11
N VAL E 344 -18.04 6.98 25.22
CA VAL E 344 -17.78 8.41 25.11
C VAL E 344 -19.07 9.14 24.79
N HIS E 345 -19.83 8.63 23.82
CA HIS E 345 -21.04 9.34 23.46
C HIS E 345 -22.00 9.41 24.63
N THR E 346 -22.21 8.30 25.34
CA THR E 346 -23.17 8.36 26.44
C THR E 346 -22.74 9.38 27.48
N LEU E 347 -21.43 9.43 27.79
CA LEU E 347 -20.96 10.41 28.75
C LEU E 347 -21.34 11.83 28.31
N LEU E 348 -21.04 12.18 27.06
CA LEU E 348 -21.42 13.50 26.59
C LEU E 348 -22.93 13.68 26.70
N GLU E 349 -23.70 12.69 26.22
CA GLU E 349 -25.14 12.80 26.35
C GLU E 349 -25.51 13.09 27.79
N ALA E 350 -24.97 12.30 28.72
CA ALA E 350 -25.35 12.49 30.11
C ALA E 350 -24.97 13.87 30.61
N ILE E 351 -23.75 14.32 30.29
CA ILE E 351 -23.33 15.66 30.74
C ILE E 351 -24.31 16.69 30.21
N ALA E 352 -24.68 16.58 28.93
CA ALA E 352 -25.68 17.51 28.38
C ALA E 352 -26.98 17.44 29.17
N LEU E 353 -27.48 16.23 29.40
CA LEU E 353 -28.77 16.08 30.07
C LEU E 353 -28.79 16.73 31.44
N VAL E 354 -27.80 16.41 32.30
CA VAL E 354 -27.83 16.99 33.63
C VAL E 354 -27.76 18.50 33.54
N VAL E 355 -27.00 19.02 32.56
CA VAL E 355 -26.95 20.47 32.40
C VAL E 355 -28.35 21.01 32.13
N ILE E 356 -29.05 20.38 31.16
CA ILE E 356 -30.41 20.78 30.87
C ILE E 356 -31.27 20.69 32.12
N VAL E 357 -31.18 19.57 32.85
CA VAL E 357 -32.05 19.40 34.00
C VAL E 357 -31.76 20.48 35.03
N VAL E 358 -30.49 20.80 35.28
CA VAL E 358 -30.21 21.82 36.30
C VAL E 358 -30.85 23.13 35.87
N ILE E 359 -30.71 23.48 34.60
CA ILE E 359 -31.26 24.75 34.12
C ILE E 359 -32.77 24.79 34.33
N VAL E 360 -33.45 23.67 34.09
CA VAL E 360 -34.89 23.72 34.28
C VAL E 360 -35.24 23.84 35.77
N PHE E 361 -34.55 23.10 36.62
CA PHE E 361 -34.97 23.07 38.02
C PHE E 361 -34.35 24.19 38.84
N LEU E 362 -33.04 24.38 38.75
CA LEU E 362 -32.37 25.39 39.54
C LEU E 362 -32.27 26.72 38.83
N GLN E 363 -32.45 26.73 37.51
CA GLN E 363 -32.63 27.95 36.72
C GLN E 363 -31.49 28.93 36.90
N THR E 364 -30.32 28.42 37.21
CA THR E 364 -29.09 29.18 37.11
C THR E 364 -28.14 28.36 36.23
N TRP E 365 -27.69 28.97 35.13
CA TRP E 365 -26.74 28.28 34.27
C TRP E 365 -25.42 28.05 34.99
N ARG E 366 -25.14 28.85 36.02
CA ARG E 366 -23.93 28.65 36.79
C ARG E 366 -24.04 27.38 37.62
N ALA E 367 -25.25 27.00 38.04
CA ALA E 367 -25.40 25.75 38.78
C ALA E 367 -25.04 24.53 37.93
N SER E 368 -25.26 24.63 36.61
CA SER E 368 -24.97 23.50 35.72
C SER E 368 -23.48 23.21 35.53
N ILE E 369 -22.58 24.17 35.77
CA ILE E 369 -21.16 23.88 35.66
C ILE E 369 -20.74 22.84 36.67
N ILE E 370 -21.47 22.69 37.76
CA ILE E 370 -20.97 21.82 38.80
C ILE E 370 -20.85 20.42 38.21
N PRO E 371 -21.92 19.77 37.74
CA PRO E 371 -21.73 18.46 37.11
C PRO E 371 -20.84 18.51 35.88
N LEU E 372 -20.94 19.58 35.08
CA LEU E 372 -20.15 19.69 33.86
C LEU E 372 -18.66 19.48 34.10
N ILE E 373 -18.12 19.96 35.22
CA ILE E 373 -16.72 19.66 35.51
C ILE E 373 -16.60 18.38 36.33
N ALA E 374 -17.51 18.16 37.31
CA ALA E 374 -17.29 17.11 38.29
C ALA E 374 -17.41 15.72 37.68
N VAL E 375 -18.41 15.53 36.79
CA VAL E 375 -18.62 14.20 36.20
C VAL E 375 -17.43 13.77 35.36
N PRO E 376 -16.93 14.56 34.40
CA PRO E 376 -15.73 14.12 33.70
C PRO E 376 -14.58 13.86 34.64
N VAL E 377 -14.39 14.70 35.65
CA VAL E 377 -13.26 14.48 36.54
C VAL E 377 -13.38 13.12 37.22
N SER E 378 -14.56 12.77 37.71
CA SER E 378 -14.72 11.47 38.35
C SER E 378 -14.48 10.34 37.34
N ILE E 379 -15.18 10.38 36.20
CA ILE E 379 -15.13 9.25 35.29
C ILE E 379 -13.72 9.07 34.75
N VAL E 380 -13.13 10.13 34.20
CA VAL E 380 -11.77 10.02 33.69
C VAL E 380 -10.82 9.58 34.79
N GLY E 381 -10.97 10.13 36.01
CA GLY E 381 -10.06 9.76 37.07
C GLY E 381 -10.11 8.29 37.43
N THR E 382 -11.27 7.64 37.20
CA THR E 382 -11.39 6.22 37.50
C THR E 382 -10.30 5.38 36.82
N PHE E 383 -9.87 5.77 35.61
CA PHE E 383 -8.91 4.97 34.87
C PHE E 383 -7.62 4.76 35.64
N SER E 384 -7.17 5.76 36.40
CA SER E 384 -5.89 5.64 37.10
C SER E 384 -5.93 4.52 38.15
N LEU E 385 -6.99 4.46 38.94
CA LEU E 385 -7.10 3.35 39.88
C LEU E 385 -7.36 2.03 39.17
N LEU E 386 -8.02 2.06 38.00
CA LEU E 386 -8.15 0.83 37.20
C LEU E 386 -6.79 0.28 36.82
N LEU E 387 -5.89 1.16 36.35
CA LEU E 387 -4.54 0.74 36.03
C LEU E 387 -3.80 0.25 37.27
N LEU E 388 -3.90 0.99 38.37
CA LEU E 388 -3.15 0.62 39.57
C LEU E 388 -3.51 -0.79 40.05
N PHE E 389 -4.77 -1.16 39.90
CA PHE E 389 -5.23 -2.50 40.29
C PHE E 389 -5.10 -3.52 39.15
N GLY E 390 -4.41 -3.17 38.07
CA GLY E 390 -4.24 -4.12 36.97
C GLY E 390 -5.52 -4.61 36.33
N TYR E 391 -6.47 -3.73 36.07
CA TYR E 391 -7.65 -4.02 35.27
C TYR E 391 -7.40 -3.52 33.86
N SER E 392 -8.46 -3.47 33.05
CA SER E 392 -8.27 -3.11 31.66
C SER E 392 -9.51 -2.41 31.09
N ILE E 393 -9.33 -1.82 29.91
CA ILE E 393 -10.40 -1.31 29.06
C ILE E 393 -10.97 -2.52 28.35
N ASN E 394 -12.24 -2.82 28.57
CA ASN E 394 -12.88 -3.91 27.86
C ASN E 394 -14.39 -3.73 27.95
N ALA E 395 -15.13 -4.59 27.25
CA ALA E 395 -16.56 -4.36 27.13
C ALA E 395 -17.22 -4.35 28.49
N LEU E 396 -16.81 -5.26 29.36
CA LEU E 396 -17.41 -5.26 30.68
C LEU E 396 -17.05 -4.00 31.46
N SER E 397 -15.77 -3.64 31.51
CA SER E 397 -15.44 -2.47 32.32
C SER E 397 -15.99 -1.19 31.70
N LEU E 398 -16.08 -1.11 30.38
CA LEU E 398 -16.71 0.06 29.79
C LEU E 398 -18.18 0.14 30.17
N PHE E 399 -18.87 -1.00 30.23
CA PHE E 399 -20.26 -0.98 30.66
C PHE E 399 -20.37 -0.54 32.11
N GLY E 400 -19.43 -1.01 32.92
CA GLY E 400 -19.33 -0.52 34.27
C GLY E 400 -19.25 0.99 34.29
N MET E 401 -18.44 1.56 33.40
CA MET E 401 -18.30 3.00 33.41
C MET E 401 -19.61 3.69 33.02
N VAL E 402 -20.36 3.15 32.06
CA VAL E 402 -21.60 3.86 31.72
C VAL E 402 -22.55 3.85 32.91
N LEU E 403 -22.58 2.76 33.67
CA LEU E 403 -23.42 2.78 34.88
C LEU E 403 -22.87 3.77 35.93
N ALA E 404 -21.55 3.84 36.03
CA ALA E 404 -20.96 4.76 36.99
C ALA E 404 -21.33 6.19 36.66
N ILE E 405 -21.49 6.50 35.38
CA ILE E 405 -21.87 7.86 35.00
C ILE E 405 -23.13 8.25 35.73
N GLY E 406 -24.09 7.32 35.80
CA GLY E 406 -25.32 7.62 36.53
C GLY E 406 -25.06 7.91 37.99
N ILE E 407 -24.25 7.05 38.64
CA ILE E 407 -23.98 7.30 40.06
C ILE E 407 -23.29 8.66 40.25
N VAL E 408 -22.38 9.00 39.33
CA VAL E 408 -21.60 10.22 39.47
C VAL E 408 -22.44 11.48 39.25
N VAL E 409 -23.30 11.50 38.20
CA VAL E 409 -24.15 12.68 38.00
C VAL E 409 -25.09 12.84 39.16
N ASP E 410 -25.60 11.74 39.72
CA ASP E 410 -26.46 11.90 40.87
C ASP E 410 -25.71 12.56 42.03
N ASP E 411 -24.46 12.16 42.27
CA ASP E 411 -23.69 12.83 43.32
C ASP E 411 -23.58 14.33 43.07
N ALA E 412 -23.20 14.72 41.85
CA ALA E 412 -23.08 16.14 41.55
C ALA E 412 -24.42 16.85 41.76
N ILE E 413 -25.52 16.22 41.31
CA ILE E 413 -26.84 16.82 41.49
C ILE E 413 -27.12 17.03 42.98
N VAL E 414 -26.85 16.03 43.81
CA VAL E 414 -27.17 16.18 45.24
C VAL E 414 -26.43 17.38 45.82
N VAL E 415 -25.12 17.48 45.54
CA VAL E 415 -24.33 18.57 46.10
C VAL E 415 -24.82 19.93 45.58
N VAL E 416 -24.99 20.07 44.27
CA VAL E 416 -25.29 21.41 43.81
C VAL E 416 -26.72 21.79 44.16
N GLU E 417 -27.66 20.86 44.15
CA GLU E 417 -29.02 21.22 44.54
C GLU E 417 -29.08 21.59 46.00
N ASN E 418 -28.34 20.89 46.87
CA ASN E 418 -28.37 21.27 48.28
C ASN E 418 -27.84 22.67 48.49
N VAL E 419 -26.73 23.00 47.82
CA VAL E 419 -26.23 24.37 47.97
C VAL E 419 -27.27 25.36 47.43
N GLU E 420 -27.87 25.06 46.29
CA GLU E 420 -28.82 26.01 45.69
C GLU E 420 -30.05 26.22 46.56
N ARG E 421 -30.54 25.15 47.20
CA ARG E 421 -31.70 25.27 48.09
C ARG E 421 -31.37 26.18 49.26
N ASN E 422 -30.21 25.92 49.91
CA ASN E 422 -29.76 26.83 50.97
C ASN E 422 -29.60 28.26 50.45
N ILE E 423 -29.15 28.42 49.20
CA ILE E 423 -29.07 29.74 48.59
C ILE E 423 -30.45 30.38 48.51
N GLU E 424 -31.44 29.58 48.19
CA GLU E 424 -32.82 30.03 48.13
C GLU E 424 -33.36 30.40 49.49
N ASN E 425 -32.76 29.90 50.55
CA ASN E 425 -33.06 30.38 51.89
C ASN E 425 -32.37 31.69 52.20
N GLY E 426 -31.87 32.37 51.17
CA GLY E 426 -31.30 33.69 51.32
C GLY E 426 -29.86 33.78 51.78
N LEU E 427 -29.16 32.66 51.93
CA LEU E 427 -27.76 32.71 52.29
C LEU E 427 -26.90 33.03 51.07
N THR E 428 -25.66 33.45 51.33
CA THR E 428 -24.71 33.74 50.27
C THR E 428 -24.03 32.45 49.82
N ALA E 429 -23.29 32.52 48.70
CA ALA E 429 -22.69 31.30 48.11
C ALA E 429 -21.79 30.57 49.12
N ARG E 430 -20.84 31.28 49.76
CA ARG E 430 -19.97 30.62 50.74
C ARG E 430 -20.78 30.04 51.89
N ALA E 431 -21.68 30.84 52.48
CA ALA E 431 -22.41 30.38 53.66
C ALA E 431 -23.37 29.24 53.31
N ALA E 432 -24.04 29.34 52.16
CA ALA E 432 -24.91 28.25 51.76
C ALA E 432 -24.11 26.98 51.45
N THR E 433 -22.91 27.12 50.88
CA THR E 433 -22.11 25.92 50.67
C THR E 433 -21.68 25.30 52.01
N TYR E 434 -21.27 26.15 52.98
CA TYR E 434 -20.96 25.67 54.33
C TYR E 434 -22.12 24.88 54.90
N LYS E 435 -23.31 25.45 54.80
CA LYS E 435 -24.51 24.84 55.35
C LYS E 435 -24.78 23.51 54.66
N ALA E 436 -24.75 23.51 53.33
CA ALA E 436 -25.07 22.32 52.56
C ALA E 436 -24.08 21.21 52.83
N MET E 437 -22.79 21.56 52.89
CA MET E 437 -21.80 20.50 53.10
C MET E 437 -21.90 19.94 54.50
N GLN E 438 -22.18 20.76 55.51
CA GLN E 438 -22.46 20.17 56.80
C GLN E 438 -23.70 19.29 56.75
N GLU E 439 -24.66 19.62 55.90
CA GLU E 439 -25.83 18.76 55.80
C GLU E 439 -25.46 17.41 55.18
N VAL E 440 -24.59 17.37 54.16
CA VAL E 440 -24.46 16.14 53.37
C VAL E 440 -23.11 15.42 53.48
N SER E 441 -22.06 16.03 54.04
CA SER E 441 -20.73 15.43 53.95
C SER E 441 -20.67 14.05 54.59
N GLY E 442 -21.34 13.89 55.72
CA GLY E 442 -21.45 12.62 56.40
C GLY E 442 -22.22 11.62 55.58
N PRO E 443 -23.42 11.99 55.14
CA PRO E 443 -24.14 11.07 54.25
C PRO E 443 -23.34 10.72 53.00
N ILE E 444 -22.50 11.63 52.50
CA ILE E 444 -21.73 11.33 51.30
C ILE E 444 -20.76 10.20 51.57
N ILE E 445 -20.03 10.28 52.68
CA ILE E 445 -19.08 9.25 53.06
C ILE E 445 -19.78 7.92 53.34
N ALA E 446 -20.88 7.96 54.10
CA ALA E 446 -21.61 6.73 54.35
C ALA E 446 -22.16 6.14 53.05
N ILE E 447 -22.58 6.98 52.12
CA ILE E 447 -23.14 6.47 50.87
C ILE E 447 -22.04 5.84 50.01
N ALA E 448 -20.87 6.46 49.96
CA ALA E 448 -19.75 5.83 49.28
C ALA E 448 -19.48 4.46 49.87
N LEU E 449 -19.35 4.37 51.20
CA LEU E 449 -19.13 3.07 51.82
C LEU E 449 -20.28 2.13 51.54
N THR E 450 -21.52 2.62 51.54
CA THR E 450 -22.63 1.72 51.29
C THR E 450 -22.51 1.14 49.89
N LEU E 451 -22.15 1.98 48.91
CA LEU E 451 -22.02 1.52 47.54
C LEU E 451 -20.89 0.52 47.40
N VAL E 452 -19.75 0.81 48.04
CA VAL E 452 -18.62 -0.09 48.06
C VAL E 452 -19.05 -1.46 48.58
N ALA E 453 -19.78 -1.49 49.70
CA ALA E 453 -20.27 -2.75 50.25
C ALA E 453 -21.28 -3.41 49.32
N VAL E 454 -21.97 -2.63 48.49
CA VAL E 454 -22.86 -3.28 47.54
C VAL E 454 -22.07 -4.01 46.47
N PHE E 455 -21.00 -3.38 45.95
CA PHE E 455 -20.39 -3.80 44.70
C PHE E 455 -19.10 -4.61 44.86
N VAL E 456 -18.17 -4.17 45.73
CA VAL E 456 -16.91 -4.91 45.89
C VAL E 456 -17.14 -6.36 46.26
N PRO E 457 -18.10 -6.73 47.13
CA PRO E 457 -18.35 -8.16 47.34
C PRO E 457 -18.63 -8.91 46.05
N LEU E 458 -19.31 -8.28 45.10
CA LEU E 458 -19.56 -8.91 43.81
C LEU E 458 -18.26 -9.33 43.14
N ALA E 459 -17.20 -8.54 43.32
CA ALA E 459 -15.92 -8.83 42.69
C ALA E 459 -15.28 -10.10 43.21
N PHE E 460 -15.65 -10.56 44.40
CA PHE E 460 -15.08 -11.77 44.97
C PHE E 460 -15.95 -12.99 44.70
N MET E 461 -16.63 -13.05 43.57
CA MET E 461 -17.29 -14.29 43.22
C MET E 461 -16.34 -15.22 42.47
N SER E 462 -16.81 -16.42 42.18
CA SER E 462 -15.96 -17.47 41.63
C SER E 462 -16.32 -17.78 40.18
N GLY E 463 -15.29 -18.06 39.38
CA GLY E 463 -15.51 -18.53 38.04
C GLY E 463 -15.67 -17.45 37.00
N LEU E 464 -16.36 -17.83 35.94
CA LEU E 464 -16.59 -16.95 34.81
C LEU E 464 -17.47 -15.76 35.22
N THR E 465 -18.55 -16.04 35.95
CA THR E 465 -19.41 -14.97 36.45
C THR E 465 -18.64 -14.04 37.36
N GLY E 466 -17.84 -14.61 38.26
CA GLY E 466 -17.00 -13.78 39.09
C GLY E 466 -16.09 -12.90 38.27
N GLN E 467 -15.55 -13.45 37.17
CA GLN E 467 -14.62 -12.68 36.35
C GLN E 467 -15.29 -11.52 35.66
N PHE E 468 -16.56 -11.68 35.26
CA PHE E 468 -17.28 -10.57 34.64
C PHE E 468 -17.68 -9.51 35.66
N TYR E 469 -18.24 -9.96 36.79
CA TYR E 469 -18.65 -9.04 37.82
C TYR E 469 -17.45 -8.26 38.34
N LYS E 470 -16.28 -8.88 38.38
CA LYS E 470 -15.09 -8.17 38.82
C LYS E 470 -14.94 -6.87 38.05
N GLN E 471 -15.05 -6.93 36.72
CA GLN E 471 -14.89 -5.74 35.89
C GLN E 471 -15.98 -4.73 36.22
N PHE E 472 -17.25 -5.17 36.19
CA PHE E 472 -18.38 -4.28 36.49
C PHE E 472 -18.21 -3.56 37.83
N ALA E 473 -18.13 -4.34 38.90
CA ALA E 473 -18.13 -3.81 40.25
C ALA E 473 -16.89 -2.99 40.55
N MET E 474 -15.69 -3.47 40.16
CA MET E 474 -14.51 -2.68 40.48
C MET E 474 -14.56 -1.31 39.83
N THR E 475 -15.00 -1.24 38.55
CA THR E 475 -15.10 0.07 37.91
C THR E 475 -16.11 0.95 38.63
N ILE E 476 -17.29 0.41 38.97
CA ILE E 476 -18.31 1.23 39.63
C ILE E 476 -17.80 1.72 41.00
N ALA E 477 -17.18 0.83 41.79
CA ALA E 477 -16.66 1.21 43.09
C ALA E 477 -15.58 2.28 43.00
N ILE E 478 -14.66 2.13 42.05
CA ILE E 478 -13.62 3.15 41.90
C ILE E 478 -14.28 4.49 41.58
N SER E 479 -15.22 4.47 40.63
CA SER E 479 -15.89 5.71 40.29
C SER E 479 -16.59 6.30 41.49
N THR E 480 -17.19 5.44 42.31
CA THR E 480 -17.94 5.89 43.47
C THR E 480 -17.02 6.59 44.47
N VAL E 481 -15.89 5.96 44.78
CA VAL E 481 -14.99 6.59 45.73
C VAL E 481 -14.45 7.90 45.18
N ILE E 482 -14.09 7.94 43.89
CA ILE E 482 -13.58 9.19 43.32
C ILE E 482 -14.66 10.28 43.37
N SER E 483 -15.88 9.94 42.96
CA SER E 483 -16.97 10.91 42.94
C SER E 483 -17.28 11.42 44.33
N ALA E 484 -17.28 10.52 45.31
CA ALA E 484 -17.43 10.97 46.68
C ALA E 484 -16.34 11.97 47.03
N PHE E 485 -15.09 11.63 46.74
CA PHE E 485 -14.02 12.54 47.09
C PHE E 485 -14.19 13.89 46.40
N ASN E 486 -14.66 13.89 45.15
CA ASN E 486 -14.92 15.16 44.45
C ASN E 486 -16.12 15.92 45.04
N SER E 487 -17.11 15.18 45.53
CA SER E 487 -18.27 15.76 46.19
C SER E 487 -17.91 16.47 47.47
N LEU E 488 -16.80 16.09 48.10
CA LEU E 488 -16.39 16.79 49.30
C LEU E 488 -15.36 17.87 49.03
N THR E 489 -14.74 17.86 47.86
CA THR E 489 -13.65 18.78 47.60
C THR E 489 -13.96 19.75 46.48
N LEU E 490 -14.28 19.27 45.29
CA LEU E 490 -14.33 20.13 44.12
C LEU E 490 -15.71 20.74 43.91
N SER E 491 -16.76 19.92 44.02
CA SER E 491 -18.12 20.41 43.78
C SER E 491 -18.50 21.56 44.69
N PRO E 492 -18.34 21.47 46.02
CA PRO E 492 -18.62 22.63 46.86
C PRO E 492 -17.68 23.80 46.63
N ALA E 493 -16.40 23.55 46.39
CA ALA E 493 -15.53 24.68 46.11
C ALA E 493 -15.99 25.41 44.85
N LEU E 494 -16.34 24.65 43.82
CA LEU E 494 -16.85 25.24 42.58
C LEU E 494 -18.12 26.03 42.83
N SER E 495 -19.07 25.45 43.57
CA SER E 495 -20.34 26.14 43.75
C SER E 495 -20.20 27.34 44.69
N ALA E 496 -19.30 27.31 45.68
CA ALA E 496 -19.08 28.52 46.45
C ALA E 496 -18.52 29.64 45.58
N ILE E 497 -17.63 29.31 44.65
CA ILE E 497 -17.06 30.39 43.82
C ILE E 497 -17.89 30.72 42.58
N LEU E 498 -18.87 29.91 42.21
CA LEU E 498 -19.60 30.10 40.97
C LEU E 498 -21.07 30.41 41.14
N LEU E 499 -21.72 29.93 42.20
CA LEU E 499 -23.14 30.16 42.40
C LEU E 499 -23.38 31.56 42.91
N LYS E 500 -24.25 32.27 42.22
CA LYS E 500 -24.59 33.62 42.59
C LYS E 500 -25.68 33.62 43.66
N GLY E 501 -25.50 34.46 44.69
CA GLY E 501 -26.52 34.79 45.70
C GLY E 501 -27.82 35.36 45.13
N HIS E 502 -28.71 35.85 46.00
CA HIS E 502 -29.96 36.45 45.52
C HIS E 502 -29.73 37.69 44.67
N GLY E 503 -28.88 38.60 45.14
CA GLY E 503 -28.74 39.83 44.40
C GLY E 503 -27.28 40.21 44.33
N ASP E 504 -26.39 39.22 44.29
CA ASP E 504 -24.98 39.61 44.27
C ASP E 504 -24.49 40.36 43.03
N LYS E 505 -24.52 39.73 41.84
CA LYS E 505 -23.97 40.47 40.70
C LYS E 505 -24.81 40.41 39.43
N GLU E 506 -25.42 39.26 39.10
CA GLU E 506 -26.25 39.13 37.89
C GLU E 506 -25.48 39.42 36.60
N ASP E 507 -24.67 38.47 36.11
CA ASP E 507 -23.89 38.75 34.91
C ASP E 507 -24.75 38.81 33.65
N TRP E 508 -24.11 38.68 32.48
CA TRP E 508 -24.71 38.88 31.18
C TRP E 508 -25.42 37.65 30.63
N LEU E 509 -24.81 36.47 30.75
CA LEU E 509 -25.41 35.30 30.13
C LEU E 509 -26.66 34.89 30.90
N THR E 510 -26.66 35.12 32.22
CA THR E 510 -27.85 34.90 33.02
C THR E 510 -28.99 35.76 32.52
N ARG E 511 -28.69 37.01 32.18
CA ARG E 511 -29.72 37.90 31.69
C ARG E 511 -30.30 37.40 30.37
N VAL E 512 -29.45 36.98 29.44
CA VAL E 512 -30.01 36.50 28.17
C VAL E 512 -30.80 35.21 28.41
N MET E 513 -30.29 34.35 29.30
CA MET E 513 -30.98 33.10 29.61
C MET E 513 -32.37 33.37 30.14
N ASN E 514 -32.50 34.33 31.05
CA ASN E 514 -33.82 34.67 31.57
C ASN E 514 -34.68 35.32 30.50
N ARG E 515 -34.11 36.22 29.69
CA ARG E 515 -34.89 36.84 28.63
C ARG E 515 -35.52 35.77 27.74
N VAL E 516 -34.75 34.74 27.40
CA VAL E 516 -35.24 33.76 26.44
C VAL E 516 -36.10 32.67 27.08
N LEU E 517 -35.87 32.32 28.35
CA LEU E 517 -36.54 31.18 28.95
C LEU E 517 -37.40 31.52 30.17
N GLY E 518 -37.72 32.79 30.42
CA GLY E 518 -38.46 33.12 31.62
C GLY E 518 -39.86 32.54 31.62
N GLY E 519 -40.50 32.55 30.46
CA GLY E 519 -41.83 31.96 30.35
C GLY E 519 -41.82 30.48 30.66
N PHE E 520 -40.90 29.74 30.04
CA PHE E 520 -40.82 28.32 30.35
C PHE E 520 -40.51 28.11 31.82
N PHE E 521 -39.65 28.97 32.39
CA PHE E 521 -39.29 28.84 33.79
C PHE E 521 -40.50 28.97 34.70
N ARG E 522 -41.27 30.06 34.55
CA ARG E 522 -42.41 30.25 35.45
C ARG E 522 -43.53 29.24 35.18
N GLY E 523 -43.75 28.85 33.92
CA GLY E 523 -44.73 27.81 33.67
C GLY E 523 -44.34 26.48 34.33
N PHE E 524 -43.07 26.09 34.15
CA PHE E 524 -42.59 24.87 34.78
C PHE E 524 -42.68 24.98 36.29
N ASN E 525 -42.36 26.14 36.84
CA ASN E 525 -42.49 26.33 38.28
C ASN E 525 -43.94 26.15 38.74
N LYS E 526 -44.90 26.62 37.94
CA LYS E 526 -46.30 26.40 38.27
C LYS E 526 -46.61 24.92 38.34
N VAL E 527 -46.21 24.16 37.30
CA VAL E 527 -46.58 22.74 37.30
C VAL E 527 -45.86 22.02 38.43
N PHE E 528 -44.62 22.41 38.73
CA PHE E 528 -43.88 21.78 39.80
C PHE E 528 -44.46 22.14 41.17
N HIS E 529 -44.96 23.37 41.35
CA HIS E 529 -45.63 23.69 42.60
C HIS E 529 -46.85 22.78 42.77
N ARG E 530 -47.60 22.63 41.68
CA ARG E 530 -48.71 21.69 41.60
C ARG E 530 -48.30 20.32 42.13
N GLY E 531 -47.28 19.75 41.50
CA GLY E 531 -46.87 18.42 41.86
C GLY E 531 -46.31 18.32 43.26
N ALA E 532 -45.48 19.28 43.66
CA ALA E 532 -44.87 19.21 44.97
C ALA E 532 -45.92 19.21 46.07
N GLU E 533 -46.91 20.10 45.97
CA GLU E 533 -47.88 20.16 47.05
C GLU E 533 -48.85 18.97 47.03
N ASN E 534 -49.38 18.60 45.86
CA ASN E 534 -50.23 17.42 45.90
C ASN E 534 -49.43 16.17 46.32
N TYR E 535 -48.14 16.10 45.98
CA TYR E 535 -47.29 15.04 46.50
C TYR E 535 -47.22 15.09 48.01
N GLY E 536 -47.14 16.28 48.59
CA GLY E 536 -47.15 16.39 50.03
C GLY E 536 -48.43 15.84 50.63
N ARG E 537 -49.56 16.16 50.00
CA ARG E 537 -50.81 15.54 50.43
C ARG E 537 -50.74 14.02 50.31
N GLY E 538 -50.16 13.51 49.22
CA GLY E 538 -50.07 12.07 49.08
C GLY E 538 -49.24 11.44 50.18
N VAL E 539 -48.14 12.08 50.56
CA VAL E 539 -47.31 11.56 51.64
C VAL E 539 -48.10 11.55 52.94
N ARG E 540 -48.86 12.62 53.20
CA ARG E 540 -49.66 12.66 54.42
C ARG E 540 -50.71 11.55 54.43
N GLY E 541 -51.32 11.32 53.27
CA GLY E 541 -52.30 10.25 53.16
C GLY E 541 -51.70 8.88 53.41
N VAL E 542 -50.58 8.58 52.76
CA VAL E 542 -49.98 7.27 52.96
C VAL E 542 -49.51 7.12 54.41
N LEU E 543 -49.03 8.20 55.01
CA LEU E 543 -48.62 8.12 56.40
C LEU E 543 -49.80 7.87 57.33
N SER E 544 -51.01 8.28 56.92
CA SER E 544 -52.17 7.99 57.75
C SER E 544 -52.50 6.50 57.74
N ARG E 545 -52.52 5.88 56.56
CA ARG E 545 -52.90 4.48 56.39
C ARG E 545 -51.69 3.54 56.41
N LYS E 546 -50.88 3.61 57.49
CA LYS E 546 -49.60 2.90 57.54
C LYS E 546 -49.75 1.38 57.41
N ALA E 547 -50.76 0.80 58.07
CA ALA E 547 -50.93 -0.65 58.04
C ALA E 547 -51.29 -1.15 56.65
N VAL E 548 -52.17 -0.41 55.96
CA VAL E 548 -52.47 -0.73 54.58
C VAL E 548 -51.21 -0.63 53.72
N MET E 549 -50.37 0.37 53.99
CA MET E 549 -49.12 0.49 53.25
C MET E 549 -48.26 -0.76 53.43
N LEU E 550 -48.09 -1.21 54.67
CA LEU E 550 -47.28 -2.41 54.90
C LEU E 550 -47.87 -3.63 54.21
N GLY E 551 -49.19 -3.78 54.25
CA GLY E 551 -49.80 -4.91 53.57
C GLY E 551 -49.52 -4.87 52.07
N LEU E 552 -49.72 -3.71 51.46
CA LEU E 552 -49.40 -3.56 50.05
C LEU E 552 -47.93 -3.85 49.80
N TYR E 553 -47.07 -3.48 50.75
CA TYR E 553 -45.64 -3.74 50.60
C TYR E 553 -45.34 -5.23 50.60
N LEU E 554 -46.00 -5.98 51.49
CA LEU E 554 -45.80 -7.43 51.51
C LEU E 554 -46.28 -8.06 50.21
N VAL E 555 -47.40 -7.56 49.70
CA VAL E 555 -47.87 -8.00 48.39
C VAL E 555 -46.80 -7.75 47.34
N LEU E 556 -46.15 -6.59 47.40
CA LEU E 556 -45.16 -6.26 46.38
C LEU E 556 -43.90 -7.12 46.53
N VAL E 557 -43.49 -7.46 47.75
CA VAL E 557 -42.32 -8.34 47.87
C VAL E 557 -42.64 -9.71 47.29
N GLY E 558 -43.85 -10.21 47.56
CA GLY E 558 -44.28 -11.44 46.92
C GLY E 558 -44.21 -11.32 45.41
N ALA E 559 -44.66 -10.19 44.87
CA ALA E 559 -44.55 -9.96 43.44
C ALA E 559 -43.11 -10.01 42.97
N THR E 560 -42.18 -9.47 43.79
CA THR E 560 -40.77 -9.47 43.42
C THR E 560 -40.24 -10.89 43.29
N LEU E 561 -40.54 -11.74 44.28
CA LEU E 561 -40.12 -13.12 44.21
C LEU E 561 -40.71 -13.82 42.98
N MET E 562 -42.00 -13.59 42.72
CA MET E 562 -42.63 -14.27 41.58
C MET E 562 -42.01 -13.85 40.26
N VAL E 563 -41.83 -12.54 40.05
CA VAL E 563 -41.26 -12.07 38.79
C VAL E 563 -39.81 -12.51 38.68
N SER E 564 -39.11 -12.64 39.80
CA SER E 564 -37.76 -13.17 39.76
C SER E 564 -37.78 -14.60 39.22
N LYS E 565 -38.77 -15.41 39.62
CA LYS E 565 -38.83 -16.78 39.09
C LYS E 565 -39.48 -16.88 37.71
N ILE E 566 -40.14 -15.84 37.22
CA ILE E 566 -40.70 -15.88 35.87
C ILE E 566 -39.72 -15.39 34.81
N VAL E 567 -38.89 -14.42 35.14
CA VAL E 567 -37.95 -13.93 34.14
C VAL E 567 -36.84 -14.96 33.95
N PRO E 568 -36.56 -15.39 32.71
CA PRO E 568 -35.55 -16.43 32.48
C PRO E 568 -34.13 -15.91 32.69
N GLY E 569 -33.28 -16.78 33.22
CA GLY E 569 -31.91 -16.40 33.47
C GLY E 569 -31.12 -16.30 32.19
N GLY E 570 -30.01 -15.57 32.26
CA GLY E 570 -29.17 -15.36 31.10
C GLY E 570 -27.72 -15.15 31.49
N PHE E 571 -26.88 -15.05 30.46
CA PHE E 571 -25.46 -14.79 30.60
C PHE E 571 -25.11 -13.83 29.45
N VAL E 572 -23.85 -13.77 29.03
CA VAL E 572 -23.46 -12.85 27.94
C VAL E 572 -24.31 -13.06 26.69
N PRO E 573 -25.23 -12.17 26.37
CA PRO E 573 -26.21 -12.44 25.30
C PRO E 573 -25.55 -12.54 23.94
N ALA E 574 -26.30 -13.11 22.99
CA ALA E 574 -25.75 -13.40 21.67
C ALA E 574 -25.61 -12.12 20.87
N GLN E 575 -24.39 -11.85 20.43
CA GLN E 575 -24.06 -10.65 19.69
C GLN E 575 -23.63 -11.06 18.29
N ASP E 576 -24.08 -10.28 17.32
CA ASP E 576 -23.61 -10.45 15.94
C ASP E 576 -22.12 -10.17 15.91
N LYS E 577 -21.31 -11.20 15.68
CA LYS E 577 -19.87 -11.02 15.67
C LYS E 577 -19.35 -10.82 14.26
N GLU E 578 -20.26 -10.64 13.30
CA GLU E 578 -19.95 -10.32 11.91
C GLU E 578 -19.36 -11.52 11.15
N TYR E 579 -19.72 -12.72 11.58
CA TYR E 579 -19.42 -13.92 10.81
C TYR E 579 -20.29 -15.08 11.28
N LEU E 580 -20.44 -16.07 10.40
CA LEU E 580 -21.08 -17.34 10.67
C LEU E 580 -20.08 -18.45 10.41
N ILE E 581 -20.34 -19.63 10.98
CA ILE E 581 -19.48 -20.80 10.77
C ILE E 581 -20.31 -21.88 10.11
N ALA E 582 -20.05 -22.15 8.84
CA ALA E 582 -20.65 -23.30 8.17
C ALA E 582 -19.66 -24.47 8.20
N PHE E 583 -20.10 -25.62 8.66
CA PHE E 583 -19.25 -26.80 8.53
C PHE E 583 -19.90 -27.85 7.63
N ALA E 584 -19.05 -28.55 6.89
CA ALA E 584 -19.44 -29.62 5.99
C ALA E 584 -18.84 -30.92 6.50
N GLN E 585 -19.69 -31.93 6.65
CA GLN E 585 -19.27 -33.29 6.96
C GLN E 585 -19.73 -34.19 5.81
N LEU E 586 -18.77 -34.78 5.10
CA LEU E 586 -19.03 -35.63 3.96
C LEU E 586 -19.21 -37.07 4.44
N PRO E 587 -19.50 -38.04 3.54
CA PRO E 587 -19.56 -39.44 3.99
C PRO E 587 -18.22 -39.93 4.49
N ASN E 588 -18.27 -40.83 5.47
CA ASN E 588 -17.08 -41.21 6.22
C ASN E 588 -15.97 -41.66 5.29
N GLY E 589 -14.78 -41.12 5.51
CA GLY E 589 -13.67 -41.53 4.67
C GLY E 589 -13.62 -40.85 3.34
N ALA E 590 -14.48 -39.87 3.08
CA ALA E 590 -14.41 -39.16 1.80
C ALA E 590 -13.05 -38.50 1.65
N SER E 591 -12.61 -38.36 0.41
CA SER E 591 -11.32 -37.77 0.12
C SER E 591 -11.34 -36.25 0.31
N LEU E 592 -10.17 -35.69 0.62
CA LEU E 592 -10.05 -34.24 0.75
C LEU E 592 -10.38 -33.49 -0.55
N ASP E 593 -10.24 -34.12 -1.72
CA ASP E 593 -10.63 -33.45 -2.96
C ASP E 593 -12.15 -33.32 -3.05
N ARG E 594 -12.86 -34.37 -2.65
CA ARG E 594 -14.31 -34.32 -2.55
C ARG E 594 -14.75 -33.24 -1.56
N THR E 595 -14.09 -33.19 -0.40
CA THR E 595 -14.41 -32.16 0.58
C THR E 595 -14.14 -30.78 0.01
N GLU E 596 -13.02 -30.62 -0.71
CA GLU E 596 -12.72 -29.30 -1.26
C GLU E 596 -13.76 -28.87 -2.28
N LYS E 597 -14.30 -29.81 -3.06
CA LYS E 597 -15.37 -29.41 -3.98
C LYS E 597 -16.61 -28.97 -3.23
N VAL E 598 -16.99 -29.69 -2.16
CA VAL E 598 -18.16 -29.26 -1.38
C VAL E 598 -17.93 -27.86 -0.81
N ILE E 599 -16.72 -27.64 -0.27
CA ILE E 599 -16.39 -26.36 0.35
C ILE E 599 -16.40 -25.24 -0.67
N ARG E 600 -15.89 -25.50 -1.88
CA ARG E 600 -15.95 -24.47 -2.92
C ARG E 600 -17.38 -24.13 -3.26
N ASP E 601 -18.24 -25.14 -3.34
CA ASP E 601 -19.64 -24.87 -3.64
C ASP E 601 -20.26 -23.99 -2.55
N MET E 602 -19.96 -24.32 -1.30
CA MET E 602 -20.47 -23.55 -0.17
C MET E 602 -20.01 -22.10 -0.23
N GLY E 603 -18.71 -21.90 -0.49
CA GLY E 603 -18.17 -20.56 -0.60
C GLY E 603 -18.81 -19.76 -1.72
N ALA E 604 -19.02 -20.38 -2.87
CA ALA E 604 -19.65 -19.67 -3.97
C ALA E 604 -21.07 -19.24 -3.59
N ILE E 605 -21.83 -20.14 -2.97
CA ILE E 605 -23.19 -19.81 -2.53
C ILE E 605 -23.16 -18.64 -1.56
N ALA E 606 -22.28 -18.69 -0.57
CA ALA E 606 -22.24 -17.61 0.40
C ALA E 606 -21.85 -16.30 -0.26
N LEU E 607 -20.88 -16.33 -1.17
CA LEU E 607 -20.45 -15.10 -1.84
C LEU E 607 -21.56 -14.50 -2.68
N LYS E 608 -22.51 -15.31 -3.12
CA LYS E 608 -23.66 -14.78 -3.84
C LYS E 608 -24.78 -14.31 -2.92
N GLN E 609 -24.74 -14.69 -1.65
CA GLN E 609 -25.76 -14.30 -0.67
C GLN E 609 -25.60 -12.85 -0.22
N PRO E 610 -26.68 -12.05 -0.23
CA PRO E 610 -26.56 -10.66 0.24
C PRO E 610 -26.29 -10.57 1.73
N GLY E 611 -25.42 -9.62 2.10
CA GLY E 611 -24.99 -9.41 3.47
C GLY E 611 -23.66 -10.04 3.80
N VAL E 612 -23.14 -10.92 2.93
CA VAL E 612 -21.89 -11.65 3.15
C VAL E 612 -20.72 -10.85 2.60
N GLU E 613 -19.62 -10.79 3.32
CA GLU E 613 -18.46 -10.15 2.70
C GLU E 613 -17.41 -11.15 2.19
N SER E 614 -17.08 -12.20 2.96
CA SER E 614 -16.05 -13.14 2.50
C SER E 614 -16.37 -14.57 2.91
N ALA E 615 -15.85 -15.50 2.11
CA ALA E 615 -15.97 -16.92 2.37
C ALA E 615 -14.55 -17.40 2.68
N VAL E 616 -14.28 -17.63 3.96
CA VAL E 616 -12.97 -18.05 4.44
C VAL E 616 -13.04 -19.57 4.55
N ALA E 617 -12.39 -20.29 3.65
CA ALA E 617 -12.58 -21.73 3.53
C ALA E 617 -11.35 -22.51 4.00
N PHE E 618 -11.62 -23.64 4.65
CA PHE E 618 -10.60 -24.60 5.06
C PHE E 618 -11.14 -26.00 4.79
N PRO E 619 -10.88 -26.55 3.60
CA PRO E 619 -11.11 -27.97 3.39
C PRO E 619 -10.18 -28.77 4.28
N GLY E 620 -10.75 -29.72 5.02
CA GLY E 620 -9.99 -30.53 5.94
C GLY E 620 -10.05 -30.09 7.39
N LEU E 621 -10.57 -28.90 7.68
CA LEU E 621 -10.59 -28.43 9.06
C LEU E 621 -11.82 -28.99 9.75
N SER E 622 -11.60 -29.68 10.86
CA SER E 622 -12.65 -30.33 11.64
C SER E 622 -13.03 -29.47 12.83
N VAL E 623 -14.33 -29.41 13.13
CA VAL E 623 -14.76 -28.75 14.35
C VAL E 623 -14.24 -29.49 15.55
N ASN E 624 -13.92 -30.78 15.39
CA ASN E 624 -13.35 -31.59 16.46
C ASN E 624 -11.90 -31.20 16.69
N GLY E 625 -11.65 -30.21 17.53
CA GLY E 625 -10.29 -29.87 17.88
C GLY E 625 -9.57 -28.96 16.90
N PHE E 626 -10.26 -28.52 15.86
CA PHE E 626 -9.64 -27.80 14.74
C PHE E 626 -8.42 -28.53 14.20
N THR E 627 -8.54 -29.84 14.09
CA THR E 627 -7.56 -30.73 13.52
C THR E 627 -8.03 -31.15 12.12
N ASN E 628 -7.39 -32.12 11.51
CA ASN E 628 -7.63 -32.41 10.10
C ASN E 628 -8.47 -33.67 9.92
N SER E 629 -9.50 -33.57 9.07
CA SER E 629 -10.26 -34.72 8.59
C SER E 629 -10.42 -34.61 7.08
N SER E 630 -10.36 -35.75 6.39
CA SER E 630 -10.50 -35.73 4.94
C SER E 630 -11.92 -35.37 4.51
N SER E 631 -12.92 -35.79 5.28
CA SER E 631 -14.32 -35.67 4.91
C SER E 631 -15.01 -34.46 5.53
N ALA E 632 -14.28 -33.62 6.25
CA ALA E 632 -14.85 -32.47 6.92
C ALA E 632 -14.13 -31.18 6.50
N GLY E 633 -14.84 -30.06 6.65
CA GLY E 633 -14.27 -28.75 6.34
C GLY E 633 -15.12 -27.64 6.90
N ILE E 634 -14.53 -26.44 6.94
CA ILE E 634 -15.18 -25.27 7.53
C ILE E 634 -15.11 -24.08 6.58
N VAL E 635 -16.22 -23.37 6.41
CA VAL E 635 -16.19 -22.03 5.83
C VAL E 635 -16.72 -21.04 6.86
N PHE E 636 -15.83 -20.15 7.31
CA PHE E 636 -16.19 -18.97 8.06
C PHE E 636 -16.69 -17.91 7.08
N VAL E 637 -17.97 -17.54 7.17
CA VAL E 637 -18.53 -16.51 6.32
C VAL E 637 -18.48 -15.18 7.08
N THR E 638 -17.56 -14.28 6.73
CA THR E 638 -17.58 -12.96 7.35
C THR E 638 -18.63 -12.10 6.66
N LEU E 639 -19.41 -11.37 7.48
CA LEU E 639 -20.53 -10.53 7.06
C LEU E 639 -20.12 -9.06 6.98
N LYS E 640 -20.88 -8.30 6.20
CA LYS E 640 -20.66 -6.86 6.10
C LYS E 640 -20.96 -6.21 7.44
N PRO E 641 -20.40 -5.03 7.72
CA PRO E 641 -20.54 -4.44 9.06
C PRO E 641 -21.98 -4.23 9.48
N PHE E 642 -22.19 -4.26 10.79
CA PHE E 642 -23.53 -4.16 11.37
C PHE E 642 -24.23 -2.89 10.91
N ASP E 643 -23.52 -1.75 10.93
CA ASP E 643 -24.14 -0.48 10.58
C ASP E 643 -24.65 -0.49 9.15
N GLN E 644 -24.00 -1.25 8.27
CA GLN E 644 -24.39 -1.26 6.88
C GLN E 644 -25.69 -2.01 6.68
N ARG E 645 -25.79 -3.21 7.20
CA ARG E 645 -26.86 -4.11 6.85
C ARG E 645 -27.93 -4.09 7.94
N HIS E 646 -29.08 -3.50 7.63
CA HIS E 646 -30.19 -3.43 8.59
C HIS E 646 -31.04 -4.69 8.58
N GLY E 647 -31.35 -5.17 9.78
CA GLY E 647 -32.00 -6.45 10.02
C GLY E 647 -33.45 -6.67 9.62
N LYS E 648 -33.92 -5.97 8.59
CA LYS E 648 -35.25 -6.21 8.05
C LYS E 648 -35.36 -7.68 7.63
N ALA E 649 -34.67 -8.04 6.55
CA ALA E 649 -34.67 -9.38 5.98
C ALA E 649 -33.28 -10.00 6.01
N LEU E 650 -32.31 -9.28 6.51
CA LEU E 650 -30.93 -9.72 6.42
C LEU E 650 -30.29 -10.19 7.72
N SER E 651 -30.71 -9.74 8.90
CA SER E 651 -29.72 -9.38 9.92
C SER E 651 -28.50 -10.29 10.01
N ALA E 652 -28.59 -11.42 10.69
CA ALA E 652 -27.42 -12.28 10.75
C ALA E 652 -27.93 -13.70 10.81
N GLY E 653 -28.96 -13.88 11.64
CA GLY E 653 -29.66 -15.13 11.70
C GLY E 653 -30.38 -15.39 10.39
N ALA E 654 -30.89 -14.33 9.77
CA ALA E 654 -31.56 -14.49 8.49
C ALA E 654 -30.58 -14.96 7.43
N ILE E 655 -29.38 -14.37 7.41
CA ILE E 655 -28.34 -14.82 6.50
C ILE E 655 -28.03 -16.30 6.75
N ALA E 656 -27.95 -16.68 8.03
CA ALA E 656 -27.67 -18.08 8.36
C ALA E 656 -28.78 -18.99 7.86
N GLY E 657 -30.04 -18.60 8.03
CA GLY E 657 -31.12 -19.43 7.55
C GLY E 657 -31.08 -19.58 6.04
N ALA E 658 -30.77 -18.49 5.33
CA ALA E 658 -30.67 -18.59 3.88
C ALA E 658 -29.53 -19.51 3.48
N LEU E 659 -28.40 -19.39 4.17
CA LEU E 659 -27.28 -20.25 3.83
C LEU E 659 -27.63 -21.71 4.11
N ASN E 660 -28.32 -21.98 5.21
CA ASN E 660 -28.72 -23.36 5.49
C ASN E 660 -29.69 -23.86 4.45
N GLN E 661 -30.64 -23.03 4.04
CA GLN E 661 -31.60 -23.43 3.02
C GLN E 661 -30.88 -23.76 1.71
N LYS E 662 -29.97 -22.89 1.28
CA LYS E 662 -29.28 -23.13 0.02
C LYS E 662 -28.34 -24.32 0.11
N TYR E 663 -27.63 -24.45 1.22
CA TYR E 663 -26.69 -25.55 1.41
C TYR E 663 -27.41 -26.89 1.54
N ALA E 664 -28.67 -26.88 2.00
CA ALA E 664 -29.41 -28.13 2.11
C ALA E 664 -29.58 -28.81 0.76
N ALA E 665 -29.43 -28.07 -0.33
CA ALA E 665 -29.46 -28.64 -1.67
C ALA E 665 -28.08 -29.05 -2.17
N LEU E 666 -27.15 -29.35 -1.28
CA LEU E 666 -25.91 -30.05 -1.62
C LEU E 666 -26.04 -31.46 -1.04
N LYS E 667 -26.16 -32.47 -1.91
CA LYS E 667 -26.41 -33.83 -1.40
C LYS E 667 -25.15 -34.67 -1.18
N ASP E 668 -24.00 -34.27 -1.75
CA ASP E 668 -22.77 -35.03 -1.45
C ASP E 668 -22.33 -34.89 0.00
N SER E 669 -22.90 -33.95 0.76
CA SER E 669 -22.41 -33.68 2.10
C SER E 669 -23.55 -33.18 2.95
N PHE E 670 -23.36 -33.27 4.27
CA PHE E 670 -24.18 -32.55 5.24
C PHE E 670 -23.53 -31.22 5.58
N VAL E 671 -24.30 -30.15 5.52
CA VAL E 671 -23.76 -28.83 5.80
C VAL E 671 -24.64 -28.19 6.85
N ALA E 672 -24.03 -27.54 7.82
CA ALA E 672 -24.82 -26.70 8.70
C ALA E 672 -24.05 -25.43 9.04
N VAL E 673 -24.75 -24.30 9.02
CA VAL E 673 -24.19 -23.02 9.38
C VAL E 673 -24.76 -22.62 10.73
N PHE E 674 -23.88 -22.18 11.61
CA PHE E 674 -24.18 -21.87 12.99
C PHE E 674 -23.70 -20.45 13.28
N PRO E 675 -24.33 -19.77 14.25
CA PRO E 675 -23.90 -18.43 14.62
C PRO E 675 -22.71 -18.53 15.56
N PRO E 676 -21.86 -17.51 15.56
CA PRO E 676 -20.56 -17.62 16.23
C PRO E 676 -20.72 -17.67 17.74
N PRO E 677 -19.73 -18.21 18.46
CA PRO E 677 -19.74 -18.10 19.93
C PRO E 677 -19.56 -16.65 20.35
N PRO E 678 -20.26 -16.20 21.40
CA PRO E 678 -20.16 -14.78 21.80
C PRO E 678 -18.76 -14.35 22.22
N VAL E 679 -18.02 -15.17 22.97
CA VAL E 679 -16.61 -14.89 23.24
C VAL E 679 -15.79 -16.12 22.86
N LEU E 680 -14.80 -15.94 22.00
CA LEU E 680 -13.98 -17.05 21.54
C LEU E 680 -13.23 -17.64 22.73
N GLY E 681 -13.47 -18.91 23.00
CA GLY E 681 -12.98 -19.51 24.23
C GLY E 681 -14.09 -20.18 25.01
N LEU E 682 -15.29 -19.60 24.99
CA LEU E 682 -16.43 -20.30 25.57
C LEU E 682 -16.92 -21.34 24.57
N GLY E 683 -17.78 -22.22 25.03
CA GLY E 683 -18.37 -23.15 24.10
C GLY E 683 -19.83 -23.44 24.40
N THR E 684 -20.43 -22.68 25.29
CA THR E 684 -21.81 -22.99 25.65
C THR E 684 -22.54 -21.78 26.20
N LEU E 685 -23.80 -21.64 25.79
CA LEU E 685 -24.65 -20.65 26.44
C LEU E 685 -25.01 -21.13 27.83
N GLY E 686 -25.62 -22.31 27.93
CA GLY E 686 -25.93 -22.89 29.23
C GLY E 686 -25.91 -24.40 29.18
N GLY E 687 -25.30 -24.94 28.13
CA GLY E 687 -25.23 -26.38 27.93
C GLY E 687 -24.02 -27.00 28.60
N PHE E 688 -24.00 -28.33 28.58
CA PHE E 688 -22.98 -29.15 29.22
C PHE E 688 -22.19 -29.93 28.18
N LYS E 689 -21.07 -30.47 28.63
CA LYS E 689 -20.27 -31.43 27.88
C LYS E 689 -19.62 -32.36 28.88
N MET E 690 -19.57 -33.65 28.53
CA MET E 690 -18.98 -34.64 29.42
C MET E 690 -18.21 -35.64 28.56
N GLN E 691 -17.40 -36.44 29.26
CA GLN E 691 -16.48 -37.39 28.67
C GLN E 691 -16.80 -38.76 29.26
N ILE E 692 -17.28 -39.67 28.44
CA ILE E 692 -17.41 -41.06 28.84
C ILE E 692 -16.07 -41.75 28.61
N GLU E 693 -15.51 -42.30 29.69
CA GLU E 693 -14.14 -42.79 29.75
C GLU E 693 -14.11 -44.32 29.80
N ASP E 694 -13.29 -44.92 28.94
CA ASP E 694 -13.02 -46.36 28.96
C ASP E 694 -11.89 -46.59 29.95
N ARG E 695 -12.25 -46.81 31.20
CA ARG E 695 -11.30 -47.04 32.28
C ARG E 695 -10.96 -48.50 32.53
N GLY E 696 -11.66 -49.44 31.89
CA GLY E 696 -11.50 -50.85 32.23
C GLY E 696 -11.04 -51.66 31.04
N ALA E 697 -10.03 -51.18 30.29
CA ALA E 697 -10.23 -50.91 28.88
C ALA E 697 -11.21 -51.88 28.26
N VAL E 698 -12.40 -51.33 28.00
CA VAL E 698 -13.49 -52.04 27.39
C VAL E 698 -13.29 -52.15 25.88
N GLY E 699 -12.53 -51.21 25.30
CA GLY E 699 -12.28 -51.19 23.88
C GLY E 699 -13.07 -50.08 23.19
N TYR E 700 -12.60 -49.71 21.99
CA TYR E 700 -13.28 -48.66 21.22
C TYR E 700 -14.73 -49.04 20.91
N ALA E 701 -14.94 -50.27 20.46
CA ALA E 701 -16.28 -50.66 20.05
C ALA E 701 -17.22 -50.71 21.24
N ARG E 702 -16.77 -51.33 22.31
CA ARG E 702 -17.60 -51.50 23.48
C ARG E 702 -17.84 -50.16 24.16
N LEU E 703 -16.86 -49.23 24.09
CA LEU E 703 -17.04 -47.86 24.59
C LEU E 703 -18.04 -47.08 23.74
N ALA E 704 -17.98 -47.21 22.42
CA ALA E 704 -18.98 -46.59 21.56
C ALA E 704 -20.36 -47.12 21.88
N ASP E 705 -20.43 -48.43 22.13
CA ASP E 705 -21.69 -49.05 22.54
C ASP E 705 -22.20 -48.43 23.83
N ALA E 706 -21.30 -48.25 24.80
CA ALA E 706 -21.69 -47.63 26.06
C ALA E 706 -22.22 -46.22 25.85
N THR E 707 -21.53 -45.42 25.04
CA THR E 707 -21.96 -44.03 24.87
C THR E 707 -23.28 -43.95 24.12
N ASN E 708 -23.46 -44.80 23.11
CA ASN E 708 -24.73 -44.77 22.40
C ASN E 708 -25.86 -45.29 23.26
N ASP E 709 -25.60 -46.24 24.15
CA ASP E 709 -26.62 -46.64 25.11
C ASP E 709 -26.97 -45.49 26.07
N PHE E 710 -25.97 -44.72 26.50
CA PHE E 710 -26.25 -43.58 27.38
C PHE E 710 -27.12 -42.55 26.69
N ILE E 711 -26.74 -42.12 25.48
CA ILE E 711 -27.54 -41.14 24.75
C ILE E 711 -28.92 -41.73 24.41
N LYS E 712 -28.98 -43.05 24.19
CA LYS E 712 -30.19 -43.77 23.85
C LYS E 712 -31.18 -43.80 25.01
N ARG E 713 -30.69 -43.87 26.24
CA ARG E 713 -31.55 -43.74 27.40
C ARG E 713 -31.84 -42.28 27.74
N ALA E 714 -30.90 -41.38 27.46
CA ALA E 714 -30.99 -39.99 27.88
C ALA E 714 -31.92 -39.13 27.04
N GLN E 715 -32.20 -39.49 25.78
CA GLN E 715 -33.22 -38.65 25.14
C GLN E 715 -34.62 -38.96 25.66
N GLN E 716 -34.76 -40.01 26.47
CA GLN E 716 -36.01 -40.37 27.12
C GLN E 716 -36.25 -39.63 28.42
N ALA E 717 -35.24 -38.91 28.92
CA ALA E 717 -35.40 -38.10 30.11
C ALA E 717 -35.99 -36.76 29.70
N PRO E 718 -37.05 -36.29 30.37
CA PRO E 718 -37.77 -35.10 29.88
C PRO E 718 -37.02 -33.80 30.10
N GLU E 719 -36.00 -33.80 30.95
CA GLU E 719 -35.24 -32.58 31.26
C GLU E 719 -34.09 -32.27 30.31
N LEU E 720 -33.62 -33.22 29.50
CA LEU E 720 -32.52 -32.99 28.57
C LEU E 720 -33.03 -32.67 27.15
N GLY E 721 -32.15 -32.04 26.36
CA GLY E 721 -32.45 -31.74 24.98
C GLY E 721 -31.78 -32.69 24.01
N PRO E 722 -31.38 -32.20 22.80
CA PRO E 722 -30.73 -33.08 21.79
C PRO E 722 -29.21 -33.23 21.93
N LEU E 723 -28.76 -33.84 23.03
CA LEU E 723 -27.34 -34.20 23.23
C LEU E 723 -26.78 -35.05 22.06
N PHE E 724 -25.72 -34.56 21.43
CA PHE E 724 -25.01 -35.28 20.35
C PHE E 724 -23.57 -35.65 20.75
N THR E 725 -22.99 -36.60 20.00
CA THR E 725 -21.61 -37.05 20.20
C THR E 725 -20.75 -36.83 18.95
N SER E 726 -19.45 -36.90 19.13
CA SER E 726 -18.55 -36.81 17.99
C SER E 726 -17.62 -38.03 17.88
N TYR E 727 -17.82 -39.04 18.73
CA TYR E 727 -17.00 -40.25 18.75
C TYR E 727 -17.42 -41.16 17.61
N GLN E 728 -16.50 -41.40 16.68
CA GLN E 728 -16.82 -42.09 15.42
C GLN E 728 -15.91 -43.30 15.25
N ILE E 729 -16.50 -44.49 15.17
CA ILE E 729 -15.69 -45.69 15.01
C ILE E 729 -16.02 -46.47 13.74
N ASN E 730 -16.69 -45.86 12.77
CA ASN E 730 -16.97 -46.56 11.51
C ASN E 730 -16.54 -45.71 10.32
N VAL E 731 -15.31 -45.23 10.36
CA VAL E 731 -14.67 -44.74 9.13
C VAL E 731 -14.04 -45.93 8.42
N PRO E 732 -14.24 -46.07 7.11
CA PRO E 732 -13.64 -47.19 6.38
C PRO E 732 -12.12 -47.16 6.47
N GLN E 733 -11.52 -48.33 6.64
CA GLN E 733 -10.07 -48.45 6.71
C GLN E 733 -9.66 -49.82 6.17
N LEU E 734 -8.36 -50.09 6.17
CA LEU E 734 -7.83 -51.36 5.71
C LEU E 734 -7.08 -52.04 6.84
N ASN E 735 -7.36 -53.33 7.03
CA ASN E 735 -6.63 -54.16 7.96
C ASN E 735 -5.64 -55.02 7.17
N VAL E 736 -4.39 -55.03 7.62
CA VAL E 736 -3.30 -55.74 6.97
C VAL E 736 -2.81 -56.79 7.93
N ASP E 737 -2.95 -58.05 7.53
CA ASP E 737 -2.53 -59.20 8.33
C ASP E 737 -1.23 -59.71 7.77
N LEU E 738 -0.23 -59.82 8.63
CA LEU E 738 1.11 -60.27 8.25
C LEU E 738 1.30 -61.71 8.72
N ASP E 739 1.56 -62.60 7.78
CA ASP E 739 1.85 -63.99 8.11
C ASP E 739 3.24 -64.01 8.72
N ARG E 740 3.31 -64.05 10.06
CA ARG E 740 4.57 -63.82 10.75
C ARG E 740 5.56 -64.97 10.56
N VAL E 741 5.10 -66.22 10.78
CA VAL E 741 6.00 -67.35 10.61
C VAL E 741 6.43 -67.46 9.15
N LYS E 742 5.47 -67.29 8.22
CA LYS E 742 5.78 -67.35 6.78
C LYS E 742 6.78 -66.29 6.40
N ALA E 743 6.70 -65.12 7.05
CA ALA E 743 7.68 -64.06 6.81
C ALA E 743 9.06 -64.44 7.30
N LYS E 744 9.18 -64.90 8.55
CA LYS E 744 10.51 -65.10 9.11
C LYS E 744 11.21 -66.34 8.54
N GLN E 745 10.43 -67.30 8.06
CA GLN E 745 10.97 -68.45 7.33
C GLN E 745 11.38 -68.06 5.90
N LEU E 746 10.62 -67.16 5.25
CA LEU E 746 10.97 -66.60 3.95
C LEU E 746 12.19 -65.67 4.00
N GLY E 747 12.82 -65.53 5.17
CA GLY E 747 14.01 -64.72 5.31
C GLY E 747 13.80 -63.23 5.44
N VAL E 748 12.55 -62.77 5.52
CA VAL E 748 12.21 -61.35 5.66
C VAL E 748 11.92 -61.07 7.12
N ASN E 749 12.48 -59.97 7.62
CA ASN E 749 12.21 -59.52 8.97
C ASN E 749 10.87 -58.81 9.01
N VAL E 750 10.14 -58.99 10.12
CA VAL E 750 8.85 -58.31 10.23
C VAL E 750 9.08 -56.80 10.19
N THR E 751 10.23 -56.35 10.67
CA THR E 751 10.58 -54.94 10.52
C THR E 751 10.78 -54.54 9.06
N ASP E 752 11.26 -55.43 8.19
CA ASP E 752 11.41 -55.08 6.78
C ASP E 752 10.04 -54.81 6.14
N VAL E 753 9.05 -55.63 6.48
CA VAL E 753 7.68 -55.43 6.02
C VAL E 753 7.13 -54.11 6.54
N PHE E 754 7.31 -53.86 7.84
CA PHE E 754 6.75 -52.63 8.37
C PHE E 754 7.42 -51.42 7.75
N ASP E 755 8.73 -51.48 7.53
CA ASP E 755 9.42 -50.36 6.92
C ASP E 755 8.92 -50.11 5.50
N THR E 756 8.68 -51.18 4.74
CA THR E 756 8.16 -50.97 3.39
C THR E 756 6.79 -50.31 3.44
N MET E 757 5.90 -50.81 4.31
CA MET E 757 4.58 -50.22 4.44
C MET E 757 4.66 -48.75 4.89
N GLN E 758 5.54 -48.44 5.85
CA GLN E 758 5.64 -47.08 6.36
C GLN E 758 6.21 -46.14 5.31
N ILE E 759 7.32 -46.50 4.67
CA ILE E 759 7.94 -45.58 3.72
C ILE E 759 7.05 -45.37 2.51
N TYR E 760 6.48 -46.46 1.96
CA TYR E 760 5.69 -46.34 0.74
C TYR E 760 4.32 -45.73 1.02
N LEU E 761 3.68 -46.14 2.11
CA LEU E 761 2.34 -45.69 2.42
C LEU E 761 2.28 -44.55 3.44
N GLY E 762 3.34 -44.35 4.22
CA GLY E 762 3.28 -43.38 5.28
C GLY E 762 4.24 -42.20 5.17
N SER E 763 5.09 -42.17 4.16
CA SER E 763 5.92 -40.99 3.89
C SER E 763 6.90 -40.70 5.04
N LEU E 764 7.92 -41.53 5.11
CA LEU E 764 9.02 -41.32 6.05
C LEU E 764 9.77 -39.99 5.81
N TYR E 765 10.22 -39.37 6.92
CA TYR E 765 11.05 -38.17 6.92
C TYR E 765 12.52 -38.57 7.04
N VAL E 766 13.37 -38.01 6.16
CA VAL E 766 14.74 -38.52 6.04
C VAL E 766 15.74 -37.62 6.76
N ASN E 767 15.88 -36.39 6.30
CA ASN E 767 16.82 -35.44 6.87
C ASN E 767 16.51 -34.06 6.28
N ASP E 768 17.32 -33.08 6.64
CA ASP E 768 17.09 -31.70 6.26
C ASP E 768 17.97 -31.29 5.08
N PHE E 769 17.48 -30.32 4.31
CA PHE E 769 18.33 -29.62 3.37
C PHE E 769 18.11 -28.13 3.53
N ASN E 770 19.15 -27.34 3.25
CA ASN E 770 19.12 -25.89 3.43
C ASN E 770 18.90 -25.16 2.12
N ARG E 771 18.04 -24.13 2.16
CA ARG E 771 17.68 -23.36 0.98
C ARG E 771 17.40 -21.94 1.42
N PHE E 772 18.22 -21.01 0.92
CA PHE E 772 18.32 -19.64 1.44
C PHE E 772 18.60 -19.66 2.95
N GLY E 773 19.56 -20.50 3.34
CA GLY E 773 20.01 -20.68 4.71
C GLY E 773 19.02 -21.32 5.64
N ARG E 774 17.89 -21.79 5.11
CA ARG E 774 16.79 -22.30 5.90
C ARG E 774 16.63 -23.80 5.76
N VAL E 775 16.13 -24.43 6.81
CA VAL E 775 15.96 -25.88 6.90
C VAL E 775 14.61 -26.27 6.30
N TYR E 776 14.56 -27.35 5.51
CA TYR E 776 13.26 -27.66 4.91
C TYR E 776 12.77 -29.11 4.82
N GLN E 777 13.43 -30.13 5.41
CA GLN E 777 12.78 -31.45 5.32
C GLN E 777 12.65 -32.15 3.95
N VAL E 778 13.58 -33.06 3.61
CA VAL E 778 13.27 -34.02 2.54
C VAL E 778 12.45 -35.18 3.10
N ARG E 779 11.41 -35.57 2.35
CA ARG E 779 10.49 -36.66 2.66
C ARG E 779 10.34 -37.60 1.46
N VAL E 780 10.52 -38.90 1.66
CA VAL E 780 10.27 -39.84 0.58
C VAL E 780 8.89 -40.44 0.82
N GLN E 781 8.30 -40.96 -0.25
CA GLN E 781 7.02 -41.66 -0.15
C GLN E 781 6.75 -42.31 -1.48
N ALA E 782 6.03 -43.43 -1.44
CA ALA E 782 5.47 -43.95 -2.67
C ALA E 782 4.56 -42.90 -3.28
N ASP E 783 4.53 -42.94 -4.58
CA ASP E 783 3.79 -42.05 -5.42
C ASP E 783 2.28 -42.20 -5.33
N ALA E 784 1.60 -41.11 -5.67
CA ALA E 784 0.15 -41.08 -5.71
C ALA E 784 -0.46 -42.23 -6.50
N PRO E 785 -0.04 -42.54 -7.73
CA PRO E 785 -0.74 -43.61 -8.47
C PRO E 785 -0.58 -44.98 -7.82
N PHE E 786 0.41 -45.16 -6.95
CA PHE E 786 0.73 -46.47 -6.42
C PHE E 786 0.20 -46.70 -5.02
N ARG E 787 -0.57 -45.77 -4.48
CA ARG E 787 -1.13 -45.90 -3.14
C ARG E 787 -2.62 -45.56 -3.12
N GLN E 788 -3.27 -45.53 -4.29
CA GLN E 788 -4.62 -45.01 -4.40
C GLN E 788 -5.72 -46.05 -4.25
N ARG E 789 -5.41 -47.31 -3.97
CA ARG E 789 -6.42 -48.36 -4.00
C ARG E 789 -5.97 -49.47 -3.08
N ALA E 790 -6.93 -50.06 -2.34
CA ALA E 790 -6.61 -51.04 -1.32
C ALA E 790 -5.53 -52.02 -1.77
N ASP E 791 -5.67 -52.64 -2.95
CA ASP E 791 -4.68 -53.64 -3.34
C ASP E 791 -3.42 -53.05 -3.93
N ASP E 792 -3.35 -51.72 -4.14
CA ASP E 792 -2.06 -51.11 -4.44
C ASP E 792 -1.04 -51.38 -3.34
N ILE E 793 -1.52 -51.87 -2.19
CA ILE E 793 -0.68 -52.35 -1.09
C ILE E 793 0.18 -53.54 -1.53
N LEU E 794 -0.43 -54.49 -2.24
CA LEU E 794 0.21 -55.77 -2.54
C LEU E 794 1.34 -55.69 -3.58
N GLN E 795 1.38 -54.66 -4.40
CA GLN E 795 2.42 -54.59 -5.42
C GLN E 795 3.76 -54.10 -4.89
N LEU E 796 3.85 -53.79 -3.60
CA LEU E 796 5.11 -53.36 -3.01
C LEU E 796 5.95 -54.57 -2.66
N LYS E 797 7.26 -54.39 -2.73
CA LYS E 797 8.17 -55.50 -2.51
C LYS E 797 9.21 -55.11 -1.47
N THR E 798 9.44 -56.02 -0.52
CA THR E 798 10.60 -55.96 0.37
C THR E 798 11.60 -57.03 -0.09
N ARG E 799 12.67 -57.22 0.68
CA ARG E 799 13.73 -58.17 0.34
C ARG E 799 14.04 -59.06 1.54
N ASN E 800 14.35 -60.33 1.29
CA ASN E 800 14.78 -61.20 2.37
C ASN E 800 16.31 -61.17 2.48
N ALA E 801 16.84 -61.88 3.47
CA ALA E 801 18.28 -61.92 3.61
C ALA E 801 18.94 -62.48 2.35
N ALA E 802 18.24 -63.35 1.63
CA ALA E 802 18.82 -63.94 0.43
C ALA E 802 18.93 -62.94 -0.71
N GLY E 803 18.10 -61.90 -0.73
CA GLY E 803 18.10 -60.95 -1.83
C GLY E 803 16.92 -61.07 -2.76
N GLU E 804 15.96 -61.94 -2.46
CA GLU E 804 14.81 -62.10 -3.33
C GLU E 804 13.80 -61.02 -3.01
N MET E 805 13.31 -60.34 -4.03
CA MET E 805 12.28 -59.32 -3.84
C MET E 805 10.93 -60.01 -3.62
N VAL E 806 10.50 -60.05 -2.35
CA VAL E 806 9.24 -60.66 -1.97
C VAL E 806 8.15 -59.59 -1.96
N PRO E 807 7.05 -59.78 -2.70
CA PRO E 807 5.87 -58.92 -2.51
C PRO E 807 5.05 -59.34 -1.29
N LEU E 808 4.31 -58.38 -0.75
CA LEU E 808 3.40 -58.65 0.36
C LEU E 808 2.10 -59.28 -0.09
N SER E 809 1.91 -59.43 -1.41
CA SER E 809 0.87 -60.32 -1.92
C SER E 809 1.08 -61.72 -1.38
N SER E 810 2.32 -62.05 -1.06
CA SER E 810 2.68 -63.33 -0.49
C SER E 810 2.89 -63.29 1.03
N LEU E 811 2.78 -62.11 1.68
CA LEU E 811 2.99 -62.05 3.13
C LEU E 811 1.84 -61.44 3.91
N VAL E 812 0.88 -60.78 3.26
CA VAL E 812 -0.20 -60.10 3.95
C VAL E 812 -1.53 -60.34 3.24
N THR E 813 -2.60 -60.27 4.01
CA THR E 813 -3.96 -60.19 3.50
C THR E 813 -4.56 -58.85 3.88
N VAL E 814 -5.26 -58.22 2.95
CA VAL E 814 -5.82 -56.90 3.15
C VAL E 814 -7.34 -57.02 3.14
N SER E 815 -7.97 -56.62 4.22
CA SER E 815 -9.42 -56.74 4.36
C SER E 815 -10.00 -55.37 4.68
N PRO E 816 -11.24 -55.12 4.30
CA PRO E 816 -11.90 -53.88 4.72
C PRO E 816 -12.19 -53.96 6.20
N THR E 817 -12.22 -52.81 6.85
CA THR E 817 -12.56 -52.78 8.26
C THR E 817 -13.01 -51.37 8.62
N PHE E 818 -13.30 -51.18 9.90
CA PHE E 818 -13.73 -49.88 10.41
C PHE E 818 -12.83 -49.42 11.55
N GLY E 819 -12.66 -48.12 11.64
CA GLY E 819 -11.97 -47.54 12.77
C GLY E 819 -12.34 -46.08 12.99
N PRO E 820 -11.75 -45.46 14.01
CA PRO E 820 -11.90 -44.02 14.16
C PRO E 820 -10.86 -43.29 13.32
N GLU E 821 -11.29 -42.16 12.78
CA GLU E 821 -10.41 -41.22 12.10
C GLU E 821 -9.76 -40.24 13.08
N MET E 822 -10.10 -40.36 14.36
CA MET E 822 -9.62 -39.45 15.40
C MET E 822 -9.89 -40.18 16.70
N VAL E 823 -8.84 -40.48 17.45
CA VAL E 823 -8.96 -40.98 18.82
C VAL E 823 -8.71 -39.84 19.79
N VAL E 824 -9.64 -39.61 20.71
CA VAL E 824 -9.46 -38.62 21.76
C VAL E 824 -9.36 -39.35 23.08
N ARG E 825 -8.34 -39.03 23.87
CA ARG E 825 -8.16 -39.56 25.22
C ARG E 825 -8.28 -38.42 26.23
N TYR E 826 -9.29 -38.49 27.09
CA TYR E 826 -9.50 -37.47 28.12
C TYR E 826 -9.06 -37.99 29.48
N ASN E 827 -8.10 -37.29 30.09
CA ASN E 827 -7.53 -37.68 31.38
C ASN E 827 -6.90 -39.07 31.33
N ALA E 828 -6.08 -39.27 30.30
CA ALA E 828 -5.32 -40.50 30.06
C ALA E 828 -6.23 -41.71 29.85
N TYR E 829 -7.52 -41.48 29.61
CA TYR E 829 -8.49 -42.53 29.30
C TYR E 829 -9.05 -42.26 27.91
N THR E 830 -9.12 -43.30 27.09
CA THR E 830 -9.82 -43.20 25.83
C THR E 830 -11.25 -42.76 26.13
N ALA E 831 -11.72 -41.73 25.42
CA ALA E 831 -12.93 -41.06 25.87
C ALA E 831 -13.78 -40.63 24.69
N ALA E 832 -15.09 -40.65 24.92
CA ALA E 832 -16.10 -40.22 23.95
C ALA E 832 -16.90 -39.08 24.57
N ASP E 833 -16.97 -37.95 23.87
CA ASP E 833 -17.70 -36.83 24.41
C ASP E 833 -19.17 -36.96 24.09
N VAL E 834 -20.00 -36.49 25.02
CA VAL E 834 -21.41 -36.25 24.74
C VAL E 834 -21.70 -34.84 25.23
N ASN E 835 -22.30 -34.03 24.37
CA ASN E 835 -22.59 -32.65 24.74
C ASN E 835 -24.03 -32.32 24.39
N GLY E 836 -24.60 -31.42 25.18
CA GLY E 836 -26.00 -31.06 25.08
C GLY E 836 -26.31 -29.84 25.92
N GLY E 837 -27.59 -29.70 26.27
CA GLY E 837 -28.09 -28.62 27.07
C GLY E 837 -29.41 -29.02 27.68
N PRO E 838 -30.00 -28.19 28.53
CA PRO E 838 -31.26 -28.59 29.18
C PRO E 838 -32.45 -28.28 28.29
N ALA E 839 -33.41 -29.20 28.29
CA ALA E 839 -34.66 -29.00 27.58
C ALA E 839 -35.33 -27.72 28.07
N PRO E 840 -36.07 -27.02 27.20
CA PRO E 840 -36.54 -25.68 27.57
C PRO E 840 -37.34 -25.72 28.85
N GLY E 841 -37.13 -24.71 29.69
CA GLY E 841 -37.84 -24.62 30.96
C GLY E 841 -37.25 -25.45 32.07
N TYR E 842 -36.01 -25.91 31.91
CA TYR E 842 -35.25 -26.50 33.00
C TYR E 842 -33.91 -25.77 33.03
N SER E 843 -33.30 -25.75 34.22
CA SER E 843 -32.00 -25.11 34.37
C SER E 843 -30.90 -26.15 34.13
N SER E 844 -29.70 -25.87 34.59
CA SER E 844 -28.57 -26.77 34.37
C SER E 844 -28.43 -27.76 35.50
N GLY E 845 -28.73 -27.36 36.74
CA GLY E 845 -28.48 -28.27 37.85
C GLY E 845 -29.36 -29.51 37.80
N GLN E 846 -30.65 -29.34 37.48
CA GLN E 846 -31.46 -30.55 37.34
C GLN E 846 -31.11 -31.31 36.06
N ALA E 847 -30.79 -30.58 34.97
CA ALA E 847 -30.39 -31.27 33.75
C ALA E 847 -29.19 -32.17 34.01
N GLN E 848 -28.21 -31.64 34.74
CA GLN E 848 -27.00 -32.41 35.04
C GLN E 848 -27.25 -33.49 36.10
N ALA E 849 -28.19 -33.27 37.03
CA ALA E 849 -28.57 -34.35 37.94
C ALA E 849 -29.13 -35.53 37.16
N ALA E 850 -29.94 -35.25 36.14
CA ALA E 850 -30.46 -36.30 35.27
C ALA E 850 -29.35 -36.98 34.48
N VAL E 851 -28.43 -36.18 33.93
CA VAL E 851 -27.29 -36.76 33.21
C VAL E 851 -26.52 -37.73 34.10
N GLU E 852 -26.25 -37.31 35.34
CA GLU E 852 -25.46 -38.13 36.26
C GLU E 852 -26.20 -39.40 36.65
N ARG E 853 -27.50 -39.29 36.92
CA ARG E 853 -28.28 -40.48 37.24
C ARG E 853 -28.35 -41.42 36.03
N ILE E 854 -28.61 -40.85 34.84
CA ILE E 854 -28.66 -41.63 33.61
C ILE E 854 -27.35 -42.38 33.41
N ALA E 855 -26.23 -41.70 33.63
CA ALA E 855 -24.93 -42.36 33.51
C ALA E 855 -24.78 -43.47 34.53
N ALA E 856 -25.20 -43.21 35.78
CA ALA E 856 -25.15 -44.24 36.81
C ALA E 856 -26.04 -45.44 36.46
N GLN E 857 -27.12 -45.22 35.71
CA GLN E 857 -28.03 -46.29 35.31
C GLN E 857 -27.53 -47.08 34.11
N THR E 858 -26.95 -46.40 33.11
CA THR E 858 -26.77 -46.98 31.78
C THR E 858 -25.31 -47.24 31.41
N LEU E 859 -24.36 -46.59 32.04
CA LEU E 859 -22.97 -46.77 31.64
C LEU E 859 -22.55 -48.15 32.14
N PRO E 860 -22.06 -49.05 31.29
CA PRO E 860 -21.66 -50.38 31.76
C PRO E 860 -20.41 -50.35 32.60
N ARG E 861 -20.01 -51.53 33.07
CA ARG E 861 -18.84 -51.62 33.92
C ARG E 861 -17.60 -51.20 33.18
N GLY E 862 -16.70 -50.52 33.89
CA GLY E 862 -15.45 -50.04 33.33
C GLY E 862 -15.58 -48.84 32.43
N VAL E 863 -16.76 -48.22 32.36
CA VAL E 863 -17.01 -47.07 31.48
C VAL E 863 -17.58 -45.99 32.40
N LYS E 864 -16.71 -45.15 32.96
CA LYS E 864 -17.14 -44.08 33.86
C LYS E 864 -17.32 -42.79 33.06
N PHE E 865 -17.71 -41.68 33.69
CA PHE E 865 -17.75 -40.42 32.97
C PHE E 865 -17.33 -39.26 33.89
N GLU E 866 -16.91 -38.17 33.24
CA GLU E 866 -16.48 -36.95 33.90
C GLU E 866 -17.10 -35.72 33.24
N TRP E 867 -17.26 -34.66 34.03
CA TRP E 867 -17.65 -33.36 33.49
C TRP E 867 -16.42 -32.65 32.94
N THR E 868 -16.65 -31.70 32.05
CA THR E 868 -15.53 -30.99 31.47
C THR E 868 -15.89 -29.54 31.21
N ASP E 869 -14.83 -28.74 31.14
CA ASP E 869 -14.91 -27.37 30.65
C ASP E 869 -15.65 -26.53 31.65
N LEU E 870 -16.47 -25.61 31.13
CA LEU E 870 -17.20 -24.67 31.96
C LEU E 870 -18.03 -25.39 33.03
N THR E 871 -18.58 -26.56 32.72
CA THR E 871 -19.42 -27.24 33.70
C THR E 871 -18.58 -27.75 34.87
N TYR E 872 -17.40 -28.30 34.56
CA TYR E 872 -16.48 -28.79 35.58
C TYR E 872 -15.93 -27.67 36.42
N GLN E 873 -15.71 -26.52 35.78
CA GLN E 873 -15.23 -25.35 36.50
C GLN E 873 -16.32 -24.81 37.45
N GLN E 874 -17.59 -24.74 36.99
CA GLN E 874 -18.66 -24.33 37.88
C GLN E 874 -18.80 -25.27 39.06
N ILE E 875 -18.76 -26.58 38.80
CA ILE E 875 -18.95 -27.57 39.87
C ILE E 875 -17.84 -27.49 40.90
N LEU E 876 -16.63 -27.10 40.48
CA LEU E 876 -15.56 -26.89 41.45
C LEU E 876 -15.84 -25.70 42.36
N ALA E 877 -16.36 -24.61 41.80
CA ALA E 877 -16.74 -23.42 42.57
C ALA E 877 -17.97 -23.73 43.43
N GLY E 878 -17.78 -23.85 44.74
CA GLY E 878 -18.86 -24.23 45.64
C GLY E 878 -19.55 -23.08 46.35
N ASP E 879 -19.15 -22.80 47.59
CA ASP E 879 -19.82 -21.82 48.44
C ASP E 879 -19.65 -20.41 47.90
N SER E 880 -20.27 -20.13 46.75
CA SER E 880 -20.18 -18.82 46.13
C SER E 880 -21.55 -18.28 45.79
N ALA E 881 -21.65 -16.95 45.87
CA ALA E 881 -22.85 -16.13 45.64
C ALA E 881 -23.83 -16.32 46.78
N PHE E 882 -23.72 -17.46 47.45
CA PHE E 882 -24.51 -17.75 48.63
C PHE E 882 -23.93 -17.09 49.87
N TRP E 883 -22.68 -16.62 49.81
CA TRP E 883 -22.10 -15.87 50.90
C TRP E 883 -21.86 -14.40 50.60
N VAL E 884 -21.83 -14.02 49.32
CA VAL E 884 -21.57 -12.62 48.97
C VAL E 884 -22.72 -11.72 49.41
N PHE E 885 -23.96 -12.08 49.07
CA PHE E 885 -25.07 -11.17 49.35
C PHE E 885 -25.34 -11.00 50.84
N PRO E 886 -25.41 -12.05 51.67
CA PRO E 886 -25.55 -11.79 53.10
C PRO E 886 -24.49 -10.86 53.64
N ILE E 887 -23.24 -11.07 53.24
CA ILE E 887 -22.17 -10.20 53.71
C ILE E 887 -22.46 -8.76 53.29
N SER E 888 -22.97 -8.60 52.07
CA SER E 888 -23.19 -7.26 51.53
C SER E 888 -24.34 -6.53 52.25
N VAL E 889 -25.48 -7.20 52.47
CA VAL E 889 -26.54 -6.56 53.26
C VAL E 889 -26.04 -6.24 54.66
N LEU E 890 -25.32 -7.17 55.28
CA LEU E 890 -24.78 -6.92 56.61
C LEU E 890 -23.85 -5.72 56.62
N LEU E 891 -22.98 -5.60 55.61
CA LEU E 891 -22.08 -4.44 55.55
C LEU E 891 -22.84 -3.14 55.38
N VAL E 892 -23.85 -3.11 54.50
CA VAL E 892 -24.56 -1.85 54.35
C VAL E 892 -25.29 -1.52 55.65
N PHE E 893 -25.88 -2.54 56.30
CA PHE E 893 -26.57 -2.32 57.58
C PHE E 893 -25.61 -1.72 58.60
N LEU E 894 -24.42 -2.28 58.73
CA LEU E 894 -23.50 -1.73 59.73
C LEU E 894 -23.11 -0.31 59.37
N VAL E 895 -22.85 -0.02 58.09
CA VAL E 895 -22.43 1.33 57.72
C VAL E 895 -23.56 2.32 57.98
N LEU E 896 -24.77 1.98 57.55
CA LEU E 896 -25.89 2.88 57.79
C LEU E 896 -26.15 3.03 59.28
N ALA E 897 -26.05 1.94 60.03
CA ALA E 897 -26.25 1.97 61.47
C ALA E 897 -25.25 2.91 62.14
N ALA E 898 -23.99 2.89 61.70
CA ALA E 898 -23.04 3.87 62.21
C ALA E 898 -23.44 5.28 61.84
N LEU E 899 -23.94 5.48 60.60
CA LEU E 899 -24.31 6.83 60.17
C LEU E 899 -25.43 7.39 61.04
N TYR E 900 -26.47 6.59 61.28
CA TYR E 900 -27.65 7.02 62.03
C TYR E 900 -27.52 6.89 63.53
N GLU E 901 -26.48 6.24 64.05
CA GLU E 901 -26.44 5.82 65.46
C GLU E 901 -27.76 5.15 65.84
N SER E 902 -28.34 4.42 64.90
CA SER E 902 -29.56 3.68 65.12
C SER E 902 -29.38 2.27 64.61
N LEU E 903 -29.94 1.32 65.35
CA LEU E 903 -30.04 -0.07 64.91
C LEU E 903 -31.30 -0.35 64.12
N THR E 904 -32.22 0.62 64.00
CA THR E 904 -33.49 0.38 63.32
C THR E 904 -33.64 1.17 62.03
N LEU E 905 -33.07 2.38 61.95
CA LEU E 905 -33.14 3.16 60.72
C LEU E 905 -32.48 2.52 59.50
N PRO E 906 -31.40 1.73 59.61
CA PRO E 906 -30.89 1.09 58.39
C PRO E 906 -31.98 0.32 57.68
N LEU E 907 -32.87 -0.31 58.44
CA LEU E 907 -33.96 -1.06 57.82
C LEU E 907 -34.79 -0.18 56.90
N ALA E 908 -35.02 1.07 57.30
CA ALA E 908 -35.80 1.97 56.46
C ALA E 908 -35.20 2.12 55.07
N VAL E 909 -33.87 2.04 54.93
CA VAL E 909 -33.29 2.07 53.60
C VAL E 909 -33.40 0.68 52.96
N ILE E 910 -33.01 -0.36 53.70
CA ILE E 910 -32.85 -1.68 53.11
C ILE E 910 -34.18 -2.19 52.55
N LEU E 911 -35.27 -1.97 53.30
CA LEU E 911 -36.56 -2.48 52.87
C LEU E 911 -37.03 -1.91 51.54
N ILE E 912 -36.47 -0.79 51.09
CA ILE E 912 -36.97 -0.27 49.82
C ILE E 912 -36.25 -0.94 48.65
N VAL E 913 -35.11 -1.59 48.89
CA VAL E 913 -34.29 -2.10 47.78
C VAL E 913 -34.93 -3.27 47.05
N PRO E 914 -35.70 -4.17 47.69
CA PRO E 914 -36.42 -5.18 46.88
C PRO E 914 -37.28 -4.56 45.79
N MET E 915 -37.91 -3.43 46.12
CA MET E 915 -38.87 -2.76 45.24
C MET E 915 -38.21 -2.28 43.95
N SER E 916 -36.97 -1.79 44.05
CA SER E 916 -36.26 -1.39 42.85
C SER E 916 -36.13 -2.57 41.91
N ILE E 917 -35.81 -3.74 42.47
CA ILE E 917 -35.74 -4.94 41.64
C ILE E 917 -37.06 -5.15 40.90
N LEU E 918 -38.19 -5.07 41.63
CA LEU E 918 -39.49 -5.22 40.97
C LEU E 918 -39.59 -4.26 39.80
N SER E 919 -39.28 -2.98 40.06
CA SER E 919 -39.38 -1.95 39.04
C SER E 919 -38.58 -2.34 37.81
N ALA E 920 -37.36 -2.81 38.03
CA ALA E 920 -36.52 -3.21 36.92
C ALA E 920 -37.05 -4.48 36.27
N LEU E 921 -37.35 -5.49 37.09
CA LEU E 921 -37.66 -6.80 36.50
C LEU E 921 -38.97 -6.78 35.74
N THR E 922 -40.00 -6.12 36.27
CA THR E 922 -41.23 -6.00 35.50
C THR E 922 -40.96 -5.31 34.16
N GLY E 923 -40.07 -4.32 34.16
CA GLY E 923 -39.66 -3.71 32.90
C GLY E 923 -39.07 -4.74 31.96
N VAL E 924 -38.09 -5.51 32.43
CA VAL E 924 -37.51 -6.52 31.54
C VAL E 924 -38.57 -7.52 31.15
N TRP E 925 -39.54 -7.79 32.06
CA TRP E 925 -40.63 -8.69 31.73
C TRP E 925 -41.55 -8.12 30.65
N LEU E 926 -41.78 -6.80 30.67
CA LEU E 926 -42.69 -6.21 29.69
C LEU E 926 -42.07 -6.16 28.30
N THR E 927 -40.75 -6.21 28.22
CA THR E 927 -40.08 -6.32 26.94
C THR E 927 -39.81 -7.77 26.57
N GLN E 928 -40.20 -8.71 27.43
CA GLN E 928 -39.99 -10.14 27.21
C GLN E 928 -38.51 -10.46 26.95
N GLY E 929 -37.64 -9.95 27.84
CA GLY E 929 -36.23 -10.29 27.84
C GLY E 929 -35.84 -11.22 28.97
N ASP E 930 -34.53 -11.37 29.14
CA ASP E 930 -33.96 -12.25 30.16
C ASP E 930 -33.09 -11.45 31.13
N ASN E 931 -32.77 -12.12 32.24
CA ASN E 931 -31.98 -11.54 33.33
C ASN E 931 -30.50 -11.91 33.21
N ASN E 932 -29.88 -11.47 32.13
CA ASN E 932 -28.47 -11.72 31.89
C ASN E 932 -27.61 -10.78 32.74
N ILE E 933 -26.31 -11.07 32.79
CA ILE E 933 -25.39 -10.38 33.72
C ILE E 933 -25.35 -8.88 33.46
N PHE E 934 -25.59 -8.45 32.23
CA PHE E 934 -25.72 -7.03 31.98
C PHE E 934 -26.94 -6.46 32.71
N THR E 935 -28.11 -7.09 32.55
CA THR E 935 -29.28 -6.62 33.28
C THR E 935 -29.14 -6.86 34.77
N GLN E 936 -28.32 -7.84 35.17
CA GLN E 936 -28.09 -8.05 36.59
C GLN E 936 -27.26 -6.91 37.18
N ILE E 937 -26.18 -6.52 36.50
CA ILE E 937 -25.41 -5.42 37.05
C ILE E 937 -26.23 -4.13 36.98
N GLY E 938 -27.11 -4.02 35.98
CA GLY E 938 -28.05 -2.90 35.98
C GLY E 938 -28.96 -2.89 37.18
N LEU E 939 -29.51 -4.06 37.56
CA LEU E 939 -30.26 -4.13 38.81
C LEU E 939 -29.43 -3.68 40.00
N MET E 940 -28.15 -4.07 40.03
CA MET E 940 -27.30 -3.65 41.14
C MET E 940 -27.17 -2.12 41.21
N VAL E 941 -26.96 -1.49 40.06
CA VAL E 941 -26.83 -0.03 40.04
C VAL E 941 -28.15 0.64 40.42
N LEU E 942 -29.28 0.06 39.99
CA LEU E 942 -30.58 0.61 40.41
C LEU E 942 -30.74 0.49 41.91
N VAL E 943 -30.32 -0.63 42.47
CA VAL E 943 -30.42 -0.77 43.91
C VAL E 943 -29.57 0.29 44.58
N GLY E 944 -28.39 0.55 44.03
CA GLY E 944 -27.57 1.63 44.55
C GLY E 944 -28.27 2.99 44.51
N LEU E 945 -28.94 3.30 43.39
CA LEU E 945 -29.60 4.60 43.30
C LEU E 945 -30.72 4.75 44.33
N SER E 946 -31.58 3.73 44.44
CA SER E 946 -32.66 3.84 45.41
C SER E 946 -32.10 3.89 46.82
N ALA E 947 -31.01 3.17 47.10
CA ALA E 947 -30.39 3.25 48.41
C ALA E 947 -29.86 4.65 48.69
N LYS E 948 -29.21 5.27 47.71
CA LYS E 948 -28.78 6.65 47.89
C LYS E 948 -29.95 7.56 48.25
N ASN E 949 -31.03 7.50 47.46
CA ASN E 949 -32.15 8.38 47.72
C ASN E 949 -32.73 8.14 49.11
N ALA E 950 -33.00 6.87 49.44
CA ALA E 950 -33.58 6.60 50.75
C ALA E 950 -32.65 7.03 51.88
N ILE E 951 -31.34 6.82 51.72
CA ILE E 951 -30.43 7.21 52.80
C ILE E 951 -30.54 8.70 53.06
N LEU E 952 -30.60 9.52 51.99
CA LEU E 952 -30.72 10.97 52.20
C LEU E 952 -32.10 11.37 52.76
N ILE E 953 -33.17 10.72 52.30
CA ILE E 953 -34.49 10.96 52.88
C ILE E 953 -34.48 10.66 54.39
N VAL E 954 -33.96 9.49 54.79
CA VAL E 954 -33.98 9.10 56.19
C VAL E 954 -33.09 10.01 57.03
N GLU E 955 -31.93 10.40 56.49
CA GLU E 955 -31.03 11.26 57.24
C GLU E 955 -31.64 12.64 57.41
N PHE E 956 -32.32 13.12 56.38
CA PHE E 956 -33.04 14.38 56.52
C PHE E 956 -34.15 14.28 57.56
N ALA E 957 -34.94 13.21 57.51
CA ALA E 957 -36.02 13.05 58.48
C ALA E 957 -35.48 13.00 59.90
N ARG E 958 -34.40 12.27 60.09
CA ARG E 958 -33.74 12.20 61.39
C ARG E 958 -33.30 13.57 61.87
N GLU E 959 -32.66 14.35 61.01
CA GLU E 959 -32.14 15.62 61.47
C GLU E 959 -33.27 16.59 61.79
N LEU E 960 -34.36 16.53 61.02
CA LEU E 960 -35.56 17.32 61.33
C LEU E 960 -36.18 16.90 62.66
N GLU E 961 -36.24 15.59 62.92
CA GLU E 961 -36.73 15.10 64.20
C GLU E 961 -35.81 15.51 65.34
N HIS E 962 -34.53 15.69 65.07
CA HIS E 962 -33.63 16.20 66.09
C HIS E 962 -33.93 17.65 66.47
N ASP E 963 -34.58 18.43 65.60
CA ASP E 963 -35.01 19.78 65.98
C ASP E 963 -36.20 19.80 66.90
N GLY E 964 -36.93 18.71 66.97
CA GLY E 964 -38.11 18.65 67.80
C GLY E 964 -39.38 18.46 66.99
N LYS E 965 -39.28 17.72 65.91
CA LYS E 965 -40.41 17.43 65.04
C LYS E 965 -40.86 16.00 65.31
N THR E 966 -42.13 15.77 65.21
CA THR E 966 -42.53 14.39 65.37
C THR E 966 -42.17 13.58 64.13
N PRO E 967 -41.92 12.27 64.28
CA PRO E 967 -41.61 11.42 63.12
C PRO E 967 -42.54 11.61 61.92
N PHE E 968 -43.83 11.82 62.13
CA PHE E 968 -44.74 12.06 61.01
C PHE E 968 -44.34 13.33 60.27
N GLU E 969 -44.20 14.44 61.00
CA GLU E 969 -43.92 15.70 60.32
C GLU E 969 -42.47 15.74 59.84
N ALA E 970 -41.57 15.02 60.52
CA ALA E 970 -40.20 14.88 60.03
C ALA E 970 -40.18 14.13 58.69
N ALA E 971 -40.94 13.04 58.60
CA ALA E 971 -41.03 12.29 57.35
C ALA E 971 -41.55 13.16 56.22
N VAL E 972 -42.65 13.89 56.47
CA VAL E 972 -43.22 14.70 55.38
C VAL E 972 -42.23 15.78 54.95
N GLU E 973 -41.62 16.48 55.91
CA GLU E 973 -40.73 17.57 55.52
C GLU E 973 -39.49 17.03 54.81
N ALA E 974 -38.95 15.90 55.26
CA ALA E 974 -37.80 15.34 54.56
C ALA E 974 -38.19 14.93 53.15
N SER E 975 -39.33 14.26 53.00
CA SER E 975 -39.74 13.84 51.67
C SER E 975 -39.93 15.04 50.76
N ARG E 976 -40.56 16.10 51.27
CA ARG E 976 -40.73 17.31 50.47
C ARG E 976 -39.36 17.93 50.15
N LEU E 977 -38.45 17.95 51.13
CA LEU E 977 -37.15 18.54 50.93
C LEU E 977 -36.33 17.80 49.86
N ARG E 978 -36.35 16.46 49.88
CA ARG E 978 -35.61 15.65 48.89
C ARG E 978 -36.37 15.43 47.58
N LEU E 979 -37.64 15.83 47.52
CA LEU E 979 -38.44 15.59 46.32
C LEU E 979 -37.76 16.17 45.08
N ARG E 980 -37.27 17.40 45.18
CA ARG E 980 -36.72 18.06 44.00
C ARG E 980 -35.50 17.35 43.43
N PRO E 981 -34.43 17.08 44.19
CA PRO E 981 -33.26 16.44 43.56
C PRO E 981 -33.57 15.05 43.01
N ILE E 982 -34.43 14.28 43.69
CA ILE E 982 -34.79 12.94 43.23
C ILE E 982 -35.45 13.01 41.87
N LEU E 983 -36.38 13.96 41.72
CA LEU E 983 -36.99 14.19 40.41
C LEU E 983 -35.95 14.66 39.40
N MET E 984 -34.98 15.48 39.83
CA MET E 984 -33.97 15.96 38.87
C MET E 984 -33.18 14.80 38.28
N THR E 985 -32.67 13.93 39.15
CA THR E 985 -31.94 12.75 38.70
C THR E 985 -32.82 11.85 37.83
N SER E 986 -34.04 11.55 38.30
CA SER E 986 -34.92 10.65 37.55
C SER E 986 -35.28 11.22 36.18
N ILE E 987 -35.58 12.53 36.12
CA ILE E 987 -35.92 13.14 34.84
C ILE E 987 -34.74 13.07 33.89
N ALA E 988 -33.53 13.26 34.42
CA ALA E 988 -32.34 13.15 33.57
C ALA E 988 -32.21 11.75 32.98
N PHE E 989 -32.38 10.71 33.80
CA PHE E 989 -32.25 9.34 33.30
C PHE E 989 -33.38 9.02 32.31
N ILE E 990 -34.61 9.40 32.65
CA ILE E 990 -35.75 9.08 31.81
C ILE E 990 -35.63 9.78 30.46
N MET E 991 -35.09 11.02 30.45
CA MET E 991 -34.82 11.69 29.19
C MET E 991 -33.69 11.03 28.43
N GLY E 992 -32.72 10.44 29.14
CA GLY E 992 -31.70 9.69 28.42
C GLY E 992 -32.25 8.43 27.78
N VAL E 993 -33.36 7.93 28.28
CA VAL E 993 -33.97 6.73 27.70
C VAL E 993 -34.69 7.01 26.38
N VAL E 994 -35.07 8.26 26.10
CA VAL E 994 -35.84 8.54 24.88
C VAL E 994 -35.10 8.19 23.59
N PRO E 995 -33.83 8.56 23.38
CA PRO E 995 -33.14 8.05 22.18
C PRO E 995 -32.99 6.53 22.19
N LEU E 996 -32.88 5.91 23.36
CA LEU E 996 -32.93 4.47 23.50
C LEU E 996 -34.35 3.95 23.45
N VAL E 997 -35.32 4.82 23.16
CA VAL E 997 -36.69 4.40 22.95
C VAL E 997 -37.14 4.55 21.50
N LEU E 998 -36.61 5.53 20.76
CA LEU E 998 -36.88 5.64 19.33
C LEU E 998 -35.66 5.25 18.51
N SER E 999 -34.53 5.94 18.71
CA SER E 999 -33.23 5.69 18.10
C SER E 999 -33.20 5.92 16.59
N THR E 1000 -34.32 6.27 15.95
CA THR E 1000 -34.39 6.51 14.51
C THR E 1000 -33.71 5.40 13.71
N GLY E 1001 -33.94 4.15 14.12
CA GLY E 1001 -33.28 3.03 13.48
C GLY E 1001 -31.79 3.05 13.72
N ALA E 1002 -31.03 3.24 12.64
CA ALA E 1002 -29.56 3.25 12.69
C ALA E 1002 -29.02 2.00 13.36
N GLY E 1003 -29.51 0.84 12.92
CA GLY E 1003 -29.05 -0.44 13.45
C GLY E 1003 -29.25 -0.64 14.94
N ALA E 1004 -30.41 -0.25 15.47
CA ALA E 1004 -30.63 -0.25 16.93
C ALA E 1004 -32.09 -0.63 17.20
N GLU E 1005 -32.33 -1.91 17.43
CA GLU E 1005 -33.66 -2.36 17.83
C GLU E 1005 -33.68 -2.93 19.24
N MET E 1006 -32.78 -3.87 19.55
CA MET E 1006 -32.78 -4.49 20.88
C MET E 1006 -32.26 -3.52 21.91
N ARG E 1007 -31.53 -2.48 21.48
CA ARG E 1007 -31.18 -1.42 22.40
C ARG E 1007 -32.46 -0.91 23.06
N HIS E 1008 -33.49 -0.67 22.22
CA HIS E 1008 -34.78 -0.19 22.70
C HIS E 1008 -35.30 -1.04 23.84
N ALA E 1009 -34.97 -2.32 23.87
CA ALA E 1009 -35.47 -3.20 24.91
C ALA E 1009 -35.06 -2.67 26.27
N MET E 1010 -33.75 -2.65 26.55
CA MET E 1010 -33.36 -2.20 27.87
C MET E 1010 -33.73 -0.74 28.07
N GLY E 1011 -33.96 -0.02 26.97
CA GLY E 1011 -34.34 1.37 27.07
C GLY E 1011 -35.56 1.46 27.95
N VAL E 1012 -36.65 0.82 27.51
CA VAL E 1012 -37.87 0.89 28.31
C VAL E 1012 -37.66 0.21 29.64
N ALA E 1013 -36.79 -0.81 29.69
CA ALA E 1013 -36.53 -1.47 30.96
C ALA E 1013 -36.00 -0.48 31.99
N VAL E 1014 -34.99 0.32 31.64
CA VAL E 1014 -34.48 1.22 32.66
C VAL E 1014 -35.53 2.25 32.97
N PHE E 1015 -36.32 2.64 31.95
CA PHE E 1015 -37.41 3.58 32.18
C PHE E 1015 -38.27 3.10 33.33
N PHE E 1016 -38.77 1.87 33.23
CA PHE E 1016 -39.60 1.37 34.31
C PHE E 1016 -38.83 1.35 35.61
N GLY E 1017 -37.58 0.88 35.57
CA GLY E 1017 -36.79 0.89 36.78
C GLY E 1017 -36.64 2.29 37.33
N MET E 1018 -36.30 3.23 36.46
CA MET E 1018 -36.20 4.62 36.91
C MET E 1018 -37.52 5.09 37.49
N LEU E 1019 -38.64 4.78 36.82
CA LEU E 1019 -39.94 5.16 37.37
C LEU E 1019 -40.15 4.54 38.74
N GLY E 1020 -39.99 3.22 38.83
CA GLY E 1020 -40.31 2.54 40.08
C GLY E 1020 -39.40 3.00 41.20
N VAL E 1021 -38.10 3.07 40.92
CA VAL E 1021 -37.13 3.51 41.91
C VAL E 1021 -37.56 4.85 42.47
N THR E 1022 -38.00 5.76 41.60
CA THR E 1022 -38.48 7.04 42.10
C THR E 1022 -39.75 6.86 42.92
N LEU E 1023 -40.76 6.21 42.35
CA LEU E 1023 -42.06 6.20 43.00
C LEU E 1023 -41.95 5.56 44.37
N PHE E 1024 -41.40 4.36 44.42
CA PHE E 1024 -41.30 3.65 45.70
C PHE E 1024 -40.42 4.41 46.67
N GLY E 1025 -39.37 5.06 46.16
CA GLY E 1025 -38.54 5.84 47.05
C GLY E 1025 -39.33 6.94 47.74
N LEU E 1026 -40.17 7.65 46.96
CA LEU E 1026 -40.90 8.80 47.46
C LEU E 1026 -42.14 8.43 48.27
N MET E 1027 -42.78 7.30 47.99
CA MET E 1027 -44.01 6.94 48.71
C MET E 1027 -43.80 5.98 49.88
N LEU E 1028 -42.70 5.23 49.93
CA LEU E 1028 -42.57 4.16 50.91
C LEU E 1028 -41.53 4.44 51.97
N THR E 1029 -40.44 5.12 51.62
CA THR E 1029 -39.45 5.48 52.64
C THR E 1029 -40.05 6.29 53.79
N PRO E 1030 -40.92 7.29 53.56
CA PRO E 1030 -41.55 7.95 54.71
C PRO E 1030 -42.40 6.98 55.53
N VAL E 1031 -43.12 6.07 54.88
CA VAL E 1031 -43.89 5.08 55.64
C VAL E 1031 -42.96 4.25 56.54
N PHE E 1032 -41.88 3.71 55.95
CA PHE E 1032 -40.91 2.95 56.74
C PHE E 1032 -40.33 3.81 57.86
N TYR E 1033 -39.99 5.07 57.57
CA TYR E 1033 -39.39 5.93 58.58
C TYR E 1033 -40.34 6.08 59.76
N VAL E 1034 -41.58 6.42 59.49
CA VAL E 1034 -42.52 6.62 60.58
C VAL E 1034 -42.74 5.31 61.33
N VAL E 1035 -42.82 4.18 60.64
CA VAL E 1035 -43.06 2.91 61.34
C VAL E 1035 -41.91 2.59 62.30
N LEU E 1036 -40.69 2.58 61.79
CA LEU E 1036 -39.53 2.23 62.61
C LEU E 1036 -39.32 3.26 63.71
N ARG E 1037 -39.54 4.53 63.37
CA ARG E 1037 -39.31 5.59 64.31
C ARG E 1037 -40.42 5.63 65.36
N THR E 1038 -41.60 5.07 65.05
CA THR E 1038 -42.71 4.97 66.01
C THR E 1038 -42.76 3.61 66.68
N LEU E 1039 -41.78 2.75 66.42
CA LEU E 1039 -41.53 1.62 67.28
C LEU E 1039 -40.22 1.79 68.02
N ALA E 1040 -39.57 2.95 67.86
CA ALA E 1040 -38.40 3.31 68.65
C ALA E 1040 -38.53 4.65 69.40
N GLY E 1041 -39.32 5.59 68.89
CA GLY E 1041 -39.40 6.95 69.38
C GLY E 1041 -40.73 7.71 69.34
N GLY E 1042 -41.86 7.11 69.73
CA GLY E 1042 -43.11 7.84 69.59
C GLY E 1042 -44.42 7.09 69.41
N LYS E 1043 -44.38 5.77 69.55
CA LYS E 1043 -45.60 4.95 69.69
C LYS E 1043 -46.54 5.52 70.76
N MET F 1 0.53 28.85 59.54
CA MET F 1 0.55 27.39 59.66
C MET F 1 1.65 26.89 60.58
N ASN F 2 1.29 26.20 61.67
CA ASN F 2 2.28 25.69 62.62
C ASN F 2 2.06 24.19 62.90
N ILE F 3 2.59 23.36 62.02
CA ILE F 3 2.63 21.93 62.26
C ILE F 3 3.80 21.66 63.19
N SER F 4 4.73 22.62 63.26
CA SER F 4 5.91 22.54 64.09
C SER F 4 5.66 22.85 65.56
N LYS F 5 4.48 23.39 65.93
CA LYS F 5 4.30 23.81 67.32
C LYS F 5 4.40 22.64 68.28
N PHE F 6 3.74 21.54 67.93
CA PHE F 6 3.72 20.34 68.74
C PHE F 6 5.14 19.86 69.05
N PHE F 7 6.04 19.96 68.09
CA PHE F 7 7.38 19.48 68.31
C PHE F 7 8.29 20.53 68.90
N ILE F 8 8.03 21.79 68.60
CA ILE F 8 8.79 22.83 69.27
C ILE F 8 8.64 22.66 70.77
N ASP F 9 7.42 22.31 71.21
CA ASP F 9 7.13 22.15 72.63
C ASP F 9 7.55 20.82 73.24
N ARG F 10 7.82 19.80 72.44
CA ARG F 10 8.18 18.47 72.94
C ARG F 10 9.48 18.06 72.25
N PRO F 11 10.60 18.65 72.62
CA PRO F 11 11.85 18.33 71.92
C PRO F 11 12.27 16.85 72.00
N ILE F 12 11.99 16.18 73.11
CA ILE F 12 12.34 14.76 73.21
C ILE F 12 11.52 13.94 72.21
N PHE F 13 10.25 14.27 72.03
CA PHE F 13 9.47 13.56 71.02
C PHE F 13 10.11 13.72 69.64
N ALA F 14 10.52 14.95 69.31
CA ALA F 14 11.15 15.18 68.01
C ALA F 14 12.45 14.39 67.87
N GLY F 15 13.25 14.38 68.93
CA GLY F 15 14.45 13.54 68.90
C GLY F 15 14.12 12.07 68.75
N VAL F 16 13.03 11.63 69.38
CA VAL F 16 12.66 10.21 69.31
C VAL F 16 12.37 9.82 67.87
N LEU F 17 11.59 10.65 67.18
CA LEU F 17 11.33 10.41 65.76
C LEU F 17 12.61 10.45 64.94
N SER F 18 13.47 11.44 65.21
CA SER F 18 14.68 11.55 64.41
C SER F 18 15.64 10.41 64.67
N VAL F 19 15.75 9.94 65.91
CA VAL F 19 16.57 8.79 66.24
C VAL F 19 15.98 7.52 65.63
N ILE F 20 14.65 7.39 65.55
CA ILE F 20 14.12 6.23 64.83
C ILE F 20 14.53 6.29 63.36
N ILE F 21 14.41 7.47 62.72
CA ILE F 21 14.88 7.60 61.34
C ILE F 21 16.35 7.21 61.21
N LEU F 22 17.18 7.73 62.12
CA LEU F 22 18.60 7.41 62.08
C LEU F 22 18.86 5.92 62.28
N LEU F 23 18.17 5.30 63.24
CA LEU F 23 18.38 3.89 63.53
C LEU F 23 18.01 3.02 62.34
N ALA F 24 16.84 3.27 61.76
CA ALA F 24 16.47 2.55 60.56
C ALA F 24 17.53 2.73 59.49
N GLY F 25 18.05 3.94 59.34
CA GLY F 25 19.02 4.19 58.29
C GLY F 25 20.32 3.42 58.47
N MET F 26 20.82 3.33 59.71
CA MET F 26 22.06 2.57 59.95
C MET F 26 21.85 1.10 59.72
N ILE F 27 20.74 0.56 60.22
CA ILE F 27 20.41 -0.85 59.96
C ILE F 27 20.34 -1.15 58.47
N ALA F 28 19.60 -0.33 57.71
CA ALA F 28 19.49 -0.59 56.27
C ALA F 28 20.86 -0.47 55.61
N MET F 29 21.65 0.49 56.07
CA MET F 29 22.98 0.70 55.55
C MET F 29 23.77 -0.60 55.64
N PHE F 30 23.60 -1.33 56.73
CA PHE F 30 24.30 -2.61 56.80
C PHE F 30 23.61 -3.76 56.08
N LEU F 31 22.46 -3.55 55.46
CA LEU F 31 21.80 -4.59 54.69
C LEU F 31 21.69 -4.25 53.23
N LEU F 32 22.31 -3.16 52.78
CA LEU F 32 21.91 -2.93 51.41
C LEU F 32 22.85 -3.67 50.47
N PRO F 33 22.37 -4.04 49.29
CA PRO F 33 23.28 -4.48 48.24
C PRO F 33 24.30 -3.40 47.92
N ILE F 34 25.54 -3.83 47.69
CA ILE F 34 26.60 -2.96 47.24
C ILE F 34 27.17 -3.51 45.92
N SER F 35 27.31 -2.64 44.95
CA SER F 35 27.88 -2.96 43.64
C SER F 35 28.24 -1.64 42.97
N GLU F 36 28.85 -1.73 41.79
CA GLU F 36 29.29 -0.53 41.07
C GLU F 36 28.14 0.20 40.40
N TYR F 37 27.14 -0.51 39.89
CA TYR F 37 26.00 0.13 39.25
C TYR F 37 24.70 -0.52 39.69
N PRO F 38 23.58 0.08 39.40
CA PRO F 38 22.32 -0.67 39.47
C PRO F 38 22.28 -1.60 38.27
N GLU F 39 21.20 -2.35 38.07
CA GLU F 39 21.12 -3.20 36.88
C GLU F 39 21.04 -2.33 35.64
N VAL F 40 22.18 -2.18 34.98
CA VAL F 40 22.31 -1.30 33.83
C VAL F 40 22.46 -2.07 32.52
N VAL F 41 22.98 -3.29 32.55
CA VAL F 41 23.16 -4.12 31.35
C VAL F 41 21.86 -4.85 31.03
N PRO F 42 21.32 -4.75 29.81
CA PRO F 42 20.11 -5.54 29.48
C PRO F 42 20.39 -7.02 29.65
N PRO F 43 19.49 -7.79 30.27
CA PRO F 43 19.81 -9.21 30.47
C PRO F 43 19.82 -9.95 29.14
N SER F 44 20.69 -10.96 29.04
CA SER F 44 20.74 -11.78 27.83
C SER F 44 20.98 -13.25 28.16
N VAL F 45 20.52 -14.10 27.26
CA VAL F 45 20.73 -15.53 27.35
C VAL F 45 21.73 -15.94 26.28
N ILE F 46 22.50 -16.97 26.59
CA ILE F 46 23.57 -17.45 25.74
C ILE F 46 23.31 -18.92 25.46
N VAL F 47 23.32 -19.30 24.18
CA VAL F 47 23.14 -20.67 23.72
C VAL F 47 24.44 -21.11 23.07
N LYS F 48 24.96 -22.25 23.49
CA LYS F 48 26.23 -22.71 22.96
C LYS F 48 26.14 -24.15 22.41
N ALA F 49 26.89 -24.38 21.32
CA ALA F 49 26.94 -25.65 20.60
C ALA F 49 28.33 -25.81 19.97
N GLN F 50 28.97 -26.96 20.17
CA GLN F 50 30.20 -27.27 19.44
C GLN F 50 29.97 -28.22 18.27
N TYR F 51 30.66 -27.97 17.15
CA TYR F 51 30.76 -28.92 16.03
C TYR F 51 32.19 -28.92 15.50
N PRO F 52 33.13 -29.48 16.26
CA PRO F 52 34.56 -29.28 15.93
C PRO F 52 34.94 -29.87 14.58
N GLY F 53 35.68 -29.08 13.79
CA GLY F 53 36.06 -29.45 12.44
C GLY F 53 35.14 -28.91 11.36
N ALA F 54 33.91 -28.50 11.70
CA ALA F 54 32.96 -27.94 10.75
C ALA F 54 33.29 -26.47 10.41
N ASN F 55 33.09 -26.12 9.13
CA ASN F 55 33.34 -24.76 8.63
C ASN F 55 32.34 -23.75 9.19
N PRO F 56 32.79 -22.51 9.42
CA PRO F 56 31.87 -21.49 9.97
C PRO F 56 30.60 -21.27 9.18
N LYS F 57 30.57 -21.30 7.86
CA LYS F 57 29.25 -21.27 7.25
C LYS F 57 28.50 -22.56 7.54
N VAL F 58 29.19 -23.68 7.60
CA VAL F 58 28.50 -24.92 7.92
C VAL F 58 27.81 -24.78 9.28
N ILE F 59 28.48 -24.19 10.26
CA ILE F 59 27.88 -23.96 11.58
C ILE F 59 26.75 -22.96 11.50
N ALA F 60 26.97 -21.85 10.79
CA ALA F 60 25.98 -20.80 10.68
C ALA F 60 24.69 -21.30 10.04
N GLU F 61 24.81 -22.27 9.12
CA GLU F 61 23.69 -22.72 8.31
C GLU F 61 23.05 -24.02 8.79
N THR F 62 23.82 -24.91 9.41
CA THR F 62 23.27 -26.17 9.90
C THR F 62 23.09 -26.18 11.41
N VAL F 63 23.67 -25.22 12.13
CA VAL F 63 23.51 -25.12 13.59
C VAL F 63 22.81 -23.84 14.02
N ALA F 64 23.45 -22.69 13.75
CA ALA F 64 22.95 -21.42 14.24
C ALA F 64 21.61 -21.06 13.64
N SER F 65 21.44 -21.28 12.34
CA SER F 65 20.21 -20.80 11.69
C SER F 65 18.96 -21.48 12.24
N PRO F 66 18.89 -22.82 12.36
CA PRO F 66 17.69 -23.41 12.99
C PRO F 66 17.44 -22.93 14.42
N LEU F 67 18.51 -22.81 15.21
CA LEU F 67 18.37 -22.35 16.59
C LEU F 67 17.80 -20.94 16.63
N GLU F 68 18.31 -20.05 15.78
CA GLU F 68 17.79 -18.70 15.73
C GLU F 68 16.36 -18.67 15.24
N GLU F 69 16.02 -19.57 14.31
CA GLU F 69 14.65 -19.62 13.82
C GLU F 69 13.70 -20.00 14.94
N GLN F 70 14.14 -20.90 15.82
CA GLN F 70 13.31 -21.26 16.96
C GLN F 70 13.25 -20.13 17.99
N ILE F 71 14.40 -19.50 18.30
CA ILE F 71 14.49 -18.46 19.30
C ILE F 71 13.69 -17.24 18.89
N ASN F 72 13.65 -16.95 17.60
CA ASN F 72 12.99 -15.75 17.12
C ASN F 72 11.56 -15.71 17.65
N GLY F 73 11.10 -14.50 17.99
CA GLY F 73 9.76 -14.38 18.50
C GLY F 73 9.65 -14.66 19.98
N VAL F 74 10.78 -14.77 20.67
CA VAL F 74 10.73 -14.89 22.11
C VAL F 74 10.26 -13.56 22.66
N GLU F 75 9.52 -13.60 23.76
CA GLU F 75 8.89 -12.39 24.28
C GLU F 75 9.92 -11.39 24.79
N ASP F 76 9.71 -10.12 24.50
CA ASP F 76 10.53 -9.02 25.03
C ASP F 76 12.00 -9.07 24.61
N MET F 77 12.28 -9.62 23.42
CA MET F 77 13.65 -9.66 22.89
C MET F 77 14.04 -8.29 22.34
N LEU F 78 15.12 -7.73 22.87
CA LEU F 78 15.67 -6.48 22.35
C LEU F 78 16.41 -6.70 21.02
N TYR F 79 17.24 -7.74 20.93
CA TYR F 79 17.86 -8.18 19.67
C TYR F 79 18.56 -9.52 19.91
N MET F 80 19.07 -10.14 18.84
CA MET F 80 19.85 -11.35 19.01
C MET F 80 20.97 -11.39 17.99
N GLN F 81 22.06 -12.06 18.34
CA GLN F 81 23.17 -12.28 17.42
C GLN F 81 23.72 -13.68 17.58
N SER F 82 24.06 -14.32 16.46
CA SER F 82 24.78 -15.58 16.51
C SER F 82 26.20 -15.36 16.02
N GLN F 83 27.09 -16.22 16.49
CA GLN F 83 28.50 -16.17 16.11
C GLN F 83 29.05 -17.60 15.99
N ALA F 84 29.50 -17.94 14.79
CA ALA F 84 30.09 -19.23 14.47
C ALA F 84 31.58 -19.08 14.17
N ASN F 85 32.40 -19.91 14.80
CA ASN F 85 33.86 -19.85 14.71
C ASN F 85 34.48 -21.08 14.03
N SER F 86 35.70 -20.85 13.53
CA SER F 86 36.46 -21.89 12.85
C SER F 86 36.87 -23.02 13.80
N ASP F 87 36.88 -22.76 15.10
CA ASP F 87 37.14 -23.80 16.08
C ASP F 87 35.90 -24.65 16.36
N GLY F 88 34.83 -24.47 15.59
CA GLY F 88 33.68 -25.34 15.71
C GLY F 88 32.66 -24.89 16.71
N ASN F 89 32.81 -23.70 17.30
CA ASN F 89 31.90 -23.21 18.32
C ASN F 89 30.84 -22.29 17.74
N MET F 90 29.65 -22.40 18.30
CA MET F 90 28.51 -21.60 17.91
C MET F 90 27.92 -21.01 19.18
N THR F 91 27.76 -19.69 19.21
CA THR F 91 27.25 -18.97 20.38
C THR F 91 26.17 -18.00 19.93
N ILE F 92 24.96 -18.17 20.43
CA ILE F 92 23.86 -17.27 20.17
C ILE F 92 23.62 -16.45 21.43
N THR F 93 23.50 -15.13 21.28
CA THR F 93 23.18 -14.24 22.39
C THR F 93 21.87 -13.51 22.11
N VAL F 94 20.86 -13.80 22.93
CA VAL F 94 19.56 -13.16 22.88
C VAL F 94 19.57 -12.11 23.97
N THR F 95 19.52 -10.84 23.59
CA THR F 95 19.51 -9.77 24.57
C THR F 95 18.07 -9.31 24.67
N PHE F 96 17.59 -9.15 25.89
CA PHE F 96 16.24 -8.71 26.18
C PHE F 96 16.24 -7.29 26.69
N LYS F 97 15.05 -6.70 26.66
CA LYS F 97 14.85 -5.34 27.12
C LYS F 97 15.12 -5.22 28.63
N LEU F 98 15.81 -4.13 28.99
CA LEU F 98 16.24 -3.93 30.37
C LEU F 98 15.04 -3.99 31.31
N GLY F 99 15.22 -4.61 32.45
CA GLY F 99 14.10 -4.82 33.32
C GLY F 99 13.30 -6.08 33.08
N THR F 100 13.61 -6.84 32.04
CA THR F 100 13.07 -8.19 31.94
C THR F 100 13.69 -9.08 33.02
N ASP F 101 12.91 -10.05 33.50
CA ASP F 101 13.45 -11.01 34.46
C ASP F 101 14.33 -12.02 33.72
N PRO F 102 15.62 -12.11 34.04
CA PRO F 102 16.50 -13.05 33.33
C PRO F 102 16.05 -14.49 33.33
N ASP F 103 15.51 -14.99 34.44
CA ASP F 103 15.24 -16.42 34.54
C ASP F 103 14.09 -16.84 33.64
N LYS F 104 13.01 -16.05 33.55
CA LYS F 104 11.95 -16.41 32.61
C LYS F 104 12.47 -16.38 31.17
N ALA F 105 13.33 -15.41 30.86
CA ALA F 105 13.90 -15.33 29.53
C ALA F 105 14.71 -16.60 29.21
N THR F 106 15.53 -17.03 30.15
CA THR F 106 16.27 -18.26 29.94
C THR F 106 15.32 -19.42 29.75
N GLN F 107 14.19 -19.38 30.45
CA GLN F 107 13.17 -20.43 30.31
C GLN F 107 12.69 -20.52 28.87
N LEU F 108 12.38 -19.35 28.30
CA LEU F 108 11.82 -19.31 26.94
C LEU F 108 12.83 -19.79 25.89
N VAL F 109 14.04 -19.22 25.92
CA VAL F 109 15.02 -19.60 24.91
C VAL F 109 15.48 -21.05 25.07
N GLN F 110 15.52 -21.59 26.29
CA GLN F 110 15.83 -23.01 26.46
C GLN F 110 14.76 -23.88 25.81
N ASN F 111 13.49 -23.49 25.96
CA ASN F 111 12.43 -24.24 25.30
C ASN F 111 12.67 -24.28 23.80
N ARG F 112 12.98 -23.12 23.22
CA ARG F 112 13.19 -23.04 21.78
C ARG F 112 14.36 -23.91 21.34
N VAL F 113 15.48 -23.84 22.07
CA VAL F 113 16.66 -24.61 21.68
C VAL F 113 16.39 -26.12 21.71
N ASN F 114 15.69 -26.60 22.75
CA ASN F 114 15.34 -28.01 22.77
C ASN F 114 14.46 -28.39 21.58
N GLN F 115 13.50 -27.52 21.23
CA GLN F 115 12.71 -27.78 20.03
C GLN F 115 13.58 -27.93 18.79
N ALA F 116 14.59 -27.08 18.65
CA ALA F 116 15.44 -27.18 17.46
C ALA F 116 16.36 -28.39 17.49
N LEU F 117 16.67 -28.94 18.67
CA LEU F 117 17.80 -29.88 18.84
C LEU F 117 17.87 -31.04 17.84
N PRO F 118 16.80 -31.77 17.51
CA PRO F 118 16.94 -32.81 16.49
C PRO F 118 17.25 -32.31 15.07
N ARG F 119 17.01 -31.03 14.71
CA ARG F 119 17.45 -30.56 13.39
C ARG F 119 18.95 -30.34 13.32
N LEU F 120 19.60 -30.35 14.47
CA LEU F 120 21.03 -30.14 14.60
C LEU F 120 21.80 -31.39 14.23
N PRO F 121 23.07 -31.23 13.82
CA PRO F 121 23.88 -32.40 13.52
C PRO F 121 24.07 -33.29 14.74
N GLU F 122 24.35 -34.55 14.42
CA GLU F 122 24.53 -35.61 15.39
C GLU F 122 25.68 -35.30 16.33
N ASP F 123 26.74 -34.69 15.81
CA ASP F 123 27.92 -34.43 16.61
C ASP F 123 27.66 -33.36 17.66
N VAL F 124 26.91 -32.30 17.31
CA VAL F 124 26.60 -31.26 18.29
C VAL F 124 25.71 -31.83 19.39
N GLN F 125 24.77 -32.70 19.04
CA GLN F 125 23.92 -33.33 20.03
C GLN F 125 24.75 -34.21 20.94
N ARG F 126 25.72 -34.95 20.37
CA ARG F 126 26.60 -35.83 21.14
C ARG F 126 27.47 -35.04 22.12
N LEU F 127 28.01 -33.89 21.68
CA LEU F 127 28.67 -32.99 22.62
C LEU F 127 27.67 -32.23 23.50
N GLY F 128 26.46 -31.97 23.00
CA GLY F 128 25.43 -31.35 23.82
C GLY F 128 25.36 -29.84 23.63
N ILE F 129 24.19 -29.30 23.95
CA ILE F 129 23.91 -27.86 23.89
C ILE F 129 23.75 -27.33 25.31
N THR F 130 24.13 -26.06 25.52
CA THR F 130 23.88 -25.41 26.81
C THR F 130 23.19 -24.06 26.61
N THR F 131 22.26 -23.72 27.50
CA THR F 131 21.56 -22.43 27.46
C THR F 131 21.54 -21.84 28.87
N VAL F 132 22.18 -20.67 29.03
CA VAL F 132 22.42 -20.09 30.35
C VAL F 132 22.25 -18.57 30.31
N LYS F 133 21.70 -18.00 31.39
CA LYS F 133 21.57 -16.55 31.48
C LYS F 133 22.94 -15.89 31.67
N SER F 134 23.15 -14.79 30.95
CA SER F 134 24.39 -14.05 31.07
C SER F 134 24.51 -13.36 32.42
N SER F 135 25.68 -13.49 33.05
CA SER F 135 26.01 -12.82 34.30
C SER F 135 27.03 -11.73 33.98
N PRO F 136 26.59 -10.52 33.67
CA PRO F 136 27.52 -9.50 33.17
C PRO F 136 28.35 -8.81 34.24
N THR F 137 28.04 -8.98 35.52
CA THR F 137 28.68 -8.14 36.53
C THR F 137 29.88 -8.82 37.16
N LEU F 138 31.05 -8.38 36.71
CA LEU F 138 32.30 -9.02 37.06
C LEU F 138 32.80 -8.37 38.35
N THR F 139 32.82 -9.15 39.44
CA THR F 139 33.27 -8.69 40.74
C THR F 139 34.79 -8.65 40.85
N MET F 140 35.47 -9.72 40.48
CA MET F 140 36.92 -9.66 40.46
C MET F 140 37.43 -10.80 39.57
N VAL F 141 38.73 -10.73 39.24
CA VAL F 141 39.40 -11.74 38.44
C VAL F 141 40.56 -12.31 39.25
N VAL F 142 40.55 -13.64 39.40
CA VAL F 142 41.61 -14.37 40.09
C VAL F 142 42.31 -15.26 39.07
N HIS F 143 43.64 -15.23 39.05
CA HIS F 143 44.43 -16.10 38.21
C HIS F 143 45.12 -17.16 39.03
N LEU F 144 45.10 -18.40 38.54
CA LEU F 144 46.12 -19.36 38.95
C LEU F 144 47.32 -19.22 38.01
N ILE F 145 48.49 -19.30 38.58
CA ILE F 145 49.70 -18.93 37.87
C ILE F 145 50.79 -19.96 38.16
N SER F 146 51.69 -20.17 37.19
CA SER F 146 52.91 -20.93 37.48
C SER F 146 54.07 -19.95 37.38
N PRO F 147 54.55 -19.38 38.49
CA PRO F 147 55.49 -18.26 38.39
C PRO F 147 56.89 -18.65 37.98
N ASN F 148 57.24 -19.95 37.89
CA ASN F 148 58.54 -20.38 37.37
C ASN F 148 58.41 -21.44 36.29
N ASP F 149 57.26 -21.50 35.62
CA ASP F 149 56.96 -22.43 34.53
C ASP F 149 56.98 -23.90 34.98
N SER F 150 56.85 -24.17 36.27
CA SER F 150 56.79 -25.55 36.73
C SER F 150 55.61 -26.29 36.14
N TYR F 151 54.47 -25.64 36.04
CA TYR F 151 53.27 -26.28 35.55
C TYR F 151 52.68 -25.46 34.41
N ASP F 152 52.01 -26.14 33.49
CA ASP F 152 51.54 -25.52 32.25
C ASP F 152 50.06 -25.14 32.34
N MET F 153 49.61 -24.43 31.29
CA MET F 153 48.28 -23.83 31.29
C MET F 153 47.20 -24.86 31.53
N THR F 154 47.30 -26.03 30.88
CA THR F 154 46.27 -27.05 31.10
C THR F 154 46.30 -27.57 32.52
N TYR F 155 47.49 -27.67 33.12
CA TYR F 155 47.53 -28.06 34.51
C TYR F 155 46.81 -27.03 35.37
N LEU F 156 47.12 -25.75 35.15
CA LEU F 156 46.55 -24.71 35.97
C LEU F 156 45.03 -24.68 35.82
N ARG F 157 44.54 -24.81 34.60
CA ARG F 157 43.09 -24.84 34.44
C ARG F 157 42.49 -26.03 35.17
N ASN F 158 43.12 -27.20 35.06
CA ASN F 158 42.53 -28.35 35.72
C ASN F 158 42.54 -28.15 37.24
N TYR F 159 43.60 -27.55 37.77
CA TYR F 159 43.69 -27.33 39.21
C TYR F 159 42.58 -26.42 39.66
N ALA F 160 42.41 -25.31 38.95
CA ALA F 160 41.31 -24.40 39.23
C ALA F 160 39.97 -25.13 39.21
N LEU F 161 39.75 -25.96 38.19
CA LEU F 161 38.48 -26.65 38.05
C LEU F 161 38.26 -27.64 39.20
N ILE F 162 39.31 -28.29 39.66
CA ILE F 162 39.21 -29.38 40.63
C ILE F 162 39.22 -28.87 42.07
N ASN F 163 40.01 -27.87 42.37
CA ASN F 163 40.21 -27.43 43.74
C ASN F 163 39.62 -26.06 44.05
N VAL F 164 39.52 -25.18 43.05
CA VAL F 164 39.24 -23.78 43.26
C VAL F 164 37.81 -23.42 42.86
N LYS F 165 37.38 -23.84 41.67
CA LYS F 165 36.22 -23.21 41.05
C LYS F 165 34.95 -23.34 41.89
N ASP F 166 34.65 -24.54 42.37
CA ASP F 166 33.34 -24.78 42.97
C ASP F 166 33.20 -24.15 44.35
N ARG F 167 34.29 -24.07 45.11
CA ARG F 167 34.22 -23.32 46.36
C ARG F 167 33.95 -21.83 46.13
N LEU F 168 34.62 -21.22 45.15
CA LEU F 168 34.28 -19.86 44.76
C LEU F 168 32.82 -19.79 44.34
N SER F 169 32.36 -20.76 43.55
CA SER F 169 31.00 -20.74 43.05
C SER F 169 29.98 -20.87 44.16
N ARG F 170 30.38 -21.40 45.32
CA ARG F 170 29.47 -21.50 46.45
C ARG F 170 29.50 -20.29 47.38
N ILE F 171 30.25 -19.23 47.05
CA ILE F 171 30.15 -18.01 47.86
C ILE F 171 28.79 -17.37 47.62
N GLN F 172 28.26 -16.76 48.68
CA GLN F 172 26.92 -16.18 48.69
C GLN F 172 26.82 -15.00 47.74
N GLY F 173 25.83 -15.03 46.86
CA GLY F 173 25.67 -13.95 45.91
C GLY F 173 26.55 -14.01 44.67
N VAL F 174 27.51 -14.92 44.61
CA VAL F 174 28.28 -15.18 43.40
C VAL F 174 27.41 -15.96 42.44
N GLY F 175 27.20 -15.42 41.25
CA GLY F 175 26.26 -16.05 40.34
C GLY F 175 26.88 -17.00 39.34
N GLN F 176 28.15 -16.76 39.03
CA GLN F 176 28.83 -17.56 38.02
C GLN F 176 30.33 -17.40 38.23
N VAL F 177 31.05 -18.52 38.17
CA VAL F 177 32.50 -18.49 38.03
C VAL F 177 32.84 -19.00 36.65
N GLN F 178 33.60 -18.22 35.88
CA GLN F 178 33.99 -18.57 34.52
C GLN F 178 35.48 -18.68 34.41
N LEU F 179 35.95 -19.84 33.88
CA LEU F 179 37.36 -20.12 33.63
C LEU F 179 37.71 -19.74 32.19
N TRP F 180 38.82 -19.02 32.05
CA TRP F 180 39.33 -18.53 30.78
C TRP F 180 40.77 -19.01 30.63
N GLY F 181 40.99 -19.90 29.66
CA GLY F 181 42.32 -20.47 29.49
C GLY F 181 42.32 -21.70 28.62
N ALA F 182 43.27 -22.60 28.89
CA ALA F 182 43.65 -23.67 27.97
C ALA F 182 42.53 -24.64 27.59
N GLY F 183 42.08 -25.47 28.50
CA GLY F 183 41.07 -26.43 28.12
C GLY F 183 41.08 -27.59 29.08
N ASP F 184 39.92 -28.24 29.17
CA ASP F 184 39.83 -29.32 30.14
C ASP F 184 40.67 -30.51 29.66
N TYR F 185 40.98 -31.39 30.60
CA TYR F 185 41.76 -32.56 30.26
C TYR F 185 40.96 -33.47 29.34
N ALA F 186 41.70 -34.14 28.46
CA ALA F 186 41.17 -35.12 27.55
C ALA F 186 42.26 -36.15 27.36
N MET F 187 41.85 -37.36 27.01
CA MET F 187 42.75 -38.39 26.56
C MET F 187 42.84 -38.21 25.05
N ARG F 188 43.99 -37.80 24.55
CA ARG F 188 44.17 -37.61 23.12
C ARG F 188 44.86 -38.84 22.56
N VAL F 189 44.30 -39.36 21.47
CA VAL F 189 44.93 -40.43 20.69
C VAL F 189 45.34 -39.82 19.37
N TRP F 190 46.65 -39.69 19.19
CA TRP F 190 47.23 -39.02 18.03
C TRP F 190 47.61 -40.10 17.05
N LEU F 191 46.75 -40.34 16.08
CA LEU F 191 46.99 -41.43 15.16
C LEU F 191 48.12 -41.05 14.21
N ASP F 192 48.98 -42.01 13.92
CA ASP F 192 49.89 -41.95 12.80
C ASP F 192 49.13 -42.57 11.64
N PRO F 193 48.52 -41.73 10.80
CA PRO F 193 47.62 -42.28 9.76
C PRO F 193 48.31 -43.26 8.84
N GLN F 194 49.62 -43.08 8.61
CA GLN F 194 50.41 -44.07 7.89
C GLN F 194 50.38 -45.43 8.58
N LYS F 195 50.68 -45.48 9.88
CA LYS F 195 50.77 -46.76 10.57
C LYS F 195 49.42 -47.47 10.62
N VAL F 196 48.35 -46.74 10.97
CA VAL F 196 47.03 -47.35 11.01
C VAL F 196 46.65 -47.83 9.61
N ALA F 197 47.07 -47.10 8.58
CA ALA F 197 46.77 -47.57 7.24
C ALA F 197 47.53 -48.85 6.93
N GLN F 198 48.80 -48.91 7.35
CA GLN F 198 49.63 -50.08 7.10
C GLN F 198 49.02 -51.34 7.69
N ARG F 199 48.53 -51.27 8.92
CA ARG F 199 47.87 -52.49 9.39
C ARG F 199 46.49 -52.65 8.77
N ASN F 200 46.21 -51.91 7.69
CA ASN F 200 44.99 -52.06 6.90
C ASN F 200 43.73 -51.78 7.73
N LEU F 201 43.74 -50.64 8.42
CA LEU F 201 42.65 -50.20 9.31
C LEU F 201 42.26 -48.78 8.91
N THR F 202 40.99 -48.46 9.04
CA THR F 202 40.54 -47.08 8.90
C THR F 202 40.45 -46.43 10.27
N ALA F 203 40.48 -45.10 10.28
CA ALA F 203 40.34 -44.38 11.54
C ALA F 203 39.02 -44.72 12.21
N ASP F 204 37.98 -44.88 11.40
CA ASP F 204 36.71 -45.36 11.91
C ASP F 204 36.88 -46.64 12.71
N ASP F 205 37.74 -47.54 12.24
CA ASP F 205 38.04 -48.75 13.00
C ASP F 205 38.60 -48.39 14.36
N VAL F 206 39.49 -47.40 14.42
CA VAL F 206 40.12 -47.02 15.68
C VAL F 206 39.09 -46.50 16.65
N VAL F 207 38.20 -45.64 16.17
CA VAL F 207 37.19 -45.07 17.06
C VAL F 207 36.24 -46.16 17.53
N ARG F 208 35.86 -47.08 16.65
CA ARG F 208 34.98 -48.17 17.08
C ARG F 208 35.66 -49.05 18.13
N ALA F 209 36.95 -49.30 17.97
CA ALA F 209 37.67 -50.09 18.95
C ALA F 209 37.72 -49.39 20.30
N ILE F 210 38.01 -48.09 20.30
CA ILE F 210 38.08 -47.36 21.56
C ILE F 210 36.73 -47.37 22.25
N ARG F 211 35.66 -47.14 21.47
CA ARG F 211 34.33 -47.18 22.05
C ARG F 211 34.01 -48.57 22.59
N GLU F 212 34.54 -49.61 21.96
CA GLU F 212 34.28 -50.97 22.42
C GLU F 212 35.02 -51.27 23.72
N GLN F 213 36.25 -50.79 23.85
CA GLN F 213 37.09 -51.22 24.97
C GLN F 213 37.18 -50.19 26.09
N ASN F 214 36.62 -49.00 25.89
CA ASN F 214 36.56 -48.02 26.97
C ASN F 214 35.08 -47.74 27.16
N VAL F 215 34.45 -48.47 28.06
CA VAL F 215 33.01 -48.36 28.24
C VAL F 215 32.66 -48.86 29.64
N GLN F 216 31.82 -48.12 30.35
CA GLN F 216 31.40 -48.63 31.66
C GLN F 216 30.53 -49.87 31.47
N VAL F 217 30.43 -50.67 32.53
CA VAL F 217 29.71 -51.92 32.46
C VAL F 217 28.62 -51.93 33.52
N ALA F 218 27.46 -52.43 33.15
CA ALA F 218 26.42 -52.71 34.12
C ALA F 218 26.60 -54.19 34.43
N ALA F 219 27.48 -54.48 35.39
CA ALA F 219 27.96 -55.85 35.52
C ALA F 219 26.93 -56.82 36.11
N GLY F 220 25.90 -56.33 36.76
CA GLY F 220 24.86 -57.21 37.27
C GLY F 220 25.03 -57.46 38.75
N VAL F 221 24.09 -58.24 39.29
CA VAL F 221 24.06 -58.55 40.72
C VAL F 221 23.62 -60.00 40.92
N ILE F 222 24.37 -60.74 41.73
CA ILE F 222 24.08 -62.14 42.03
C ILE F 222 23.23 -62.20 43.29
N GLY F 223 22.17 -63.00 43.25
CA GLY F 223 21.31 -63.15 44.40
C GLY F 223 20.35 -62.01 44.59
N ALA F 224 20.09 -61.25 43.53
CA ALA F 224 19.17 -60.13 43.60
C ALA F 224 17.72 -60.63 43.58
N SER F 225 16.84 -59.77 43.97
CA SER F 225 15.44 -60.13 43.99
C SER F 225 14.87 -60.11 42.57
N PRO F 226 13.96 -61.05 42.24
CA PRO F 226 13.46 -62.19 43.02
C PRO F 226 14.30 -63.48 42.96
N THR F 227 14.33 -64.24 44.06
CA THR F 227 15.02 -65.53 44.12
C THR F 227 14.18 -66.55 44.88
N LEU F 228 14.35 -67.83 44.50
CA LEU F 228 13.56 -68.96 45.00
C LEU F 228 14.00 -69.46 46.39
N PRO F 229 15.25 -69.84 46.56
CA PRO F 229 15.63 -70.57 47.75
C PRO F 229 15.92 -69.63 48.90
N GLY F 230 16.55 -70.20 49.90
CA GLY F 230 17.10 -69.48 51.03
C GLY F 230 18.45 -68.93 50.63
N THR F 231 18.53 -68.40 49.41
CA THR F 231 19.71 -67.70 48.93
C THR F 231 20.18 -66.66 49.96
N PRO F 232 21.36 -66.82 50.51
CA PRO F 232 21.74 -66.00 51.66
C PRO F 232 22.21 -64.60 51.29
N LEU F 233 22.88 -64.43 50.16
CA LEU F 233 23.52 -63.14 49.94
C LEU F 233 23.13 -62.54 48.60
N GLN F 234 23.14 -61.21 48.58
CA GLN F 234 22.97 -60.42 47.38
C GLN F 234 24.30 -59.72 47.14
N LEU F 235 25.00 -60.10 46.07
CA LEU F 235 26.33 -59.58 45.83
C LEU F 235 26.32 -58.83 44.52
N SER F 236 26.73 -57.56 44.56
CA SER F 236 26.91 -56.80 43.33
C SER F 236 28.25 -57.15 42.70
N VAL F 237 28.30 -57.04 41.37
CA VAL F 237 29.44 -57.48 40.58
C VAL F 237 30.20 -56.27 40.08
N ASN F 238 31.52 -56.36 40.09
CA ASN F 238 32.36 -55.32 39.50
C ASN F 238 33.15 -55.87 38.31
N ALA F 239 33.35 -55.00 37.31
CA ALA F 239 34.12 -55.34 36.12
C ALA F 239 34.70 -54.06 35.53
N ARG F 240 36.04 -53.95 35.49
CA ARG F 240 36.67 -52.75 34.95
C ARG F 240 36.38 -52.64 33.45
N GLY F 241 35.65 -51.62 33.07
CA GLY F 241 35.35 -51.42 31.67
C GLY F 241 36.09 -50.23 31.12
N ARG F 242 36.19 -49.17 31.92
CA ARG F 242 36.85 -47.95 31.50
C ARG F 242 38.34 -48.01 31.83
N LEU F 243 39.14 -47.40 30.95
CA LEU F 243 40.58 -47.31 31.19
C LEU F 243 40.87 -46.02 31.94
N GLN F 244 41.93 -46.05 32.75
CA GLN F 244 42.17 -44.96 33.68
C GLN F 244 43.35 -44.09 33.31
N ASN F 245 44.34 -44.66 32.60
CA ASN F 245 45.57 -43.97 32.30
C ASN F 245 45.95 -44.26 30.86
N GLU F 246 47.05 -43.66 30.41
CA GLU F 246 47.49 -43.83 29.03
C GLU F 246 47.92 -45.27 28.76
N ASP F 247 48.61 -45.89 29.72
CA ASP F 247 49.13 -47.23 29.52
C ASP F 247 48.01 -48.24 29.29
N GLU F 248 46.91 -48.10 30.02
CA GLU F 248 45.75 -48.95 29.78
C GLU F 248 45.12 -48.67 28.42
N PHE F 249 45.09 -47.40 28.00
CA PHE F 249 44.55 -47.05 26.69
C PHE F 249 45.41 -47.59 25.55
N GLY F 250 46.71 -47.76 25.80
CA GLY F 250 47.56 -48.37 24.80
C GLY F 250 47.25 -49.83 24.59
N ASP F 251 46.77 -50.52 25.64
CA ASP F 251 46.51 -51.95 25.54
C ASP F 251 45.32 -52.26 24.64
N ILE F 252 44.59 -51.24 24.17
CA ILE F 252 43.44 -51.49 23.31
C ILE F 252 43.90 -52.28 22.10
N VAL F 253 43.15 -53.32 21.77
CA VAL F 253 43.49 -54.19 20.66
C VAL F 253 42.80 -53.65 19.40
N VAL F 254 43.59 -53.04 18.50
CA VAL F 254 42.96 -52.48 17.31
C VAL F 254 42.80 -53.52 16.22
N LYS F 255 43.66 -54.54 16.20
CA LYS F 255 43.55 -55.62 15.22
C LYS F 255 44.33 -56.84 15.68
N THR F 256 43.76 -58.01 15.47
CA THR F 256 44.45 -59.28 15.67
C THR F 256 44.73 -59.90 14.31
N ALA F 257 46.01 -60.18 14.04
CA ALA F 257 46.44 -60.83 12.80
C ALA F 257 46.03 -62.31 12.85
N PRO F 258 45.96 -62.98 11.68
CA PRO F 258 45.39 -64.35 11.69
C PRO F 258 46.12 -65.32 12.59
N ASP F 259 47.45 -65.19 12.74
CA ASP F 259 48.20 -66.08 13.62
C ASP F 259 47.79 -65.98 15.07
N GLY F 260 47.14 -64.88 15.47
CA GLY F 260 46.82 -64.66 16.85
C GLY F 260 47.58 -63.51 17.48
N GLY F 261 48.30 -62.72 16.70
CA GLY F 261 49.20 -61.73 17.23
C GLY F 261 48.45 -60.41 17.29
N VAL F 262 48.56 -59.73 18.42
CA VAL F 262 47.69 -58.61 18.75
C VAL F 262 48.45 -57.30 18.55
N THR F 263 47.90 -56.43 17.71
CA THR F 263 48.42 -55.08 17.52
C THR F 263 47.63 -54.10 18.38
N HIS F 264 48.34 -53.40 19.25
CA HIS F 264 47.78 -52.53 20.26
C HIS F 264 47.70 -51.08 19.76
N LEU F 265 46.87 -50.28 20.43
CA LEU F 265 46.70 -48.87 20.04
C LEU F 265 48.02 -48.11 20.11
N ARG F 266 48.90 -48.47 21.04
CA ARG F 266 50.23 -47.87 21.08
C ARG F 266 51.00 -48.12 19.78
N ASP F 267 50.76 -49.24 19.08
CA ASP F 267 51.52 -49.50 17.85
C ASP F 267 51.20 -48.48 16.77
N ILE F 268 49.98 -47.97 16.73
CA ILE F 268 49.55 -47.12 15.64
C ILE F 268 49.34 -45.68 16.05
N ALA F 269 49.32 -45.37 17.34
CA ALA F 269 49.05 -44.01 17.79
C ALA F 269 49.87 -43.64 19.02
N ARG F 270 49.97 -42.33 19.24
CA ARG F 270 50.55 -41.77 20.44
C ARG F 270 49.41 -41.40 21.38
N ILE F 271 49.54 -41.75 22.66
CA ILE F 271 48.43 -41.60 23.60
C ILE F 271 48.88 -40.71 24.75
N GLU F 272 48.24 -39.55 24.89
CA GLU F 272 48.73 -38.58 25.87
C GLU F 272 47.53 -37.90 26.53
N LEU F 273 47.69 -37.48 27.79
CA LEU F 273 46.66 -36.64 28.40
C LEU F 273 47.01 -35.20 28.06
N ASP F 274 45.97 -34.40 27.81
CA ASP F 274 46.14 -33.07 27.24
C ASP F 274 44.81 -32.37 27.24
N ALA F 275 44.65 -31.35 26.40
CA ALA F 275 43.43 -30.56 26.41
C ALA F 275 42.38 -31.14 25.49
N SER F 276 41.11 -30.83 25.78
CA SER F 276 40.03 -31.22 24.90
C SER F 276 39.90 -30.28 23.70
N GLU F 277 40.47 -29.07 23.81
CA GLU F 277 40.49 -28.12 22.70
C GLU F 277 41.64 -27.14 22.92
N TYR F 278 41.99 -26.42 21.85
CA TYR F 278 43.22 -25.65 21.82
C TYR F 278 43.02 -24.22 21.33
N GLY F 279 41.78 -23.73 21.27
CA GLY F 279 41.53 -22.46 20.62
C GLY F 279 42.08 -21.25 21.34
N LEU F 280 42.24 -21.33 22.67
CA LEU F 280 42.59 -20.19 23.50
C LEU F 280 43.72 -20.55 24.45
N ARG F 281 44.64 -19.62 24.65
CA ARG F 281 45.71 -19.79 25.61
C ARG F 281 45.70 -18.60 26.56
N SER F 282 46.26 -18.79 27.76
CA SER F 282 46.16 -17.82 28.85
C SER F 282 47.51 -17.59 29.52
N LEU F 283 48.02 -16.36 29.47
CA LEU F 283 49.23 -16.01 30.21
C LEU F 283 48.98 -14.88 31.20
N LEU F 284 49.88 -14.80 32.19
CA LEU F 284 49.94 -13.67 33.11
C LEU F 284 51.39 -13.25 33.26
N ASP F 285 51.71 -12.04 32.78
CA ASP F 285 53.08 -11.56 32.75
C ASP F 285 53.98 -12.57 32.07
N ASN F 286 53.49 -13.11 30.96
CA ASN F 286 54.20 -14.04 30.10
C ASN F 286 54.56 -15.33 30.84
N LYS F 287 53.75 -15.73 31.81
CA LYS F 287 53.92 -17.02 32.45
C LYS F 287 52.60 -17.79 32.39
N PRO F 288 52.66 -19.12 32.38
CA PRO F 288 51.41 -19.90 32.22
C PRO F 288 50.40 -19.57 33.32
N ALA F 289 49.14 -19.45 32.93
CA ALA F 289 48.10 -19.01 33.86
C ALA F 289 46.73 -19.51 33.43
N VAL F 290 45.77 -19.42 34.34
CA VAL F 290 44.36 -19.51 33.98
C VAL F 290 43.63 -18.35 34.66
N ALA F 291 42.67 -17.75 33.95
CA ALA F 291 41.87 -16.66 34.50
C ALA F 291 40.55 -17.18 35.06
N MET F 292 40.20 -16.72 36.26
CA MET F 292 38.90 -17.04 36.83
C MET F 292 38.13 -15.75 37.05
N ALA F 293 37.06 -15.55 36.27
CA ALA F 293 36.16 -14.42 36.43
C ALA F 293 35.02 -14.79 37.37
N ILE F 294 34.93 -14.08 38.50
CA ILE F 294 33.81 -14.23 39.43
C ILE F 294 32.76 -13.16 39.11
N ASN F 295 31.55 -13.57 38.79
CA ASN F 295 30.46 -12.68 38.46
C ASN F 295 29.38 -12.80 39.53
N GLN F 296 28.94 -11.67 40.04
CA GLN F 296 28.00 -11.61 41.13
C GLN F 296 26.58 -11.57 40.60
N SER F 297 25.66 -12.07 41.43
CA SER F 297 24.25 -12.02 41.13
C SER F 297 23.67 -10.60 41.30
N PRO F 298 22.50 -10.34 40.72
CA PRO F 298 21.90 -9.03 40.86
C PRO F 298 21.79 -8.50 42.29
N GLY F 299 21.10 -9.15 43.22
CA GLY F 299 20.93 -8.41 44.47
C GLY F 299 22.06 -8.55 45.44
N ALA F 300 23.30 -8.51 44.97
CA ALA F 300 24.42 -8.96 45.79
C ALA F 300 25.30 -7.82 46.30
N ASN F 301 26.23 -8.23 47.16
CA ASN F 301 27.14 -7.35 47.90
C ASN F 301 28.58 -7.59 47.49
N SER F 302 29.06 -6.73 46.58
CA SER F 302 30.43 -6.81 46.03
C SER F 302 31.48 -6.89 47.12
N LEU F 303 31.33 -6.11 48.19
CA LEU F 303 32.38 -6.07 49.21
C LEU F 303 32.46 -7.38 49.98
N ALA F 304 31.29 -7.97 50.27
CA ALA F 304 31.25 -9.26 50.92
C ALA F 304 31.87 -10.33 50.03
N ILE F 305 31.47 -10.35 48.76
CA ILE F 305 31.98 -11.33 47.82
C ILE F 305 33.49 -11.21 47.70
N SER F 306 33.99 -9.98 47.55
CA SER F 306 35.42 -9.75 47.38
C SER F 306 36.21 -10.22 48.60
N ASP F 307 35.73 -9.90 49.81
CA ASP F 307 36.43 -10.38 50.99
C ASP F 307 36.45 -11.90 51.04
N GLU F 308 35.33 -12.54 50.71
CA GLU F 308 35.34 -13.99 50.80
C GLU F 308 36.24 -14.59 49.75
N VAL F 309 36.29 -14.01 48.56
CA VAL F 309 37.18 -14.56 47.54
C VAL F 309 38.64 -14.44 47.97
N ARG F 310 39.04 -13.28 48.48
CA ARG F 310 40.42 -13.17 48.91
C ARG F 310 40.73 -14.17 50.04
N LYS F 311 39.81 -14.34 50.98
CA LYS F 311 40.05 -15.26 52.08
C LYS F 311 40.08 -16.71 51.63
N THR F 312 39.17 -17.10 50.74
CA THR F 312 39.17 -18.47 50.25
C THR F 312 40.43 -18.78 49.45
N MET F 313 40.87 -17.86 48.60
CA MET F 313 42.13 -18.01 47.89
C MET F 313 43.31 -18.17 48.83
N ALA F 314 43.37 -17.36 49.89
CA ALA F 314 44.48 -17.45 50.82
C ALA F 314 44.51 -18.79 51.55
N GLU F 315 43.35 -19.38 51.84
CA GLU F 315 43.38 -20.70 52.47
C GLU F 315 43.65 -21.83 51.47
N LEU F 316 43.15 -21.70 50.24
CA LEU F 316 43.43 -22.73 49.25
C LEU F 316 44.89 -22.75 48.87
N LYS F 317 45.57 -21.61 48.95
CA LYS F 317 46.99 -21.60 48.60
C LYS F 317 47.79 -22.52 49.51
N GLN F 318 47.22 -22.91 50.65
CA GLN F 318 47.93 -23.76 51.57
C GLN F 318 48.10 -25.20 51.05
N ASP F 319 47.29 -25.62 50.07
CA ASP F 319 47.45 -26.90 49.40
C ASP F 319 48.16 -26.81 48.05
N PHE F 320 48.65 -25.63 47.70
CA PHE F 320 49.22 -25.44 46.36
C PHE F 320 50.54 -26.20 46.23
N PRO F 321 50.69 -27.03 45.21
CA PRO F 321 52.01 -27.59 44.91
C PRO F 321 53.00 -26.48 44.65
N ALA F 322 54.24 -26.72 45.05
CA ALA F 322 55.29 -25.75 44.81
C ALA F 322 55.39 -25.48 43.33
N GLY F 323 55.33 -24.21 42.95
CA GLY F 323 55.30 -23.83 41.55
C GLY F 323 53.93 -23.47 41.01
N VAL F 324 52.87 -23.54 41.82
CA VAL F 324 51.56 -23.01 41.44
C VAL F 324 51.13 -22.01 42.50
N ASP F 325 50.51 -20.92 42.05
CA ASP F 325 50.15 -19.81 42.91
C ASP F 325 48.85 -19.22 42.38
N TYR F 326 48.30 -18.24 43.10
CA TYR F 326 47.21 -17.42 42.60
C TYR F 326 47.63 -15.96 42.72
N ARG F 327 47.10 -15.12 41.84
CA ARG F 327 47.21 -13.67 41.95
C ARG F 327 45.85 -13.03 41.66
N ILE F 328 45.43 -12.09 42.54
CA ILE F 328 44.20 -11.33 42.28
C ILE F 328 44.50 -10.24 41.28
N VAL F 329 44.22 -10.49 40.00
CA VAL F 329 44.74 -9.58 38.98
C VAL F 329 43.90 -8.32 38.85
N TYR F 330 42.59 -8.43 39.05
CA TYR F 330 41.66 -7.32 38.83
C TYR F 330 40.52 -7.37 39.85
N ASP F 331 40.36 -6.30 40.62
CA ASP F 331 39.38 -6.23 41.70
C ASP F 331 38.59 -4.94 41.60
N PRO F 332 37.62 -4.87 40.68
CA PRO F 332 36.89 -3.61 40.47
C PRO F 332 36.00 -3.18 41.63
N THR F 333 35.83 -4.00 42.67
CA THR F 333 35.08 -3.55 43.84
C THR F 333 35.75 -2.32 44.48
N GLN F 334 37.06 -2.15 44.28
CA GLN F 334 37.73 -0.96 44.77
C GLN F 334 37.03 0.29 44.31
N PHE F 335 36.44 0.28 43.10
CA PHE F 335 35.70 1.45 42.62
C PHE F 335 34.60 1.87 43.59
N VAL F 336 33.70 0.94 43.95
CA VAL F 336 32.62 1.33 44.84
C VAL F 336 33.19 1.78 46.18
N ARG F 337 34.29 1.16 46.62
CA ARG F 337 34.88 1.59 47.89
C ARG F 337 35.27 3.05 47.83
N SER F 338 35.90 3.47 46.72
CA SER F 338 36.26 4.87 46.61
C SER F 338 35.01 5.74 46.74
N SER F 339 33.94 5.34 46.04
CA SER F 339 32.71 6.11 46.14
C SER F 339 32.26 6.18 47.58
N ILE F 340 32.32 5.05 48.28
CA ILE F 340 31.92 5.03 49.68
C ILE F 340 32.78 6.00 50.48
N LYS F 341 34.10 5.88 50.38
CA LYS F 341 34.91 6.82 51.14
C LYS F 341 34.61 8.25 50.69
N ALA F 342 34.45 8.44 49.37
CA ALA F 342 34.17 9.76 48.84
C ALA F 342 32.94 10.34 49.51
N VAL F 343 31.84 9.57 49.53
CA VAL F 343 30.62 10.10 50.11
C VAL F 343 30.90 10.49 51.54
N VAL F 344 31.49 9.58 52.30
CA VAL F 344 31.77 9.85 53.70
C VAL F 344 32.61 11.10 53.83
N HIS F 345 33.64 11.24 53.01
CA HIS F 345 34.45 12.45 53.12
C HIS F 345 33.65 13.69 52.76
N THR F 346 32.94 13.66 51.62
CA THR F 346 32.29 14.89 51.15
C THR F 346 31.27 15.39 52.17
N LEU F 347 30.50 14.47 52.76
CA LEU F 347 29.57 14.82 53.82
C LEU F 347 30.27 15.57 54.95
N LEU F 348 31.38 15.03 55.48
CA LEU F 348 32.08 15.76 56.52
C LEU F 348 32.51 17.12 56.02
N GLU F 349 33.17 17.17 54.85
CA GLU F 349 33.55 18.46 54.29
C GLU F 349 32.32 19.37 54.23
N ALA F 350 31.23 18.85 53.68
CA ALA F 350 30.03 19.66 53.56
C ALA F 350 29.53 20.08 54.94
N ILE F 351 29.48 19.14 55.89
CA ILE F 351 29.04 19.52 57.23
C ILE F 351 29.92 20.61 57.79
N ALA F 352 31.24 20.41 57.72
CA ALA F 352 32.14 21.42 58.23
C ALA F 352 31.85 22.76 57.55
N LEU F 353 31.61 22.74 56.25
CA LEU F 353 31.35 23.97 55.52
C LEU F 353 30.20 24.72 56.15
N VAL F 354 29.07 24.04 56.34
CA VAL F 354 27.90 24.74 56.86
C VAL F 354 28.17 25.25 58.27
N VAL F 355 28.91 24.47 59.06
CA VAL F 355 29.24 24.92 60.40
C VAL F 355 30.00 26.23 60.32
N ILE F 356 30.98 26.30 59.43
CA ILE F 356 31.67 27.58 59.22
C ILE F 356 30.68 28.66 58.78
N VAL F 357 29.85 28.34 57.78
CA VAL F 357 29.04 29.37 57.14
C VAL F 357 28.08 30.01 58.13
N VAL F 358 27.41 29.19 58.95
CA VAL F 358 26.46 29.73 59.92
C VAL F 358 27.18 30.65 60.90
N ILE F 359 28.35 30.22 61.38
CA ILE F 359 29.08 31.02 62.35
C ILE F 359 29.47 32.36 61.73
N VAL F 360 29.82 32.38 60.45
CA VAL F 360 30.18 33.67 59.87
C VAL F 360 28.94 34.56 59.70
N PHE F 361 27.82 33.99 59.27
CA PHE F 361 26.70 34.87 58.98
C PHE F 361 25.88 35.16 60.23
N LEU F 362 25.52 34.11 60.97
CA LEU F 362 24.65 34.28 62.12
C LEU F 362 25.43 34.62 63.38
N GLN F 363 26.73 34.32 63.40
CA GLN F 363 27.65 34.75 64.46
C GLN F 363 27.17 34.28 65.83
N THR F 364 26.50 33.14 65.85
CA THR F 364 26.24 32.32 67.03
C THR F 364 26.72 30.92 66.73
N TRP F 365 27.57 30.35 67.59
CA TRP F 365 27.96 28.97 67.34
C TRP F 365 26.82 27.99 67.55
N ARG F 366 25.79 28.34 68.32
CA ARG F 366 24.73 27.39 68.62
C ARG F 366 23.89 27.10 67.38
N ALA F 367 23.69 28.10 66.51
CA ALA F 367 22.91 27.85 65.29
C ALA F 367 23.57 26.80 64.40
N SER F 368 24.90 26.71 64.45
CA SER F 368 25.53 25.70 63.61
C SER F 368 25.18 24.28 64.04
N ILE F 369 24.77 24.09 65.29
CA ILE F 369 24.38 22.74 65.71
C ILE F 369 23.16 22.27 64.92
N ILE F 370 22.34 23.19 64.44
CA ILE F 370 21.10 22.72 63.85
C ILE F 370 21.39 21.89 62.58
N PRO F 371 22.06 22.42 61.56
CA PRO F 371 22.40 21.55 60.42
C PRO F 371 23.28 20.38 60.83
N LEU F 372 24.19 20.63 61.78
CA LEU F 372 25.13 19.60 62.19
C LEU F 372 24.43 18.30 62.57
N ILE F 373 23.25 18.38 63.16
CA ILE F 373 22.45 17.19 63.44
C ILE F 373 21.50 16.85 62.29
N ALA F 374 20.90 17.85 61.64
CA ALA F 374 19.83 17.58 60.68
C ALA F 374 20.35 16.89 59.42
N VAL F 375 21.53 17.28 58.94
CA VAL F 375 22.10 16.71 57.72
C VAL F 375 22.35 15.21 57.87
N PRO F 376 23.09 14.73 58.88
CA PRO F 376 23.20 13.26 59.02
C PRO F 376 21.86 12.56 59.17
N VAL F 377 20.96 13.09 59.98
CA VAL F 377 19.68 12.39 60.18
C VAL F 377 18.97 12.22 58.85
N SER F 378 18.95 13.27 58.03
CA SER F 378 18.35 13.11 56.71
C SER F 378 19.16 12.12 55.88
N ILE F 379 20.48 12.35 55.78
CA ILE F 379 21.25 11.59 54.81
C ILE F 379 21.22 10.12 55.19
N VAL F 380 21.69 9.79 56.41
CA VAL F 380 21.66 8.40 56.83
C VAL F 380 20.24 7.86 56.79
N GLY F 381 19.26 8.66 57.16
CA GLY F 381 17.91 8.14 57.20
C GLY F 381 17.42 7.69 55.84
N THR F 382 17.90 8.34 54.78
CA THR F 382 17.56 7.96 53.41
C THR F 382 17.82 6.47 53.12
N PHE F 383 18.88 5.90 53.72
CA PHE F 383 19.20 4.51 53.42
C PHE F 383 18.00 3.60 53.67
N SER F 384 17.21 3.88 54.71
CA SER F 384 16.11 2.97 55.02
C SER F 384 15.12 2.91 53.86
N LEU F 385 14.72 4.07 53.34
CA LEU F 385 13.75 4.02 52.26
C LEU F 385 14.37 3.38 51.01
N LEU F 386 15.69 3.55 50.81
CA LEU F 386 16.35 2.89 49.67
C LEU F 386 16.19 1.38 49.81
N LEU F 387 16.47 0.84 51.00
CA LEU F 387 16.24 -0.58 51.24
C LEU F 387 14.78 -0.90 50.99
N LEU F 388 13.88 -0.03 51.44
CA LEU F 388 12.47 -0.33 51.28
C LEU F 388 12.12 -0.45 49.80
N PHE F 389 12.69 0.40 48.96
CA PHE F 389 12.36 0.34 47.55
C PHE F 389 13.28 -0.55 46.73
N GLY F 390 14.10 -1.36 47.38
CA GLY F 390 15.00 -2.25 46.66
C GLY F 390 16.00 -1.50 45.81
N TYR F 391 16.59 -0.47 46.36
CA TYR F 391 17.72 0.19 45.72
C TYR F 391 18.98 -0.44 46.29
N SER F 392 20.15 0.14 45.98
CA SER F 392 21.43 -0.43 46.39
C SER F 392 22.43 0.70 46.57
N ILE F 393 23.57 0.37 47.17
CA ILE F 393 24.65 1.34 47.42
C ILE F 393 25.61 1.37 46.24
N ASN F 394 25.10 1.38 45.01
CA ASN F 394 25.98 1.54 43.85
C ASN F 394 26.57 2.96 43.73
N ALA F 395 27.44 3.13 42.72
CA ALA F 395 28.17 4.39 42.52
C ALA F 395 27.23 5.55 42.16
N LEU F 396 26.21 5.28 41.35
CA LEU F 396 25.24 6.30 40.99
C LEU F 396 24.44 6.75 42.20
N SER F 397 23.97 5.81 43.01
CA SER F 397 23.15 6.20 44.16
C SER F 397 23.98 7.00 45.16
N LEU F 398 25.25 6.64 45.31
CA LEU F 398 26.12 7.40 46.17
C LEU F 398 26.29 8.81 45.63
N PHE F 399 26.34 8.94 44.32
CA PHE F 399 26.40 10.27 43.75
C PHE F 399 25.12 11.05 44.04
N GLY F 400 23.98 10.37 43.96
CA GLY F 400 22.73 10.97 44.35
C GLY F 400 22.77 11.52 45.77
N MET F 401 23.36 10.74 46.68
CA MET F 401 23.45 11.21 48.06
C MET F 401 24.37 12.42 48.20
N VAL F 402 25.49 12.46 47.47
CA VAL F 402 26.35 13.64 47.58
C VAL F 402 25.61 14.87 47.08
N LEU F 403 24.82 14.72 46.00
CA LEU F 403 24.02 15.86 45.55
C LEU F 403 22.95 16.22 46.57
N ALA F 404 22.33 15.21 47.19
CA ALA F 404 21.28 15.45 48.18
C ALA F 404 21.81 16.20 49.38
N ILE F 405 23.09 15.99 49.73
CA ILE F 405 23.69 16.72 50.85
C ILE F 405 23.44 18.21 50.67
N GLY F 406 23.56 18.70 49.44
CA GLY F 406 23.30 20.11 49.19
C GLY F 406 21.88 20.51 49.54
N ILE F 407 20.89 19.72 49.11
CA ILE F 407 19.51 20.09 49.41
C ILE F 407 19.25 20.05 50.91
N VAL F 408 19.79 19.05 51.59
CA VAL F 408 19.53 18.89 53.01
C VAL F 408 20.19 20.01 53.81
N VAL F 409 21.43 20.38 53.47
CA VAL F 409 22.05 21.50 54.17
C VAL F 409 21.28 22.79 53.88
N ASP F 410 20.81 22.98 52.64
CA ASP F 410 20.01 24.19 52.41
C ASP F 410 18.79 24.22 53.31
N ASP F 411 18.10 23.09 53.48
CA ASP F 411 16.94 23.09 54.35
C ASP F 411 17.30 23.52 55.77
N ALA F 412 18.36 22.95 56.33
CA ALA F 412 18.73 23.34 57.68
C ALA F 412 19.06 24.81 57.75
N ILE F 413 19.80 25.31 56.76
CA ILE F 413 20.14 26.73 56.70
C ILE F 413 18.88 27.58 56.74
N VAL F 414 17.89 27.23 55.92
CA VAL F 414 16.69 28.04 55.83
C VAL F 414 15.98 28.10 57.18
N VAL F 415 15.75 26.93 57.80
CA VAL F 415 15.04 26.93 59.07
C VAL F 415 15.82 27.74 60.12
N VAL F 416 17.13 27.48 60.26
CA VAL F 416 17.83 28.11 61.37
C VAL F 416 18.04 29.59 61.12
N GLU F 417 18.25 30.01 59.86
CA GLU F 417 18.38 31.44 59.59
C GLU F 417 17.08 32.16 59.86
N ASN F 418 15.94 31.57 59.47
CA ASN F 418 14.68 32.24 59.74
C ASN F 418 14.47 32.41 61.25
N VAL F 419 14.73 31.34 62.02
CA VAL F 419 14.57 31.49 63.47
C VAL F 419 15.52 32.57 64.00
N GLU F 420 16.80 32.52 63.57
CA GLU F 420 17.77 33.47 64.09
C GLU F 420 17.40 34.90 63.73
N ARG F 421 16.85 35.12 62.53
CA ARG F 421 16.43 36.46 62.14
C ARG F 421 15.32 36.98 63.04
N ASN F 422 14.34 36.14 63.36
CA ASN F 422 13.31 36.57 64.30
C ASN F 422 13.93 36.89 65.67
N ILE F 423 14.91 36.08 66.11
CA ILE F 423 15.61 36.35 67.37
C ILE F 423 16.34 37.69 67.29
N GLU F 424 16.92 38.01 66.14
CA GLU F 424 17.63 39.28 65.97
C GLU F 424 16.69 40.46 66.08
N ASN F 425 15.39 40.22 65.93
CA ASN F 425 14.29 41.15 66.19
C ASN F 425 13.87 41.18 67.64
N GLY F 426 14.63 40.62 68.55
CA GLY F 426 14.27 40.72 69.94
C GLY F 426 13.26 39.69 70.41
N LEU F 427 12.84 38.76 69.56
CA LEU F 427 11.98 37.72 70.09
C LEU F 427 12.78 36.76 70.94
N THR F 428 12.06 35.96 71.71
CA THR F 428 12.72 34.95 72.51
C THR F 428 12.95 33.71 71.63
N ALA F 429 13.85 32.83 72.09
CA ALA F 429 14.18 31.67 71.27
C ALA F 429 12.91 30.85 70.95
N ARG F 430 12.15 30.48 71.99
CA ARG F 430 10.87 29.80 71.81
C ARG F 430 9.94 30.62 70.91
N ALA F 431 9.82 31.92 71.23
CA ALA F 431 8.89 32.79 70.51
C ALA F 431 9.30 32.94 69.06
N ALA F 432 10.61 33.10 68.83
CA ALA F 432 11.09 33.24 67.46
C ALA F 432 10.93 31.94 66.68
N THR F 433 11.12 30.80 67.34
CA THR F 433 10.93 29.52 66.64
C THR F 433 9.48 29.36 66.21
N TYR F 434 8.52 29.66 67.09
CA TYR F 434 7.12 29.60 66.69
C TYR F 434 6.86 30.51 65.49
N LYS F 435 7.37 31.74 65.59
CA LYS F 435 7.11 32.76 64.57
C LYS F 435 7.68 32.33 63.23
N ALA F 436 8.94 31.88 63.25
CA ALA F 436 9.60 31.47 62.04
C ALA F 436 8.98 30.23 61.44
N MET F 437 8.64 29.22 62.27
CA MET F 437 8.07 28.03 61.68
C MET F 437 6.73 28.34 61.05
N GLN F 438 5.94 29.24 61.65
CA GLN F 438 4.73 29.69 60.98
C GLN F 438 5.06 30.35 59.66
N GLU F 439 6.20 31.04 59.61
CA GLU F 439 6.58 31.67 58.35
C GLU F 439 6.89 30.67 57.26
N VAL F 440 7.59 29.57 57.58
CA VAL F 440 8.20 28.72 56.55
C VAL F 440 7.57 27.33 56.38
N SER F 441 6.81 26.82 57.36
CA SER F 441 6.48 25.39 57.30
C SER F 441 5.70 25.02 56.04
N GLY F 442 4.74 25.85 55.67
CA GLY F 442 3.98 25.61 54.47
C GLY F 442 4.87 25.55 53.26
N PRO F 443 5.67 26.60 53.02
CA PRO F 443 6.63 26.52 51.90
C PRO F 443 7.52 25.28 51.95
N ILE F 444 7.88 24.78 53.13
CA ILE F 444 8.75 23.61 53.23
C ILE F 444 8.08 22.39 52.59
N ILE F 445 6.81 22.17 52.93
CA ILE F 445 5.98 21.11 52.36
C ILE F 445 5.84 21.31 50.86
N ALA F 446 5.54 22.55 50.45
CA ALA F 446 5.40 22.77 49.01
C ALA F 446 6.72 22.51 48.28
N ILE F 447 7.83 22.90 48.88
CA ILE F 447 9.14 22.78 48.25
C ILE F 447 9.51 21.31 48.13
N ALA F 448 9.24 20.53 49.18
CA ALA F 448 9.43 19.09 49.11
C ALA F 448 8.60 18.49 47.97
N LEU F 449 7.31 18.82 47.91
CA LEU F 449 6.51 18.29 46.81
C LEU F 449 7.07 18.73 45.44
N THR F 450 7.50 19.98 45.30
CA THR F 450 7.99 20.38 43.98
C THR F 450 9.28 19.64 43.67
N LEU F 451 10.11 19.41 44.67
CA LEU F 451 11.33 18.67 44.40
C LEU F 451 11.01 17.24 43.98
N VAL F 452 10.02 16.62 44.64
CA VAL F 452 9.54 15.31 44.19
C VAL F 452 9.06 15.40 42.76
N ALA F 453 8.29 16.44 42.46
CA ALA F 453 7.70 16.65 41.13
C ALA F 453 8.75 16.87 40.05
N VAL F 454 9.88 17.43 40.43
CA VAL F 454 10.95 17.56 39.47
C VAL F 454 11.61 16.21 39.24
N PHE F 455 11.83 15.44 40.31
CA PHE F 455 12.79 14.35 40.23
C PHE F 455 12.18 12.99 39.88
N VAL F 456 11.10 12.52 40.54
CA VAL F 456 10.57 11.19 40.20
C VAL F 456 10.19 11.04 38.73
N PRO F 457 9.68 12.06 38.03
CA PRO F 457 9.49 11.89 36.58
C PRO F 457 10.75 11.44 35.88
N LEU F 458 11.92 11.94 36.30
CA LEU F 458 13.17 11.56 35.67
C LEU F 458 13.37 10.06 35.77
N ALA F 459 13.01 9.48 36.91
CA ALA F 459 13.11 8.04 37.05
C ALA F 459 12.11 7.32 36.16
N PHE F 460 11.04 8.00 35.73
CA PHE F 460 10.08 7.28 34.89
C PHE F 460 10.37 7.42 33.39
N MET F 461 11.64 7.50 33.01
CA MET F 461 12.05 7.38 31.61
C MET F 461 12.34 5.91 31.29
N SER F 462 12.68 5.65 30.03
CA SER F 462 12.86 4.29 29.53
C SER F 462 14.33 4.01 29.22
N GLY F 463 14.76 2.79 29.53
CA GLY F 463 16.09 2.34 29.17
C GLY F 463 17.18 2.66 30.17
N LEU F 464 18.42 2.67 29.65
CA LEU F 464 19.59 2.88 30.49
C LEU F 464 19.58 4.27 31.13
N THR F 465 19.16 5.28 30.37
CA THR F 465 19.04 6.64 30.91
C THR F 465 18.10 6.68 32.12
N GLY F 466 16.92 6.07 31.98
CA GLY F 466 16.03 5.95 33.10
C GLY F 466 16.68 5.27 34.28
N GLN F 467 17.50 4.24 34.00
CA GLN F 467 18.11 3.47 35.06
C GLN F 467 19.16 4.26 35.84
N PHE F 468 19.89 5.19 35.18
CA PHE F 468 20.76 6.10 35.94
C PHE F 468 19.95 7.15 36.72
N TYR F 469 18.95 7.75 36.06
CA TYR F 469 18.16 8.78 36.76
C TYR F 469 17.46 8.19 37.97
N LYS F 470 16.94 6.97 37.86
CA LYS F 470 16.32 6.33 39.02
C LYS F 470 17.21 6.44 40.23
N GLN F 471 18.50 6.15 40.07
CA GLN F 471 19.41 6.27 41.20
C GLN F 471 19.43 7.69 41.72
N PHE F 472 19.70 8.64 40.82
CA PHE F 472 19.78 10.06 41.22
C PHE F 472 18.48 10.52 41.90
N ALA F 473 17.39 10.47 41.17
CA ALA F 473 16.14 11.05 41.59
C ALA F 473 15.59 10.35 42.82
N MET F 474 15.61 9.01 42.87
CA MET F 474 15.09 8.35 44.05
C MET F 474 15.88 8.74 45.27
N THR F 475 17.21 8.78 45.15
CA THR F 475 17.97 9.20 46.32
C THR F 475 17.62 10.63 46.71
N ILE F 476 17.55 11.54 45.73
CA ILE F 476 17.31 12.95 46.05
C ILE F 476 15.92 13.16 46.67
N ALA F 477 14.89 12.58 46.04
CA ALA F 477 13.53 12.75 46.55
C ALA F 477 13.38 12.20 47.96
N ILE F 478 13.92 11.00 48.23
CA ILE F 478 13.84 10.47 49.59
C ILE F 478 14.52 11.42 50.56
N SER F 479 15.75 11.85 50.23
CA SER F 479 16.45 12.79 51.10
C SER F 479 15.65 14.08 51.28
N THR F 480 14.98 14.55 50.23
CA THR F 480 14.21 15.79 50.32
C THR F 480 13.02 15.66 51.27
N VAL F 481 12.22 14.59 51.12
CA VAL F 481 11.10 14.33 51.98
C VAL F 481 11.57 14.13 53.41
N ILE F 482 12.63 13.36 53.64
CA ILE F 482 13.10 13.18 55.02
C ILE F 482 13.57 14.52 55.61
N SER F 483 14.30 15.33 54.84
CA SER F 483 14.77 16.62 55.34
C SER F 483 13.62 17.56 55.65
N ALA F 484 12.62 17.59 54.77
CA ALA F 484 11.43 18.38 55.05
C ALA F 484 10.81 17.95 56.37
N PHE F 485 10.67 16.65 56.55
CA PHE F 485 10.10 16.17 57.81
C PHE F 485 10.93 16.64 59.00
N ASN F 486 12.25 16.64 58.85
CA ASN F 486 13.07 17.13 59.95
C ASN F 486 12.96 18.62 60.12
N SER F 487 12.82 19.34 59.02
CA SER F 487 12.70 20.79 59.01
C SER F 487 11.42 21.24 59.69
N LEU F 488 10.42 20.36 59.77
CA LEU F 488 9.22 20.68 60.52
C LEU F 488 9.26 20.16 61.94
N THR F 489 10.10 19.18 62.26
CA THR F 489 10.04 18.64 63.62
C THR F 489 11.34 18.88 64.37
N LEU F 490 12.45 18.36 63.89
CA LEU F 490 13.63 18.33 64.75
C LEU F 490 14.35 19.66 64.74
N SER F 491 14.55 20.25 63.55
CA SER F 491 15.25 21.53 63.46
C SER F 491 14.58 22.63 64.28
N PRO F 492 13.26 22.84 64.21
CA PRO F 492 12.67 23.85 65.09
C PRO F 492 12.78 23.48 66.55
N ALA F 493 12.57 22.22 66.92
CA ALA F 493 12.68 21.86 68.33
C ALA F 493 14.08 22.14 68.85
N LEU F 494 15.06 21.74 68.06
CA LEU F 494 16.46 21.95 68.40
C LEU F 494 16.78 23.43 68.54
N SER F 495 16.30 24.25 67.58
CA SER F 495 16.72 25.64 67.61
C SER F 495 16.03 26.41 68.72
N ALA F 496 14.78 26.07 69.02
CA ALA F 496 14.11 26.71 70.15
C ALA F 496 14.81 26.35 71.46
N ILE F 497 15.29 25.10 71.57
CA ILE F 497 15.91 24.71 72.84
C ILE F 497 17.37 25.10 72.90
N LEU F 498 17.98 25.51 71.78
CA LEU F 498 19.42 25.78 71.72
C LEU F 498 19.77 27.21 71.38
N LEU F 499 18.95 27.89 70.60
CA LEU F 499 19.31 29.25 70.26
C LEU F 499 19.08 30.14 71.46
N LYS F 500 19.67 31.32 71.43
CA LYS F 500 19.50 32.24 72.54
C LYS F 500 18.90 33.55 72.07
N GLY F 501 17.90 34.00 72.80
CA GLY F 501 17.40 35.34 72.63
C GLY F 501 18.34 36.39 73.21
N HIS F 502 18.03 37.65 72.85
CA HIS F 502 18.81 38.77 73.32
C HIS F 502 18.84 38.88 74.83
N GLY F 503 17.90 38.28 75.53
CA GLY F 503 17.96 38.39 76.97
C GLY F 503 18.80 37.33 77.62
N ASP F 504 19.12 36.26 76.89
CA ASP F 504 19.89 35.12 77.40
C ASP F 504 21.34 35.43 77.69
N LYS F 505 21.86 34.78 78.73
CA LYS F 505 23.27 34.89 79.10
C LYS F 505 24.15 34.19 78.08
N GLU F 506 25.24 34.84 77.68
CA GLU F 506 26.19 34.18 76.80
C GLU F 506 27.03 33.18 77.57
N ASP F 507 27.07 31.94 77.09
CA ASP F 507 27.85 30.87 77.68
C ASP F 507 29.34 31.10 77.48
N TRP F 508 30.12 30.19 78.08
CA TRP F 508 31.57 30.25 78.05
C TRP F 508 32.12 30.20 76.63
N LEU F 509 31.53 29.35 75.79
CA LEU F 509 32.06 29.15 74.45
C LEU F 509 31.76 30.33 73.55
N THR F 510 30.58 30.95 73.71
CA THR F 510 30.29 32.18 72.98
C THR F 510 31.23 33.30 73.39
N ARG F 511 31.55 33.39 74.68
CA ARG F 511 32.48 34.40 75.13
C ARG F 511 33.85 34.18 74.48
N VAL F 512 34.35 32.95 74.48
CA VAL F 512 35.66 32.76 73.85
C VAL F 512 35.58 33.02 72.35
N MET F 513 34.49 32.58 71.72
CA MET F 513 34.34 32.78 70.28
C MET F 513 34.35 34.25 69.94
N ASN F 514 33.64 35.05 70.70
CA ASN F 514 33.66 36.47 70.42
C ASN F 514 35.04 37.06 70.68
N ARG F 515 35.70 36.67 71.78
CA ARG F 515 37.06 37.18 72.03
C ARG F 515 37.96 36.92 70.83
N VAL F 516 37.82 35.74 70.24
CA VAL F 516 38.74 35.34 69.18
C VAL F 516 38.34 35.86 67.81
N LEU F 517 37.05 36.00 67.53
CA LEU F 517 36.57 36.32 66.20
C LEU F 517 35.78 37.64 66.15
N GLY F 518 35.86 38.48 67.18
CA GLY F 518 35.03 39.66 67.18
C GLY F 518 35.39 40.63 66.08
N GLY F 519 36.69 40.80 65.83
CA GLY F 519 37.10 41.69 64.75
C GLY F 519 36.60 41.20 63.41
N PHE F 520 36.76 39.91 63.15
CA PHE F 520 36.25 39.36 61.90
C PHE F 520 34.75 39.54 61.82
N PHE F 521 34.03 39.28 62.92
CA PHE F 521 32.57 39.41 62.90
C PHE F 521 32.16 40.83 62.53
N ARG F 522 32.74 41.84 63.22
CA ARG F 522 32.35 43.23 62.96
C ARG F 522 32.74 43.67 61.56
N GLY F 523 33.93 43.27 61.09
CA GLY F 523 34.33 43.63 59.73
C GLY F 523 33.45 43.00 58.68
N PHE F 524 33.21 41.68 58.81
CA PHE F 524 32.32 40.98 57.89
C PHE F 524 30.94 41.60 57.89
N ASN F 525 30.47 41.99 59.07
CA ASN F 525 29.19 42.65 59.17
C ASN F 525 29.20 43.96 58.40
N LYS F 526 30.31 44.70 58.49
CA LYS F 526 30.42 45.94 57.72
C LYS F 526 30.30 45.65 56.23
N VAL F 527 31.10 44.70 55.73
CA VAL F 527 31.10 44.49 54.29
C VAL F 527 29.77 43.93 53.83
N PHE F 528 29.17 43.05 54.63
CA PHE F 528 27.89 42.45 54.25
C PHE F 528 26.79 43.48 54.25
N HIS F 529 26.82 44.41 55.19
CA HIS F 529 25.85 45.48 55.20
C HIS F 529 25.99 46.32 53.93
N ARG F 530 27.24 46.70 53.60
CA ARG F 530 27.48 47.44 52.38
C ARG F 530 26.86 46.72 51.17
N GLY F 531 27.18 45.44 51.03
CA GLY F 531 26.66 44.70 49.90
C GLY F 531 25.16 44.56 49.92
N ALA F 532 24.59 44.31 51.09
CA ALA F 532 23.14 44.17 51.21
C ALA F 532 22.43 45.43 50.72
N GLU F 533 22.95 46.61 51.10
CA GLU F 533 22.34 47.87 50.65
C GLU F 533 22.49 48.06 49.16
N ASN F 534 23.66 47.73 48.61
CA ASN F 534 23.81 47.81 47.16
C ASN F 534 22.83 46.88 46.46
N TYR F 535 22.61 45.70 47.02
CA TYR F 535 21.62 44.79 46.45
C TYR F 535 20.23 45.41 46.46
N GLY F 536 19.85 46.05 47.56
CA GLY F 536 18.54 46.68 47.63
C GLY F 536 18.37 47.79 46.62
N ARG F 537 19.37 48.64 46.50
CA ARG F 537 19.35 49.65 45.45
C ARG F 537 19.17 49.00 44.10
N GLY F 538 19.91 47.92 43.86
CA GLY F 538 19.84 47.27 42.56
C GLY F 538 18.48 46.71 42.26
N VAL F 539 17.86 46.06 43.25
CA VAL F 539 16.53 45.52 43.01
C VAL F 539 15.58 46.65 42.67
N ARG F 540 15.72 47.78 43.36
CA ARG F 540 14.86 48.93 43.06
C ARG F 540 15.08 49.40 41.62
N GLY F 541 16.33 49.38 41.17
CA GLY F 541 16.60 49.74 39.79
C GLY F 541 15.95 48.80 38.78
N VAL F 542 16.14 47.48 38.97
CA VAL F 542 15.56 46.57 37.99
C VAL F 542 14.05 46.64 38.05
N LEU F 543 13.47 46.78 39.24
CA LEU F 543 12.03 46.87 39.37
C LEU F 543 11.48 48.13 38.74
N SER F 544 12.27 49.20 38.66
CA SER F 544 11.80 50.36 37.91
C SER F 544 11.77 50.07 36.42
N ARG F 545 12.79 49.40 35.91
CA ARG F 545 12.93 49.11 34.47
C ARG F 545 12.33 47.74 34.12
N LYS F 546 11.08 47.51 34.52
CA LYS F 546 10.49 46.18 34.39
C LYS F 546 10.43 45.71 32.94
N ALA F 547 10.06 46.60 32.02
CA ALA F 547 9.93 46.20 30.62
C ALA F 547 11.28 45.79 30.05
N VAL F 548 12.33 46.57 30.35
CA VAL F 548 13.67 46.15 29.93
C VAL F 548 14.01 44.81 30.54
N MET F 549 13.67 44.60 31.81
CA MET F 549 14.04 43.32 32.42
C MET F 549 13.38 42.18 31.66
N LEU F 550 12.09 42.31 31.34
CA LEU F 550 11.44 41.25 30.55
C LEU F 550 12.11 41.09 29.18
N GLY F 551 12.52 42.19 28.54
CA GLY F 551 13.17 42.06 27.26
C GLY F 551 14.49 41.30 27.33
N LEU F 552 15.36 41.71 28.26
CA LEU F 552 16.60 40.97 28.47
C LEU F 552 16.33 39.53 28.87
N TYR F 553 15.25 39.28 29.61
CA TYR F 553 14.94 37.89 29.94
C TYR F 553 14.61 37.11 28.69
N LEU F 554 13.89 37.73 27.75
CA LEU F 554 13.60 37.06 26.49
C LEU F 554 14.91 36.78 25.73
N VAL F 555 15.84 37.74 25.76
CA VAL F 555 17.16 37.53 25.20
C VAL F 555 17.85 36.33 25.85
N LEU F 556 17.77 36.25 27.16
CA LEU F 556 18.47 35.18 27.87
C LEU F 556 17.84 33.83 27.63
N VAL F 557 16.50 33.77 27.45
CA VAL F 557 15.86 32.50 27.08
C VAL F 557 16.34 32.06 25.71
N GLY F 558 16.46 33.02 24.77
CA GLY F 558 17.01 32.70 23.46
C GLY F 558 18.42 32.13 23.56
N ALA F 559 19.28 32.78 24.34
CA ALA F 559 20.62 32.24 24.57
C ALA F 559 20.56 30.87 25.22
N THR F 560 19.56 30.63 26.07
CA THR F 560 19.45 29.30 26.67
C THR F 560 19.22 28.24 25.62
N LEU F 561 18.29 28.48 24.70
CA LEU F 561 18.14 27.55 23.59
C LEU F 561 19.43 27.43 22.75
N MET F 562 20.07 28.56 22.46
CA MET F 562 21.25 28.53 21.62
C MET F 562 22.39 27.72 22.26
N VAL F 563 22.64 27.91 23.56
CA VAL F 563 23.67 27.13 24.25
C VAL F 563 23.23 25.67 24.40
N SER F 564 21.92 25.43 24.51
CA SER F 564 21.45 24.05 24.55
C SER F 564 21.84 23.32 23.29
N LYS F 565 21.72 23.96 22.15
CA LYS F 565 22.17 23.32 20.92
C LYS F 565 23.65 23.52 20.61
N ILE F 566 24.39 24.37 21.32
CA ILE F 566 25.82 24.51 21.05
C ILE F 566 26.68 23.50 21.82
N VAL F 567 26.34 23.16 23.04
CA VAL F 567 27.14 22.18 23.80
C VAL F 567 26.88 20.78 23.25
N PRO F 568 27.92 20.03 22.90
CA PRO F 568 27.72 18.73 22.26
C PRO F 568 27.25 17.68 23.26
N GLY F 569 26.33 16.83 22.80
CA GLY F 569 25.73 15.83 23.66
C GLY F 569 26.63 14.66 24.03
N GLY F 570 26.32 14.05 25.17
CA GLY F 570 27.08 12.95 25.73
C GLY F 570 26.16 12.11 26.57
N PHE F 571 26.71 11.02 27.09
CA PHE F 571 25.97 10.05 27.89
C PHE F 571 26.93 9.02 28.45
N VAL F 572 27.01 8.87 29.76
CA VAL F 572 27.95 7.91 30.35
C VAL F 572 29.36 8.18 29.84
N PRO F 573 30.08 9.17 30.37
CA PRO F 573 31.36 9.56 29.74
C PRO F 573 32.49 8.51 29.84
N ALA F 574 33.58 8.74 29.12
CA ALA F 574 34.69 7.79 29.13
C ALA F 574 35.43 7.90 30.46
N GLN F 575 35.61 6.77 31.11
CA GLN F 575 36.28 6.71 32.40
C GLN F 575 37.51 5.78 32.36
N ASP F 576 38.59 6.18 33.07
CA ASP F 576 39.72 5.31 33.41
C ASP F 576 39.22 4.18 34.30
N LYS F 577 39.13 2.95 33.79
CA LYS F 577 38.63 1.84 34.57
C LYS F 577 39.72 0.96 35.15
N GLU F 578 40.99 1.42 35.13
CA GLU F 578 42.16 0.72 35.67
C GLU F 578 42.69 -0.39 34.76
N TYR F 579 42.36 -0.37 33.46
CA TYR F 579 43.01 -1.22 32.47
C TYR F 579 42.73 -0.71 31.07
N LEU F 580 43.56 -1.16 30.14
CA LEU F 580 43.37 -0.93 28.71
C LEU F 580 43.24 -2.28 28.04
N ILE F 581 42.66 -2.31 26.84
CA ILE F 581 42.56 -3.53 26.07
C ILE F 581 43.43 -3.38 24.84
N ALA F 582 44.57 -4.07 24.80
CA ALA F 582 45.35 -4.13 23.58
C ALA F 582 44.97 -5.41 22.84
N PHE F 583 44.58 -5.27 21.59
CA PHE F 583 44.34 -6.41 20.71
C PHE F 583 45.33 -6.41 19.56
N ALA F 584 45.79 -7.62 19.23
CA ALA F 584 46.66 -7.85 18.11
C ALA F 584 45.96 -8.79 17.14
N GLN F 585 45.92 -8.37 15.89
CA GLN F 585 45.42 -9.16 14.78
C GLN F 585 46.61 -9.40 13.86
N LEU F 586 46.92 -10.67 13.63
CA LEU F 586 48.01 -11.18 12.81
C LEU F 586 47.55 -11.28 11.36
N PRO F 587 48.42 -11.69 10.42
CA PRO F 587 47.94 -11.91 9.04
C PRO F 587 46.95 -13.06 8.98
N ASN F 588 45.99 -12.93 8.07
CA ASN F 588 44.82 -13.79 8.06
C ASN F 588 45.25 -15.24 8.08
N GLY F 589 44.70 -15.98 9.03
CA GLY F 589 45.00 -17.40 9.14
C GLY F 589 46.29 -17.75 9.85
N ALA F 590 46.99 -16.77 10.44
CA ALA F 590 48.24 -17.04 11.13
C ALA F 590 48.05 -18.10 12.20
N SER F 591 49.12 -18.79 12.54
CA SER F 591 49.05 -19.84 13.54
C SER F 591 48.92 -19.23 14.92
N LEU F 592 48.32 -19.98 15.85
CA LEU F 592 48.22 -19.46 17.22
C LEU F 592 49.60 -19.23 17.82
N ASP F 593 50.62 -19.99 17.39
CA ASP F 593 51.96 -19.79 17.93
C ASP F 593 52.59 -18.48 17.46
N ARG F 594 52.36 -18.13 16.19
CA ARG F 594 52.76 -16.81 15.72
C ARG F 594 52.10 -15.73 16.58
N THR F 595 50.81 -15.92 16.86
CA THR F 595 50.09 -14.98 17.69
C THR F 595 50.68 -14.94 19.10
N GLU F 596 51.03 -16.09 19.66
CA GLU F 596 51.53 -16.07 21.03
C GLU F 596 52.83 -15.32 21.12
N LYS F 597 53.67 -15.39 20.08
CA LYS F 597 54.89 -14.59 20.08
C LYS F 597 54.58 -13.09 20.02
N VAL F 598 53.60 -12.70 19.21
CA VAL F 598 53.24 -11.28 19.18
C VAL F 598 52.73 -10.82 20.55
N ILE F 599 51.86 -11.61 21.17
CA ILE F 599 51.26 -11.28 22.45
C ILE F 599 52.31 -11.16 23.52
N ARG F 600 53.30 -12.07 23.50
CA ARG F 600 54.41 -12.05 24.44
C ARG F 600 55.26 -10.79 24.27
N ASP F 601 55.49 -10.37 23.02
CA ASP F 601 56.21 -9.12 22.85
C ASP F 601 55.45 -7.98 23.49
N MET F 602 54.14 -7.94 23.22
CA MET F 602 53.32 -6.86 23.79
C MET F 602 53.37 -6.89 25.30
N GLY F 603 53.28 -8.09 25.90
CA GLY F 603 53.34 -8.20 27.35
C GLY F 603 54.63 -7.68 27.94
N ALA F 604 55.77 -8.09 27.37
CA ALA F 604 57.05 -7.58 27.87
C ALA F 604 57.12 -6.07 27.70
N ILE F 605 56.66 -5.57 26.54
CA ILE F 605 56.65 -4.14 26.26
C ILE F 605 55.88 -3.42 27.36
N ALA F 606 54.67 -3.89 27.65
CA ALA F 606 53.80 -3.26 28.64
C ALA F 606 54.41 -3.33 30.04
N LEU F 607 54.95 -4.50 30.40
CA LEU F 607 55.52 -4.66 31.73
C LEU F 607 56.68 -3.71 31.96
N LYS F 608 57.35 -3.29 30.89
CA LYS F 608 58.36 -2.24 31.08
C LYS F 608 57.74 -0.84 31.06
N GLN F 609 56.50 -0.70 30.59
CA GLN F 609 55.92 0.65 30.49
C GLN F 609 55.60 1.22 31.87
N PRO F 610 56.09 2.42 32.19
CA PRO F 610 55.79 3.01 33.50
C PRO F 610 54.31 3.35 33.56
N GLY F 611 53.65 2.81 34.58
CA GLY F 611 52.22 2.93 34.78
C GLY F 611 51.47 1.63 34.65
N VAL F 612 52.07 0.59 34.11
CA VAL F 612 51.40 -0.70 33.94
C VAL F 612 51.69 -1.53 35.17
N GLU F 613 50.67 -2.17 35.73
CA GLU F 613 50.95 -3.08 36.83
C GLU F 613 51.13 -4.51 36.31
N SER F 614 50.23 -4.96 35.44
CA SER F 614 50.39 -6.32 34.94
C SER F 614 49.80 -6.43 33.52
N ALA F 615 50.24 -7.47 32.81
CA ALA F 615 49.78 -7.79 31.45
C ALA F 615 49.03 -9.12 31.48
N VAL F 616 47.71 -9.06 31.39
CA VAL F 616 46.86 -10.24 31.42
C VAL F 616 46.58 -10.61 29.98
N ALA F 617 47.24 -11.67 29.48
CA ALA F 617 47.27 -11.98 28.05
C ALA F 617 46.46 -13.24 27.73
N PHE F 618 45.81 -13.23 26.57
CA PHE F 618 45.10 -14.39 26.03
C PHE F 618 45.40 -14.48 24.53
N PRO F 619 46.42 -15.27 24.13
CA PRO F 619 46.57 -15.62 22.71
C PRO F 619 45.38 -16.46 22.28
N GLY F 620 44.76 -16.06 21.16
CA GLY F 620 43.60 -16.74 20.62
C GLY F 620 42.26 -16.07 20.90
N LEU F 621 42.23 -15.07 21.78
CA LEU F 621 40.98 -14.40 22.14
C LEU F 621 40.69 -13.25 21.18
N SER F 622 39.49 -13.24 20.60
CA SER F 622 39.07 -12.16 19.72
C SER F 622 38.26 -11.10 20.46
N VAL F 623 38.50 -9.83 20.15
CA VAL F 623 37.67 -8.76 20.69
C VAL F 623 36.25 -8.86 20.15
N ASN F 624 36.02 -9.61 19.07
CA ASN F 624 34.70 -9.67 18.47
C ASN F 624 33.63 -10.27 19.40
N GLY F 625 33.65 -11.57 19.61
CA GLY F 625 32.71 -12.16 20.55
C GLY F 625 33.32 -12.52 21.89
N PHE F 626 34.57 -12.13 22.13
CA PHE F 626 35.44 -12.81 23.07
C PHE F 626 35.45 -14.30 22.74
N THR F 627 35.46 -14.56 21.43
CA THR F 627 35.56 -15.91 20.89
C THR F 627 36.99 -16.11 20.39
N ASN F 628 37.25 -17.27 19.77
CA ASN F 628 38.61 -17.70 19.44
C ASN F 628 38.96 -17.54 17.97
N SER F 629 40.07 -16.86 17.70
CA SER F 629 40.66 -16.75 16.37
C SER F 629 42.15 -17.06 16.45
N SER F 630 42.70 -17.76 15.44
CA SER F 630 44.10 -18.17 15.49
C SER F 630 45.04 -16.98 15.39
N SER F 631 44.69 -15.97 14.61
CA SER F 631 45.59 -14.88 14.31
C SER F 631 45.39 -13.68 15.22
N ALA F 632 44.54 -13.80 16.22
CA ALA F 632 44.21 -12.70 17.11
C ALA F 632 44.51 -13.06 18.56
N GLY F 633 44.70 -12.02 19.35
CA GLY F 633 44.88 -12.18 20.79
C GLY F 633 44.70 -10.86 21.50
N ILE F 634 44.53 -10.95 22.82
CA ILE F 634 44.29 -9.77 23.64
C ILE F 634 45.28 -9.76 24.78
N VAL F 635 45.86 -8.61 25.07
CA VAL F 635 46.53 -8.40 26.35
C VAL F 635 45.81 -7.23 27.04
N PHE F 636 45.14 -7.52 28.16
CA PHE F 636 44.59 -6.53 29.09
C PHE F 636 45.71 -5.95 29.94
N VAL F 637 46.07 -4.70 29.73
CA VAL F 637 47.13 -4.11 30.55
C VAL F 637 46.48 -3.39 31.73
N THR F 638 46.59 -3.99 32.91
CA THR F 638 46.10 -3.33 34.11
C THR F 638 47.14 -2.33 34.60
N LEU F 639 46.66 -1.15 34.99
CA LEU F 639 47.50 -0.05 35.44
C LEU F 639 47.61 -0.03 36.95
N LYS F 640 48.67 0.63 37.40
CA LYS F 640 48.94 0.79 38.80
C LYS F 640 47.83 1.62 39.42
N PRO F 641 47.61 1.50 40.73
CA PRO F 641 46.52 2.27 41.37
C PRO F 641 46.73 3.75 41.12
N PHE F 642 45.61 4.49 41.07
CA PHE F 642 45.69 5.87 40.58
C PHE F 642 46.71 6.69 41.34
N ASP F 643 46.68 6.60 42.68
CA ASP F 643 47.57 7.43 43.49
C ASP F 643 49.03 7.10 43.23
N GLN F 644 49.32 5.87 42.79
CA GLN F 644 50.70 5.56 42.47
C GLN F 644 51.14 6.33 41.22
N ARG F 645 50.28 6.40 40.20
CA ARG F 645 50.62 7.16 39.01
C ARG F 645 49.84 8.48 39.09
N HIS F 646 50.38 9.38 39.91
CA HIS F 646 49.90 10.76 40.01
C HIS F 646 50.56 11.64 38.95
N GLY F 647 49.76 12.46 38.27
CA GLY F 647 50.37 13.34 37.30
C GLY F 647 50.21 12.97 35.84
N LYS F 648 49.97 13.98 35.01
CA LYS F 648 49.85 13.75 33.58
C LYS F 648 51.08 13.02 33.06
N ALA F 649 50.90 12.32 31.95
CA ALA F 649 51.81 11.40 31.28
C ALA F 649 51.82 10.05 31.98
N LEU F 650 51.20 9.92 33.15
CA LEU F 650 50.90 8.61 33.73
C LEU F 650 49.38 8.53 33.84
N SER F 651 48.74 8.26 32.72
CA SER F 651 47.29 8.23 32.68
C SER F 651 46.89 7.21 31.64
N ALA F 652 45.58 6.91 31.58
CA ALA F 652 45.14 5.81 30.73
C ALA F 652 45.32 6.17 29.26
N GLY F 653 45.02 7.41 28.87
CA GLY F 653 45.30 7.85 27.52
C GLY F 653 46.79 7.96 27.24
N ALA F 654 47.57 8.44 28.21
CA ALA F 654 49.02 8.51 28.04
C ALA F 654 49.64 7.11 27.98
N ILE F 655 49.21 6.23 28.88
CA ILE F 655 49.67 4.84 28.84
C ILE F 655 49.31 4.23 27.49
N ALA F 656 48.08 4.43 27.02
CA ALA F 656 47.66 3.89 25.74
C ALA F 656 48.46 4.48 24.59
N GLY F 657 48.73 5.78 24.61
CA GLY F 657 49.53 6.39 23.56
C GLY F 657 50.96 5.85 23.53
N ALA F 658 51.56 5.66 24.71
CA ALA F 658 52.89 5.07 24.77
C ALA F 658 52.86 3.64 24.23
N LEU F 659 51.85 2.86 24.64
CA LEU F 659 51.73 1.50 24.15
C LEU F 659 51.51 1.46 22.64
N ASN F 660 50.70 2.36 22.10
CA ASN F 660 50.52 2.36 20.64
C ASN F 660 51.81 2.69 19.91
N GLN F 661 52.56 3.68 20.40
CA GLN F 661 53.85 3.98 19.76
C GLN F 661 54.80 2.78 19.82
N LYS F 662 54.92 2.14 20.98
CA LYS F 662 55.84 1.02 21.09
C LYS F 662 55.36 -0.18 20.29
N TYR F 663 54.06 -0.48 20.34
CA TYR F 663 53.52 -1.61 19.59
C TYR F 663 53.61 -1.39 18.08
N ALA F 664 53.62 -0.13 17.63
CA ALA F 664 53.85 0.14 16.21
C ALA F 664 55.22 -0.35 15.80
N ALA F 665 56.12 -0.52 16.77
CA ALA F 665 57.41 -1.12 16.52
C ALA F 665 57.35 -2.62 16.61
N LEU F 666 56.17 -3.19 16.44
CA LEU F 666 55.98 -4.61 16.19
C LEU F 666 55.47 -4.75 14.76
N LYS F 667 56.31 -5.30 13.89
CA LYS F 667 55.95 -5.35 12.48
C LYS F 667 55.20 -6.63 12.10
N ASP F 668 55.28 -7.67 12.94
CA ASP F 668 54.58 -8.92 12.70
C ASP F 668 53.07 -8.83 12.88
N SER F 669 52.53 -7.72 13.38
CA SER F 669 51.12 -7.70 13.70
C SER F 669 50.53 -6.31 13.53
N PHE F 670 49.21 -6.27 13.41
CA PHE F 670 48.46 -5.06 13.68
C PHE F 670 48.09 -5.06 15.15
N VAL F 671 48.40 -3.98 15.84
CA VAL F 671 48.09 -3.88 17.26
C VAL F 671 47.36 -2.55 17.46
N ALA F 672 46.35 -2.59 18.31
CA ALA F 672 45.74 -1.35 18.76
C ALA F 672 45.47 -1.49 20.25
N VAL F 673 45.64 -0.39 20.97
CA VAL F 673 45.25 -0.32 22.36
C VAL F 673 43.98 0.51 22.42
N PHE F 674 42.94 -0.02 23.04
CA PHE F 674 41.63 0.60 23.08
C PHE F 674 41.20 0.83 24.53
N PRO F 675 40.38 1.85 24.76
CA PRO F 675 39.96 2.17 26.11
C PRO F 675 38.87 1.23 26.58
N PRO F 676 38.77 1.01 27.88
CA PRO F 676 37.80 0.06 28.39
C PRO F 676 36.40 0.63 28.28
N PRO F 677 35.39 -0.23 28.17
CA PRO F 677 34.02 0.27 28.16
C PRO F 677 33.66 0.90 29.48
N PRO F 678 32.92 2.01 29.43
CA PRO F 678 32.58 2.74 30.67
C PRO F 678 31.76 1.94 31.66
N VAL F 679 30.86 1.09 31.21
CA VAL F 679 30.20 0.18 32.12
C VAL F 679 30.48 -1.23 31.62
N LEU F 680 31.05 -2.04 32.50
CA LEU F 680 31.39 -3.41 32.16
C LEU F 680 30.09 -4.14 31.87
N GLY F 681 29.98 -4.63 30.66
CA GLY F 681 28.77 -5.15 30.05
C GLY F 681 28.34 -4.20 28.94
N LEU F 682 27.56 -4.72 28.01
CA LEU F 682 27.06 -3.85 26.93
C LEU F 682 28.21 -3.07 26.25
N GLY F 683 29.04 -3.82 25.51
CA GLY F 683 30.02 -3.19 24.65
C GLY F 683 31.42 -3.74 24.45
N THR F 684 32.02 -4.38 25.46
CA THR F 684 33.36 -5.00 25.40
C THR F 684 34.52 -4.05 25.12
N LEU F 685 34.24 -2.87 24.57
CA LEU F 685 35.26 -1.91 24.20
C LEU F 685 34.67 -0.51 24.37
N GLY F 686 35.53 0.46 24.68
CA GLY F 686 35.05 1.82 24.79
C GLY F 686 34.67 2.41 23.45
N GLY F 687 33.86 3.48 23.49
CA GLY F 687 33.36 4.10 22.27
C GLY F 687 32.05 3.49 21.82
N PHE F 688 31.78 3.51 20.51
CA PHE F 688 30.52 3.03 19.98
C PHE F 688 30.75 1.77 19.18
N LYS F 689 29.66 1.08 18.88
CA LYS F 689 29.72 -0.07 18.01
C LYS F 689 28.43 -0.20 17.24
N MET F 690 28.52 -0.55 15.98
CA MET F 690 27.32 -0.73 15.19
C MET F 690 27.55 -1.89 14.24
N GLN F 691 26.47 -2.34 13.64
CA GLN F 691 26.44 -3.59 12.89
C GLN F 691 25.90 -3.30 11.50
N ILE F 692 26.75 -3.45 10.47
CA ILE F 692 26.36 -3.35 9.08
C ILE F 692 25.78 -4.69 8.65
N GLU F 693 24.54 -4.68 8.19
CA GLU F 693 23.77 -5.88 8.00
C GLU F 693 23.52 -6.16 6.54
N ASP F 694 23.75 -7.40 6.12
CA ASP F 694 23.40 -7.80 4.76
C ASP F 694 21.91 -8.14 4.75
N ARG F 695 21.09 -7.13 4.46
CA ARG F 695 19.65 -7.34 4.42
C ARG F 695 19.14 -7.78 3.06
N GLY F 696 19.92 -7.67 2.00
CA GLY F 696 19.36 -7.96 0.69
C GLY F 696 20.06 -9.08 -0.06
N ALA F 697 20.45 -10.13 0.67
CA ALA F 697 21.08 -11.32 0.08
C ALA F 697 22.23 -10.90 -0.82
N VAL F 698 22.89 -9.81 -0.43
CA VAL F 698 23.94 -9.19 -1.21
C VAL F 698 25.22 -9.99 -1.21
N GLY F 699 25.37 -10.94 -0.30
CA GLY F 699 26.54 -11.78 -0.27
C GLY F 699 27.66 -11.25 0.62
N TYR F 700 28.50 -12.19 1.05
CA TYR F 700 29.63 -11.87 1.92
C TYR F 700 30.58 -10.86 1.27
N ALA F 701 30.84 -11.02 -0.03
CA ALA F 701 31.79 -10.14 -0.70
C ALA F 701 31.28 -8.70 -0.74
N ARG F 702 30.04 -8.50 -1.16
CA ARG F 702 29.54 -7.13 -1.25
C ARG F 702 29.37 -6.51 0.12
N LEU F 703 29.09 -7.32 1.15
CA LEU F 703 29.02 -6.82 2.52
C LEU F 703 30.38 -6.30 3.00
N ALA F 704 31.44 -7.06 2.72
CA ALA F 704 32.80 -6.59 3.02
C ALA F 704 33.12 -5.33 2.23
N ASP F 705 32.64 -5.26 0.99
CA ASP F 705 32.78 -4.06 0.19
C ASP F 705 32.11 -2.85 0.83
N ALA F 706 30.87 -3.02 1.26
CA ALA F 706 30.18 -1.92 1.91
C ALA F 706 30.92 -1.48 3.16
N THR F 707 31.41 -2.45 3.93
CA THR F 707 32.06 -2.15 5.20
C THR F 707 33.33 -1.35 4.98
N ASN F 708 34.12 -1.75 3.98
CA ASN F 708 35.37 -1.04 3.69
C ASN F 708 35.12 0.33 3.08
N ASP F 709 34.07 0.48 2.26
CA ASP F 709 33.71 1.80 1.78
C ASP F 709 33.35 2.70 2.95
N PHE F 710 32.61 2.16 3.91
CA PHE F 710 32.23 2.96 5.07
C PHE F 710 33.44 3.37 5.88
N ILE F 711 34.33 2.43 6.19
CA ILE F 711 35.48 2.77 7.03
C ILE F 711 36.37 3.79 6.34
N LYS F 712 36.49 3.66 5.01
CA LYS F 712 37.36 4.56 4.26
C LYS F 712 36.73 5.95 4.16
N ARG F 713 35.40 6.05 4.02
CA ARG F 713 34.82 7.38 4.02
C ARG F 713 34.87 7.97 5.41
N ALA F 714 34.80 7.13 6.44
CA ALA F 714 34.78 7.64 7.79
C ALA F 714 36.16 8.14 8.21
N GLN F 715 37.22 7.68 7.55
CA GLN F 715 38.48 8.35 7.88
C GLN F 715 38.55 9.75 7.29
N GLN F 716 37.59 10.12 6.44
CA GLN F 716 37.48 11.46 5.87
C GLN F 716 36.70 12.43 6.75
N ALA F 717 36.16 11.95 7.86
CA ALA F 717 35.32 12.74 8.74
C ALA F 717 36.06 13.11 10.01
N PRO F 718 36.02 14.40 10.39
CA PRO F 718 36.85 14.88 11.51
C PRO F 718 36.34 14.48 12.90
N GLU F 719 35.10 14.02 13.05
CA GLU F 719 34.58 13.62 14.35
C GLU F 719 34.99 12.20 14.77
N LEU F 720 35.43 11.37 13.82
CA LEU F 720 35.67 9.96 14.08
C LEU F 720 37.13 9.64 14.41
N GLY F 721 37.31 8.50 15.07
CA GLY F 721 38.61 8.03 15.51
C GLY F 721 39.14 6.91 14.63
N PRO F 722 39.71 5.89 15.28
CA PRO F 722 40.34 4.81 14.49
C PRO F 722 39.37 4.03 13.62
N LEU F 723 38.20 3.63 14.14
CA LEU F 723 37.19 2.94 13.34
C LEU F 723 37.67 1.59 12.79
N PHE F 724 37.78 0.55 13.61
CA PHE F 724 38.21 -0.74 13.09
C PHE F 724 37.09 -1.79 13.09
N THR F 725 37.19 -2.76 12.18
CA THR F 725 36.22 -3.86 12.01
C THR F 725 36.89 -5.21 12.20
N SER F 726 36.05 -6.24 12.33
CA SER F 726 36.52 -7.60 12.42
C SER F 726 35.96 -8.50 11.33
N TYR F 727 35.23 -7.97 10.36
CA TYR F 727 34.65 -8.81 9.32
C TYR F 727 35.71 -9.12 8.28
N GLN F 728 36.10 -10.38 8.14
CA GLN F 728 37.14 -10.78 7.19
C GLN F 728 36.65 -11.92 6.32
N ILE F 729 36.62 -11.73 5.00
CA ILE F 729 36.13 -12.82 4.16
C ILE F 729 37.21 -13.37 3.24
N ASN F 730 38.46 -13.00 3.44
CA ASN F 730 39.49 -13.60 2.64
C ASN F 730 40.60 -14.07 3.56
N VAL F 731 40.22 -14.84 4.58
CA VAL F 731 41.20 -15.65 5.28
C VAL F 731 41.41 -16.93 4.48
N PRO F 732 42.66 -17.34 4.24
CA PRO F 732 42.92 -18.53 3.44
C PRO F 732 42.30 -19.79 4.01
N GLN F 733 41.80 -20.64 3.12
CA GLN F 733 41.20 -21.93 3.47
C GLN F 733 41.46 -22.91 2.33
N LEU F 734 40.96 -24.13 2.51
CA LEU F 734 41.10 -25.19 1.53
C LEU F 734 39.71 -25.70 1.14
N ASN F 735 39.46 -25.82 -0.15
CA ASN F 735 38.22 -26.44 -0.63
C ASN F 735 38.50 -27.84 -1.15
N VAL F 736 37.63 -28.79 -0.77
CA VAL F 736 37.78 -30.21 -1.12
C VAL F 736 36.58 -30.68 -1.95
N ASP F 737 36.88 -31.18 -3.16
CA ASP F 737 35.87 -31.71 -4.08
C ASP F 737 35.94 -33.24 -4.04
N LEU F 738 34.80 -33.86 -3.77
CA LEU F 738 34.72 -35.32 -3.75
C LEU F 738 33.95 -35.78 -4.98
N ASP F 739 34.61 -36.57 -5.81
CA ASP F 739 33.97 -37.18 -6.97
C ASP F 739 33.06 -38.31 -6.50
N ARG F 740 31.75 -38.05 -6.42
CA ARG F 740 30.85 -39.04 -5.82
C ARG F 740 30.74 -40.29 -6.69
N VAL F 741 30.57 -40.11 -8.00
CA VAL F 741 30.46 -41.28 -8.88
C VAL F 741 31.77 -42.09 -8.87
N LYS F 742 32.92 -41.42 -8.92
CA LYS F 742 34.18 -42.17 -8.91
C LYS F 742 34.36 -42.92 -7.60
N ALA F 743 33.94 -42.32 -6.48
CA ALA F 743 34.00 -43.04 -5.21
C ALA F 743 33.11 -44.26 -5.23
N LYS F 744 31.85 -44.09 -5.66
CA LYS F 744 30.91 -45.20 -5.58
C LYS F 744 31.27 -46.31 -6.55
N GLN F 745 31.99 -45.97 -7.62
CA GLN F 745 32.51 -47.00 -8.51
C GLN F 745 33.69 -47.74 -7.91
N LEU F 746 34.56 -47.04 -7.19
CA LEU F 746 35.64 -47.71 -6.45
C LEU F 746 35.16 -48.45 -5.21
N GLY F 747 33.85 -48.46 -4.94
CA GLY F 747 33.31 -49.19 -3.81
C GLY F 747 33.36 -48.49 -2.49
N VAL F 748 33.75 -47.23 -2.44
CA VAL F 748 33.84 -46.46 -1.20
C VAL F 748 32.59 -45.61 -1.04
N ASN F 749 32.00 -45.62 0.16
CA ASN F 749 30.88 -44.74 0.46
C ASN F 749 31.39 -43.34 0.78
N VAL F 750 30.64 -42.33 0.33
CA VAL F 750 31.06 -40.95 0.52
C VAL F 750 31.16 -40.64 2.00
N THR F 751 30.37 -41.33 2.82
CA THR F 751 30.46 -41.18 4.27
C THR F 751 31.80 -41.65 4.81
N ASP F 752 32.41 -42.69 4.23
CA ASP F 752 33.75 -43.13 4.67
C ASP F 752 34.81 -42.10 4.35
N VAL F 753 34.72 -41.46 3.18
CA VAL F 753 35.66 -40.39 2.82
C VAL F 753 35.55 -39.25 3.84
N PHE F 754 34.33 -38.83 4.09
CA PHE F 754 34.13 -37.73 5.01
C PHE F 754 34.50 -38.12 6.44
N ASP F 755 34.23 -39.36 6.87
CA ASP F 755 34.61 -39.76 8.22
C ASP F 755 36.12 -39.75 8.41
N THR F 756 36.87 -40.22 7.40
CA THR F 756 38.32 -40.14 7.48
C THR F 756 38.78 -38.69 7.62
N MET F 757 38.24 -37.82 6.77
CA MET F 757 38.64 -36.42 6.83
C MET F 757 38.33 -35.82 8.20
N GLN F 758 37.14 -36.11 8.75
CA GLN F 758 36.72 -35.51 10.02
C GLN F 758 37.55 -36.03 11.18
N ILE F 759 37.73 -37.35 11.29
CA ILE F 759 38.44 -37.88 12.45
C ILE F 759 39.91 -37.50 12.38
N TYR F 760 40.54 -37.63 11.21
CA TYR F 760 41.97 -37.36 11.12
C TYR F 760 42.25 -35.87 11.19
N LEU F 761 41.48 -35.07 10.49
CA LEU F 761 41.74 -33.64 10.46
C LEU F 761 40.95 -32.87 11.51
N GLY F 762 39.86 -33.45 12.05
CA GLY F 762 39.01 -32.69 12.95
C GLY F 762 38.84 -33.19 14.38
N SER F 763 39.43 -34.34 14.73
CA SER F 763 39.45 -34.82 16.11
C SER F 763 38.04 -35.10 16.63
N LEU F 764 37.48 -36.18 16.12
CA LEU F 764 36.22 -36.68 16.62
C LEU F 764 36.28 -36.96 18.13
N TYR F 765 35.15 -36.71 18.81
CA TYR F 765 34.99 -37.03 20.23
C TYR F 765 34.37 -38.42 20.35
N VAL F 766 35.05 -39.33 21.06
CA VAL F 766 34.68 -40.74 20.99
C VAL F 766 33.88 -41.15 22.23
N ASN F 767 34.44 -41.02 23.44
CA ASN F 767 33.64 -41.30 24.63
C ASN F 767 34.41 -40.78 25.85
N ASP F 768 33.85 -41.02 27.04
CA ASP F 768 34.40 -40.52 28.29
C ASP F 768 35.17 -41.60 29.04
N PHE F 769 36.15 -41.15 29.83
CA PHE F 769 36.87 -41.99 30.78
C PHE F 769 36.92 -41.30 32.14
N ASN F 770 37.11 -42.10 33.20
CA ASN F 770 37.04 -41.60 34.58
C ASN F 770 38.40 -41.21 35.15
N ARG F 771 38.45 -40.03 35.77
CA ARG F 771 39.67 -39.51 36.39
C ARG F 771 39.26 -38.45 37.41
N PHE F 772 39.72 -38.59 38.67
CA PHE F 772 39.19 -37.82 39.80
C PHE F 772 37.68 -38.08 39.90
N GLY F 773 37.28 -39.32 39.62
CA GLY F 773 35.87 -39.66 39.67
C GLY F 773 35.09 -38.90 38.63
N ARG F 774 35.80 -38.27 37.72
CA ARG F 774 35.25 -37.31 36.78
C ARG F 774 35.13 -37.91 35.41
N VAL F 775 34.17 -37.40 34.66
CA VAL F 775 34.01 -37.84 33.29
C VAL F 775 34.85 -36.87 32.47
N TYR F 776 35.66 -37.42 31.57
CA TYR F 776 36.48 -36.64 30.65
C TYR F 776 36.32 -37.32 29.30
N GLN F 777 36.61 -36.57 28.25
CA GLN F 777 36.53 -37.13 26.91
C GLN F 777 37.87 -37.66 26.44
N VAL F 778 37.84 -38.78 25.79
CA VAL F 778 38.91 -39.17 24.91
C VAL F 778 38.62 -38.60 23.52
N ARG F 779 39.65 -38.02 22.90
CA ARG F 779 39.56 -37.46 21.56
C ARG F 779 40.66 -38.06 20.69
N VAL F 780 40.25 -38.66 19.56
CA VAL F 780 41.18 -39.27 18.61
C VAL F 780 41.34 -38.36 17.40
N GLN F 781 42.56 -38.25 16.89
CA GLN F 781 42.84 -37.33 15.79
C GLN F 781 44.15 -37.72 15.14
N ALA F 782 44.32 -37.37 13.87
CA ALA F 782 45.65 -37.48 13.25
C ALA F 782 46.66 -36.65 14.02
N ASP F 783 47.88 -37.16 14.12
CA ASP F 783 48.97 -36.52 14.87
C ASP F 783 49.45 -35.22 14.21
N ALA F 784 50.16 -34.42 15.01
CA ALA F 784 50.66 -33.13 14.55
C ALA F 784 51.43 -33.22 13.25
N PRO F 785 52.42 -34.12 13.09
CA PRO F 785 53.20 -34.12 11.85
C PRO F 785 52.36 -34.44 10.64
N PHE F 786 51.21 -35.09 10.83
CA PHE F 786 50.37 -35.56 9.75
C PHE F 786 49.17 -34.66 9.46
N ARG F 787 49.09 -33.47 10.11
CA ARG F 787 47.96 -32.59 9.86
C ARG F 787 48.32 -31.17 9.44
N GLN F 788 49.56 -30.84 9.16
CA GLN F 788 49.78 -29.45 8.79
C GLN F 788 49.51 -29.38 7.30
N ARG F 789 49.86 -28.28 6.63
CA ARG F 789 50.33 -28.52 5.27
C ARG F 789 49.31 -29.20 4.38
N ALA F 790 48.49 -28.44 3.67
CA ALA F 790 47.22 -28.92 3.11
C ALA F 790 47.15 -30.37 2.67
N ASP F 791 48.05 -30.79 1.82
CA ASP F 791 47.82 -32.12 1.29
C ASP F 791 48.24 -33.25 2.23
N ASP F 792 48.60 -32.94 3.47
CA ASP F 792 48.60 -34.02 4.48
C ASP F 792 47.25 -34.69 4.48
N ILE F 793 46.30 -34.03 3.81
CA ILE F 793 44.99 -34.56 3.48
C ILE F 793 45.08 -35.78 2.57
N LEU F 794 45.93 -35.69 1.54
CA LEU F 794 45.92 -36.67 0.44
C LEU F 794 46.51 -38.01 0.85
N GLN F 795 47.33 -38.05 1.90
CA GLN F 795 47.90 -39.28 2.41
C GLN F 795 46.94 -40.08 3.30
N LEU F 796 45.71 -39.60 3.51
CA LEU F 796 44.76 -40.35 4.34
C LEU F 796 44.10 -41.43 3.52
N LYS F 797 43.80 -42.56 4.16
CA LYS F 797 43.26 -43.71 3.47
C LYS F 797 41.97 -44.11 4.13
N THR F 798 40.94 -44.36 3.31
CA THR F 798 39.75 -45.07 3.75
C THR F 798 39.78 -46.46 3.10
N ARG F 799 38.70 -47.24 3.23
CA ARG F 799 38.63 -48.57 2.63
C ARG F 799 37.36 -48.70 1.82
N ASN F 800 37.40 -49.50 0.76
CA ASN F 800 36.24 -49.70 -0.08
C ASN F 800 35.39 -50.85 0.47
N ALA F 801 34.26 -51.14 -0.21
CA ALA F 801 33.42 -52.24 0.23
C ALA F 801 34.18 -53.55 0.20
N ALA F 802 35.11 -53.72 -0.76
CA ALA F 802 35.91 -54.94 -0.91
C ALA F 802 37.00 -55.10 0.14
N GLY F 803 37.43 -54.01 0.78
CA GLY F 803 38.50 -54.06 1.76
C GLY F 803 39.83 -53.47 1.35
N GLU F 804 39.92 -52.84 0.19
CA GLU F 804 41.16 -52.24 -0.27
C GLU F 804 41.26 -50.84 0.31
N MET F 805 42.42 -50.50 0.88
CA MET F 805 42.65 -49.14 1.38
C MET F 805 42.85 -48.19 0.20
N VAL F 806 41.86 -47.35 -0.05
CA VAL F 806 41.91 -46.33 -1.10
C VAL F 806 42.39 -45.02 -0.48
N PRO F 807 43.43 -44.40 -1.03
CA PRO F 807 43.82 -43.05 -0.60
C PRO F 807 42.93 -41.97 -1.18
N LEU F 808 42.81 -40.85 -0.48
CA LEU F 808 41.96 -39.82 -1.08
C LEU F 808 42.67 -38.99 -2.13
N SER F 809 43.96 -39.24 -2.37
CA SER F 809 44.57 -38.63 -3.54
C SER F 809 43.81 -39.00 -4.82
N SER F 810 43.11 -40.13 -4.81
CA SER F 810 42.40 -40.63 -5.99
C SER F 810 40.90 -40.34 -6.02
N LEU F 811 40.30 -39.80 -4.97
CA LEU F 811 38.89 -39.46 -5.11
C LEU F 811 38.54 -38.03 -4.76
N VAL F 812 39.46 -37.25 -4.20
CA VAL F 812 39.12 -35.87 -3.88
C VAL F 812 40.23 -34.97 -4.44
N THR F 813 39.85 -33.72 -4.69
CA THR F 813 40.77 -32.65 -5.06
C THR F 813 40.77 -31.59 -3.98
N VAL F 814 41.96 -31.07 -3.70
CA VAL F 814 42.16 -30.03 -2.71
C VAL F 814 42.67 -28.80 -3.44
N SER F 815 41.96 -27.69 -3.30
CA SER F 815 42.31 -26.43 -3.92
C SER F 815 42.32 -25.35 -2.86
N PRO F 816 43.09 -24.29 -3.07
CA PRO F 816 43.01 -23.14 -2.16
C PRO F 816 41.75 -22.30 -2.38
N THR F 817 41.31 -21.61 -1.34
CA THR F 817 40.17 -20.73 -1.45
C THR F 817 40.25 -19.71 -0.31
N PHE F 818 39.26 -18.84 -0.24
CA PHE F 818 39.19 -17.85 0.83
C PHE F 818 37.82 -17.93 1.47
N GLY F 819 37.77 -17.58 2.74
CA GLY F 819 36.51 -17.51 3.42
C GLY F 819 36.56 -16.59 4.62
N PRO F 820 35.45 -16.51 5.34
CA PRO F 820 35.46 -15.86 6.64
C PRO F 820 35.91 -16.83 7.71
N GLU F 821 36.58 -16.30 8.73
CA GLU F 821 36.85 -17.16 9.89
C GLU F 821 35.67 -17.18 10.85
N MET F 822 34.97 -16.07 10.97
CA MET F 822 33.84 -15.92 11.88
C MET F 822 32.65 -15.54 11.04
N VAL F 823 31.55 -16.24 11.20
CA VAL F 823 30.28 -15.78 10.67
C VAL F 823 29.46 -15.22 11.82
N VAL F 824 29.04 -13.96 11.72
CA VAL F 824 28.11 -13.36 12.68
C VAL F 824 26.82 -13.04 11.94
N ARG F 825 25.70 -13.41 12.54
CA ARG F 825 24.38 -13.02 12.05
C ARG F 825 23.78 -12.14 13.13
N TYR F 826 23.62 -10.85 12.88
CA TYR F 826 23.08 -9.95 13.88
C TYR F 826 21.65 -9.57 13.48
N ASN F 827 20.70 -9.91 14.33
CA ASN F 827 19.28 -9.69 14.03
C ASN F 827 18.90 -10.44 12.76
N ALA F 828 19.34 -11.69 12.71
CA ALA F 828 19.06 -12.63 11.64
C ALA F 828 19.68 -12.21 10.31
N TYR F 829 20.58 -11.22 10.32
CA TYR F 829 21.26 -10.78 9.12
C TYR F 829 22.75 -11.06 9.27
N THR F 830 23.37 -11.63 8.24
CA THR F 830 24.83 -11.71 8.21
C THR F 830 25.40 -10.29 8.28
N ALA F 831 26.38 -10.08 9.15
CA ALA F 831 26.70 -8.71 9.57
C ALA F 831 28.18 -8.48 9.81
N ALA F 832 28.61 -7.24 9.63
CA ALA F 832 29.96 -6.78 9.89
C ALA F 832 29.95 -5.68 10.93
N ASP F 833 30.71 -5.85 12.01
CA ASP F 833 30.77 -4.84 13.05
C ASP F 833 31.75 -3.74 12.67
N VAL F 834 31.46 -2.51 13.11
CA VAL F 834 32.45 -1.45 13.10
C VAL F 834 32.46 -0.81 14.48
N ASN F 835 33.66 -0.58 15.00
CA ASN F 835 33.91 -0.10 16.34
C ASN F 835 34.81 1.11 16.30
N GLY F 836 34.55 2.06 17.19
CA GLY F 836 35.34 3.27 17.22
C GLY F 836 34.86 4.20 18.31
N GLY F 837 35.30 5.44 18.21
CA GLY F 837 34.90 6.47 19.11
C GLY F 837 35.26 7.81 18.51
N PRO F 838 34.87 8.87 19.17
CA PRO F 838 35.31 10.19 18.70
C PRO F 838 36.63 10.56 19.39
N ALA F 839 37.73 9.98 18.92
CA ALA F 839 39.04 10.34 19.45
C ALA F 839 39.32 11.85 19.45
N PRO F 840 39.17 12.57 18.34
CA PRO F 840 39.71 13.94 18.30
C PRO F 840 38.97 14.97 19.13
N GLY F 841 38.66 14.67 20.39
CA GLY F 841 37.98 15.69 21.18
C GLY F 841 36.61 16.10 20.68
N TYR F 842 35.76 15.10 20.41
CA TYR F 842 34.34 15.24 20.08
C TYR F 842 33.51 14.43 21.06
N SER F 843 32.23 14.72 21.09
CA SER F 843 31.34 14.04 22.00
C SER F 843 30.78 12.75 21.39
N SER F 844 30.17 11.93 22.24
CA SER F 844 29.58 10.67 21.80
C SER F 844 28.56 10.90 20.70
N GLY F 845 27.73 11.94 20.90
CA GLY F 845 26.65 12.25 19.97
C GLY F 845 27.14 12.78 18.65
N GLN F 846 28.22 13.56 18.68
CA GLN F 846 28.81 14.05 17.44
C GLN F 846 29.41 12.92 16.60
N ALA F 847 30.12 12.00 17.27
CA ALA F 847 30.66 10.85 16.55
C ALA F 847 29.55 10.04 15.95
N GLN F 848 28.48 9.80 16.71
CA GLN F 848 27.43 8.97 16.13
C GLN F 848 26.65 9.73 15.04
N ALA F 849 26.52 11.04 15.15
CA ALA F 849 25.92 11.77 14.04
C ALA F 849 26.76 11.60 12.78
N ALA F 850 28.08 11.66 12.93
CA ALA F 850 28.97 11.44 11.78
C ALA F 850 28.80 10.03 11.23
N VAL F 851 28.75 9.02 12.10
CA VAL F 851 28.60 7.64 11.64
C VAL F 851 27.33 7.48 10.81
N GLU F 852 26.22 7.99 11.32
CA GLU F 852 24.96 7.83 10.61
C GLU F 852 24.96 8.56 9.28
N ARG F 853 25.52 9.77 9.27
CA ARG F 853 25.63 10.54 8.02
C ARG F 853 26.52 9.80 7.01
N ILE F 854 27.67 9.31 7.46
CA ILE F 854 28.57 8.55 6.60
C ILE F 854 27.87 7.31 6.07
N ALA F 855 27.11 6.62 6.93
CA ALA F 855 26.39 5.43 6.49
C ALA F 855 25.39 5.77 5.40
N ALA F 856 24.65 6.87 5.58
CA ALA F 856 23.72 7.26 4.52
C ALA F 856 24.47 7.56 3.25
N GLN F 857 25.72 8.02 3.36
CA GLN F 857 26.49 8.39 2.17
C GLN F 857 27.11 7.18 1.47
N THR F 858 27.55 6.15 2.21
CA THR F 858 28.40 5.11 1.66
C THR F 858 27.76 3.73 1.59
N LEU F 859 26.73 3.45 2.39
CA LEU F 859 26.19 2.09 2.40
C LEU F 859 25.30 1.84 1.18
N PRO F 860 25.58 0.84 0.39
CA PRO F 860 24.79 0.55 -0.81
C PRO F 860 23.42 -0.04 -0.56
N ARG F 861 22.72 -0.40 -1.62
CA ARG F 861 21.40 -1.00 -1.51
C ARG F 861 21.47 -2.33 -0.77
N GLY F 862 20.44 -2.59 0.04
CA GLY F 862 20.33 -3.84 0.78
C GLY F 862 21.25 -3.97 1.96
N VAL F 863 21.89 -2.90 2.41
CA VAL F 863 22.84 -2.97 3.51
C VAL F 863 22.61 -1.98 4.66
N LYS F 864 21.38 -1.86 5.16
CA LYS F 864 21.20 -0.98 6.33
C LYS F 864 22.10 -1.44 7.50
N PHE F 865 22.13 -0.63 8.54
CA PHE F 865 22.95 -0.91 9.71
C PHE F 865 22.18 -0.53 10.97
N GLU F 866 22.64 -1.06 12.11
CA GLU F 866 22.00 -0.81 13.39
C GLU F 866 23.00 -0.49 14.48
N TRP F 867 22.56 0.28 15.46
CA TRP F 867 23.37 0.49 16.65
C TRP F 867 23.22 -0.70 17.62
N THR F 868 24.20 -0.84 18.48
CA THR F 868 24.17 -1.89 19.50
C THR F 868 24.89 -1.34 20.72
N ASP F 869 24.54 -1.89 21.87
CA ASP F 869 25.24 -1.62 23.12
C ASP F 869 24.92 -0.21 23.63
N LEU F 870 25.81 0.37 24.43
CA LEU F 870 25.60 1.69 25.00
C LEU F 870 24.86 2.69 24.08
N THR F 871 25.25 2.71 22.80
CA THR F 871 24.64 3.67 21.89
C THR F 871 23.20 3.29 21.54
N TYR F 872 22.92 2.00 21.40
CA TYR F 872 21.54 1.62 21.18
C TYR F 872 20.68 1.93 22.40
N GLN F 873 21.31 1.98 23.58
CA GLN F 873 20.60 2.44 24.76
C GLN F 873 20.21 3.91 24.62
N GLN F 874 21.09 4.73 24.04
CA GLN F 874 20.69 6.10 23.70
C GLN F 874 19.42 6.09 22.86
N ILE F 875 19.45 5.32 21.80
CA ILE F 875 18.37 5.34 20.82
C ILE F 875 17.07 4.86 21.46
N LEU F 876 17.16 3.88 22.36
CA LEU F 876 15.96 3.39 23.01
C LEU F 876 15.36 4.46 23.90
N ALA F 877 16.21 5.24 24.58
CA ALA F 877 15.67 6.31 25.41
C ALA F 877 14.90 7.29 24.54
N GLY F 878 15.51 7.72 23.43
CA GLY F 878 14.83 8.56 22.46
C GLY F 878 13.90 9.66 22.95
N ASP F 879 12.60 9.50 22.65
CA ASP F 879 11.59 10.54 22.88
C ASP F 879 10.97 10.49 24.27
N SER F 880 11.67 10.00 25.29
CA SER F 880 11.04 9.90 26.61
C SER F 880 10.94 11.24 27.32
N ALA F 881 11.93 12.14 27.12
CA ALA F 881 11.88 13.45 27.77
C ALA F 881 10.70 14.27 27.25
N PHE F 882 10.33 14.03 25.99
CA PHE F 882 9.26 14.72 25.31
C PHE F 882 7.93 14.47 26.02
N TRP F 883 7.85 13.42 26.84
CA TRP F 883 6.68 13.23 27.68
C TRP F 883 6.97 13.40 29.17
N VAL F 884 8.22 13.21 29.62
CA VAL F 884 8.52 13.34 31.04
C VAL F 884 8.51 14.80 31.48
N PHE F 885 9.25 15.66 30.77
CA PHE F 885 9.47 17.02 31.27
C PHE F 885 8.19 17.85 31.35
N PRO F 886 7.34 17.90 30.33
CA PRO F 886 6.08 18.62 30.50
C PRO F 886 5.30 18.18 31.71
N ILE F 887 5.25 16.87 32.00
CA ILE F 887 4.51 16.41 33.18
C ILE F 887 5.07 17.03 34.45
N SER F 888 6.40 17.05 34.59
CA SER F 888 6.94 17.54 35.85
C SER F 888 6.74 19.06 35.96
N VAL F 889 6.87 19.81 34.86
CA VAL F 889 6.57 21.25 34.89
C VAL F 889 5.13 21.51 35.30
N LEU F 890 4.17 20.78 34.71
CA LEU F 890 2.78 20.96 35.09
C LEU F 890 2.55 20.63 36.56
N LEU F 891 3.16 19.54 37.05
CA LEU F 891 2.99 19.18 38.45
C LEU F 891 3.57 20.25 39.37
N VAL F 892 4.73 20.80 39.02
CA VAL F 892 5.27 21.86 39.87
C VAL F 892 4.34 23.06 39.88
N PHE F 893 3.78 23.39 38.71
CA PHE F 893 2.81 24.47 38.67
C PHE F 893 1.65 24.22 39.63
N LEU F 894 1.08 23.01 39.60
CA LEU F 894 -0.08 22.71 40.44
C LEU F 894 0.27 22.75 41.93
N VAL F 895 1.45 22.23 42.30
CA VAL F 895 1.85 22.24 43.72
C VAL F 895 1.97 23.68 44.20
N LEU F 896 2.63 24.52 43.39
CA LEU F 896 2.80 25.93 43.74
C LEU F 896 1.45 26.68 43.77
N ALA F 897 0.56 26.38 42.83
CA ALA F 897 -0.75 27.01 42.81
C ALA F 897 -1.53 26.71 44.10
N ALA F 898 -1.42 25.48 44.61
CA ALA F 898 -2.00 25.16 45.90
C ALA F 898 -1.33 25.94 47.03
N LEU F 899 0.00 26.07 46.98
CA LEU F 899 0.70 26.81 48.04
C LEU F 899 0.28 28.27 48.11
N TYR F 900 0.26 28.94 46.97
CA TYR F 900 -0.02 30.36 46.92
C TYR F 900 -1.49 30.67 46.78
N GLU F 901 -2.35 29.68 46.55
CA GLU F 901 -3.75 29.94 46.20
C GLU F 901 -3.85 30.98 45.08
N SER F 902 -2.90 30.91 44.15
CA SER F 902 -2.84 31.78 42.99
C SER F 902 -2.59 31.00 41.72
N LEU F 903 -3.28 31.36 40.66
CA LEU F 903 -2.97 30.76 39.37
C LEU F 903 -1.87 31.48 38.62
N THR F 904 -1.42 32.66 39.09
CA THR F 904 -0.37 33.36 38.36
C THR F 904 0.93 33.44 39.13
N LEU F 905 0.88 33.48 40.45
CA LEU F 905 2.11 33.55 41.23
C LEU F 905 3.06 32.37 41.00
N PRO F 906 2.60 31.13 40.75
CA PRO F 906 3.54 30.05 40.42
C PRO F 906 4.44 30.37 39.24
N LEU F 907 3.94 31.10 38.26
CA LEU F 907 4.81 31.42 37.13
C LEU F 907 6.09 32.12 37.60
N ALA F 908 5.98 33.01 38.60
CA ALA F 908 7.16 33.75 39.07
C ALA F 908 8.28 32.80 39.48
N VAL F 909 7.96 31.60 39.96
CA VAL F 909 9.00 30.63 40.24
C VAL F 909 9.45 29.95 38.96
N ILE F 910 8.51 29.45 38.18
CA ILE F 910 8.88 28.58 37.06
C ILE F 910 9.75 29.32 36.05
N LEU F 911 9.41 30.60 35.76
CA LEU F 911 10.17 31.41 34.80
C LEU F 911 11.66 31.53 35.14
N ILE F 912 12.06 31.23 36.38
CA ILE F 912 13.48 31.35 36.73
C ILE F 912 14.29 30.10 36.31
N VAL F 913 13.66 28.95 36.06
CA VAL F 913 14.48 27.76 35.80
C VAL F 913 15.19 27.80 34.45
N PRO F 914 14.69 28.45 33.39
CA PRO F 914 15.56 28.59 32.22
C PRO F 914 16.89 29.24 32.53
N MET F 915 16.92 30.29 33.36
CA MET F 915 18.16 31.01 33.63
C MET F 915 19.20 30.14 34.32
N SER F 916 18.76 29.25 35.21
CA SER F 916 19.72 28.32 35.80
C SER F 916 20.29 27.35 34.74
N ILE F 917 19.44 26.85 33.82
CA ILE F 917 19.94 25.98 32.77
C ILE F 917 21.07 26.66 32.02
N LEU F 918 20.82 27.89 31.57
CA LEU F 918 21.85 28.68 30.92
C LEU F 918 23.09 28.74 31.80
N SER F 919 22.89 29.07 33.07
CA SER F 919 24.01 29.23 33.99
C SER F 919 24.86 27.97 34.01
N ALA F 920 24.23 26.79 34.09
CA ALA F 920 25.01 25.56 34.10
C ALA F 920 25.66 25.30 32.73
N LEU F 921 24.87 25.39 31.66
CA LEU F 921 25.40 24.99 30.38
C LEU F 921 26.48 25.95 29.93
N THR F 922 26.29 27.24 30.15
CA THR F 922 27.35 28.19 29.83
C THR F 922 28.62 27.83 30.59
N GLY F 923 28.48 27.38 31.85
CA GLY F 923 29.64 26.85 32.56
C GLY F 923 30.25 25.67 31.82
N VAL F 924 29.42 24.69 31.48
CA VAL F 924 29.89 23.53 30.75
C VAL F 924 30.49 23.98 29.42
N TRP F 925 29.93 25.03 28.82
CA TRP F 925 30.47 25.45 27.54
C TRP F 925 31.86 26.06 27.71
N LEU F 926 32.07 26.84 28.78
CA LEU F 926 33.40 27.41 28.97
C LEU F 926 34.43 26.38 29.42
N THR F 927 34.00 25.29 30.00
CA THR F 927 34.95 24.25 30.36
C THR F 927 35.15 23.27 29.23
N GLN F 928 34.47 23.47 28.10
CA GLN F 928 34.59 22.62 26.92
C GLN F 928 34.36 21.15 27.28
N GLY F 929 33.24 20.89 27.94
CA GLY F 929 32.74 19.55 28.15
C GLY F 929 31.53 19.25 27.28
N ASP F 930 30.88 18.15 27.62
CA ASP F 930 29.68 17.72 26.94
C ASP F 930 28.51 17.67 27.95
N ASN F 931 27.31 17.49 27.40
CA ASN F 931 26.09 17.40 28.19
C ASN F 931 25.76 15.93 28.48
N ASN F 932 26.68 15.26 29.17
CA ASN F 932 26.49 13.86 29.49
C ASN F 932 25.45 13.71 30.61
N ILE F 933 24.95 12.48 30.81
CA ILE F 933 23.80 12.34 31.70
C ILE F 933 24.13 12.81 33.11
N PHE F 934 25.41 12.75 33.50
CA PHE F 934 25.81 13.29 34.80
C PHE F 934 25.61 14.80 34.87
N THR F 935 26.05 15.54 33.85
CA THR F 935 25.76 16.97 33.91
C THR F 935 24.27 17.25 33.75
N GLN F 936 23.50 16.33 33.16
CA GLN F 936 22.05 16.54 33.12
C GLN F 936 21.44 16.42 34.52
N ILE F 937 21.86 15.44 35.30
CA ILE F 937 21.38 15.42 36.68
C ILE F 937 21.93 16.60 37.47
N GLY F 938 23.11 17.10 37.11
CA GLY F 938 23.56 18.35 37.72
C GLY F 938 22.65 19.53 37.43
N LEU F 939 22.19 19.65 36.19
CA LEU F 939 21.21 20.67 35.83
C LEU F 939 19.94 20.49 36.65
N MET F 940 19.50 19.26 36.83
CA MET F 940 18.28 19.05 37.61
C MET F 940 18.43 19.51 39.06
N VAL F 941 19.56 19.21 39.69
CA VAL F 941 19.74 19.69 41.05
C VAL F 941 19.78 21.20 41.08
N LEU F 942 20.41 21.82 40.08
CA LEU F 942 20.45 23.28 39.99
C LEU F 942 19.05 23.85 39.84
N VAL F 943 18.20 23.17 39.06
CA VAL F 943 16.83 23.59 38.84
C VAL F 943 16.03 23.55 40.13
N GLY F 944 16.20 22.46 40.89
CA GLY F 944 15.54 22.35 42.18
C GLY F 944 15.96 23.44 43.15
N LEU F 945 17.27 23.70 43.24
CA LEU F 945 17.74 24.72 44.18
C LEU F 945 17.20 26.10 43.82
N SER F 946 17.20 26.44 42.53
CA SER F 946 16.68 27.75 42.14
C SER F 946 15.19 27.84 42.42
N ALA F 947 14.46 26.74 42.23
CA ALA F 947 13.04 26.72 42.58
C ALA F 947 12.83 26.93 44.07
N LYS F 948 13.65 26.29 44.90
CA LYS F 948 13.57 26.50 46.35
C LYS F 948 13.69 27.99 46.69
N ASN F 949 14.75 28.62 46.19
CA ASN F 949 14.99 30.02 46.52
C ASN F 949 13.85 30.92 46.04
N ALA F 950 13.40 30.70 44.79
CA ALA F 950 12.35 31.53 44.23
C ALA F 950 11.06 31.36 45.03
N ILE F 951 10.75 30.13 45.42
CA ILE F 951 9.53 29.88 46.17
C ILE F 951 9.52 30.69 47.45
N LEU F 952 10.65 30.72 48.15
CA LEU F 952 10.67 31.49 49.38
C LEU F 952 10.64 33.00 49.13
N ILE F 953 11.32 33.49 48.09
CA ILE F 953 11.22 34.92 47.80
C ILE F 953 9.78 35.31 47.54
N VAL F 954 9.09 34.53 46.70
CA VAL F 954 7.72 34.85 46.30
C VAL F 954 6.78 34.75 47.48
N GLU F 955 6.94 33.71 48.32
CA GLU F 955 6.05 33.58 49.47
C GLU F 955 6.23 34.73 50.45
N PHE F 956 7.48 35.16 50.68
CA PHE F 956 7.71 36.30 51.56
C PHE F 956 7.08 37.57 50.99
N ALA F 957 7.26 37.84 49.70
CA ALA F 957 6.64 39.05 49.14
C ALA F 957 5.11 38.99 49.26
N ARG F 958 4.53 37.81 48.98
CA ARG F 958 3.09 37.62 49.08
C ARG F 958 2.59 38.01 50.46
N GLU F 959 3.21 37.46 51.52
CA GLU F 959 2.72 37.81 52.85
C GLU F 959 3.00 39.28 53.21
N LEU F 960 4.14 39.83 52.79
CA LEU F 960 4.41 41.24 53.08
C LEU F 960 3.34 42.16 52.51
N GLU F 961 2.72 41.80 51.39
CA GLU F 961 1.63 42.63 50.88
C GLU F 961 0.48 42.72 51.88
N HIS F 962 0.29 41.70 52.72
CA HIS F 962 -0.74 41.73 53.75
C HIS F 962 -0.48 42.81 54.77
N ASP F 963 0.75 43.32 54.87
CA ASP F 963 0.93 44.56 55.64
C ASP F 963 0.53 45.76 54.86
N GLY F 964 -0.35 45.60 53.88
CA GLY F 964 -0.74 46.74 53.09
C GLY F 964 0.43 47.31 52.32
N LYS F 965 1.30 46.45 51.82
CA LYS F 965 2.45 46.88 51.05
C LYS F 965 2.13 46.62 49.60
N THR F 966 2.57 47.53 48.75
CA THR F 966 2.35 47.38 47.33
C THR F 966 3.28 46.31 46.81
N PRO F 967 2.90 45.62 45.74
CA PRO F 967 3.79 44.59 45.18
C PRO F 967 5.23 45.03 45.03
N PHE F 968 5.50 46.28 44.63
CA PHE F 968 6.89 46.73 44.50
C PHE F 968 7.64 46.67 45.84
N GLU F 969 7.08 47.28 46.89
CA GLU F 969 7.78 47.32 48.16
C GLU F 969 7.76 45.95 48.87
N ALA F 970 6.75 45.11 48.62
CA ALA F 970 6.80 43.72 49.08
C ALA F 970 7.93 42.92 48.39
N ALA F 971 8.07 43.07 47.08
CA ALA F 971 9.18 42.39 46.42
C ALA F 971 10.51 42.88 46.99
N VAL F 972 10.67 44.18 47.14
CA VAL F 972 11.97 44.70 47.60
C VAL F 972 12.27 44.20 49.02
N GLU F 973 11.30 44.32 49.92
CA GLU F 973 11.53 43.90 51.31
C GLU F 973 11.77 42.41 51.39
N ALA F 974 11.04 41.63 50.60
CA ALA F 974 11.24 40.18 50.61
C ALA F 974 12.65 39.83 50.14
N SER F 975 13.09 40.43 49.03
CA SER F 975 14.41 40.09 48.50
C SER F 975 15.49 40.42 49.50
N ARG F 976 15.38 41.57 50.17
CA ARG F 976 16.34 41.84 51.23
C ARG F 976 16.26 40.77 52.29
N LEU F 977 15.05 40.33 52.59
CA LEU F 977 14.87 39.37 53.66
C LEU F 977 15.58 38.06 53.35
N ARG F 978 15.47 37.60 52.10
CA ARG F 978 16.02 36.32 51.70
C ARG F 978 17.48 36.38 51.28
N LEU F 979 18.05 37.56 51.10
CA LEU F 979 19.42 37.66 50.62
C LEU F 979 20.40 36.89 51.50
N ARG F 980 20.28 37.01 52.83
CA ARG F 980 21.28 36.36 53.68
C ARG F 980 21.24 34.82 53.58
N PRO F 981 20.10 34.14 53.77
CA PRO F 981 20.12 32.67 53.64
C PRO F 981 20.51 32.19 52.25
N ILE F 982 20.09 32.89 51.20
CA ILE F 982 20.50 32.49 49.87
C ILE F 982 22.00 32.59 49.71
N LEU F 983 22.61 33.67 50.21
CA LEU F 983 24.06 33.76 50.14
C LEU F 983 24.74 32.65 50.91
N MET F 984 24.21 32.30 52.09
CA MET F 984 24.84 31.21 52.85
C MET F 984 24.82 29.91 52.08
N THR F 985 23.66 29.50 51.57
CA THR F 985 23.61 28.27 50.81
C THR F 985 24.55 28.33 49.60
N SER F 986 24.53 29.44 48.85
CA SER F 986 25.38 29.51 47.66
C SER F 986 26.85 29.42 48.03
N ILE F 987 27.27 30.08 49.10
CA ILE F 987 28.66 29.98 49.51
C ILE F 987 28.99 28.56 49.93
N ALA F 988 28.06 27.90 50.61
CA ALA F 988 28.33 26.52 51.01
C ALA F 988 28.56 25.63 49.77
N PHE F 989 27.71 25.75 48.75
CA PHE F 989 27.95 25.00 47.52
C PHE F 989 29.23 25.43 46.79
N ILE F 990 29.48 26.73 46.69
CA ILE F 990 30.60 27.22 45.89
C ILE F 990 31.92 26.74 46.48
N MET F 991 32.02 26.73 47.81
CA MET F 991 33.19 26.15 48.43
C MET F 991 33.20 24.62 48.37
N GLY F 992 32.01 23.98 48.43
CA GLY F 992 31.96 22.52 48.35
C GLY F 992 32.25 21.92 46.98
N VAL F 993 32.00 22.65 45.91
CA VAL F 993 32.31 22.15 44.59
C VAL F 993 33.79 22.29 44.28
N VAL F 994 34.51 23.17 44.99
CA VAL F 994 35.96 23.28 44.78
C VAL F 994 36.60 21.90 44.97
N PRO F 995 36.25 21.11 45.99
CA PRO F 995 36.69 19.70 46.00
C PRO F 995 36.13 18.85 44.86
N LEU F 996 34.94 19.11 44.33
CA LEU F 996 34.49 18.27 43.22
C LEU F 996 35.10 18.66 41.87
N VAL F 997 35.92 19.71 41.82
CA VAL F 997 36.74 20.00 40.64
C VAL F 997 38.22 19.93 40.96
N LEU F 998 38.63 20.40 42.15
CA LEU F 998 40.02 20.40 42.56
C LEU F 998 40.33 19.29 43.56
N SER F 999 39.62 18.16 43.46
CA SER F 999 39.94 16.96 44.24
C SER F 999 39.20 15.82 43.54
N THR F 1000 39.90 15.13 42.64
CA THR F 1000 39.30 14.06 41.83
C THR F 1000 40.37 13.01 41.55
N GLY F 1001 39.95 11.90 40.95
CA GLY F 1001 40.80 10.75 40.67
C GLY F 1001 40.02 9.45 40.60
N ALA F 1002 40.34 8.52 41.49
CA ALA F 1002 39.67 7.22 41.54
C ALA F 1002 38.14 7.37 41.46
N GLY F 1003 37.56 6.86 40.38
CA GLY F 1003 36.12 6.93 40.18
C GLY F 1003 35.57 8.34 40.26
N ALA F 1004 36.32 9.30 39.75
CA ALA F 1004 35.98 10.70 39.82
C ALA F 1004 35.66 11.25 38.44
N GLU F 1005 35.22 10.38 37.55
CA GLU F 1005 34.80 10.81 36.23
C GLU F 1005 33.47 11.56 36.33
N MET F 1006 32.54 11.04 37.14
CA MET F 1006 31.26 11.69 37.35
C MET F 1006 31.38 12.86 38.33
N ARG F 1007 32.36 12.81 39.24
CA ARG F 1007 32.58 13.93 40.16
C ARG F 1007 32.96 15.21 39.43
N HIS F 1008 34.02 15.14 38.61
CA HIS F 1008 34.50 16.34 37.91
C HIS F 1008 33.48 16.84 36.89
N ALA F 1009 32.66 15.95 36.33
CA ALA F 1009 31.72 16.34 35.29
C ALA F 1009 30.74 17.38 35.79
N MET F 1010 30.30 17.26 37.04
CA MET F 1010 29.42 18.27 37.59
C MET F 1010 30.11 19.39 38.34
N GLY F 1011 31.39 19.23 38.69
CA GLY F 1011 32.02 20.26 39.50
C GLY F 1011 31.93 21.68 38.98
N VAL F 1012 32.58 21.95 37.84
CA VAL F 1012 32.54 23.30 37.30
C VAL F 1012 31.16 23.64 36.75
N ALA F 1013 30.44 22.64 36.20
CA ALA F 1013 29.10 22.90 35.67
C ALA F 1013 28.16 23.42 36.76
N VAL F 1014 28.08 22.72 37.88
CA VAL F 1014 27.23 23.15 38.97
C VAL F 1014 27.82 24.38 39.64
N PHE F 1015 29.15 24.54 39.68
CA PHE F 1015 29.70 25.78 40.20
C PHE F 1015 29.14 26.99 39.45
N PHE F 1016 29.30 27.00 38.12
CA PHE F 1016 28.82 28.11 37.32
C PHE F 1016 27.31 28.22 37.40
N GLY F 1017 26.62 27.08 37.40
CA GLY F 1017 25.18 27.09 37.62
C GLY F 1017 24.80 27.71 38.94
N MET F 1018 25.58 27.45 40.00
CA MET F 1018 25.33 28.09 41.28
C MET F 1018 25.44 29.59 41.14
N LEU F 1019 26.50 30.07 40.48
CA LEU F 1019 26.65 31.51 40.29
C LEU F 1019 25.41 32.08 39.64
N GLY F 1020 24.98 31.44 38.55
CA GLY F 1020 23.80 31.91 37.85
C GLY F 1020 22.53 31.79 38.66
N VAL F 1021 22.35 30.68 39.38
CA VAL F 1021 21.16 30.51 40.20
C VAL F 1021 21.01 31.69 41.15
N THR F 1022 22.09 32.05 41.84
CA THR F 1022 21.99 33.18 42.76
C THR F 1022 21.72 34.48 42.01
N LEU F 1023 22.54 34.80 41.01
CA LEU F 1023 22.40 36.09 40.35
C LEU F 1023 21.00 36.25 39.76
N PHE F 1024 20.58 35.29 38.96
CA PHE F 1024 19.28 35.38 38.31
C PHE F 1024 18.12 35.32 39.32
N GLY F 1025 18.20 34.49 40.35
CA GLY F 1025 17.12 34.49 41.33
C GLY F 1025 16.96 35.84 42.00
N LEU F 1026 18.10 36.42 42.44
CA LEU F 1026 18.08 37.66 43.20
C LEU F 1026 17.75 38.85 42.31
N MET F 1027 18.10 38.81 41.03
CA MET F 1027 17.79 39.94 40.18
C MET F 1027 16.46 39.80 39.46
N LEU F 1028 15.94 38.59 39.32
CA LEU F 1028 14.81 38.39 38.42
C LEU F 1028 13.53 37.97 39.12
N THR F 1029 13.61 37.18 40.19
CA THR F 1029 12.36 36.81 40.87
C THR F 1029 11.58 38.03 41.34
N PRO F 1030 12.17 39.08 41.91
CA PRO F 1030 11.36 40.25 42.25
C PRO F 1030 10.66 40.85 41.05
N VAL F 1031 11.38 40.96 39.93
CA VAL F 1031 10.77 41.52 38.72
C VAL F 1031 9.56 40.69 38.33
N PHE F 1032 9.76 39.37 38.23
CA PHE F 1032 8.64 38.52 37.89
C PHE F 1032 7.49 38.73 38.86
N TYR F 1033 7.79 38.85 40.16
CA TYR F 1033 6.73 39.00 41.16
C TYR F 1033 5.91 40.25 40.89
N VAL F 1034 6.58 41.39 40.74
CA VAL F 1034 5.86 42.65 40.54
C VAL F 1034 5.05 42.62 39.25
N VAL F 1035 5.63 42.03 38.19
CA VAL F 1035 4.94 41.95 36.91
C VAL F 1035 3.68 41.08 37.00
N LEU F 1036 3.83 39.86 37.50
CA LEU F 1036 2.68 38.96 37.58
C LEU F 1036 1.63 39.53 38.50
N ARG F 1037 2.07 40.18 39.57
CA ARG F 1037 1.15 40.67 40.58
C ARG F 1037 0.39 41.91 40.09
N THR F 1038 0.99 42.73 39.22
CA THR F 1038 0.31 43.90 38.68
C THR F 1038 -0.26 43.57 37.30
N LEU F 1039 -1.41 42.92 37.30
CA LEU F 1039 -2.20 42.78 36.08
C LEU F 1039 -3.55 43.47 36.18
N ALA F 1040 -4.18 43.47 37.37
CA ALA F 1040 -5.46 44.14 37.62
C ALA F 1040 -5.38 45.11 38.80
N GLY F 1041 -4.19 45.59 39.15
CA GLY F 1041 -4.00 46.44 40.31
C GLY F 1041 -4.25 47.92 40.08
N GLY F 1042 -3.30 48.75 40.50
CA GLY F 1042 -3.43 50.20 40.45
C GLY F 1042 -3.14 50.90 39.14
N LYS F 1043 -2.80 50.18 38.07
CA LYS F 1043 -2.55 50.82 36.78
C LYS F 1043 -3.82 51.47 36.25
C1B LMT G . -26.95 6.89 -56.53
C2B LMT G . -28.07 7.79 -55.92
C3B LMT G . -28.69 8.76 -56.95
C4B LMT G . -28.25 8.43 -58.40
C5B LMT G . -28.31 6.91 -58.54
C6B LMT G . -28.22 6.49 -60.03
O1B LMT G . -26.63 5.88 -55.59
O2B LMT G . -29.04 6.96 -55.37
O3B LMT G . -28.48 10.09 -56.60
O4' LMT G . -29.08 8.99 -59.33
O5B LMT G . -27.30 6.27 -57.76
O6B LMT G . -29.21 7.09 -60.80
C1' LMT G . -24.32 3.44 -53.49
C2' LMT G . -23.98 4.88 -53.11
C3' LMT G . -25.06 5.83 -53.76
C4' LMT G . -25.26 5.58 -55.29
C5' LMT G . -25.03 4.06 -55.64
C6' LMT G . -24.74 3.81 -57.13
O1' LMT G . -23.47 2.57 -52.85
O2' LMT G . -23.95 4.98 -51.73
O3' LMT G . -24.79 7.18 -53.53
O5' LMT G . -24.04 3.38 -54.88
O6' LMT G . -25.10 4.95 -57.84
C1 LMT G . -23.65 1.20 -53.10
C2 LMT G . -22.43 0.76 -53.88
C3 LMT G . -22.31 -0.69 -54.26
C4 LMT G . -20.85 -1.04 -54.29
C5 LMT G . -20.66 -2.49 -54.61
C6 LMT G . -19.25 -2.94 -54.41
C7 LMT G . -19.08 -4.42 -54.62
C8 LMT G . -17.62 -4.75 -54.50
C9 LMT G . -17.29 -6.21 -54.63
C10 LMT G . -15.85 -6.46 -54.24
C11 LMT G . -15.30 -7.67 -54.98
C12 LMT G . -14.02 -8.24 -54.40
C1B LMT H . -7.19 -27.16 -66.25
C2B LMT H . -5.87 -28.04 -66.08
C3B LMT H . -5.43 -28.84 -67.38
C4B LMT H . -6.66 -29.36 -68.17
C5B LMT H . -7.53 -28.15 -68.43
C6B LMT H . -8.59 -28.50 -69.47
O1B LMT H . -6.97 -25.76 -66.43
O2B LMT H . -4.84 -27.22 -65.59
O3B LMT H . -4.50 -29.85 -67.12
O4' LMT H . -6.28 -29.91 -69.37
O5B LMT H . -8.10 -27.67 -67.22
O6B LMT H . -8.12 -28.22 -70.73
C1' LMT H . -7.25 -22.23 -64.18
C2' LMT H . -5.83 -22.61 -64.59
C3' LMT H . -5.87 -23.68 -65.72
C4' LMT H . -6.73 -24.92 -65.28
C5' LMT H . -8.07 -24.38 -64.68
C6' LMT H . -8.96 -25.44 -64.05
O1' LMT H . -7.22 -21.29 -63.16
O2' LMT H . -5.17 -21.48 -65.00
O3' LMT H . -4.59 -24.07 -66.11
O5' LMT H . -7.83 -23.40 -63.66
O6' LMT H . -10.17 -25.38 -64.69
C1 LMT H . -8.34 -20.39 -63.09
C2 LMT H . -8.54 -20.03 -61.63
C3 LMT H . -9.73 -19.19 -61.32
C4 LMT H . -9.33 -17.75 -61.63
C5 LMT H . -10.50 -16.78 -61.56
C6 LMT H . -10.16 -15.44 -62.15
C7 LMT H . -11.07 -14.36 -61.65
C8 LMT H . -10.31 -13.05 -61.55
C9 LMT H . -11.12 -11.82 -61.25
C10 LMT H . -11.53 -11.80 -59.78
C11 LMT H . -12.42 -10.61 -59.40
C12 LMT H . -12.93 -10.61 -57.98
C1B LMT I . -7.57 -7.32 -19.10
C2B LMT I . -6.41 -6.98 -18.12
C3B LMT I . -5.79 -8.31 -17.61
C4B LMT I . -6.90 -9.10 -16.84
C5B LMT I . -8.10 -9.33 -17.82
C6B LMT I . -9.27 -9.99 -17.07
O1B LMT I . -7.00 -8.02 -20.13
O2B LMT I . -5.51 -6.14 -18.77
O3B LMT I . -4.63 -8.15 -16.87
O4' LMT I . -6.44 -10.27 -16.28
O5B LMT I . -8.56 -8.14 -18.50
O6B LMT I . -8.96 -11.28 -16.70
C1' LMT I . -6.96 -8.29 -24.24
C2' LMT I . -6.46 -6.94 -23.63
C3' LMT I . -6.20 -7.07 -22.10
C4' LMT I . -7.41 -7.75 -21.42
C5' LMT I . -7.45 -9.10 -22.15
C6' LMT I . -8.18 -10.23 -21.44
O1' LMT I . -7.55 -8.06 -25.46
O2' LMT I . -5.30 -6.54 -24.30
O3' LMT I . -5.95 -5.87 -21.50
O5' LMT I . -7.97 -8.89 -23.42
O6' LMT I . -8.35 -11.25 -22.38
C1 LMT I . -7.33 -9.08 -26.42
C2 LMT I . -7.99 -10.35 -25.92
C3 LMT I . -7.97 -11.48 -26.88
C4 LMT I . -9.28 -11.51 -27.61
C5 LMT I . -9.61 -12.92 -28.02
C6 LMT I . -10.50 -12.99 -29.25
C7 LMT I . -11.04 -14.38 -29.43
C8 LMT I . -9.94 -15.27 -29.88
C9 LMT I . -10.38 -16.60 -30.41
C10 LMT I . -9.15 -17.48 -30.34
C11 LMT I . -9.21 -18.66 -31.26
C12 LMT I . -7.90 -19.40 -31.24
C1B LMT J . 19.83 -25.46 -51.51
C2B LMT J . 20.79 -26.21 -52.49
C3B LMT J . 20.38 -27.68 -52.78
C4B LMT J . 19.77 -28.41 -51.52
C5B LMT J . 18.75 -27.48 -50.86
C6B LMT J . 18.02 -28.20 -49.71
O1B LMT J . 18.76 -24.88 -52.20
O2B LMT J . 20.85 -25.47 -53.65
O3B LMT J . 21.43 -28.37 -53.38
O4' LMT J . 19.12 -29.58 -51.86
O5B LMT J . 19.37 -26.27 -50.44
O6B LMT J . 16.74 -27.71 -49.53
C1' LMT J . 16.45 -21.42 -52.15
C2' LMT J . 17.57 -21.45 -53.23
C3' LMT J . 18.11 -22.91 -53.38
C4' LMT J . 18.52 -23.51 -52.01
C5' LMT J . 17.24 -23.29 -51.12
C6' LMT J . 17.20 -24.01 -49.79
O1' LMT J . 16.02 -20.14 -51.93
O2' LMT J . 17.05 -21.04 -54.44
O3' LMT J . 19.16 -22.99 -54.28
O5' LMT J . 17.00 -21.92 -50.93
O6' LMT J . 15.85 -24.31 -49.57
C1 LMT J . 15.43 -19.86 -50.70
C2 LMT J . 15.99 -18.52 -50.39
C3 LMT J . 15.04 -17.54 -49.82
C4 LMT J . 15.02 -17.81 -48.35
C5 LMT J . 15.22 -16.54 -47.62
C6 LMT J . 13.92 -15.88 -47.26
C7 LMT J . 12.98 -16.87 -46.63
C8 LMT J . 11.68 -16.16 -46.41
C9 LMT J . 11.14 -16.31 -45.03
C10 LMT J . 10.57 -14.99 -44.61
C11 LMT J . 9.26 -14.73 -45.25
C12 LMT J . 8.70 -13.43 -44.80
C1B LMT K . 1.02 14.82 79.09
C2B LMT K . -0.14 15.46 79.95
C3B LMT K . -0.06 17.02 80.06
C4B LMT K . 1.40 17.54 80.30
C5B LMT K . 2.39 16.79 79.35
C6B LMT K . 3.84 17.25 79.60
O1B LMT K . 0.78 14.89 77.70
O2B LMT K . -1.38 15.04 79.46
O3B LMT K . -0.96 17.51 80.99
O4' LMT K . 1.49 18.92 80.09
O5B LMT K . 2.29 15.36 79.41
O6B LMT K . 4.75 16.47 78.89
C1' LMT K . -0.20 12.45 74.41
C2' LMT K . -1.24 12.55 75.56
C3' LMT K . -0.93 13.71 76.54
C4' LMT K . 0.54 13.68 77.00
C5' LMT K . 1.39 13.67 75.69
C6' LMT K . 2.88 13.67 75.89
O1' LMT K . -0.25 11.20 73.83
O2' LMT K . -2.48 12.78 74.99
O3' LMT K . -1.79 13.69 77.63
O5' LMT K . 1.14 12.52 74.92
O6' LMT K . 3.41 13.03 74.75
C1 LMT K . 1.00 10.59 73.62
C2 LMT K . 0.71 9.27 72.98
C3 LMT K . 1.76 8.21 73.11
C4 LMT K . 3.12 8.80 72.82
C5 LMT K . 4.07 7.71 72.41
C6 LMT K . 4.05 7.43 70.95
C7 LMT K . 5.40 7.81 70.38
C8 LMT K . 5.95 6.71 69.50
C9 LMT K . 6.33 7.13 68.08
C10 LMT K . 7.41 6.17 67.56
C11 LMT K . 6.89 5.12 66.59
C12 LMT K . 7.48 3.71 66.80
C1B LMT L . -25.60 14.16 63.34
C2B LMT L . -25.73 15.71 63.27
C3B LMT L . -25.95 16.37 64.68
C4B LMT L . -26.99 15.59 65.55
C5B LMT L . -26.59 14.11 65.55
C6B LMT L . -27.53 13.33 66.49
O1B LMT L . -24.28 13.74 63.65
O2B LMT L . -24.60 16.22 62.61
O3B LMT L . -26.27 17.73 64.60
O4' LMT L . -26.99 16.04 66.84
O5B LMT L . -26.56 13.58 64.21
O6B LMT L . -26.92 12.19 67.00
C1' LMT L . -21.10 11.55 61.72
C2' LMT L . -20.95 13.11 61.85
C3' LMT L . -22.14 13.91 62.54
C4' LMT L . -23.49 13.16 62.60
C5' LMT L . -23.12 11.69 62.97
C6' LMT L . -24.27 10.81 63.48
O1' LMT L . -20.71 11.19 60.45
O2' LMT L . -19.79 13.33 62.58
O3' LMT L . -22.32 15.14 61.96
O5' LMT L . -22.45 11.06 61.88
O6' LMT L . -24.55 11.19 64.78
C1 LMT L . -19.40 10.68 60.35
C2 LMT L . -19.40 9.72 59.17
C3 LMT L . -20.71 9.16 58.71
C4 LMT L . -20.41 7.92 57.91
C5 LMT L . -19.78 6.90 58.81
C6 LMT L . -19.79 5.49 58.28
C7 LMT L . -19.08 4.57 59.26
C8 LMT L . -18.62 3.32 58.57
C9 LMT L . -17.53 2.57 59.27
C10 LMT L . -16.95 1.58 58.32
C11 LMT L . -15.45 1.68 58.28
C12 LMT L . -14.83 0.91 57.14
C1B LMT M . -1.84 32.83 54.10
C2B LMT M . -1.75 33.63 55.42
C3B LMT M . -2.90 34.67 55.65
C4B LMT M . -3.46 35.31 54.35
C5B LMT M . -3.51 34.28 53.17
C6B LMT M . -4.01 34.99 51.87
O1B LMT M . -2.58 31.63 54.26
O2B LMT M . -1.77 32.70 56.43
O3B LMT M . -2.54 35.64 56.59
O4' LMT M . -4.72 35.84 54.59
O5B LMT M . -2.28 33.58 52.99
O6B LMT M . -3.49 34.41 50.69
C1' LMT M . -1.65 27.50 53.72
C2' LMT M . -1.22 28.13 55.09
C3' LMT M . -1.83 29.56 55.37
C4' LMT M . -1.86 30.41 54.07
C5' LMT M . -2.55 29.46 53.03
C6' LMT M . -3.15 30.05 51.77
O1' LMT M . -0.81 26.51 53.32
O2' LMT M . -1.69 27.29 56.07
O3' LMT M . -1.17 30.22 56.37
O5' LMT M . -1.61 28.47 52.68
O6' LMT M . -3.44 28.95 50.96
C1 LMT M . -1.10 25.99 52.04
C2 LMT M . -0.80 24.55 52.18
C3 LMT M . 0.61 24.20 52.54
C4 LMT M . 1.30 23.86 51.25
C5 LMT M . 0.55 22.79 50.52
C6 LMT M . 0.57 22.99 49.04
C7 LMT M . 1.09 21.75 48.40
C8 LMT M . -0.06 20.99 47.86
C9 LMT M . 0.25 20.19 46.62
C10 LMT M . -0.52 18.92 46.77
C11 LMT M . -1.05 18.40 45.46
C12 LMT M . -1.33 16.93 45.57
#